data_9KNU
#
_entry.id   9KNU
#
_cell.length_a   1.00
_cell.length_b   1.00
_cell.length_c   1.00
_cell.angle_alpha   90.00
_cell.angle_beta   90.00
_cell.angle_gamma   90.00
#
_symmetry.space_group_name_H-M   'P 1'
#
loop_
_entity.id
_entity.type
_entity.pdbx_description
1 polymer 'Portal protein'
2 polymer 'Gene product J'
#
loop_
_entity_poly.entity_id
_entity_poly.type
_entity_poly.pdbx_seq_one_letter_code
_entity_poly.pdbx_strand_id
1 'polypeptide(L)'
;MGRILDISGQPFDFDDEMQSRSDELAMVMKRTQEHPSSGVTPNRAAQMLRDAERGDLTAQADLAFDMEEKDTHLFSELSK
RRLAIQALEWRIAPARDASAQEKKDADMLNEYLHDAAWFEDALFDAGDAILKGYSMQEIEWGWLGKMRVPVALHHRDPAL
FCANPDNLNELRLRDASYHGLELQPFGWFMHRAKSRTGYVGTNGLVRTLIWPFIFKNYSVRDFAEFLEIYGLPMRVGKYP
TGSTNREKATLMQAVMDIGRRAGGIIPMGMTLDFQSAADGQSDPFMAMIGWAEKAISKAILGGTLTTEAGDKGARSLGEV
HDEVRREIRNADVGQLARSINRDLIYPLLALNSDSTIDINRLPGIVFDTSEAGDITALSDAIPKLAAGMRIPVSWIQEKL
HIPQPVGDEAVFTIQPVVPDNGSQKEAALSAEDIPQEDDIDRMGVSPEDWQRSVDPLLKPVIFSVLKDGPEAAMNKAASL
YPQMDDAELIDMLTRAIFVADIWGRLDAAADH
;
A,B,C,D,E,F,G,H,I,J,K,L
2 'polypeptide(L)'
;MNYATVNDLCARYTRTRLDILTRPKTADGQPDDAVAEQALADASAFIDGYLAARFVLPLTVVPSLLKRQCCVVAWFYLNE
SQPTEQITATYRDTVRWLEQVRDGKTDPGVESRTAASPEGEDLVQVQSDPPVFSRKQKGFI
;
X,M,N,O,P,Q,R,S,T,U,V,W
#
# COMPACT_ATOMS: atom_id res chain seq x y z
N GLY A 2 -33.36 59.09 52.37
CA GLY A 2 -31.92 58.95 52.19
C GLY A 2 -31.43 57.54 52.47
N ARG A 3 -32.14 56.83 53.34
CA ARG A 3 -31.80 55.46 53.69
C ARG A 3 -32.38 54.54 52.62
N ILE A 4 -31.64 54.40 51.53
CA ILE A 4 -32.09 53.60 50.40
C ILE A 4 -32.02 52.12 50.75
N LEU A 5 -33.07 51.38 50.38
CA LEU A 5 -33.11 49.95 50.59
C LEU A 5 -32.65 49.22 49.32
N ASP A 6 -31.93 48.13 49.52
CA ASP A 6 -31.44 47.32 48.42
C ASP A 6 -32.55 46.36 47.97
N ILE A 7 -32.21 45.43 47.07
CA ILE A 7 -33.20 44.50 46.56
C ILE A 7 -33.71 43.57 47.67
N SER A 8 -32.87 43.29 48.66
CA SER A 8 -33.21 42.37 49.74
C SER A 8 -33.88 43.06 50.91
N GLY A 9 -34.21 44.35 50.78
CA GLY A 9 -34.93 45.06 51.83
C GLY A 9 -34.16 45.29 53.10
N GLN A 10 -32.87 45.58 53.00
CA GLN A 10 -32.06 45.98 54.15
C GLN A 10 -31.64 47.42 53.98
N PRO A 11 -32.12 48.34 54.82
CA PRO A 11 -31.74 49.75 54.66
C PRO A 11 -30.27 49.96 54.92
N PHE A 12 -29.70 50.95 54.22
CA PHE A 12 -28.28 51.28 54.36
C PHE A 12 -28.08 52.70 53.87
N ASP A 13 -26.84 53.18 53.97
CA ASP A 13 -26.45 54.50 53.47
C ASP A 13 -25.57 54.32 52.26
N PHE A 14 -25.94 54.97 51.15
CA PHE A 14 -25.20 54.85 49.91
C PHE A 14 -24.09 55.90 49.85
N ASP A 15 -22.91 55.47 49.44
CA ASP A 15 -21.72 56.33 49.40
C ASP A 15 -21.19 56.41 47.98
N ASP A 16 -20.86 57.62 47.55
CA ASP A 16 -20.34 57.82 46.19
C ASP A 16 -18.90 57.34 46.05
N GLU A 17 -18.15 57.24 47.15
CA GLU A 17 -16.76 56.82 47.06
C GLU A 17 -16.65 55.37 46.62
N MET A 18 -15.74 55.11 45.70
CA MET A 18 -15.49 53.75 45.25
C MET A 18 -14.85 52.94 46.38
N GLN A 19 -15.25 51.68 46.51
CA GLN A 19 -14.81 50.87 47.64
C GLN A 19 -13.29 50.65 47.61
N SER A 20 -12.73 50.45 46.42
CA SER A 20 -11.28 50.26 46.32
C SER A 20 -10.54 51.52 46.76
N ARG A 21 -11.01 52.69 46.35
CA ARG A 21 -10.37 53.96 46.71
C ARG A 21 -10.82 54.40 48.09
N SER A 22 -10.46 53.60 49.09
CA SER A 22 -10.87 53.86 50.47
C SER A 22 -9.68 54.10 51.38
N ASP A 23 -8.46 54.23 50.82
CA ASP A 23 -7.25 54.57 51.56
C ASP A 23 -6.87 53.46 52.54
N GLU A 24 -7.63 52.36 52.54
CA GLU A 24 -7.30 51.22 53.39
C GLU A 24 -6.93 49.99 52.57
N LEU A 25 -7.38 49.93 51.32
CA LEU A 25 -7.11 48.79 50.45
C LEU A 25 -6.18 49.16 49.31
N ALA A 26 -5.29 50.13 49.56
CA ALA A 26 -4.34 50.56 48.55
C ALA A 26 -3.25 49.53 48.28
N MET A 27 -2.88 48.73 49.29
CA MET A 27 -1.82 47.75 49.15
C MET A 27 -2.34 46.34 48.88
N VAL A 28 -3.65 46.17 48.73
CA VAL A 28 -4.21 44.88 48.38
C VAL A 28 -4.98 44.89 47.07
N MET A 29 -5.24 46.07 46.50
CA MET A 29 -5.83 46.17 45.17
C MET A 29 -4.79 46.24 44.06
N LYS A 30 -3.51 46.27 44.42
CA LYS A 30 -2.41 46.36 43.47
C LYS A 30 -1.54 45.11 43.65
N ARG A 31 -1.83 44.09 42.87
CA ARG A 31 -1.13 42.81 42.93
C ARG A 31 -0.48 42.51 41.58
N THR A 32 0.79 42.13 41.61
CA THR A 32 1.46 41.72 40.39
C THR A 32 1.21 40.22 40.16
N GLN A 33 0.75 39.89 38.96
CA GLN A 33 0.18 38.58 38.73
C GLN A 33 1.22 37.47 38.87
N GLU A 34 0.74 36.31 39.32
CA GLU A 34 1.62 35.19 39.61
C GLU A 34 2.08 34.46 38.34
N HIS A 35 1.24 34.42 37.31
CA HIS A 35 1.48 33.60 36.13
C HIS A 35 1.77 32.16 36.55
N PRO A 36 0.77 31.44 37.05
CA PRO A 36 1.00 30.09 37.57
C PRO A 36 1.11 29.03 36.51
N SER A 37 0.80 29.35 35.25
CA SER A 37 0.77 28.38 34.17
C SER A 37 2.15 28.13 33.55
N SER A 38 3.21 28.48 34.26
CA SER A 38 4.57 28.19 33.83
C SER A 38 5.00 26.88 34.49
N GLY A 39 5.16 25.85 33.68
CA GLY A 39 5.56 24.55 34.20
C GLY A 39 4.51 23.89 35.07
N VAL A 40 3.25 23.90 34.66
CA VAL A 40 2.19 23.29 35.45
C VAL A 40 2.29 21.77 35.36
N THR A 41 2.20 21.12 36.52
CA THR A 41 2.06 19.69 36.64
C THR A 41 0.64 19.36 37.09
N PRO A 42 0.01 18.33 36.52
CA PRO A 42 -1.36 17.99 36.93
C PRO A 42 -1.60 17.95 38.43
N ASN A 43 -0.60 17.51 39.21
CA ASN A 43 -0.73 17.56 40.66
C ASN A 43 -0.94 18.98 41.15
N ARG A 44 -0.12 19.91 40.65
CA ARG A 44 -0.22 21.30 41.08
C ARG A 44 -1.48 21.96 40.55
N ALA A 45 -1.92 21.59 39.34
CA ALA A 45 -3.21 22.09 38.85
C ALA A 45 -4.35 21.63 39.74
N ALA A 46 -4.34 20.36 40.14
CA ALA A 46 -5.35 19.87 41.07
C ALA A 46 -5.27 20.63 42.40
N GLN A 47 -4.05 20.93 42.86
CA GLN A 47 -3.89 21.64 44.12
C GLN A 47 -4.52 23.03 44.05
N MET A 48 -4.26 23.77 42.97
CA MET A 48 -4.84 25.10 42.86
C MET A 48 -6.34 25.04 42.65
N LEU A 49 -6.84 24.04 41.93
CA LEU A 49 -8.29 23.88 41.81
C LEU A 49 -8.93 23.61 43.16
N ARG A 50 -8.30 22.79 44.00
CA ARG A 50 -8.85 22.52 45.32
C ARG A 50 -8.76 23.74 46.23
N ASP A 51 -7.70 24.54 46.08
CA ASP A 51 -7.61 25.78 46.84
C ASP A 51 -8.72 26.74 46.44
N ALA A 52 -9.01 26.82 45.14
CA ALA A 52 -10.13 27.64 44.69
C ALA A 52 -11.46 27.11 45.21
N GLU A 53 -11.64 25.78 45.21
CA GLU A 53 -12.87 25.20 45.74
C GLU A 53 -13.03 25.54 47.22
N ARG A 54 -11.95 25.52 47.98
CA ARG A 54 -12.03 25.86 49.40
C ARG A 54 -12.34 27.33 49.62
N GLY A 55 -12.04 28.21 48.66
CA GLY A 55 -12.38 29.62 48.80
C GLY A 55 -11.39 30.62 48.27
N ASP A 56 -10.11 30.25 48.18
CA ASP A 56 -9.06 31.15 47.69
C ASP A 56 -9.02 31.08 46.17
N LEU A 57 -9.70 32.03 45.53
CA LEU A 57 -9.91 32.02 44.08
C LEU A 57 -8.79 32.68 43.29
N THR A 58 -7.74 33.17 43.96
CA THR A 58 -6.70 33.93 43.25
C THR A 58 -5.97 33.06 42.24
N ALA A 59 -5.50 31.88 42.67
CA ALA A 59 -4.71 31.03 41.79
C ALA A 59 -5.53 30.58 40.59
N GLN A 60 -6.80 30.24 40.82
CA GLN A 60 -7.67 29.83 39.73
C GLN A 60 -7.85 30.96 38.72
N ALA A 61 -8.02 32.18 39.19
CA ALA A 61 -8.21 33.30 38.27
C ALA A 61 -6.95 33.58 37.46
N ASP A 62 -5.78 33.53 38.09
CA ASP A 62 -4.55 33.72 37.33
C ASP A 62 -4.36 32.60 36.32
N LEU A 63 -4.67 31.36 36.71
CA LEU A 63 -4.53 30.24 35.78
C LEU A 63 -5.49 30.40 34.59
N ALA A 64 -6.71 30.84 34.86
CA ALA A 64 -7.67 31.08 33.78
C ALA A 64 -7.18 32.19 32.84
N PHE A 65 -6.60 33.25 33.40
CA PHE A 65 -6.08 34.33 32.55
C PHE A 65 -4.94 33.83 31.66
N ASP A 66 -4.04 33.03 32.22
CA ASP A 66 -2.96 32.47 31.43
C ASP A 66 -3.49 31.53 30.36
N MET A 67 -4.51 30.75 30.69
CA MET A 67 -5.10 29.84 29.70
C MET A 67 -5.75 30.64 28.58
N GLU A 68 -6.34 31.78 28.91
CA GLU A 68 -6.98 32.60 27.89
C GLU A 68 -5.95 33.22 26.95
N GLU A 69 -4.84 33.72 27.49
CA GLU A 69 -3.87 34.38 26.64
C GLU A 69 -2.87 33.42 25.98
N LYS A 70 -2.72 32.20 26.48
CA LYS A 70 -1.70 31.30 25.97
C LYS A 70 -2.23 30.38 24.87
N ASP A 71 -3.29 29.62 25.17
CA ASP A 71 -3.81 28.65 24.24
C ASP A 71 -4.62 29.36 23.16
N THR A 72 -4.07 29.40 21.94
CA THR A 72 -4.67 30.19 20.88
C THR A 72 -6.06 29.66 20.50
N HIS A 73 -6.22 28.35 20.40
CA HIS A 73 -7.52 27.78 20.08
C HIS A 73 -8.53 28.11 21.17
N LEU A 74 -8.11 28.03 22.43
CA LEU A 74 -9.00 28.39 23.53
C LEU A 74 -9.45 29.83 23.43
N PHE A 75 -8.52 30.74 23.11
CA PHE A 75 -8.88 32.15 23.00
C PHE A 75 -9.82 32.39 21.83
N SER A 76 -9.56 31.73 20.69
CA SER A 76 -10.45 31.90 19.55
C SER A 76 -11.86 31.43 19.88
N GLU A 77 -11.98 30.26 20.52
CA GLU A 77 -13.31 29.77 20.88
C GLU A 77 -13.98 30.68 21.91
N LEU A 78 -13.22 31.16 22.90
CA LEU A 78 -13.80 32.00 23.92
C LEU A 78 -14.29 33.32 23.34
N SER A 79 -13.51 33.92 22.43
CA SER A 79 -13.96 35.16 21.78
C SER A 79 -15.15 34.90 20.88
N LYS A 80 -15.16 33.76 20.18
CA LYS A 80 -16.32 33.39 19.36
C LYS A 80 -17.57 33.31 20.21
N ARG A 81 -17.47 32.74 21.42
CA ARG A 81 -18.64 32.64 22.28
C ARG A 81 -19.03 34.00 22.86
N ARG A 82 -18.04 34.80 23.26
CA ARG A 82 -18.34 36.06 23.95
C ARG A 82 -18.90 37.11 22.99
N LEU A 83 -18.52 37.05 21.71
CA LEU A 83 -19.04 38.02 20.76
C LEU A 83 -20.46 37.68 20.32
N ALA A 84 -20.91 36.46 20.58
CA ALA A 84 -22.31 36.12 20.31
C ALA A 84 -23.25 36.96 21.16
N ILE A 85 -22.89 37.16 22.43
CA ILE A 85 -23.73 37.91 23.36
C ILE A 85 -23.83 39.36 22.92
N GLN A 86 -22.70 39.96 22.54
CA GLN A 86 -22.69 41.38 22.18
C GLN A 86 -23.48 41.64 20.92
N ALA A 87 -23.66 40.62 20.07
CA ALA A 87 -24.40 40.82 18.82
C ALA A 87 -25.90 40.96 19.05
N LEU A 88 -26.41 40.37 20.13
CA LEU A 88 -27.85 40.40 20.37
C LEU A 88 -28.32 41.82 20.68
N GLU A 89 -29.42 42.22 20.04
CA GLU A 89 -30.04 43.49 20.35
C GLU A 89 -30.97 43.34 21.56
N TRP A 90 -31.07 44.41 22.34
CA TRP A 90 -31.81 44.36 23.60
C TRP A 90 -32.64 45.62 23.77
N ARG A 91 -33.61 45.53 24.69
CA ARG A 91 -34.47 46.65 25.02
C ARG A 91 -34.94 46.48 26.46
N ILE A 92 -35.23 47.60 27.11
CA ILE A 92 -35.68 47.59 28.51
C ILE A 92 -37.21 47.47 28.46
N ALA A 93 -37.68 46.23 28.35
CA ALA A 93 -39.11 45.98 28.35
C ALA A 93 -39.69 46.25 29.74
N PRO A 94 -40.77 47.02 29.84
CA PRO A 94 -41.36 47.32 31.14
C PRO A 94 -41.95 46.08 31.80
N ALA A 95 -42.34 46.24 33.06
CA ALA A 95 -42.98 45.17 33.78
C ALA A 95 -44.30 44.79 33.11
N ARG A 96 -44.71 43.55 33.32
CA ARG A 96 -45.95 43.07 32.71
C ARG A 96 -47.14 43.89 33.19
N ASP A 97 -48.05 44.17 32.27
CA ASP A 97 -49.20 45.05 32.52
C ASP A 97 -48.74 46.40 33.07
N ALA A 98 -47.75 46.99 32.40
CA ALA A 98 -47.18 48.24 32.85
C ALA A 98 -48.20 49.37 32.77
N SER A 99 -48.17 50.27 33.75
CA SER A 99 -49.01 51.45 33.74
C SER A 99 -48.37 52.52 32.87
N ALA A 100 -48.87 53.76 32.98
CA ALA A 100 -48.26 54.86 32.23
C ALA A 100 -46.85 55.15 32.74
N GLN A 101 -46.73 55.44 34.04
CA GLN A 101 -45.45 55.88 34.60
C GLN A 101 -44.40 54.78 34.49
N GLU A 102 -44.79 53.53 34.71
CA GLU A 102 -43.84 52.42 34.60
C GLU A 102 -43.31 52.30 33.18
N LYS A 103 -44.19 52.40 32.19
CA LYS A 103 -43.75 52.33 30.80
C LYS A 103 -42.85 53.50 30.44
N LYS A 104 -43.19 54.70 30.94
CA LYS A 104 -42.36 55.86 30.64
C LYS A 104 -40.97 55.73 31.27
N ASP A 105 -40.89 55.25 32.51
CA ASP A 105 -39.59 55.04 33.14
C ASP A 105 -38.79 53.96 32.43
N ALA A 106 -39.46 52.88 32.00
CA ALA A 106 -38.76 51.83 31.26
C ALA A 106 -38.21 52.36 29.95
N ASP A 107 -38.99 53.16 29.24
CA ASP A 107 -38.50 53.75 27.99
C ASP A 107 -37.36 54.72 28.26
N MET A 108 -37.44 55.49 29.34
CA MET A 108 -36.35 56.39 29.69
C MET A 108 -35.06 55.62 29.93
N LEU A 109 -35.15 54.53 30.69
CA LEU A 109 -33.98 53.68 30.91
C LEU A 109 -33.47 53.11 29.60
N ASN A 110 -34.37 52.67 28.73
CA ASN A 110 -33.98 52.11 27.44
C ASN A 110 -33.16 53.12 26.64
N GLU A 111 -33.68 54.33 26.50
CA GLU A 111 -32.99 55.35 25.72
C GLU A 111 -31.66 55.72 26.36
N TYR A 112 -31.63 55.88 27.69
CA TYR A 112 -30.39 56.24 28.34
C TYR A 112 -29.33 55.16 28.16
N LEU A 113 -29.70 53.90 28.33
CA LEU A 113 -28.72 52.82 28.21
C LEU A 113 -28.26 52.64 26.78
N HIS A 114 -29.15 52.84 25.79
CA HIS A 114 -28.71 52.82 24.41
C HIS A 114 -27.88 54.04 24.05
N ASP A 115 -27.94 55.10 24.86
CA ASP A 115 -27.13 56.30 24.65
C ASP A 115 -26.09 56.48 25.76
N ALA A 116 -25.60 55.41 26.35
CA ALA A 116 -24.51 55.47 27.31
C ALA A 116 -23.35 54.60 26.83
N ALA A 117 -22.15 55.18 26.83
CA ALA A 117 -21.00 54.50 26.25
C ALA A 117 -20.48 53.39 27.16
N TRP A 118 -20.80 53.43 28.45
CA TRP A 118 -20.24 52.47 29.39
C TRP A 118 -21.04 51.18 29.47
N PHE A 119 -22.17 51.08 28.77
CA PHE A 119 -22.95 49.83 28.84
C PHE A 119 -22.33 48.75 27.98
N GLU A 120 -21.85 49.10 26.79
CA GLU A 120 -21.21 48.12 25.93
C GLU A 120 -19.97 47.53 26.59
N ASP A 121 -19.19 48.39 27.27
CA ASP A 121 -18.07 47.90 28.06
C ASP A 121 -18.53 46.97 29.17
N ALA A 122 -19.65 47.31 29.80
CA ALA A 122 -20.20 46.46 30.86
C ALA A 122 -20.52 45.07 30.33
N LEU A 123 -21.16 45.01 29.16
CA LEU A 123 -21.55 43.73 28.59
C LEU A 123 -20.33 42.94 28.11
N PHE A 124 -19.33 43.64 27.55
CA PHE A 124 -18.14 42.94 27.10
C PHE A 124 -17.33 42.39 28.27
N ASP A 125 -17.23 43.15 29.36
CA ASP A 125 -16.48 42.69 30.52
C ASP A 125 -17.24 41.64 31.32
N ALA A 126 -18.58 41.69 31.30
CA ALA A 126 -19.35 40.67 32.00
C ALA A 126 -19.16 39.30 31.37
N GLY A 127 -18.72 39.24 30.11
CA GLY A 127 -18.43 37.97 29.49
C GLY A 127 -17.19 37.28 30.02
N ASP A 128 -16.39 37.97 30.85
CA ASP A 128 -15.23 37.35 31.47
C ASP A 128 -15.63 36.22 32.42
N ALA A 129 -16.84 36.29 32.99
CA ALA A 129 -17.28 35.26 33.92
C ALA A 129 -17.45 33.90 33.26
N ILE A 130 -17.45 33.84 31.93
CA ILE A 130 -17.60 32.58 31.22
C ILE A 130 -16.47 31.62 31.59
N LEU A 131 -15.25 32.14 31.64
CA LEU A 131 -14.07 31.29 31.85
C LEU A 131 -13.59 31.30 33.30
N LYS A 132 -13.54 32.46 33.93
CA LYS A 132 -13.03 32.55 35.30
C LYS A 132 -14.08 32.13 36.33
N GLY A 133 -15.35 32.43 36.07
CA GLY A 133 -16.44 32.08 36.96
C GLY A 133 -17.24 33.25 37.47
N TYR A 134 -16.69 34.46 37.45
CA TYR A 134 -17.32 35.62 38.06
C TYR A 134 -16.66 36.87 37.49
N SER A 135 -17.48 37.78 36.97
CA SER A 135 -17.00 39.05 36.45
C SER A 135 -17.46 40.16 37.37
N MET A 136 -16.51 40.84 38.01
CA MET A 136 -16.82 41.87 38.99
C MET A 136 -16.34 43.22 38.46
N GLN A 137 -17.23 44.20 38.42
CA GLN A 137 -16.94 45.52 37.93
C GLN A 137 -17.43 46.56 38.92
N GLU A 138 -16.59 47.54 39.23
CA GLU A 138 -17.01 48.61 40.12
C GLU A 138 -17.83 49.64 39.36
N ILE A 139 -18.59 50.42 40.11
CA ILE A 139 -19.45 51.45 39.56
C ILE A 139 -19.01 52.78 40.15
N GLU A 140 -18.46 53.65 39.32
CA GLU A 140 -18.08 55.00 39.74
C GLU A 140 -19.28 55.90 39.52
N TRP A 141 -20.06 56.13 40.58
CA TRP A 141 -21.29 56.91 40.45
C TRP A 141 -20.97 58.37 40.16
N GLY A 142 -21.79 58.97 39.29
CA GLY A 142 -21.60 60.35 38.91
C GLY A 142 -22.93 61.06 38.75
N TRP A 143 -22.85 62.39 38.73
CA TRP A 143 -24.02 63.25 38.64
C TRP A 143 -24.19 63.68 37.18
N LEU A 144 -25.23 63.17 36.53
CA LEU A 144 -25.57 63.56 35.16
C LEU A 144 -26.86 64.38 35.24
N GLY A 145 -26.72 65.70 35.22
CA GLY A 145 -27.85 66.58 35.36
C GLY A 145 -28.55 66.38 36.68
N LYS A 146 -29.75 65.81 36.65
CA LYS A 146 -30.49 65.46 37.86
C LYS A 146 -30.75 63.95 37.90
N MET A 147 -29.73 63.17 37.55
CA MET A 147 -29.82 61.72 37.60
C MET A 147 -28.48 61.17 38.08
N ARG A 148 -28.52 60.38 39.14
CA ARG A 148 -27.30 59.79 39.70
C ARG A 148 -27.08 58.46 39.00
N VAL A 149 -26.27 58.49 37.94
CA VAL A 149 -26.06 57.33 37.08
C VAL A 149 -24.56 57.06 36.95
N PRO A 150 -24.15 55.82 36.67
CA PRO A 150 -22.72 55.53 36.55
C PRO A 150 -22.09 56.29 35.39
N VAL A 151 -20.83 56.65 35.58
CA VAL A 151 -20.05 57.30 34.52
C VAL A 151 -18.91 56.43 34.01
N ALA A 152 -18.55 55.37 34.73
CA ALA A 152 -17.48 54.47 34.30
C ALA A 152 -17.57 53.19 35.10
N LEU A 153 -17.36 52.06 34.43
CA LEU A 153 -17.38 50.74 35.06
C LEU A 153 -16.00 50.12 34.88
N HIS A 154 -15.21 50.13 35.96
CA HIS A 154 -13.88 49.57 35.92
C HIS A 154 -13.92 48.08 36.26
N HIS A 155 -13.26 47.27 35.45
CA HIS A 155 -13.21 45.82 35.63
C HIS A 155 -12.03 45.49 36.52
N ARG A 156 -12.30 45.24 37.80
CA ARG A 156 -11.24 44.88 38.73
C ARG A 156 -10.77 43.45 38.47
N ASP A 157 -9.54 43.16 38.86
CA ASP A 157 -8.98 41.84 38.64
C ASP A 157 -9.72 40.81 39.47
N PRO A 158 -10.14 39.69 38.87
CA PRO A 158 -10.92 38.70 39.64
C PRO A 158 -10.16 38.08 40.80
N ALA A 159 -8.82 38.15 40.80
CA ALA A 159 -8.05 37.57 41.89
C ALA A 159 -8.20 38.32 43.20
N LEU A 160 -8.73 39.55 43.16
CA LEU A 160 -8.89 40.35 44.38
C LEU A 160 -10.04 39.87 45.24
N PHE A 161 -10.88 38.96 44.76
CA PHE A 161 -12.10 38.56 45.47
C PHE A 161 -11.95 37.11 45.94
N CYS A 162 -12.17 36.89 47.22
CA CYS A 162 -12.16 35.56 47.80
C CYS A 162 -13.55 35.26 48.35
N ALA A 163 -14.07 34.08 48.03
CA ALA A 163 -15.38 33.70 48.52
C ALA A 163 -15.35 33.55 50.04
N ASN A 164 -16.47 33.87 50.68
CA ASN A 164 -16.55 33.75 52.12
C ASN A 164 -16.38 32.29 52.51
N PRO A 165 -15.59 31.98 53.55
CA PRO A 165 -15.50 30.58 54.01
C PRO A 165 -16.82 30.03 54.49
N ASP A 166 -17.77 30.90 54.86
CA ASP A 166 -19.11 30.49 55.24
C ASP A 166 -20.09 30.87 54.13
N ASN A 167 -20.95 29.91 53.79
CA ASN A 167 -22.02 30.03 52.79
C ASN A 167 -21.44 30.03 51.37
N LEU A 168 -20.12 30.20 51.25
CA LEU A 168 -19.34 29.83 50.06
C LEU A 168 -19.93 30.32 48.74
N ASN A 169 -20.86 31.28 48.78
CA ASN A 169 -21.48 31.79 47.58
C ASN A 169 -21.52 33.31 47.52
N GLU A 170 -21.00 34.00 48.53
CA GLU A 170 -20.96 35.45 48.56
C GLU A 170 -19.53 35.90 48.28
N LEU A 171 -19.32 36.54 47.15
CA LEU A 171 -18.00 37.08 46.82
C LEU A 171 -17.70 38.26 47.72
N ARG A 172 -16.55 38.21 48.40
CA ARG A 172 -16.14 39.26 49.31
C ARG A 172 -14.76 39.77 48.92
N LEU A 173 -14.62 41.09 48.83
CA LEU A 173 -13.35 41.69 48.49
C LEU A 173 -12.30 41.34 49.55
N ARG A 174 -11.14 40.90 49.08
CA ARG A 174 -10.09 40.44 49.99
C ARG A 174 -9.50 41.62 50.75
N ASP A 175 -9.40 41.49 52.07
CA ASP A 175 -8.86 42.53 52.92
C ASP A 175 -7.92 41.94 53.95
N ALA A 176 -7.22 40.86 53.58
CA ALA A 176 -6.29 40.17 54.46
C ALA A 176 -6.98 39.75 55.76
N SER A 177 -8.22 39.30 55.64
CA SER A 177 -9.02 38.87 56.78
C SER A 177 -9.61 37.50 56.51
N TYR A 178 -9.93 36.78 57.59
CA TYR A 178 -10.50 35.45 57.46
C TYR A 178 -11.85 35.49 56.75
N HIS A 179 -12.75 36.33 57.23
CA HIS A 179 -14.05 36.48 56.56
C HIS A 179 -13.92 37.27 55.27
N GLY A 180 -13.13 38.33 55.29
CA GLY A 180 -12.98 39.17 54.12
C GLY A 180 -13.99 40.29 54.09
N LEU A 181 -13.58 41.41 53.50
CA LEU A 181 -14.45 42.57 53.40
C LEU A 181 -15.57 42.31 52.40
N GLU A 182 -16.81 42.55 52.82
CA GLU A 182 -17.95 42.38 51.94
C GLU A 182 -17.98 43.49 50.90
N LEU A 183 -18.80 43.29 49.87
CA LEU A 183 -18.93 44.28 48.81
C LEU A 183 -19.78 45.45 49.27
N GLN A 184 -19.32 46.66 48.96
CA GLN A 184 -20.11 47.85 49.25
C GLN A 184 -21.37 47.83 48.39
N PRO A 185 -22.55 48.05 48.98
CA PRO A 185 -23.79 47.95 48.22
C PRO A 185 -23.89 49.03 47.15
N PHE A 186 -24.55 48.68 46.05
CA PHE A 186 -24.77 49.58 44.92
C PHE A 186 -23.48 50.09 44.32
N GLY A 187 -22.39 49.34 44.48
CA GLY A 187 -21.11 49.75 43.94
C GLY A 187 -20.27 48.61 43.39
N TRP A 188 -20.91 47.51 43.00
CA TRP A 188 -20.17 46.34 42.53
C TRP A 188 -21.06 45.55 41.59
N PHE A 189 -20.87 45.72 40.29
CA PHE A 189 -21.63 44.97 39.29
C PHE A 189 -21.06 43.56 39.21
N MET A 190 -21.77 42.60 39.77
CA MET A 190 -21.32 41.21 39.84
C MET A 190 -22.20 40.36 38.92
N HIS A 191 -21.55 39.60 38.04
CA HIS A 191 -22.24 38.70 37.11
C HIS A 191 -21.63 37.31 37.27
N ARG A 192 -22.35 36.42 37.95
CA ARG A 192 -21.89 35.06 38.19
C ARG A 192 -22.51 34.15 37.14
N ALA A 193 -21.73 33.80 36.12
CA ALA A 193 -22.20 32.95 35.03
C ALA A 193 -21.97 31.49 35.41
N LYS A 194 -23.02 30.82 35.86
CA LYS A 194 -22.91 29.43 36.29
C LYS A 194 -23.21 28.51 35.11
N SER A 195 -22.15 28.02 34.48
CA SER A 195 -22.33 26.99 33.46
C SER A 195 -22.62 25.63 34.08
N ARG A 196 -22.07 25.37 35.26
CA ARG A 196 -22.26 24.14 35.99
C ARG A 196 -22.77 24.46 37.38
N THR A 197 -23.77 23.72 37.84
CA THR A 197 -24.33 23.97 39.17
C THR A 197 -23.28 23.75 40.24
N GLY A 198 -23.32 24.57 41.28
CA GLY A 198 -22.35 24.48 42.35
C GLY A 198 -22.08 25.85 42.94
N TYR A 199 -20.91 25.99 43.54
CA TYR A 199 -20.53 27.21 44.23
C TYR A 199 -19.90 28.19 43.26
N VAL A 200 -19.47 29.35 43.80
CA VAL A 200 -18.99 30.43 42.94
C VAL A 200 -17.66 30.06 42.30
N GLY A 201 -16.78 29.38 43.05
CA GLY A 201 -15.49 29.02 42.48
C GLY A 201 -15.59 27.86 41.50
N THR A 202 -16.58 27.00 41.67
CA THR A 202 -16.67 25.79 40.86
C THR A 202 -17.18 26.08 39.46
N ASN A 203 -18.16 26.97 39.32
CA ASN A 203 -18.94 27.07 38.09
C ASN A 203 -18.16 27.63 36.90
N GLY A 204 -16.89 28.00 37.06
CA GLY A 204 -16.14 28.47 35.92
C GLY A 204 -15.75 27.35 34.98
N LEU A 205 -15.55 27.70 33.70
CA LEU A 205 -15.13 26.72 32.71
C LEU A 205 -13.65 26.36 32.81
N VAL A 206 -12.87 27.10 33.61
CA VAL A 206 -11.47 26.75 33.78
C VAL A 206 -11.33 25.39 34.45
N ARG A 207 -12.27 25.01 35.32
CA ARG A 207 -12.22 23.71 35.98
C ARG A 207 -12.24 22.57 34.96
N THR A 208 -13.10 22.68 33.95
CA THR A 208 -13.17 21.65 32.93
C THR A 208 -12.04 21.76 31.92
N LEU A 209 -11.64 22.98 31.57
CA LEU A 209 -10.72 23.21 30.47
C LEU A 209 -9.25 23.16 30.87
N ILE A 210 -8.93 23.07 32.17
CA ILE A 210 -7.54 23.05 32.56
C ILE A 210 -6.84 21.80 32.05
N TRP A 211 -7.55 20.66 32.02
CA TRP A 211 -6.89 19.41 31.61
C TRP A 211 -6.60 19.38 30.12
N PRO A 212 -7.56 19.61 29.22
CA PRO A 212 -7.21 19.66 27.79
C PRO A 212 -6.18 20.72 27.48
N PHE A 213 -6.22 21.87 28.17
CA PHE A 213 -5.19 22.89 27.98
C PHE A 213 -3.81 22.35 28.28
N ILE A 214 -3.66 21.68 29.43
CA ILE A 214 -2.37 21.13 29.82
C ILE A 214 -1.90 20.10 28.81
N PHE A 215 -2.79 19.19 28.42
CA PHE A 215 -2.41 18.13 27.49
C PHE A 215 -1.99 18.71 26.15
N LYS A 216 -2.79 19.63 25.60
CA LYS A 216 -2.47 20.20 24.29
C LYS A 216 -1.15 20.96 24.33
N ASN A 217 -0.94 21.77 25.36
CA ASN A 217 0.26 22.60 25.37
C ASN A 217 1.51 21.76 25.62
N TYR A 218 1.42 20.75 26.49
CA TYR A 218 2.56 19.87 26.68
C TYR A 218 2.88 19.11 25.40
N SER A 219 1.85 18.63 24.70
CA SER A 219 2.09 17.96 23.43
C SER A 219 2.72 18.90 22.41
N VAL A 220 2.26 20.15 22.38
CA VAL A 220 2.79 21.11 21.41
C VAL A 220 4.25 21.40 21.68
N ARG A 221 4.61 21.62 22.95
CA ARG A 221 6.00 21.90 23.27
C ARG A 221 6.89 20.69 22.99
N ASP A 222 6.40 19.48 23.33
CA ASP A 222 7.19 18.28 23.03
C ASP A 222 7.38 18.13 21.52
N PHE A 223 6.34 18.41 20.75
CA PHE A 223 6.44 18.31 19.29
C PHE A 223 7.45 19.32 18.74
N ALA A 224 7.42 20.55 19.26
CA ALA A 224 8.38 21.56 18.80
C ALA A 224 9.80 21.14 19.14
N GLU A 225 10.02 20.63 20.35
CA GLU A 225 11.35 20.17 20.71
C GLU A 225 11.78 18.98 19.87
N PHE A 226 10.84 18.12 19.48
CA PHE A 226 11.16 17.02 18.59
C PHE A 226 11.60 17.52 17.22
N LEU A 227 10.90 18.53 16.69
CA LEU A 227 11.31 19.12 15.41
C LEU A 227 12.62 19.88 15.53
N GLU A 228 12.99 20.32 16.73
CA GLU A 228 14.27 20.98 16.91
C GLU A 228 15.42 20.04 16.56
N ILE A 229 15.22 18.73 16.80
CA ILE A 229 16.29 17.76 16.63
C ILE A 229 16.09 16.86 15.40
N TYR A 230 14.84 16.65 14.98
CA TYR A 230 14.55 15.66 13.94
C TYR A 230 15.19 16.04 12.61
N GLY A 231 15.54 15.00 11.85
CA GLY A 231 16.00 15.04 10.46
C GLY A 231 17.43 15.53 10.30
N LEU A 232 18.23 15.57 11.37
CA LEU A 232 19.63 16.00 11.29
C LEU A 232 20.45 15.09 12.19
N PRO A 233 21.07 14.06 11.64
CA PRO A 233 21.75 13.07 12.48
C PRO A 233 22.94 13.66 13.21
N MET A 234 23.21 13.11 14.38
CA MET A 234 24.40 13.49 15.13
C MET A 234 25.64 13.04 14.38
N ARG A 235 26.68 13.88 14.41
CA ARG A 235 27.90 13.69 13.64
C ARG A 235 29.05 13.44 14.61
N VAL A 236 29.33 12.17 14.90
CA VAL A 236 30.36 11.79 15.85
C VAL A 236 31.58 11.31 15.10
N GLY A 237 32.75 11.75 15.53
CA GLY A 237 34.02 11.28 15.01
C GLY A 237 34.77 10.53 16.09
N LYS A 238 35.32 9.39 15.74
CA LYS A 238 36.03 8.52 16.67
C LYS A 238 37.52 8.59 16.36
N TYR A 239 38.21 9.54 16.98
CA TYR A 239 39.64 9.65 16.78
C TYR A 239 40.34 8.49 17.49
N PRO A 240 41.38 7.92 16.88
CA PRO A 240 42.12 6.85 17.56
C PRO A 240 42.75 7.39 18.84
N THR A 241 42.77 6.55 19.86
CA THR A 241 43.36 6.96 21.12
C THR A 241 44.85 7.20 20.96
N GLY A 242 45.39 8.09 21.78
CA GLY A 242 46.76 8.51 21.65
C GLY A 242 46.98 9.66 20.69
N SER A 243 45.93 10.13 20.02
CA SER A 243 46.07 11.29 19.15
C SER A 243 46.46 12.52 19.96
N THR A 244 47.31 13.36 19.37
CA THR A 244 47.78 14.55 20.06
C THR A 244 46.62 15.48 20.37
N ASN A 245 46.80 16.29 21.42
CA ASN A 245 45.77 17.23 21.84
C ASN A 245 45.47 18.29 20.78
N ARG A 246 46.34 18.45 19.80
CA ARG A 246 46.10 19.37 18.69
C ARG A 246 45.27 18.75 17.58
N GLU A 247 45.35 17.43 17.38
CA GLU A 247 44.61 16.75 16.32
C GLU A 247 43.17 16.45 16.71
N LYS A 248 42.82 16.58 17.98
CA LYS A 248 41.42 16.52 18.38
C LYS A 248 40.67 17.81 18.09
N ALA A 249 41.32 18.96 18.25
CA ALA A 249 40.69 20.24 17.91
C ALA A 249 40.40 20.37 16.44
N THR A 250 41.35 20.01 15.57
CA THR A 250 41.09 20.07 14.13
C THR A 250 40.00 19.08 13.73
N LEU A 251 40.01 17.89 14.33
CA LEU A 251 38.97 16.92 14.01
C LEU A 251 37.60 17.44 14.41
N MET A 252 37.50 18.09 15.57
CA MET A 252 36.22 18.58 16.02
C MET A 252 35.75 19.77 15.19
N GLN A 253 36.69 20.65 14.81
CA GLN A 253 36.33 21.75 13.92
C GLN A 253 35.94 21.27 12.54
N ALA A 254 36.43 20.10 12.11
CA ALA A 254 36.01 19.52 10.85
C ALA A 254 34.63 18.87 10.96
N VAL A 255 34.43 18.04 12.00
CA VAL A 255 33.16 17.35 12.16
C VAL A 255 32.02 18.33 12.43
N MET A 256 32.33 19.54 12.89
CA MET A 256 31.34 20.60 13.02
C MET A 256 31.30 21.51 11.81
N ASP A 257 32.09 21.21 10.78
CA ASP A 257 32.09 21.97 9.53
C ASP A 257 31.30 21.25 8.44
N ILE A 258 30.62 20.17 8.76
CA ILE A 258 29.82 19.43 7.78
C ILE A 258 28.58 20.25 7.47
N GLY A 259 28.40 20.59 6.20
CA GLY A 259 27.24 21.34 5.75
C GLY A 259 26.64 20.79 4.49
N ARG A 260 26.35 21.66 3.52
CA ARG A 260 25.81 21.20 2.25
C ARG A 260 26.93 20.67 1.37
N ARG A 261 26.76 19.43 0.89
CA ARG A 261 27.73 18.79 0.00
C ARG A 261 29.11 18.73 0.65
N ALA A 262 29.15 18.56 1.96
CA ALA A 262 30.41 18.48 2.67
C ALA A 262 31.16 17.22 2.24
N GLY A 263 32.46 17.36 2.04
CA GLY A 263 33.28 16.24 1.63
C GLY A 263 34.74 16.43 1.98
N GLY A 264 35.33 15.46 2.65
CA GLY A 264 36.69 15.61 3.11
C GLY A 264 37.39 14.28 3.20
N ILE A 265 38.57 14.31 3.83
CA ILE A 265 39.42 13.14 3.95
C ILE A 265 39.62 12.82 5.42
N ILE A 266 39.64 11.52 5.74
CA ILE A 266 39.93 11.07 7.09
C ILE A 266 40.93 9.92 7.01
N PRO A 267 41.84 9.81 7.97
CA PRO A 267 42.78 8.69 7.98
C PRO A 267 42.04 7.37 8.14
N MET A 268 42.77 6.28 7.88
CA MET A 268 42.17 4.96 7.97
C MET A 268 41.75 4.63 9.39
N GLY A 269 42.43 5.20 10.39
CA GLY A 269 42.12 4.90 11.77
C GLY A 269 40.96 5.68 12.36
N MET A 270 40.42 6.66 11.62
CA MET A 270 39.32 7.48 12.10
C MET A 270 38.00 7.01 11.50
N THR A 271 36.91 7.32 12.20
CA THR A 271 35.58 6.99 11.73
C THR A 271 34.68 8.22 11.87
N LEU A 272 33.66 8.29 11.02
CA LEU A 272 32.77 9.45 10.98
C LEU A 272 31.31 8.97 10.91
N ASP A 273 30.95 8.06 11.80
CA ASP A 273 29.59 7.51 11.79
C ASP A 273 28.56 8.58 12.07
N PHE A 274 27.40 8.45 11.42
CA PHE A 274 26.28 9.37 11.58
C PHE A 274 25.17 8.65 12.32
N GLN A 275 24.87 9.09 13.53
CA GLN A 275 23.84 8.48 14.36
C GLN A 275 22.64 9.41 14.48
N SER A 276 21.45 8.87 14.26
CA SER A 276 20.23 9.66 14.36
C SER A 276 19.97 10.04 15.81
N ALA A 277 19.50 11.28 16.01
CA ALA A 277 19.22 11.80 17.34
C ALA A 277 17.74 11.94 17.64
N ALA A 278 16.86 11.69 16.67
CA ALA A 278 15.42 11.77 16.91
C ALA A 278 14.73 10.92 15.86
N ASP A 279 14.11 9.82 16.29
CA ASP A 279 13.42 8.91 15.40
C ASP A 279 11.95 8.88 15.75
N GLY A 280 11.10 8.99 14.75
CA GLY A 280 9.66 8.97 14.95
C GLY A 280 8.98 9.75 13.85
N GLN A 281 7.69 10.03 14.08
CA GLN A 281 6.87 10.77 13.14
C GLN A 281 5.95 11.70 13.91
N SER A 282 5.21 12.52 13.17
CA SER A 282 4.37 13.55 13.75
C SER A 282 2.96 13.07 14.07
N ASP A 283 2.62 11.82 13.76
CA ASP A 283 1.25 11.36 13.95
C ASP A 283 0.78 11.41 15.41
N PRO A 284 1.54 10.92 16.39
CA PRO A 284 1.01 10.96 17.77
C PRO A 284 0.80 12.36 18.30
N PHE A 285 1.76 13.27 18.09
CA PHE A 285 1.62 14.63 18.59
C PHE A 285 0.40 15.31 18.00
N MET A 286 0.23 15.20 16.67
CA MET A 286 -0.92 15.82 16.04
C MET A 286 -2.23 15.16 16.43
N ALA A 287 -2.24 13.84 16.68
CA ALA A 287 -3.45 13.19 17.16
C ALA A 287 -3.86 13.75 18.52
N MET A 288 -2.91 13.87 19.45
CA MET A 288 -3.22 14.43 20.76
C MET A 288 -3.67 15.89 20.65
N ILE A 289 -3.00 16.67 19.79
CA ILE A 289 -3.37 18.07 19.64
C ILE A 289 -4.79 18.18 19.09
N GLY A 290 -5.11 17.37 18.07
CA GLY A 290 -6.46 17.41 17.53
C GLY A 290 -7.52 17.00 18.54
N TRP A 291 -7.25 15.95 19.31
CA TRP A 291 -8.21 15.54 20.33
C TRP A 291 -8.42 16.63 21.37
N ALA A 292 -7.33 17.27 21.81
CA ALA A 292 -7.46 18.30 22.82
C ALA A 292 -8.20 19.52 22.29
N GLU A 293 -7.93 19.92 21.03
CA GLU A 293 -8.65 21.03 20.45
C GLU A 293 -10.14 20.71 20.30
N LYS A 294 -10.45 19.48 19.89
CA LYS A 294 -11.85 19.08 19.78
C LYS A 294 -12.54 19.12 21.14
N ALA A 295 -11.85 18.66 22.19
CA ALA A 295 -12.43 18.71 23.53
C ALA A 295 -12.65 20.14 23.99
N ILE A 296 -11.70 21.03 23.72
CA ILE A 296 -11.84 22.43 24.10
C ILE A 296 -13.02 23.07 23.38
N SER A 297 -13.15 22.78 22.08
CA SER A 297 -14.28 23.31 21.33
C SER A 297 -15.60 22.78 21.88
N LYS A 298 -15.64 21.49 22.23
CA LYS A 298 -16.85 20.93 22.82
C LYS A 298 -17.21 21.63 24.12
N ALA A 299 -16.22 21.88 24.97
CA ALA A 299 -16.49 22.55 26.25
C ALA A 299 -16.98 23.97 26.03
N ILE A 300 -16.37 24.69 25.09
CA ILE A 300 -16.67 26.12 24.93
C ILE A 300 -18.00 26.31 24.21
N LEU A 301 -18.09 25.81 22.97
CA LEU A 301 -19.30 26.05 22.19
C LEU A 301 -20.35 24.97 22.40
N GLY A 302 -19.93 23.71 22.39
CA GLY A 302 -20.84 22.58 22.49
C GLY A 302 -20.66 21.57 21.39
N GLY A 303 -20.05 21.96 20.28
CA GLY A 303 -19.79 21.05 19.18
C GLY A 303 -18.88 21.65 18.14
N THR A 304 -17.86 20.90 17.72
CA THR A 304 -16.92 21.38 16.74
C THR A 304 -17.46 21.22 15.33
N ASP A 322 -25.71 23.64 14.83
CA ASP A 322 -25.72 25.07 15.13
C ASP A 322 -26.79 25.39 16.17
N GLU A 323 -27.64 24.41 16.47
CA GLU A 323 -28.66 24.60 17.50
C GLU A 323 -28.03 24.69 18.89
N VAL A 324 -26.98 23.92 19.14
CA VAL A 324 -26.35 23.89 20.46
C VAL A 324 -25.74 25.24 20.79
N ARG A 325 -25.08 25.87 19.82
CA ARG A 325 -24.53 27.20 20.05
C ARG A 325 -25.63 28.21 20.34
N ARG A 326 -26.76 28.08 19.65
CA ARG A 326 -27.89 28.96 19.91
C ARG A 326 -28.41 28.78 21.33
N GLU A 327 -28.51 27.53 21.79
CA GLU A 327 -28.98 27.30 23.17
C GLU A 327 -27.98 27.84 24.18
N ILE A 328 -26.68 27.68 23.92
CA ILE A 328 -25.66 28.22 24.82
C ILE A 328 -25.80 29.73 24.92
N ARG A 329 -25.94 30.40 23.76
CA ARG A 329 -26.09 31.84 23.74
C ARG A 329 -27.34 32.27 24.49
N ASN A 330 -28.46 31.58 24.27
CA ASN A 330 -29.68 31.96 24.97
C ASN A 330 -29.52 31.81 26.47
N ALA A 331 -28.91 30.71 26.91
CA ALA A 331 -28.78 30.46 28.35
C ALA A 331 -27.91 31.50 29.02
N ASP A 332 -26.70 31.73 28.49
CA ASP A 332 -25.80 32.65 29.18
C ASP A 332 -26.26 34.09 29.02
N VAL A 333 -26.96 34.41 27.91
CA VAL A 333 -27.55 35.73 27.77
C VAL A 333 -28.67 35.93 28.79
N GLY A 334 -29.47 34.91 29.04
CA GLY A 334 -30.50 35.02 30.07
C GLY A 334 -29.90 35.23 31.46
N GLN A 335 -28.83 34.51 31.75
CA GLN A 335 -28.16 34.71 33.03
C GLN A 335 -27.60 36.13 33.15
N LEU A 336 -26.99 36.63 32.07
CA LEU A 336 -26.49 38.00 32.10
C LEU A 336 -27.63 39.00 32.27
N ALA A 337 -28.77 38.76 31.63
CA ALA A 337 -29.91 39.65 31.78
C ALA A 337 -30.43 39.65 33.21
N ARG A 338 -30.48 38.48 33.84
CA ARG A 338 -30.88 38.44 35.25
C ARG A 338 -29.91 39.22 36.12
N SER A 339 -28.61 39.07 35.87
CA SER A 339 -27.62 39.83 36.65
C SER A 339 -27.80 41.33 36.44
N ILE A 340 -28.02 41.76 35.19
CA ILE A 340 -28.20 43.18 34.90
C ILE A 340 -29.44 43.72 35.61
N ASN A 341 -30.54 42.97 35.54
CA ASN A 341 -31.76 43.40 36.23
C ASN A 341 -31.53 43.51 37.72
N ARG A 342 -30.75 42.59 38.29
CA ARG A 342 -30.46 42.68 39.72
C ARG A 342 -29.63 43.91 40.05
N ASP A 343 -28.66 44.26 39.19
CA ASP A 343 -27.60 45.17 39.62
C ASP A 343 -27.34 46.34 38.68
N LEU A 344 -28.17 46.58 37.67
CA LEU A 344 -27.97 47.73 36.81
C LEU A 344 -29.26 48.48 36.46
N ILE A 345 -30.42 47.99 36.90
CA ILE A 345 -31.69 48.67 36.70
C ILE A 345 -32.29 49.11 38.02
N TYR A 346 -32.40 48.19 38.97
CA TYR A 346 -32.85 48.55 40.31
C TYR A 346 -31.98 49.60 40.98
N PRO A 347 -30.64 49.54 40.92
CA PRO A 347 -29.86 50.63 41.52
C PRO A 347 -30.16 52.00 40.94
N LEU A 348 -30.27 52.09 39.61
CA LEU A 348 -30.60 53.37 38.98
C LEU A 348 -31.98 53.85 39.41
N LEU A 349 -32.96 52.94 39.42
CA LEU A 349 -34.30 53.32 39.83
C LEU A 349 -34.35 53.81 41.27
N ALA A 350 -33.64 53.11 42.16
CA ALA A 350 -33.66 53.48 43.57
C ALA A 350 -32.93 54.79 43.83
N LEU A 351 -31.79 54.99 43.16
CA LEU A 351 -31.02 56.22 43.39
C LEU A 351 -31.73 57.43 42.79
N ASN A 352 -32.20 57.32 41.54
CA ASN A 352 -32.80 58.47 40.89
C ASN A 352 -34.14 58.84 41.53
N SER A 353 -34.97 57.85 41.84
CA SER A 353 -36.26 58.13 42.44
C SER A 353 -36.11 58.27 43.96
N ASP A 354 -37.15 58.84 44.59
CA ASP A 354 -37.18 59.04 46.03
C ASP A 354 -38.18 58.15 46.74
N SER A 355 -39.25 57.73 46.08
CA SER A 355 -40.23 56.85 46.68
C SER A 355 -39.72 55.41 46.70
N THR A 356 -40.36 54.60 47.54
CA THR A 356 -39.99 53.19 47.66
C THR A 356 -40.28 52.47 46.35
N ILE A 357 -39.20 52.02 45.68
CA ILE A 357 -39.35 51.33 44.40
C ILE A 357 -40.05 49.99 44.62
N ASP A 358 -41.07 49.73 43.80
CA ASP A 358 -41.79 48.47 43.88
C ASP A 358 -40.90 47.34 43.37
N ILE A 359 -40.37 46.53 44.31
CA ILE A 359 -39.47 45.46 43.94
C ILE A 359 -40.17 44.42 43.08
N ASN A 360 -41.46 44.17 43.34
CA ASN A 360 -42.20 43.19 42.56
C ASN A 360 -42.30 43.60 41.10
N ARG A 361 -42.54 44.89 40.84
CA ARG A 361 -42.75 45.41 39.49
C ARG A 361 -41.68 46.46 39.18
N LEU A 362 -40.64 46.05 38.46
CA LEU A 362 -39.61 46.96 37.98
C LEU A 362 -39.23 46.57 36.56
N PRO A 363 -38.79 47.54 35.75
CA PRO A 363 -38.40 47.21 34.37
C PRO A 363 -37.25 46.22 34.34
N GLY A 364 -37.30 45.35 33.35
CA GLY A 364 -36.27 44.32 33.19
C GLY A 364 -35.75 44.26 31.77
N ILE A 365 -34.44 44.08 31.65
CA ILE A 365 -33.82 44.01 30.34
C ILE A 365 -34.19 42.70 29.65
N VAL A 366 -34.47 42.77 28.36
CA VAL A 366 -34.83 41.60 27.57
C VAL A 366 -33.99 41.61 26.30
N PHE A 367 -33.33 40.50 26.01
CA PHE A 367 -32.55 40.36 24.80
C PHE A 367 -33.40 39.73 23.70
N ASP A 368 -33.24 40.25 22.47
CA ASP A 368 -33.99 39.75 21.32
C ASP A 368 -33.30 38.48 20.82
N THR A 369 -33.53 37.39 21.53
CA THR A 369 -32.92 36.10 21.23
C THR A 369 -33.77 35.25 20.30
N SER A 370 -34.89 35.77 19.82
CA SER A 370 -35.76 34.99 18.95
C SER A 370 -35.06 34.67 17.63
N GLU A 371 -35.22 33.43 17.17
CA GLU A 371 -34.63 33.02 15.91
C GLU A 371 -35.25 33.79 14.75
N ALA A 372 -34.41 34.17 13.79
CA ALA A 372 -34.90 34.92 12.64
C ALA A 372 -35.86 34.06 11.82
N GLY A 373 -36.83 34.73 11.20
CA GLY A 373 -37.84 34.08 10.40
C GLY A 373 -37.54 34.23 8.92
N ASP A 374 -37.56 33.11 8.20
CA ASP A 374 -37.32 33.12 6.77
C ASP A 374 -38.43 33.88 6.05
N ILE A 375 -38.06 34.97 5.37
CA ILE A 375 -39.06 35.88 4.83
C ILE A 375 -39.85 35.23 3.70
N THR A 376 -39.21 34.39 2.88
CA THR A 376 -39.90 33.82 1.73
C THR A 376 -41.01 32.86 2.17
N ALA A 377 -40.71 31.96 3.11
CA ALA A 377 -41.71 31.02 3.58
C ALA A 377 -42.86 31.73 4.27
N LEU A 378 -42.56 32.72 5.11
CA LEU A 378 -43.64 33.47 5.75
C LEU A 378 -44.48 34.21 4.71
N SER A 379 -43.81 34.82 3.72
CA SER A 379 -44.52 35.63 2.74
C SER A 379 -45.41 34.78 1.83
N ASP A 380 -45.01 33.56 1.53
CA ASP A 380 -45.87 32.72 0.70
C ASP A 380 -46.73 31.76 1.52
N ALA A 381 -46.65 31.82 2.84
CA ALA A 381 -47.51 31.00 3.69
C ALA A 381 -48.63 31.79 4.35
N ILE A 382 -48.30 32.94 4.94
CA ILE A 382 -49.28 33.70 5.71
C ILE A 382 -50.48 34.14 4.86
N PRO A 383 -50.29 34.74 3.67
CA PRO A 383 -51.43 35.17 2.89
C PRO A 383 -52.31 33.99 2.51
N LYS A 384 -51.79 32.77 2.67
CA LYS A 384 -52.55 31.56 2.30
C LYS A 384 -53.37 31.13 3.51
N LEU A 385 -52.84 31.33 4.71
CA LEU A 385 -53.59 30.99 5.94
C LEU A 385 -54.42 32.21 6.31
N ALA A 386 -53.94 33.40 6.00
CA ALA A 386 -54.68 34.60 6.44
C ALA A 386 -56.14 34.42 6.06
N ALA A 387 -56.36 34.25 4.77
CA ALA A 387 -57.76 33.98 4.39
C ALA A 387 -58.28 32.92 5.34
N GLY A 388 -59.30 33.22 6.14
CA GLY A 388 -59.92 32.19 6.98
C GLY A 388 -59.52 32.31 8.44
N MET A 389 -58.32 32.79 8.69
CA MET A 389 -57.84 32.83 10.10
C MET A 389 -57.46 34.26 10.46
N ARG A 390 -57.90 34.74 11.63
CA ARG A 390 -57.50 36.09 12.11
C ARG A 390 -56.08 36.00 12.68
N ILE A 391 -55.06 36.30 11.87
CA ILE A 391 -53.65 36.18 12.30
C ILE A 391 -53.20 37.60 12.62
N PRO A 392 -52.51 37.87 13.74
CA PRO A 392 -52.21 39.24 14.11
C PRO A 392 -51.04 39.80 13.36
N VAL A 393 -51.11 41.09 13.04
CA VAL A 393 -50.01 41.71 12.26
C VAL A 393 -48.80 41.71 13.20
N SER A 394 -49.03 42.03 14.47
CA SER A 394 -47.92 42.11 15.43
C SER A 394 -47.08 40.84 15.33
N TRP A 395 -47.67 39.67 15.57
CA TRP A 395 -46.85 38.46 15.55
C TRP A 395 -46.02 38.51 14.29
N ILE A 396 -46.64 38.87 13.17
CA ILE A 396 -45.81 38.83 11.98
C ILE A 396 -44.76 39.94 12.02
N GLN A 397 -45.12 41.10 12.59
CA GLN A 397 -44.18 42.21 12.65
C GLN A 397 -42.95 41.88 13.47
N GLU A 398 -43.04 40.89 14.37
CA GLU A 398 -41.87 40.51 15.15
C GLU A 398 -40.74 40.01 14.25
N LYS A 399 -41.08 39.21 13.24
CA LYS A 399 -40.10 38.78 12.26
C LYS A 399 -39.66 39.97 11.42
N LEU A 400 -38.39 40.36 11.53
CA LEU A 400 -37.85 41.54 10.87
C LEU A 400 -38.65 42.75 11.35
N HIS A 401 -39.36 43.46 10.47
CA HIS A 401 -40.19 44.59 10.91
C HIS A 401 -41.67 44.25 10.78
N GLY B 2 -12.89 80.41 26.77
CA GLY B 2 -11.57 79.92 26.38
C GLY B 2 -11.15 78.68 27.15
N ARG B 3 -11.67 78.54 28.36
CA ARG B 3 -11.37 77.38 29.20
C ARG B 3 -12.29 76.24 28.79
N ILE B 4 -11.87 75.53 27.74
CA ILE B 4 -12.68 74.45 27.19
C ILE B 4 -12.66 73.27 28.13
N LEU B 5 -13.83 72.65 28.34
CA LEU B 5 -13.94 71.46 29.15
C LEU B 5 -13.90 70.22 28.27
N ASP B 6 -13.24 69.17 28.78
CA ASP B 6 -13.16 67.91 28.07
C ASP B 6 -14.42 67.09 28.32
N ILE B 7 -14.41 65.83 27.87
CA ILE B 7 -15.59 64.98 28.03
C ILE B 7 -15.85 64.69 29.50
N SER B 8 -14.81 64.67 30.33
CA SER B 8 -14.94 64.36 31.74
C SER B 8 -15.22 65.58 32.61
N GLY B 9 -15.45 66.74 32.00
CA GLY B 9 -15.80 67.94 32.74
C GLY B 9 -14.70 68.51 33.61
N GLN B 10 -13.46 68.48 33.14
CA GLN B 10 -12.35 69.13 33.81
C GLN B 10 -11.85 70.28 32.95
N PRO B 11 -12.01 71.53 33.36
CA PRO B 11 -11.57 72.65 32.53
C PRO B 11 -10.06 72.66 32.37
N PHE B 12 -9.61 73.15 31.22
CA PHE B 12 -8.19 73.22 30.91
C PHE B 12 -7.98 74.26 29.82
N ASP B 13 -6.73 74.49 29.45
CA ASP B 13 -6.38 75.39 28.36
C ASP B 13 -5.86 74.57 27.19
N PHE B 14 -6.45 74.78 26.02
CA PHE B 14 -6.08 74.03 24.83
C PHE B 14 -4.94 74.73 24.10
N ASP B 15 -3.95 73.95 23.69
CA ASP B 15 -2.74 74.48 23.05
C ASP B 15 -2.60 73.88 21.65
N ASP B 16 -2.29 74.71 20.67
CA ASP B 16 -2.13 74.26 19.30
C ASP B 16 -0.83 73.48 19.10
N GLU B 17 0.17 73.70 19.95
CA GLU B 17 1.44 73.01 19.79
C GLU B 17 1.29 71.52 20.01
N MET B 18 1.91 70.73 19.13
CA MET B 18 1.91 69.29 19.29
C MET B 18 2.75 68.90 20.49
N GLN B 19 2.29 67.89 21.24
CA GLN B 19 2.95 67.55 22.49
C GLN B 19 4.36 67.04 22.27
N SER B 20 4.57 66.26 21.20
CA SER B 20 5.92 65.78 20.90
C SER B 20 6.86 66.93 20.59
N ARG B 21 6.40 67.91 19.81
CA ARG B 21 7.23 69.06 19.44
C ARG B 21 7.20 70.11 20.55
N SER B 22 7.74 69.72 21.71
CA SER B 22 7.74 70.59 22.88
C SER B 22 9.14 70.94 23.34
N ASP B 23 10.17 70.59 22.55
CA ASP B 23 11.56 70.95 22.81
C ASP B 23 12.09 70.29 24.08
N GLU B 24 11.26 69.45 24.70
CA GLU B 24 11.70 68.70 25.88
C GLU B 24 11.72 67.21 25.63
N LEU B 25 10.96 66.73 24.64
CA LEU B 25 10.88 65.30 24.33
C LEU B 25 11.51 65.01 22.97
N ALA B 26 12.51 65.80 22.60
CA ALA B 26 13.20 65.60 21.34
C ALA B 26 14.09 64.36 21.33
N MET B 27 14.63 63.97 22.48
CA MET B 27 15.53 62.84 22.59
C MET B 27 14.83 61.57 23.07
N VAL B 28 13.52 61.61 23.28
CA VAL B 28 12.76 60.41 23.65
C VAL B 28 11.69 60.05 22.64
N MET B 29 11.39 60.92 21.68
CA MET B 29 10.48 60.60 20.59
C MET B 29 11.20 60.01 19.38
N LYS B 30 12.53 59.94 19.42
CA LYS B 30 13.33 59.41 18.32
C LYS B 30 14.11 58.21 18.85
N ARG B 31 13.52 57.02 18.68
CA ARG B 31 14.09 55.78 19.15
C ARG B 31 14.34 54.84 17.98
N THR B 32 15.53 54.27 17.91
CA THR B 32 15.82 53.28 16.89
C THR B 32 15.38 51.89 17.39
N GLN B 33 14.59 51.20 16.57
CA GLN B 33 13.85 50.05 17.06
C GLN B 33 14.79 48.92 17.47
N GLU B 34 14.36 48.14 18.46
CA GLU B 34 15.18 47.08 19.03
C GLU B 34 15.22 45.84 18.14
N HIS B 35 14.13 45.55 17.42
CA HIS B 35 13.98 44.29 16.70
C HIS B 35 14.24 43.12 17.64
N PRO B 36 13.35 42.87 18.60
CA PRO B 36 13.59 41.82 19.59
C PRO B 36 13.31 40.42 19.10
N SER B 37 12.71 40.27 17.92
CA SER B 37 12.31 38.97 17.40
C SER B 37 13.44 38.24 16.70
N SER B 38 14.69 38.63 16.95
CA SER B 38 15.85 37.92 16.42
C SER B 38 16.32 36.94 17.48
N GLY B 39 16.18 35.65 17.20
CA GLY B 39 16.57 34.63 18.15
C GLY B 39 15.74 34.59 19.42
N VAL B 40 14.41 34.68 19.30
CA VAL B 40 13.55 34.65 20.46
C VAL B 40 13.49 33.24 21.04
N THR B 41 13.66 33.14 22.35
CA THR B 41 13.42 31.93 23.11
C THR B 41 12.15 32.10 23.93
N PRO B 42 11.30 31.08 24.01
CA PRO B 42 10.05 31.20 24.80
C PRO B 42 10.23 31.82 26.18
N ASN B 43 11.35 31.54 26.85
CA ASN B 43 11.61 32.18 28.13
C ASN B 43 11.67 33.70 27.97
N ARG B 44 12.40 34.17 26.98
CA ARG B 44 12.55 35.61 26.75
C ARG B 44 11.25 36.24 26.25
N ALA B 45 10.47 35.50 25.46
CA ALA B 45 9.16 36.01 25.05
C ALA B 45 8.25 36.17 26.27
N ALA B 46 8.26 35.19 27.18
CA ALA B 46 7.50 35.33 28.41
C ALA B 46 7.99 36.52 29.22
N GLN B 47 9.31 36.74 29.24
CA GLN B 47 9.86 37.86 30.01
C GLN B 47 9.37 39.19 29.46
N MET B 48 9.40 39.36 28.14
CA MET B 48 8.94 40.62 27.57
C MET B 48 7.42 40.79 27.72
N LEU B 49 6.67 39.69 27.64
CA LEU B 49 5.23 39.78 27.89
C LEU B 49 4.94 40.21 29.32
N ARG B 50 5.70 39.68 30.28
CA ARG B 50 5.50 40.07 31.68
C ARG B 50 5.93 41.52 31.91
N ASP B 51 6.98 41.97 31.22
CA ASP B 51 7.39 43.37 31.32
C ASP B 51 6.29 44.28 30.78
N ALA B 52 5.67 43.89 29.67
CA ALA B 52 4.55 44.66 29.13
C ALA B 52 3.36 44.65 30.08
N GLU B 53 3.08 43.51 30.70
CA GLU B 53 2.00 43.43 31.67
C GLU B 53 2.25 44.36 32.85
N ARG B 54 3.50 44.44 33.32
CA ARG B 54 3.82 45.34 34.42
C ARG B 54 3.71 46.81 34.04
N GLY B 55 3.83 47.14 32.75
CA GLY B 55 3.66 48.51 32.33
C GLY B 55 4.57 49.01 31.22
N ASP B 56 5.74 48.39 31.05
CA ASP B 56 6.69 48.79 30.03
C ASP B 56 6.33 48.12 28.71
N LEU B 57 5.59 48.83 27.86
CA LEU B 57 5.00 48.28 26.65
C LEU B 57 5.93 48.34 25.44
N THR B 58 7.15 48.85 25.59
CA THR B 58 8.04 49.04 24.45
C THR B 58 8.40 47.71 23.79
N ALA B 59 8.85 46.74 24.59
CA ALA B 59 9.30 45.47 24.03
C ALA B 59 8.16 44.75 23.34
N GLN B 60 6.97 44.78 23.95
CA GLN B 60 5.80 44.15 23.33
C GLN B 60 5.47 44.78 21.99
N ALA B 61 5.53 46.10 21.90
CA ALA B 61 5.21 46.78 20.64
C ALA B 61 6.23 46.45 19.56
N ASP B 62 7.52 46.43 19.90
CA ASP B 62 8.52 46.06 18.91
C ASP B 62 8.33 44.60 18.47
N LEU B 63 8.03 43.72 19.41
CA LEU B 63 7.80 42.32 19.07
C LEU B 63 6.60 42.17 18.15
N ALA B 64 5.53 42.92 18.43
CA ALA B 64 4.35 42.88 17.57
C ALA B 64 4.67 43.39 16.16
N PHE B 65 5.46 44.46 16.06
CA PHE B 65 5.84 44.97 14.76
C PHE B 65 6.64 43.95 13.96
N ASP B 66 7.60 43.29 14.63
CA ASP B 66 8.38 42.25 13.96
C ASP B 66 7.50 41.09 13.54
N MET B 67 6.53 40.72 14.38
CA MET B 67 5.62 39.63 14.03
C MET B 67 4.77 40.01 12.83
N GLU B 68 4.39 41.29 12.74
CA GLU B 68 3.59 41.73 11.60
C GLU B 68 4.38 41.70 10.30
N GLU B 69 5.64 42.16 10.34
CA GLU B 69 6.41 42.22 9.11
C GLU B 69 7.10 40.90 8.75
N LYS B 70 7.27 39.97 9.69
CA LYS B 70 8.03 38.76 9.44
C LYS B 70 7.15 37.61 8.99
N ASP B 71 6.15 37.26 9.79
CA ASP B 71 5.31 36.11 9.50
C ASP B 71 4.32 36.47 8.40
N THR B 72 4.52 35.91 7.21
CA THR B 72 3.72 36.30 6.05
C THR B 72 2.26 35.96 6.23
N HIS B 73 1.96 34.76 6.75
CA HIS B 73 0.56 34.40 6.98
C HIS B 73 -0.09 35.32 7.99
N LEU B 74 0.65 35.67 9.04
CA LEU B 74 0.12 36.61 10.04
C LEU B 74 -0.21 37.95 9.40
N PHE B 75 0.68 38.45 8.55
CA PHE B 75 0.43 39.73 7.90
C PHE B 75 -0.76 39.66 6.96
N SER B 76 -0.87 38.57 6.20
CA SER B 76 -2.01 38.43 5.30
C SER B 76 -3.32 38.41 6.07
N GLU B 77 -3.37 37.66 7.17
CA GLU B 77 -4.60 37.61 7.97
C GLU B 77 -4.89 38.97 8.61
N LEU B 78 -3.85 39.65 9.11
CA LEU B 78 -4.07 40.93 9.76
C LEU B 78 -4.57 41.97 8.76
N SER B 79 -4.02 41.99 7.56
CA SER B 79 -4.49 42.92 6.54
C SER B 79 -5.90 42.56 6.10
N LYS B 80 -6.20 41.26 5.99
CA LYS B 80 -7.56 40.84 5.66
C LYS B 80 -8.56 41.34 6.69
N ARG B 81 -8.18 41.30 7.98
CA ARG B 81 -9.08 41.79 9.01
C ARG B 81 -9.18 43.31 9.00
N ARG B 82 -8.05 44.00 8.81
CA ARG B 82 -8.05 45.46 8.91
C ARG B 82 -8.74 46.11 7.72
N LEU B 83 -8.73 45.47 6.55
CA LEU B 83 -9.39 46.06 5.40
C LEU B 83 -10.90 45.86 5.45
N ALA B 84 -11.38 44.96 6.30
CA ALA B 84 -12.82 44.81 6.50
C ALA B 84 -13.42 46.09 7.06
N ILE B 85 -12.72 46.71 8.01
CA ILE B 85 -13.21 47.92 8.67
C ILE B 85 -13.30 49.07 7.68
N GLN B 86 -12.27 49.23 6.85
CA GLN B 86 -12.21 50.35 5.92
C GLN B 86 -13.29 50.23 4.85
N ALA B 87 -13.78 49.02 4.58
CA ALA B 87 -14.80 48.84 3.55
C ALA B 87 -16.16 49.35 3.99
N LEU B 88 -16.42 49.36 5.29
CA LEU B 88 -17.73 49.75 5.79
C LEU B 88 -17.98 51.24 5.53
N GLU B 89 -19.17 51.55 5.02
CA GLU B 89 -19.58 52.93 4.86
C GLU B 89 -20.14 53.46 6.17
N TRP B 90 -19.96 54.76 6.40
CA TRP B 90 -20.34 55.35 7.68
C TRP B 90 -20.98 56.72 7.44
N ARG B 91 -21.66 57.19 8.48
CA ARG B 91 -22.30 58.49 8.46
C ARG B 91 -22.39 59.01 9.89
N ILE B 92 -22.39 60.34 10.02
CA ILE B 92 -22.47 60.97 11.35
C ILE B 92 -23.95 61.14 11.66
N ALA B 93 -24.54 60.08 12.21
CA ALA B 93 -25.93 60.15 12.59
C ALA B 93 -26.11 61.05 13.81
N PRO B 94 -27.05 61.98 13.78
CA PRO B 94 -27.24 62.89 14.92
C PRO B 94 -27.73 62.16 16.14
N ALA B 95 -27.77 62.90 17.25
CA ALA B 95 -28.29 62.34 18.49
C ALA B 95 -29.77 62.00 18.34
N ARG B 96 -30.23 61.05 19.14
CA ARG B 96 -31.61 60.62 19.08
C ARG B 96 -32.56 61.77 19.38
N ASP B 97 -33.65 61.84 18.61
CA ASP B 97 -34.61 62.95 18.68
C ASP B 97 -33.91 64.29 18.49
N ALA B 98 -33.08 64.35 17.45
CA ALA B 98 -32.29 65.54 17.18
C ALA B 98 -33.20 66.71 16.81
N SER B 99 -32.82 67.90 17.28
CA SER B 99 -33.54 69.12 16.93
C SER B 99 -33.04 69.61 15.56
N ALA B 100 -33.38 70.86 15.22
CA ALA B 100 -32.89 71.42 13.96
C ALA B 100 -31.39 71.62 13.99
N GLN B 101 -30.90 72.38 14.98
CA GLN B 101 -29.48 72.74 15.02
C GLN B 101 -28.60 71.50 15.19
N GLU B 102 -29.03 70.55 16.01
CA GLU B 102 -28.25 69.34 16.21
C GLU B 102 -28.12 68.55 14.91
N LYS B 103 -29.23 68.41 14.18
CA LYS B 103 -29.18 67.69 12.90
C LYS B 103 -28.30 68.43 11.90
N LYS B 104 -28.38 69.77 11.88
CA LYS B 104 -27.56 70.54 10.94
C LYS B 104 -26.07 70.39 11.26
N ASP B 105 -25.72 70.45 12.55
CA ASP B 105 -24.33 70.27 12.93
C ASP B 105 -23.84 68.85 12.62
N ALA B 106 -24.69 67.84 12.85
CA ALA B 106 -24.31 66.48 12.52
C ALA B 106 -24.08 66.32 11.04
N ASP B 107 -24.95 66.89 10.21
CA ASP B 107 -24.75 66.83 8.77
C ASP B 107 -23.49 67.57 8.35
N MET B 108 -23.21 68.72 8.98
CA MET B 108 -22.00 69.46 8.67
C MET B 108 -20.77 68.61 8.97
N LEU B 109 -20.75 67.96 10.13
CA LEU B 109 -19.63 67.06 10.45
C LEU B 109 -19.55 65.92 9.45
N ASN B 110 -20.70 65.35 9.06
CA ASN B 110 -20.70 64.26 8.09
C ASN B 110 -20.04 64.68 6.79
N GLU B 111 -20.46 65.82 6.24
CA GLU B 111 -19.91 66.28 4.97
C GLU B 111 -18.43 66.61 5.10
N TYR B 112 -18.04 67.27 6.20
CA TYR B 112 -16.64 67.63 6.37
C TYR B 112 -15.76 66.38 6.46
N LEU B 113 -16.20 65.39 7.24
CA LEU B 113 -15.39 64.18 7.41
C LEU B 113 -15.34 63.36 6.12
N HIS B 114 -16.44 63.32 5.36
CA HIS B 114 -16.38 62.66 4.07
C HIS B 114 -15.56 63.44 3.05
N ASP B 115 -15.32 64.73 3.31
CA ASP B 115 -14.48 65.56 2.44
C ASP B 115 -13.17 65.97 3.12
N ALA B 116 -12.65 65.13 4.02
CA ALA B 116 -11.34 65.38 4.61
C ALA B 116 -10.43 64.19 4.34
N ALA B 117 -9.23 64.47 3.84
CA ALA B 117 -8.34 63.40 3.41
C ALA B 117 -7.70 62.66 4.58
N TRP B 118 -7.66 63.28 5.76
CA TRP B 118 -6.96 62.69 6.89
C TRP B 118 -7.83 61.73 7.69
N PHE B 119 -9.10 61.57 7.34
CA PHE B 119 -9.94 60.64 8.10
C PHE B 119 -9.67 59.20 7.70
N GLU B 120 -9.49 58.95 6.40
CA GLU B 120 -9.20 57.59 5.96
C GLU B 120 -7.88 57.10 6.54
N ASP B 121 -6.89 57.99 6.61
CA ASP B 121 -5.64 57.64 7.28
C ASP B 121 -5.87 57.36 8.76
N ALA B 122 -6.75 58.13 9.40
CA ALA B 122 -7.07 57.90 10.80
C ALA B 122 -7.65 56.50 11.00
N LEU B 123 -8.58 56.11 10.14
CA LEU B 123 -9.21 54.80 10.27
C LEU B 123 -8.25 53.68 9.94
N PHE B 124 -7.37 53.87 8.96
CA PHE B 124 -6.40 52.84 8.62
C PHE B 124 -5.36 52.66 9.73
N ASP B 125 -4.92 53.76 10.34
CA ASP B 125 -3.92 53.67 11.40
C ASP B 125 -4.54 53.21 12.71
N ALA B 126 -5.82 53.50 12.95
CA ALA B 126 -6.48 53.01 14.16
C ALA B 126 -6.59 51.50 14.17
N GLY B 127 -6.50 50.85 13.01
CA GLY B 127 -6.49 49.40 12.96
C GLY B 127 -5.23 48.76 13.47
N ASP B 128 -4.19 49.57 13.74
CA ASP B 128 -2.97 49.03 14.32
C ASP B 128 -3.20 48.48 15.73
N ALA B 129 -4.19 48.99 16.44
CA ALA B 129 -4.47 48.54 17.80
C ALA B 129 -4.92 47.09 17.84
N ILE B 130 -5.28 46.50 16.71
CA ILE B 130 -5.73 45.12 16.67
C ILE B 130 -4.64 44.19 17.18
N LEU B 131 -3.40 44.43 16.75
CA LEU B 131 -2.29 43.54 17.07
C LEU B 131 -1.44 44.03 18.24
N LYS B 132 -1.13 45.31 18.28
CA LYS B 132 -0.28 45.84 19.33
C LYS B 132 -1.04 46.09 20.63
N GLY B 133 -2.30 46.49 20.52
CA GLY B 133 -3.13 46.75 21.68
C GLY B 133 -3.67 48.15 21.77
N TYR B 134 -3.03 49.13 21.12
CA TYR B 134 -3.38 50.53 21.28
C TYR B 134 -2.78 51.30 20.10
N SER B 135 -3.62 52.06 19.41
CA SER B 135 -3.19 52.88 18.29
C SER B 135 -3.29 54.35 18.71
N MET B 136 -2.15 55.03 18.79
CA MET B 136 -2.10 56.41 19.25
C MET B 136 -1.64 57.30 18.11
N GLN B 137 -2.43 58.34 17.83
CA GLN B 137 -2.15 59.27 16.74
C GLN B 137 -2.28 60.69 17.26
N GLU B 138 -1.30 61.53 16.94
CA GLU B 138 -1.37 62.92 17.34
C GLU B 138 -2.26 63.70 16.39
N ILE B 139 -2.73 64.84 16.86
CA ILE B 139 -3.61 65.71 16.09
C ILE B 139 -2.91 67.06 15.95
N GLU B 140 -2.52 67.39 14.72
CA GLU B 140 -1.93 68.70 14.42
C GLU B 140 -3.06 69.64 14.07
N TRP B 141 -3.50 70.43 15.05
CA TRP B 141 -4.64 71.31 14.86
C TRP B 141 -4.29 72.44 13.90
N GLY B 142 -5.25 72.79 13.05
CA GLY B 142 -5.04 73.83 12.06
C GLY B 142 -6.29 74.67 11.88
N TRP B 143 -6.11 75.83 11.26
CA TRP B 143 -7.18 76.80 11.04
C TRP B 143 -7.68 76.62 9.61
N LEU B 144 -8.90 76.11 9.47
CA LEU B 144 -9.56 75.98 8.17
C LEU B 144 -10.70 76.99 8.13
N GLY B 145 -10.45 78.13 7.50
CA GLY B 145 -11.43 79.20 7.48
C GLY B 145 -11.76 79.70 8.87
N LYS B 146 -12.97 79.39 9.33
CA LYS B 146 -13.39 79.71 10.68
C LYS B 146 -13.77 78.44 11.44
N MET B 147 -12.95 77.40 11.27
CA MET B 147 -13.15 76.13 11.96
C MET B 147 -11.79 75.58 12.35
N ARG B 148 -11.62 75.30 13.64
CA ARG B 148 -10.36 74.76 14.14
C ARG B 148 -10.45 73.24 14.06
N VAL B 149 -9.95 72.68 12.96
CA VAL B 149 -10.08 71.26 12.67
C VAL B 149 -8.70 70.68 12.38
N PRO B 150 -8.49 69.38 12.59
CA PRO B 150 -7.17 68.79 12.33
C PRO B 150 -6.80 68.89 10.86
N VAL B 151 -5.51 69.03 10.60
CA VAL B 151 -4.99 69.04 9.24
C VAL B 151 -4.10 67.84 8.95
N ALA B 152 -3.66 67.11 9.96
CA ALA B 152 -2.83 65.92 9.76
C ALA B 152 -2.82 65.11 11.05
N LEU B 153 -2.90 63.79 10.92
CA LEU B 153 -2.87 62.86 12.04
C LEU B 153 -1.65 61.97 11.89
N HIS B 154 -0.61 62.26 12.66
CA HIS B 154 0.61 61.48 12.61
C HIS B 154 0.53 60.30 13.57
N HIS B 155 0.88 59.12 13.07
CA HIS B 155 0.84 57.88 13.87
C HIS B 155 2.19 57.71 14.55
N ARG B 156 2.25 58.07 15.83
CA ARG B 156 3.47 57.90 16.59
C ARG B 156 3.72 56.43 16.90
N ASP B 157 4.98 56.09 17.11
CA ASP B 157 5.35 54.71 17.38
C ASP B 157 4.76 54.27 18.71
N PRO B 158 4.10 53.11 18.77
CA PRO B 158 3.47 52.68 20.03
C PRO B 158 4.44 52.44 21.16
N ALA B 159 5.73 52.25 20.86
CA ALA B 159 6.71 52.01 21.91
C ALA B 159 6.97 53.24 22.76
N LEU B 160 6.58 54.43 22.30
CA LEU B 160 6.81 55.65 23.06
C LEU B 160 5.89 55.81 24.25
N PHE B 161 4.87 54.97 24.39
CA PHE B 161 3.86 55.12 25.43
C PHE B 161 4.00 54.00 26.44
N CYS B 162 4.11 54.35 27.71
CA CYS B 162 4.14 53.40 28.81
C CYS B 162 2.92 53.62 29.70
N ALA B 163 2.24 52.53 30.03
CA ALA B 163 1.08 52.64 30.91
C ALA B 163 1.50 53.11 32.28
N ASN B 164 0.62 53.87 32.93
CA ASN B 164 0.92 54.36 34.27
C ASN B 164 1.05 53.18 35.22
N PRO B 165 2.06 53.16 36.09
CA PRO B 165 2.13 52.09 37.09
C PRO B 165 0.94 52.05 38.02
N ASP B 166 0.21 53.15 38.15
CA ASP B 166 -1.02 53.20 38.93
C ASP B 166 -2.22 53.28 37.99
N ASN B 167 -3.23 52.46 38.29
CA ASN B 167 -4.49 52.36 37.57
C ASN B 167 -4.32 51.69 36.21
N LEU B 168 -3.07 51.54 35.76
CA LEU B 168 -2.67 50.58 34.74
C LEU B 168 -3.54 50.59 33.47
N ASN B 169 -4.33 51.65 33.29
CA ASN B 169 -5.20 51.74 32.12
C ASN B 169 -5.12 53.09 31.41
N GLU B 170 -4.29 54.00 31.90
CA GLU B 170 -4.10 55.31 31.28
C GLU B 170 -2.77 55.32 30.56
N LEU B 171 -2.81 55.40 29.24
CA LEU B 171 -1.58 55.49 28.46
C LEU B 171 -0.95 56.85 28.67
N ARG B 172 0.32 56.86 29.04
CA ARG B 172 1.06 58.08 29.31
C ARG B 172 2.32 58.11 28.47
N LEU B 173 2.54 59.23 27.78
CA LEU B 173 3.74 59.39 26.97
C LEU B 173 4.99 59.29 27.83
N ARG B 174 5.95 58.48 27.39
CA ARG B 174 7.14 58.24 28.18
C ARG B 174 8.03 59.48 28.20
N ASP B 175 8.45 59.88 29.40
CA ASP B 175 9.29 61.06 29.58
C ASP B 175 10.42 60.74 30.56
N ALA B 176 10.89 59.50 30.56
CA ALA B 176 11.95 59.05 31.46
C ALA B 176 11.61 59.33 32.91
N SER B 177 10.34 59.12 33.26
CA SER B 177 9.84 59.35 34.61
C SER B 177 9.07 58.13 35.08
N TYR B 178 8.99 57.99 36.41
CA TYR B 178 8.28 56.85 36.99
C TYR B 178 6.80 56.86 36.61
N HIS B 179 6.13 57.99 36.85
CA HIS B 179 4.73 58.10 36.46
C HIS B 179 4.59 58.27 34.95
N GLY B 180 5.45 59.07 34.36
CA GLY B 180 5.36 59.32 32.93
C GLY B 180 4.48 60.51 32.61
N LEU B 181 4.82 61.19 31.52
CA LEU B 181 4.05 62.36 31.10
C LEU B 181 2.70 61.94 30.56
N GLU B 182 1.65 62.57 31.08
CA GLU B 182 0.30 62.29 30.61
C GLU B 182 0.09 62.87 29.22
N LEU B 183 -0.98 62.43 28.57
CA LEU B 183 -1.30 62.91 27.23
C LEU B 183 -1.89 64.32 27.30
N GLN B 184 -1.42 65.19 26.41
CA GLN B 184 -2.00 66.51 26.30
C GLN B 184 -3.45 66.41 25.80
N PRO B 185 -4.39 67.06 26.46
CA PRO B 185 -5.79 66.91 26.08
C PRO B 185 -6.07 67.47 24.70
N PHE B 186 -7.03 66.83 24.02
CA PHE B 186 -7.47 67.24 22.68
C PHE B 186 -6.33 67.19 21.66
N GLY B 187 -5.32 66.38 21.93
CA GLY B 187 -4.20 66.28 21.01
C GLY B 187 -3.63 64.88 20.86
N TRP B 188 -4.45 63.86 21.12
CA TRP B 188 -3.97 62.49 21.07
C TRP B 188 -5.15 61.57 20.78
N PHE B 189 -5.29 61.15 19.52
CA PHE B 189 -6.35 60.23 19.13
C PHE B 189 -5.96 58.83 19.55
N MET B 190 -6.57 58.34 20.62
CA MET B 190 -6.26 57.03 21.19
C MET B 190 -7.41 56.07 20.93
N HIS B 191 -7.09 54.90 20.37
CA HIS B 191 -8.08 53.87 20.08
C HIS B 191 -7.58 52.57 20.70
N ARG B 192 -8.17 52.18 21.83
CA ARG B 192 -7.78 50.97 22.54
C ARG B 192 -8.75 49.86 22.15
N ALA B 193 -8.30 48.98 21.26
CA ALA B 193 -9.11 47.88 20.77
C ALA B 193 -8.91 46.68 21.68
N LYS B 194 -9.86 46.45 22.58
CA LYS B 194 -9.78 45.37 23.56
C LYS B 194 -10.46 44.13 22.97
N SER B 195 -9.65 43.22 22.43
CA SER B 195 -10.17 41.93 22.02
C SER B 195 -10.42 41.02 23.22
N ARG B 196 -9.60 41.16 24.25
CA ARG B 196 -9.71 40.39 25.48
C ARG B 196 -9.79 41.34 26.66
N THR B 197 -10.71 41.06 27.58
CA THR B 197 -10.87 41.92 28.74
C THR B 197 -9.59 41.94 29.58
N GLY B 198 -9.29 43.11 30.14
CA GLY B 198 -8.08 43.27 30.91
C GLY B 198 -7.55 44.68 30.78
N TYR B 199 -6.24 44.82 31.02
CA TYR B 199 -5.59 46.11 31.01
C TYR B 199 -5.14 46.49 29.60
N VAL B 200 -4.50 47.65 29.48
CA VAL B 200 -4.16 48.18 28.16
C VAL B 200 -3.08 47.34 27.50
N GLY B 201 -2.11 46.85 28.26
CA GLY B 201 -1.04 46.05 27.67
C GLY B 201 -1.50 44.64 27.33
N THR B 202 -2.50 44.13 28.07
CA THR B 202 -2.90 42.74 27.90
C THR B 202 -3.74 42.53 26.64
N ASN B 203 -4.63 43.47 26.33
CA ASN B 203 -5.69 43.21 25.36
C ASN B 203 -5.22 43.09 23.92
N GLY B 204 -3.93 43.23 23.64
CA GLY B 204 -3.45 43.04 22.29
C GLY B 204 -3.43 41.58 21.87
N LEU B 205 -3.54 41.35 20.57
CA LEU B 205 -3.49 39.99 20.04
C LEU B 205 -2.07 39.43 19.99
N VAL B 206 -1.05 40.25 20.20
CA VAL B 206 0.31 39.73 20.24
C VAL B 206 0.50 38.76 21.39
N ARG B 207 -0.21 38.96 22.50
CA ARG B 207 -0.10 38.05 23.64
C ARG B 207 -0.49 36.63 23.25
N THR B 208 -1.59 36.48 22.49
CA THR B 208 -2.01 35.16 22.05
C THR B 208 -1.18 34.65 20.89
N LEU B 209 -0.78 35.51 19.97
CA LEU B 209 -0.16 35.10 18.72
C LEU B 209 1.35 34.92 18.81
N ILE B 210 1.98 35.29 19.92
CA ILE B 210 3.43 35.17 20.00
C ILE B 210 3.85 33.71 19.94
N TRP B 211 3.07 32.82 20.56
CA TRP B 211 3.47 31.42 20.62
C TRP B 211 3.35 30.72 19.26
N PRO B 212 2.21 30.76 18.57
CA PRO B 212 2.19 30.16 17.23
C PRO B 212 3.18 30.79 16.27
N PHE B 213 3.43 32.09 16.40
CA PHE B 213 4.45 32.73 15.57
C PHE B 213 5.82 32.10 15.80
N ILE B 214 6.20 31.94 17.07
CA ILE B 214 7.50 31.34 17.40
C ILE B 214 7.58 29.93 16.85
N PHE B 215 6.53 29.12 17.10
CA PHE B 215 6.58 27.74 16.67
C PHE B 215 6.67 27.63 15.15
N LYS B 216 5.85 28.39 14.43
CA LYS B 216 5.85 28.32 12.97
C LYS B 216 7.19 28.76 12.41
N ASN B 217 7.75 29.86 12.92
CA ASN B 217 8.98 30.37 12.32
C ASN B 217 10.16 29.48 12.66
N TYR B 218 10.22 28.94 13.87
CA TYR B 218 11.29 28.00 14.20
C TYR B 218 11.19 26.74 13.34
N SER B 219 9.98 26.23 13.15
CA SER B 219 9.80 25.07 12.29
C SER B 219 10.22 25.38 10.86
N VAL B 220 9.88 26.58 10.36
CA VAL B 220 10.22 26.95 8.99
C VAL B 220 11.73 27.03 8.82
N ARG B 221 12.42 27.68 9.76
CA ARG B 221 13.87 27.78 9.64
C ARG B 221 14.53 26.42 9.75
N ASP B 222 14.06 25.56 10.66
CA ASP B 222 14.62 24.22 10.77
C ASP B 222 14.39 23.43 9.48
N PHE B 223 13.21 23.57 8.89
CA PHE B 223 12.92 22.88 7.63
C PHE B 223 13.83 23.37 6.51
N ALA B 224 14.05 24.68 6.42
CA ALA B 224 14.93 25.22 5.40
C ALA B 224 16.36 24.70 5.58
N GLU B 225 16.84 24.68 6.82
CA GLU B 225 18.18 24.16 7.08
C GLU B 225 18.26 22.67 6.77
N PHE B 226 17.18 21.93 6.99
CA PHE B 226 17.15 20.52 6.63
C PHE B 226 17.24 20.34 5.11
N LEU B 227 16.53 21.17 4.35
CA LEU B 227 16.64 21.10 2.90
C LEU B 227 18.00 21.57 2.41
N GLU B 228 18.71 22.37 3.19
CA GLU B 228 20.04 22.78 2.80
C GLU B 228 20.97 21.58 2.68
N ILE B 229 20.72 20.55 3.49
CA ILE B 229 21.61 19.40 3.55
C ILE B 229 21.01 18.15 2.92
N TYR B 230 19.69 18.03 2.89
CA TYR B 230 19.05 16.79 2.47
C TYR B 230 19.35 16.46 1.02
N GLY B 231 19.39 15.16 0.73
CA GLY B 231 19.47 14.55 -0.59
C GLY B 231 20.85 14.65 -1.24
N LEU B 232 21.89 14.96 -0.49
CA LEU B 232 23.25 15.03 -1.02
C LEU B 232 24.20 14.43 -0.01
N PRO B 233 24.56 13.15 -0.16
CA PRO B 233 25.34 12.47 0.88
C PRO B 233 26.72 13.07 1.02
N MET B 234 27.25 12.99 2.25
CA MET B 234 28.63 13.40 2.49
C MET B 234 29.58 12.45 1.77
N ARG B 235 30.66 13.02 1.23
CA ARG B 235 31.61 12.30 0.39
C ARG B 235 32.94 12.25 1.13
N VAL B 236 33.17 11.18 1.87
CA VAL B 236 34.39 11.02 2.67
C VAL B 236 35.32 10.04 1.97
N GLY B 237 36.60 10.39 1.93
CA GLY B 237 37.63 9.50 1.41
C GLY B 237 38.58 9.12 2.55
N LYS B 238 38.90 7.85 2.62
CA LYS B 238 39.75 7.31 3.69
C LYS B 238 41.11 6.95 3.08
N TYR B 239 42.01 7.92 3.07
CA TYR B 239 43.35 7.67 2.57
C TYR B 239 44.11 6.78 3.55
N PRO B 240 44.89 5.81 3.05
CA PRO B 240 45.69 4.99 3.96
C PRO B 240 46.68 5.86 4.73
N THR B 241 46.90 5.52 5.98
CA THR B 241 47.83 6.27 6.80
C THR B 241 49.24 6.14 6.25
N GLY B 242 50.05 7.16 6.48
CA GLY B 242 51.37 7.21 5.90
C GLY B 242 51.43 7.81 4.51
N SER B 243 50.29 8.17 3.92
CA SER B 243 50.30 8.84 2.63
C SER B 243 51.00 10.18 2.73
N THR B 244 51.73 10.53 1.68
CA THR B 244 52.47 11.78 1.67
C THR B 244 51.52 12.97 1.76
N ASN B 245 52.05 14.08 2.28
CA ASN B 245 51.25 15.28 2.45
C ASN B 245 50.78 15.86 1.13
N ARG B 246 51.38 15.45 0.00
CA ARG B 246 50.93 15.87 -1.32
C ARG B 246 49.78 15.02 -1.85
N GLU B 247 49.69 13.76 -1.47
CA GLU B 247 48.64 12.87 -1.95
C GLU B 247 47.33 13.04 -1.19
N LYS B 248 47.34 13.74 -0.06
CA LYS B 248 46.10 14.12 0.61
C LYS B 248 45.42 15.29 -0.07
N ALA B 249 46.19 16.26 -0.57
CA ALA B 249 45.62 17.39 -1.28
C ALA B 249 44.95 16.97 -2.59
N THR B 250 45.60 16.12 -3.37
CA THR B 250 44.98 15.65 -4.61
C THR B 250 43.74 14.81 -4.31
N LEU B 251 43.80 13.97 -3.28
CA LEU B 251 42.63 13.18 -2.91
C LEU B 251 41.46 14.08 -2.52
N MET B 252 41.74 15.15 -1.77
CA MET B 252 40.67 16.02 -1.33
C MET B 252 40.11 16.84 -2.49
N GLN B 253 40.99 17.29 -3.38
CA GLN B 253 40.51 17.98 -4.58
C GLN B 253 39.72 17.07 -5.49
N ALA B 254 39.97 15.77 -5.46
CA ALA B 254 39.18 14.82 -6.23
C ALA B 254 37.83 14.54 -5.57
N VAL B 255 37.84 14.26 -4.26
CA VAL B 255 36.60 13.96 -3.56
C VAL B 255 35.67 15.17 -3.52
N MET B 256 36.19 16.37 -3.70
CA MET B 256 35.37 17.56 -3.87
C MET B 256 35.10 17.90 -5.32
N ASP B 257 35.56 17.07 -6.25
CA ASP B 257 35.29 17.24 -7.67
C ASP B 257 34.18 16.32 -8.16
N ILE B 258 33.51 15.60 -7.26
CA ILE B 258 32.42 14.71 -7.64
C ILE B 258 31.21 15.56 -8.03
N GLY B 259 30.74 15.38 -9.25
CA GLY B 259 29.57 16.11 -9.73
C GLY B 259 28.62 15.22 -10.48
N ARG B 260 28.17 15.66 -11.66
CA ARG B 260 27.26 14.85 -12.46
C ARG B 260 28.06 13.80 -13.22
N ARG B 261 27.66 12.53 -13.07
CA ARG B 261 28.30 11.42 -13.76
C ARG B 261 29.80 11.35 -13.45
N ALA B 262 30.16 11.73 -12.23
CA ALA B 262 31.55 11.68 -11.82
C ALA B 262 32.05 10.25 -11.80
N GLY B 263 33.26 10.03 -12.31
CA GLY B 263 33.83 8.71 -12.33
C GLY B 263 35.34 8.74 -12.40
N GLY B 264 35.99 8.02 -11.50
CA GLY B 264 37.44 8.08 -11.44
C GLY B 264 38.02 6.78 -10.92
N ILE B 265 39.31 6.83 -10.61
CA ILE B 265 40.06 5.67 -10.18
C ILE B 265 40.61 5.94 -8.78
N ILE B 266 40.59 4.91 -7.94
CA ILE B 266 41.19 4.99 -6.61
C ILE B 266 42.03 3.73 -6.38
N PRO B 267 43.14 3.84 -5.67
CA PRO B 267 43.95 2.65 -5.36
C PRO B 267 43.17 1.68 -4.50
N MET B 268 43.70 0.47 -4.40
CA MET B 268 43.03 -0.57 -3.62
C MET B 268 42.97 -0.21 -2.14
N GLY B 269 43.93 0.57 -1.65
CA GLY B 269 43.98 0.92 -0.25
C GLY B 269 43.08 2.09 0.15
N MET B 270 42.46 2.76 -0.81
CA MET B 270 41.61 3.90 -0.52
C MET B 270 40.14 3.50 -0.59
N THR B 271 39.31 4.28 0.10
CA THR B 271 37.87 4.04 0.11
C THR B 271 37.17 5.38 -0.13
N LEU B 272 35.97 5.30 -0.70
CA LEU B 272 35.20 6.48 -1.06
C LEU B 272 33.75 6.32 -0.63
N ASP B 273 33.54 5.93 0.63
CA ASP B 273 32.19 5.70 1.13
C ASP B 273 31.37 6.97 1.11
N PHE B 274 30.08 6.81 0.84
CA PHE B 274 29.12 7.92 0.80
C PHE B 274 28.18 7.79 1.99
N GLN B 275 28.26 8.73 2.92
CA GLN B 275 27.43 8.71 4.12
C GLN B 275 26.40 9.84 4.05
N SER B 276 25.15 9.49 4.34
CA SER B 276 24.08 10.48 4.32
C SER B 276 24.24 11.46 5.48
N ALA B 277 23.95 12.73 5.20
CA ALA B 277 24.08 13.79 6.19
C ALA B 277 22.75 14.31 6.71
N ALA B 278 21.64 13.88 6.14
CA ALA B 278 20.32 14.32 6.60
C ALA B 278 19.30 13.28 6.19
N ASP B 279 18.72 12.59 7.17
CA ASP B 279 17.74 11.54 6.94
C ASP B 279 16.42 11.95 7.54
N GLY B 280 15.34 11.81 6.79
CA GLY B 280 14.03 12.16 7.26
C GLY B 280 13.13 12.54 6.09
N GLN B 281 12.00 13.13 6.43
CA GLN B 281 11.03 13.58 5.44
C GLN B 281 10.43 14.90 5.90
N SER B 282 9.60 15.48 5.04
CA SER B 282 9.03 16.80 5.27
C SER B 282 7.72 16.78 6.05
N ASP B 283 7.20 15.59 6.39
CA ASP B 283 5.89 15.53 7.03
C ASP B 283 5.83 16.25 8.37
N PRO B 284 6.77 16.06 9.30
CA PRO B 284 6.64 16.75 10.61
C PRO B 284 6.70 18.26 10.49
N PHE B 285 7.65 18.79 9.72
CA PHE B 285 7.77 20.25 9.59
C PHE B 285 6.51 20.85 9.02
N MET B 286 5.97 20.25 7.94
CA MET B 286 4.76 20.77 7.34
C MET B 286 3.54 20.60 8.23
N ALA B 287 3.49 19.53 9.03
CA ALA B 287 2.40 19.38 9.98
C ALA B 287 2.41 20.50 11.01
N MET B 288 3.58 20.78 11.58
CA MET B 288 3.67 21.87 12.55
C MET B 288 3.35 23.22 11.91
N ILE B 289 3.83 23.45 10.69
CA ILE B 289 3.56 24.71 10.00
C ILE B 289 2.07 24.87 9.75
N GLY B 290 1.41 23.80 9.29
CA GLY B 290 -0.02 23.87 9.06
C GLY B 290 -0.81 24.12 10.33
N TRP B 291 -0.43 23.44 11.42
CA TRP B 291 -1.12 23.67 12.68
C TRP B 291 -0.95 25.10 13.16
N ALA B 292 0.27 25.63 13.06
CA ALA B 292 0.52 27.00 13.51
C ALA B 292 -0.24 28.02 12.66
N GLU B 293 -0.27 27.81 11.34
CA GLU B 293 -1.03 28.72 10.48
C GLU B 293 -2.51 28.66 10.79
N LYS B 294 -3.03 27.45 11.04
CA LYS B 294 -4.45 27.33 11.39
C LYS B 294 -4.75 28.05 12.70
N ALA B 295 -3.85 27.92 13.68
CA ALA B 295 -4.05 28.61 14.95
C ALA B 295 -4.01 30.13 14.76
N ILE B 296 -3.08 30.62 13.95
CA ILE B 296 -2.99 32.06 13.72
C ILE B 296 -4.25 32.56 13.03
N SER B 297 -4.75 31.81 12.05
CA SER B 297 -6.00 32.20 11.39
C SER B 297 -7.16 32.20 12.36
N LYS B 298 -7.23 31.20 13.24
CA LYS B 298 -8.28 31.17 14.24
C LYS B 298 -8.22 32.40 15.15
N ALA B 299 -7.02 32.77 15.59
CA ALA B 299 -6.89 33.93 16.47
C ALA B 299 -7.28 35.21 15.75
N ILE B 300 -6.88 35.36 14.49
CA ILE B 300 -7.09 36.63 13.80
C ILE B 300 -8.53 36.76 13.34
N LEU B 301 -9.00 35.85 12.49
CA LEU B 301 -10.34 35.98 11.94
C LEU B 301 -11.38 35.30 12.81
N GLY B 302 -11.11 34.09 13.27
CA GLY B 302 -12.05 33.30 14.03
C GLY B 302 -12.27 31.91 13.48
N GLY B 303 -11.93 31.70 12.21
CA GLY B 303 -12.06 30.38 11.60
C GLY B 303 -11.40 30.33 10.24
N THR B 304 -10.61 29.30 10.00
CA THR B 304 -9.90 29.15 8.73
C THR B 304 -10.82 28.54 7.68
N ASP B 322 -18.66 32.11 7.83
CA ASP B 322 -18.47 33.52 7.47
C ASP B 322 -19.19 34.43 8.45
N GLU B 323 -20.01 33.84 9.32
CA GLU B 323 -20.70 34.62 10.34
C GLU B 323 -19.71 35.14 11.39
N VAL B 324 -18.71 34.33 11.75
CA VAL B 324 -17.76 34.72 12.78
C VAL B 324 -16.97 35.95 12.36
N ARG B 325 -16.54 35.99 11.10
CA ARG B 325 -15.81 37.16 10.61
C ARG B 325 -16.71 38.39 10.65
N ARG B 326 -17.99 38.22 10.32
CA ARG B 326 -18.94 39.34 10.40
C ARG B 326 -19.06 39.85 11.83
N GLU B 327 -19.16 38.94 12.80
CA GLU B 327 -19.26 39.37 14.19
C GLU B 327 -17.99 40.07 14.65
N ILE B 328 -16.82 39.57 14.23
CA ILE B 328 -15.56 40.21 14.57
C ILE B 328 -15.53 41.63 14.03
N ARG B 329 -15.91 41.79 12.76
CA ARG B 329 -15.93 43.10 12.13
C ARG B 329 -16.89 44.03 12.85
N ASN B 330 -18.09 43.55 13.17
CA ASN B 330 -19.05 44.40 13.87
C ASN B 330 -18.50 44.84 15.24
N ALA B 331 -17.91 43.91 15.98
CA ALA B 331 -17.42 44.24 17.32
C ALA B 331 -16.31 45.28 17.28
N ASP B 332 -15.27 45.03 16.46
CA ASP B 332 -14.14 45.96 16.49
C ASP B 332 -14.49 47.28 15.80
N VAL B 333 -15.42 47.25 14.85
CA VAL B 333 -15.91 48.49 14.27
C VAL B 333 -16.70 49.30 15.28
N GLY B 334 -17.50 48.63 16.12
CA GLY B 334 -18.20 49.36 17.17
C GLY B 334 -17.25 49.97 18.18
N GLN B 335 -16.19 49.24 18.54
CA GLN B 335 -15.19 49.80 19.44
C GLN B 335 -14.51 51.02 18.81
N LEU B 336 -14.16 50.92 17.53
CA LEU B 336 -13.55 52.05 16.84
C LEU B 336 -14.50 53.23 16.78
N ALA B 337 -15.80 52.98 16.57
CA ALA B 337 -16.77 54.06 16.52
C ALA B 337 -16.89 54.75 17.89
N ARG B 338 -16.86 53.96 18.96
CA ARG B 338 -16.89 54.56 20.29
C ARG B 338 -15.66 55.43 20.53
N SER B 339 -14.49 54.94 20.11
CA SER B 339 -13.27 55.73 20.26
C SER B 339 -13.35 57.03 19.46
N ILE B 340 -13.85 56.96 18.22
CA ILE B 340 -13.98 58.14 17.39
C ILE B 340 -14.93 59.15 18.01
N ASN B 341 -16.08 58.67 18.50
CA ASN B 341 -17.04 59.56 19.16
C ASN B 341 -16.41 60.23 20.38
N ARG B 342 -15.60 59.48 21.13
CA ARG B 342 -14.92 60.07 22.28
C ARG B 342 -13.93 61.14 21.85
N ASP B 343 -13.19 60.92 20.76
CA ASP B 343 -11.99 61.71 20.53
C ASP B 343 -11.87 62.33 19.14
N LEU B 344 -12.92 62.29 18.31
CA LEU B 344 -12.85 62.94 17.01
C LEU B 344 -14.11 63.72 16.65
N ILE B 345 -15.15 63.68 17.48
CA ILE B 345 -16.37 64.46 17.26
C ILE B 345 -16.55 65.51 18.34
N TYR B 346 -16.48 65.08 19.60
CA TYR B 346 -16.54 66.03 20.70
C TYR B 346 -15.42 67.06 20.66
N PRO B 347 -14.16 66.73 20.36
CA PRO B 347 -13.15 67.80 20.26
C PRO B 347 -13.48 68.84 19.21
N LEU B 348 -13.93 68.41 18.03
CA LEU B 348 -14.29 69.36 16.98
C LEU B 348 -15.46 70.23 17.42
N LEU B 349 -16.48 69.62 18.03
CA LEU B 349 -17.63 70.39 18.48
C LEU B 349 -17.24 71.41 19.54
N ALA B 350 -16.39 71.01 20.49
CA ALA B 350 -16.00 71.91 21.58
C ALA B 350 -15.12 73.04 21.07
N LEU B 351 -14.18 72.73 20.18
CA LEU B 351 -13.28 73.78 19.69
C LEU B 351 -14.00 74.75 18.77
N ASN B 352 -14.79 74.24 17.82
CA ASN B 352 -15.44 75.13 16.87
C ASN B 352 -16.52 75.98 17.53
N SER B 353 -17.32 75.38 18.41
CA SER B 353 -18.38 76.13 19.07
C SER B 353 -17.83 76.83 20.30
N ASP B 354 -18.60 77.79 20.81
CA ASP B 354 -18.24 78.55 22.00
C ASP B 354 -19.08 78.23 23.21
N SER B 355 -20.33 77.81 23.03
CA SER B 355 -21.19 77.46 24.14
C SER B 355 -20.83 76.08 24.69
N THR B 356 -21.29 75.81 25.90
CA THR B 356 -21.03 74.52 26.55
C THR B 356 -21.71 73.41 25.77
N ILE B 357 -20.91 72.53 25.17
CA ILE B 357 -21.44 71.42 24.38
C ILE B 357 -22.18 70.45 25.29
N ASP B 358 -23.40 70.09 24.90
CA ASP B 358 -24.19 69.12 25.67
C ASP B 358 -23.55 67.74 25.54
N ILE B 359 -22.88 67.29 26.60
CA ILE B 359 -22.20 66.01 26.56
C ILE B 359 -23.20 64.86 26.41
N ASN B 360 -24.39 65.00 27.01
CA ASN B 360 -25.41 63.95 26.89
C ASN B 360 -25.85 63.76 25.45
N ARG B 361 -26.03 64.85 24.72
CA ARG B 361 -26.54 64.81 23.34
C ARG B 361 -25.50 65.42 22.40
N LEU B 362 -24.73 64.57 21.74
CA LEU B 362 -23.79 64.99 20.71
C LEU B 362 -23.83 64.00 19.57
N PRO B 363 -23.54 64.45 18.34
CA PRO B 363 -23.56 63.52 17.20
C PRO B 363 -22.55 62.39 17.37
N GLY B 364 -22.93 61.23 16.90
CA GLY B 364 -22.09 60.05 17.00
C GLY B 364 -21.97 59.33 15.68
N ILE B 365 -20.75 58.85 15.38
CA ILE B 365 -20.52 58.15 14.13
C ILE B 365 -21.16 56.77 14.19
N VAL B 366 -21.78 56.37 13.09
CA VAL B 366 -22.43 55.07 12.97
C VAL B 366 -21.96 54.42 11.68
N PHE B 367 -21.50 53.17 11.79
CA PHE B 367 -21.08 52.41 10.63
C PHE B 367 -22.25 51.57 10.10
N ASP B 368 -22.38 51.51 8.78
CA ASP B 368 -23.44 50.74 8.13
C ASP B 368 -23.03 49.27 8.11
N THR B 369 -23.15 48.63 9.26
CA THR B 369 -22.75 47.24 9.42
C THR B 369 -23.90 46.26 9.17
N SER B 370 -25.06 46.75 8.75
CA SER B 370 -26.19 45.86 8.50
C SER B 370 -25.90 44.93 7.34
N GLU B 371 -26.29 43.66 7.51
CA GLU B 371 -26.10 42.67 6.47
C GLU B 371 -26.93 43.01 5.24
N ALA B 372 -26.35 42.81 4.07
CA ALA B 372 -27.04 43.11 2.82
C ALA B 372 -28.26 42.20 2.67
N GLY B 373 -29.30 42.74 2.03
CA GLY B 373 -30.54 42.03 1.82
C GLY B 373 -30.63 41.52 0.39
N ASP B 374 -30.94 40.23 0.26
CA ASP B 374 -31.09 39.61 -1.06
C ASP B 374 -32.27 40.22 -1.80
N ILE B 375 -32.00 40.85 -2.93
CA ILE B 375 -33.02 41.64 -3.62
C ILE B 375 -34.13 40.76 -4.17
N THR B 376 -33.81 39.55 -4.64
CA THR B 376 -34.83 38.71 -5.26
C THR B 376 -35.86 38.24 -4.23
N ALA B 377 -35.40 37.76 -3.07
CA ALA B 377 -36.33 37.30 -2.05
C ALA B 377 -37.20 38.44 -1.53
N LEU B 378 -36.60 39.60 -1.27
CA LEU B 378 -37.39 40.74 -0.84
C LEU B 378 -38.40 41.15 -1.90
N SER B 379 -37.98 41.17 -3.16
CA SER B 379 -38.84 41.64 -4.24
C SER B 379 -40.01 40.69 -4.48
N ASP B 380 -39.82 39.39 -4.30
CA ASP B 380 -40.94 38.48 -4.49
C ASP B 380 -41.63 38.11 -3.18
N ALA B 381 -41.20 38.68 -2.06
CA ALA B 381 -41.87 38.45 -0.78
C ALA B 381 -42.69 39.65 -0.32
N ILE B 382 -42.12 40.86 -0.38
CA ILE B 382 -42.80 42.04 0.16
C ILE B 382 -44.12 42.31 -0.54
N PRO B 383 -44.20 42.35 -1.88
CA PRO B 383 -45.46 42.67 -2.52
C PRO B 383 -46.50 41.66 -2.12
N LYS B 384 -46.06 40.52 -1.58
CA LYS B 384 -47.02 39.44 -1.21
C LYS B 384 -47.53 39.70 0.21
N LEU B 385 -46.66 40.22 1.06
CA LEU B 385 -47.06 40.53 2.45
C LEU B 385 -47.67 41.92 2.45
N ALA B 386 -47.25 42.77 1.52
CA ALA B 386 -47.76 44.16 1.53
C ALA B 386 -49.26 44.10 1.55
N ALA B 387 -49.82 43.49 0.51
CA ALA B 387 -51.28 43.34 0.56
C ALA B 387 -51.62 42.90 1.97
N GLY B 388 -52.33 43.73 2.74
CA GLY B 388 -52.79 43.28 4.07
C GLY B 388 -52.01 43.89 5.21
N MET B 389 -50.73 44.15 5.01
CA MET B 389 -49.90 44.66 6.10
C MET B 389 -49.27 45.99 5.69
N ARG B 390 -49.31 46.99 6.58
CA ARG B 390 -48.66 48.29 6.29
C ARG B 390 -47.15 48.15 6.55
N ILE B 391 -46.36 47.97 5.49
CA ILE B 391 -44.90 47.75 5.65
C ILE B 391 -44.23 49.05 5.25
N PRO B 392 -43.39 49.67 6.10
CA PRO B 392 -42.86 50.99 5.78
C PRO B 392 -41.92 50.91 4.61
N VAL B 393 -41.99 51.92 3.75
CA VAL B 393 -41.07 51.95 2.57
C VAL B 393 -39.66 52.04 3.13
N SER B 394 -39.46 52.85 4.15
CA SER B 394 -38.08 53.06 4.68
C SER B 394 -37.47 51.70 5.03
N TRP B 395 -38.13 50.92 5.88
CA TRP B 395 -37.47 49.65 6.25
C TRP B 395 -37.01 49.03 4.96
N ILE B 396 -37.83 49.14 3.91
CA ILE B 396 -37.35 48.46 2.72
C ILE B 396 -36.23 49.27 2.06
N GLN B 397 -36.32 50.60 2.12
CA GLN B 397 -35.31 51.44 1.50
C GLN B 397 -33.93 51.23 2.12
N GLU B 398 -33.86 50.73 3.35
CA GLU B 398 -32.57 50.47 3.98
C GLU B 398 -31.77 49.45 3.17
N LYS B 399 -32.43 48.39 2.71
CA LYS B 399 -31.78 47.42 1.84
C LYS B 399 -31.49 48.07 0.49
N LEU B 400 -30.21 48.21 0.17
CA LEU B 400 -29.75 48.90 -1.03
C LEU B 400 -30.29 50.32 -0.99
N HIS B 401 -31.13 50.75 -1.92
CA HIS B 401 -31.71 52.08 -1.87
C HIS B 401 -33.20 52.03 -1.54
N GLY C 2 1.92 85.22 -9.07
CA GLY C 2 3.04 84.37 -9.47
C GLY C 2 3.54 83.50 -8.34
N ARG C 3 3.35 83.96 -7.11
CA ARG C 3 3.76 83.20 -5.92
C ARG C 3 2.66 82.19 -5.60
N ILE C 4 2.72 81.05 -6.30
CA ILE C 4 1.70 80.02 -6.15
C ILE C 4 1.86 79.33 -4.81
N LEU C 5 0.74 79.09 -4.12
CA LEU C 5 0.74 78.38 -2.86
C LEU C 5 0.43 76.90 -3.10
N ASP C 6 1.11 76.05 -2.33
CA ASP C 6 0.90 74.61 -2.42
C ASP C 6 -0.33 74.23 -1.59
N ILE C 7 -0.55 72.92 -1.44
CA ILE C 7 -1.71 72.44 -0.69
C ILE C 7 -1.61 72.84 0.78
N SER C 8 -0.39 72.95 1.30
CA SER C 8 -0.17 73.26 2.71
C SER C 8 -0.10 74.75 2.99
N GLY C 9 -0.38 75.59 1.99
CA GLY C 9 -0.41 77.02 2.20
C GLY C 9 0.92 77.67 2.48
N GLN C 10 1.98 77.20 1.83
CA GLN C 10 3.29 77.86 1.92
C GLN C 10 3.65 78.44 0.56
N PRO C 11 3.71 79.76 0.41
CA PRO C 11 4.02 80.35 -0.90
C PRO C 11 5.42 79.99 -1.34
N PHE C 12 5.60 79.89 -2.66
CA PHE C 12 6.89 79.54 -3.24
C PHE C 12 6.88 80.00 -4.70
N ASP C 13 8.02 79.81 -5.38
CA ASP C 13 8.15 80.12 -6.79
C ASP C 13 8.26 78.81 -7.56
N PHE C 14 7.41 78.64 -8.57
CA PHE C 14 7.37 77.42 -9.36
C PHE C 14 8.34 77.53 -10.53
N ASP C 15 9.11 76.48 -10.75
CA ASP C 15 10.15 76.45 -11.79
C ASP C 15 9.86 75.32 -12.77
N ASP C 16 9.98 75.63 -14.06
CA ASP C 16 9.73 74.63 -15.10
C ASP C 16 10.85 73.60 -15.20
N GLU C 17 12.06 73.95 -14.75
CA GLU C 17 13.18 73.02 -14.85
C GLU C 17 12.95 71.80 -13.97
N MET C 18 13.24 70.63 -14.52
CA MET C 18 13.16 69.39 -13.75
C MET C 18 14.25 69.37 -12.69
N GLN C 19 13.91 68.86 -11.50
CA GLN C 19 14.84 68.92 -10.38
C GLN C 19 16.09 68.10 -10.65
N SER C 20 15.95 66.94 -11.29
CA SER C 20 17.12 66.13 -11.61
C SER C 20 18.05 66.85 -12.57
N ARG C 21 17.48 67.50 -13.59
CA ARG C 21 18.28 68.22 -14.59
C ARG C 21 18.64 69.62 -14.06
N SER C 22 19.44 69.62 -12.98
CA SER C 22 19.82 70.86 -12.33
C SER C 22 21.32 71.10 -12.37
N ASP C 23 22.06 70.27 -13.12
CA ASP C 23 23.51 70.42 -13.33
C ASP C 23 24.29 70.24 -12.03
N GLU C 24 23.59 69.90 -10.95
CA GLU C 24 24.25 69.61 -9.68
C GLU C 24 24.07 68.17 -9.24
N LEU C 25 23.03 67.50 -9.74
CA LEU C 25 22.75 66.12 -9.38
C LEU C 25 22.96 65.18 -10.57
N ALA C 26 23.91 65.54 -11.45
CA ALA C 26 24.21 64.72 -12.60
C ALA C 26 24.94 63.44 -12.24
N MET C 27 25.75 63.46 -11.18
CA MET C 27 26.53 62.30 -10.77
C MET C 27 25.88 61.50 -9.66
N VAL C 28 24.67 61.87 -9.22
CA VAL C 28 23.93 61.10 -8.23
C VAL C 28 22.60 60.58 -8.74
N MET C 29 22.14 61.03 -9.90
CA MET C 29 20.95 60.48 -10.53
C MET C 29 21.27 59.33 -11.47
N LYS C 30 22.54 59.02 -11.68
CA LYS C 30 22.98 57.96 -12.57
C LYS C 30 23.76 56.94 -11.73
N ARG C 31 23.04 55.93 -11.25
CA ARG C 31 23.61 54.88 -10.41
C ARG C 31 23.44 53.52 -11.09
N THR C 32 24.53 52.75 -11.13
CA THR C 32 24.45 51.40 -11.65
C THR C 32 24.03 50.46 -10.52
N GLN C 33 22.99 49.65 -10.77
CA GLN C 33 22.31 48.96 -9.69
C GLN C 33 23.23 47.93 -9.04
N GLU C 34 23.00 47.73 -7.74
CA GLU C 34 23.83 46.83 -6.95
C GLU C 34 23.53 45.37 -7.18
N HIS C 35 22.28 45.03 -7.47
CA HIS C 35 21.82 43.65 -7.52
C HIS C 35 22.22 42.92 -6.24
N PRO C 36 21.58 43.25 -5.11
CA PRO C 36 21.98 42.68 -3.83
C PRO C 36 21.47 41.27 -3.59
N SER C 37 20.57 40.78 -4.44
CA SER C 37 19.93 39.48 -4.25
C SER C 37 20.76 38.33 -4.77
N SER C 38 22.06 38.54 -4.97
CA SER C 38 22.97 37.48 -5.36
C SER C 38 23.62 36.92 -4.09
N GLY C 39 23.29 35.69 -3.75
CA GLY C 39 23.82 35.07 -2.55
C GLY C 39 23.37 35.71 -1.25
N VAL C 40 22.07 35.99 -1.14
CA VAL C 40 21.55 36.61 0.08
C VAL C 40 21.51 35.59 1.20
N THR C 41 22.01 35.99 2.37
CA THR C 41 21.88 35.25 3.61
C THR C 41 20.89 35.99 4.51
N PRO C 42 20.00 35.27 5.21
CA PRO C 42 19.02 35.93 6.08
C PRO C 42 19.60 37.00 6.99
N ASN C 43 20.84 36.81 7.47
CA ASN C 43 21.48 37.85 8.26
C ASN C 43 21.63 39.14 7.46
N ARG C 44 22.12 39.01 6.22
CA ARG C 44 22.33 40.18 5.37
C ARG C 44 21.01 40.80 4.92
N ALA C 45 19.99 39.97 4.69
CA ALA C 45 18.66 40.52 4.39
C ALA C 45 18.13 41.32 5.56
N ALA C 46 18.28 40.80 6.78
CA ALA C 46 17.89 41.58 7.95
C ALA C 46 18.69 42.87 8.06
N GLN C 47 19.98 42.83 7.71
CA GLN C 47 20.80 44.02 7.79
C GLN C 47 20.32 45.09 6.82
N MET C 48 20.01 44.71 5.58
CA MET C 48 19.53 45.71 4.63
C MET C 48 18.13 46.20 4.99
N LEU C 49 17.28 45.33 5.55
CA LEU C 49 15.98 45.78 6.02
C LEU C 49 16.12 46.81 7.14
N ARG C 50 17.04 46.57 8.07
CA ARG C 50 17.27 47.53 9.15
C ARG C 50 17.86 48.83 8.64
N ASP C 51 18.73 48.75 7.63
CA ASP C 51 19.27 49.96 7.03
C ASP C 51 18.16 50.78 6.37
N ALA C 52 17.24 50.10 5.68
CA ALA C 52 16.09 50.79 5.11
C ALA C 52 15.21 51.40 6.18
N GLU C 53 14.99 50.68 7.29
CA GLU C 53 14.20 51.21 8.39
C GLU C 53 14.83 52.47 8.97
N ARG C 54 16.17 52.47 9.08
CA ARG C 54 16.84 53.66 9.61
C ARG C 54 16.78 54.85 8.63
N GLY C 55 16.58 54.60 7.34
CA GLY C 55 16.43 55.70 6.41
C GLY C 55 17.05 55.51 5.04
N ASP C 56 18.07 54.67 4.93
CA ASP C 56 18.75 54.43 3.66
C ASP C 56 17.99 53.37 2.87
N LEU C 57 17.12 53.81 1.97
CA LEU C 57 16.19 52.95 1.26
C LEU C 57 16.77 52.33 -0.01
N THR C 58 18.03 52.61 -0.34
CA THR C 58 18.60 52.15 -1.61
C THR C 58 18.64 50.63 -1.68
N ALA C 59 19.21 49.99 -0.65
CA ALA C 59 19.37 48.55 -0.68
C ALA C 59 18.02 47.85 -0.73
N GLN C 60 17.04 48.35 0.02
CA GLN C 60 15.71 47.76 0.00
C GLN C 60 15.10 47.85 -1.39
N ALA C 61 15.25 48.99 -2.06
CA ALA C 61 14.67 49.15 -3.38
C ALA C 61 15.33 48.22 -4.40
N ASP C 62 16.65 48.10 -4.35
CA ASP C 62 17.33 47.17 -5.26
C ASP C 62 16.90 45.73 -4.98
N LEU C 63 16.77 45.37 -3.70
CA LEU C 63 16.34 44.02 -3.34
C LEU C 63 14.93 43.76 -3.84
N ALA C 64 14.04 44.74 -3.71
CA ALA C 64 12.67 44.59 -4.21
C ALA C 64 12.66 44.44 -5.73
N PHE C 65 13.50 45.19 -6.44
CA PHE C 65 13.55 45.05 -7.89
C PHE C 65 14.03 43.66 -8.30
N ASP C 66 15.06 43.16 -7.62
CA ASP C 66 15.54 41.80 -7.91
C ASP C 66 14.47 40.76 -7.60
N MET C 67 13.73 40.96 -6.50
CA MET C 67 12.68 40.02 -6.16
C MET C 67 11.57 40.05 -7.20
N GLU C 68 11.30 41.22 -7.76
CA GLU C 68 10.26 41.32 -8.79
C GLU C 68 10.69 40.62 -10.06
N GLU C 69 11.94 40.80 -10.49
CA GLU C 69 12.36 40.19 -11.76
C GLU C 69 12.82 38.75 -11.63
N LYS C 70 13.14 38.28 -10.44
CA LYS C 70 13.69 36.93 -10.29
C LYS C 70 12.63 35.89 -10.00
N ASP C 71 11.84 36.10 -8.94
CA ASP C 71 10.85 35.11 -8.52
C ASP C 71 9.65 35.18 -9.45
N THR C 72 9.47 34.16 -10.28
CA THR C 72 8.45 34.21 -11.31
C THR C 72 7.05 34.26 -10.72
N HIS C 73 6.79 33.45 -9.67
CA HIS C 73 5.48 33.48 -9.03
C HIS C 73 5.21 34.84 -8.41
N LEU C 74 6.23 35.45 -7.79
CA LEU C 74 6.07 36.77 -7.22
C LEU C 74 5.70 37.78 -8.30
N PHE C 75 6.37 37.72 -9.46
CA PHE C 75 6.08 38.66 -10.53
C PHE C 75 4.68 38.44 -11.09
N SER C 76 4.27 37.19 -11.25
CA SER C 76 2.92 36.92 -11.75
C SER C 76 1.87 37.48 -10.81
N GLU C 77 2.04 37.25 -9.50
CA GLU C 77 1.07 37.77 -8.53
C GLU C 77 1.09 39.29 -8.51
N LEU C 78 2.27 39.90 -8.57
CA LEU C 78 2.36 41.35 -8.53
C LEU C 78 1.70 41.98 -9.75
N SER C 79 1.92 41.40 -10.93
CA SER C 79 1.27 41.92 -12.13
C SER C 79 -0.24 41.69 -12.07
N LYS C 80 -0.67 40.55 -11.54
CA LYS C 80 -2.09 40.29 -11.36
C LYS C 80 -2.73 41.36 -10.49
N ARG C 81 -2.04 41.77 -9.42
CA ARG C 81 -2.59 42.79 -8.54
C ARG C 81 -2.53 44.17 -9.19
N ARG C 82 -1.45 44.49 -9.89
CA ARG C 82 -1.29 45.83 -10.44
C ARG C 82 -2.21 46.07 -11.62
N LEU C 83 -2.56 45.03 -12.38
CA LEU C 83 -3.45 45.23 -13.51
C LEU C 83 -4.90 45.36 -13.08
N ALA C 84 -5.22 44.98 -11.84
CA ALA C 84 -6.56 45.21 -11.32
C ALA C 84 -6.87 46.69 -11.26
N ILE C 85 -5.90 47.51 -10.84
CA ILE C 85 -6.09 48.95 -10.69
C ILE C 85 -6.33 49.58 -12.05
N GLN C 86 -5.54 49.20 -13.05
CA GLN C 86 -5.64 49.82 -14.36
C GLN C 86 -6.97 49.49 -15.04
N ALA C 87 -7.61 48.40 -14.64
CA ALA C 87 -8.88 48.01 -15.26
C ALA C 87 -10.03 48.91 -14.82
N LEU C 88 -9.93 49.50 -13.63
CA LEU C 88 -11.03 50.31 -13.11
C LEU C 88 -11.21 51.57 -13.93
N GLU C 89 -12.45 51.88 -14.28
CA GLU C 89 -12.75 53.14 -14.94
C GLU C 89 -12.91 54.25 -13.90
N TRP C 90 -12.55 55.46 -14.30
CA TRP C 90 -12.53 56.59 -13.38
C TRP C 90 -13.08 57.83 -14.05
N ARG C 91 -13.42 58.80 -13.20
CA ARG C 91 -13.93 60.09 -13.67
C ARG C 91 -13.58 61.14 -12.63
N ILE C 92 -13.43 62.38 -13.08
CA ILE C 92 -13.10 63.49 -12.18
C ILE C 92 -14.43 64.06 -11.69
N ALA C 93 -14.93 63.45 -10.62
CA ALA C 93 -16.17 63.93 -10.03
C ALA C 93 -15.93 65.26 -9.33
N PRO C 94 -16.76 66.26 -9.58
CA PRO C 94 -16.55 67.58 -8.94
C PRO C 94 -16.78 67.51 -7.44
N ALA C 95 -16.46 68.62 -6.78
CA ALA C 95 -16.67 68.72 -5.35
C ALA C 95 -18.17 68.64 -5.04
N ARG C 96 -18.48 68.20 -3.82
CA ARG C 96 -19.86 68.06 -3.41
C ARG C 96 -20.59 69.40 -3.48
N ASP C 97 -21.83 69.36 -3.95
CA ASP C 97 -22.64 70.56 -4.17
C ASP C 97 -21.90 71.55 -5.08
N ALA C 98 -21.37 71.03 -6.18
CA ALA C 98 -20.58 71.84 -7.10
C ALA C 98 -21.44 72.92 -7.75
N SER C 99 -20.85 74.09 -7.94
CA SER C 99 -21.52 75.18 -8.63
C SER C 99 -21.36 74.98 -10.14
N ALA C 100 -21.67 76.01 -10.92
CA ALA C 100 -21.48 75.92 -12.37
C ALA C 100 -20.01 75.82 -12.73
N GLN C 101 -19.22 76.80 -12.29
CA GLN C 101 -17.81 76.86 -12.69
C GLN C 101 -17.02 75.66 -12.18
N GLU C 102 -17.31 75.21 -10.95
CA GLU C 102 -16.61 74.05 -10.41
C GLU C 102 -16.90 72.81 -11.23
N LYS C 103 -18.17 72.60 -11.59
CA LYS C 103 -18.53 71.45 -12.41
C LYS C 103 -17.89 71.53 -13.79
N LYS C 104 -17.85 72.73 -14.38
CA LYS C 104 -17.24 72.88 -15.69
C LYS C 104 -15.74 72.60 -15.64
N ASP C 105 -15.05 73.09 -14.62
CA ASP C 105 -13.63 72.81 -14.48
C ASP C 105 -13.38 71.33 -14.23
N ALA C 106 -14.21 70.69 -13.42
CA ALA C 106 -14.06 69.25 -13.19
C ALA C 106 -14.24 68.46 -14.47
N ASP C 107 -15.25 68.82 -15.27
CA ASP C 107 -15.45 68.14 -16.54
C ASP C 107 -14.28 68.39 -17.49
N MET C 108 -13.75 69.62 -17.50
CA MET C 108 -12.59 69.92 -18.34
C MET C 108 -11.40 69.05 -17.95
N LEU C 109 -11.14 68.93 -16.65
CA LEU C 109 -10.07 68.04 -16.20
C LEU C 109 -10.35 66.60 -16.60
N ASN C 110 -11.61 66.15 -16.46
CA ASN C 110 -11.96 64.79 -16.83
C ASN C 110 -11.64 64.52 -18.29
N GLU C 111 -12.09 65.40 -19.18
CA GLU C 111 -11.86 65.18 -20.61
C GLU C 111 -10.37 65.25 -20.94
N TYR C 112 -9.65 66.21 -20.34
CA TYR C 112 -8.22 66.31 -20.63
C TYR C 112 -7.47 65.08 -20.18
N LEU C 113 -7.76 64.58 -18.97
CA LEU C 113 -7.05 63.42 -18.47
C LEU C 113 -7.42 62.16 -19.24
N HIS C 114 -8.67 62.02 -19.67
CA HIS C 114 -9.03 60.90 -20.53
C HIS C 114 -8.44 61.04 -21.93
N ASP C 115 -8.02 62.24 -22.31
CA ASP C 115 -7.38 62.48 -23.59
C ASP C 115 -5.90 62.86 -23.44
N ALA C 116 -5.23 62.37 -22.41
CA ALA C 116 -3.80 62.58 -22.24
C ALA C 116 -3.11 61.23 -22.15
N ALA C 117 -2.06 61.04 -22.95
CA ALA C 117 -1.41 59.74 -23.04
C ALA C 117 -0.56 59.43 -21.83
N TRP C 118 -0.16 60.44 -21.06
CA TRP C 118 0.77 60.23 -19.96
C TRP C 118 0.07 59.86 -18.66
N PHE C 119 -1.27 59.83 -18.64
CA PHE C 119 -1.96 59.47 -17.41
C PHE C 119 -1.92 57.97 -17.18
N GLU C 120 -2.12 57.18 -18.24
CA GLU C 120 -2.08 55.73 -18.10
C GLU C 120 -0.71 55.27 -17.64
N ASP C 121 0.35 55.90 -18.17
CA ASP C 121 1.69 55.61 -17.68
C ASP C 121 1.83 56.00 -16.21
N ALA C 122 1.22 57.12 -15.81
CA ALA C 122 1.27 57.54 -14.41
C ALA C 122 0.64 56.49 -13.51
N LEU C 123 -0.52 55.96 -13.90
CA LEU C 123 -1.20 54.97 -13.09
C LEU C 123 -0.46 53.64 -13.08
N PHE C 124 0.14 53.26 -14.21
CA PHE C 124 0.88 52.00 -14.24
C PHE C 124 2.15 52.09 -13.41
N ASP C 125 2.84 53.23 -13.44
CA ASP C 125 4.06 53.38 -12.67
C ASP C 125 3.78 53.61 -11.19
N ALA C 126 2.64 54.21 -10.86
CA ALA C 126 2.28 54.39 -9.46
C ALA C 126 2.05 53.06 -8.76
N GLY C 127 1.76 52.01 -9.51
CA GLY C 127 1.63 50.69 -8.92
C GLY C 127 2.92 50.08 -8.45
N ASP C 128 4.07 50.70 -8.77
CA ASP C 128 5.35 50.21 -8.27
C ASP C 128 5.45 50.33 -6.76
N ALA C 129 4.73 51.27 -6.15
CA ALA C 129 4.77 51.47 -4.71
C ALA C 129 4.22 50.27 -3.94
N ILE C 130 3.52 49.36 -4.62
CA ILE C 130 2.96 48.20 -3.95
C ILE C 130 4.06 47.35 -3.32
N LEU C 131 5.17 47.16 -4.04
CA LEU C 131 6.23 46.27 -3.60
C LEU C 131 7.39 47.02 -2.96
N LYS C 132 7.82 48.13 -3.55
CA LYS C 132 8.98 48.86 -3.03
C LYS C 132 8.60 49.75 -1.84
N GLY C 133 7.40 50.30 -1.86
CA GLY C 133 6.93 51.16 -0.79
C GLY C 133 6.56 52.56 -1.21
N TYR C 134 7.09 53.04 -2.34
CA TYR C 134 6.93 54.44 -2.75
C TYR C 134 7.25 54.53 -4.23
N SER C 135 6.33 55.10 -5.01
CA SER C 135 6.53 55.30 -6.43
C SER C 135 6.67 56.80 -6.68
N MET C 136 7.85 57.22 -7.15
CA MET C 136 8.15 58.63 -7.35
C MET C 136 8.36 58.88 -8.83
N GLN C 137 7.62 59.85 -9.38
CA GLN C 137 7.68 60.20 -10.78
C GLN C 137 7.83 61.70 -10.93
N GLU C 138 8.76 62.13 -11.78
CA GLU C 138 8.93 63.55 -12.02
C GLU C 138 7.88 64.04 -13.01
N ILE C 139 7.66 65.35 -13.01
CA ILE C 139 6.69 65.99 -13.88
C ILE C 139 7.45 66.99 -14.74
N GLU C 140 7.52 66.73 -16.04
CA GLU C 140 8.14 67.66 -16.98
C GLU C 140 7.04 68.59 -17.49
N TRP C 141 6.95 69.77 -16.87
CA TRP C 141 5.88 70.70 -17.20
C TRP C 141 6.05 71.26 -18.61
N GLY C 142 4.94 71.42 -19.32
CA GLY C 142 4.98 71.91 -20.67
C GLY C 142 3.80 72.82 -20.95
N TRP C 143 3.93 73.59 -22.03
CA TRP C 143 2.92 74.56 -22.43
C TRP C 143 2.05 73.94 -23.52
N LEU C 144 0.80 73.66 -23.17
CA LEU C 144 -0.19 73.14 -24.11
C LEU C 144 -1.21 74.26 -24.37
N GLY C 145 -1.03 74.98 -25.47
CA GLY C 145 -1.89 76.11 -25.76
C GLY C 145 -1.80 77.19 -24.69
N LYS C 146 -2.86 77.33 -23.90
CA LYS C 146 -2.88 78.24 -22.77
C LYS C 146 -3.15 77.48 -21.48
N MET C 147 -2.52 76.32 -21.34
CA MET C 147 -2.64 75.50 -20.14
C MET C 147 -1.27 74.91 -19.83
N ARG C 148 -0.78 75.14 -18.61
CA ARG C 148 0.50 74.61 -18.18
C ARG C 148 0.27 73.23 -17.57
N VAL C 149 0.40 72.20 -18.41
CA VAL C 149 0.07 70.83 -18.01
C VAL C 149 1.26 69.93 -18.28
N PRO C 150 1.41 68.81 -17.57
CA PRO C 150 2.55 67.92 -17.81
C PRO C 150 2.51 67.34 -19.21
N VAL C 151 3.71 67.12 -19.77
CA VAL C 151 3.85 66.48 -21.07
C VAL C 151 4.51 65.11 -20.98
N ALA C 152 5.15 64.78 -19.85
CA ALA C 152 5.78 63.48 -19.68
C ALA C 152 6.06 63.28 -18.19
N LEU C 153 5.83 62.05 -17.73
CA LEU C 153 6.08 61.67 -16.34
C LEU C 153 7.13 60.56 -16.33
N HIS C 154 8.36 60.94 -15.98
CA HIS C 154 9.45 59.97 -15.93
C HIS C 154 9.51 59.32 -14.56
N HIS C 155 9.61 58.00 -14.55
CA HIS C 155 9.67 57.22 -13.31
C HIS C 155 11.13 57.08 -12.90
N ARG C 156 11.55 57.90 -11.94
CA ARG C 156 12.93 57.82 -11.46
C ARG C 156 13.12 56.58 -10.59
N ASP C 157 14.35 56.12 -10.51
CA ASP C 157 14.64 54.92 -9.75
C ASP C 157 14.39 55.16 -8.26
N PRO C 158 13.67 54.29 -7.58
CA PRO C 158 13.35 54.53 -6.16
C PRO C 158 14.57 54.57 -5.25
N ALA C 159 15.72 54.04 -5.70
CA ALA C 159 16.91 54.05 -4.86
C ALA C 159 17.50 55.45 -4.71
N LEU C 160 17.10 56.40 -5.55
CA LEU C 160 17.64 57.76 -5.47
C LEU C 160 17.08 58.56 -4.30
N PHE C 161 16.07 58.06 -3.61
CA PHE C 161 15.39 58.81 -2.57
C PHE C 161 15.68 58.17 -1.21
N CYS C 162 16.15 58.98 -0.27
CA CYS C 162 16.39 58.57 1.10
C CYS C 162 15.48 59.35 2.02
N ALA C 163 14.81 58.66 2.93
CA ALA C 163 13.94 59.32 3.87
C ALA C 163 14.75 60.21 4.79
N ASN C 164 14.15 61.33 5.20
CA ASN C 164 14.82 62.24 6.11
C ASN C 164 15.10 61.54 7.43
N PRO C 165 16.30 61.68 8.00
CA PRO C 165 16.54 61.10 9.33
C PRO C 165 15.63 61.68 10.41
N ASP C 166 15.06 62.85 10.18
CA ASP C 166 14.09 63.45 11.09
C ASP C 166 12.71 63.38 10.47
N ASN C 167 11.74 62.95 11.29
CA ASN C 167 10.32 62.83 10.96
C ASN C 167 10.08 61.64 10.03
N LEU C 168 11.14 61.09 9.45
CA LEU C 168 11.16 59.74 8.89
C LEU C 168 10.00 59.42 7.95
N ASN C 169 9.28 60.43 7.48
CA ASN C 169 8.15 60.22 6.59
C ASN C 169 8.16 61.13 5.37
N GLU C 170 9.17 61.98 5.23
CA GLU C 170 9.30 62.87 4.08
C GLU C 170 10.39 62.33 3.17
N LEU C 171 10.01 61.88 1.99
CA LEU C 171 10.99 61.40 1.02
C LEU C 171 11.78 62.59 0.48
N ARG C 172 13.10 62.49 0.55
CA ARG C 172 13.99 63.55 0.10
C ARG C 172 14.98 63.00 -0.90
N LEU C 173 15.12 63.69 -2.03
CA LEU C 173 16.06 63.26 -3.06
C LEU C 173 17.48 63.28 -2.51
N ARG C 174 18.21 62.19 -2.73
CA ARG C 174 19.55 62.06 -2.18
C ARG C 174 20.51 63.01 -2.87
N ASP C 175 21.27 63.76 -2.08
CA ASP C 175 22.23 64.73 -2.61
C ASP C 175 23.54 64.62 -1.84
N ALA C 176 23.89 63.42 -1.40
CA ALA C 176 25.11 63.17 -0.63
C ALA C 176 25.18 64.07 0.60
N SER C 177 24.03 64.27 1.25
CA SER C 177 23.92 65.11 2.43
C SER C 177 23.21 64.36 3.54
N TYR C 178 23.47 64.78 4.78
CA TYR C 178 22.85 64.13 5.93
C TYR C 178 21.33 64.27 5.89
N HIS C 179 20.84 65.52 5.74
CA HIS C 179 19.41 65.73 5.63
C HIS C 179 18.88 65.30 4.27
N GLY C 180 19.63 65.61 3.22
CA GLY C 180 19.18 65.28 1.87
C GLY C 180 18.36 66.39 1.25
N LEU C 181 18.45 66.50 -0.07
CA LEU C 181 17.72 67.52 -0.79
C LEU C 181 16.23 67.19 -0.80
N GLU C 182 15.42 68.16 -0.42
CA GLU C 182 13.98 67.99 -0.44
C GLU C 182 13.46 67.98 -1.87
N LEU C 183 12.21 67.55 -2.04
CA LEU C 183 11.61 67.50 -3.36
C LEU C 183 11.19 68.91 -3.80
N GLN C 184 11.47 69.23 -5.05
CA GLN C 184 11.01 70.48 -5.61
C GLN C 184 9.48 70.47 -5.70
N PRO C 185 8.81 71.52 -5.22
CA PRO C 185 7.34 71.48 -5.21
C PRO C 185 6.76 71.48 -6.61
N PHE C 186 5.61 70.83 -6.73
CA PHE C 186 4.86 70.74 -8.00
C PHE C 186 5.68 70.07 -9.10
N GLY C 187 6.65 69.25 -8.72
CA GLY C 187 7.48 68.58 -9.70
C GLY C 187 7.86 67.16 -9.33
N TRP C 188 7.05 66.51 -8.49
CA TRP C 188 7.38 65.16 -8.03
C TRP C 188 6.08 64.46 -7.65
N PHE C 189 5.58 63.61 -8.55
CA PHE C 189 4.37 62.83 -8.28
C PHE C 189 4.74 61.67 -7.38
N MET C 190 4.38 61.77 -6.09
CA MET C 190 4.72 60.78 -5.09
C MET C 190 3.46 60.03 -4.66
N HIS C 191 3.52 58.71 -4.71
CA HIS C 191 2.40 57.85 -4.32
C HIS C 191 2.93 56.84 -3.30
N ARG C 192 2.62 57.07 -2.03
CA ARG C 192 3.08 56.19 -0.95
C ARG C 192 1.94 55.22 -0.61
N ALA C 193 2.06 53.99 -1.11
CA ALA C 193 1.04 52.96 -0.89
C ALA C 193 1.38 52.22 0.40
N LYS C 194 0.68 52.57 1.48
CA LYS C 194 0.92 51.97 2.79
C LYS C 194 0.00 50.76 2.95
N SER C 195 0.55 49.57 2.72
CA SER C 195 -0.17 48.35 3.02
C SER C 195 -0.17 48.07 4.52
N ARG C 196 0.89 48.45 5.20
CA ARG C 196 1.05 48.27 6.63
C ARG C 196 1.36 49.61 7.27
N THR C 197 0.70 49.90 8.39
CA THR C 197 0.93 51.18 9.07
C THR C 197 2.38 51.28 9.53
N GLY C 198 2.92 52.49 9.45
CA GLY C 198 4.31 52.71 9.81
C GLY C 198 4.91 53.82 8.96
N TYR C 199 6.23 53.78 8.86
CA TYR C 199 6.99 54.81 8.16
C TYR C 199 7.07 54.49 6.67
N VAL C 200 7.76 55.36 5.93
CA VAL C 200 7.78 55.24 4.47
C VAL C 200 8.57 54.00 4.03
N GLY C 201 9.66 53.69 4.73
CA GLY C 201 10.45 52.54 4.35
C GLY C 201 9.80 51.23 4.76
N THR C 202 8.99 51.26 5.82
CA THR C 202 8.44 50.02 6.37
C THR C 202 7.28 49.50 5.52
N ASN C 203 6.42 50.38 5.02
CA ASN C 203 5.12 49.97 4.50
C ASN C 203 5.19 49.19 3.19
N GLY C 204 6.38 48.95 2.62
CA GLY C 204 6.45 48.14 1.42
C GLY C 204 6.23 46.67 1.69
N LEU C 205 5.75 45.97 0.67
CA LEU C 205 5.55 44.53 0.78
C LEU C 205 6.84 43.72 0.70
N VAL C 206 7.95 44.36 0.33
CA VAL C 206 9.23 43.64 0.31
C VAL C 206 9.63 43.19 1.71
N ARG C 207 9.25 43.95 2.74
CA ARG C 207 9.57 43.57 4.11
C ARG C 207 8.97 42.22 4.47
N THR C 208 7.71 42.00 4.09
CA THR C 208 7.07 40.73 4.37
C THR C 208 7.51 39.63 3.41
N LEU C 209 7.73 39.96 2.14
CA LEU C 209 7.96 38.97 1.11
C LEU C 209 9.40 38.56 0.96
N ILE C 210 10.34 39.21 1.64
CA ILE C 210 11.75 38.86 1.47
C ILE C 210 12.00 37.44 1.98
N TRP C 211 11.33 37.05 3.07
CA TRP C 211 11.62 35.74 3.65
C TRP C 211 11.08 34.59 2.79
N PRO C 212 9.81 34.57 2.39
CA PRO C 212 9.37 33.49 1.48
C PRO C 212 10.13 33.48 0.17
N PHE C 213 10.51 34.65 -0.34
CA PHE C 213 11.34 34.68 -1.55
C PHE C 213 12.65 33.95 -1.34
N ILE C 214 13.34 34.24 -0.25
CA ILE C 214 14.62 33.60 0.04
C ILE C 214 14.43 32.09 0.17
N PHE C 215 13.42 31.67 0.95
CA PHE C 215 13.22 30.25 1.17
C PHE C 215 12.91 29.52 -0.13
N LYS C 216 11.98 30.07 -0.93
CA LYS C 216 11.60 29.42 -2.17
C LYS C 216 12.78 29.33 -3.14
N ASN C 217 13.54 30.41 -3.29
CA ASN C 217 14.62 30.39 -4.27
C ASN C 217 15.77 29.50 -3.83
N TYR C 218 16.09 29.49 -2.54
CA TYR C 218 17.12 28.58 -2.06
C TYR C 218 16.68 27.13 -2.24
N SER C 219 15.42 26.83 -1.95
CA SER C 219 14.93 25.47 -2.16
C SER C 219 14.97 25.10 -3.64
N VAL C 220 14.62 26.04 -4.52
CA VAL C 220 14.62 25.74 -5.95
C VAL C 220 16.04 25.46 -6.45
N ARG C 221 17.00 26.29 -6.03
CA ARG C 221 18.37 26.05 -6.48
C ARG C 221 18.92 24.74 -5.92
N ASP C 222 18.62 24.44 -4.66
CA ASP C 222 19.07 23.17 -4.08
C ASP C 222 18.44 21.99 -4.82
N PHE C 223 17.16 22.10 -5.18
CA PHE C 223 16.49 21.05 -5.92
C PHE C 223 17.11 20.85 -7.29
N ALA C 224 17.41 21.95 -7.99
CA ALA C 224 18.04 21.84 -9.29
C ALA C 224 19.41 21.18 -9.20
N GLU C 225 20.20 21.58 -8.20
CA GLU C 225 21.50 20.95 -8.01
C GLU C 225 21.37 19.48 -7.65
N PHE C 226 20.32 19.11 -6.91
CA PHE C 226 20.07 17.71 -6.61
C PHE C 226 19.75 16.92 -7.87
N LEU C 227 18.94 17.49 -8.76
CA LEU C 227 18.65 16.82 -10.03
C LEU C 227 19.86 16.78 -10.94
N GLU C 228 20.82 17.69 -10.74
CA GLU C 228 22.04 17.63 -11.54
C GLU C 228 22.79 16.33 -11.30
N ILE C 229 22.68 15.78 -10.09
CA ILE C 229 23.45 14.60 -9.71
C ILE C 229 22.60 13.34 -9.60
N TYR C 230 21.30 13.48 -9.31
CA TYR C 230 20.46 12.33 -9.00
C TYR C 230 20.33 11.39 -10.20
N GLY C 231 20.19 10.10 -9.89
CA GLY C 231 19.85 9.01 -10.80
C GLY C 231 21.01 8.57 -11.68
N LEU C 232 22.25 8.95 -11.37
CA LEU C 232 23.42 8.54 -12.15
C LEU C 232 24.55 8.22 -11.18
N PRO C 233 24.73 6.95 -10.83
CA PRO C 233 25.70 6.61 -9.78
C PRO C 233 27.12 6.93 -10.19
N MET C 234 27.94 7.24 -9.19
CA MET C 234 29.36 7.44 -9.44
C MET C 234 30.01 6.12 -9.84
N ARG C 235 30.95 6.21 -10.77
CA ARG C 235 31.57 5.04 -11.39
C ARG C 235 33.04 5.03 -11.00
N VAL C 236 33.36 4.33 -9.91
CA VAL C 236 34.72 4.26 -9.39
C VAL C 236 35.35 2.93 -9.76
N GLY C 237 36.60 2.98 -10.20
CA GLY C 237 37.38 1.78 -10.48
C GLY C 237 38.55 1.71 -9.51
N LYS C 238 38.76 0.53 -8.95
CA LYS C 238 39.81 0.31 -7.96
C LYS C 238 40.92 -0.51 -8.61
N TYR C 239 41.88 0.17 -9.22
CA TYR C 239 43.01 -0.52 -9.81
C TYR C 239 43.92 -1.07 -8.72
N PRO C 240 44.45 -2.27 -8.89
CA PRO C 240 45.38 -2.80 -7.90
C PRO C 240 46.61 -1.92 -7.80
N THR C 241 47.12 -1.76 -6.59
CA THR C 241 48.30 -0.93 -6.40
C THR C 241 49.49 -1.55 -7.10
N GLY C 242 50.43 -0.70 -7.52
CA GLY C 242 51.55 -1.14 -8.31
C GLY C 242 51.29 -1.17 -9.79
N SER C 243 50.08 -0.86 -10.24
CA SER C 243 49.80 -0.80 -11.67
C SER C 243 50.62 0.31 -12.31
N THR C 244 51.07 0.06 -13.54
CA THR C 244 51.90 1.04 -14.23
C THR C 244 51.12 2.32 -14.48
N ASN C 245 51.85 3.42 -14.61
CA ASN C 245 51.25 4.73 -14.83
C ASN C 245 50.49 4.80 -16.15
N ARG C 246 50.73 3.87 -17.07
CA ARG C 246 49.99 3.80 -18.32
C ARG C 246 48.67 3.05 -18.19
N GLU C 247 48.58 2.09 -17.28
CA GLU C 247 47.36 1.31 -17.11
C GLU C 247 46.31 2.01 -16.26
N LYS C 248 46.69 3.09 -15.56
CA LYS C 248 45.70 3.93 -14.91
C LYS C 248 44.97 4.84 -15.88
N ALA C 249 45.67 5.37 -16.89
CA ALA C 249 45.03 6.20 -17.90
C ALA C 249 44.01 5.43 -18.72
N THR C 250 44.35 4.23 -19.17
CA THR C 250 43.39 3.43 -19.92
C THR C 250 42.20 3.05 -19.04
N LEU C 251 42.45 2.70 -17.78
CA LEU C 251 41.36 2.36 -16.88
C LEU C 251 40.42 3.55 -16.69
N MET C 252 40.98 4.75 -16.56
CA MET C 252 40.15 5.92 -16.34
C MET C 252 39.38 6.29 -17.60
N GLN C 253 40.02 6.17 -18.76
CA GLN C 253 39.31 6.40 -20.01
C GLN C 253 38.23 5.37 -20.27
N ALA C 254 38.36 4.17 -19.72
CA ALA C 254 37.32 3.16 -19.81
C ALA C 254 36.17 3.45 -18.85
N VAL C 255 36.49 3.72 -17.58
CA VAL C 255 35.47 3.97 -16.58
C VAL C 255 34.69 5.24 -16.88
N MET C 256 35.26 6.14 -17.69
CA MET C 256 34.53 7.31 -18.18
C MET C 256 33.91 7.07 -19.55
N ASP C 257 34.03 5.87 -20.08
CA ASP C 257 33.41 5.51 -21.35
C ASP C 257 32.14 4.70 -21.16
N ILE C 258 31.67 4.55 -19.92
CA ILE C 258 30.44 3.81 -19.66
C ILE C 258 29.25 4.65 -20.11
N GLY C 259 28.45 4.10 -21.02
CA GLY C 259 27.28 4.78 -21.52
C GLY C 259 26.09 3.86 -21.60
N ARG C 260 25.38 3.88 -22.72
CA ARG C 260 24.23 3.00 -22.90
C ARG C 260 24.70 1.60 -23.27
N ARG C 261 24.25 0.61 -22.50
CA ARG C 261 24.58 -0.79 -22.74
C ARG C 261 26.08 -1.01 -22.74
N ALA C 262 26.79 -0.26 -21.91
CA ALA C 262 28.23 -0.40 -21.82
C ALA C 262 28.57 -1.78 -21.27
N GLY C 263 29.59 -2.41 -21.85
CA GLY C 263 30.02 -3.72 -21.42
C GLY C 263 31.45 -4.01 -21.80
N GLY C 264 32.26 -4.42 -20.83
CA GLY C 264 33.66 -4.62 -21.09
C GLY C 264 34.25 -5.68 -20.19
N ILE C 265 35.57 -5.76 -20.20
CA ILE C 265 36.30 -6.78 -19.46
C ILE C 265 37.22 -6.09 -18.47
N ILE C 266 37.33 -6.67 -17.27
CA ILE C 266 38.27 -6.19 -16.26
C ILE C 266 39.02 -7.37 -15.68
N PRO C 267 40.29 -7.20 -15.33
CA PRO C 267 41.03 -8.29 -14.70
C PRO C 267 40.42 -8.67 -13.36
N MET C 268 40.85 -9.83 -12.85
CA MET C 268 40.32 -10.31 -11.58
C MET C 268 40.69 -9.38 -10.43
N GLY C 269 41.82 -8.68 -10.53
CA GLY C 269 42.26 -7.80 -9.46
C GLY C 269 41.61 -6.42 -9.45
N MET C 270 40.83 -6.09 -10.46
CA MET C 270 40.18 -4.79 -10.53
C MET C 270 38.72 -4.89 -10.11
N THR C 271 38.16 -3.76 -9.68
CA THR C 271 36.77 -3.67 -9.28
C THR C 271 36.15 -2.44 -9.93
N LEU C 272 34.84 -2.51 -10.16
CA LEU C 272 34.11 -1.45 -10.84
C LEU C 272 32.81 -1.15 -10.10
N ASP C 273 32.92 -0.95 -8.78
CA ASP C 273 31.74 -0.69 -7.97
C ASP C 273 31.05 0.60 -8.38
N PHE C 274 29.73 0.61 -8.30
CA PHE C 274 28.90 1.77 -8.62
C PHE C 274 28.30 2.30 -7.33
N GLN C 275 28.71 3.51 -6.94
CA GLN C 275 28.22 4.14 -5.72
C GLN C 275 27.32 5.31 -6.06
N SER C 276 26.16 5.36 -5.41
CA SER C 276 25.22 6.45 -5.63
C SER C 276 25.77 7.76 -5.08
N ALA C 277 25.54 8.84 -5.82
CA ALA C 277 26.01 10.15 -5.44
C ALA C 277 24.92 11.10 -4.96
N ALA C 278 23.65 10.70 -5.04
CA ALA C 278 22.55 11.53 -4.57
C ALA C 278 21.37 10.63 -4.26
N ASP C 279 21.02 10.52 -2.98
CA ASP C 279 19.92 9.68 -2.54
C ASP C 279 18.85 10.55 -1.91
N GLY C 280 17.61 10.32 -2.30
CA GLY C 280 16.49 11.08 -1.78
C GLY C 280 15.36 11.12 -2.78
N GLN C 281 14.41 12.01 -2.51
CA GLN C 281 13.26 12.21 -3.39
C GLN C 281 12.92 13.69 -3.44
N SER C 282 11.95 14.03 -4.28
CA SER C 282 11.59 15.41 -4.54
C SER C 282 10.53 15.95 -3.59
N ASP C 283 10.02 15.14 -2.68
CA ASP C 283 8.92 15.58 -1.82
C ASP C 283 9.29 16.78 -0.94
N PRO C 284 10.42 16.80 -0.22
CA PRO C 284 10.69 17.97 0.63
C PRO C 284 10.86 19.26 -0.14
N PHE C 285 11.61 19.24 -1.23
CA PHE C 285 11.82 20.46 -2.01
C PHE C 285 10.51 21.03 -2.52
N MET C 286 9.67 20.17 -3.10
CA MET C 286 8.38 20.62 -3.60
C MET C 286 7.44 21.06 -2.50
N ALA C 287 7.51 20.43 -1.32
CA ALA C 287 6.69 20.89 -0.20
C ALA C 287 7.07 22.31 0.21
N MET C 288 8.38 22.56 0.35
CA MET C 288 8.82 23.91 0.70
C MET C 288 8.46 24.92 -0.39
N ILE C 289 8.63 24.55 -1.66
CA ILE C 289 8.29 25.45 -2.75
C ILE C 289 6.80 25.78 -2.74
N GLY C 290 5.96 24.77 -2.54
CA GLY C 290 4.53 25.01 -2.49
C GLY C 290 4.14 25.90 -1.32
N TRP C 291 4.72 25.66 -0.15
CA TRP C 291 4.40 26.50 1.00
C TRP C 291 4.83 27.94 0.75
N ALA C 292 6.03 28.14 0.18
CA ALA C 292 6.50 29.49 -0.06
C ALA C 292 5.64 30.21 -1.10
N GLU C 293 5.25 29.50 -2.16
CA GLU C 293 4.37 30.12 -3.15
C GLU C 293 3.02 30.48 -2.57
N LYS C 294 2.47 29.60 -1.72
CA LYS C 294 1.20 29.90 -1.07
C LYS C 294 1.33 31.12 -0.18
N ALA C 295 2.44 31.23 0.56
CA ALA C 295 2.64 32.41 1.41
C ALA C 295 2.77 33.68 0.59
N ILE C 296 3.49 33.61 -0.53
CA ILE C 296 3.64 34.79 -1.39
C ILE C 296 2.29 35.21 -1.96
N SER C 297 1.48 34.24 -2.39
CA SER C 297 0.16 34.56 -2.89
C SER C 297 -0.71 35.18 -1.80
N LYS C 298 -0.62 34.66 -0.58
CA LYS C 298 -1.38 35.23 0.53
C LYS C 298 -0.97 36.68 0.77
N ALA C 299 0.33 36.96 0.75
CA ALA C 299 0.79 38.32 0.99
C ALA C 299 0.34 39.26 -0.12
N ILE C 300 0.41 38.81 -1.37
CA ILE C 300 0.14 39.70 -2.49
C ILE C 300 -1.36 39.92 -2.66
N LEU C 301 -2.11 38.85 -2.91
CA LEU C 301 -3.53 39.00 -3.19
C LEU C 301 -4.36 38.95 -1.91
N GLY C 302 -4.09 38.00 -1.04
CA GLY C 302 -4.87 37.78 0.17
C GLY C 302 -5.34 36.35 0.33
N GLY C 303 -5.37 35.59 -0.75
CA GLY C 303 -5.77 34.20 -0.70
C GLY C 303 -5.50 33.48 -2.00
N THR C 304 -4.90 32.30 -1.91
CA THR C 304 -4.58 31.53 -3.10
C THR C 304 -5.79 30.73 -3.57
N ASP C 322 -12.96 35.51 -3.42
CA ASP C 322 -12.74 36.58 -4.39
C ASP C 322 -13.09 37.94 -3.79
N GLU C 323 -13.70 37.91 -2.61
CA GLU C 323 -14.02 39.15 -1.91
C GLU C 323 -12.76 39.85 -1.41
N VAL C 324 -11.77 39.07 -0.96
CA VAL C 324 -10.55 39.65 -0.40
C VAL C 324 -9.79 40.44 -1.47
N ARG C 325 -9.70 39.88 -2.68
CA ARG C 325 -9.04 40.60 -3.76
C ARG C 325 -9.78 41.90 -4.09
N ARG C 326 -11.11 41.86 -4.04
CA ARG C 326 -11.89 43.07 -4.28
C ARG C 326 -11.60 44.12 -3.21
N GLU C 327 -11.51 43.71 -1.95
CA GLU C 327 -11.20 44.67 -0.90
C GLU C 327 -9.80 45.24 -1.06
N ILE C 328 -8.83 44.40 -1.44
CA ILE C 328 -7.47 44.87 -1.68
C ILE C 328 -7.45 45.92 -2.78
N ARG C 329 -8.14 45.62 -3.88
CA ARG C 329 -8.21 46.55 -5.01
C ARG C 329 -8.85 47.86 -4.59
N ASN C 330 -9.97 47.79 -3.85
CA ASN C 330 -10.63 49.01 -3.42
C ASN C 330 -9.71 49.84 -2.52
N ALA C 331 -9.02 49.20 -1.59
CA ALA C 331 -8.17 49.94 -0.65
C ALA C 331 -7.01 50.63 -1.37
N ASP C 332 -6.26 49.88 -2.18
CA ASP C 332 -5.08 50.51 -2.78
C ASP C 332 -5.49 51.47 -3.89
N VAL C 333 -6.64 51.25 -4.54
CA VAL C 333 -7.16 52.22 -5.50
C VAL C 333 -7.56 53.50 -4.80
N GLY C 334 -8.18 53.40 -3.61
CA GLY C 334 -8.50 54.60 -2.86
C GLY C 334 -7.26 55.38 -2.44
N GLN C 335 -6.22 54.66 -2.02
CA GLN C 335 -4.97 55.34 -1.67
C GLN C 335 -4.37 56.03 -2.89
N LEU C 336 -4.39 55.37 -4.04
CA LEU C 336 -3.88 55.99 -5.26
C LEU C 336 -4.71 57.22 -5.64
N ALA C 337 -6.03 57.14 -5.46
CA ALA C 337 -6.87 58.29 -5.77
C ALA C 337 -6.57 59.46 -4.86
N ARG C 338 -6.33 59.19 -3.57
CA ARG C 338 -5.95 60.27 -2.66
C ARG C 338 -4.63 60.90 -3.08
N SER C 339 -3.66 60.07 -3.47
CA SER C 339 -2.37 60.60 -3.93
C SER C 339 -2.55 61.46 -5.18
N ILE C 340 -3.37 60.99 -6.13
CA ILE C 340 -3.60 61.74 -7.36
C ILE C 340 -4.26 63.08 -7.05
N ASN C 341 -5.27 63.07 -6.18
CA ASN C 341 -5.94 64.32 -5.81
C ASN C 341 -4.96 65.28 -5.16
N ARG C 342 -4.05 64.75 -4.33
CA ARG C 342 -3.04 65.61 -3.72
C ARG C 342 -2.10 66.22 -4.76
N ASP C 343 -1.70 65.43 -5.77
CA ASP C 343 -0.54 65.81 -6.56
C ASP C 343 -0.74 65.78 -8.08
N LEU C 344 -1.97 65.62 -8.57
CA LEU C 344 -2.19 65.68 -10.01
C LEU C 344 -3.43 66.46 -10.42
N ILE C 345 -4.21 66.96 -9.46
CA ILE C 345 -5.36 67.81 -9.75
C ILE C 345 -5.16 69.22 -9.22
N TYR C 346 -4.81 69.33 -7.94
CA TYR C 346 -4.48 70.63 -7.38
C TYR C 346 -3.33 71.33 -8.10
N PRO C 347 -2.22 70.66 -8.46
CA PRO C 347 -1.18 71.38 -9.22
C PRO C 347 -1.68 71.95 -10.54
N LEU C 348 -2.46 71.18 -11.29
CA LEU C 348 -3.00 71.68 -12.55
C LEU C 348 -3.93 72.86 -12.31
N LEU C 349 -4.80 72.76 -11.31
CA LEU C 349 -5.72 73.85 -11.01
C LEU C 349 -4.97 75.11 -10.60
N ALA C 350 -3.94 74.97 -9.78
CA ALA C 350 -3.21 76.13 -9.29
C ALA C 350 -2.39 76.78 -10.39
N LEU C 351 -1.74 75.97 -11.24
CA LEU C 351 -0.92 76.52 -12.30
C LEU C 351 -1.77 77.17 -13.40
N ASN C 352 -2.82 76.48 -13.85
CA ASN C 352 -3.63 77.02 -14.94
C ASN C 352 -4.41 78.26 -14.51
N SER C 353 -5.00 78.22 -13.32
CA SER C 353 -5.77 79.36 -12.84
C SER C 353 -4.85 80.40 -12.19
N ASP C 354 -5.38 81.60 -12.00
CA ASP C 354 -4.64 82.68 -11.38
C ASP C 354 -5.16 83.06 -10.00
N SER C 355 -6.45 82.84 -9.72
CA SER C 355 -7.01 83.14 -8.42
C SER C 355 -6.64 82.05 -7.42
N THR C 356 -6.79 82.38 -6.14
CA THR C 356 -6.48 81.45 -5.06
C THR C 356 -7.44 80.27 -5.12
N ILE C 357 -6.90 79.08 -5.42
CA ILE C 357 -7.73 77.89 -5.53
C ILE C 357 -8.28 77.53 -4.16
N ASP C 358 -9.58 77.27 -4.09
CA ASP C 358 -10.23 76.88 -2.85
C ASP C 358 -9.78 75.46 -2.48
N ILE C 359 -8.90 75.35 -1.49
CA ILE C 359 -8.37 74.05 -1.09
C ILE C 359 -9.47 73.17 -0.53
N ASN C 360 -10.44 73.76 0.17
CA ASN C 360 -11.54 72.97 0.74
C ASN C 360 -12.37 72.31 -0.36
N ARG C 361 -12.64 73.03 -1.45
CA ARG C 361 -13.49 72.54 -2.52
C ARG C 361 -12.69 72.50 -3.82
N LEU C 362 -12.20 71.33 -4.19
CA LEU C 362 -11.53 71.11 -5.46
C LEU C 362 -11.95 69.77 -6.03
N PRO C 363 -11.96 69.62 -7.36
CA PRO C 363 -12.36 68.35 -7.95
C PRO C 363 -11.45 67.21 -7.51
N GLY C 364 -12.06 66.04 -7.34
CA GLY C 364 -11.32 64.87 -6.90
C GLY C 364 -11.62 63.67 -7.77
N ILE C 365 -10.57 62.89 -8.06
CA ILE C 365 -10.74 61.71 -8.90
C ILE C 365 -11.46 60.63 -8.11
N VAL C 366 -12.39 59.94 -8.78
CA VAL C 366 -13.15 58.85 -8.19
C VAL C 366 -13.10 57.67 -9.13
N PHE C 367 -12.75 56.50 -8.58
CA PHE C 367 -12.73 55.27 -9.36
C PHE C 367 -14.06 54.54 -9.21
N ASP C 368 -14.54 53.98 -10.32
CA ASP C 368 -15.79 53.24 -10.34
C ASP C 368 -15.53 51.83 -9.80
N THR C 369 -15.41 51.74 -8.49
CA THR C 369 -15.12 50.49 -7.81
C THR C 369 -16.36 49.74 -7.38
N SER C 370 -17.55 50.23 -7.74
CA SER C 370 -18.78 49.55 -7.34
C SER C 370 -18.89 48.19 -7.99
N GLU C 371 -19.33 47.20 -7.22
CA GLU C 371 -19.51 45.86 -7.75
C GLU C 371 -20.60 45.84 -8.81
N ALA C 372 -20.37 45.07 -9.86
CA ALA C 372 -21.35 44.97 -10.94
C ALA C 372 -22.64 44.34 -10.43
N GLY C 373 -23.75 44.76 -11.02
CA GLY C 373 -25.06 44.28 -10.65
C GLY C 373 -25.57 43.26 -11.66
N ASP C 374 -26.02 42.12 -11.15
CA ASP C 374 -26.57 41.07 -12.00
C ASP C 374 -27.85 41.55 -12.67
N ILE C 375 -27.83 41.60 -14.01
CA ILE C 375 -28.92 42.23 -14.74
C ILE C 375 -30.22 41.44 -14.62
N THR C 376 -30.14 40.11 -14.56
CA THR C 376 -31.36 39.31 -14.54
C THR C 376 -32.12 39.50 -13.23
N ALA C 377 -31.41 39.45 -12.09
CA ALA C 377 -32.08 39.62 -10.81
C ALA C 377 -32.66 41.01 -10.68
N LEU C 378 -31.92 42.04 -11.08
CA LEU C 378 -32.46 43.39 -11.03
C LEU C 378 -33.67 43.53 -11.94
N SER C 379 -33.60 42.95 -13.15
CA SER C 379 -34.67 43.11 -14.12
C SER C 379 -35.94 42.39 -13.69
N ASP C 380 -35.83 41.26 -12.99
CA ASP C 380 -37.04 40.58 -12.53
C ASP C 380 -37.39 40.92 -11.09
N ALA C 381 -36.62 41.80 -10.44
CA ALA C 381 -36.95 42.24 -9.09
C ALA C 381 -37.52 43.66 -9.04
N ILE C 382 -36.87 44.60 -9.73
CA ILE C 382 -37.27 46.00 -9.64
C ILE C 382 -38.71 46.23 -10.10
N PRO C 383 -39.15 45.71 -11.27
CA PRO C 383 -40.51 45.98 -11.70
C PRO C 383 -41.51 45.41 -10.71
N LYS C 384 -41.06 44.51 -9.84
CA LYS C 384 -41.96 43.88 -8.84
C LYS C 384 -42.05 44.80 -7.63
N LEU C 385 -40.96 45.47 -7.31
CA LEU C 385 -40.95 46.40 -6.15
C LEU C 385 -41.42 47.76 -6.65
N ALA C 386 -41.10 48.11 -7.89
CA ALA C 386 -41.46 49.46 -8.37
C ALA C 386 -42.92 49.70 -8.05
N ALA C 387 -43.77 48.82 -8.53
CA ALA C 387 -45.17 49.00 -8.15
C ALA C 387 -45.19 49.22 -6.65
N GLY C 388 -45.59 50.41 -6.19
CA GLY C 388 -45.73 50.61 -4.73
C GLY C 388 -44.64 51.48 -4.15
N MET C 389 -43.44 51.36 -4.69
CA MET C 389 -42.29 52.10 -4.10
C MET C 389 -41.68 52.99 -5.18
N ARG C 390 -41.32 54.23 -4.82
CA ARG C 390 -40.69 55.17 -5.80
C ARG C 390 -39.19 54.87 -5.87
N ILE C 391 -38.78 53.93 -6.73
CA ILE C 391 -37.34 53.62 -6.90
C ILE C 391 -36.81 54.62 -7.91
N PRO C 392 -35.60 55.18 -7.76
CA PRO C 392 -35.14 56.21 -8.66
C PRO C 392 -34.45 55.60 -9.84
N VAL C 393 -34.71 56.13 -11.03
CA VAL C 393 -34.12 55.50 -12.25
C VAL C 393 -32.61 55.60 -12.07
N SER C 394 -32.15 56.72 -11.54
CA SER C 394 -30.68 56.94 -11.40
C SER C 394 -30.06 55.73 -10.72
N TRP C 395 -30.47 55.42 -9.50
CA TRP C 395 -29.84 54.30 -8.78
C TRP C 395 -29.78 53.15 -9.74
N ILE C 396 -30.87 52.90 -10.45
CA ILE C 396 -30.78 51.72 -11.30
C ILE C 396 -29.81 51.97 -12.46
N GLN C 397 -29.77 53.20 -12.96
CA GLN C 397 -28.88 53.51 -14.08
C GLN C 397 -27.41 53.30 -13.73
N GLU C 398 -27.07 53.33 -12.44
CA GLU C 398 -25.69 53.10 -12.03
C GLU C 398 -25.23 51.71 -12.44
N LYS C 399 -26.08 50.70 -12.27
CA LYS C 399 -25.76 49.36 -12.73
C LYS C 399 -25.79 49.34 -14.25
N LEU C 400 -24.62 49.08 -14.86
CA LEU C 400 -24.45 49.14 -16.31
C LEU C 400 -24.82 50.53 -16.78
N HIS C 401 -25.84 50.70 -17.61
CA HIS C 401 -26.26 52.03 -18.04
C HIS C 401 -27.60 52.41 -17.42
N GLY D 2 7.08 72.25 -45.57
CA GLY D 2 7.97 71.13 -45.77
C GLY D 2 8.67 70.69 -44.50
N ARG D 3 8.86 71.63 -43.58
CA ARG D 3 9.48 71.35 -42.29
C ARG D 3 8.43 70.79 -41.36
N ILE D 4 8.21 69.48 -41.47
CA ILE D 4 7.17 68.82 -40.69
C ILE D 4 7.62 68.71 -39.25
N LEU D 5 6.71 68.99 -38.33
CA LEU D 5 6.97 68.85 -36.90
C LEU D 5 6.48 67.49 -36.40
N ASP D 6 7.26 66.91 -35.49
CA ASP D 6 6.90 65.63 -34.90
C ASP D 6 5.90 65.85 -33.76
N ILE D 7 5.61 64.78 -33.01
CA ILE D 7 4.66 64.89 -31.91
C ILE D 7 5.19 65.81 -30.82
N SER D 8 6.51 65.88 -30.65
CA SER D 8 7.12 66.68 -29.59
C SER D 8 7.39 68.12 -30.02
N GLY D 9 6.93 68.52 -31.20
CA GLY D 9 7.08 69.90 -31.65
C GLY D 9 8.50 70.33 -31.94
N GLN D 10 9.31 69.44 -32.52
CA GLN D 10 10.65 69.81 -32.99
C GLN D 10 10.68 69.71 -34.51
N PRO D 11 10.82 70.82 -35.23
CA PRO D 11 10.81 70.76 -36.69
C PRO D 11 12.02 69.99 -37.22
N PHE D 12 11.83 69.34 -38.35
CA PHE D 12 12.88 68.55 -38.98
C PHE D 12 12.53 68.37 -40.45
N ASP D 13 13.42 67.72 -41.20
CA ASP D 13 13.20 67.39 -42.59
C ASP D 13 12.99 65.89 -42.72
N PHE D 14 11.88 65.50 -43.35
CA PHE D 14 11.54 64.10 -43.51
C PHE D 14 12.16 63.54 -44.78
N ASP D 15 12.77 62.35 -44.67
CA ASP D 15 13.47 61.73 -45.77
C ASP D 15 12.85 60.37 -46.08
N ASP D 16 12.64 60.10 -47.38
CA ASP D 16 12.04 58.84 -47.79
C ASP D 16 13.00 57.67 -47.67
N GLU D 17 14.30 57.92 -47.66
CA GLU D 17 15.27 56.83 -47.56
C GLU D 17 15.18 56.13 -46.21
N MET D 18 15.21 54.81 -46.24
CA MET D 18 15.21 54.03 -45.01
C MET D 18 16.54 54.22 -44.28
N GLN D 19 16.49 54.31 -42.96
CA GLN D 19 17.68 54.64 -42.20
C GLN D 19 18.74 53.55 -42.32
N SER D 20 18.32 52.29 -42.34
CA SER D 20 19.29 51.20 -42.50
C SER D 20 19.99 51.28 -43.85
N ARG D 21 19.24 51.57 -44.91
CA ARG D 21 19.81 51.64 -46.26
C ARG D 21 20.42 53.03 -46.47
N SER D 22 21.46 53.33 -45.70
CA SER D 22 22.12 54.63 -45.75
C SER D 22 23.58 54.51 -46.19
N ASP D 23 24.01 53.34 -46.63
CA ASP D 23 25.35 53.12 -47.17
C ASP D 23 26.43 53.32 -46.11
N GLU D 24 26.02 53.58 -44.87
CA GLU D 24 26.97 53.72 -43.77
C GLU D 24 26.77 52.63 -42.72
N LEU D 25 25.58 52.03 -42.65
CA LEU D 25 25.29 50.99 -41.68
C LEU D 25 25.09 49.64 -42.35
N ALA D 26 25.80 49.43 -43.46
CA ALA D 26 25.71 48.16 -44.19
C ALA D 26 26.40 47.02 -43.46
N MET D 27 27.45 47.31 -42.69
CA MET D 27 28.20 46.28 -41.99
C MET D 27 27.79 46.14 -40.52
N VAL D 28 26.78 46.87 -40.07
CA VAL D 28 26.28 46.73 -38.71
C VAL D 28 24.82 46.32 -38.66
N MET D 29 24.11 46.35 -39.79
CA MET D 29 22.75 45.83 -39.86
C MET D 29 22.70 44.36 -40.25
N LYS D 30 23.85 43.75 -40.55
CA LYS D 30 23.94 42.36 -40.95
C LYS D 30 24.81 41.63 -39.93
N ARG D 31 24.16 41.05 -38.92
CA ARG D 31 24.84 40.35 -37.85
C ARG D 31 24.38 38.90 -37.80
N THR D 32 25.33 37.99 -37.72
CA THR D 32 24.99 36.58 -37.57
C THR D 32 24.82 36.27 -36.08
N GLN D 33 23.68 35.65 -35.75
CA GLN D 33 23.25 35.59 -34.37
C GLN D 33 24.21 34.75 -33.52
N GLU D 34 24.31 35.14 -32.24
CA GLU D 34 25.25 34.51 -31.33
C GLU D 34 24.76 33.15 -30.84
N HIS D 35 23.45 32.97 -30.69
CA HIS D 35 22.87 31.80 -30.04
C HIS D 35 23.53 31.60 -28.68
N PRO D 36 23.25 32.46 -27.71
CA PRO D 36 23.92 32.38 -26.41
C PRO D 36 23.36 31.33 -25.49
N SER D 37 22.23 30.72 -25.83
CA SER D 37 21.54 29.77 -24.97
C SER D 37 22.11 28.35 -25.09
N SER D 38 23.32 28.21 -25.62
CA SER D 38 24.00 26.92 -25.68
C SER D 38 24.90 26.82 -24.45
N GLY D 39 24.56 25.91 -23.55
CA GLY D 39 25.34 25.73 -22.34
C GLY D 39 25.29 26.91 -21.39
N VAL D 40 24.11 27.47 -21.15
CA VAL D 40 23.99 28.61 -20.25
C VAL D 40 24.16 28.16 -18.80
N THR D 41 24.98 28.89 -18.06
CA THR D 41 25.11 28.76 -16.63
C THR D 41 24.48 29.97 -15.95
N PRO D 42 23.74 29.77 -14.86
CA PRO D 42 23.09 30.91 -14.18
C PRO D 42 23.99 32.12 -13.97
N ASN D 43 25.28 31.90 -13.71
CA ASN D 43 26.20 33.02 -13.60
C ASN D 43 26.25 33.82 -14.90
N ARG D 44 26.38 33.11 -16.03
CA ARG D 44 26.46 33.78 -17.32
C ARG D 44 25.13 34.41 -17.72
N ALA D 45 24.01 33.77 -17.35
CA ALA D 45 22.71 34.40 -17.59
C ALA D 45 22.58 35.69 -16.81
N ALA D 46 23.00 35.69 -15.54
CA ALA D 46 23.00 36.93 -14.77
C ALA D 46 23.91 37.98 -15.42
N GLN D 47 25.05 37.54 -15.95
CA GLN D 47 25.98 38.49 -16.57
C GLN D 47 25.35 39.15 -17.80
N MET D 48 24.69 38.37 -18.65
CA MET D 48 24.07 38.97 -19.83
C MET D 48 22.86 39.83 -19.44
N LEU D 49 22.12 39.44 -18.41
CA LEU D 49 21.03 40.29 -17.93
C LEU D 49 21.55 41.63 -17.42
N ARG D 50 22.67 41.61 -16.70
CA ARG D 50 23.25 42.86 -16.20
C ARG D 50 23.81 43.71 -17.34
N ASP D 51 24.37 43.06 -18.36
CA ASP D 51 24.83 43.80 -19.53
C ASP D 51 23.67 44.48 -20.24
N ALA D 52 22.55 43.77 -20.35
CA ALA D 52 21.35 44.38 -20.93
C ALA D 52 20.84 45.53 -20.07
N GLU D 53 20.86 45.36 -18.76
CA GLU D 53 20.43 46.44 -17.86
C GLU D 53 21.31 47.68 -18.04
N ARG D 54 22.62 47.47 -18.20
CA ARG D 54 23.51 48.61 -18.40
C ARG D 54 23.30 49.29 -19.75
N GLY D 55 22.74 48.60 -20.74
CA GLY D 55 22.46 49.23 -22.01
C GLY D 55 22.67 48.40 -23.26
N ASP D 56 23.55 47.40 -23.19
CA ASP D 56 23.85 46.54 -24.34
C ASP D 56 22.82 45.42 -24.41
N LEU D 57 21.78 45.63 -25.22
CA LEU D 57 20.62 44.75 -25.28
C LEU D 57 20.78 43.58 -26.24
N THR D 58 21.94 43.45 -26.90
CA THR D 58 22.09 42.42 -27.93
C THR D 58 21.99 41.01 -27.33
N ALA D 59 22.74 40.76 -26.26
CA ALA D 59 22.77 39.42 -25.69
C ALA D 59 21.40 39.03 -25.16
N GLN D 60 20.70 39.97 -24.52
CA GLN D 60 19.37 39.69 -24.02
C GLN D 60 18.41 39.34 -25.15
N ALA D 61 18.50 40.06 -26.28
CA ALA D 61 17.59 39.77 -27.38
C ALA D 61 17.88 38.41 -28.00
N ASP D 62 19.15 38.06 -28.17
CA ASP D 62 19.46 36.74 -28.69
C ASP D 62 19.01 35.65 -27.73
N LEU D 63 19.19 35.87 -26.42
CA LEU D 63 18.76 34.88 -25.44
C LEU D 63 17.23 34.72 -25.48
N ALA D 64 16.51 35.82 -25.61
CA ALA D 64 15.05 35.76 -25.72
C ALA D 64 14.62 35.01 -26.97
N PHE D 65 15.30 35.23 -28.09
CA PHE D 65 14.97 34.52 -29.32
C PHE D 65 15.19 33.02 -29.16
N ASP D 66 16.31 32.63 -28.56
CA ASP D 66 16.57 31.22 -28.32
C ASP D 66 15.54 30.62 -27.37
N MET D 67 15.14 31.38 -26.35
CA MET D 67 14.13 30.88 -25.42
C MET D 67 12.79 30.70 -26.13
N GLU D 68 12.49 31.58 -27.09
CA GLU D 68 11.24 31.46 -27.82
C GLU D 68 11.23 30.24 -28.71
N GLU D 69 12.34 29.98 -29.42
CA GLU D 69 12.36 28.86 -30.35
C GLU D 69 12.69 27.52 -29.70
N LYS D 70 13.28 27.51 -28.51
CA LYS D 70 13.74 26.26 -27.90
C LYS D 70 12.69 25.65 -26.97
N ASP D 71 12.24 26.41 -25.98
CA ASP D 71 11.31 25.89 -24.98
C ASP D 71 9.92 25.82 -25.59
N THR D 72 9.44 24.60 -25.85
CA THR D 72 8.17 24.43 -26.55
C THR D 72 7.00 24.99 -25.77
N HIS D 73 6.96 24.73 -24.47
CA HIS D 73 5.88 25.27 -23.65
C HIS D 73 5.89 26.79 -23.65
N LEU D 74 7.09 27.38 -23.56
CA LEU D 74 7.20 28.83 -23.62
C LEU D 74 6.66 29.38 -24.93
N PHE D 75 6.99 28.72 -26.05
CA PHE D 75 6.51 29.19 -27.34
C PHE D 75 5.00 29.05 -27.45
N SER D 76 4.46 27.93 -26.96
CA SER D 76 3.01 27.75 -27.02
C SER D 76 2.30 28.83 -26.22
N GLU D 77 2.79 29.12 -25.01
CA GLU D 77 2.16 30.17 -24.20
C GLU D 77 2.32 31.54 -24.84
N LEU D 78 3.49 31.83 -25.40
CA LEU D 78 3.71 33.12 -26.01
C LEU D 78 2.82 33.33 -27.23
N SER D 79 2.66 32.29 -28.05
CA SER D 79 1.77 32.40 -29.20
C SER D 79 0.32 32.51 -28.76
N LYS D 80 -0.06 31.78 -27.70
CA LYS D 80 -1.40 31.90 -27.16
C LYS D 80 -1.69 33.33 -26.71
N ARG D 81 -0.70 33.99 -26.10
CA ARG D 81 -0.91 35.37 -25.67
C ARG D 81 -0.92 36.33 -26.84
N ARG D 82 -0.02 36.12 -27.82
CA ARG D 82 0.11 37.07 -28.92
C ARG D 82 -1.07 37.00 -29.88
N LEU D 83 -1.70 35.83 -30.01
CA LEU D 83 -2.83 35.72 -30.92
C LEU D 83 -4.11 36.29 -30.30
N ALA D 84 -4.11 36.51 -28.99
CA ALA D 84 -5.25 37.19 -28.37
C ALA D 84 -5.40 38.61 -28.90
N ILE D 85 -4.28 39.30 -29.08
CA ILE D 85 -4.29 40.69 -29.54
C ILE D 85 -4.82 40.77 -30.95
N GLN D 86 -4.36 39.86 -31.83
CA GLN D 86 -4.75 39.91 -33.22
C GLN D 86 -6.23 39.60 -33.41
N ALA D 87 -6.85 38.91 -32.45
CA ALA D 87 -8.26 38.56 -32.58
C ALA D 87 -9.17 39.76 -32.35
N LEU D 88 -8.72 40.75 -31.58
CA LEU D 88 -9.55 41.90 -31.26
C LEU D 88 -9.82 42.74 -32.50
N GLU D 89 -11.08 43.11 -32.69
CA GLU D 89 -11.44 44.03 -33.76
C GLU D 89 -11.22 45.47 -33.30
N TRP D 90 -10.86 46.33 -34.25
CA TRP D 90 -10.50 47.69 -33.94
C TRP D 90 -11.09 48.65 -34.95
N ARG D 91 -11.11 49.93 -34.59
CA ARG D 91 -11.61 50.99 -35.44
C ARG D 91 -10.91 52.28 -35.06
N ILE D 92 -10.77 53.18 -36.03
CA ILE D 92 -10.11 54.47 -35.79
C ILE D 92 -11.20 55.44 -35.34
N ALA D 93 -11.47 55.42 -34.05
CA ALA D 93 -12.45 56.33 -33.48
C ALA D 93 -11.91 57.75 -33.50
N PRO D 94 -12.70 58.72 -33.99
CA PRO D 94 -12.22 60.10 -34.05
C PRO D 94 -12.03 60.69 -32.65
N ALA D 95 -11.45 61.88 -32.62
CA ALA D 95 -11.28 62.59 -31.37
C ALA D 95 -12.63 62.93 -30.77
N ARG D 96 -12.65 63.08 -29.45
CA ARG D 96 -13.88 63.39 -28.74
C ARG D 96 -14.47 64.71 -29.24
N ASP D 97 -15.80 64.73 -29.38
CA ASP D 97 -16.53 65.86 -29.95
C ASP D 97 -15.96 66.24 -31.32
N ALA D 98 -15.79 65.23 -32.16
CA ALA D 98 -15.21 65.43 -33.48
C ALA D 98 -16.10 66.31 -34.35
N SER D 99 -15.49 67.16 -35.15
CA SER D 99 -16.21 67.99 -36.10
C SER D 99 -16.48 67.18 -37.36
N ALA D 100 -16.88 67.85 -38.44
CA ALA D 100 -17.10 67.14 -39.71
C ALA D 100 -15.79 66.62 -40.27
N GLN D 101 -14.82 67.53 -40.48
CA GLN D 101 -13.58 67.15 -41.14
C GLN D 101 -12.80 66.12 -40.33
N GLU D 102 -12.78 66.28 -39.00
CA GLU D 102 -12.07 65.32 -38.16
C GLU D 102 -12.68 63.93 -38.27
N LYS D 103 -14.01 63.84 -38.24
CA LYS D 103 -14.68 62.55 -38.38
C LYS D 103 -14.41 61.95 -39.76
N LYS D 104 -14.43 62.78 -40.81
CA LYS D 104 -14.18 62.27 -42.14
C LYS D 104 -12.75 61.74 -42.28
N ASP D 105 -11.78 62.46 -41.74
CA ASP D 105 -10.39 62.00 -41.77
C ASP D 105 -10.22 60.71 -40.96
N ALA D 106 -10.87 60.63 -39.80
CA ALA D 106 -10.78 59.42 -38.99
C ALA D 106 -11.37 58.22 -39.74
N ASP D 107 -12.52 58.42 -40.39
CA ASP D 107 -13.11 57.34 -41.19
C ASP D 107 -12.22 56.96 -42.36
N MET D 108 -11.60 57.95 -43.00
CA MET D 108 -10.68 57.66 -44.10
C MET D 108 -9.52 56.80 -43.63
N LEU D 109 -8.92 57.15 -42.48
CA LEU D 109 -7.86 56.34 -41.91
C LEU D 109 -8.37 54.94 -41.58
N ASN D 110 -9.56 54.85 -41.00
CA ASN D 110 -10.14 53.55 -40.66
C ASN D 110 -10.24 52.65 -41.89
N GLU D 111 -10.82 53.17 -42.97
CA GLU D 111 -10.99 52.36 -44.17
C GLU D 111 -9.65 52.01 -44.78
N TYR D 112 -8.71 52.96 -44.83
CA TYR D 112 -7.41 52.67 -45.41
C TYR D 112 -6.68 51.58 -44.63
N LEU D 113 -6.69 51.69 -43.30
CA LEU D 113 -5.97 50.70 -42.49
C LEU D 113 -6.64 49.34 -42.53
N HIS D 114 -7.98 49.29 -42.60
CA HIS D 114 -8.64 48.01 -42.79
C HIS D 114 -8.43 47.46 -44.20
N ASP D 115 -8.03 48.30 -45.14
CA ASP D 115 -7.72 47.87 -46.50
C ASP D 115 -6.23 47.99 -46.84
N ALA D 116 -5.36 47.84 -45.84
CA ALA D 116 -3.92 47.80 -46.08
C ALA D 116 -3.35 46.50 -45.55
N ALA D 117 -2.57 45.81 -46.38
CA ALA D 117 -2.10 44.48 -46.02
C ALA D 117 -0.98 44.53 -44.99
N TRP D 118 -0.30 45.66 -44.85
CA TRP D 118 0.85 45.74 -43.97
C TRP D 118 0.49 46.07 -42.53
N PHE D 119 -0.79 46.31 -42.24
CA PHE D 119 -1.15 46.61 -40.85
C PHE D 119 -1.20 45.35 -40.00
N GLU D 120 -1.74 44.26 -40.55
CA GLU D 120 -1.80 43.01 -39.80
C GLU D 120 -0.40 42.52 -39.47
N ASP D 121 0.54 42.66 -40.42
CA ASP D 121 1.93 42.35 -40.14
C ASP D 121 2.49 43.25 -39.04
N ALA D 122 2.11 44.53 -39.06
CA ALA D 122 2.56 45.46 -38.03
C ALA D 122 2.10 45.00 -36.65
N LEU D 123 0.84 44.60 -36.54
CA LEU D 123 0.30 44.17 -35.25
C LEU D 123 0.90 42.84 -34.81
N PHE D 124 1.14 41.92 -35.75
CA PHE D 124 1.73 40.65 -35.39
C PHE D 124 3.19 40.82 -34.94
N ASP D 125 3.94 41.69 -35.61
CA ASP D 125 5.34 41.90 -35.25
C ASP D 125 5.47 42.75 -33.99
N ALA D 126 4.51 43.65 -33.73
CA ALA D 126 4.56 44.44 -32.51
C ALA D 126 4.40 43.57 -31.27
N GLY D 127 3.84 42.37 -31.41
CA GLY D 127 3.74 41.46 -30.30
C GLY D 127 5.06 40.85 -29.88
N ASP D 128 6.13 41.06 -30.66
CA ASP D 128 7.44 40.58 -30.26
C ASP D 128 7.95 41.27 -29.00
N ALA D 129 7.50 42.50 -28.75
CA ALA D 129 7.95 43.23 -27.57
C ALA D 129 7.51 42.59 -26.27
N ILE D 130 6.58 41.63 -26.33
CA ILE D 130 6.11 40.96 -25.12
C ILE D 130 7.27 40.25 -24.41
N LEU D 131 8.11 39.58 -25.19
CA LEU D 131 9.17 38.75 -24.62
C LEU D 131 10.53 39.45 -24.62
N LYS D 132 10.89 40.12 -25.71
CA LYS D 132 12.19 40.77 -25.80
C LYS D 132 12.22 42.11 -25.07
N GLY D 133 11.11 42.84 -25.09
CA GLY D 133 11.02 44.13 -24.43
C GLY D 133 10.68 45.28 -25.35
N TYR D 134 10.94 45.16 -26.64
CA TYR D 134 10.79 46.27 -27.58
C TYR D 134 10.72 45.70 -28.99
N SER D 135 9.69 46.07 -29.73
CA SER D 135 9.52 45.65 -31.12
C SER D 135 9.73 46.86 -32.02
N MET D 136 10.77 46.81 -32.83
CA MET D 136 11.14 47.93 -33.70
C MET D 136 10.96 47.53 -35.15
N GLN D 137 10.20 48.32 -35.90
CA GLN D 137 9.91 48.05 -37.29
C GLN D 137 10.16 49.31 -38.10
N GLU D 138 10.87 49.18 -39.22
CA GLU D 138 11.08 50.32 -40.09
C GLU D 138 9.86 50.56 -40.97
N ILE D 139 9.77 51.77 -41.49
CA ILE D 139 8.67 52.18 -42.35
C ILE D 139 9.25 52.59 -43.68
N GLU D 140 8.96 51.82 -44.73
CA GLU D 140 9.38 52.15 -46.09
C GLU D 140 8.28 53.00 -46.71
N TRP D 141 8.46 54.31 -46.66
CA TRP D 141 7.43 55.23 -47.15
C TRP D 141 7.28 55.13 -48.66
N GLY D 142 6.03 55.19 -49.13
CA GLY D 142 5.75 55.09 -50.54
C GLY D 142 4.64 56.03 -50.95
N TRP D 143 4.53 56.25 -52.26
CA TRP D 143 3.55 57.16 -52.83
C TRP D 143 2.37 56.33 -53.33
N LEU D 144 1.23 56.47 -52.65
CA LEU D 144 -0.01 55.82 -53.06
C LEU D 144 -0.95 56.91 -53.56
N GLY D 145 -1.01 57.09 -54.88
CA GLY D 145 -1.80 58.14 -55.46
C GLY D 145 -1.34 59.51 -55.01
N LYS D 146 -2.14 60.16 -54.18
CA LYS D 146 -1.78 61.45 -53.57
C LYS D 146 -1.77 61.32 -52.06
N MET D 147 -1.22 60.22 -51.55
CA MET D 147 -1.09 60.00 -50.11
C MET D 147 0.25 59.32 -49.85
N ARG D 148 1.05 59.92 -48.99
CA ARG D 148 2.36 59.37 -48.64
C ARG D 148 2.17 58.43 -47.46
N VAL D 149 1.98 57.15 -47.76
CA VAL D 149 1.65 56.15 -46.75
C VAL D 149 2.65 54.99 -46.84
N PRO D 150 2.87 54.25 -45.75
CA PRO D 150 3.82 53.14 -45.80
C PRO D 150 3.37 52.06 -46.77
N VAL D 151 4.34 51.41 -47.40
CA VAL D 151 4.08 50.29 -48.29
C VAL D 151 4.62 48.97 -47.74
N ALA D 152 5.50 49.01 -46.74
CA ALA D 152 6.04 47.79 -46.15
C ALA D 152 6.68 48.14 -44.82
N LEU D 153 6.47 47.28 -43.82
CA LEU D 153 7.04 47.46 -42.49
C LEU D 153 7.95 46.26 -42.21
N HIS D 154 9.26 46.49 -42.31
CA HIS D 154 10.24 45.45 -42.07
C HIS D 154 10.59 45.39 -40.59
N HIS D 155 10.57 44.20 -40.02
CA HIS D 155 10.90 43.99 -38.61
C HIS D 155 12.39 43.74 -38.48
N ARG D 156 13.12 44.78 -38.08
CA ARG D 156 14.56 44.65 -37.89
C ARG D 156 14.86 43.84 -36.64
N ASP D 157 16.03 43.22 -36.61
CA ASP D 157 16.40 42.39 -35.48
C ASP D 157 16.57 43.26 -34.23
N PRO D 158 15.98 42.89 -33.10
CA PRO D 158 16.08 43.74 -31.90
C PRO D 158 17.49 43.90 -31.37
N ALA D 159 18.42 43.02 -31.75
CA ALA D 159 19.80 43.15 -31.27
C ALA D 159 20.53 44.34 -31.87
N LEU D 160 20.01 44.93 -32.94
CA LEU D 160 20.66 46.07 -33.57
C LEU D 160 20.51 47.36 -32.78
N PHE D 161 19.68 47.39 -31.75
CA PHE D 161 19.37 48.61 -31.02
C PHE D 161 19.95 48.53 -29.62
N CYS D 162 20.72 49.55 -29.26
CA CYS D 162 21.27 49.66 -27.91
C CYS D 162 20.71 50.92 -27.27
N ALA D 163 20.25 50.79 -26.03
CA ALA D 163 19.72 51.94 -25.31
C ALA D 163 20.82 52.95 -25.06
N ASN D 164 20.45 54.22 -25.07
CA ASN D 164 21.42 55.28 -24.81
C ASN D 164 21.96 55.13 -23.40
N PRO D 165 23.29 55.25 -23.19
CA PRO D 165 23.82 55.22 -21.83
C PRO D 165 23.29 56.34 -20.96
N ASP D 166 22.79 57.41 -21.56
CA ASP D 166 22.15 58.50 -20.82
C ASP D 166 20.64 58.46 -21.05
N ASN D 167 19.89 58.60 -19.95
CA ASN D 167 18.43 58.63 -19.91
C ASN D 167 17.84 57.24 -20.15
N LEU D 168 18.66 56.30 -20.64
CA LEU D 168 18.42 54.86 -20.54
C LEU D 168 17.03 54.43 -20.99
N ASN D 169 16.30 55.29 -21.70
CA ASN D 169 14.96 54.97 -22.17
C ASN D 169 14.73 55.28 -23.63
N GLU D 170 15.73 55.79 -24.33
CA GLU D 170 15.63 56.10 -25.75
C GLU D 170 16.41 55.04 -26.53
N LEU D 171 15.68 54.23 -27.30
CA LEU D 171 16.31 53.23 -28.14
C LEU D 171 17.05 53.92 -29.28
N ARG D 172 18.33 53.61 -29.45
CA ARG D 172 19.14 54.21 -30.49
C ARG D 172 19.78 53.11 -31.32
N LEU D 173 19.68 53.24 -32.64
CA LEU D 173 20.27 52.27 -33.54
C LEU D 173 21.79 52.24 -33.36
N ARG D 174 22.33 51.03 -33.22
CA ARG D 174 23.75 50.87 -32.94
C ARG D 174 24.57 51.27 -34.16
N ASP D 175 25.58 52.10 -33.95
CA ASP D 175 26.45 52.56 -35.02
C ASP D 175 27.91 52.53 -34.57
N ALA D 176 28.25 51.56 -33.71
CA ALA D 176 29.60 51.41 -33.18
C ALA D 176 30.07 52.70 -32.51
N SER D 177 29.15 53.36 -31.80
CA SER D 177 29.45 54.61 -31.11
C SER D 177 28.99 54.51 -29.67
N TYR D 178 29.59 55.34 -28.82
CA TYR D 178 29.25 55.34 -27.40
C TYR D 178 27.80 55.76 -27.20
N HIS D 179 27.40 56.89 -27.77
CA HIS D 179 26.01 57.32 -27.67
C HIS D 179 25.11 56.49 -28.58
N GLY D 180 25.57 56.20 -29.79
CA GLY D 180 24.75 55.45 -30.72
C GLY D 180 23.90 56.36 -31.59
N LEU D 181 23.66 55.90 -32.82
CA LEU D 181 22.85 56.67 -33.76
C LEU D 181 21.39 56.67 -33.32
N GLU D 182 20.79 57.85 -33.24
CA GLU D 182 19.39 57.96 -32.89
C GLU D 182 18.52 57.49 -34.05
N LEU D 183 17.24 57.27 -33.74
CA LEU D 183 16.30 56.81 -34.77
C LEU D 183 15.91 57.97 -35.67
N GLN D 184 15.88 57.70 -36.96
CA GLN D 184 15.39 58.70 -37.92
C GLN D 184 13.91 58.94 -37.69
N PRO D 185 13.49 60.19 -37.59
CA PRO D 185 12.08 60.47 -37.27
C PRO D 185 11.15 60.01 -38.37
N PHE D 186 9.95 59.60 -37.97
CA PHE D 186 8.90 59.16 -38.89
C PHE D 186 9.33 57.96 -39.73
N GLY D 187 10.29 57.18 -39.23
CA GLY D 187 10.76 56.03 -39.96
C GLY D 187 11.09 54.83 -39.10
N TRP D 188 10.48 54.74 -37.92
CA TRP D 188 10.80 53.66 -36.99
C TRP D 188 9.59 53.43 -36.09
N PHE D 189 8.79 52.42 -36.40
CA PHE D 189 7.64 52.06 -35.59
C PHE D 189 8.13 51.31 -34.35
N MET D 190 8.12 51.99 -33.21
CA MET D 190 8.63 51.43 -31.96
C MET D 190 7.47 51.18 -31.01
N HIS D 191 7.38 49.96 -30.49
CA HIS D 191 6.34 49.57 -29.53
C HIS D 191 7.03 48.98 -28.31
N ARG D 192 7.09 49.75 -27.23
CA ARG D 192 7.73 49.31 -25.99
C ARG D 192 6.65 48.79 -25.06
N ALA D 193 6.52 47.47 -24.97
CA ALA D 193 5.51 46.84 -24.12
C ALA D 193 6.10 46.63 -22.74
N LYS D 194 5.75 47.51 -21.81
CA LYS D 194 6.28 47.45 -20.45
C LYS D 194 5.33 46.61 -19.59
N SER D 195 5.69 45.35 -19.38
CA SER D 195 4.96 44.52 -18.44
C SER D 195 5.33 44.87 -17.01
N ARG D 196 6.57 45.28 -16.78
CA ARG D 196 7.08 45.65 -15.48
C ARG D 196 7.67 47.05 -15.57
N THR D 197 7.36 47.89 -14.58
CA THR D 197 7.87 49.25 -14.60
C THR D 197 9.40 49.26 -14.53
N GLY D 198 10.01 50.20 -15.23
CA GLY D 198 11.45 50.27 -15.29
C GLY D 198 11.90 50.81 -16.63
N TYR D 199 13.15 50.48 -16.98
CA TYR D 199 13.78 50.98 -18.19
C TYR D 199 13.44 50.07 -19.38
N VAL D 200 13.98 50.42 -20.54
CA VAL D 200 13.60 49.72 -21.77
C VAL D 200 14.13 48.29 -21.78
N GLY D 201 15.34 48.08 -21.25
CA GLY D 201 15.89 46.73 -21.23
C GLY D 201 15.25 45.85 -20.18
N THR D 202 14.76 46.46 -19.09
CA THR D 202 14.26 45.68 -17.96
C THR D 202 12.88 45.10 -18.24
N ASN D 203 12.01 45.85 -18.90
CA ASN D 203 10.58 45.53 -18.91
C ASN D 203 10.24 44.30 -19.74
N GLY D 204 11.20 43.62 -20.36
CA GLY D 204 10.88 42.41 -21.08
C GLY D 204 10.61 41.24 -20.16
N LEU D 205 9.81 40.29 -20.65
CA LEU D 205 9.52 39.09 -19.87
C LEU D 205 10.66 38.09 -19.85
N VAL D 206 11.70 38.28 -20.68
CA VAL D 206 12.84 37.38 -20.64
C VAL D 206 13.56 37.46 -19.30
N ARG D 207 13.54 38.64 -18.65
CA ARG D 207 14.18 38.78 -17.35
C ARG D 207 13.58 37.84 -16.32
N THR D 208 12.25 37.74 -16.31
CA THR D 208 11.58 36.82 -15.38
C THR D 208 11.66 35.37 -15.83
N LEU D 209 11.57 35.12 -17.13
CA LEU D 209 11.41 33.77 -17.65
C LEU D 209 12.74 33.06 -17.90
N ILE D 210 13.88 33.74 -17.77
CA ILE D 210 15.14 33.08 -18.04
C ILE D 210 15.40 31.97 -17.03
N TRP D 211 15.01 32.18 -15.77
CA TRP D 211 15.32 31.19 -14.74
C TRP D 211 14.48 29.93 -14.89
N PRO D 212 13.14 29.98 -14.97
CA PRO D 212 12.38 28.75 -15.22
C PRO D 212 12.77 28.06 -16.50
N PHE D 213 13.11 28.83 -17.55
CA PHE D 213 13.58 28.22 -18.79
C PHE D 213 14.83 27.39 -18.54
N ILE D 214 15.82 27.96 -17.85
CA ILE D 214 17.05 27.24 -17.57
C ILE D 214 16.78 25.99 -16.76
N PHE D 215 15.98 26.12 -15.70
CA PHE D 215 15.71 24.97 -14.84
C PHE D 215 15.00 23.87 -15.61
N LYS D 216 13.95 24.21 -16.36
CA LYS D 216 13.20 23.20 -17.09
C LYS D 216 14.06 22.51 -18.13
N ASN D 217 14.85 23.27 -18.88
CA ASN D 217 15.62 22.64 -19.95
C ASN D 217 16.77 21.79 -19.41
N TYR D 218 17.42 22.25 -18.33
CA TYR D 218 18.45 21.43 -17.73
C TYR D 218 17.86 20.14 -17.16
N SER D 219 16.69 20.24 -16.52
CA SER D 219 16.03 19.03 -16.02
C SER D 219 15.66 18.09 -17.16
N VAL D 220 15.17 18.64 -18.27
CA VAL D 220 14.77 17.81 -19.39
C VAL D 220 15.97 17.09 -19.99
N ARG D 221 17.08 17.79 -20.19
CA ARG D 221 18.25 17.14 -20.74
C ARG D 221 18.81 16.09 -19.79
N ASP D 222 18.84 16.38 -18.49
CA ASP D 222 19.30 15.39 -17.53
C ASP D 222 18.40 14.16 -17.53
N PHE D 223 17.09 14.37 -17.64
CA PHE D 223 16.15 13.25 -17.68
C PHE D 223 16.37 12.41 -18.93
N ALA D 224 16.57 13.05 -20.08
CA ALA D 224 16.82 12.31 -21.31
C ALA D 224 18.11 11.49 -21.21
N GLU D 225 19.16 12.09 -20.65
CA GLU D 225 20.40 11.34 -20.49
C GLU D 225 20.23 10.20 -19.50
N PHE D 226 19.40 10.38 -18.49
CA PHE D 226 19.11 9.29 -17.55
C PHE D 226 18.39 8.15 -18.26
N LEU D 227 17.43 8.46 -19.12
CA LEU D 227 16.76 7.41 -19.88
C LEU D 227 17.69 6.77 -20.91
N GLU D 228 18.74 7.47 -21.32
CA GLU D 228 19.70 6.87 -22.24
C GLU D 228 20.36 5.65 -21.61
N ILE D 229 20.53 5.67 -20.29
CA ILE D 229 21.25 4.61 -19.60
C ILE D 229 20.36 3.70 -18.78
N TYR D 230 19.20 4.19 -18.33
CA TYR D 230 18.37 3.44 -17.38
C TYR D 230 17.85 2.15 -18.00
N GLY D 231 17.67 1.15 -17.14
CA GLY D 231 17.01 -0.13 -17.38
C GLY D 231 17.86 -1.10 -18.19
N LEU D 232 19.15 -0.87 -18.34
CA LEU D 232 20.03 -1.79 -19.07
C LEU D 232 21.34 -1.90 -18.31
N PRO D 233 21.51 -2.93 -17.48
CA PRO D 233 22.68 -3.01 -16.62
C PRO D 233 23.96 -3.16 -17.41
N MET D 234 25.04 -2.63 -16.82
CA MET D 234 26.36 -2.83 -17.41
C MET D 234 26.76 -4.30 -17.32
N ARG D 235 27.42 -4.78 -18.36
CA ARG D 235 27.76 -6.19 -18.53
C ARG D 235 29.27 -6.33 -18.46
N VAL D 236 29.80 -6.59 -17.27
CA VAL D 236 31.24 -6.70 -17.06
C VAL D 236 31.62 -8.17 -16.92
N GLY D 237 32.71 -8.55 -17.59
CA GLY D 237 33.28 -9.87 -17.46
C GLY D 237 34.65 -9.78 -16.82
N LYS D 238 34.90 -10.65 -15.85
CA LYS D 238 36.15 -10.64 -15.09
C LYS D 238 36.97 -11.86 -15.53
N TYR D 239 37.79 -11.67 -16.56
CA TYR D 239 38.66 -12.75 -17.01
C TYR D 239 39.77 -12.99 -15.98
N PRO D 240 40.13 -14.24 -15.71
CA PRO D 240 41.24 -14.48 -14.80
C PRO D 240 42.52 -13.89 -15.36
N THR D 241 43.35 -13.36 -14.46
CA THR D 241 44.61 -12.77 -14.88
C THR D 241 45.51 -13.85 -15.47
N GLY D 242 46.37 -13.43 -16.40
CA GLY D 242 47.19 -14.36 -17.13
C GLY D 242 46.56 -14.94 -18.36
N SER D 243 45.29 -14.60 -18.64
CA SER D 243 44.66 -15.07 -19.87
C SER D 243 45.37 -14.49 -21.09
N THR D 244 45.47 -15.29 -22.13
CA THR D 244 46.17 -14.86 -23.34
C THR D 244 45.47 -13.66 -23.96
N ASN D 245 46.24 -12.88 -24.71
CA ASN D 245 45.71 -11.68 -25.35
C ASN D 245 44.64 -11.99 -26.39
N ARG D 246 44.55 -13.24 -26.83
CA ARG D 246 43.50 -13.67 -27.75
C ARG D 246 42.20 -14.02 -27.04
N GLU D 247 42.26 -14.51 -25.81
CA GLU D 247 41.07 -14.89 -25.07
C GLU D 247 40.36 -13.72 -24.42
N LYS D 248 40.99 -12.55 -24.36
CA LYS D 248 40.29 -11.33 -23.95
C LYS D 248 39.42 -10.77 -25.06
N ALA D 249 39.87 -10.85 -26.31
CA ALA D 249 39.07 -10.38 -27.43
C ALA D 249 37.80 -11.19 -27.62
N THR D 250 37.90 -12.52 -27.55
CA THR D 250 36.71 -13.35 -27.66
C THR D 250 35.76 -13.11 -26.50
N LEU D 251 36.30 -12.96 -25.29
CA LEU D 251 35.46 -12.70 -24.13
C LEU D 251 34.72 -11.38 -24.29
N MET D 252 35.40 -10.36 -24.81
CA MET D 252 34.76 -9.05 -24.96
C MET D 252 33.72 -9.08 -26.08
N GLN D 253 34.01 -9.79 -27.18
CA GLN D 253 33.04 -9.94 -28.23
C GLN D 253 31.83 -10.76 -27.79
N ALA D 254 32.01 -11.64 -26.81
CA ALA D 254 30.88 -12.37 -26.24
C ALA D 254 30.06 -11.51 -25.28
N VAL D 255 30.73 -10.82 -24.36
CA VAL D 255 30.02 -9.99 -23.39
C VAL D 255 29.32 -8.82 -24.06
N MET D 256 29.73 -8.44 -25.26
CA MET D 256 29.01 -7.46 -26.05
C MET D 256 28.03 -8.10 -27.03
N ASP D 257 27.90 -9.42 -27.00
CA ASP D 257 26.93 -10.13 -27.83
C ASP D 257 25.68 -10.53 -27.05
N ILE D 258 25.56 -10.08 -25.81
CA ILE D 258 24.38 -10.40 -25.00
C ILE D 258 23.19 -9.60 -25.54
N GLY D 259 22.13 -10.30 -25.93
CA GLY D 259 20.94 -9.66 -26.42
C GLY D 259 19.68 -10.28 -25.85
N ARG D 260 18.71 -10.59 -26.71
CA ARG D 260 17.48 -11.22 -26.26
C ARG D 260 17.70 -12.70 -26.06
N ARG D 261 17.38 -13.20 -24.86
CA ARG D 261 17.51 -14.62 -24.53
C ARG D 261 18.95 -15.11 -24.73
N ALA D 262 19.90 -14.23 -24.47
CA ALA D 262 21.31 -14.61 -24.62
C ALA D 262 21.65 -15.69 -23.61
N GLY D 263 22.42 -16.68 -24.05
CA GLY D 263 22.83 -17.76 -23.18
C GLY D 263 24.08 -18.45 -23.67
N GLY D 264 25.07 -18.59 -22.81
CA GLY D 264 26.33 -19.15 -23.22
C GLY D 264 27.04 -19.85 -22.08
N ILE D 265 28.29 -20.18 -22.32
CA ILE D 265 29.11 -20.93 -21.38
C ILE D 265 30.32 -20.08 -20.99
N ILE D 266 30.69 -20.15 -19.72
CA ILE D 266 31.89 -19.49 -19.23
C ILE D 266 32.66 -20.47 -18.35
N PRO D 267 33.99 -20.42 -18.37
CA PRO D 267 34.77 -21.29 -17.49
C PRO D 267 34.51 -20.98 -16.03
N MET D 268 34.95 -21.89 -15.16
CA MET D 268 34.73 -21.71 -13.73
C MET D 268 35.47 -20.47 -13.20
N GLY D 269 36.59 -20.12 -13.82
CA GLY D 269 37.37 -18.98 -13.36
C GLY D 269 36.88 -17.63 -13.82
N MET D 270 35.89 -17.57 -14.69
CA MET D 270 35.37 -16.32 -15.19
C MET D 270 34.06 -15.95 -14.50
N THR D 271 33.75 -14.67 -14.50
CA THR D 271 32.52 -14.15 -13.91
C THR D 271 31.86 -13.20 -14.89
N LEU D 272 30.55 -13.09 -14.79
CA LEU D 272 29.76 -12.27 -15.71
C LEU D 272 28.74 -11.45 -14.94
N ASP D 273 29.20 -10.76 -13.89
CA ASP D 273 28.30 -9.99 -13.05
C ASP D 273 27.66 -8.86 -13.84
N PHE D 274 26.40 -8.56 -13.50
CA PHE D 274 25.62 -7.49 -14.13
C PHE D 274 25.45 -6.37 -13.10
N GLN D 275 26.04 -5.22 -13.37
CA GLN D 275 25.96 -4.07 -12.48
C GLN D 275 25.10 -2.99 -13.11
N SER D 276 24.17 -2.45 -12.33
CA SER D 276 23.30 -1.39 -12.81
C SER D 276 24.10 -0.10 -13.01
N ALA D 277 23.76 0.61 -14.09
CA ALA D 277 24.44 1.85 -14.42
C ALA D 277 23.61 3.10 -14.19
N ALA D 278 22.34 2.96 -13.84
CA ALA D 278 21.48 4.11 -13.57
C ALA D 278 20.35 3.65 -12.66
N ASP D 279 20.34 4.13 -11.42
CA ASP D 279 19.32 3.77 -10.44
C ASP D 279 18.53 5.01 -10.06
N GLY D 280 17.22 4.89 -10.05
CA GLY D 280 16.35 6.00 -9.70
C GLY D 280 15.01 5.85 -10.38
N GLN D 281 14.24 6.94 -10.34
CA GLN D 281 12.93 6.99 -10.96
C GLN D 281 12.72 8.36 -11.59
N SER D 282 11.59 8.50 -12.27
CA SER D 282 11.30 9.71 -13.03
C SER D 282 10.59 10.78 -12.23
N ASP D 283 10.26 10.52 -10.97
CA ASP D 283 9.48 11.48 -10.19
C ASP D 283 10.17 12.83 -10.02
N PRO D 284 11.45 12.92 -9.62
CA PRO D 284 12.04 14.25 -9.44
C PRO D 284 12.11 15.07 -10.71
N PHE D 285 12.55 14.47 -11.82
CA PHE D 285 12.66 15.21 -13.07
C PHE D 285 11.31 15.76 -13.50
N MET D 286 10.27 14.92 -13.46
CA MET D 286 8.94 15.38 -13.86
C MET D 286 8.37 16.40 -12.88
N ALA D 287 8.69 16.29 -11.59
CA ALA D 287 8.23 17.31 -10.65
C ALA D 287 8.85 18.67 -10.98
N MET D 288 10.16 18.70 -11.24
CA MET D 288 10.79 19.96 -11.61
C MET D 288 10.25 20.50 -12.93
N ILE D 289 10.04 19.61 -13.91
CA ILE D 289 9.52 20.06 -15.19
C ILE D 289 8.12 20.65 -15.03
N GLY D 290 7.27 19.98 -14.25
CA GLY D 290 5.93 20.50 -14.02
C GLY D 290 5.94 21.84 -13.31
N TRP D 291 6.79 21.98 -12.29
CA TRP D 291 6.86 23.26 -11.59
C TRP D 291 7.34 24.37 -12.52
N ALA D 292 8.35 24.09 -13.35
CA ALA D 292 8.86 25.12 -14.24
C ALA D 292 7.83 25.50 -15.29
N GLU D 293 7.10 24.52 -15.83
CA GLU D 293 6.06 24.83 -16.81
C GLU D 293 4.95 25.65 -16.17
N LYS D 294 4.57 25.31 -14.94
CA LYS D 294 3.55 26.09 -14.25
C LYS D 294 4.02 27.52 -14.02
N ALA D 295 5.29 27.70 -13.64
CA ALA D 295 5.81 29.05 -13.45
C ALA D 295 5.82 29.84 -14.76
N ILE D 296 6.22 29.19 -15.85
CA ILE D 296 6.24 29.87 -17.14
C ILE D 296 4.83 30.28 -17.55
N SER D 297 3.85 29.39 -17.35
CA SER D 297 2.47 29.74 -17.67
C SER D 297 1.99 30.90 -16.82
N LYS D 298 2.35 30.89 -15.52
CA LYS D 298 1.97 32.01 -14.65
C LYS D 298 2.55 33.32 -15.16
N ALA D 299 3.83 33.31 -15.55
CA ALA D 299 4.46 34.53 -16.03
C ALA D 299 3.81 35.02 -17.32
N ILE D 300 3.51 34.10 -18.24
CA ILE D 300 3.03 34.50 -19.56
C ILE D 300 1.56 34.92 -19.50
N LEU D 301 0.68 34.01 -19.10
CA LEU D 301 -0.74 34.31 -19.12
C LEU D 301 -1.21 34.94 -17.82
N GLY D 302 -0.80 34.38 -16.68
CA GLY D 302 -1.25 34.82 -15.38
C GLY D 302 -1.79 33.70 -14.53
N GLY D 303 -2.17 32.59 -15.14
CA GLY D 303 -2.67 31.45 -14.40
C GLY D 303 -2.82 30.22 -15.27
N THR D 304 -2.32 29.09 -14.80
CA THR D 304 -2.40 27.85 -15.57
C THR D 304 -3.76 27.19 -15.41
N ASP D 322 -10.16 32.92 -15.92
CA ASP D 322 -10.12 33.45 -17.28
C ASP D 322 -10.17 34.97 -17.27
N GLU D 323 -10.45 35.54 -16.10
CA GLU D 323 -10.47 37.00 -15.96
C GLU D 323 -9.07 37.57 -16.09
N VAL D 324 -8.06 36.87 -15.55
CA VAL D 324 -6.69 37.38 -15.56
C VAL D 324 -6.17 37.49 -16.99
N ARG D 325 -6.45 36.50 -17.83
CA ARG D 325 -6.05 36.57 -19.22
C ARG D 325 -6.72 37.74 -19.93
N ARG D 326 -7.99 37.99 -19.61
CA ARG D 326 -8.69 39.13 -20.18
C ARG D 326 -8.04 40.44 -19.77
N GLU D 327 -7.65 40.57 -18.50
CA GLU D 327 -6.99 41.79 -18.06
C GLU D 327 -5.63 41.96 -18.73
N ILE D 328 -4.88 40.87 -18.89
CA ILE D 328 -3.60 40.93 -19.58
C ILE D 328 -3.78 41.42 -21.01
N ARG D 329 -4.77 40.84 -21.71
CA ARG D 329 -5.04 41.24 -23.08
C ARG D 329 -5.43 42.70 -23.15
N ASN D 330 -6.31 43.15 -22.25
CA ASN D 330 -6.72 44.55 -22.27
C ASN D 330 -5.53 45.47 -22.05
N ALA D 331 -4.67 45.14 -21.08
CA ALA D 331 -3.55 46.02 -20.76
C ALA D 331 -2.57 46.12 -21.91
N ASP D 332 -2.12 44.98 -22.44
CA ASP D 332 -1.09 45.07 -23.49
C ASP D 332 -1.69 45.57 -24.80
N VAL D 333 -2.99 45.34 -25.04
CA VAL D 333 -3.65 45.91 -26.20
C VAL D 333 -3.74 47.43 -26.06
N GLY D 334 -4.02 47.93 -24.86
CA GLY D 334 -4.03 49.37 -24.65
C GLY D 334 -2.66 49.99 -24.88
N GLN D 335 -1.62 49.32 -24.40
CA GLN D 335 -0.26 49.81 -24.65
C GLN D 335 0.06 49.83 -26.14
N LEU D 336 -0.32 48.78 -26.86
CA LEU D 336 -0.10 48.74 -28.29
C LEU D 336 -0.89 49.85 -29.00
N ALA D 337 -2.11 50.12 -28.54
CA ALA D 337 -2.90 51.18 -29.14
C ALA D 337 -2.26 52.54 -28.92
N ARG D 338 -1.72 52.78 -27.72
CA ARG D 338 -1.02 54.03 -27.47
C ARG D 338 0.20 54.17 -28.38
N SER D 339 0.95 53.07 -28.55
CA SER D 339 2.10 53.12 -29.45
C SER D 339 1.68 53.42 -30.88
N ILE D 340 0.60 52.78 -31.35
CA ILE D 340 0.13 53.00 -32.71
C ILE D 340 -0.30 54.44 -32.89
N ASN D 341 -1.06 54.98 -31.92
CA ASN D 341 -1.47 56.38 -32.01
C ASN D 341 -0.28 57.31 -32.05
N ARG D 342 0.77 57.00 -31.29
CA ARG D 342 1.97 57.82 -31.32
C ARG D 342 2.65 57.75 -32.68
N ASP D 343 2.70 56.57 -33.30
CA ASP D 343 3.64 56.36 -34.40
C ASP D 343 3.05 55.77 -35.66
N LEU D 344 1.72 55.66 -35.79
CA LEU D 344 1.14 55.18 -37.03
C LEU D 344 -0.09 55.96 -37.49
N ILE D 345 -0.55 56.94 -36.71
CA ILE D 345 -1.66 57.80 -37.10
C ILE D 345 -1.19 59.24 -37.28
N TYR D 346 -0.51 59.79 -36.29
CA TYR D 346 0.07 61.11 -36.43
C TYR D 346 1.05 61.23 -37.59
N PRO D 347 1.95 60.27 -37.84
CA PRO D 347 2.82 60.40 -39.03
C PRO D 347 2.05 60.48 -40.33
N LEU D 348 1.03 59.64 -40.50
CA LEU D 348 0.22 59.69 -41.72
C LEU D 348 -0.50 61.03 -41.84
N LEU D 349 -1.08 61.50 -40.74
CA LEU D 349 -1.79 62.78 -40.77
C LEU D 349 -0.85 63.92 -41.12
N ALA D 350 0.35 63.93 -40.53
CA ALA D 350 1.28 65.03 -40.76
C ALA D 350 1.84 65.00 -42.18
N LEU D 351 2.15 63.82 -42.70
CA LEU D 351 2.72 63.72 -44.04
C LEU D 351 1.68 64.03 -45.10
N ASN D 352 0.48 63.45 -44.99
CA ASN D 352 -0.53 63.64 -46.02
C ASN D 352 -1.06 65.06 -46.03
N SER D 353 -1.32 65.63 -44.86
CA SER D 353 -1.82 66.99 -44.78
C SER D 353 -0.68 67.99 -44.84
N ASP D 354 -1.03 69.25 -45.10
CA ASP D 354 -0.05 70.33 -45.17
C ASP D 354 -0.16 71.33 -44.02
N SER D 355 -1.34 71.48 -43.43
CA SER D 355 -1.50 72.38 -42.31
C SER D 355 -0.98 71.74 -41.02
N THR D 356 -0.76 72.58 -40.01
CA THR D 356 -0.27 72.12 -38.72
C THR D 356 -1.31 71.22 -38.07
N ILE D 357 -0.98 69.94 -37.92
CA ILE D 357 -1.91 68.99 -37.33
C ILE D 357 -2.11 69.32 -35.86
N ASP D 358 -3.37 69.38 -35.43
CA ASP D 358 -3.69 69.64 -34.03
C ASP D 358 -3.28 68.44 -33.19
N ILE D 359 -2.19 68.57 -32.44
CA ILE D 359 -1.69 67.46 -31.63
C ILE D 359 -2.69 67.11 -30.53
N ASN D 360 -3.38 68.10 -29.98
CA ASN D 360 -4.35 67.85 -28.92
C ASN D 360 -5.49 66.97 -29.43
N ARG D 361 -5.98 67.23 -30.64
CA ARG D 361 -7.13 66.52 -31.20
C ARG D 361 -6.70 65.82 -32.49
N LEU D 362 -6.43 64.52 -32.38
CA LEU D 362 -6.14 63.69 -33.54
C LEU D 362 -6.83 62.34 -33.36
N PRO D 363 -7.19 61.68 -34.47
CA PRO D 363 -7.85 60.37 -34.35
C PRO D 363 -6.97 59.36 -33.64
N GLY D 364 -7.60 58.49 -32.87
CA GLY D 364 -6.88 57.48 -32.12
C GLY D 364 -7.51 56.11 -32.30
N ILE D 365 -6.66 55.10 -32.43
CA ILE D 365 -7.13 53.74 -32.61
C ILE D 365 -7.72 53.23 -31.31
N VAL D 366 -8.85 52.52 -31.40
CA VAL D 366 -9.53 51.94 -30.26
C VAL D 366 -9.83 50.49 -30.56
N PHE D 367 -9.45 49.59 -29.66
CA PHE D 367 -9.75 48.17 -29.80
C PHE D 367 -11.05 47.83 -29.09
N ASP D 368 -11.85 46.98 -29.72
CA ASP D 368 -13.14 46.56 -29.16
C ASP D 368 -12.87 45.46 -28.13
N THR D 369 -12.40 45.89 -26.95
CA THR D 369 -12.06 44.98 -25.87
C THR D 369 -13.22 44.72 -24.93
N SER D 370 -14.40 45.25 -25.20
CA SER D 370 -15.54 45.05 -24.31
C SER D 370 -15.94 43.58 -24.27
N GLU D 371 -16.24 43.09 -23.08
CA GLU D 371 -16.67 41.71 -22.92
C GLU D 371 -18.00 41.49 -23.61
N ALA D 372 -18.13 40.33 -24.25
CA ALA D 372 -19.37 39.99 -24.95
C ALA D 372 -20.53 39.87 -23.98
N GLY D 373 -21.71 40.24 -24.46
CA GLY D 373 -22.92 40.21 -23.65
C GLY D 373 -23.76 39.00 -24.00
N ASP D 374 -24.16 38.27 -22.96
CA ASP D 374 -25.00 37.09 -23.14
C ASP D 374 -26.37 37.50 -23.68
N ILE D 375 -26.70 37.01 -24.87
CA ILE D 375 -27.89 37.48 -25.58
C ILE D 375 -29.17 37.08 -24.87
N THR D 376 -29.20 35.89 -24.25
CA THR D 376 -30.44 35.42 -23.63
C THR D 376 -30.81 36.26 -22.41
N ALA D 377 -29.83 36.54 -21.54
CA ALA D 377 -30.11 37.34 -20.35
C ALA D 377 -30.52 38.75 -20.73
N LEU D 378 -29.82 39.37 -21.68
CA LEU D 378 -30.20 40.70 -22.13
C LEU D 378 -31.59 40.69 -22.74
N SER D 379 -31.89 39.68 -23.55
CA SER D 379 -33.17 39.64 -24.26
C SER D 379 -34.34 39.41 -23.31
N ASP D 380 -34.15 38.66 -22.23
CA ASP D 380 -35.25 38.47 -21.29
C ASP D 380 -35.17 39.42 -20.10
N ALA D 381 -34.18 40.32 -20.07
CA ALA D 381 -34.11 41.32 -19.01
C ALA D 381 -34.51 42.72 -19.47
N ILE D 382 -33.98 43.16 -20.63
CA ILE D 382 -34.23 44.53 -21.07
C ILE D 382 -35.70 44.83 -21.29
N PRO D 383 -36.48 43.98 -22.02
CA PRO D 383 -37.87 44.30 -22.24
C PRO D 383 -38.63 44.37 -20.92
N LYS D 384 -38.03 43.85 -19.84
CA LYS D 384 -38.69 43.83 -18.52
C LYS D 384 -38.38 45.15 -17.82
N LEU D 385 -37.20 45.69 -18.06
CA LEU D 385 -36.82 46.99 -17.45
C LEU D 385 -37.27 48.09 -18.42
N ALA D 386 -37.28 47.80 -19.71
CA ALA D 386 -37.61 48.87 -20.67
C ALA D 386 -38.89 49.54 -20.20
N ALA D 387 -39.93 48.75 -20.07
CA ALA D 387 -41.15 49.36 -19.53
C ALA D 387 -40.72 50.16 -18.30
N GLY D 388 -40.92 51.48 -18.31
CA GLY D 388 -40.65 52.26 -17.09
C GLY D 388 -39.35 53.04 -17.18
N MET D 389 -38.37 52.51 -17.89
CA MET D 389 -37.05 53.18 -17.91
C MET D 389 -36.67 53.49 -19.36
N ARG D 390 -36.23 54.72 -19.63
CA ARG D 390 -35.77 55.08 -20.99
C ARG D 390 -34.35 54.51 -21.18
N ILE D 391 -34.25 53.32 -21.78
CA ILE D 391 -32.93 52.65 -21.96
C ILE D 391 -32.55 52.89 -23.42
N PRO D 392 -31.30 53.25 -23.74
CA PRO D 392 -30.97 53.62 -25.11
C PRO D 392 -30.73 52.43 -25.98
N VAL D 393 -31.14 52.53 -27.24
CA VAL D 393 -30.98 51.37 -28.16
C VAL D 393 -29.48 51.22 -28.36
N SER D 394 -28.78 52.34 -28.50
CA SER D 394 -27.33 52.29 -28.75
C SER D 394 -26.67 51.38 -27.72
N TRP D 395 -26.80 51.69 -26.43
CA TRP D 395 -26.10 50.86 -25.44
C TRP D 395 -26.41 49.44 -25.79
N ILE D 396 -27.67 49.14 -26.08
CA ILE D 396 -27.91 47.72 -26.34
C ILE D 396 -27.27 47.29 -27.64
N GLN D 397 -27.25 48.18 -28.64
CA GLN D 397 -26.66 47.83 -29.92
C GLN D 397 -25.18 47.51 -29.82
N GLU D 398 -24.51 47.98 -28.77
CA GLU D 398 -23.09 47.67 -28.60
C GLU D 398 -22.88 46.17 -28.44
N LYS D 399 -23.74 45.51 -27.68
CA LYS D 399 -23.69 44.06 -27.56
C LYS D 399 -24.12 43.44 -28.88
N LEU D 400 -23.18 42.74 -29.54
CA LEU D 400 -23.39 42.16 -30.86
C LEU D 400 -23.75 43.31 -31.81
N HIS D 401 -24.92 43.32 -32.41
CA HIS D 401 -25.33 44.42 -33.27
C HIS D 401 -26.42 45.25 -32.63
N GLY E 2 1.22 44.97 -72.97
CA GLY E 2 1.92 43.71 -72.83
C GLY E 2 2.89 43.70 -71.66
N ARG E 3 3.40 44.88 -71.30
CA ARG E 3 4.33 45.02 -70.19
C ARG E 3 3.50 45.10 -68.90
N ILE E 4 3.13 43.92 -68.39
CA ILE E 4 2.29 43.85 -67.20
C ILE E 4 3.09 44.24 -65.98
N LEU E 5 2.49 45.04 -65.11
CA LEU E 5 3.10 45.44 -63.85
C LEU E 5 2.65 44.52 -62.73
N ASP E 6 3.58 44.21 -61.82
CA ASP E 6 3.27 43.37 -60.68
C ASP E 6 2.65 44.23 -59.57
N ILE E 7 2.47 43.63 -58.40
CA ILE E 7 1.85 44.35 -57.28
C ILE E 7 2.73 45.51 -56.83
N SER E 8 4.04 45.39 -56.98
CA SER E 8 4.98 46.40 -56.52
C SER E 8 5.26 47.47 -57.59
N GLY E 9 4.54 47.45 -58.70
CA GLY E 9 4.69 48.47 -59.72
C GLY E 9 6.02 48.46 -60.46
N GLN E 10 6.56 47.28 -60.75
CA GLN E 10 7.75 47.15 -61.59
C GLN E 10 7.36 46.46 -62.89
N PRO E 11 7.42 47.13 -64.02
CA PRO E 11 7.02 46.49 -65.28
C PRO E 11 7.97 45.35 -65.64
N PHE E 12 7.43 44.35 -66.31
CA PHE E 12 8.20 43.19 -66.73
C PHE E 12 7.46 42.51 -67.87
N ASP E 13 8.07 41.44 -68.42
CA ASP E 13 7.44 40.64 -69.45
C ASP E 13 7.08 39.28 -68.87
N PHE E 14 5.81 38.90 -69.03
CA PHE E 14 5.31 37.64 -68.48
C PHE E 14 5.54 36.51 -69.48
N ASP E 15 6.03 35.37 -68.99
CA ASP E 15 6.37 34.23 -69.82
C ASP E 15 5.56 33.02 -69.38
N ASP E 16 4.99 32.30 -70.35
CA ASP E 16 4.19 31.12 -70.04
C ASP E 16 5.04 29.93 -69.60
N GLU E 17 6.32 29.91 -69.97
CA GLU E 17 7.18 28.79 -69.60
C GLU E 17 7.38 28.72 -68.10
N MET E 18 7.28 27.51 -67.55
CA MET E 18 7.55 27.32 -66.13
C MET E 18 9.03 27.52 -65.85
N GLN E 19 9.33 28.14 -64.71
CA GLN E 19 10.71 28.51 -64.42
C GLN E 19 11.60 27.29 -64.27
N SER E 20 11.09 26.22 -63.66
CA SER E 20 11.86 25.00 -63.51
C SER E 20 12.20 24.39 -64.87
N ARG E 21 11.22 24.37 -65.78
CA ARG E 21 11.42 23.79 -67.11
C ARG E 21 12.07 24.83 -68.03
N SER E 22 13.30 25.19 -67.69
CA SER E 22 14.03 26.21 -68.43
C SER E 22 15.31 25.65 -69.06
N ASP E 23 15.50 24.33 -69.02
CA ASP E 23 16.62 23.66 -69.65
C ASP E 23 17.96 24.06 -69.03
N GLU E 24 17.92 24.88 -67.98
CA GLU E 24 19.13 25.25 -67.26
C GLU E 24 19.12 24.74 -65.83
N LEU E 25 17.95 24.46 -65.27
CA LEU E 25 17.82 23.98 -63.91
C LEU E 25 17.34 22.54 -63.87
N ALA E 26 17.71 21.76 -64.88
CA ALA E 26 17.32 20.35 -64.95
C ALA E 26 18.07 19.50 -63.95
N MET E 27 19.30 19.86 -63.61
CA MET E 27 20.12 19.08 -62.70
C MET E 27 20.10 19.61 -61.27
N VAL E 28 19.32 20.66 -61.00
CA VAL E 28 19.18 21.17 -59.63
C VAL E 28 17.76 21.10 -59.12
N MET E 29 16.78 20.83 -59.98
CA MET E 29 15.41 20.59 -59.54
C MET E 29 15.14 19.13 -59.23
N LYS E 30 16.09 18.24 -59.46
CA LYS E 30 15.95 16.81 -59.22
C LYS E 30 16.99 16.41 -58.18
N ARG E 31 16.58 16.42 -56.92
CA ARG E 31 17.46 16.09 -55.80
C ARG E 31 16.90 14.90 -55.04
N THR E 32 17.76 13.92 -54.76
CA THR E 32 17.34 12.79 -53.94
C THR E 32 17.53 13.14 -52.47
N GLN E 33 16.48 12.95 -51.68
CA GLN E 33 16.42 13.54 -50.34
C GLN E 33 17.50 12.95 -49.44
N GLU E 34 17.96 13.78 -48.51
CA GLU E 34 19.05 13.40 -47.62
C GLU E 34 18.59 12.48 -46.49
N HIS E 35 17.36 12.64 -46.02
CA HIS E 35 16.86 11.96 -44.82
C HIS E 35 17.84 12.19 -43.67
N PRO E 36 17.91 13.42 -43.15
CA PRO E 36 18.89 13.73 -42.10
C PRO E 36 18.50 13.27 -40.72
N SER E 37 17.27 12.81 -40.54
CA SER E 37 16.75 12.42 -39.23
C SER E 37 17.13 11.01 -38.82
N SER E 38 18.14 10.43 -39.47
CA SER E 38 18.67 9.12 -39.10
C SER E 38 19.85 9.35 -38.16
N GLY E 39 19.69 8.97 -36.89
CA GLY E 39 20.74 9.15 -35.91
C GLY E 39 21.05 10.59 -35.58
N VAL E 40 20.03 11.42 -35.38
CA VAL E 40 20.24 12.82 -35.07
C VAL E 40 20.74 12.97 -33.64
N THR E 41 21.81 13.76 -33.47
CA THR E 41 22.30 14.19 -32.18
C THR E 41 21.97 15.67 -31.99
N PRO E 42 21.53 16.07 -30.80
CA PRO E 42 21.20 17.50 -30.58
C PRO E 42 22.22 18.49 -31.10
N ASN E 43 23.51 18.15 -31.03
CA ASN E 43 24.52 19.02 -31.62
C ASN E 43 24.29 19.19 -33.11
N ARG E 44 24.06 18.09 -33.82
CA ARG E 44 23.85 18.15 -35.26
C ARG E 44 22.53 18.81 -35.61
N ALA E 45 21.50 18.61 -34.80
CA ALA E 45 20.24 19.32 -35.02
C ALA E 45 20.44 20.82 -34.87
N ALA E 46 21.18 21.25 -33.85
CA ALA E 46 21.50 22.66 -33.72
C ALA E 46 22.28 23.16 -34.91
N GLN E 47 23.20 22.34 -35.42
CA GLN E 47 24.01 22.75 -36.57
C GLN E 47 23.15 22.98 -37.80
N MET E 48 22.22 22.06 -38.08
CA MET E 48 21.36 22.25 -39.24
C MET E 48 20.38 23.41 -39.04
N LEU E 49 19.91 23.62 -37.81
CA LEU E 49 19.06 24.79 -37.56
C LEU E 49 19.82 26.08 -37.80
N ARG E 50 21.08 26.14 -37.37
CA ARG E 50 21.88 27.35 -37.60
C ARG E 50 22.19 27.53 -39.08
N ASP E 51 22.41 26.44 -39.81
CA ASP E 51 22.61 26.53 -41.25
C ASP E 51 21.36 27.09 -41.93
N ALA E 52 20.19 26.63 -41.51
CA ALA E 52 18.94 27.17 -42.04
C ALA E 52 18.78 28.64 -41.69
N GLU E 53 19.13 29.02 -40.46
CA GLU E 53 19.06 30.42 -40.07
C GLU E 53 19.96 31.28 -40.94
N ARG E 54 21.17 30.79 -41.25
CA ARG E 54 22.07 31.55 -42.10
C ARG E 54 21.57 31.67 -43.54
N GLY E 55 20.71 30.76 -43.99
CA GLY E 55 20.16 30.87 -45.33
C GLY E 55 19.96 29.58 -46.10
N ASP E 56 20.72 28.54 -45.77
CA ASP E 56 20.64 27.25 -46.47
C ASP E 56 19.53 26.42 -45.84
N LEU E 57 18.33 26.48 -46.43
CA LEU E 57 17.12 25.90 -45.87
C LEU E 57 16.92 24.43 -46.23
N THR E 58 17.84 23.82 -46.98
CA THR E 58 17.64 22.46 -47.46
C THR E 58 17.57 21.46 -46.31
N ALA E 59 18.55 21.51 -45.40
CA ALA E 59 18.60 20.54 -44.32
C ALA E 59 17.40 20.67 -43.41
N GLN E 60 16.98 21.91 -43.13
CA GLN E 60 15.80 22.12 -42.29
C GLN E 60 14.56 21.54 -42.93
N ALA E 61 14.40 21.71 -44.25
CA ALA E 61 13.21 21.19 -44.93
C ALA E 61 13.20 19.66 -44.92
N ASP E 62 14.35 19.04 -45.18
CA ASP E 62 14.40 17.57 -45.11
C ASP E 62 14.11 17.08 -43.70
N LEU E 63 14.65 17.76 -42.70
CA LEU E 63 14.41 17.37 -41.31
C LEU E 63 12.93 17.49 -40.97
N ALA E 64 12.29 18.58 -41.43
CA ALA E 64 10.86 18.75 -41.20
C ALA E 64 10.04 17.66 -41.88
N PHE E 65 10.42 17.28 -43.10
CA PHE E 65 9.71 16.21 -43.80
C PHE E 65 9.83 14.89 -43.04
N ASP E 66 11.03 14.57 -42.57
CA ASP E 66 11.22 13.35 -41.79
C ASP E 66 10.43 13.40 -40.50
N MET E 67 10.38 14.57 -39.85
CA MET E 67 9.61 14.69 -38.62
C MET E 67 8.13 14.50 -38.89
N GLU E 68 7.66 14.97 -40.05
CA GLU E 68 6.25 14.81 -40.39
C GLU E 68 5.90 13.34 -40.64
N GLU E 69 6.76 12.62 -41.37
CA GLU E 69 6.43 11.24 -41.70
C GLU E 69 6.81 10.24 -40.60
N LYS E 70 7.69 10.59 -39.67
CA LYS E 70 8.17 9.63 -38.69
C LYS E 70 7.35 9.66 -37.40
N ASP E 71 7.25 10.83 -36.78
CA ASP E 71 6.59 10.94 -35.49
C ASP E 71 5.07 10.91 -35.71
N THR E 72 4.44 9.81 -35.30
CA THR E 72 3.02 9.61 -35.60
C THR E 72 2.15 10.66 -34.92
N HIS E 73 2.43 10.97 -33.65
CA HIS E 73 1.66 11.99 -32.96
C HIS E 73 1.81 13.34 -33.62
N LEU E 74 3.03 13.67 -34.05
CA LEU E 74 3.26 14.92 -34.75
C LEU E 74 2.44 14.98 -36.03
N PHE E 75 2.40 13.89 -36.79
CA PHE E 75 1.65 13.88 -38.03
C PHE E 75 0.15 14.00 -37.76
N SER E 76 -0.35 13.31 -36.74
CA SER E 76 -1.77 13.40 -36.41
C SER E 76 -2.15 14.83 -36.05
N GLU E 77 -1.33 15.48 -35.21
CA GLU E 77 -1.62 16.86 -34.82
C GLU E 77 -1.52 17.80 -36.02
N LEU E 78 -0.52 17.61 -36.87
CA LEU E 78 -0.35 18.49 -38.03
C LEU E 78 -1.51 18.35 -39.00
N SER E 79 -1.97 17.12 -39.24
CA SER E 79 -3.11 16.93 -40.12
C SER E 79 -4.39 17.49 -39.48
N LYS E 80 -4.53 17.33 -38.17
CA LYS E 80 -5.67 17.92 -37.46
C LYS E 80 -5.70 19.43 -37.64
N ARG E 81 -4.53 20.08 -37.59
CA ARG E 81 -4.49 21.52 -37.78
C ARG E 81 -4.72 21.91 -39.23
N ARG E 82 -4.13 21.16 -40.17
CA ARG E 82 -4.22 21.55 -41.57
C ARG E 82 -5.61 21.31 -42.15
N LEU E 83 -6.35 20.34 -41.63
CA LEU E 83 -7.69 20.10 -42.15
C LEU E 83 -8.70 21.11 -41.61
N ALA E 84 -8.34 21.84 -40.55
CA ALA E 84 -9.21 22.91 -40.07
C ALA E 84 -9.36 23.99 -41.13
N ILE E 85 -8.27 24.33 -41.81
CA ILE E 85 -8.28 25.39 -42.82
C ILE E 85 -9.16 24.99 -43.99
N GLN E 86 -9.03 23.75 -44.45
CA GLN E 86 -9.78 23.30 -45.62
C GLN E 86 -11.27 23.24 -45.35
N ALA E 87 -11.67 23.12 -44.09
CA ALA E 87 -13.09 23.03 -43.76
C ALA E 87 -13.79 24.37 -43.90
N LEU E 88 -13.06 25.48 -43.76
CA LEU E 88 -13.69 26.80 -43.81
C LEU E 88 -14.19 27.10 -45.20
N GLU E 89 -15.42 27.61 -45.28
CA GLU E 89 -15.96 28.07 -46.55
C GLU E 89 -15.50 29.49 -46.82
N TRP E 90 -15.34 29.81 -48.11
CA TRP E 90 -14.78 31.10 -48.50
C TRP E 90 -15.54 31.65 -49.69
N ARG E 91 -15.35 32.95 -49.91
CA ARG E 91 -15.95 33.66 -51.03
C ARG E 91 -15.06 34.83 -51.41
N ILE E 92 -15.10 35.22 -52.67
CA ILE E 92 -14.29 36.34 -53.17
C ILE E 92 -15.14 37.59 -52.97
N ALA E 93 -15.05 38.14 -51.77
CA ALA E 93 -15.77 39.37 -51.47
C ALA E 93 -15.12 40.55 -52.23
N PRO E 94 -15.91 41.35 -52.92
CA PRO E 94 -15.35 42.49 -53.67
C PRO E 94 -14.75 43.52 -52.75
N ALA E 95 -14.08 44.50 -53.37
CA ALA E 95 -13.51 45.60 -52.61
C ALA E 95 -14.63 46.41 -51.95
N ARG E 96 -14.27 47.09 -50.86
CA ARG E 96 -15.25 47.88 -50.13
C ARG E 96 -15.84 48.98 -51.02
N ASP E 97 -17.14 49.19 -50.89
CA ASP E 97 -17.89 50.13 -51.74
C ASP E 97 -17.68 49.80 -53.21
N ALA E 98 -17.83 48.52 -53.55
CA ALA E 98 -17.59 48.06 -54.91
C ALA E 98 -18.61 48.67 -55.87
N SER E 99 -18.14 48.99 -57.07
CA SER E 99 -19.02 49.49 -58.12
C SER E 99 -19.69 48.31 -58.83
N ALA E 100 -20.30 48.55 -59.98
CA ALA E 100 -20.90 47.46 -60.73
C ALA E 100 -19.84 46.52 -61.26
N GLN E 101 -18.89 47.04 -62.04
CA GLN E 101 -17.90 46.19 -62.70
C GLN E 101 -17.02 45.46 -61.69
N GLU E 102 -16.65 46.13 -60.61
CA GLU E 102 -15.83 45.47 -59.59
C GLU E 102 -16.56 44.30 -58.95
N LYS E 103 -17.85 44.49 -58.63
CA LYS E 103 -18.64 43.41 -58.05
C LYS E 103 -18.80 42.27 -59.05
N LYS E 104 -19.02 42.59 -60.32
CA LYS E 104 -19.17 41.55 -61.32
C LYS E 104 -17.89 40.74 -61.51
N ASP E 105 -16.75 41.43 -61.53
CA ASP E 105 -15.47 40.71 -61.64
C ASP E 105 -15.21 39.86 -60.40
N ALA E 106 -15.52 40.38 -59.22
CA ALA E 106 -15.35 39.60 -58.00
C ALA E 106 -16.21 38.35 -58.02
N ASP E 107 -17.47 38.48 -58.45
CA ASP E 107 -18.33 37.32 -58.54
C ASP E 107 -17.82 36.33 -59.59
N MET E 108 -17.32 36.84 -60.71
CA MET E 108 -16.75 35.95 -61.73
C MET E 108 -15.58 35.15 -61.17
N LEU E 109 -14.68 35.82 -60.44
CA LEU E 109 -13.59 35.11 -59.79
C LEU E 109 -14.10 34.09 -58.79
N ASN E 110 -15.12 34.47 -58.01
CA ASN E 110 -15.69 33.56 -57.02
C ASN E 110 -16.19 32.28 -57.69
N GLU E 111 -16.99 32.43 -58.74
CA GLU E 111 -17.55 31.25 -59.41
C GLU E 111 -16.44 30.42 -60.06
N TYR E 112 -15.48 31.08 -60.71
CA TYR E 112 -14.40 30.33 -61.35
C TYR E 112 -13.60 29.54 -60.33
N LEU E 113 -13.24 30.16 -59.21
CA LEU E 113 -12.43 29.47 -58.21
C LEU E 113 -13.21 28.36 -57.53
N HIS E 114 -14.51 28.55 -57.30
CA HIS E 114 -15.31 27.45 -56.78
C HIS E 114 -15.53 26.35 -57.80
N ASP E 115 -15.31 26.65 -59.09
CA ASP E 115 -15.42 25.65 -60.14
C ASP E 115 -14.08 25.35 -60.78
N ALA E 116 -12.99 25.43 -60.03
CA ALA E 116 -11.67 25.03 -60.51
C ALA E 116 -11.10 23.97 -59.58
N ALA E 117 -10.63 22.87 -60.17
CA ALA E 117 -10.20 21.73 -59.37
C ALA E 117 -8.85 21.97 -58.71
N TRP E 118 -8.06 22.90 -59.22
CA TRP E 118 -6.71 23.11 -58.71
C TRP E 118 -6.65 24.04 -57.52
N PHE E 119 -7.77 24.63 -57.11
CA PHE E 119 -7.73 25.53 -55.96
C PHE E 119 -7.67 24.75 -54.65
N GLU E 120 -8.43 23.66 -54.55
CA GLU E 120 -8.39 22.85 -53.34
C GLU E 120 -7.00 22.27 -53.11
N ASP E 121 -6.35 21.85 -54.19
CA ASP E 121 -4.96 21.40 -54.09
C ASP E 121 -4.06 22.54 -53.64
N ALA E 122 -4.31 23.76 -54.14
CA ALA E 122 -3.53 24.91 -53.73
C ALA E 122 -3.64 25.15 -52.22
N LEU E 123 -4.86 25.08 -51.69
CA LEU E 123 -5.08 25.31 -50.28
C LEU E 123 -4.50 24.18 -49.43
N PHE E 124 -4.60 22.94 -49.90
CA PHE E 124 -4.05 21.82 -49.14
C PHE E 124 -2.53 21.87 -49.12
N ASP E 125 -1.90 22.24 -50.24
CA ASP E 125 -0.45 22.31 -50.28
C ASP E 125 0.10 23.54 -49.59
N ALA E 126 -0.66 24.64 -49.56
CA ALA E 126 -0.23 25.83 -48.84
C ALA E 126 -0.14 25.58 -47.35
N GLY E 127 -0.82 24.56 -46.83
CA GLY E 127 -0.70 24.21 -45.44
C GLY E 127 0.62 23.59 -45.06
N ASP E 128 1.46 23.25 -46.06
CA ASP E 128 2.78 22.72 -45.76
C ASP E 128 3.67 23.75 -45.07
N ALA E 129 3.41 25.03 -45.28
CA ALA E 129 4.22 26.08 -44.67
C ALA E 129 4.09 26.11 -43.15
N ILE E 130 3.09 25.42 -42.61
CA ILE E 130 2.90 25.39 -41.16
C ILE E 130 4.13 24.82 -40.45
N LEU E 131 4.68 23.73 -41.01
CA LEU E 131 5.77 23.02 -40.37
C LEU E 131 7.13 23.38 -40.94
N LYS E 132 7.25 23.47 -42.27
CA LYS E 132 8.53 23.76 -42.88
C LYS E 132 8.88 25.24 -42.84
N GLY E 133 7.88 26.10 -42.95
CA GLY E 133 8.08 27.54 -42.92
C GLY E 133 7.60 28.27 -44.16
N TYR E 134 7.50 27.59 -45.30
CA TYR E 134 7.21 28.24 -46.57
C TYR E 134 6.73 27.17 -47.54
N SER E 135 5.57 27.41 -48.15
CA SER E 135 5.01 26.50 -49.15
C SER E 135 5.07 27.19 -50.50
N MET E 136 5.86 26.63 -51.42
CA MET E 136 6.07 27.20 -52.73
C MET E 136 5.49 26.29 -53.79
N GLN E 137 4.63 26.85 -54.64
CA GLN E 137 3.96 26.10 -55.69
C GLN E 137 4.10 26.85 -57.00
N GLU E 138 4.46 26.14 -58.06
CA GLU E 138 4.55 26.77 -59.37
C GLU E 138 3.16 26.87 -60.00
N ILE E 139 3.05 27.77 -60.97
CA ILE E 139 1.80 28.01 -61.67
C ILE E 139 2.05 27.72 -63.15
N GLU E 140 1.43 26.67 -63.66
CA GLU E 140 1.50 26.34 -65.08
C GLU E 140 0.35 27.06 -65.78
N TRP E 141 0.65 28.22 -66.35
CA TRP E 141 -0.39 29.03 -66.97
C TRP E 141 -0.94 28.37 -68.22
N GLY E 142 -2.26 28.48 -68.41
CA GLY E 142 -2.91 27.88 -69.55
C GLY E 142 -3.99 28.77 -70.09
N TRP E 143 -4.42 28.46 -71.31
CA TRP E 143 -5.44 29.23 -72.01
C TRP E 143 -6.78 28.52 -71.86
N LEU E 144 -7.68 29.13 -71.09
CA LEU E 144 -9.04 28.64 -70.92
C LEU E 144 -9.98 29.59 -71.64
N GLY E 145 -10.36 29.23 -72.87
CA GLY E 145 -11.19 30.10 -73.68
C GLY E 145 -10.51 31.41 -73.97
N LYS E 146 -10.98 32.49 -73.36
CA LYS E 146 -10.37 33.80 -73.48
C LYS E 146 -9.97 34.30 -72.09
N MET E 147 -9.41 33.42 -71.29
CA MET E 147 -8.93 33.77 -69.95
C MET E 147 -7.64 33.01 -69.68
N ARG E 148 -6.58 33.74 -69.36
CA ARG E 148 -5.27 33.13 -69.07
C ARG E 148 -5.24 32.80 -67.58
N VAL E 149 -5.61 31.57 -67.25
CA VAL E 149 -5.75 31.14 -65.86
C VAL E 149 -4.92 29.89 -65.63
N PRO E 150 -4.49 29.61 -64.41
CA PRO E 150 -3.68 28.41 -64.16
C PRO E 150 -4.47 27.14 -64.45
N VAL E 151 -3.75 26.13 -64.90
CA VAL E 151 -4.35 24.82 -65.14
C VAL E 151 -3.80 23.76 -64.19
N ALA E 152 -2.69 24.01 -63.50
CA ALA E 152 -2.13 23.06 -62.56
C ALA E 152 -1.13 23.79 -61.67
N LEU E 153 -1.14 23.46 -60.39
CA LEU E 153 -0.22 24.03 -59.40
C LEU E 153 0.63 22.90 -58.83
N HIS E 154 1.87 22.82 -59.28
CA HIS E 154 2.78 21.79 -58.80
C HIS E 154 3.50 22.26 -57.56
N HIS E 155 3.54 21.42 -56.53
CA HIS E 155 4.19 21.75 -55.26
C HIS E 155 5.65 21.29 -55.34
N ARG E 156 6.55 22.22 -55.60
CA ARG E 156 7.97 21.90 -55.66
C ARG E 156 8.50 21.63 -54.26
N ASP E 157 9.58 20.86 -54.20
CA ASP E 157 10.17 20.50 -52.92
C ASP E 157 10.75 21.75 -52.25
N PRO E 158 10.43 21.99 -50.97
CA PRO E 158 10.93 23.21 -50.32
C PRO E 158 12.44 23.29 -50.21
N ALA E 159 13.15 22.18 -50.35
CA ALA E 159 14.60 22.21 -50.24
C ALA E 159 15.26 22.90 -51.44
N LEU E 160 14.52 23.10 -52.54
CA LEU E 160 15.09 23.73 -53.72
C LEU E 160 15.27 25.24 -53.56
N PHE E 161 14.74 25.83 -52.51
CA PHE E 161 14.75 27.28 -52.34
C PHE E 161 15.67 27.66 -51.19
N CYS E 162 16.60 28.56 -51.46
CA CYS E 162 17.50 29.11 -50.45
C CYS E 162 17.24 30.61 -50.32
N ALA E 163 17.11 31.07 -49.08
CA ALA E 163 16.90 32.49 -48.85
C ALA E 163 18.12 33.28 -49.30
N ASN E 164 17.87 34.49 -49.79
CA ASN E 164 18.96 35.36 -50.22
C ASN E 164 19.84 35.68 -49.02
N PRO E 165 21.18 35.61 -49.17
CA PRO E 165 22.05 36.03 -48.05
C PRO E 165 21.87 37.49 -47.68
N ASP E 166 21.33 38.31 -48.57
CA ASP E 166 21.00 39.70 -48.27
C ASP E 166 19.50 39.86 -48.16
N ASN E 167 19.08 40.57 -47.10
CA ASN E 167 17.69 40.90 -46.79
C ASN E 167 16.93 39.67 -46.27
N LEU E 168 17.51 38.49 -46.45
CA LEU E 168 17.17 37.28 -45.69
C LEU E 168 15.68 36.97 -45.62
N ASN E 169 14.87 37.61 -46.47
CA ASN E 169 13.43 37.39 -46.46
C ASN E 169 12.85 37.12 -47.85
N GLU E 170 13.68 37.10 -48.89
CA GLU E 170 13.23 36.83 -50.24
C GLU E 170 13.67 35.42 -50.62
N LEU E 171 12.70 34.53 -50.79
CA LEU E 171 13.00 33.17 -51.21
C LEU E 171 13.46 33.19 -52.67
N ARG E 172 14.61 32.59 -52.93
CA ARG E 172 15.18 32.55 -54.26
C ARG E 172 15.47 31.12 -54.65
N LEU E 173 15.04 30.72 -55.84
CA LEU E 173 15.29 29.37 -56.33
C LEU E 173 16.78 29.12 -56.45
N ARG E 174 17.23 27.98 -55.91
CA ARG E 174 18.65 27.69 -55.89
C ARG E 174 19.15 27.38 -57.29
N ASP E 175 20.25 28.02 -57.67
CA ASP E 175 20.85 27.84 -58.99
C ASP E 175 22.36 27.71 -58.88
N ALA E 176 22.83 27.12 -57.76
CA ALA E 176 24.26 26.93 -57.50
C ALA E 176 25.01 28.26 -57.57
N SER E 177 24.37 29.32 -57.07
CA SER E 177 24.94 30.65 -57.06
C SER E 177 24.87 31.24 -55.66
N TYR E 178 25.75 32.21 -55.40
CA TYR E 178 25.79 32.84 -54.09
C TYR E 178 24.49 33.58 -53.80
N HIS E 179 24.06 34.44 -54.72
CA HIS E 179 22.79 35.14 -54.54
C HIS E 179 21.62 34.20 -54.79
N GLY E 180 21.71 33.37 -55.81
CA GLY E 180 20.61 32.48 -56.15
C GLY E 180 19.65 33.10 -57.14
N LEU E 181 19.05 32.26 -57.96
CA LEU E 181 18.09 32.72 -58.95
C LEU E 181 16.80 33.17 -58.27
N GLU E 182 16.36 34.38 -58.61
CA GLU E 182 15.12 34.89 -58.06
C GLU E 182 13.92 34.18 -58.70
N LEU E 183 12.76 34.34 -58.09
CA LEU E 183 11.55 33.72 -58.59
C LEU E 183 11.04 34.46 -59.81
N GLN E 184 10.64 33.71 -60.83
CA GLN E 184 10.02 34.30 -62.00
C GLN E 184 8.67 34.91 -61.60
N PRO E 185 8.40 36.15 -61.97
CA PRO E 185 7.15 36.80 -61.53
C PRO E 185 5.93 36.12 -62.12
N PHE E 186 4.85 36.14 -61.35
CA PHE E 186 3.55 35.59 -61.75
C PHE E 186 3.65 34.09 -62.03
N GLY E 187 4.62 33.42 -61.45
CA GLY E 187 4.78 31.99 -61.69
C GLY E 187 5.22 31.21 -60.47
N TRP E 188 4.94 31.72 -59.28
CA TRP E 188 5.39 31.06 -58.05
C TRP E 188 4.45 31.46 -56.92
N PHE E 189 3.51 30.57 -56.60
CA PHE E 189 2.58 30.82 -55.49
C PHE E 189 3.31 30.54 -54.18
N MET E 190 3.69 31.61 -53.47
CA MET E 190 4.44 31.51 -52.23
C MET E 190 3.55 31.90 -51.06
N HIS E 191 3.50 31.04 -50.05
CA HIS E 191 2.72 31.28 -48.84
C HIS E 191 3.65 31.10 -47.64
N ARG E 192 4.06 32.21 -47.04
CA ARG E 192 4.96 32.19 -45.90
C ARG E 192 4.13 32.32 -44.64
N ALA E 193 3.91 31.20 -43.95
CA ALA E 193 3.11 31.17 -42.73
C ALA E 193 4.03 31.42 -41.55
N LYS E 194 4.02 32.65 -41.05
CA LYS E 194 4.87 33.04 -39.93
C LYS E 194 4.11 32.82 -38.63
N SER E 195 4.40 31.70 -37.96
CA SER E 195 3.88 31.48 -36.62
C SER E 195 4.64 32.29 -35.59
N ARG E 196 5.93 32.51 -35.83
CA ARG E 196 6.80 33.28 -34.95
C ARG E 196 7.47 34.37 -35.76
N THR E 197 7.51 35.58 -35.20
CA THR E 197 8.11 36.69 -35.91
C THR E 197 9.60 36.43 -36.16
N GLY E 198 10.08 36.87 -37.31
CA GLY E 198 11.46 36.63 -37.69
C GLY E 198 11.59 36.49 -39.18
N TYR E 199 12.66 35.81 -39.59
CA TYR E 199 12.97 35.65 -41.00
C TYR E 199 12.26 34.43 -41.57
N VAL E 200 12.50 34.16 -42.86
CA VAL E 200 11.75 33.12 -43.56
C VAL E 200 12.14 31.74 -43.03
N GLY E 201 13.42 31.52 -42.72
CA GLY E 201 13.83 30.22 -42.23
C GLY E 201 13.42 29.97 -40.80
N THR E 202 13.29 31.05 -40.02
CA THR E 202 13.03 30.91 -38.58
C THR E 202 11.59 30.54 -38.29
N ASN E 203 10.64 31.12 -39.03
CA ASN E 203 9.24 31.10 -38.61
C ASN E 203 8.58 29.73 -38.72
N GLY E 204 9.28 28.69 -39.17
CA GLY E 204 8.68 27.38 -39.21
C GLY E 204 8.56 26.75 -37.83
N LEU E 205 7.57 25.87 -37.68
CA LEU E 205 7.39 25.16 -36.42
C LEU E 205 8.41 24.05 -36.20
N VAL E 206 9.19 23.69 -37.22
CA VAL E 206 10.23 22.68 -37.02
C VAL E 206 11.28 23.16 -36.02
N ARG E 207 11.53 24.47 -35.96
CA ARG E 207 12.51 25.00 -35.01
C ARG E 207 12.11 24.68 -33.58
N THR E 208 10.83 24.85 -33.24
CA THR E 208 10.36 24.54 -31.90
C THR E 208 10.18 23.05 -31.68
N LEU E 209 9.72 22.31 -32.70
CA LEU E 209 9.33 20.92 -32.52
C LEU E 209 10.46 19.93 -32.69
N ILE E 210 11.65 20.37 -33.11
CA ILE E 210 12.73 19.43 -33.32
C ILE E 210 13.15 18.79 -31.99
N TRP E 211 13.13 19.56 -30.90
CA TRP E 211 13.60 19.03 -29.63
C TRP E 211 12.64 18.01 -29.04
N PRO E 212 11.34 18.28 -28.87
CA PRO E 212 10.45 17.22 -28.39
C PRO E 212 10.41 16.01 -29.30
N PHE E 213 10.54 16.21 -30.62
CA PHE E 213 10.60 15.08 -31.53
C PHE E 213 11.80 14.18 -31.20
N ILE E 214 12.97 14.79 -31.04
CA ILE E 214 14.17 14.02 -30.74
C ILE E 214 14.00 13.27 -29.41
N PHE E 215 13.53 13.97 -28.39
CA PHE E 215 13.40 13.34 -27.07
C PHE E 215 12.41 12.18 -27.11
N LYS E 216 11.25 12.39 -27.72
CA LYS E 216 10.23 11.35 -27.77
C LYS E 216 10.73 10.14 -28.55
N ASN E 217 11.36 10.37 -29.70
CA ASN E 217 11.76 9.22 -30.52
C ASN E 217 12.92 8.47 -29.90
N TYR E 218 13.87 9.18 -29.29
CA TYR E 218 14.96 8.48 -28.60
C TYR E 218 14.41 7.67 -27.43
N SER E 219 13.47 8.25 -26.67
CA SER E 219 12.87 7.50 -25.57
C SER E 219 12.13 6.28 -26.09
N VAL E 220 11.42 6.41 -27.21
CA VAL E 220 10.65 5.30 -27.75
C VAL E 220 11.58 4.17 -28.19
N ARG E 221 12.66 4.52 -28.90
CA ARG E 221 13.59 3.47 -29.34
C ARG E 221 14.27 2.81 -28.16
N ASP E 222 14.67 3.59 -27.14
CA ASP E 222 15.28 3.00 -25.97
C ASP E 222 14.30 2.08 -25.25
N PHE E 223 13.03 2.48 -25.16
CA PHE E 223 12.02 1.64 -24.53
C PHE E 223 11.83 0.34 -25.30
N ALA E 224 11.78 0.41 -26.63
CA ALA E 224 11.62 -0.80 -27.43
C ALA E 224 12.81 -1.73 -27.25
N GLU E 225 14.02 -1.18 -27.23
CA GLU E 225 15.19 -2.02 -27.01
C GLU E 225 15.19 -2.63 -25.61
N PHE E 226 14.66 -1.89 -24.63
CA PHE E 226 14.54 -2.43 -23.28
C PHE E 226 13.57 -3.60 -23.25
N LEU E 227 12.44 -3.48 -23.95
CA LEU E 227 11.50 -4.60 -24.03
C LEU E 227 12.07 -5.76 -24.83
N GLU E 228 13.02 -5.50 -25.71
CA GLU E 228 13.65 -6.60 -26.44
C GLU E 228 14.34 -7.57 -25.49
N ILE E 229 14.85 -7.05 -24.37
CA ILE E 229 15.64 -7.86 -23.45
C ILE E 229 14.91 -8.17 -22.15
N TYR E 230 13.97 -7.33 -21.74
CA TYR E 230 13.36 -7.46 -20.42
C TYR E 230 12.58 -8.75 -20.28
N GLY E 231 12.55 -9.27 -19.06
CA GLY E 231 11.73 -10.39 -18.58
C GLY E 231 12.24 -11.76 -19.04
N LEU E 232 13.47 -11.86 -19.53
CA LEU E 232 14.04 -13.13 -19.95
C LEU E 232 15.49 -13.18 -19.50
N PRO E 233 15.77 -13.81 -18.35
CA PRO E 233 17.11 -13.75 -17.79
C PRO E 233 18.13 -14.46 -18.67
N MET E 234 19.36 -13.97 -18.61
CA MET E 234 20.46 -14.62 -19.31
C MET E 234 20.72 -15.98 -18.66
N ARG E 235 21.05 -16.97 -19.50
CA ARG E 235 21.21 -18.36 -19.09
C ARG E 235 22.66 -18.75 -19.28
N VAL E 236 23.46 -18.61 -18.23
CA VAL E 236 24.89 -18.90 -18.28
C VAL E 236 25.16 -20.23 -17.60
N GLY E 237 25.99 -21.04 -18.24
CA GLY E 237 26.46 -22.30 -17.66
C GLY E 237 27.96 -22.22 -17.41
N LYS E 238 28.38 -22.66 -16.23
CA LYS E 238 29.78 -22.59 -15.82
C LYS E 238 30.34 -24.01 -15.83
N TYR E 239 30.87 -24.42 -16.98
CA TYR E 239 31.48 -25.73 -17.07
C TYR E 239 32.79 -25.75 -16.30
N PRO E 240 33.10 -26.82 -15.60
CA PRO E 240 34.40 -26.90 -14.90
C PRO E 240 35.53 -26.84 -15.90
N THR E 241 36.60 -26.16 -15.52
CA THR E 241 37.75 -26.05 -16.41
C THR E 241 38.36 -27.43 -16.63
N GLY E 242 38.99 -27.59 -17.79
CA GLY E 242 39.51 -28.88 -18.19
C GLY E 242 38.51 -29.77 -18.90
N SER E 243 37.26 -29.33 -19.03
CA SER E 243 36.29 -30.12 -19.78
C SER E 243 36.70 -30.23 -21.24
N THR E 244 36.44 -31.39 -21.84
CA THR E 244 36.83 -31.62 -23.21
C THR E 244 36.10 -30.66 -24.15
N ASN E 245 36.72 -30.41 -25.30
CA ASN E 245 36.14 -29.49 -26.28
C ASN E 245 34.82 -29.99 -26.84
N ARG E 246 34.50 -31.27 -26.66
CA ARG E 246 33.21 -31.82 -27.06
C ARG E 246 32.12 -31.60 -26.04
N GLU E 247 32.46 -31.54 -24.75
CA GLU E 247 31.48 -31.36 -23.70
C GLU E 247 31.07 -29.91 -23.49
N LYS E 248 31.80 -28.96 -24.08
CA LYS E 248 31.34 -27.58 -24.12
C LYS E 248 30.26 -27.35 -25.16
N ALA E 249 30.35 -28.00 -26.31
CA ALA E 249 29.33 -27.89 -27.35
C ALA E 249 27.99 -28.43 -26.89
N THR E 250 27.98 -29.62 -26.26
CA THR E 250 26.74 -30.18 -25.76
C THR E 250 26.16 -29.31 -24.65
N LEU E 251 27.01 -28.79 -23.77
CA LEU E 251 26.54 -27.92 -22.70
C LEU E 251 25.90 -26.67 -23.28
N MET E 252 26.51 -26.09 -24.32
CA MET E 252 25.97 -24.87 -24.89
C MET E 252 24.68 -25.14 -25.65
N GLN E 253 24.61 -26.26 -26.36
CA GLN E 253 23.37 -26.64 -27.02
C GLN E 253 22.26 -26.96 -26.03
N ALA E 254 22.61 -27.38 -24.82
CA ALA E 254 21.60 -27.59 -23.78
C ALA E 254 21.15 -26.28 -23.15
N VAL E 255 22.10 -25.41 -22.77
CA VAL E 255 21.75 -24.14 -22.14
C VAL E 255 20.99 -23.24 -23.10
N MET E 256 21.11 -23.47 -24.41
CA MET E 256 20.30 -22.77 -25.39
C MET E 256 19.05 -23.54 -25.77
N ASP E 257 18.81 -24.68 -25.14
CA ASP E 257 17.59 -25.46 -25.36
C ASP E 257 16.57 -25.26 -24.25
N ILE E 258 16.81 -24.33 -23.33
CA ILE E 258 15.87 -24.07 -22.25
C ILE E 258 14.66 -23.33 -22.83
N GLY E 259 13.48 -23.91 -22.65
CA GLY E 259 12.26 -23.32 -23.13
C GLY E 259 11.14 -23.39 -22.10
N ARG E 260 9.96 -23.83 -22.53
CA ARG E 260 8.84 -23.96 -21.61
C ARG E 260 8.97 -25.26 -20.83
N ARG E 261 8.94 -25.16 -19.50
CA ARG E 261 9.03 -26.32 -18.61
C ARG E 261 10.30 -27.12 -18.87
N ALA E 262 11.37 -26.42 -19.21
CA ALA E 262 12.65 -27.08 -19.45
C ALA E 262 13.15 -27.71 -18.16
N GLY E 263 13.68 -28.93 -18.27
CA GLY E 263 14.20 -29.62 -17.11
C GLY E 263 15.22 -30.67 -17.50
N GLY E 264 16.38 -30.64 -16.88
CA GLY E 264 17.43 -31.56 -17.26
C GLY E 264 18.35 -31.86 -16.09
N ILE E 265 19.46 -32.51 -16.41
CA ILE E 265 20.43 -32.95 -15.42
C ILE E 265 21.76 -32.28 -15.69
N ILE E 266 22.45 -31.90 -14.63
CA ILE E 266 23.80 -31.35 -14.72
C ILE E 266 24.68 -32.01 -13.68
N PRO E 267 25.95 -32.24 -13.99
CA PRO E 267 26.86 -32.82 -12.98
C PRO E 267 27.03 -31.89 -11.79
N MET E 268 27.60 -32.45 -10.73
CA MET E 268 27.78 -31.67 -9.50
C MET E 268 28.73 -30.50 -9.73
N GLY E 269 29.68 -30.64 -10.65
CA GLY E 269 30.66 -29.60 -10.90
C GLY E 269 30.19 -28.46 -11.80
N MET E 270 29.01 -28.58 -12.39
CA MET E 270 28.48 -27.56 -13.27
C MET E 270 27.45 -26.70 -12.56
N THR E 271 27.27 -25.48 -13.07
CA THR E 271 26.28 -24.56 -12.52
C THR E 271 25.48 -23.96 -13.67
N LEU E 272 24.25 -23.58 -13.36
CA LEU E 272 23.32 -23.06 -14.36
C LEU E 272 22.62 -21.81 -13.84
N ASP E 273 23.40 -20.87 -13.33
CA ASP E 273 22.84 -19.66 -12.74
C ASP E 273 22.10 -18.84 -13.80
N PHE E 274 21.02 -18.19 -13.38
CA PHE E 274 20.21 -17.34 -14.24
C PHE E 274 20.40 -15.89 -13.79
N GLN E 275 21.01 -15.08 -14.66
CA GLN E 275 21.26 -13.68 -14.35
C GLN E 275 20.37 -12.79 -15.21
N SER E 276 19.73 -11.82 -14.57
CA SER E 276 18.86 -10.90 -15.29
C SER E 276 19.69 -9.98 -16.19
N ALA E 277 19.15 -9.71 -17.37
CA ALA E 277 19.83 -8.86 -18.35
C ALA E 277 19.19 -7.49 -18.52
N ALA E 278 18.05 -7.23 -17.89
CA ALA E 278 17.42 -5.92 -17.99
C ALA E 278 16.52 -5.75 -16.77
N ASP E 279 16.87 -4.82 -15.89
CA ASP E 279 16.13 -4.56 -14.67
C ASP E 279 15.59 -3.14 -14.72
N GLY E 280 14.31 -2.98 -14.40
CA GLY E 280 13.68 -1.69 -14.40
C GLY E 280 12.19 -1.83 -14.66
N GLN E 281 11.56 -0.69 -14.95
CA GLN E 281 10.15 -0.65 -15.24
C GLN E 281 9.90 0.36 -16.36
N SER E 282 8.65 0.45 -16.80
CA SER E 282 8.28 1.27 -17.93
C SER E 282 7.91 2.70 -17.55
N ASP E 283 7.91 3.04 -16.26
CA ASP E 283 7.44 4.36 -15.85
C ASP E 283 8.27 5.50 -16.43
N PRO E 284 9.61 5.49 -16.38
CA PRO E 284 10.35 6.64 -16.92
C PRO E 284 10.15 6.85 -18.40
N PHE E 285 10.22 5.78 -19.20
CA PHE E 285 10.06 5.92 -20.64
C PHE E 285 8.70 6.50 -20.99
N MET E 286 7.63 5.97 -20.38
CA MET E 286 6.30 6.47 -20.65
C MET E 286 6.10 7.89 -20.14
N ALA E 287 6.74 8.25 -19.02
CA ALA E 287 6.65 9.63 -18.55
C ALA E 287 7.26 10.60 -19.56
N MET E 288 8.45 10.26 -20.06
CA MET E 288 9.09 11.12 -21.06
C MET E 288 8.26 11.18 -22.34
N ILE E 289 7.72 10.04 -22.78
CA ILE E 289 6.92 10.02 -23.99
C ILE E 289 5.68 10.88 -23.83
N GLY E 290 5.00 10.76 -22.68
CA GLY E 290 3.82 11.58 -22.44
C GLY E 290 4.14 13.06 -22.40
N TRP E 291 5.24 13.43 -21.74
CA TRP E 291 5.62 14.84 -21.70
C TRP E 291 5.92 15.37 -23.09
N ALA E 292 6.65 14.59 -23.89
CA ALA E 292 7.00 15.04 -25.24
C ALA E 292 5.76 15.17 -26.12
N GLU E 293 4.83 14.20 -26.02
CA GLU E 293 3.60 14.31 -26.80
C GLU E 293 2.78 15.51 -26.38
N LYS E 294 2.71 15.78 -25.07
CA LYS E 294 1.98 16.95 -24.61
C LYS E 294 2.61 18.23 -25.13
N ALA E 295 3.95 18.30 -25.13
CA ALA E 295 4.62 19.48 -25.65
C ALA E 295 4.37 19.66 -27.15
N ILE E 296 4.40 18.55 -27.90
CA ILE E 296 4.13 18.64 -29.34
C ILE E 296 2.71 19.12 -29.60
N SER E 297 1.75 18.59 -28.83
CA SER E 297 0.37 19.05 -28.98
C SER E 297 0.24 20.52 -28.64
N LYS E 298 0.92 20.97 -27.58
CA LYS E 298 0.89 22.39 -27.23
C LYS E 298 1.43 23.25 -28.37
N ALA E 299 2.55 22.83 -28.96
CA ALA E 299 3.13 23.62 -30.04
C ALA E 299 2.22 23.65 -31.26
N ILE E 300 1.60 22.51 -31.60
CA ILE E 300 0.83 22.44 -32.83
C ILE E 300 -0.53 23.12 -32.68
N LEU E 301 -1.35 22.64 -31.75
CA LEU E 301 -2.69 23.18 -31.61
C LEU E 301 -2.74 24.36 -30.65
N GLY E 302 -2.10 24.23 -29.50
CA GLY E 302 -2.15 25.23 -28.46
C GLY E 302 -2.54 24.68 -27.11
N GLY E 303 -3.17 23.52 -27.08
CA GLY E 303 -3.55 22.89 -25.83
C GLY E 303 -4.04 21.47 -26.03
N THR E 304 -3.54 20.55 -25.23
CA THR E 304 -3.93 19.14 -25.35
C THR E 304 -5.24 18.88 -24.63
N ASP E 322 -11.02 25.06 -26.31
CA ASP E 322 -11.29 24.97 -27.73
C ASP E 322 -11.20 26.35 -28.39
N GLU E 323 -11.11 27.38 -27.55
CA GLU E 323 -10.96 28.74 -28.07
C GLU E 323 -9.58 28.93 -28.71
N VAL E 324 -8.54 28.32 -28.14
CA VAL E 324 -7.19 28.50 -28.64
C VAL E 324 -7.06 27.94 -30.05
N ARG E 325 -7.64 26.76 -30.29
CA ARG E 325 -7.60 26.19 -31.62
C ARG E 325 -8.34 27.09 -32.61
N ARG E 326 -9.44 27.68 -32.19
CA ARG E 326 -10.18 28.61 -33.05
C ARG E 326 -9.32 29.82 -33.40
N GLU E 327 -8.61 30.37 -32.42
CA GLU E 327 -7.75 31.51 -32.70
C GLU E 327 -6.61 31.13 -33.63
N ILE E 328 -6.02 29.95 -33.45
CA ILE E 328 -4.96 29.47 -34.33
C ILE E 328 -5.48 29.37 -35.76
N ARG E 329 -6.65 28.76 -35.93
CA ARG E 329 -7.25 28.63 -37.25
C ARG E 329 -7.51 29.98 -37.87
N ASN E 330 -8.08 30.92 -37.11
CA ASN E 330 -8.35 32.24 -37.66
C ASN E 330 -7.07 32.93 -38.10
N ALA E 331 -6.02 32.85 -37.28
CA ALA E 331 -4.78 33.54 -37.60
C ALA E 331 -4.13 32.98 -38.86
N ASP E 332 -3.94 31.66 -38.92
CA ASP E 332 -3.23 31.12 -40.08
C ASP E 332 -4.10 31.15 -41.33
N VAL E 333 -5.42 31.10 -41.17
CA VAL E 333 -6.32 31.28 -42.31
C VAL E 333 -6.23 32.71 -42.84
N GLY E 334 -6.14 33.69 -41.94
CA GLY E 334 -5.97 35.07 -42.40
C GLY E 334 -4.65 35.27 -43.13
N GLN E 335 -3.58 34.65 -42.63
CA GLN E 335 -2.30 34.74 -43.33
C GLN E 335 -2.40 34.09 -44.71
N LEU E 336 -3.04 32.93 -44.81
CA LEU E 336 -3.22 32.28 -46.09
C LEU E 336 -4.06 33.14 -47.03
N ALA E 337 -5.09 33.80 -46.51
CA ALA E 337 -5.91 34.66 -47.34
C ALA E 337 -5.11 35.85 -47.87
N ARG E 338 -4.26 36.43 -47.03
CA ARG E 338 -3.40 37.52 -47.50
C ARG E 338 -2.46 37.04 -48.60
N SER E 339 -1.88 35.85 -48.42
CA SER E 339 -1.01 35.30 -49.46
C SER E 339 -1.76 35.07 -50.77
N ILE E 340 -2.98 34.52 -50.68
CA ILE E 340 -3.78 34.27 -51.87
C ILE E 340 -4.11 35.57 -52.58
N ASN E 341 -4.53 36.59 -51.81
CA ASN E 341 -4.83 37.89 -52.40
C ASN E 341 -3.61 38.47 -53.10
N ARG E 342 -2.43 38.29 -52.49
CA ARG E 342 -1.21 38.78 -53.13
C ARG E 342 -0.92 38.04 -54.43
N ASP E 343 -1.14 36.72 -54.47
CA ASP E 343 -0.55 35.92 -55.53
C ASP E 343 -1.51 34.99 -56.26
N LEU E 344 -2.83 35.11 -56.06
CA LEU E 344 -3.76 34.28 -56.82
C LEU E 344 -4.99 35.04 -57.31
N ILE E 345 -5.13 36.32 -56.98
CA ILE E 345 -6.22 37.15 -57.46
C ILE E 345 -5.70 38.26 -58.35
N TYR E 346 -4.73 39.03 -57.85
CA TYR E 346 -4.09 40.04 -58.68
C TYR E 346 -3.45 39.49 -59.94
N PRO E 347 -2.73 38.35 -59.93
CA PRO E 347 -2.20 37.83 -61.19
C PRO E 347 -3.28 37.53 -62.22
N LEU E 348 -4.38 36.91 -61.79
CA LEU E 348 -5.48 36.62 -62.71
C LEU E 348 -6.08 37.90 -63.26
N LEU E 349 -6.30 38.89 -62.39
CA LEU E 349 -6.88 40.15 -62.83
C LEU E 349 -5.96 40.86 -63.83
N ALA E 350 -4.65 40.86 -63.56
CA ALA E 350 -3.73 41.57 -64.43
C ALA E 350 -3.57 40.87 -65.77
N LEU E 351 -3.51 39.54 -65.76
CA LEU E 351 -3.33 38.81 -67.01
C LEU E 351 -4.58 38.85 -67.87
N ASN E 352 -5.76 38.61 -67.27
CA ASN E 352 -6.98 38.57 -68.06
C ASN E 352 -7.36 39.94 -68.58
N SER E 353 -7.26 40.97 -67.75
CA SER E 353 -7.59 42.31 -68.19
C SER E 353 -6.42 42.96 -68.90
N ASP E 354 -6.71 44.06 -69.61
CA ASP E 354 -5.70 44.80 -70.34
C ASP E 354 -5.41 46.17 -69.74
N SER E 355 -6.37 46.78 -69.06
CA SER E 355 -6.15 48.08 -68.44
C SER E 355 -5.37 47.92 -67.13
N THR E 356 -4.81 49.03 -66.67
CA THR E 356 -4.03 49.04 -65.42
C THR E 356 -4.94 48.70 -64.25
N ILE E 357 -4.70 47.55 -63.63
CA ILE E 357 -5.52 47.11 -62.50
C ILE E 357 -5.30 48.05 -61.31
N ASP E 358 -6.39 48.51 -60.72
CA ASP E 358 -6.30 49.38 -59.54
C ASP E 358 -5.80 48.56 -58.35
N ILE E 359 -4.54 48.76 -57.99
CA ILE E 359 -3.95 47.99 -56.89
C ILE E 359 -4.64 48.31 -55.57
N ASN E 360 -5.07 49.56 -55.38
CA ASN E 360 -5.75 49.94 -54.15
C ASN E 360 -7.05 49.18 -53.98
N ARG E 361 -7.82 49.02 -55.05
CA ARG E 361 -9.14 48.38 -55.01
C ARG E 361 -9.13 47.16 -55.92
N LEU E 362 -8.96 45.98 -55.31
CA LEU E 362 -9.07 44.71 -56.01
C LEU E 362 -9.79 43.71 -55.14
N PRO E 363 -10.50 42.75 -55.73
CA PRO E 363 -11.22 41.76 -54.93
C PRO E 363 -10.27 40.95 -54.05
N GLY E 364 -10.75 40.63 -52.87
CA GLY E 364 -9.96 39.87 -51.91
C GLY E 364 -10.72 38.70 -51.35
N ILE E 365 -10.02 37.57 -51.18
CA ILE E 365 -10.66 36.38 -50.65
C ILE E 365 -10.92 36.56 -49.16
N VAL E 366 -12.10 36.11 -48.72
CA VAL E 366 -12.49 36.18 -47.32
C VAL E 366 -13.00 34.81 -46.89
N PHE E 367 -12.48 34.31 -45.78
CA PHE E 367 -12.93 33.04 -45.23
C PHE E 367 -14.02 33.27 -44.19
N ASP E 368 -15.04 32.42 -44.22
CA ASP E 368 -16.15 32.50 -43.28
C ASP E 368 -15.72 31.89 -41.95
N THR E 369 -14.93 32.66 -41.20
CA THR E 369 -14.38 32.21 -39.92
C THR E 369 -15.27 32.58 -38.74
N SER E 370 -16.43 33.17 -38.99
CA SER E 370 -17.31 33.57 -37.89
C SER E 370 -17.82 32.35 -37.14
N GLU E 371 -17.84 32.46 -35.81
CA GLU E 371 -18.33 31.37 -34.98
C GLU E 371 -19.82 31.14 -35.22
N ALA E 372 -20.21 29.88 -35.25
CA ALA E 372 -21.61 29.53 -35.47
C ALA E 372 -22.48 30.05 -34.33
N GLY E 373 -23.71 30.41 -34.67
CA GLY E 373 -24.66 30.94 -33.72
C GLY E 373 -25.67 29.88 -33.31
N ASP E 374 -25.85 29.72 -32.00
CA ASP E 374 -26.80 28.77 -31.48
C ASP E 374 -28.22 29.18 -31.86
N ILE E 375 -28.91 28.32 -32.63
CA ILE E 375 -30.18 28.69 -33.21
C ILE E 375 -31.26 28.86 -32.15
N THR E 376 -31.23 28.06 -31.09
CA THR E 376 -32.29 28.12 -30.09
C THR E 376 -32.26 29.43 -29.32
N ALA E 377 -31.06 29.84 -28.87
CA ALA E 377 -30.95 31.09 -28.12
C ALA E 377 -31.31 32.29 -29.00
N LEU E 378 -30.84 32.32 -30.23
CA LEU E 378 -31.20 33.41 -31.13
C LEU E 378 -32.71 33.42 -31.39
N SER E 379 -33.30 32.25 -31.60
CA SER E 379 -34.71 32.18 -31.94
C SER E 379 -35.61 32.58 -30.78
N ASP E 380 -35.20 32.31 -29.54
CA ASP E 380 -36.03 32.73 -28.41
C ASP E 380 -35.55 34.05 -27.80
N ALA E 381 -34.52 34.67 -28.36
CA ALA E 381 -34.07 35.97 -27.88
C ALA E 381 -34.46 37.10 -28.82
N ILE E 382 -34.22 36.94 -30.13
CA ILE E 382 -34.44 38.03 -31.07
C ILE E 382 -35.89 38.50 -31.10
N PRO E 383 -36.90 37.61 -31.24
CA PRO E 383 -38.27 38.07 -31.32
C PRO E 383 -38.61 38.84 -30.06
N LYS E 384 -37.81 38.67 -29.00
CA LYS E 384 -38.11 39.34 -27.71
C LYS E 384 -37.49 40.74 -27.74
N LEU E 385 -36.34 40.88 -28.38
CA LEU E 385 -35.68 42.20 -28.47
C LEU E 385 -36.26 42.90 -29.68
N ALA E 386 -36.71 42.15 -30.68
CA ALA E 386 -37.20 42.80 -31.91
C ALA E 386 -38.25 43.82 -31.50
N ALA E 387 -39.30 43.33 -30.86
CA ALA E 387 -40.27 44.31 -30.38
C ALA E 387 -39.47 45.44 -29.77
N GLY E 388 -39.50 46.64 -30.36
CA GLY E 388 -38.85 47.80 -29.71
C GLY E 388 -37.57 48.21 -30.40
N MET E 389 -36.84 47.24 -30.94
CA MET E 389 -35.53 47.56 -31.54
C MET E 389 -35.54 47.12 -33.01
N ARG E 390 -35.00 47.96 -33.90
CA ARG E 390 -34.91 47.58 -35.34
C ARG E 390 -33.66 46.71 -35.56
N ILE E 391 -33.81 45.39 -35.49
CA ILE E 391 -32.66 44.47 -35.66
C ILE E 391 -32.60 44.15 -37.14
N PRO E 392 -31.45 44.29 -37.83
CA PRO E 392 -31.43 44.09 -39.27
C PRO E 392 -31.60 42.63 -39.52
N VAL E 393 -32.33 42.30 -40.59
CA VAL E 393 -32.61 40.87 -40.86
C VAL E 393 -31.28 40.21 -41.25
N SER E 394 -30.41 40.96 -41.91
CA SER E 394 -29.15 40.32 -42.40
C SER E 394 -28.28 39.94 -41.21
N TRP E 395 -28.03 40.85 -40.29
CA TRP E 395 -27.21 40.40 -39.14
C TRP E 395 -27.74 39.04 -38.75
N ILE E 396 -29.06 38.88 -38.80
CA ILE E 396 -29.49 37.56 -38.35
C ILE E 396 -29.26 36.52 -39.43
N GLN E 397 -29.42 36.91 -40.70
CA GLN E 397 -29.23 35.97 -41.80
C GLN E 397 -27.81 35.43 -41.86
N GLU E 398 -26.85 36.15 -41.29
CA GLU E 398 -25.46 35.66 -41.28
C GLU E 398 -25.36 34.35 -40.53
N LYS E 399 -26.04 34.22 -39.40
CA LYS E 399 -26.08 32.97 -38.67
C LYS E 399 -26.90 31.96 -39.47
N LEU E 400 -26.24 30.89 -39.93
CA LEU E 400 -26.85 29.88 -40.80
C LEU E 400 -27.33 30.59 -42.05
N HIS E 401 -28.62 30.59 -42.34
CA HIS E 401 -29.14 31.30 -43.51
C HIS E 401 -29.95 32.53 -43.09
N GLY F 2 -14.06 10.71 -83.88
CA GLY F 2 -13.47 9.50 -83.35
C GLY F 2 -12.23 9.77 -82.51
N ARG F 3 -11.54 10.86 -82.83
CA ARG F 3 -10.34 11.27 -82.09
C ARG F 3 -10.79 12.01 -80.83
N ILE F 4 -11.11 11.23 -79.79
CA ILE F 4 -11.62 11.80 -78.55
C ILE F 4 -10.49 12.49 -77.81
N LEU F 5 -10.77 13.67 -77.27
CA LEU F 5 -9.81 14.41 -76.48
C LEU F 5 -10.03 14.14 -74.99
N ASP F 6 -8.92 14.04 -74.26
CA ASP F 6 -8.99 13.81 -72.83
C ASP F 6 -9.23 15.13 -72.10
N ILE F 7 -9.13 15.11 -70.77
CA ILE F 7 -9.37 16.32 -69.98
C ILE F 7 -8.31 17.38 -70.27
N SER F 8 -7.09 16.95 -70.62
CA SER F 8 -5.99 17.85 -70.85
C SER F 8 -5.90 18.33 -72.30
N GLY F 9 -6.88 18.00 -73.12
CA GLY F 9 -6.91 18.48 -74.49
C GLY F 9 -5.84 17.92 -75.40
N GLN F 10 -5.51 16.64 -75.24
CA GLN F 10 -4.59 15.96 -76.16
C GLN F 10 -5.37 14.88 -76.92
N PRO F 11 -5.56 15.03 -78.22
CA PRO F 11 -6.33 14.02 -78.96
C PRO F 11 -5.61 12.68 -78.98
N PHE F 12 -6.40 11.62 -79.02
CA PHE F 12 -5.87 10.26 -79.03
C PHE F 12 -6.94 9.33 -79.59
N ASP F 13 -6.61 8.05 -79.72
CA ASP F 13 -7.54 7.02 -80.16
C ASP F 13 -7.86 6.12 -78.98
N PHE F 14 -9.15 5.95 -78.70
CA PHE F 14 -9.61 5.15 -77.57
C PHE F 14 -9.76 3.70 -77.99
N ASP F 15 -9.25 2.79 -77.16
CA ASP F 15 -9.26 1.35 -77.46
C ASP F 15 -10.02 0.61 -76.38
N ASP F 16 -10.89 -0.32 -76.81
CA ASP F 16 -11.68 -1.10 -75.86
C ASP F 16 -10.86 -2.15 -75.13
N GLU F 17 -9.73 -2.57 -75.70
CA GLU F 17 -8.91 -3.59 -75.06
C GLU F 17 -8.32 -3.08 -73.76
N MET F 18 -8.38 -3.92 -72.73
CA MET F 18 -7.77 -3.58 -71.45
C MET F 18 -6.25 -3.57 -71.58
N GLN F 19 -5.60 -2.62 -70.91
CA GLN F 19 -4.16 -2.44 -71.10
C GLN F 19 -3.39 -3.65 -70.61
N SER F 20 -3.82 -4.26 -69.50
CA SER F 20 -3.13 -5.45 -69.01
C SER F 20 -3.23 -6.60 -69.99
N ARG F 21 -4.42 -6.80 -70.58
CA ARG F 21 -4.62 -7.88 -71.54
C ARG F 21 -4.15 -7.45 -72.92
N SER F 22 -2.84 -7.23 -73.03
CA SER F 22 -2.24 -6.75 -74.27
C SER F 22 -1.24 -7.75 -74.84
N ASP F 23 -1.16 -8.95 -74.27
CA ASP F 23 -0.30 -10.03 -74.75
C ASP F 23 1.18 -9.68 -74.66
N GLU F 24 1.49 -8.52 -74.08
CA GLU F 24 2.87 -8.14 -73.85
C GLU F 24 3.20 -8.02 -72.37
N LEU F 25 2.20 -7.81 -71.53
CA LEU F 25 2.40 -7.67 -70.10
C LEU F 25 1.81 -8.86 -69.34
N ALA F 26 1.82 -10.03 -69.97
CA ALA F 26 1.31 -11.23 -69.33
C ALA F 26 2.21 -11.75 -68.22
N MET F 27 3.52 -11.53 -68.33
CA MET F 27 4.49 -12.02 -67.36
C MET F 27 4.89 -10.97 -66.34
N VAL F 28 4.31 -9.77 -66.39
CA VAL F 28 4.57 -8.74 -65.40
C VAL F 28 3.33 -8.31 -64.63
N MET F 29 2.14 -8.72 -65.06
CA MET F 29 0.92 -8.48 -64.30
C MET F 29 0.61 -9.62 -63.34
N LYS F 30 1.39 -10.68 -63.34
CA LYS F 30 1.18 -11.84 -62.48
C LYS F 30 2.43 -11.99 -61.61
N ARG F 31 2.37 -11.39 -60.42
CA ARG F 31 3.46 -11.41 -59.47
C ARG F 31 3.02 -12.06 -58.16
N THR F 32 3.84 -12.99 -57.66
CA THR F 32 3.56 -13.59 -56.37
C THR F 32 4.16 -12.72 -55.28
N GLN F 33 3.34 -12.37 -54.28
CA GLN F 33 3.69 -11.30 -53.36
C GLN F 33 4.90 -11.67 -52.52
N GLU F 34 5.68 -10.65 -52.17
CA GLU F 34 6.91 -10.84 -51.43
C GLU F 34 6.69 -11.12 -49.96
N HIS F 35 5.65 -10.56 -49.36
CA HIS F 35 5.43 -10.58 -47.92
C HIS F 35 6.69 -10.10 -47.20
N PRO F 36 7.00 -8.81 -47.29
CA PRO F 36 8.25 -8.29 -46.72
C PRO F 36 8.20 -8.08 -45.22
N SER F 37 7.03 -8.18 -44.61
CA SER F 37 6.85 -7.89 -43.19
C SER F 37 7.19 -9.07 -42.30
N SER F 38 7.94 -10.04 -42.81
CA SER F 38 8.42 -11.16 -42.02
C SER F 38 9.82 -10.82 -41.53
N GLY F 39 9.97 -10.63 -40.23
CA GLY F 39 11.25 -10.27 -39.65
C GLY F 39 11.77 -8.91 -40.06
N VAL F 40 10.91 -7.89 -40.03
CA VAL F 40 11.33 -6.55 -40.41
C VAL F 40 12.20 -5.95 -39.33
N THR F 41 13.33 -5.37 -39.73
CA THR F 41 14.19 -4.57 -38.89
C THR F 41 14.05 -3.11 -39.31
N PRO F 42 13.99 -2.17 -38.35
CA PRO F 42 13.84 -0.75 -38.71
C PRO F 42 14.78 -0.27 -39.80
N ASN F 43 16.01 -0.80 -39.86
CA ASN F 43 16.90 -0.45 -40.95
C ASN F 43 16.31 -0.84 -42.30
N ARG F 44 15.80 -2.07 -42.39
CA ARG F 44 15.22 -2.56 -43.63
C ARG F 44 13.91 -1.86 -43.97
N ALA F 45 13.12 -1.51 -42.95
CA ALA F 45 11.92 -0.71 -43.21
C ALA F 45 12.28 0.65 -43.77
N ALA F 46 13.30 1.30 -43.21
CA ALA F 46 13.77 2.56 -43.77
C ALA F 46 14.27 2.37 -45.20
N GLN F 47 14.93 1.25 -45.48
CA GLN F 47 15.44 1.01 -46.82
C GLN F 47 14.30 0.88 -47.83
N MET F 48 13.26 0.13 -47.49
CA MET F 48 12.14 -0.01 -48.41
C MET F 48 11.36 1.30 -48.56
N LEU F 49 11.25 2.08 -47.47
CA LEU F 49 10.61 3.38 -47.58
C LEU F 49 11.39 4.31 -48.52
N ARG F 50 12.72 4.28 -48.42
CA ARG F 50 13.54 5.11 -49.31
C ARG F 50 13.46 4.62 -50.75
N ASP F 51 13.37 3.31 -50.95
CA ASP F 51 13.20 2.78 -52.30
C ASP F 51 11.87 3.25 -52.90
N ALA F 52 10.81 3.23 -52.08
CA ALA F 52 9.52 3.75 -52.54
C ALA F 52 9.59 5.24 -52.84
N GLU F 53 10.30 6.01 -52.01
CA GLU F 53 10.45 7.43 -52.26
C GLU F 53 11.17 7.68 -53.58
N ARG F 54 12.19 6.87 -53.87
CA ARG F 54 12.90 7.03 -55.13
C ARG F 54 12.05 6.66 -56.34
N GLY F 55 11.03 5.82 -56.17
CA GLY F 55 10.15 5.50 -57.28
C GLY F 55 9.65 4.07 -57.35
N ASP F 56 10.38 3.12 -56.77
CA ASP F 56 9.99 1.72 -56.79
C ASP F 56 9.01 1.44 -55.65
N LEU F 57 7.72 1.48 -55.96
CA LEU F 57 6.66 1.42 -54.97
C LEU F 57 6.24 0.01 -54.60
N THR F 58 6.86 -1.01 -55.19
CA THR F 58 6.42 -2.39 -54.97
C THR F 58 6.56 -2.81 -53.51
N ALA F 59 7.75 -2.60 -52.93
CA ALA F 59 8.00 -3.03 -51.57
C ALA F 59 7.09 -2.31 -50.59
N GLN F 60 6.88 -1.02 -50.80
CA GLN F 60 5.99 -0.26 -49.92
C GLN F 60 4.57 -0.81 -49.99
N ALA F 61 4.09 -1.14 -51.18
CA ALA F 61 2.72 -1.66 -51.31
C ALA F 61 2.58 -3.01 -50.64
N ASP F 62 3.56 -3.90 -50.82
CA ASP F 62 3.49 -5.19 -50.14
C ASP F 62 3.54 -5.02 -48.62
N LEU F 63 4.38 -4.11 -48.14
CA LEU F 63 4.48 -3.86 -46.71
C LEU F 63 3.16 -3.32 -46.17
N ALA F 64 2.52 -2.41 -46.91
CA ALA F 64 1.23 -1.88 -46.50
C ALA F 64 0.17 -2.97 -46.47
N PHE F 65 0.18 -3.88 -47.45
CA PHE F 65 -0.79 -4.97 -47.44
C PHE F 65 -0.59 -5.88 -46.23
N ASP F 66 0.66 -6.20 -45.91
CA ASP F 66 0.94 -7.02 -44.74
C ASP F 66 0.52 -6.31 -43.46
N MET F 67 0.75 -5.00 -43.39
CA MET F 67 0.35 -4.24 -42.22
C MET F 67 -1.17 -4.23 -42.08
N GLU F 68 -1.88 -4.19 -43.20
CA GLU F 68 -3.34 -4.19 -43.15
C GLU F 68 -3.86 -5.53 -42.67
N GLU F 69 -3.30 -6.64 -43.16
CA GLU F 69 -3.83 -7.95 -42.77
C GLU F 69 -3.27 -8.48 -41.46
N LYS F 70 -2.15 -7.96 -40.97
CA LYS F 70 -1.52 -8.51 -39.79
C LYS F 70 -1.95 -7.82 -38.51
N ASP F 71 -1.77 -6.50 -38.44
CA ASP F 71 -2.07 -5.75 -37.23
C ASP F 71 -3.59 -5.57 -37.10
N THR F 72 -4.18 -6.27 -36.14
CA THR F 72 -5.64 -6.30 -36.03
C THR F 72 -6.21 -4.92 -35.72
N HIS F 73 -5.57 -4.18 -34.79
CA HIS F 73 -6.04 -2.84 -34.47
C HIS F 73 -5.95 -1.93 -35.68
N LEU F 74 -4.86 -2.04 -36.44
CA LEU F 74 -4.71 -1.24 -37.65
C LEU F 74 -5.83 -1.54 -38.64
N PHE F 75 -6.17 -2.82 -38.82
CA PHE F 75 -7.23 -3.18 -39.76
C PHE F 75 -8.58 -2.68 -39.27
N SER F 76 -8.84 -2.79 -37.97
CA SER F 76 -10.11 -2.30 -37.45
C SER F 76 -10.25 -0.80 -37.67
N GLU F 77 -9.19 -0.04 -37.38
CA GLU F 77 -9.24 1.41 -37.59
C GLU F 77 -9.38 1.75 -39.07
N LEU F 78 -8.65 1.04 -39.94
CA LEU F 78 -8.72 1.32 -41.36
C LEU F 78 -10.10 1.04 -41.92
N SER F 79 -10.72 -0.07 -41.51
CA SER F 79 -12.08 -0.36 -41.96
C SER F 79 -13.07 0.64 -41.39
N LYS F 80 -12.88 1.04 -40.13
CA LYS F 80 -13.73 2.08 -39.55
C LYS F 80 -13.67 3.36 -40.37
N ARG F 81 -12.48 3.74 -40.83
CA ARG F 81 -12.36 4.95 -41.63
C ARG F 81 -12.93 4.76 -43.03
N ARG F 82 -12.69 3.60 -43.65
CA ARG F 82 -13.10 3.39 -45.04
C ARG F 82 -14.60 3.23 -45.17
N LEU F 83 -15.27 2.71 -44.12
CA LEU F 83 -16.72 2.55 -44.21
C LEU F 83 -17.45 3.86 -43.97
N ALA F 84 -16.76 4.87 -43.44
CA ALA F 84 -17.37 6.19 -43.31
C ALA F 84 -17.70 6.76 -44.67
N ILE F 85 -16.80 6.58 -45.65
CA ILE F 85 -16.99 7.13 -46.99
C ILE F 85 -18.18 6.46 -47.66
N GLN F 86 -18.28 5.14 -47.55
CA GLN F 86 -19.34 4.42 -48.23
C GLN F 86 -20.72 4.76 -47.67
N ALA F 87 -20.77 5.24 -46.43
CA ALA F 87 -22.06 5.57 -45.82
C ALA F 87 -22.66 6.86 -46.40
N LEU F 88 -21.82 7.75 -46.89
CA LEU F 88 -22.31 9.03 -47.38
C LEU F 88 -23.13 8.84 -48.64
N GLU F 89 -24.29 9.51 -48.69
CA GLU F 89 -25.10 9.52 -49.89
C GLU F 89 -24.60 10.59 -50.85
N TRP F 90 -24.76 10.33 -52.14
CA TRP F 90 -24.21 11.21 -53.16
C TRP F 90 -25.20 11.38 -54.29
N ARG F 91 -24.95 12.42 -55.10
CA ARG F 91 -25.78 12.71 -56.27
C ARG F 91 -24.91 13.44 -57.28
N ILE F 92 -25.26 13.28 -58.56
CA ILE F 92 -24.51 13.93 -59.64
C ILE F 92 -25.15 15.30 -59.85
N ALA F 93 -24.70 16.26 -59.06
CA ALA F 93 -25.20 17.62 -59.20
C ALA F 93 -24.68 18.24 -60.49
N PRO F 94 -25.55 18.84 -61.29
CA PRO F 94 -25.10 19.44 -62.55
C PRO F 94 -24.19 20.63 -62.33
N ALA F 95 -23.62 21.12 -63.42
CA ALA F 95 -22.77 22.31 -63.34
C ALA F 95 -23.61 23.51 -62.90
N ARG F 96 -22.92 24.48 -62.32
CA ARG F 96 -23.59 25.68 -61.82
C ARG F 96 -24.29 26.41 -62.97
N ASP F 97 -25.49 26.91 -62.68
CA ASP F 97 -26.34 27.54 -63.69
C ASP F 97 -26.56 26.62 -64.89
N ALA F 98 -26.91 25.37 -64.59
CA ALA F 98 -27.08 24.37 -65.63
C ALA F 98 -28.26 24.72 -66.54
N SER F 99 -28.10 24.44 -67.82
CA SER F 99 -29.18 24.65 -68.78
C SER F 99 -30.10 23.43 -68.75
N ALA F 100 -30.98 23.30 -69.74
CA ALA F 100 -31.85 22.14 -69.81
C ALA F 100 -31.06 20.87 -70.08
N GLN F 101 -30.30 20.85 -71.17
CA GLN F 101 -29.60 19.64 -71.58
C GLN F 101 -28.56 19.20 -70.56
N GLU F 102 -27.85 20.17 -69.96
CA GLU F 102 -26.85 19.83 -68.95
C GLU F 102 -27.50 19.18 -67.74
N LYS F 103 -28.63 19.74 -67.28
CA LYS F 103 -29.34 19.14 -66.15
C LYS F 103 -29.86 17.76 -66.49
N LYS F 104 -30.37 17.58 -67.70
CA LYS F 104 -30.89 16.26 -68.09
C LYS F 104 -29.77 15.23 -68.16
N ASP F 105 -28.61 15.60 -68.71
CA ASP F 105 -27.48 14.68 -68.75
C ASP F 105 -26.98 14.37 -67.35
N ALA F 106 -26.92 15.37 -66.47
CA ALA F 106 -26.50 15.12 -65.10
C ALA F 106 -27.45 14.16 -64.39
N ASP F 107 -28.76 14.35 -64.57
CA ASP F 107 -29.72 13.44 -63.97
C ASP F 107 -29.60 12.04 -64.55
N MET F 108 -29.36 11.94 -65.87
CA MET F 108 -29.16 10.63 -66.49
C MET F 108 -27.96 9.92 -65.88
N LEU F 109 -26.85 10.63 -65.71
CA LEU F 109 -25.69 10.04 -65.07
C LEU F 109 -26.01 9.63 -63.62
N ASN F 110 -26.75 10.48 -62.90
CA ASN F 110 -27.11 10.17 -61.53
C ASN F 110 -27.88 8.86 -61.46
N GLU F 111 -28.92 8.72 -62.28
CA GLU F 111 -29.74 7.51 -62.24
C GLU F 111 -28.93 6.29 -62.67
N TYR F 112 -28.11 6.43 -63.72
CA TYR F 112 -27.31 5.29 -64.16
C TYR F 112 -26.34 4.83 -63.10
N LEU F 113 -25.64 5.78 -62.45
CA LEU F 113 -24.66 5.41 -61.45
C LEU F 113 -25.33 4.84 -60.19
N HIS F 114 -26.50 5.34 -59.82
CA HIS F 114 -27.24 4.73 -58.72
C HIS F 114 -27.82 3.38 -59.09
N ASP F 115 -27.92 3.08 -60.39
CA ASP F 115 -28.40 1.80 -60.87
C ASP F 115 -27.30 0.99 -61.57
N ALA F 116 -26.04 1.16 -61.16
CA ALA F 116 -24.94 0.37 -61.67
C ALA F 116 -24.25 -0.33 -60.51
N ALA F 117 -24.05 -1.64 -60.63
CA ALA F 117 -23.53 -2.42 -59.52
C ALA F 117 -22.03 -2.21 -59.32
N TRP F 118 -21.33 -1.73 -60.33
CA TRP F 118 -19.87 -1.61 -60.25
C TRP F 118 -19.41 -0.30 -59.63
N PHE F 119 -20.34 0.61 -59.29
CA PHE F 119 -19.92 1.87 -58.68
C PHE F 119 -19.58 1.68 -57.20
N GLU F 120 -20.37 0.89 -56.49
CA GLU F 120 -20.09 0.65 -55.08
C GLU F 120 -18.76 -0.04 -54.91
N ASP F 121 -18.45 -1.00 -55.80
CA ASP F 121 -17.13 -1.62 -55.79
C ASP F 121 -16.04 -0.59 -56.08
N ALA F 122 -16.31 0.35 -56.99
CA ALA F 122 -15.34 1.40 -57.29
C ALA F 122 -15.03 2.23 -56.07
N LEU F 123 -16.07 2.61 -55.32
CA LEU F 123 -15.88 3.44 -54.13
C LEU F 123 -15.21 2.66 -53.02
N PHE F 124 -15.54 1.37 -52.87
CA PHE F 124 -14.90 0.58 -51.83
C PHE F 124 -13.43 0.33 -52.13
N ASP F 125 -13.09 0.09 -53.40
CA ASP F 125 -11.71 -0.15 -53.76
C ASP F 125 -10.89 1.13 -53.80
N ALA F 126 -11.52 2.26 -54.10
CA ALA F 126 -10.81 3.53 -54.07
C ALA F 126 -10.34 3.90 -52.68
N GLY F 127 -10.96 3.33 -51.65
CA GLY F 127 -10.50 3.54 -50.29
C GLY F 127 -9.19 2.89 -49.95
N ASP F 128 -8.68 2.02 -50.84
CA ASP F 128 -7.38 1.41 -50.62
C ASP F 128 -6.26 2.43 -50.63
N ALA F 129 -6.44 3.55 -51.33
CA ALA F 129 -5.41 4.58 -51.42
C ALA F 129 -5.13 5.23 -50.07
N ILE F 130 -6.00 5.03 -49.08
CA ILE F 130 -5.81 5.63 -47.77
C ILE F 130 -4.49 5.15 -47.16
N LEU F 131 -4.21 3.86 -47.27
CA LEU F 131 -3.06 3.26 -46.62
C LEU F 131 -1.87 3.09 -47.55
N LYS F 132 -2.09 2.62 -48.78
CA LYS F 132 -1.00 2.37 -49.71
C LYS F 132 -0.53 3.65 -50.38
N GLY F 133 -1.44 4.57 -50.65
CA GLY F 133 -1.11 5.83 -51.29
C GLY F 133 -1.81 6.08 -52.60
N TYR F 134 -2.28 5.04 -53.28
CA TYR F 134 -2.83 5.16 -54.63
C TYR F 134 -3.65 3.91 -54.91
N SER F 135 -4.91 4.10 -55.32
CA SER F 135 -5.79 3.01 -55.68
C SER F 135 -6.03 3.06 -57.18
N MET F 136 -5.57 2.03 -57.90
CA MET F 136 -5.65 1.99 -59.35
C MET F 136 -6.57 0.85 -59.76
N GLN F 137 -7.58 1.18 -60.58
CA GLN F 137 -8.57 0.21 -61.05
C GLN F 137 -8.71 0.34 -62.55
N GLU F 138 -8.70 -0.80 -63.24
CA GLU F 138 -8.91 -0.77 -64.68
C GLU F 138 -10.40 -0.66 -65.00
N ILE F 139 -10.69 -0.24 -66.21
CA ILE F 139 -12.05 -0.06 -66.69
C ILE F 139 -12.23 -0.96 -67.90
N GLU F 140 -13.06 -1.98 -67.77
CA GLU F 140 -13.39 -2.86 -68.89
C GLU F 140 -14.61 -2.28 -69.58
N TRP F 141 -14.37 -1.53 -70.66
CA TRP F 141 -15.46 -0.85 -71.34
C TRP F 141 -16.38 -1.83 -72.04
N GLY F 142 -17.68 -1.55 -72.00
CA GLY F 142 -18.66 -2.42 -72.60
C GLY F 142 -19.77 -1.63 -73.24
N TRP F 143 -20.53 -2.32 -74.09
CA TRP F 143 -21.62 -1.71 -74.84
C TRP F 143 -22.93 -2.02 -74.13
N LEU F 144 -23.53 -0.99 -73.53
CA LEU F 144 -24.84 -1.11 -72.89
C LEU F 144 -25.85 -0.36 -73.77
N GLY F 145 -26.57 -1.10 -74.60
CA GLY F 145 -27.51 -0.49 -75.52
C GLY F 145 -26.81 0.44 -76.50
N LYS F 146 -27.01 1.74 -76.34
CA LYS F 146 -26.33 2.75 -77.13
C LYS F 146 -25.53 3.69 -76.22
N MET F 147 -24.86 3.11 -75.23
CA MET F 147 -24.02 3.86 -74.31
C MET F 147 -22.78 3.03 -74.01
N ARG F 148 -21.60 3.62 -74.26
CA ARG F 148 -20.33 2.94 -73.99
C ARG F 148 -19.93 3.22 -72.56
N VAL F 149 -20.32 2.33 -71.66
CA VAL F 149 -20.12 2.53 -70.22
C VAL F 149 -19.38 1.34 -69.64
N PRO F 150 -18.66 1.50 -68.53
CA PRO F 150 -17.93 0.37 -67.94
C PRO F 150 -18.88 -0.72 -67.48
N VAL F 151 -18.40 -1.97 -67.59
CA VAL F 151 -19.15 -3.11 -67.09
C VAL F 151 -18.47 -3.79 -65.91
N ALA F 152 -17.20 -3.50 -65.64
CA ALA F 152 -16.50 -4.08 -64.52
C ALA F 152 -15.24 -3.27 -64.26
N LEU F 153 -14.94 -3.05 -62.98
CA LEU F 153 -13.75 -2.31 -62.55
C LEU F 153 -12.88 -3.26 -61.72
N HIS F 154 -11.82 -3.76 -62.34
CA HIS F 154 -10.91 -4.66 -61.64
C HIS F 154 -9.84 -3.87 -60.91
N HIS F 155 -9.61 -4.22 -59.65
CA HIS F 155 -8.62 -3.55 -58.81
C HIS F 155 -7.29 -4.28 -58.97
N ARG F 156 -6.41 -3.71 -59.78
CA ARG F 156 -5.09 -4.31 -59.98
C ARG F 156 -4.22 -4.10 -58.75
N ASP F 157 -3.24 -4.96 -58.57
CA ASP F 157 -2.38 -4.89 -57.41
C ASP F 157 -1.53 -3.61 -57.48
N PRO F 158 -1.47 -2.83 -56.40
CA PRO F 158 -0.72 -1.56 -56.45
C PRO F 158 0.77 -1.74 -56.70
N ALA F 159 1.32 -2.93 -56.47
CA ALA F 159 2.74 -3.15 -56.70
C ALA F 159 3.12 -3.13 -58.18
N LEU F 160 2.14 -3.25 -59.08
CA LEU F 160 2.44 -3.27 -60.51
C LEU F 160 2.78 -1.89 -61.06
N PHE F 161 2.61 -0.83 -60.29
CA PHE F 161 2.79 0.53 -60.78
C PHE F 161 4.01 1.15 -60.12
N CYS F 162 4.92 1.67 -60.94
CA CYS F 162 6.09 2.39 -60.47
C CYS F 162 6.01 3.83 -60.96
N ALA F 163 6.25 4.77 -60.06
CA ALA F 163 6.24 6.17 -60.43
C ALA F 163 7.36 6.46 -61.41
N ASN F 164 7.10 7.40 -62.32
CA ASN F 164 8.12 7.78 -63.28
C ASN F 164 9.31 8.38 -62.56
N PRO F 165 10.54 8.01 -62.93
CA PRO F 165 11.71 8.66 -62.31
C PRO F 165 11.77 10.15 -62.58
N ASP F 166 11.08 10.63 -63.61
CA ASP F 166 10.98 12.05 -63.89
C ASP F 166 9.58 12.54 -63.56
N ASN F 167 9.52 13.67 -62.85
CA ASN F 167 8.30 14.37 -62.44
C ASN F 167 7.59 13.63 -61.31
N LEU F 168 8.00 12.38 -61.06
CA LEU F 168 7.76 11.67 -59.80
C LEU F 168 6.32 11.72 -59.31
N ASN F 169 5.38 12.10 -60.16
CA ASN F 169 3.98 12.18 -59.77
C ASN F 169 3.04 11.51 -60.76
N GLU F 170 3.55 10.91 -61.82
CA GLU F 170 2.75 10.21 -62.81
C GLU F 170 2.93 8.71 -62.60
N LEU F 171 1.88 8.04 -62.17
CA LEU F 171 1.94 6.59 -62.01
C LEU F 171 1.99 5.93 -63.38
N ARG F 172 2.97 5.07 -63.59
CA ARG F 172 3.17 4.38 -64.85
C ARG F 172 3.22 2.88 -64.62
N LEU F 173 2.45 2.15 -65.41
CA LEU F 173 2.44 0.69 -65.29
C LEU F 173 3.83 0.13 -65.59
N ARG F 174 4.29 -0.75 -64.71
CA ARG F 174 5.64 -1.29 -64.85
C ARG F 174 5.73 -2.23 -66.05
N ASP F 175 6.73 -2.02 -66.88
CA ASP F 175 6.94 -2.83 -68.08
C ASP F 175 8.40 -3.19 -68.22
N ALA F 176 9.09 -3.37 -67.09
CA ALA F 176 10.52 -3.70 -67.06
C ALA F 176 11.34 -2.69 -67.85
N SER F 177 10.97 -1.42 -67.73
CA SER F 177 11.63 -0.33 -68.43
C SER F 177 11.99 0.77 -67.45
N TYR F 178 12.99 1.57 -67.82
CA TYR F 178 13.44 2.66 -66.96
C TYR F 178 12.32 3.69 -66.76
N HIS F 179 11.75 4.17 -67.86
CA HIS F 179 10.64 5.11 -67.75
C HIS F 179 9.36 4.41 -67.32
N GLY F 180 9.11 3.23 -67.88
CA GLY F 180 7.88 2.50 -67.57
C GLY F 180 6.75 2.87 -68.51
N LEU F 181 5.88 1.89 -68.74
CA LEU F 181 4.75 2.09 -69.62
C LEU F 181 3.73 3.02 -68.97
N GLU F 182 3.32 4.05 -69.70
CA GLU F 182 2.31 4.96 -69.20
C GLU F 182 0.94 4.30 -69.19
N LEU F 183 -0.01 4.92 -68.50
CA LEU F 183 -1.35 4.40 -68.42
C LEU F 183 -2.11 4.67 -69.72
N GLN F 184 -2.82 3.67 -70.20
CA GLN F 184 -3.68 3.85 -71.36
C GLN F 184 -4.81 4.81 -71.01
N PRO F 185 -5.05 5.83 -71.84
CA PRO F 185 -6.07 6.82 -71.47
C PRO F 185 -7.47 6.23 -71.45
N PHE F 186 -8.30 6.77 -70.57
CA PHE F 186 -9.70 6.36 -70.42
C PHE F 186 -9.83 4.88 -70.04
N GLY F 187 -8.79 4.33 -69.42
CA GLY F 187 -8.83 2.93 -69.04
C GLY F 187 -8.15 2.62 -67.72
N TRP F 188 -8.06 3.62 -66.84
CA TRP F 188 -7.37 3.44 -65.56
C TRP F 188 -7.94 4.43 -64.56
N PHE F 189 -8.83 3.95 -63.70
CA PHE F 189 -9.41 4.78 -62.65
C PHE F 189 -8.39 4.93 -61.52
N MET F 190 -7.75 6.09 -61.44
CA MET F 190 -6.70 6.35 -60.47
C MET F 190 -7.21 7.34 -59.43
N HIS F 191 -7.06 6.99 -58.16
CA HIS F 191 -7.48 7.84 -57.04
C HIS F 191 -6.29 7.98 -56.11
N ARG F 192 -5.63 9.14 -56.15
CA ARG F 192 -4.46 9.40 -55.31
C ARG F 192 -4.92 10.19 -54.09
N ALA F 193 -5.06 9.50 -52.97
CA ALA F 193 -5.50 10.12 -51.72
C ALA F 193 -4.28 10.64 -50.97
N LYS F 194 -4.05 11.95 -51.07
CA LYS F 194 -2.90 12.58 -50.43
C LYS F 194 -3.31 13.05 -49.03
N SER F 195 -2.96 12.26 -48.02
CA SER F 195 -3.13 12.70 -46.65
C SER F 195 -2.04 13.70 -46.26
N ARG F 196 -0.85 13.55 -46.81
CA ARG F 196 0.28 14.41 -46.55
C ARG F 196 0.81 14.94 -47.88
N THR F 197 1.10 16.24 -47.92
CA THR F 197 1.60 16.84 -49.16
C THR F 197 2.94 16.21 -49.55
N GLY F 198 3.13 16.05 -50.85
CA GLY F 198 4.34 15.42 -51.36
C GLY F 198 4.05 14.66 -52.63
N TYR F 199 4.91 13.68 -52.91
CA TYR F 199 4.84 12.91 -54.13
C TYR F 199 3.89 11.72 -53.96
N VAL F 200 3.75 10.93 -55.02
CA VAL F 200 2.75 9.86 -55.02
C VAL F 200 3.13 8.75 -54.04
N GLY F 201 4.43 8.44 -53.93
CA GLY F 201 4.84 7.40 -53.01
C GLY F 201 4.81 7.83 -51.57
N THR F 202 4.98 9.13 -51.33
CA THR F 202 5.11 9.62 -49.96
C THR F 202 3.75 9.70 -49.25
N ASN F 203 2.71 10.11 -49.96
CA ASN F 203 1.46 10.52 -49.30
C ASN F 203 0.68 9.39 -48.67
N GLY F 204 1.13 8.13 -48.75
CA GLY F 204 0.43 7.06 -48.08
C GLY F 204 0.62 7.08 -46.58
N LEU F 205 -0.36 6.52 -45.87
CA LEU F 205 -0.27 6.44 -44.41
C LEU F 205 0.67 5.34 -43.94
N VAL F 206 1.12 4.46 -44.83
CA VAL F 206 2.08 3.43 -44.43
C VAL F 206 3.40 4.06 -43.97
N ARG F 207 3.77 5.21 -44.54
CA ARG F 207 5.01 5.87 -44.13
C ARG F 207 4.98 6.25 -42.66
N THR F 208 3.85 6.77 -42.19
CA THR F 208 3.72 7.13 -40.78
C THR F 208 3.48 5.91 -39.90
N LEU F 209 2.70 4.94 -40.37
CA LEU F 209 2.25 3.85 -39.54
C LEU F 209 3.20 2.66 -39.48
N ILE F 210 4.27 2.66 -40.27
CA ILE F 210 5.17 1.52 -40.27
C ILE F 210 5.86 1.40 -38.90
N TRP F 211 6.21 2.53 -38.28
CA TRP F 211 6.95 2.48 -37.03
C TRP F 211 6.09 1.98 -35.87
N PRO F 212 4.91 2.55 -35.59
CA PRO F 212 4.08 1.98 -34.52
C PRO F 212 3.70 0.53 -34.78
N PHE F 213 3.49 0.16 -36.04
CA PHE F 213 3.21 -1.24 -36.36
C PHE F 213 4.36 -2.13 -35.93
N ILE F 214 5.58 -1.76 -36.29
CA ILE F 214 6.76 -2.57 -35.92
C ILE F 214 6.87 -2.66 -34.41
N PHE F 215 6.75 -1.53 -33.71
CA PHE F 215 6.91 -1.54 -32.27
C PHE F 215 5.86 -2.41 -31.59
N LYS F 216 4.59 -2.23 -31.99
CA LYS F 216 3.51 -2.99 -31.37
C LYS F 216 3.68 -4.48 -31.62
N ASN F 217 3.99 -4.87 -32.86
CA ASN F 217 4.06 -6.30 -33.16
C ASN F 217 5.27 -6.95 -32.52
N TYR F 218 6.41 -6.26 -32.48
CA TYR F 218 7.56 -6.81 -31.79
C TYR F 218 7.28 -6.96 -30.30
N SER F 219 6.63 -5.96 -29.70
CA SER F 219 6.28 -6.08 -28.29
C SER F 219 5.31 -7.23 -28.06
N VAL F 220 4.35 -7.42 -28.95
CA VAL F 220 3.37 -8.49 -28.79
C VAL F 220 4.05 -9.85 -28.87
N ARG F 221 4.93 -10.03 -29.86
CA ARG F 221 5.61 -11.33 -29.97
C ARG F 221 6.52 -11.58 -28.78
N ASP F 222 7.24 -10.56 -28.32
CA ASP F 222 8.08 -10.73 -27.14
C ASP F 222 7.25 -11.08 -25.92
N PHE F 223 6.09 -10.44 -25.77
CA PHE F 223 5.21 -10.74 -24.65
C PHE F 223 4.70 -12.17 -24.71
N ALA F 224 4.31 -12.63 -25.90
CA ALA F 224 3.85 -14.00 -26.04
C ALA F 224 4.95 -15.00 -25.71
N GLU F 225 6.17 -14.74 -26.18
CA GLU F 225 7.27 -15.63 -25.86
C GLU F 225 7.59 -15.59 -24.37
N PHE F 226 7.41 -14.44 -23.72
CA PHE F 226 7.60 -14.36 -22.28
C PHE F 226 6.57 -15.21 -21.54
N LEU F 227 5.31 -15.17 -21.98
CA LEU F 227 4.29 -16.02 -21.37
C LEU F 227 4.51 -17.48 -21.68
N GLU F 228 5.23 -17.79 -22.76
CA GLU F 228 5.53 -19.19 -23.05
C GLU F 228 6.36 -19.81 -21.93
N ILE F 229 7.19 -19.00 -21.28
CA ILE F 229 8.12 -19.51 -20.28
C ILE F 229 7.73 -19.12 -18.85
N TYR F 230 7.01 -18.02 -18.67
CA TYR F 230 6.76 -17.48 -17.34
C TYR F 230 5.93 -18.44 -16.49
N GLY F 231 6.18 -18.40 -15.19
CA GLY F 231 5.42 -19.06 -14.12
C GLY F 231 5.66 -20.56 -14.03
N LEU F 232 6.71 -21.08 -14.65
CA LEU F 232 7.03 -22.51 -14.58
C LEU F 232 8.54 -22.66 -14.45
N PRO F 233 9.05 -22.81 -13.23
CA PRO F 233 10.50 -22.79 -13.03
C PRO F 233 11.18 -23.97 -13.70
N MET F 234 12.42 -23.75 -14.11
CA MET F 234 13.23 -24.84 -14.65
C MET F 234 13.54 -25.85 -13.55
N ARG F 235 13.54 -27.12 -13.92
CA ARG F 235 13.67 -28.23 -12.98
C ARG F 235 14.99 -28.95 -13.26
N VAL F 236 16.05 -28.55 -12.57
CA VAL F 236 17.38 -29.10 -12.78
C VAL F 236 17.70 -30.08 -11.65
N GLY F 237 18.26 -31.22 -12.02
CA GLY F 237 18.74 -32.20 -11.06
C GLY F 237 20.25 -32.32 -11.17
N LYS F 238 20.92 -32.32 -10.04
CA LYS F 238 22.38 -32.37 -9.98
C LYS F 238 22.79 -33.76 -9.48
N TYR F 239 22.96 -34.69 -10.42
CA TYR F 239 23.41 -36.02 -10.05
C TYR F 239 24.88 -35.98 -9.63
N PRO F 240 25.26 -36.72 -8.60
CA PRO F 240 26.67 -36.76 -8.21
C PRO F 240 27.50 -37.33 -9.36
N THR F 241 28.70 -36.77 -9.52
CA THR F 241 29.58 -37.26 -10.58
C THR F 241 29.99 -38.70 -10.30
N GLY F 242 30.26 -39.43 -11.37
CA GLY F 242 30.54 -40.84 -11.26
C GLY F 242 29.32 -41.73 -11.29
N SER F 243 28.12 -41.16 -11.35
CA SER F 243 26.91 -41.97 -11.47
C SER F 243 26.92 -42.73 -12.79
N THR F 244 26.41 -43.96 -12.74
CA THR F 244 26.40 -44.79 -13.93
C THR F 244 25.54 -44.17 -15.02
N ASN F 245 25.85 -44.52 -16.27
CA ASN F 245 25.12 -43.98 -17.41
C ASN F 245 23.66 -44.39 -17.41
N ARG F 246 23.28 -45.40 -16.64
CA ARG F 246 21.89 -45.81 -16.50
C ARG F 246 21.13 -44.99 -15.48
N GLU F 247 21.80 -44.49 -14.45
CA GLU F 247 21.15 -43.71 -13.40
C GLU F 247 20.94 -42.25 -13.77
N LYS F 248 21.58 -41.78 -14.85
CA LYS F 248 21.26 -40.47 -15.39
C LYS F 248 19.97 -40.47 -16.19
N ALA F 249 19.69 -41.54 -16.93
CA ALA F 249 18.44 -41.65 -17.68
C ALA F 249 17.23 -41.70 -16.77
N THR F 250 17.28 -42.51 -15.71
CA THR F 250 16.16 -42.56 -14.78
C THR F 250 15.98 -41.23 -14.07
N LEU F 251 17.08 -40.58 -13.68
CA LEU F 251 16.97 -39.28 -13.04
C LEU F 251 16.33 -38.26 -13.96
N MET F 252 16.69 -38.29 -15.25
CA MET F 252 16.13 -37.31 -16.17
C MET F 252 14.66 -37.61 -16.47
N GLN F 253 14.31 -38.89 -16.58
CA GLN F 253 12.91 -39.24 -16.75
C GLN F 253 12.08 -38.92 -15.53
N ALA F 254 12.69 -38.88 -14.34
CA ALA F 254 11.99 -38.46 -13.14
C ALA F 254 11.83 -36.94 -13.07
N VAL F 255 12.93 -36.20 -13.30
CA VAL F 255 12.87 -34.75 -13.23
C VAL F 255 11.98 -34.17 -14.32
N MET F 256 11.72 -34.92 -15.39
CA MET F 256 10.74 -34.53 -16.39
C MET F 256 9.37 -35.13 -16.14
N ASP F 257 9.20 -35.85 -15.04
CA ASP F 257 7.91 -36.41 -14.65
C ASP F 257 7.24 -35.59 -13.56
N ILE F 258 7.79 -34.43 -13.21
CA ILE F 258 7.20 -33.58 -12.19
C ILE F 258 5.95 -32.91 -12.77
N GLY F 259 4.82 -33.14 -12.12
CA GLY F 259 3.56 -32.55 -12.56
C GLY F 259 2.76 -32.00 -11.41
N ARG F 260 1.47 -32.32 -11.36
CA ARG F 260 0.63 -31.86 -10.26
C ARG F 260 0.85 -32.73 -9.04
N ARG F 261 1.17 -32.11 -7.91
CA ARG F 261 1.39 -32.80 -6.64
C ARG F 261 2.47 -33.87 -6.77
N ALA F 262 3.48 -33.58 -7.59
CA ALA F 262 4.57 -34.52 -7.77
C ALA F 262 5.35 -34.67 -6.47
N GLY F 263 5.71 -35.90 -6.14
CA GLY F 263 6.45 -36.17 -4.93
C GLY F 263 7.23 -37.46 -5.01
N GLY F 264 8.52 -37.40 -4.71
CA GLY F 264 9.35 -38.58 -4.85
C GLY F 264 10.51 -38.56 -3.88
N ILE F 265 11.43 -39.48 -4.10
CA ILE F 265 12.58 -39.67 -3.23
C ILE F 265 13.85 -39.44 -4.03
N ILE F 266 14.83 -38.79 -3.39
CA ILE F 266 16.15 -38.60 -3.99
C ILE F 266 17.21 -38.96 -2.96
N PRO F 267 18.33 -39.53 -3.39
CA PRO F 267 19.42 -39.83 -2.44
C PRO F 267 19.97 -38.55 -1.83
N MET F 268 20.75 -38.73 -0.77
CA MET F 268 21.32 -37.57 -0.08
C MET F 268 22.29 -36.80 -0.98
N GLY F 269 22.93 -37.49 -1.92
CA GLY F 269 23.91 -36.84 -2.79
C GLY F 269 23.32 -36.10 -3.97
N MET F 270 22.02 -36.21 -4.19
CA MET F 270 21.37 -35.54 -5.31
C MET F 270 20.65 -34.29 -4.86
N THR F 271 20.45 -33.37 -5.79
CA THR F 271 19.73 -32.13 -5.53
C THR F 271 18.71 -31.90 -6.63
N LEU F 272 17.63 -31.19 -6.29
CA LEU F 272 16.53 -30.95 -7.21
C LEU F 272 16.11 -29.48 -7.15
N ASP F 273 17.08 -28.59 -7.27
CA ASP F 273 16.79 -27.16 -7.18
C ASP F 273 15.89 -26.71 -8.31
N PHE F 274 15.01 -25.76 -8.00
CA PHE F 274 14.08 -25.18 -8.97
C PHE F 274 14.52 -23.75 -9.26
N GLN F 275 14.95 -23.48 -10.48
CA GLN F 275 15.40 -22.16 -10.88
C GLN F 275 14.40 -21.53 -11.84
N SER F 276 14.03 -20.29 -11.58
CA SER F 276 13.10 -19.57 -12.44
C SER F 276 13.74 -19.27 -13.79
N ALA F 277 12.94 -19.40 -14.85
CA ALA F 277 13.40 -19.17 -16.20
C ALA F 277 12.87 -17.89 -16.83
N ALA F 278 11.96 -17.18 -16.16
CA ALA F 278 11.44 -15.93 -16.68
C ALA F 278 10.91 -15.11 -15.51
N ASP F 279 11.57 -14.00 -15.22
CA ASP F 279 11.20 -13.12 -14.12
C ASP F 279 10.80 -11.77 -14.67
N GLY F 280 9.67 -11.25 -14.20
CA GLY F 280 9.18 -9.97 -14.65
C GLY F 280 7.67 -9.91 -14.51
N GLN F 281 7.09 -8.88 -15.14
CA GLN F 281 5.65 -8.69 -15.13
C GLN F 281 5.22 -8.19 -16.50
N SER F 282 3.90 -8.05 -16.67
CA SER F 282 3.32 -7.68 -17.96
C SER F 282 3.19 -6.18 -18.16
N ASP F 283 3.56 -5.36 -17.18
CA ASP F 283 3.35 -3.93 -17.30
C ASP F 283 4.10 -3.29 -18.47
N PRO F 284 5.39 -3.54 -18.69
CA PRO F 284 6.06 -2.87 -19.82
C PRO F 284 5.50 -3.25 -21.17
N PHE F 285 5.26 -4.54 -21.42
CA PHE F 285 4.74 -4.96 -22.71
C PHE F 285 3.39 -4.32 -23.00
N MET F 286 2.49 -4.34 -22.02
CA MET F 286 1.18 -3.74 -22.21
C MET F 286 1.25 -2.23 -22.33
N ALA F 287 2.19 -1.57 -21.64
CA ALA F 287 2.35 -0.13 -21.81
C ALA F 287 2.76 0.21 -23.24
N MET F 288 3.74 -0.52 -23.78
CA MET F 288 4.16 -0.28 -25.16
C MET F 288 3.04 -0.59 -26.14
N ILE F 289 2.30 -1.68 -25.92
CA ILE F 289 1.20 -2.03 -26.81
C ILE F 289 0.13 -0.94 -26.79
N GLY F 290 -0.22 -0.46 -25.60
CA GLY F 290 -1.22 0.59 -25.51
C GLY F 290 -0.77 1.88 -26.18
N TRP F 291 0.49 2.26 -25.99
CA TRP F 291 1.00 3.46 -26.64
C TRP F 291 0.96 3.31 -28.16
N ALA F 292 1.38 2.15 -28.67
CA ALA F 292 1.40 1.95 -30.11
C ALA F 292 -0.01 1.96 -30.69
N GLU F 293 -0.96 1.31 -30.00
CA GLU F 293 -2.34 1.32 -30.48
C GLU F 293 -2.91 2.73 -30.47
N LYS F 294 -2.61 3.51 -29.43
CA LYS F 294 -3.08 4.90 -29.38
C LYS F 294 -2.49 5.70 -30.53
N ALA F 295 -1.20 5.50 -30.83
CA ALA F 295 -0.59 6.22 -31.93
C ALA F 295 -1.21 5.83 -33.27
N ILE F 296 -1.48 4.54 -33.46
CA ILE F 296 -2.11 4.08 -34.71
C ILE F 296 -3.49 4.68 -34.85
N SER F 297 -4.27 4.71 -33.77
CA SER F 297 -5.59 5.32 -33.82
C SER F 297 -5.50 6.81 -34.14
N LYS F 298 -4.52 7.50 -33.55
CA LYS F 298 -4.33 8.92 -33.85
C LYS F 298 -4.03 9.12 -35.32
N ALA F 299 -3.15 8.30 -35.89
CA ALA F 299 -2.81 8.45 -37.30
C ALA F 299 -4.00 8.17 -38.19
N ILE F 300 -4.79 7.14 -37.87
CA ILE F 300 -5.86 6.73 -38.77
C ILE F 300 -7.06 7.66 -38.66
N LEU F 301 -7.65 7.76 -37.47
CA LEU F 301 -8.86 8.56 -37.31
C LEU F 301 -8.54 10.01 -36.97
N GLY F 302 -7.63 10.23 -36.04
CA GLY F 302 -7.31 11.56 -35.55
C GLY F 302 -7.38 11.69 -34.05
N GLY F 303 -8.08 10.78 -33.39
CA GLY F 303 -8.17 10.79 -31.95
C GLY F 303 -8.83 9.53 -31.41
N THR F 304 -8.22 8.93 -30.39
CA THR F 304 -8.74 7.71 -29.81
C THR F 304 -9.85 8.01 -28.81
N ASP F 322 -15.28 13.98 -31.81
CA ASP F 322 -15.92 13.38 -32.98
C ASP F 322 -15.89 14.34 -34.16
N GLU F 323 -15.49 15.58 -33.90
CA GLU F 323 -15.36 16.56 -34.98
C GLU F 323 -14.20 16.20 -35.90
N VAL F 324 -13.09 15.70 -35.34
CA VAL F 324 -11.91 15.39 -36.13
C VAL F 324 -12.21 14.29 -37.15
N ARG F 325 -12.94 13.26 -36.73
CA ARG F 325 -13.31 12.21 -37.66
C ARG F 325 -14.20 12.75 -38.78
N ARG F 326 -15.10 13.68 -38.44
CA ARG F 326 -15.94 14.29 -39.45
C ARG F 326 -15.10 15.07 -40.46
N GLU F 327 -14.10 15.82 -39.98
CA GLU F 327 -13.25 16.57 -40.90
C GLU F 327 -12.43 15.62 -41.78
N ILE F 328 -11.93 14.53 -41.21
CA ILE F 328 -11.19 13.54 -42.00
C ILE F 328 -12.07 12.98 -43.10
N ARG F 329 -13.29 12.60 -42.74
CA ARG F 329 -14.23 12.05 -43.72
C ARG F 329 -14.53 13.07 -44.81
N ASN F 330 -14.78 14.32 -44.44
CA ASN F 330 -15.07 15.33 -45.44
C ASN F 330 -13.89 15.53 -46.38
N ALA F 331 -12.68 15.59 -45.84
CA ALA F 331 -11.51 15.83 -46.67
C ALA F 331 -11.26 14.70 -47.66
N ASP F 332 -11.22 13.46 -47.18
CA ASP F 332 -10.89 12.37 -48.10
C ASP F 332 -12.05 12.07 -49.03
N VAL F 333 -13.29 12.34 -48.61
CA VAL F 333 -14.43 12.22 -49.51
C VAL F 333 -14.36 13.27 -50.61
N GLY F 334 -13.95 14.50 -50.27
CA GLY F 334 -13.78 15.51 -51.30
C GLY F 334 -12.70 15.13 -52.30
N GLN F 335 -11.59 14.58 -51.81
CA GLN F 335 -10.54 14.13 -52.72
C GLN F 335 -11.05 13.01 -53.63
N LEU F 336 -11.80 12.06 -53.07
CA LEU F 336 -12.37 11.00 -53.89
C LEU F 336 -13.34 11.55 -54.93
N ALA F 337 -14.13 12.55 -54.54
CA ALA F 337 -15.07 13.15 -55.48
C ALA F 337 -14.34 13.84 -56.62
N ARG F 338 -13.24 14.53 -56.31
CA ARG F 338 -12.44 15.15 -57.36
C ARG F 338 -11.88 14.10 -58.31
N SER F 339 -11.39 12.99 -57.75
CA SER F 339 -10.86 11.92 -58.60
C SER F 339 -11.95 11.34 -59.49
N ILE F 340 -13.15 11.12 -58.93
CA ILE F 340 -14.25 10.56 -59.71
C ILE F 340 -14.64 11.52 -60.83
N ASN F 341 -14.75 12.81 -60.52
CA ASN F 341 -15.08 13.80 -61.55
C ASN F 341 -14.04 13.80 -62.65
N ARG F 342 -12.76 13.66 -62.28
CA ARG F 342 -11.71 13.60 -63.30
C ARG F 342 -11.85 12.36 -64.18
N ASP F 343 -12.19 11.21 -63.59
CA ASP F 343 -11.97 9.95 -64.28
C ASP F 343 -13.17 9.00 -64.33
N LEU F 344 -14.37 9.45 -63.94
CA LEU F 344 -15.54 8.59 -64.05
C LEU F 344 -16.78 9.31 -64.57
N ILE F 345 -16.72 10.61 -64.80
CA ILE F 345 -17.82 11.38 -65.39
C ILE F 345 -17.45 11.91 -66.76
N TYR F 346 -16.32 12.61 -66.84
CA TYR F 346 -15.83 13.07 -68.14
C TYR F 346 -15.60 11.94 -69.13
N PRO F 347 -15.01 10.78 -68.77
CA PRO F 347 -14.88 9.70 -69.76
C PRO F 347 -16.22 9.23 -70.31
N LEU F 348 -17.22 9.06 -69.44
CA LEU F 348 -18.53 8.64 -69.90
C LEU F 348 -19.14 9.69 -70.82
N LEU F 349 -19.04 10.97 -70.44
CA LEU F 349 -19.60 12.03 -71.27
C LEU F 349 -18.91 12.09 -72.64
N ALA F 350 -17.59 11.94 -72.66
CA ALA F 350 -16.86 12.05 -73.92
C ALA F 350 -17.14 10.85 -74.82
N LEU F 351 -17.18 9.65 -74.24
CA LEU F 351 -17.41 8.46 -75.06
C LEU F 351 -18.84 8.40 -75.58
N ASN F 352 -19.82 8.64 -74.72
CA ASN F 352 -21.22 8.53 -75.14
C ASN F 352 -21.60 9.63 -76.13
N SER F 353 -21.18 10.85 -75.87
CA SER F 353 -21.51 11.95 -76.76
C SER F 353 -20.50 12.03 -77.91
N ASP F 354 -20.88 12.77 -78.95
CA ASP F 354 -20.03 12.95 -80.12
C ASP F 354 -19.47 14.36 -80.25
N SER F 355 -20.16 15.37 -79.72
CA SER F 355 -19.67 16.73 -79.79
C SER F 355 -18.59 16.96 -78.73
N THR F 356 -17.83 18.04 -78.92
CA THR F 356 -16.76 18.39 -78.00
C THR F 356 -17.34 18.74 -76.64
N ILE F 357 -17.05 17.91 -75.63
CA ILE F 357 -17.58 18.13 -74.29
C ILE F 357 -16.97 19.40 -73.71
N ASP F 358 -17.81 20.27 -73.16
CA ASP F 358 -17.35 21.50 -72.52
C ASP F 358 -16.63 21.14 -71.23
N ILE F 359 -15.30 21.22 -71.25
CA ILE F 359 -14.51 20.87 -70.07
C ILE F 359 -14.79 21.82 -68.92
N ASN F 360 -15.05 23.10 -69.21
CA ASN F 360 -15.33 24.06 -68.15
C ASN F 360 -16.62 23.71 -67.41
N ARG F 361 -17.65 23.27 -68.13
CA ARG F 361 -18.95 22.98 -67.55
C ARG F 361 -19.29 21.52 -67.80
N LEU F 362 -19.09 20.67 -66.81
CA LEU F 362 -19.49 19.27 -66.85
C LEU F 362 -20.04 18.87 -65.49
N PRO F 363 -20.97 17.91 -65.46
CA PRO F 363 -21.53 17.47 -64.17
C PRO F 363 -20.46 16.93 -63.23
N GLY F 364 -20.64 17.21 -61.96
CA GLY F 364 -19.69 16.76 -60.95
C GLY F 364 -20.39 16.09 -59.79
N ILE F 365 -19.77 15.02 -59.30
CA ILE F 365 -20.35 14.28 -58.18
C ILE F 365 -20.20 15.08 -56.90
N VAL F 366 -21.25 15.09 -56.08
CA VAL F 366 -21.25 15.79 -54.80
C VAL F 366 -21.75 14.84 -53.73
N PHE F 367 -20.99 14.73 -52.64
CA PHE F 367 -21.39 13.90 -51.52
C PHE F 367 -22.14 14.75 -50.49
N ASP F 368 -23.21 14.17 -49.93
CA ASP F 368 -24.02 14.84 -48.92
C ASP F 368 -23.31 14.74 -47.58
N THR F 369 -22.29 15.57 -47.41
CA THR F 369 -21.48 15.58 -46.21
C THR F 369 -21.97 16.55 -45.16
N SER F 370 -23.10 17.21 -45.39
CA SER F 370 -23.62 18.17 -44.43
C SER F 370 -24.02 17.49 -43.13
N GLU F 371 -23.68 18.13 -42.02
CA GLU F 371 -24.03 17.57 -40.71
C GLU F 371 -25.54 17.56 -40.53
N ALA F 372 -26.04 16.49 -39.92
CA ALA F 372 -27.47 16.37 -39.69
C ALA F 372 -27.96 17.45 -38.73
N GLY F 373 -29.20 17.89 -38.95
CA GLY F 373 -29.81 18.92 -38.15
C GLY F 373 -30.77 18.34 -37.13
N ASP F 374 -30.60 18.75 -35.88
CA ASP F 374 -31.47 18.29 -34.80
C ASP F 374 -32.90 18.78 -35.04
N ILE F 375 -33.83 17.84 -35.19
CA ILE F 375 -35.18 18.19 -35.62
C ILE F 375 -35.91 18.98 -34.55
N THR F 376 -35.69 18.68 -33.27
CA THR F 376 -36.44 19.34 -32.21
C THR F 376 -36.07 20.82 -32.12
N ALA F 377 -34.78 21.13 -32.14
CA ALA F 377 -34.36 22.53 -32.05
C ALA F 377 -34.83 23.32 -33.26
N LEU F 378 -34.70 22.75 -34.46
CA LEU F 378 -35.19 23.45 -35.64
C LEU F 378 -36.70 23.65 -35.58
N SER F 379 -37.43 22.63 -35.13
CA SER F 379 -38.88 22.69 -35.12
C SER F 379 -39.40 23.70 -34.10
N ASP F 380 -38.71 23.87 -32.97
CA ASP F 380 -39.16 24.87 -32.00
C ASP F 380 -38.43 26.19 -32.13
N ALA F 381 -37.53 26.33 -33.11
CA ALA F 381 -36.86 27.60 -33.35
C ALA F 381 -37.37 28.31 -34.59
N ILE F 382 -37.51 27.59 -35.71
CA ILE F 382 -37.87 28.24 -36.97
C ILE F 382 -39.22 28.93 -36.90
N PRO F 383 -40.31 28.29 -36.40
CA PRO F 383 -41.59 28.95 -36.39
C PRO F 383 -41.54 30.20 -35.52
N LYS F 384 -40.50 30.33 -34.69
CA LYS F 384 -40.37 31.50 -33.79
C LYS F 384 -39.67 32.62 -34.57
N LEU F 385 -38.74 32.26 -35.45
CA LEU F 385 -38.02 33.26 -36.25
C LEU F 385 -38.86 33.53 -37.50
N ALA F 386 -39.56 32.51 -38.01
CA ALA F 386 -40.29 32.71 -39.27
C ALA F 386 -41.11 33.98 -39.15
N ALA F 387 -41.97 34.01 -38.15
CA ALA F 387 -42.70 35.27 -37.98
C ALA F 387 -41.68 36.38 -38.08
N GLY F 388 -41.77 37.24 -39.08
CA GLY F 388 -40.88 38.41 -39.14
C GLY F 388 -39.79 38.27 -40.17
N MET F 389 -39.30 37.05 -40.36
CA MET F 389 -38.15 36.86 -41.30
C MET F 389 -38.59 35.91 -42.41
N ARG F 390 -38.27 36.24 -43.65
CA ARG F 390 -38.62 35.35 -44.79
C ARG F 390 -37.59 34.21 -44.88
N ILE F 391 -37.78 33.16 -44.08
CA ILE F 391 -36.85 32.00 -44.12
C ILE F 391 -37.29 31.18 -45.33
N PRO F 392 -36.38 30.42 -45.99
CA PRO F 392 -36.76 29.70 -47.20
C PRO F 392 -37.06 28.27 -46.92
N VAL F 393 -38.17 27.77 -47.46
CA VAL F 393 -38.55 26.38 -47.11
C VAL F 393 -37.40 25.48 -47.55
N SER F 394 -36.76 25.81 -48.67
CA SER F 394 -35.68 24.95 -49.20
C SER F 394 -34.62 24.72 -48.14
N TRP F 395 -34.01 25.80 -47.65
CA TRP F 395 -32.92 25.63 -46.66
C TRP F 395 -33.42 24.66 -45.63
N ILE F 396 -34.67 24.84 -45.19
CA ILE F 396 -35.08 23.92 -44.13
C ILE F 396 -35.24 22.51 -44.67
N GLN F 397 -35.70 22.38 -45.92
CA GLN F 397 -35.88 21.06 -46.52
C GLN F 397 -34.58 20.29 -46.63
N GLU F 398 -33.44 20.97 -46.63
CA GLU F 398 -32.15 20.27 -46.68
C GLU F 398 -31.98 19.37 -45.47
N LYS F 399 -32.34 19.86 -44.29
CA LYS F 399 -32.30 19.02 -43.10
C LYS F 399 -33.39 17.96 -43.19
N LEU F 400 -32.97 16.70 -43.26
CA LEU F 400 -33.88 15.56 -43.46
C LEU F 400 -34.61 15.78 -44.77
N HIS F 401 -35.93 15.92 -44.77
CA HIS F 401 -36.66 16.19 -46.00
C HIS F 401 -37.22 17.61 -46.01
N GLY G 2 -34.71 -21.37 -75.41
CA GLY G 2 -34.10 -22.35 -74.54
C GLY G 2 -32.67 -22.01 -74.17
N ARG G 3 -31.99 -21.29 -75.05
CA ARG G 3 -30.61 -20.86 -74.81
C ARG G 3 -30.64 -19.60 -73.95
N ILE G 4 -30.75 -19.83 -72.65
CA ILE G 4 -30.86 -18.72 -71.70
C ILE G 4 -29.50 -18.02 -71.57
N LEU G 5 -29.53 -16.69 -71.57
CA LEU G 5 -28.33 -15.90 -71.38
C LEU G 5 -28.18 -15.51 -69.91
N ASP G 6 -26.93 -15.51 -69.45
CA ASP G 6 -26.63 -15.13 -68.08
C ASP G 6 -26.56 -13.61 -67.97
N ILE G 7 -26.11 -13.11 -66.81
CA ILE G 7 -26.02 -11.66 -66.61
C ILE G 7 -24.98 -11.04 -67.54
N SER G 8 -23.95 -11.80 -67.89
CA SER G 8 -22.86 -11.30 -68.72
C SER G 8 -23.12 -11.46 -70.21
N GLY G 9 -24.31 -11.91 -70.59
CA GLY G 9 -24.66 -12.03 -72.00
C GLY G 9 -23.93 -13.10 -72.76
N GLN G 10 -23.67 -14.24 -72.14
CA GLN G 10 -23.11 -15.40 -72.82
C GLN G 10 -24.14 -16.51 -72.86
N PRO G 11 -24.66 -16.87 -74.04
CA PRO G 11 -25.68 -17.92 -74.09
C PRO G 11 -25.12 -19.27 -73.66
N PHE G 12 -25.99 -20.09 -73.07
CA PHE G 12 -25.59 -21.41 -72.60
C PHE G 12 -26.86 -22.25 -72.47
N ASP G 13 -26.68 -23.52 -72.09
CA ASP G 13 -27.80 -24.43 -71.83
C ASP G 13 -27.87 -24.70 -70.35
N PHE G 14 -29.05 -24.49 -69.76
CA PHE G 14 -29.26 -24.67 -68.34
C PHE G 14 -29.64 -26.11 -68.04
N ASP G 15 -29.03 -26.69 -67.02
CA ASP G 15 -29.23 -28.09 -66.65
C ASP G 15 -29.75 -28.18 -65.22
N ASP G 16 -30.78 -29.00 -65.03
CA ASP G 16 -31.36 -29.17 -63.69
C ASP G 16 -30.46 -29.98 -62.76
N GLU G 17 -29.57 -30.80 -63.30
CA GLU G 17 -28.71 -31.62 -62.46
C GLU G 17 -27.75 -30.76 -61.65
N MET G 18 -27.62 -31.08 -60.37
CA MET G 18 -26.66 -30.38 -59.52
C MET G 18 -25.24 -30.73 -59.95
N GLN G 19 -24.35 -29.73 -59.90
CA GLN G 19 -23.01 -29.92 -60.45
C GLN G 19 -22.24 -30.96 -59.64
N SER G 20 -22.41 -30.97 -58.32
CA SER G 20 -21.73 -31.96 -57.50
C SER G 20 -22.20 -33.37 -57.84
N ARG G 21 -23.50 -33.56 -58.04
CA ARG G 21 -24.05 -34.88 -58.35
C ARG G 21 -23.92 -35.14 -59.85
N SER G 22 -22.67 -35.24 -60.31
CA SER G 22 -22.39 -35.43 -61.73
C SER G 22 -21.66 -36.74 -61.99
N ASP G 23 -21.54 -37.60 -60.97
CA ASP G 23 -20.95 -38.93 -61.10
C ASP G 23 -19.46 -38.87 -61.46
N GLU G 24 -18.91 -37.66 -61.53
CA GLU G 24 -17.49 -37.49 -61.77
C GLU G 24 -16.77 -36.86 -60.60
N LEU G 25 -17.49 -36.14 -59.74
CA LEU G 25 -16.92 -35.47 -58.59
C LEU G 25 -17.38 -36.11 -57.28
N ALA G 26 -17.63 -37.42 -57.33
CA ALA G 26 -18.07 -38.14 -56.14
C ALA G 26 -16.96 -38.34 -55.13
N MET G 27 -15.72 -38.44 -55.58
CA MET G 27 -14.57 -38.66 -54.70
C MET G 27 -13.82 -37.39 -54.35
N VAL G 28 -14.29 -36.23 -54.80
CA VAL G 28 -13.68 -34.96 -54.43
C VAL G 28 -14.62 -34.03 -53.71
N MET G 29 -15.92 -34.34 -53.66
CA MET G 29 -16.87 -33.59 -52.85
C MET G 29 -17.02 -34.15 -51.45
N LYS G 30 -16.36 -35.26 -51.15
CA LYS G 30 -16.44 -35.91 -49.84
C LYS G 30 -15.02 -35.93 -49.26
N ARG G 31 -14.71 -34.91 -48.47
CA ARG G 31 -13.40 -34.75 -47.85
C ARG G 31 -13.55 -34.73 -46.33
N THR G 32 -12.71 -35.52 -45.65
CA THR G 32 -12.70 -35.49 -44.19
C THR G 32 -11.75 -34.38 -43.74
N GLN G 33 -12.25 -33.52 -42.86
CA GLN G 33 -11.57 -32.26 -42.58
C GLN G 33 -10.21 -32.48 -41.93
N GLU G 34 -9.29 -31.57 -42.22
CA GLU G 34 -7.92 -31.69 -41.74
C GLU G 34 -7.77 -31.31 -40.28
N HIS G 35 -8.57 -30.36 -39.79
CA HIS G 35 -8.40 -29.76 -38.47
C HIS G 35 -6.95 -29.29 -38.31
N PRO G 36 -6.56 -28.23 -39.02
CA PRO G 36 -5.17 -27.78 -38.99
C PRO G 36 -4.80 -26.98 -37.75
N SER G 37 -5.77 -26.59 -36.94
CA SER G 37 -5.55 -25.73 -35.78
C SER G 37 -5.09 -26.50 -34.56
N SER G 38 -4.59 -27.72 -34.73
CA SER G 38 -4.02 -28.49 -33.64
C SER G 38 -2.51 -28.26 -33.65
N GLY G 39 -2.01 -27.59 -32.61
CA GLY G 39 -0.60 -27.30 -32.53
C GLY G 39 -0.08 -26.34 -33.58
N VAL G 40 -0.81 -25.25 -33.84
CA VAL G 40 -0.39 -24.29 -34.84
C VAL G 40 0.79 -23.48 -34.33
N THR G 41 1.82 -23.35 -35.16
CA THR G 41 2.93 -22.46 -34.94
C THR G 41 2.83 -21.28 -35.92
N PRO G 42 3.10 -20.05 -35.47
CA PRO G 42 3.00 -18.89 -36.39
C PRO G 42 3.66 -19.09 -37.73
N ASN G 43 4.77 -19.82 -37.81
CA ASN G 43 5.37 -20.13 -39.10
C ASN G 43 4.41 -20.90 -39.97
N ARG G 44 3.78 -21.94 -39.42
CA ARG G 44 2.86 -22.76 -40.18
C ARG G 44 1.58 -22.01 -40.52
N ALA G 45 1.11 -21.14 -39.63
CA ALA G 45 -0.04 -20.30 -39.96
C ALA G 45 0.28 -19.38 -41.12
N ALA G 46 1.48 -18.77 -41.12
CA ALA G 46 1.88 -17.96 -42.25
C ALA G 46 1.97 -18.80 -43.53
N GLN G 47 2.43 -20.03 -43.41
CA GLN G 47 2.54 -20.90 -44.59
C GLN G 47 1.17 -21.19 -45.18
N MET G 48 0.20 -21.52 -44.35
CA MET G 48 -1.14 -21.80 -44.87
C MET G 48 -1.80 -20.53 -45.41
N LEU G 49 -1.56 -19.39 -44.78
CA LEU G 49 -2.08 -18.13 -45.32
C LEU G 49 -1.49 -17.83 -46.70
N ARG G 50 -0.20 -18.08 -46.88
CA ARG G 50 0.43 -17.85 -48.17
C ARG G 50 -0.07 -18.84 -49.21
N ASP G 51 -0.33 -20.09 -48.79
CA ASP G 51 -0.89 -21.06 -49.71
C ASP G 51 -2.28 -20.64 -50.16
N ALA G 52 -3.09 -20.11 -49.24
CA ALA G 52 -4.40 -19.58 -49.61
C ALA G 52 -4.28 -18.38 -50.54
N GLU G 53 -3.32 -17.50 -50.28
CA GLU G 53 -3.10 -16.35 -51.15
C GLU G 53 -2.73 -16.80 -52.55
N ARG G 54 -1.91 -17.84 -52.68
CA ARG G 54 -1.55 -18.34 -54.00
C ARG G 54 -2.72 -19.00 -54.72
N GLY G 55 -3.72 -19.47 -54.00
CA GLY G 55 -4.89 -20.03 -54.65
C GLY G 55 -5.52 -21.25 -53.99
N ASP G 56 -4.75 -22.00 -53.21
CA ASP G 56 -5.26 -23.21 -52.54
C ASP G 56 -5.92 -22.80 -51.23
N LEU G 57 -7.24 -22.64 -51.27
CA LEU G 57 -8.00 -22.09 -50.15
C LEU G 57 -8.44 -23.13 -49.13
N THR G 58 -8.09 -24.40 -49.31
CA THR G 58 -8.58 -25.46 -48.43
C THR G 58 -8.09 -25.27 -47.00
N ALA G 59 -6.77 -25.08 -46.84
CA ALA G 59 -6.22 -24.97 -45.50
C ALA G 59 -6.76 -23.76 -44.76
N GLN G 60 -6.91 -22.64 -45.47
CA GLN G 60 -7.47 -21.44 -44.85
C GLN G 60 -8.89 -21.68 -44.38
N ALA G 61 -9.70 -22.36 -45.19
CA ALA G 61 -11.09 -22.61 -44.80
C ALA G 61 -11.18 -23.53 -43.59
N ASP G 62 -10.36 -24.58 -43.56
CA ASP G 62 -10.36 -25.45 -42.38
C ASP G 62 -9.90 -24.70 -41.14
N LEU G 63 -8.88 -23.85 -41.29
CA LEU G 63 -8.39 -23.08 -40.16
C LEU G 63 -9.46 -22.12 -39.66
N ALA G 64 -10.19 -21.48 -40.58
CA ALA G 64 -11.28 -20.59 -40.19
C ALA G 64 -12.38 -21.34 -39.47
N PHE G 65 -12.71 -22.55 -39.93
CA PHE G 65 -13.74 -23.34 -39.26
C PHE G 65 -13.31 -23.70 -37.85
N ASP G 66 -12.06 -24.12 -37.68
CA ASP G 66 -11.55 -24.43 -36.33
C ASP G 66 -11.55 -23.19 -35.45
N MET G 67 -11.20 -22.04 -36.02
CA MET G 67 -11.20 -20.81 -35.22
C MET G 67 -12.62 -20.45 -34.81
N GLU G 68 -13.59 -20.72 -35.66
CA GLU G 68 -14.98 -20.42 -35.32
C GLU G 68 -15.48 -21.33 -34.21
N GLU G 69 -15.17 -22.63 -34.27
CA GLU G 69 -15.69 -23.54 -33.25
C GLU G 69 -14.86 -23.60 -31.98
N LYS G 70 -13.61 -23.15 -32.01
CA LYS G 70 -12.73 -23.30 -30.86
C LYS G 70 -12.74 -22.07 -29.95
N ASP G 71 -12.45 -20.91 -30.50
CA ASP G 71 -12.34 -19.68 -29.70
C ASP G 71 -13.74 -19.18 -29.38
N THR G 72 -14.13 -19.31 -28.10
CA THR G 72 -15.49 -19.00 -27.70
C THR G 72 -15.84 -17.53 -27.92
N HIS G 73 -14.92 -16.63 -27.55
CA HIS G 73 -15.16 -15.21 -27.76
C HIS G 73 -15.31 -14.89 -29.25
N LEU G 74 -14.48 -15.51 -30.08
CA LEU G 74 -14.58 -15.32 -31.52
C LEU G 74 -15.94 -15.76 -32.03
N PHE G 75 -16.43 -16.91 -31.56
CA PHE G 75 -17.73 -17.40 -32.01
C PHE G 75 -18.85 -16.49 -31.54
N SER G 76 -18.78 -16.02 -30.29
CA SER G 76 -19.81 -15.13 -29.79
C SER G 76 -19.87 -13.85 -30.62
N GLU G 77 -18.70 -13.26 -30.91
CA GLU G 77 -18.68 -12.04 -31.71
C GLU G 77 -19.17 -12.29 -33.13
N LEU G 78 -18.77 -13.42 -33.72
CA LEU G 78 -19.18 -13.72 -35.09
C LEU G 78 -20.69 -13.94 -35.17
N SER G 79 -21.27 -14.64 -34.20
CA SER G 79 -22.71 -14.82 -34.20
C SER G 79 -23.43 -13.51 -33.94
N LYS G 80 -22.87 -12.67 -33.05
CA LYS G 80 -23.45 -11.35 -32.83
C LYS G 80 -23.49 -10.54 -34.12
N ARG G 81 -22.44 -10.62 -34.92
CA ARG G 81 -22.42 -9.89 -36.18
C ARG G 81 -23.36 -10.50 -37.21
N ARG G 82 -23.40 -11.84 -37.29
CA ARG G 82 -24.18 -12.50 -38.34
C ARG G 82 -25.67 -12.41 -38.07
N LEU G 83 -26.08 -12.33 -36.81
CA LEU G 83 -27.50 -12.23 -36.52
C LEU G 83 -28.03 -10.81 -36.73
N ALA G 84 -27.14 -9.83 -36.84
CA ALA G 84 -27.57 -8.48 -37.19
C ALA G 84 -28.19 -8.45 -38.58
N ILE G 85 -27.60 -9.17 -39.52
CA ILE G 85 -28.08 -9.19 -40.90
C ILE G 85 -29.47 -9.82 -40.96
N GLN G 86 -29.66 -10.93 -40.26
CA GLN G 86 -30.93 -11.65 -40.33
C GLN G 86 -32.06 -10.86 -39.72
N ALA G 87 -31.75 -9.91 -38.83
CA ALA G 87 -32.79 -9.12 -38.18
C ALA G 87 -33.40 -8.10 -39.12
N LEU G 88 -32.64 -7.65 -40.12
CA LEU G 88 -33.13 -6.60 -41.01
C LEU G 88 -34.27 -7.12 -41.87
N GLU G 89 -35.34 -6.33 -41.96
CA GLU G 89 -36.44 -6.64 -42.86
C GLU G 89 -36.11 -6.16 -44.27
N TRP G 90 -36.63 -6.88 -45.26
CA TRP G 90 -36.29 -6.60 -46.65
C TRP G 90 -37.52 -6.72 -47.52
N ARG G 91 -37.41 -6.16 -48.73
CA ARG G 91 -38.48 -6.20 -49.72
C ARG G 91 -37.85 -6.13 -51.10
N ILE G 92 -38.54 -6.72 -52.08
CA ILE G 92 -38.04 -6.71 -53.47
C ILE G 92 -38.59 -5.46 -54.11
N ALA G 93 -37.87 -4.36 -53.92
CA ALA G 93 -38.26 -3.10 -54.54
C ALA G 93 -38.05 -3.16 -56.05
N PRO G 94 -39.03 -2.78 -56.85
CA PRO G 94 -38.88 -2.84 -58.31
C PRO G 94 -37.85 -1.85 -58.80
N ALA G 95 -37.54 -1.97 -60.09
CA ALA G 95 -36.61 -1.05 -60.72
C ALA G 95 -37.17 0.37 -60.69
N ARG G 96 -36.27 1.35 -60.74
CA ARG G 96 -36.69 2.75 -60.68
C ARG G 96 -37.58 3.08 -61.88
N ASP G 97 -38.63 3.87 -61.60
CA ASP G 97 -39.64 4.20 -62.59
C ASP G 97 -40.25 2.93 -63.20
N ALA G 98 -40.63 2.01 -62.32
CA ALA G 98 -41.16 0.73 -62.75
C ALA G 98 -42.50 0.90 -63.46
N SER G 99 -42.71 0.11 -64.51
CA SER G 99 -43.98 0.11 -65.22
C SER G 99 -44.97 -0.79 -64.47
N ALA G 100 -46.09 -1.13 -65.12
CA ALA G 100 -47.05 -2.03 -64.49
C ALA G 100 -46.47 -3.42 -64.33
N GLN G 101 -46.03 -4.02 -65.44
CA GLN G 101 -45.57 -5.42 -65.41
C GLN G 101 -44.35 -5.59 -64.53
N GLU G 102 -43.42 -4.63 -64.57
CA GLU G 102 -42.22 -4.72 -63.74
C GLU G 102 -42.59 -4.69 -62.26
N LYS G 103 -43.50 -3.79 -61.87
CA LYS G 103 -43.92 -3.73 -60.47
C LYS G 103 -44.64 -5.01 -60.05
N LYS G 104 -45.47 -5.55 -60.95
CA LYS G 104 -46.19 -6.78 -60.61
C LYS G 104 -45.23 -7.95 -60.44
N ASP G 105 -44.23 -8.06 -61.32
CA ASP G 105 -43.24 -9.12 -61.18
C ASP G 105 -42.41 -8.94 -59.92
N ALA G 106 -42.04 -7.70 -59.58
CA ALA G 106 -41.29 -7.45 -58.36
C ALA G 106 -42.10 -7.84 -57.14
N ASP G 107 -43.39 -7.49 -57.12
CA ASP G 107 -44.23 -7.88 -56.00
C ASP G 107 -44.39 -9.39 -55.92
N MET G 108 -44.52 -10.05 -57.08
CA MET G 108 -44.61 -11.51 -57.10
C MET G 108 -43.37 -12.14 -56.48
N LEU G 109 -42.19 -11.65 -56.87
CA LEU G 109 -40.96 -12.14 -56.27
C LEU G 109 -40.92 -11.87 -54.78
N ASN G 110 -41.36 -10.68 -54.37
CA ASN G 110 -41.38 -10.33 -52.95
C ASN G 110 -42.22 -11.32 -52.16
N GLU G 111 -43.45 -11.58 -52.61
CA GLU G 111 -44.33 -12.50 -51.89
C GLU G 111 -43.77 -13.92 -51.89
N TYR G 112 -43.25 -14.37 -53.04
CA TYR G 112 -42.71 -15.72 -53.09
C TYR G 112 -41.53 -15.89 -52.15
N LEU G 113 -40.60 -14.92 -52.14
CA LEU G 113 -39.43 -15.04 -51.29
C LEU G 113 -39.80 -14.92 -49.81
N HIS G 114 -40.77 -14.09 -49.46
CA HIS G 114 -41.24 -14.05 -48.09
C HIS G 114 -42.02 -15.29 -47.71
N ASP G 115 -42.49 -16.07 -48.70
CA ASP G 115 -43.19 -17.32 -48.46
C ASP G 115 -42.39 -18.53 -48.93
N ALA G 116 -41.06 -18.45 -48.90
CA ALA G 116 -40.21 -19.60 -49.22
C ALA G 116 -39.30 -19.88 -48.04
N ALA G 117 -39.26 -21.14 -47.62
CA ALA G 117 -38.54 -21.50 -46.41
C ALA G 117 -37.03 -21.51 -46.62
N TRP G 118 -36.57 -21.62 -47.87
CA TRP G 118 -35.15 -21.77 -48.13
C TRP G 118 -34.42 -20.43 -48.25
N PHE G 119 -35.14 -19.31 -48.17
CA PHE G 119 -34.46 -18.02 -48.27
C PHE G 119 -33.77 -17.66 -46.96
N GLU G 120 -34.41 -17.92 -45.83
CA GLU G 120 -33.80 -17.62 -44.55
C GLU G 120 -32.53 -18.44 -44.36
N ASP G 121 -32.55 -19.71 -44.79
CA ASP G 121 -31.33 -20.51 -44.77
C ASP G 121 -30.28 -19.93 -45.69
N ALA G 122 -30.69 -19.40 -46.85
CA ALA G 122 -29.75 -18.78 -47.77
C ALA G 122 -29.05 -17.59 -47.11
N LEU G 123 -29.82 -16.75 -46.42
CA LEU G 123 -29.24 -15.58 -45.78
C LEU G 123 -28.37 -15.95 -44.60
N PHE G 124 -28.77 -16.98 -43.83
CA PHE G 124 -27.95 -17.39 -42.69
C PHE G 124 -26.65 -18.02 -43.15
N ASP G 125 -26.67 -18.82 -44.23
CA ASP G 125 -25.46 -19.45 -44.72
C ASP G 125 -24.57 -18.47 -45.47
N ALA G 126 -25.15 -17.45 -46.11
CA ALA G 126 -24.35 -16.44 -46.78
C ALA G 126 -23.50 -15.65 -45.81
N GLY G 127 -23.87 -15.63 -44.53
CA GLY G 127 -23.05 -14.97 -43.53
C GLY G 127 -21.77 -15.69 -43.21
N ASP G 128 -21.59 -16.92 -43.71
CA ASP G 128 -20.33 -17.62 -43.51
C ASP G 128 -19.17 -16.93 -44.20
N ALA G 129 -19.42 -16.18 -45.27
CA ALA G 129 -18.37 -15.50 -45.99
C ALA G 129 -17.68 -14.42 -45.16
N ILE G 130 -18.27 -14.04 -44.02
CA ILE G 130 -17.69 -13.01 -43.17
C ILE G 130 -16.32 -13.45 -42.69
N LEU G 131 -16.19 -14.71 -42.28
CA LEU G 131 -14.96 -15.21 -41.68
C LEU G 131 -14.07 -15.97 -42.66
N LYS G 132 -14.66 -16.83 -43.49
CA LYS G 132 -13.88 -17.63 -44.41
C LYS G 132 -13.49 -16.85 -45.65
N GLY G 133 -14.35 -15.96 -46.12
CA GLY G 133 -14.09 -15.16 -47.30
C GLY G 133 -15.10 -15.33 -48.41
N TYR G 134 -15.82 -16.44 -48.46
CA TYR G 134 -16.69 -16.76 -49.58
C TYR G 134 -17.67 -17.84 -49.11
N SER G 135 -18.96 -17.59 -49.31
CA SER G 135 -20.01 -18.54 -48.97
C SER G 135 -20.62 -19.05 -50.27
N MET G 136 -20.46 -20.34 -50.53
CA MET G 136 -20.93 -20.95 -51.77
C MET G 136 -22.03 -21.95 -51.45
N GLN G 137 -23.18 -21.79 -52.11
CA GLN G 137 -24.33 -22.65 -51.89
C GLN G 137 -24.87 -23.11 -53.23
N GLU G 138 -25.14 -24.41 -53.35
CA GLU G 138 -25.71 -24.93 -54.57
C GLU G 138 -27.22 -24.67 -54.60
N ILE G 139 -27.78 -24.72 -55.80
CA ILE G 139 -29.20 -24.49 -56.03
C ILE G 139 -29.76 -25.74 -56.66
N GLU G 140 -30.63 -26.45 -55.93
CA GLU G 140 -31.32 -27.61 -56.46
C GLU G 140 -32.62 -27.14 -57.09
N TRP G 141 -32.61 -26.94 -58.40
CA TRP G 141 -33.76 -26.40 -59.09
C TRP G 141 -34.92 -27.38 -59.07
N GLY G 142 -36.14 -26.86 -58.90
CA GLY G 142 -37.32 -27.69 -58.85
C GLY G 142 -38.49 -27.02 -59.54
N TRP G 143 -39.49 -27.83 -59.84
CA TRP G 143 -40.70 -27.38 -60.54
C TRP G 143 -41.78 -27.12 -59.51
N LEU G 144 -42.12 -25.85 -59.33
CA LEU G 144 -43.22 -25.42 -58.45
C LEU G 144 -44.34 -24.92 -59.34
N GLY G 145 -45.33 -25.77 -59.59
CA GLY G 145 -46.41 -25.42 -60.50
C GLY G 145 -45.91 -25.11 -61.89
N LYS G 146 -45.95 -23.84 -62.28
CA LYS G 146 -45.42 -23.39 -63.55
C LYS G 146 -44.33 -22.34 -63.32
N MET G 147 -43.47 -22.59 -62.33
CA MET G 147 -42.35 -21.72 -62.03
C MET G 147 -41.16 -22.58 -61.64
N ARG G 148 -40.03 -22.38 -62.35
CA ARG G 148 -38.81 -23.13 -62.08
C ARG G 148 -38.02 -22.38 -61.02
N VAL G 149 -38.23 -22.74 -59.77
CA VAL G 149 -37.65 -22.02 -58.63
C VAL G 149 -36.88 -22.99 -57.75
N PRO G 150 -35.89 -22.54 -57.00
CA PRO G 150 -35.14 -23.46 -56.14
C PRO G 150 -36.02 -24.08 -55.06
N VAL G 151 -35.70 -25.32 -54.70
CA VAL G 151 -36.39 -26.00 -53.63
C VAL G 151 -35.49 -26.27 -52.43
N ALA G 152 -34.17 -26.15 -52.58
CA ALA G 152 -33.25 -26.35 -51.48
C ALA G 152 -31.90 -25.76 -51.85
N LEU G 153 -31.26 -25.11 -50.89
CA LEU G 153 -29.94 -24.52 -51.08
C LEU G 153 -28.97 -25.19 -50.11
N HIS G 154 -28.16 -26.10 -50.64
CA HIS G 154 -27.18 -26.80 -49.82
C HIS G 154 -25.89 -26.01 -49.74
N HIS G 155 -25.37 -25.86 -48.52
CA HIS G 155 -24.14 -25.12 -48.28
C HIS G 155 -22.97 -26.09 -48.37
N ARG G 156 -22.28 -26.08 -49.51
CA ARG G 156 -21.12 -26.94 -49.68
C ARG G 156 -19.94 -26.42 -48.86
N ASP G 157 -19.04 -27.32 -48.53
CA ASP G 157 -17.89 -26.95 -47.72
C ASP G 157 -16.98 -26.01 -48.51
N PRO G 158 -16.57 -24.89 -47.92
CA PRO G 158 -15.74 -23.93 -48.67
C PRO G 158 -14.40 -24.47 -49.10
N ALA G 159 -13.92 -25.55 -48.50
CA ALA G 159 -12.63 -26.11 -48.88
C ALA G 159 -12.66 -26.76 -50.25
N LEU G 160 -13.84 -27.04 -50.80
CA LEU G 160 -13.94 -27.69 -52.10
C LEU G 160 -13.64 -26.75 -53.26
N PHE G 161 -13.50 -25.45 -53.02
CA PHE G 161 -13.33 -24.47 -54.07
C PHE G 161 -11.93 -23.88 -54.01
N CYS G 162 -11.23 -23.92 -55.14
CA CYS G 162 -9.92 -23.32 -55.28
C CYS G 162 -9.99 -22.21 -56.32
N ALA G 163 -9.43 -21.06 -55.99
CA ALA G 163 -9.42 -19.95 -56.93
C ALA G 163 -8.57 -20.29 -58.14
N ASN G 164 -8.98 -19.78 -59.29
CA ASN G 164 -8.23 -20.02 -60.51
C ASN G 164 -6.83 -19.42 -60.37
N PRO G 165 -5.78 -20.14 -60.77
CA PRO G 165 -4.44 -19.54 -60.76
C PRO G 165 -4.32 -18.32 -61.65
N ASP G 166 -5.21 -18.17 -62.64
CA ASP G 166 -5.25 -16.99 -63.49
C ASP G 166 -6.47 -16.16 -63.12
N ASN G 167 -6.24 -14.84 -62.99
CA ASN G 167 -7.24 -13.82 -62.68
C ASN G 167 -7.68 -13.89 -61.23
N LEU G 168 -7.34 -14.98 -60.55
CA LEU G 168 -7.30 -15.07 -59.09
C LEU G 168 -8.55 -14.54 -58.38
N ASN G 169 -9.65 -14.37 -59.11
CA ASN G 169 -10.87 -13.86 -58.53
C ASN G 169 -12.11 -14.68 -58.90
N GLU G 170 -11.94 -15.74 -59.68
CA GLU G 170 -13.04 -16.61 -60.07
C GLU G 170 -12.94 -17.90 -59.28
N LEU G 171 -13.90 -18.13 -58.40
CA LEU G 171 -13.94 -19.38 -57.63
C LEU G 171 -14.31 -20.52 -58.56
N ARG G 172 -13.49 -21.57 -58.55
CA ARG G 172 -13.70 -22.72 -59.41
C ARG G 172 -13.72 -23.98 -58.56
N LEU G 173 -14.74 -24.81 -58.77
CA LEU G 173 -14.85 -26.06 -58.04
C LEU G 173 -13.65 -26.96 -58.32
N ARG G 174 -13.05 -27.49 -57.26
CA ARG G 174 -11.84 -28.29 -57.42
C ARG G 174 -12.15 -29.62 -58.07
N ASP G 175 -11.39 -29.97 -59.11
CA ASP G 175 -11.58 -31.21 -59.84
C ASP G 175 -10.24 -31.88 -60.10
N ALA G 176 -9.29 -31.71 -59.17
CA ALA G 176 -7.95 -32.28 -59.29
C ALA G 176 -7.28 -31.85 -60.59
N SER G 177 -7.49 -30.59 -60.96
CA SER G 177 -6.94 -30.02 -62.19
C SER G 177 -6.24 -28.71 -61.87
N TYR G 178 -5.30 -28.35 -62.75
CA TYR G 178 -4.55 -27.11 -62.55
C TYR G 178 -5.47 -25.90 -62.61
N HIS G 179 -6.28 -25.79 -63.67
CA HIS G 179 -7.22 -24.69 -63.76
C HIS G 179 -8.41 -24.90 -62.82
N GLY G 180 -8.90 -26.12 -62.74
CA GLY G 180 -10.05 -26.41 -61.92
C GLY G 180 -11.36 -26.26 -62.67
N LEU G 181 -12.35 -27.05 -62.27
CA LEU G 181 -13.65 -27.00 -62.90
C LEU G 181 -14.37 -25.71 -62.53
N GLU G 182 -14.86 -25.00 -63.55
CA GLU G 182 -15.61 -23.78 -63.30
C GLU G 182 -16.99 -24.11 -62.73
N LEU G 183 -17.66 -23.09 -62.21
CA LEU G 183 -18.98 -23.27 -61.64
C LEU G 183 -20.02 -23.40 -62.75
N GLN G 184 -20.93 -24.35 -62.59
CA GLN G 184 -22.04 -24.48 -63.51
C GLN G 184 -22.95 -23.26 -63.40
N PRO G 185 -23.31 -22.63 -64.51
CA PRO G 185 -24.10 -21.41 -64.42
C PRO G 185 -25.49 -21.66 -63.87
N PHE G 186 -26.01 -20.66 -63.16
CA PHE G 186 -27.35 -20.69 -62.57
C PHE G 186 -27.50 -21.83 -61.57
N GLY G 187 -26.40 -22.30 -61.00
CA GLY G 187 -26.46 -23.39 -60.04
C GLY G 187 -25.49 -23.25 -58.88
N TRP G 188 -25.08 -22.02 -58.57
CA TRP G 188 -24.09 -21.81 -57.50
C TRP G 188 -24.28 -20.41 -56.94
N PHE G 189 -24.95 -20.33 -55.80
CA PHE G 189 -25.16 -19.04 -55.12
C PHE G 189 -23.87 -18.66 -54.41
N MET G 190 -23.13 -17.71 -54.97
CA MET G 190 -21.84 -17.29 -54.44
C MET G 190 -21.97 -15.89 -53.87
N HIS G 191 -21.52 -15.73 -52.63
CA HIS G 191 -21.55 -14.43 -51.94
C HIS G 191 -20.15 -14.16 -51.41
N ARG G 192 -19.42 -13.27 -52.09
CA ARG G 192 -18.05 -12.92 -51.71
C ARG G 192 -18.10 -11.65 -50.89
N ALA G 193 -17.98 -11.78 -49.57
CA ALA G 193 -18.04 -10.64 -48.66
C ALA G 193 -16.63 -10.10 -48.48
N LYS G 194 -16.32 -9.02 -49.18
CA LYS G 194 -14.98 -8.42 -49.12
C LYS G 194 -14.96 -7.36 -48.03
N SER G 195 -14.43 -7.73 -46.86
CA SER G 195 -14.19 -6.75 -45.82
C SER G 195 -12.96 -5.92 -46.13
N ARG G 196 -11.97 -6.51 -46.78
CA ARG G 196 -10.73 -5.84 -47.17
C ARG G 196 -10.54 -6.01 -48.66
N THR G 197 -10.14 -4.92 -49.33
CA THR G 197 -9.93 -4.97 -50.77
C THR G 197 -8.82 -5.95 -51.11
N GLY G 198 -8.99 -6.66 -52.22
CA GLY G 198 -8.01 -7.65 -52.63
C GLY G 198 -8.70 -8.79 -53.36
N TYR G 199 -8.04 -9.95 -53.34
CA TYR G 199 -8.50 -11.12 -54.06
C TYR G 199 -9.47 -11.92 -53.21
N VAL G 200 -9.95 -13.04 -53.77
CA VAL G 200 -11.00 -13.81 -53.10
C VAL G 200 -10.48 -14.46 -51.83
N GLY G 201 -9.24 -14.95 -51.85
CA GLY G 201 -8.69 -15.61 -50.67
C GLY G 201 -8.30 -14.62 -49.59
N THR G 202 -7.96 -13.40 -49.98
CA THR G 202 -7.43 -12.43 -49.02
C THR G 202 -8.54 -11.82 -48.16
N ASN G 203 -9.69 -11.53 -48.75
CA ASN G 203 -10.67 -10.66 -48.12
C ASN G 203 -11.37 -11.27 -46.90
N GLY G 204 -11.06 -12.51 -46.52
CA GLY G 204 -11.66 -13.07 -45.33
C GLY G 204 -11.07 -12.48 -44.05
N LEU G 205 -11.87 -12.50 -42.99
CA LEU G 205 -11.41 -12.02 -41.70
C LEU G 205 -10.48 -12.99 -40.99
N VAL G 206 -10.36 -14.22 -41.47
CA VAL G 206 -9.43 -15.16 -40.86
C VAL G 206 -7.99 -14.68 -41.00
N ARG G 207 -7.68 -13.96 -42.08
CA ARG G 207 -6.33 -13.43 -42.26
C ARG G 207 -5.93 -12.50 -41.12
N THR G 208 -6.85 -11.62 -40.71
CA THR G 208 -6.56 -10.71 -39.61
C THR G 208 -6.66 -11.40 -38.25
N LEU G 209 -7.63 -12.31 -38.09
CA LEU G 209 -7.95 -12.87 -36.79
C LEU G 209 -7.11 -14.08 -36.42
N ILE G 210 -6.30 -14.61 -37.33
CA ILE G 210 -5.54 -15.80 -37.00
C ILE G 210 -4.53 -15.51 -35.90
N TRP G 211 -3.93 -14.31 -35.91
CA TRP G 211 -2.89 -13.99 -34.93
C TRP G 211 -3.46 -13.80 -33.53
N PRO G 212 -4.46 -12.95 -33.29
CA PRO G 212 -5.02 -12.89 -31.94
C PRO G 212 -5.59 -14.20 -31.47
N PHE G 213 -6.16 -15.01 -32.36
CA PHE G 213 -6.64 -16.33 -31.99
C PHE G 213 -5.50 -17.18 -31.43
N ILE G 214 -4.38 -17.22 -32.15
CA ILE G 214 -3.23 -18.02 -31.72
C ILE G 214 -2.74 -17.53 -30.37
N PHE G 215 -2.57 -16.21 -30.23
CA PHE G 215 -2.02 -15.67 -28.99
C PHE G 215 -2.94 -15.98 -27.81
N LYS G 216 -4.24 -15.73 -27.98
CA LYS G 216 -5.18 -15.95 -26.89
C LYS G 216 -5.23 -17.42 -26.49
N ASN G 217 -5.29 -18.32 -27.48
CA ASN G 217 -5.43 -19.73 -27.13
C ASN G 217 -4.16 -20.30 -26.52
N TYR G 218 -2.99 -19.88 -27.03
CA TYR G 218 -1.75 -20.32 -26.41
C TYR G 218 -1.63 -19.80 -24.98
N SER G 219 -2.01 -18.54 -24.76
CA SER G 219 -1.99 -18.01 -23.40
C SER G 219 -2.96 -18.76 -22.50
N VAL G 220 -4.14 -19.11 -23.01
CA VAL G 220 -5.13 -19.81 -22.20
C VAL G 220 -4.62 -21.20 -21.82
N ARG G 221 -4.06 -21.93 -22.77
CA ARG G 221 -3.54 -23.25 -22.45
C ARG G 221 -2.38 -23.19 -21.48
N ASP G 222 -1.47 -22.22 -21.67
CA ASP G 222 -0.37 -22.07 -20.73
C ASP G 222 -0.88 -21.73 -19.33
N PHE G 223 -1.90 -20.87 -19.24
CA PHE G 223 -2.47 -20.51 -17.96
C PHE G 223 -3.11 -21.72 -17.28
N ALA G 224 -3.84 -22.53 -18.05
CA ALA G 224 -4.44 -23.73 -17.47
C ALA G 224 -3.39 -24.70 -16.97
N GLU G 225 -2.32 -24.90 -17.75
CA GLU G 225 -1.25 -25.77 -17.29
C GLU G 225 -0.55 -25.21 -16.06
N PHE G 226 -0.45 -23.88 -15.96
CA PHE G 226 0.12 -23.27 -14.77
C PHE G 226 -0.75 -23.53 -13.55
N LEU G 227 -2.07 -23.43 -13.71
CA LEU G 227 -2.97 -23.75 -12.60
C LEU G 227 -2.97 -25.23 -12.27
N GLU G 228 -2.60 -26.08 -13.22
CA GLU G 228 -2.51 -27.50 -12.92
C GLU G 228 -1.47 -27.76 -11.85
N ILE G 229 -0.42 -26.94 -11.79
CA ILE G 229 0.69 -27.17 -10.88
C ILE G 229 0.73 -26.18 -9.71
N TYR G 230 0.18 -24.98 -9.89
CA TYR G 230 0.34 -23.92 -8.91
C TYR G 230 -0.32 -24.28 -7.59
N GLY G 231 0.27 -23.76 -6.50
CA GLY G 231 -0.24 -23.78 -5.14
C GLY G 231 -0.11 -25.13 -4.45
N LEU G 232 0.68 -26.06 -4.97
CA LEU G 232 0.88 -27.36 -4.35
C LEU G 232 2.35 -27.73 -4.48
N PRO G 233 3.14 -27.48 -3.44
CA PRO G 233 4.59 -27.67 -3.56
C PRO G 233 4.97 -29.13 -3.77
N MET G 234 6.07 -29.33 -4.47
CA MET G 234 6.60 -30.68 -4.63
C MET G 234 7.10 -31.19 -3.29
N ARG G 235 6.89 -32.49 -3.05
CA ARG G 235 7.16 -33.13 -1.77
C ARG G 235 8.30 -34.14 -1.98
N VAL G 236 9.53 -33.71 -1.75
CA VAL G 236 10.70 -34.55 -1.96
C VAL G 236 11.22 -35.03 -0.61
N GLY G 237 11.55 -36.31 -0.55
CA GLY G 237 12.18 -36.89 0.63
C GLY G 237 13.59 -37.35 0.27
N LYS G 238 14.54 -37.02 1.14
CA LYS G 238 15.95 -37.33 0.91
C LYS G 238 16.35 -38.44 1.87
N TYR G 239 16.18 -39.69 1.43
CA TYR G 239 16.59 -40.81 2.25
C TYR G 239 18.11 -40.90 2.29
N PRO G 240 18.69 -41.22 3.45
CA PRO G 240 20.14 -41.38 3.52
C PRO G 240 20.59 -42.50 2.60
N THR G 241 21.75 -42.31 1.97
CA THR G 241 22.27 -43.33 1.08
C THR G 241 22.60 -44.59 1.87
N GLY G 242 22.52 -45.73 1.20
CA GLY G 242 22.69 -47.01 1.85
C GLY G 242 21.43 -47.57 2.46
N SER G 243 20.31 -46.85 2.40
CA SER G 243 19.05 -47.38 2.89
C SER G 243 18.64 -48.60 2.07
N THR G 244 18.05 -49.59 2.74
CA THR G 244 17.64 -50.81 2.08
C THR G 244 16.59 -50.51 1.02
N ASN G 245 16.53 -51.39 0.01
CA ASN G 245 15.57 -51.24 -1.08
C ASN G 245 14.13 -51.32 -0.61
N ARG G 246 13.88 -51.84 0.59
CA ARG G 246 12.55 -51.87 1.16
C ARG G 246 12.16 -50.58 1.86
N GLU G 247 13.13 -49.84 2.41
CA GLU G 247 12.85 -48.61 3.12
C GLU G 247 12.68 -47.41 2.19
N LYS G 248 13.05 -47.55 0.92
CA LYS G 248 12.72 -46.52 -0.07
C LYS G 248 11.26 -46.60 -0.50
N ALA G 249 10.70 -47.80 -0.64
CA ALA G 249 9.30 -47.95 -1.01
C ALA G 249 8.37 -47.40 0.07
N THR G 250 8.63 -47.71 1.34
CA THR G 250 7.79 -47.16 2.41
C THR G 250 7.93 -45.65 2.49
N LEU G 251 9.14 -45.13 2.31
CA LEU G 251 9.33 -43.69 2.33
C LEU G 251 8.56 -43.02 1.21
N MET G 252 8.56 -43.62 0.02
CA MET G 252 7.87 -43.01 -1.10
C MET G 252 6.36 -43.11 -0.94
N GLN G 253 5.87 -44.24 -0.41
CA GLN G 253 4.44 -44.36 -0.12
C GLN G 253 4.01 -43.41 0.98
N ALA G 254 4.91 -43.02 1.87
CA ALA G 254 4.59 -42.02 2.88
C ALA G 254 4.59 -40.61 2.31
N VAL G 255 5.64 -40.25 1.56
CA VAL G 255 5.75 -38.91 1.00
C VAL G 255 4.65 -38.66 -0.03
N MET G 256 4.06 -39.70 -0.58
CA MET G 256 2.89 -39.57 -1.44
C MET G 256 1.58 -39.74 -0.68
N ASP G 257 1.65 -39.91 0.64
CA ASP G 257 0.47 -40.00 1.48
C ASP G 257 0.18 -38.70 2.21
N ILE G 258 0.90 -37.64 1.90
CA ILE G 258 0.68 -36.34 2.54
C ILE G 258 -0.62 -35.74 2.00
N GLY G 259 -1.56 -35.46 2.89
CA GLY G 259 -2.82 -34.87 2.50
C GLY G 259 -3.23 -33.75 3.43
N ARG G 260 -4.49 -33.77 3.88
CA ARG G 260 -4.97 -32.75 4.81
C ARG G 260 -4.51 -33.09 6.22
N ARG G 261 -3.84 -32.14 6.87
CA ARG G 261 -3.37 -32.29 8.24
C ARG G 261 -2.45 -33.51 8.37
N ALA G 262 -1.68 -33.79 7.33
CA ALA G 262 -0.76 -34.91 7.36
C ALA G 262 0.31 -34.66 8.41
N GLY G 263 0.64 -35.70 9.17
CA GLY G 263 1.65 -35.60 10.19
C GLY G 263 2.26 -36.94 10.54
N GLY G 264 3.58 -37.02 10.51
CA GLY G 264 4.23 -38.29 10.74
C GLY G 264 5.60 -38.11 11.35
N ILE G 265 6.35 -39.19 11.37
CA ILE G 265 7.67 -39.24 11.99
C ILE G 265 8.70 -39.61 10.92
N ILE G 266 9.86 -38.96 11.01
CA ILE G 266 10.99 -39.29 10.14
C ILE G 266 12.25 -39.39 10.99
N PRO G 267 13.16 -40.30 10.63
CA PRO G 267 14.42 -40.39 11.38
C PRO G 267 15.23 -39.11 11.24
N MET G 268 16.25 -39.00 12.09
CA MET G 268 17.08 -37.80 12.08
C MET G 268 17.84 -37.65 10.77
N GLY G 269 18.15 -38.77 10.11
CA GLY G 269 18.91 -38.73 8.88
C GLY G 269 18.11 -38.42 7.63
N MET G 270 16.78 -38.36 7.74
CA MET G 270 15.93 -38.09 6.59
C MET G 270 15.47 -36.64 6.60
N THR G 271 15.11 -36.16 5.41
CA THR G 271 14.60 -34.81 5.24
C THR G 271 13.35 -34.84 4.38
N LEU G 272 12.47 -33.86 4.59
CA LEU G 272 11.19 -33.81 3.90
C LEU G 272 10.93 -32.39 3.39
N ASP G 273 11.92 -31.82 2.71
CA ASP G 273 11.79 -30.45 2.22
C ASP G 273 10.67 -30.32 1.21
N PHE G 274 9.99 -29.18 1.23
CA PHE G 274 8.89 -28.86 0.33
C PHE G 274 9.36 -27.78 -0.63
N GLN G 275 9.47 -28.13 -1.92
CA GLN G 275 9.92 -27.19 -2.93
C GLN G 275 8.76 -26.82 -3.85
N SER G 276 8.60 -25.53 -4.10
CA SER G 276 7.54 -25.05 -4.97
C SER G 276 7.82 -25.45 -6.42
N ALA G 277 6.76 -25.83 -7.12
CA ALA G 277 6.87 -26.26 -8.51
C ALA G 277 6.31 -25.26 -9.50
N ALA G 278 5.68 -24.18 -9.05
CA ALA G 278 5.15 -23.17 -9.96
C ALA G 278 5.02 -21.87 -9.18
N ASP G 279 5.84 -20.88 -9.55
CA ASP G 279 5.86 -19.58 -8.88
C ASP G 279 5.44 -18.51 -9.88
N GLY G 280 4.52 -17.65 -9.47
CA GLY G 280 4.05 -16.58 -10.32
C GLY G 280 2.65 -16.18 -9.93
N GLN G 281 2.02 -15.40 -10.80
CA GLN G 281 0.65 -14.94 -10.59
C GLN G 281 -0.08 -14.96 -11.92
N SER G 282 -1.37 -14.64 -11.88
CA SER G 282 -2.24 -14.72 -13.05
C SER G 282 -2.29 -13.44 -13.86
N ASP G 283 -1.60 -12.39 -13.42
CA ASP G 283 -1.71 -11.11 -14.12
C ASP G 283 -1.25 -11.16 -15.56
N PRO G 284 -0.08 -11.72 -15.91
CA PRO G 284 0.34 -11.70 -17.33
C PRO G 284 -0.60 -12.47 -18.24
N PHE G 285 -1.01 -13.68 -17.84
CA PHE G 285 -1.90 -14.48 -18.68
C PHE G 285 -3.21 -13.75 -18.94
N MET G 286 -3.82 -13.21 -17.90
CA MET G 286 -5.07 -12.49 -18.06
C MET G 286 -4.90 -11.20 -18.86
N ALA G 287 -3.76 -10.52 -18.72
CA ALA G 287 -3.52 -9.33 -19.53
C ALA G 287 -3.47 -9.68 -21.01
N MET G 288 -2.74 -10.74 -21.36
CA MET G 288 -2.68 -11.16 -22.75
C MET G 288 -4.04 -11.61 -23.26
N ILE G 289 -4.79 -12.35 -22.44
CA ILE G 289 -6.11 -12.81 -22.85
C ILE G 289 -7.04 -11.63 -23.10
N GLY G 290 -7.02 -10.65 -22.19
CA GLY G 290 -7.86 -9.47 -22.37
C GLY G 290 -7.49 -8.68 -23.61
N TRP G 291 -6.19 -8.51 -23.87
CA TRP G 291 -5.78 -7.79 -25.06
C TRP G 291 -6.22 -8.52 -26.32
N ALA G 292 -6.05 -9.85 -26.35
CA ALA G 292 -6.43 -10.61 -27.53
C ALA G 292 -7.94 -10.57 -27.76
N GLU G 293 -8.72 -10.68 -26.68
CA GLU G 293 -10.18 -10.60 -26.83
C GLU G 293 -10.60 -9.22 -27.32
N LYS G 294 -9.96 -8.17 -26.81
CA LYS G 294 -10.28 -6.82 -27.28
C LYS G 294 -9.95 -6.66 -28.76
N ALA G 295 -8.81 -7.21 -29.18
CA ALA G 295 -8.44 -7.14 -30.60
C ALA G 295 -9.43 -7.91 -31.47
N ILE G 296 -9.86 -9.09 -31.01
CA ILE G 296 -10.83 -9.86 -31.78
C ILE G 296 -12.14 -9.12 -31.90
N SER G 297 -12.59 -8.51 -30.80
CA SER G 297 -13.83 -7.73 -30.84
C SER G 297 -13.68 -6.54 -31.79
N LYS G 298 -12.53 -5.88 -31.77
CA LYS G 298 -12.31 -4.77 -32.70
C LYS G 298 -12.39 -5.23 -34.14
N ALA G 299 -11.76 -6.37 -34.45
CA ALA G 299 -11.79 -6.87 -35.82
C ALA G 299 -13.20 -7.24 -36.25
N ILE G 300 -13.97 -7.88 -35.36
CA ILE G 300 -15.27 -8.41 -35.75
C ILE G 300 -16.31 -7.29 -35.83
N LEU G 301 -16.55 -6.61 -34.70
CA LEU G 301 -17.60 -5.60 -34.68
C LEU G 301 -17.07 -4.23 -35.07
N GLY G 302 -15.92 -3.83 -34.53
CA GLY G 302 -15.38 -2.51 -34.75
C GLY G 302 -15.02 -1.78 -33.48
N GLY G 303 -15.62 -2.19 -32.35
CA GLY G 303 -15.32 -1.58 -31.07
C GLY G 303 -15.92 -2.36 -29.92
N THR G 304 -15.12 -2.61 -28.89
CA THR G 304 -15.57 -3.38 -27.74
C THR G 304 -16.35 -2.48 -26.78
N ASP G 322 -21.83 2.72 -30.93
CA ASP G 322 -22.80 1.84 -31.56
C ASP G 322 -23.00 2.20 -33.02
N GLU G 323 -22.44 3.34 -33.42
CA GLU G 323 -22.49 3.76 -34.82
C GLU G 323 -21.66 2.85 -35.71
N VAL G 324 -20.50 2.41 -35.21
CA VAL G 324 -19.60 1.59 -36.02
C VAL G 324 -20.26 0.25 -36.36
N ARG G 325 -20.94 -0.36 -35.39
CA ARG G 325 -21.63 -1.61 -35.68
C ARG G 325 -22.74 -1.40 -36.71
N ARG G 326 -23.42 -0.26 -36.64
CA ARG G 326 -24.45 0.05 -37.63
C ARG G 326 -23.83 0.18 -39.02
N GLU G 327 -22.68 0.85 -39.13
CA GLU G 327 -22.04 0.98 -40.44
C GLU G 327 -21.58 -0.37 -40.96
N ILE G 328 -21.05 -1.22 -40.08
CA ILE G 328 -20.62 -2.56 -40.49
C ILE G 328 -21.81 -3.35 -41.04
N ARG G 329 -22.93 -3.30 -40.31
CA ARG G 329 -24.14 -4.00 -40.74
C ARG G 329 -24.62 -3.47 -42.08
N ASN G 330 -24.65 -2.15 -42.24
CA ASN G 330 -25.10 -1.59 -43.51
C ASN G 330 -24.20 -2.02 -44.66
N ALA G 331 -22.88 -2.00 -44.44
CA ALA G 331 -21.95 -2.33 -45.52
C ALA G 331 -22.09 -3.79 -45.95
N ASP G 332 -22.03 -4.71 -44.99
CA ASP G 332 -22.06 -6.12 -45.39
C ASP G 332 -23.45 -6.54 -45.85
N VAL G 333 -24.50 -5.89 -45.33
CA VAL G 333 -25.84 -6.13 -45.85
C VAL G 333 -25.97 -5.65 -47.29
N GLY G 334 -25.38 -4.50 -47.61
CA GLY G 334 -25.39 -4.04 -48.99
C GLY G 334 -24.66 -4.99 -49.91
N GLN G 335 -23.51 -5.50 -49.47
CA GLN G 335 -22.78 -6.47 -50.28
C GLN G 335 -23.60 -7.74 -50.49
N LEU G 336 -24.27 -8.22 -49.43
CA LEU G 336 -25.13 -9.39 -49.56
C LEU G 336 -26.29 -9.12 -50.52
N ALA G 337 -26.86 -7.92 -50.47
CA ALA G 337 -27.95 -7.57 -51.36
C ALA G 337 -27.49 -7.56 -52.81
N ARG G 338 -26.28 -7.03 -53.06
CA ARG G 338 -25.75 -7.05 -54.42
C ARG G 338 -25.54 -8.48 -54.89
N SER G 339 -25.03 -9.35 -54.02
CA SER G 339 -24.84 -10.75 -54.40
C SER G 339 -26.18 -11.42 -54.71
N ILE G 340 -27.20 -11.15 -53.89
CA ILE G 340 -28.51 -11.75 -54.10
C ILE G 340 -29.10 -11.27 -55.43
N ASN G 341 -29.00 -9.97 -55.70
CA ASN G 341 -29.50 -9.43 -56.97
C ASN G 341 -28.79 -10.07 -58.14
N ARG G 342 -27.49 -10.30 -58.01
CA ARG G 342 -26.75 -10.97 -59.08
C ARG G 342 -27.23 -12.40 -59.29
N ASP G 343 -27.50 -13.13 -58.20
CA ASP G 343 -27.59 -14.58 -58.30
C ASP G 343 -28.84 -15.21 -57.69
N LEU G 344 -29.84 -14.42 -57.30
CA LEU G 344 -31.08 -15.01 -56.79
C LEU G 344 -32.34 -14.33 -57.32
N ILE G 345 -32.22 -13.27 -58.11
CA ILE G 345 -33.37 -12.61 -58.72
C ILE G 345 -33.32 -12.75 -60.23
N TYR G 346 -32.20 -12.38 -60.84
CA TYR G 346 -32.03 -12.58 -62.27
C TYR G 346 -32.17 -14.05 -62.70
N PRO G 347 -31.61 -15.04 -61.99
CA PRO G 347 -31.85 -16.43 -62.41
C PRO G 347 -33.32 -16.81 -62.42
N LEU G 348 -34.06 -16.42 -61.39
CA LEU G 348 -35.49 -16.73 -61.35
C LEU G 348 -36.22 -16.04 -62.49
N LEU G 349 -35.91 -14.77 -62.73
CA LEU G 349 -36.57 -14.04 -63.82
C LEU G 349 -36.27 -14.67 -65.17
N ALA G 350 -35.02 -15.06 -65.40
CA ALA G 350 -34.64 -15.62 -66.69
C ALA G 350 -35.25 -17.00 -66.90
N LEU G 351 -35.25 -17.84 -65.86
CA LEU G 351 -35.79 -19.18 -66.01
C LEU G 351 -37.31 -19.17 -66.16
N ASN G 352 -38.00 -18.41 -65.30
CA ASN G 352 -39.46 -18.41 -65.35
C ASN G 352 -39.99 -17.75 -66.62
N SER G 353 -39.40 -16.63 -67.01
CA SER G 353 -39.86 -15.94 -68.21
C SER G 353 -39.19 -16.53 -69.45
N ASP G 354 -39.76 -16.21 -70.62
CA ASP G 354 -39.24 -16.68 -71.89
C ASP G 354 -38.61 -15.59 -72.73
N SER G 355 -39.04 -14.33 -72.58
CA SER G 355 -38.46 -13.23 -73.32
C SER G 355 -37.13 -12.82 -72.71
N THR G 356 -36.36 -12.08 -73.50
CA THR G 356 -35.05 -11.60 -73.06
C THR G 356 -35.22 -10.63 -71.90
N ILE G 357 -34.74 -11.02 -70.72
CA ILE G 357 -34.89 -10.19 -69.53
C ILE G 357 -34.03 -8.93 -69.70
N ASP G 358 -34.61 -7.78 -69.43
CA ASP G 358 -33.89 -6.51 -69.50
C ASP G 358 -32.89 -6.44 -68.35
N ILE G 359 -31.61 -6.64 -68.68
CA ILE G 359 -30.58 -6.63 -67.64
C ILE G 359 -30.45 -5.26 -66.99
N ASN G 360 -30.66 -4.19 -67.75
CA ASN G 360 -30.58 -2.85 -67.19
C ASN G 360 -31.64 -2.62 -66.13
N ARG G 361 -32.86 -3.10 -66.37
CA ARG G 361 -33.99 -2.88 -65.46
C ARG G 361 -34.52 -4.22 -64.97
N LEU G 362 -34.13 -4.61 -63.77
CA LEU G 362 -34.65 -5.80 -63.12
C LEU G 362 -34.86 -5.51 -61.64
N PRO G 363 -35.82 -6.17 -61.01
CA PRO G 363 -36.06 -5.93 -59.58
C PRO G 363 -34.83 -6.26 -58.74
N GLY G 364 -34.65 -5.47 -57.70
CA GLY G 364 -33.51 -5.64 -56.82
C GLY G 364 -33.93 -5.64 -55.36
N ILE G 365 -33.30 -6.52 -54.58
CA ILE G 365 -33.63 -6.63 -53.17
C ILE G 365 -33.07 -5.42 -52.42
N VAL G 366 -33.86 -4.88 -51.50
CA VAL G 366 -33.47 -3.74 -50.69
C VAL G 366 -33.75 -4.06 -49.23
N PHE G 367 -32.75 -3.87 -48.38
CA PHE G 367 -32.90 -4.08 -46.95
C PHE G 367 -33.29 -2.78 -46.27
N ASP G 368 -34.20 -2.86 -45.30
CA ASP G 368 -34.66 -1.70 -44.56
C ASP G 368 -33.64 -1.39 -43.47
N THR G 369 -32.54 -0.77 -43.89
CA THR G 369 -31.43 -0.44 -43.00
C THR G 369 -31.54 0.96 -42.42
N SER G 370 -32.63 1.67 -42.68
CA SER G 370 -32.79 3.02 -42.16
C SER G 370 -32.89 3.00 -40.64
N GLU G 371 -32.21 3.96 -40.00
CA GLU G 371 -32.26 4.05 -38.55
C GLU G 371 -33.66 4.41 -38.08
N ALA G 372 -34.07 3.80 -36.98
CA ALA G 372 -35.39 4.05 -36.43
C ALA G 372 -35.52 5.51 -35.98
N GLY G 373 -36.73 6.04 -36.10
CA GLY G 373 -37.01 7.42 -35.74
C GLY G 373 -37.71 7.49 -34.39
N ASP G 374 -37.19 8.32 -33.50
CA ASP G 374 -37.78 8.52 -32.19
C ASP G 374 -39.16 9.13 -32.33
N ILE G 375 -40.18 8.41 -31.86
CA ILE G 375 -41.56 8.81 -32.12
C ILE G 375 -41.91 10.09 -31.37
N THR G 376 -41.39 10.29 -30.17
CA THR G 376 -41.77 11.46 -29.38
C THR G 376 -41.26 12.75 -30.01
N ALA G 377 -40.00 12.77 -30.43
CA ALA G 377 -39.43 13.96 -31.05
C ALA G 377 -40.13 14.29 -32.36
N LEU G 378 -40.38 13.27 -33.19
CA LEU G 378 -41.10 13.51 -34.44
C LEU G 378 -42.52 14.01 -34.16
N SER G 379 -43.19 13.41 -33.18
CA SER G 379 -44.58 13.77 -32.90
C SER G 379 -44.72 15.17 -32.35
N ASP G 380 -43.74 15.64 -31.57
CA ASP G 380 -43.83 17.01 -31.06
C ASP G 380 -43.04 18.01 -31.91
N ALA G 381 -42.42 17.56 -32.99
CA ALA G 381 -41.73 18.47 -33.90
C ALA G 381 -42.48 18.71 -35.20
N ILE G 382 -42.97 17.64 -35.83
CA ILE G 382 -43.60 17.78 -37.15
C ILE G 382 -44.82 18.69 -37.13
N PRO G 383 -45.80 18.51 -36.19
CA PRO G 383 -46.97 19.37 -36.20
C PRO G 383 -46.57 20.82 -35.99
N LYS G 384 -45.34 21.06 -35.54
CA LYS G 384 -44.88 22.44 -35.26
C LYS G 384 -44.31 23.02 -36.55
N LEU G 385 -43.70 22.17 -37.37
CA LEU G 385 -43.14 22.63 -38.67
C LEU G 385 -44.25 22.48 -39.71
N ALA G 386 -45.14 21.51 -39.53
CA ALA G 386 -46.16 21.28 -40.58
C ALA G 386 -46.79 22.63 -40.89
N ALA G 387 -47.36 23.25 -39.89
CA ALA G 387 -47.90 24.58 -40.15
C ALA G 387 -46.83 25.34 -40.92
N GLY G 388 -47.11 25.74 -42.16
CA GLY G 388 -46.15 26.60 -42.89
C GLY G 388 -45.38 25.83 -43.94
N MET G 389 -45.12 24.55 -43.70
CA MET G 389 -44.29 23.79 -44.66
C MET G 389 -45.08 22.58 -45.16
N ARG G 390 -45.07 22.36 -46.48
CA ARG G 390 -45.75 21.16 -47.05
C ARG G 390 -44.83 19.94 -46.82
N ILE G 391 -45.06 19.19 -45.75
CA ILE G 391 -44.19 18.04 -45.41
C ILE G 391 -44.99 16.81 -45.85
N PRO G 392 -44.38 15.78 -46.46
CA PRO G 392 -45.17 14.68 -47.00
C PRO G 392 -45.46 13.62 -45.99
N VAL G 393 -46.66 13.06 -46.06
CA VAL G 393 -47.05 12.01 -45.08
C VAL G 393 -46.09 10.85 -45.31
N SER G 394 -45.82 10.53 -46.58
CA SER G 394 -44.95 9.38 -46.89
C SER G 394 -43.67 9.46 -46.07
N TRP G 395 -42.90 10.54 -46.22
CA TRP G 395 -41.62 10.60 -45.49
C TRP G 395 -41.93 10.25 -44.06
N ILE G 396 -43.00 10.83 -43.51
CA ILE G 396 -43.20 10.51 -42.10
C ILE G 396 -43.62 9.06 -41.94
N GLN G 397 -44.39 8.52 -42.89
CA GLN G 397 -44.86 7.15 -42.79
C GLN G 397 -43.70 6.16 -42.81
N GLU G 398 -42.55 6.54 -43.34
CA GLU G 398 -41.39 5.65 -43.34
C GLU G 398 -40.98 5.29 -41.92
N LYS G 399 -40.98 6.27 -41.01
CA LYS G 399 -40.70 6.01 -39.61
C LYS G 399 -41.86 5.22 -39.02
N LEU G 400 -41.59 3.97 -38.61
CA LEU G 400 -42.61 3.06 -38.10
C LEU G 400 -43.64 2.87 -39.21
N HIS G 401 -44.90 3.25 -38.99
CA HIS G 401 -45.91 3.14 -40.05
C HIS G 401 -46.31 4.52 -40.56
N GLY H 2 -55.19 -42.67 -49.80
CA GLY H 2 -54.46 -43.33 -48.73
C GLY H 2 -52.97 -43.15 -48.84
N ARG H 3 -52.49 -42.99 -50.07
CA ARG H 3 -51.06 -42.79 -50.33
C ARG H 3 -50.74 -41.31 -50.12
N ILE H 4 -50.52 -40.95 -48.85
CA ILE H 4 -50.27 -39.57 -48.49
C ILE H 4 -48.89 -39.15 -48.95
N LEU H 5 -48.79 -37.96 -49.53
CA LEU H 5 -47.51 -37.40 -49.95
C LEU H 5 -46.95 -36.50 -48.87
N ASP H 6 -45.62 -36.55 -48.70
CA ASP H 6 -44.94 -35.72 -47.73
C ASP H 6 -44.70 -34.33 -48.33
N ILE H 7 -43.93 -33.51 -47.61
CA ILE H 7 -43.66 -32.15 -48.08
C ILE H 7 -42.85 -32.17 -49.37
N SER H 8 -42.02 -33.19 -49.56
CA SER H 8 -41.15 -33.29 -50.73
C SER H 8 -41.81 -33.98 -51.91
N GLY H 9 -43.09 -34.31 -51.81
CA GLY H 9 -43.81 -34.90 -52.92
C GLY H 9 -43.40 -36.31 -53.27
N GLN H 10 -43.09 -37.14 -52.28
CA GLN H 10 -42.84 -38.56 -52.49
C GLN H 10 -43.94 -39.37 -51.83
N PRO H 11 -44.78 -40.07 -52.58
CA PRO H 11 -45.87 -40.82 -51.97
C PRO H 11 -45.34 -41.96 -51.12
N PHE H 12 -46.09 -42.29 -50.07
CA PHE H 12 -45.71 -43.35 -49.16
C PHE H 12 -46.96 -43.81 -48.41
N ASP H 13 -46.81 -44.83 -47.57
CA ASP H 13 -47.89 -45.32 -46.73
C ASP H 13 -47.59 -44.96 -45.28
N PHE H 14 -48.55 -44.31 -44.63
CA PHE H 14 -48.39 -43.85 -43.26
C PHE H 14 -48.81 -44.94 -42.29
N ASP H 15 -48.00 -45.17 -41.26
CA ASP H 15 -48.22 -46.24 -40.30
C ASP H 15 -48.35 -45.64 -38.90
N ASP H 16 -49.36 -46.10 -38.15
CA ASP H 16 -49.58 -45.61 -36.79
C ASP H 16 -48.55 -46.13 -35.80
N GLU H 17 -47.90 -47.25 -36.09
CA GLU H 17 -46.93 -47.81 -35.17
C GLU H 17 -45.72 -46.90 -35.04
N MET H 18 -45.27 -46.70 -33.80
CA MET H 18 -44.07 -45.92 -33.56
C MET H 18 -42.85 -46.68 -34.07
N GLN H 19 -41.90 -45.94 -34.64
CA GLN H 19 -40.76 -46.59 -35.29
C GLN H 19 -39.90 -47.35 -34.29
N SER H 20 -39.72 -46.79 -33.10
CA SER H 20 -38.94 -47.49 -32.08
C SER H 20 -39.60 -48.80 -31.67
N ARG H 21 -40.92 -48.79 -31.50
CA ARG H 21 -41.66 -49.98 -31.09
C ARG H 21 -41.96 -50.84 -32.32
N SER H 22 -40.88 -51.36 -32.92
CA SER H 22 -41.00 -52.16 -34.14
C SER H 22 -40.49 -53.58 -33.94
N ASP H 23 -40.18 -53.96 -32.70
CA ASP H 23 -39.77 -55.32 -32.35
C ASP H 23 -38.43 -55.70 -32.99
N GLU H 24 -37.81 -54.75 -33.69
CA GLU H 24 -36.49 -54.98 -34.27
C GLU H 24 -35.43 -54.06 -33.65
N LEU H 25 -35.84 -52.94 -33.07
CA LEU H 25 -34.91 -52.00 -32.47
C LEU H 25 -35.08 -51.95 -30.95
N ALA H 26 -35.46 -53.09 -30.37
CA ALA H 26 -35.62 -53.17 -28.92
C ALA H 26 -34.30 -53.15 -28.17
N MET H 27 -33.23 -53.68 -28.78
CA MET H 27 -31.93 -53.75 -28.13
C MET H 27 -31.00 -52.62 -28.53
N VAL H 28 -31.46 -51.67 -29.35
CA VAL H 28 -30.67 -50.50 -29.71
C VAL H 28 -31.30 -49.19 -29.28
N MET H 29 -32.56 -49.20 -28.84
CA MET H 29 -33.18 -48.02 -28.28
C MET H 29 -33.01 -47.92 -26.77
N LYS H 30 -32.40 -48.92 -26.15
CA LYS H 30 -32.18 -48.98 -24.70
C LYS H 30 -30.68 -49.02 -24.47
N ARG H 31 -30.08 -47.86 -24.28
CA ARG H 31 -28.65 -47.73 -24.07
C ARG H 31 -28.37 -47.07 -22.73
N THR H 32 -27.47 -47.66 -21.96
CA THR H 32 -27.07 -47.04 -20.70
C THR H 32 -25.94 -46.05 -20.96
N GLN H 33 -26.10 -44.83 -20.47
CA GLN H 33 -25.27 -43.73 -20.92
C GLN H 33 -23.81 -43.93 -20.52
N GLU H 34 -22.91 -43.42 -21.36
CA GLU H 34 -21.48 -43.59 -21.16
C GLU H 34 -20.92 -42.70 -20.07
N HIS H 35 -21.48 -41.49 -19.91
CA HIS H 35 -20.90 -40.46 -19.04
C HIS H 35 -19.44 -40.25 -19.40
N PRO H 36 -19.15 -39.66 -20.56
CA PRO H 36 -17.76 -39.52 -21.01
C PRO H 36 -17.01 -38.38 -20.35
N SER H 37 -17.70 -37.51 -19.62
CA SER H 37 -17.10 -36.32 -19.02
C SER H 37 -16.40 -36.61 -17.70
N SER H 38 -16.08 -37.86 -17.42
CA SER H 38 -15.31 -38.24 -16.24
C SER H 38 -13.85 -38.32 -16.65
N GLY H 39 -13.03 -37.40 -16.14
CA GLY H 39 -11.62 -37.38 -16.48
C GLY H 39 -11.33 -37.05 -17.93
N VAL H 40 -11.99 -36.04 -18.48
CA VAL H 40 -11.76 -35.65 -19.86
C VAL H 40 -10.42 -34.96 -20.00
N THR H 41 -9.64 -35.37 -21.00
CA THR H 41 -8.44 -34.71 -21.43
C THR H 41 -8.70 -34.03 -22.77
N PRO H 42 -8.20 -32.79 -22.97
CA PRO H 42 -8.43 -32.11 -24.26
C PRO H 42 -8.19 -32.96 -25.49
N ASN H 43 -7.20 -33.85 -25.45
CA ASN H 43 -6.98 -34.76 -26.57
C ASN H 43 -8.22 -35.63 -26.80
N ARG H 44 -8.76 -36.20 -25.75
CA ARG H 44 -9.93 -37.07 -25.87
C ARG H 44 -11.18 -36.29 -26.23
N ALA H 45 -11.31 -35.05 -25.74
CA ALA H 45 -12.42 -34.22 -26.16
C ALA H 45 -12.34 -33.91 -27.66
N ALA H 46 -11.15 -33.61 -28.15
CA ALA H 46 -10.98 -33.41 -29.59
C ALA H 46 -11.31 -34.69 -30.35
N GLN H 47 -10.93 -35.84 -29.80
CA GLN H 47 -11.23 -37.11 -30.47
C GLN H 47 -12.73 -37.35 -30.60
N MET H 48 -13.48 -37.12 -29.52
CA MET H 48 -14.92 -37.32 -29.60
C MET H 48 -15.59 -36.27 -30.49
N LEU H 49 -15.08 -35.04 -30.49
CA LEU H 49 -15.61 -34.04 -31.41
C LEU H 49 -15.39 -34.43 -32.86
N ARG H 50 -14.20 -34.98 -33.17
CA ARG H 50 -13.93 -35.41 -34.54
C ARG H 50 -14.78 -36.63 -34.91
N ASP H 51 -15.03 -37.52 -33.95
CA ASP H 51 -15.90 -38.66 -34.21
C ASP H 51 -17.31 -38.19 -34.51
N ALA H 52 -17.80 -37.18 -33.77
CA ALA H 52 -19.11 -36.60 -34.06
C ALA H 52 -19.12 -35.93 -35.42
N GLU H 53 -18.05 -35.23 -35.77
CA GLU H 53 -17.98 -34.58 -37.08
C GLU H 53 -18.03 -35.63 -38.20
N ARG H 54 -17.37 -36.77 -38.01
CA ARG H 54 -17.42 -37.81 -39.02
C ARG H 54 -18.79 -38.47 -39.14
N GLY H 55 -19.61 -38.41 -38.09
CA GLY H 55 -20.95 -38.94 -38.19
C GLY H 55 -21.49 -39.63 -36.95
N ASP H 56 -20.61 -40.15 -36.09
CA ASP H 56 -21.03 -40.85 -34.87
C ASP H 56 -21.28 -39.84 -33.77
N LEU H 57 -22.54 -39.45 -33.60
CA LEU H 57 -22.93 -38.36 -32.72
C LEU H 57 -23.17 -38.80 -31.27
N THR H 58 -22.99 -40.08 -30.95
CA THR H 58 -23.33 -40.58 -29.62
C THR H 58 -22.47 -39.93 -28.55
N ALA H 59 -21.15 -39.94 -28.75
CA ALA H 59 -20.23 -39.42 -27.73
C ALA H 59 -20.47 -37.94 -27.51
N GLN H 60 -20.69 -37.19 -28.59
CA GLN H 60 -20.96 -35.76 -28.46
C GLN H 60 -22.22 -35.50 -27.66
N ALA H 61 -23.28 -36.28 -27.90
CA ALA H 61 -24.53 -36.08 -27.18
C ALA H 61 -24.37 -36.40 -25.71
N ASP H 62 -23.67 -37.49 -25.37
CA ASP H 62 -23.45 -37.79 -23.96
C ASP H 62 -22.60 -36.71 -23.30
N LEU H 63 -21.58 -36.21 -24.00
CA LEU H 63 -20.75 -35.16 -23.45
C LEU H 63 -21.56 -33.88 -23.22
N ALA H 64 -22.44 -33.55 -24.16
CA ALA H 64 -23.30 -32.38 -23.99
C ALA H 64 -24.24 -32.55 -22.79
N PHE H 65 -24.79 -33.75 -22.61
CA PHE H 65 -25.67 -34.00 -21.47
C PHE H 65 -24.92 -33.83 -20.15
N ASP H 66 -23.70 -34.38 -20.08
CA ASP H 66 -22.90 -34.22 -18.87
C ASP H 66 -22.54 -32.76 -18.64
N MET H 67 -22.24 -32.01 -19.71
CA MET H 67 -21.94 -30.60 -19.55
C MET H 67 -23.15 -29.83 -19.05
N GLU H 68 -24.35 -30.24 -19.49
CA GLU H 68 -25.55 -29.56 -19.05
C GLU H 68 -25.83 -29.82 -17.58
N GLU H 69 -25.66 -31.06 -17.12
CA GLU H 69 -25.97 -31.37 -15.73
C GLU H 69 -24.84 -31.08 -14.76
N LYS H 70 -23.60 -30.93 -15.22
CA LYS H 70 -22.47 -30.77 -14.32
C LYS H 70 -22.14 -29.30 -14.06
N ASP H 71 -21.89 -28.54 -15.12
CA ASP H 71 -21.47 -27.15 -14.98
C ASP H 71 -22.68 -26.30 -14.62
N THR H 72 -22.73 -25.82 -13.38
CA THR H 72 -23.91 -25.12 -12.89
C THR H 72 -24.15 -23.82 -13.65
N HIS H 73 -23.10 -23.06 -13.91
CA HIS H 73 -23.27 -21.82 -14.67
C HIS H 73 -23.77 -22.10 -16.07
N LEU H 74 -23.25 -23.15 -16.70
CA LEU H 74 -23.71 -23.53 -18.03
C LEU H 74 -25.19 -23.87 -18.01
N PHE H 75 -25.64 -24.63 -16.99
CA PHE H 75 -27.05 -24.99 -16.91
C PHE H 75 -27.92 -23.77 -16.67
N SER H 76 -27.47 -22.86 -15.80
CA SER H 76 -28.26 -21.66 -15.54
C SER H 76 -28.41 -20.83 -16.82
N GLU H 77 -27.32 -20.65 -17.56
CA GLU H 77 -27.40 -19.88 -18.80
C GLU H 77 -28.27 -20.59 -19.84
N LEU H 78 -28.14 -21.92 -19.95
CA LEU H 78 -28.93 -22.65 -20.93
C LEU H 78 -30.41 -22.59 -20.61
N SER H 79 -30.78 -22.72 -19.33
CA SER H 79 -32.18 -22.60 -18.96
C SER H 79 -32.68 -21.18 -19.16
N LYS H 80 -31.85 -20.18 -18.87
CA LYS H 80 -32.22 -18.79 -19.12
C LYS H 80 -32.53 -18.58 -20.61
N ARG H 81 -31.73 -19.18 -21.49
CA ARG H 81 -31.99 -19.02 -22.91
C ARG H 81 -33.22 -19.81 -23.36
N ARG H 82 -33.39 -21.03 -22.84
CA ARG H 82 -34.47 -21.89 -23.30
C ARG H 82 -35.83 -21.41 -22.82
N LEU H 83 -35.88 -20.75 -21.66
CA LEU H 83 -37.16 -20.26 -21.16
C LEU H 83 -37.60 -18.98 -21.87
N ALA H 84 -36.68 -18.32 -22.57
CA ALA H 84 -37.06 -17.17 -23.38
C ALA H 84 -38.03 -17.58 -24.48
N ILE H 85 -37.78 -18.72 -25.11
CA ILE H 85 -38.61 -19.20 -26.22
C ILE H 85 -40.01 -19.52 -25.72
N GLN H 86 -40.10 -20.20 -24.58
CA GLN H 86 -41.40 -20.63 -24.07
C GLN H 86 -42.26 -19.44 -23.65
N ALA H 87 -41.64 -18.30 -23.34
CA ALA H 87 -42.40 -17.14 -22.91
C ALA H 87 -43.15 -16.48 -24.07
N LEU H 88 -42.64 -16.62 -25.30
CA LEU H 88 -43.25 -15.95 -26.43
C LEU H 88 -44.62 -16.53 -26.74
N GLU H 89 -45.59 -15.66 -26.94
CA GLU H 89 -46.92 -16.08 -27.38
C GLU H 89 -46.94 -16.28 -28.88
N TRP H 90 -47.75 -17.23 -29.33
CA TRP H 90 -47.77 -17.60 -30.73
C TRP H 90 -49.20 -17.82 -31.20
N ARG H 91 -49.36 -17.82 -32.52
CA ARG H 91 -50.65 -18.06 -33.16
C ARG H 91 -50.41 -18.66 -34.53
N ILE H 92 -51.38 -19.45 -35.00
CA ILE H 92 -51.28 -20.10 -36.31
C ILE H 92 -51.86 -19.12 -37.32
N ALA H 93 -51.02 -18.21 -37.78
CA ALA H 93 -51.44 -17.25 -38.80
C ALA H 93 -51.64 -17.97 -40.13
N PRO H 94 -52.77 -17.75 -40.79
CA PRO H 94 -53.02 -18.42 -42.08
C PRO H 94 -52.06 -17.94 -43.16
N ALA H 95 -52.13 -18.62 -44.29
CA ALA H 95 -51.31 -18.22 -45.43
C ALA H 95 -51.71 -16.84 -45.92
N ARG H 96 -50.78 -16.15 -46.57
CA ARG H 96 -51.04 -14.81 -47.05
C ARG H 96 -52.18 -14.81 -48.06
N ASP H 97 -53.04 -13.79 -47.95
CA ASP H 97 -54.25 -13.70 -48.77
C ASP H 97 -55.11 -14.94 -48.61
N ALA H 98 -55.32 -15.35 -47.37
CA ALA H 98 -56.06 -16.57 -47.08
C ALA H 98 -57.51 -16.44 -47.52
N SER H 99 -58.07 -17.53 -48.04
CA SER H 99 -59.47 -17.57 -48.41
C SER H 99 -60.31 -17.88 -47.16
N ALA H 100 -61.58 -18.23 -47.36
CA ALA H 100 -62.42 -18.59 -46.22
C ALA H 100 -61.94 -19.89 -45.58
N GLN H 101 -61.87 -20.96 -46.37
CA GLN H 101 -61.56 -22.28 -45.83
C GLN H 101 -60.15 -22.31 -45.23
N GLU H 102 -59.19 -21.65 -45.88
CA GLU H 102 -57.83 -21.63 -45.34
C GLU H 102 -57.78 -20.93 -43.99
N LYS H 103 -58.48 -19.80 -43.86
CA LYS H 103 -58.51 -19.10 -42.59
C LYS H 103 -59.20 -19.94 -41.52
N LYS H 104 -60.29 -20.62 -41.89
CA LYS H 104 -60.99 -21.45 -40.92
C LYS H 104 -60.13 -22.62 -40.45
N ASP H 105 -59.42 -23.27 -41.37
CA ASP H 105 -58.52 -24.35 -40.97
C ASP H 105 -57.37 -23.84 -40.11
N ALA H 106 -56.82 -22.67 -40.45
CA ALA H 106 -55.75 -22.11 -39.62
C ALA H 106 -56.24 -21.80 -38.22
N ASP H 107 -57.44 -21.23 -38.10
CA ASP H 107 -58.00 -20.96 -36.78
C ASP H 107 -58.27 -22.26 -36.02
N MET H 108 -58.74 -23.28 -36.72
CA MET H 108 -58.98 -24.58 -36.07
C MET H 108 -57.68 -25.14 -35.52
N LEU H 109 -56.61 -25.09 -36.31
CA LEU H 109 -55.30 -25.53 -35.81
C LEU H 109 -54.85 -24.69 -34.63
N ASN H 110 -55.06 -23.36 -34.70
CA ASN H 110 -54.67 -22.49 -33.61
C ASN H 110 -55.35 -22.90 -32.30
N GLU H 111 -56.67 -23.07 -32.35
CA GLU H 111 -57.40 -23.42 -31.14
C GLU H 111 -57.00 -24.79 -30.64
N TYR H 112 -56.84 -25.77 -31.54
CA TYR H 112 -56.47 -27.11 -31.11
C TYR H 112 -55.09 -27.11 -30.44
N LEU H 113 -54.12 -26.41 -31.04
CA LEU H 113 -52.78 -26.40 -30.48
C LEU H 113 -52.72 -25.64 -29.16
N HIS H 114 -53.50 -24.56 -29.03
CA HIS H 114 -53.58 -23.88 -27.75
C HIS H 114 -54.34 -24.70 -26.72
N ASP H 115 -55.12 -25.69 -27.15
CA ASP H 115 -55.84 -26.58 -26.26
C ASP H 115 -55.31 -28.01 -26.30
N ALA H 116 -54.02 -28.18 -26.57
CA ALA H 116 -53.39 -29.50 -26.52
C ALA H 116 -52.23 -29.46 -25.55
N ALA H 117 -52.19 -30.43 -24.63
CA ALA H 117 -51.21 -30.39 -23.56
C ALA H 117 -49.82 -30.79 -24.04
N TRP H 118 -49.72 -31.47 -25.18
CA TRP H 118 -48.43 -31.99 -25.64
C TRP H 118 -47.65 -30.98 -26.46
N PHE H 119 -48.22 -29.80 -26.74
CA PHE H 119 -47.47 -28.83 -27.53
C PHE H 119 -46.43 -28.11 -26.69
N GLU H 120 -46.77 -27.76 -25.45
CA GLU H 120 -45.81 -27.10 -24.58
C GLU H 120 -44.61 -28.01 -24.31
N ASP H 121 -44.87 -29.31 -24.13
CA ASP H 121 -43.77 -30.26 -24.01
C ASP H 121 -42.94 -30.30 -25.28
N ALA H 122 -43.60 -30.23 -26.44
CA ALA H 122 -42.87 -30.22 -27.71
C ALA H 122 -41.93 -29.03 -27.78
N LEU H 123 -42.41 -27.85 -27.40
CA LEU H 123 -41.59 -26.65 -27.47
C LEU H 123 -40.46 -26.68 -26.43
N PHE H 124 -40.74 -27.21 -25.24
CA PHE H 124 -39.70 -27.29 -24.23
C PHE H 124 -38.61 -28.29 -24.62
N ASP H 125 -39.00 -29.42 -25.20
CA ASP H 125 -38.02 -30.43 -25.60
C ASP H 125 -37.27 -30.03 -26.87
N ALA H 126 -37.91 -29.26 -27.76
CA ALA H 126 -37.22 -28.79 -28.95
C ALA H 126 -36.08 -27.85 -28.61
N GLY H 127 -36.10 -27.24 -27.44
CA GLY H 127 -34.99 -26.41 -27.00
C GLY H 127 -33.73 -27.18 -26.66
N ASP H 128 -33.81 -28.51 -26.61
CA ASP H 128 -32.62 -29.31 -26.37
C ASP H 128 -31.61 -29.19 -27.52
N ALA H 129 -32.08 -28.89 -28.73
CA ALA H 129 -31.19 -28.78 -29.87
C ALA H 129 -30.22 -27.61 -29.74
N ILE H 130 -30.46 -26.70 -28.81
CA ILE H 130 -29.57 -25.55 -28.62
C ILE H 130 -28.17 -26.02 -28.28
N LEU H 131 -28.05 -27.00 -27.40
CA LEU H 131 -26.75 -27.44 -26.91
C LEU H 131 -26.23 -28.69 -27.61
N LYS H 132 -27.09 -29.68 -27.84
CA LYS H 132 -26.65 -30.93 -28.45
C LYS H 132 -26.53 -30.80 -29.96
N GLY H 133 -27.42 -30.03 -30.59
CA GLY H 133 -27.40 -29.83 -32.02
C GLY H 133 -28.68 -30.23 -32.72
N TYR H 134 -29.48 -31.11 -32.13
CA TYR H 134 -30.65 -31.68 -32.80
C TYR H 134 -31.56 -32.26 -31.73
N SER H 135 -32.82 -31.86 -31.75
CA SER H 135 -33.83 -32.38 -30.82
C SER H 135 -34.81 -33.24 -31.61
N MET H 136 -34.84 -34.53 -31.32
CA MET H 136 -35.67 -35.48 -32.03
C MET H 136 -36.73 -36.04 -31.10
N GLN H 137 -37.99 -35.94 -31.51
CA GLN H 137 -39.12 -36.39 -30.71
C GLN H 137 -40.03 -37.24 -31.59
N GLU H 138 -40.44 -38.39 -31.06
CA GLU H 138 -41.36 -39.24 -31.80
C GLU H 138 -42.79 -38.73 -31.64
N ILE H 139 -43.64 -39.14 -32.55
CA ILE H 139 -45.05 -38.75 -32.56
C ILE H 139 -45.88 -40.02 -32.46
N GLU H 140 -46.57 -40.20 -31.33
CA GLU H 140 -47.48 -41.31 -31.15
C GLU H 140 -48.86 -40.88 -31.64
N TRP H 141 -49.18 -41.24 -32.88
CA TRP H 141 -50.42 -40.79 -33.49
C TRP H 141 -51.62 -41.45 -32.82
N GLY H 142 -52.69 -40.68 -32.65
CA GLY H 142 -53.88 -41.18 -32.00
C GLY H 142 -55.12 -40.63 -32.67
N TRP H 143 -56.25 -41.28 -32.37
CA TRP H 143 -57.54 -40.92 -32.94
C TRP H 143 -58.30 -40.06 -31.94
N LEU H 144 -58.46 -38.78 -32.26
CA LEU H 144 -59.24 -37.85 -31.46
C LEU H 144 -60.51 -37.52 -32.23
N GLY H 145 -61.60 -38.20 -31.89
CA GLY H 145 -62.84 -38.03 -32.61
C GLY H 145 -62.71 -38.42 -34.07
N LYS H 146 -62.73 -37.43 -34.96
CA LYS H 146 -62.52 -37.64 -36.38
C LYS H 146 -61.32 -36.82 -36.84
N MET H 147 -60.25 -36.83 -36.05
CA MET H 147 -59.02 -36.13 -36.38
C MET H 147 -57.85 -36.98 -35.92
N ARG H 148 -56.95 -37.31 -36.85
CA ARG H 148 -55.77 -38.11 -36.53
C ARG H 148 -54.66 -37.15 -36.09
N VAL H 149 -54.56 -36.94 -34.78
CA VAL H 149 -53.64 -35.95 -34.23
C VAL H 149 -52.76 -36.62 -33.18
N PRO H 150 -51.55 -36.10 -32.91
CA PRO H 150 -50.69 -36.73 -31.91
C PRO H 150 -51.31 -36.67 -30.52
N VAL H 151 -51.02 -37.70 -29.74
CA VAL H 151 -51.46 -37.75 -28.35
C VAL H 151 -50.30 -37.68 -27.36
N ALA H 152 -49.07 -37.88 -27.81
CA ALA H 152 -47.90 -37.80 -26.94
C ALA H 152 -46.66 -37.70 -27.80
N LEU H 153 -45.72 -36.85 -27.37
CA LEU H 153 -44.46 -36.64 -28.06
C LEU H 153 -43.33 -37.05 -27.11
N HIS H 154 -42.77 -38.22 -27.35
CA HIS H 154 -41.69 -38.72 -26.51
C HIS H 154 -40.35 -38.23 -27.05
N HIS H 155 -39.52 -37.71 -26.15
CA HIS H 155 -38.20 -37.19 -26.51
C HIS H 155 -37.19 -38.33 -26.40
N ARG H 156 -36.82 -38.90 -27.54
CA ARG H 156 -35.84 -39.97 -27.55
C ARG H 156 -34.44 -39.40 -27.29
N ASP H 157 -33.56 -40.26 -26.79
CA ASP H 157 -32.21 -39.82 -26.47
C ASP H 157 -31.47 -39.47 -27.76
N PRO H 158 -30.81 -38.31 -27.81
CA PRO H 158 -30.13 -37.91 -29.06
C PRO H 158 -29.01 -38.83 -29.48
N ALA H 159 -28.48 -39.65 -28.57
CA ALA H 159 -27.40 -40.55 -28.92
C ALA H 159 -27.85 -41.68 -29.83
N LEU H 160 -29.15 -41.93 -29.95
CA LEU H 160 -29.65 -43.00 -30.78
C LEU H 160 -29.58 -42.70 -32.27
N PHE H 161 -29.26 -41.46 -32.65
CA PHE H 161 -29.30 -41.03 -34.05
C PHE H 161 -27.89 -40.75 -34.53
N CYS H 162 -27.52 -41.39 -35.64
CA CYS H 162 -26.24 -41.16 -36.29
C CYS H 162 -26.49 -40.57 -37.67
N ALA H 163 -25.75 -39.51 -37.99
CA ALA H 163 -25.89 -38.89 -39.31
C ALA H 163 -25.44 -39.86 -40.39
N ASN H 164 -26.08 -39.78 -41.55
CA ASN H 164 -25.70 -40.63 -42.66
C ASN H 164 -24.27 -40.31 -43.08
N PRO H 165 -23.44 -41.33 -43.33
CA PRO H 165 -22.09 -41.04 -43.84
C PRO H 165 -22.11 -40.33 -45.19
N ASP H 166 -23.20 -40.42 -45.93
CA ASP H 166 -23.37 -39.70 -47.18
C ASP H 166 -24.36 -38.56 -46.99
N ASN H 167 -23.98 -37.39 -47.50
CA ASN H 167 -24.77 -36.15 -47.48
C ASN H 167 -24.82 -35.55 -46.08
N LEU H 168 -24.41 -36.31 -45.07
CA LEU H 168 -23.99 -35.81 -43.77
C LEU H 168 -24.96 -34.81 -43.12
N ASN H 169 -26.19 -34.74 -43.62
CA ASN H 169 -27.17 -33.81 -43.08
C ASN H 169 -28.52 -34.46 -42.80
N GLU H 170 -28.67 -35.75 -43.06
CA GLU H 170 -29.90 -36.46 -42.79
C GLU H 170 -29.72 -37.33 -41.56
N LEU H 171 -30.42 -37.00 -40.49
CA LEU H 171 -30.37 -37.79 -39.27
C LEU H 171 -31.07 -39.12 -39.51
N ARG H 172 -30.38 -40.21 -39.22
CA ARG H 172 -30.91 -41.55 -39.41
C ARG H 172 -30.82 -42.33 -38.11
N LEU H 173 -31.93 -42.96 -37.73
CA LEU H 173 -31.95 -43.76 -36.51
C LEU H 173 -30.96 -44.91 -36.62
N ARG H 174 -30.15 -45.08 -35.57
CA ARG H 174 -29.10 -46.08 -35.61
C ARG H 174 -29.69 -47.48 -35.54
N ASP H 175 -29.26 -48.36 -36.45
CA ASP H 175 -29.75 -49.73 -36.51
C ASP H 175 -28.58 -50.69 -36.71
N ALA H 176 -27.42 -50.35 -36.16
CA ALA H 176 -26.21 -51.16 -36.28
C ALA H 176 -25.88 -51.43 -37.74
N SER H 177 -26.07 -50.42 -38.58
CA SER H 177 -25.80 -50.51 -40.01
C SER H 177 -24.94 -49.34 -40.45
N TYR H 178 -24.23 -49.55 -41.57
CA TYR H 178 -23.35 -48.51 -42.08
C TYR H 178 -24.14 -47.27 -42.48
N HIS H 179 -25.18 -47.44 -43.30
CA HIS H 179 -26.02 -46.31 -43.67
C HIS H 179 -26.93 -45.90 -42.52
N GLY H 180 -27.49 -46.86 -41.81
CA GLY H 180 -28.40 -46.56 -40.73
C GLY H 180 -29.84 -46.47 -41.19
N LEU H 181 -30.75 -46.83 -40.29
CA LEU H 181 -32.18 -46.79 -40.62
C LEU H 181 -32.65 -45.35 -40.70
N GLU H 182 -33.33 -45.02 -41.80
CA GLU H 182 -33.87 -43.68 -41.97
C GLU H 182 -35.07 -43.48 -41.06
N LEU H 183 -35.48 -42.23 -40.91
CA LEU H 183 -36.63 -41.91 -40.07
C LEU H 183 -37.93 -42.27 -40.77
N GLN H 184 -38.83 -42.88 -40.03
CA GLN H 184 -40.16 -43.15 -40.56
C GLN H 184 -40.90 -41.84 -40.81
N PRO H 185 -41.48 -41.65 -41.99
CA PRO H 185 -42.11 -40.36 -42.29
C PRO H 185 -43.32 -40.10 -41.42
N PHE H 186 -43.54 -38.81 -41.12
CA PHE H 186 -44.67 -38.34 -40.32
C PHE H 186 -44.66 -38.94 -38.92
N GLY H 187 -43.49 -39.33 -38.44
CA GLY H 187 -43.38 -39.91 -37.11
C GLY H 187 -42.14 -39.51 -36.35
N TRP H 188 -41.55 -38.37 -36.69
CA TRP H 188 -40.30 -37.95 -36.05
C TRP H 188 -40.21 -36.43 -36.13
N PHE H 189 -40.55 -35.76 -35.03
CA PHE H 189 -40.45 -34.31 -34.96
C PHE H 189 -38.99 -33.93 -34.76
N MET H 190 -38.34 -33.45 -35.83
CA MET H 190 -36.93 -33.10 -35.80
C MET H 190 -36.77 -31.59 -35.88
N HIS H 191 -36.00 -31.04 -34.95
CA HIS H 191 -35.73 -29.59 -34.91
C HIS H 191 -34.22 -29.41 -34.85
N ARG H 192 -33.63 -29.03 -35.98
CA ARG H 192 -32.17 -28.83 -36.07
C ARG H 192 -31.88 -27.35 -35.90
N ALA H 193 -31.44 -26.96 -34.71
CA ALA H 193 -31.16 -25.57 -34.40
C ALA H 193 -29.70 -25.29 -34.76
N LYS H 194 -29.48 -24.66 -35.91
CA LYS H 194 -28.14 -24.36 -36.39
C LYS H 194 -27.72 -22.98 -35.90
N SER H 195 -26.95 -22.95 -34.82
CA SER H 195 -26.35 -21.69 -34.39
C SER H 195 -25.17 -21.31 -35.26
N ARG H 196 -24.45 -22.30 -35.78
CA ARG H 196 -23.31 -22.09 -36.66
C ARG H 196 -23.52 -22.88 -37.94
N THR H 197 -23.23 -22.26 -39.07
CA THR H 197 -23.41 -22.92 -40.36
C THR H 197 -22.53 -24.15 -40.45
N GLY H 198 -23.04 -25.20 -41.08
CA GLY H 198 -22.30 -26.44 -41.19
C GLY H 198 -23.26 -27.62 -41.21
N TYR H 199 -22.72 -28.77 -40.82
CA TYR H 199 -23.46 -30.02 -40.85
C TYR H 199 -24.24 -30.20 -39.55
N VAL H 200 -24.95 -31.34 -39.45
CA VAL H 200 -25.85 -31.55 -38.32
C VAL H 200 -25.07 -31.75 -37.02
N GLY H 201 -23.93 -32.43 -37.08
CA GLY H 201 -23.15 -32.64 -35.87
C GLY H 201 -22.40 -31.40 -35.42
N THR H 202 -22.06 -30.53 -36.38
CA THR H 202 -21.22 -29.38 -36.07
C THR H 202 -21.99 -28.27 -35.36
N ASN H 203 -23.24 -28.03 -35.77
CA ASN H 203 -23.93 -26.80 -35.39
C ASN H 203 -24.33 -26.72 -33.92
N GLY H 204 -24.05 -27.73 -33.11
CA GLY H 204 -24.36 -27.64 -31.70
C GLY H 204 -23.41 -26.72 -30.96
N LEU H 205 -23.90 -26.16 -29.86
CA LEU H 205 -23.06 -25.29 -29.03
C LEU H 205 -22.07 -26.05 -28.17
N VAL H 206 -22.19 -27.38 -28.08
CA VAL H 206 -21.22 -28.15 -27.32
C VAL H 206 -19.84 -28.06 -27.94
N ARG H 207 -19.76 -27.89 -29.26
CA ARG H 207 -18.46 -27.78 -29.93
C ARG H 207 -17.70 -26.55 -29.41
N THR H 208 -18.38 -25.43 -29.25
CA THR H 208 -17.73 -24.23 -28.74
C THR H 208 -17.54 -24.28 -27.23
N LEU H 209 -18.51 -24.84 -26.50
CA LEU H 209 -18.52 -24.75 -25.05
C LEU H 209 -17.73 -25.85 -24.35
N ILE H 210 -17.24 -26.85 -25.09
CA ILE H 210 -16.51 -27.94 -24.43
C ILE H 210 -15.22 -27.42 -23.80
N TRP H 211 -14.56 -26.47 -24.45
CA TRP H 211 -13.27 -26.00 -23.94
C TRP H 211 -13.42 -25.16 -22.68
N PRO H 212 -14.25 -24.10 -22.64
CA PRO H 212 -14.43 -23.38 -21.38
C PRO H 212 -14.96 -24.27 -20.27
N PHE H 213 -15.82 -25.23 -20.59
CA PHE H 213 -16.30 -26.18 -19.58
C PHE H 213 -15.14 -26.93 -18.96
N ILE H 214 -14.25 -27.48 -19.80
CA ILE H 214 -13.11 -28.24 -19.30
C ILE H 214 -12.23 -27.36 -18.44
N PHE H 215 -11.92 -26.16 -18.92
CA PHE H 215 -11.01 -25.28 -18.18
C PHE H 215 -11.62 -24.90 -16.84
N LYS H 216 -12.89 -24.49 -16.82
CA LYS H 216 -13.51 -24.07 -15.58
C LYS H 216 -13.59 -25.22 -14.58
N ASN H 217 -13.98 -26.41 -15.04
CA ASN H 217 -14.16 -27.50 -14.09
C ASN H 217 -12.81 -28.01 -13.56
N TYR H 218 -11.79 -28.07 -14.41
CA TYR H 218 -10.48 -28.46 -13.93
C TYR H 218 -9.95 -27.45 -12.94
N SER H 219 -10.14 -26.15 -13.21
CA SER H 219 -9.72 -25.13 -12.26
C SER H 219 -10.47 -25.26 -10.95
N VAL H 220 -11.77 -25.54 -11.01
CA VAL H 220 -12.57 -25.65 -9.79
C VAL H 220 -12.11 -26.83 -8.95
N ARG H 221 -11.88 -27.98 -9.58
CA ARG H 221 -11.43 -29.14 -8.82
C ARG H 221 -10.04 -28.91 -8.24
N ASP H 222 -9.14 -28.30 -9.00
CA ASP H 222 -7.82 -28.00 -8.47
C ASP H 222 -7.91 -27.04 -7.29
N PHE H 223 -8.78 -26.04 -7.39
CA PHE H 223 -8.96 -25.09 -6.30
C PHE H 223 -9.50 -25.78 -5.05
N ALA H 224 -10.47 -26.67 -5.22
CA ALA H 224 -11.02 -27.39 -4.08
C ALA H 224 -9.95 -28.26 -3.42
N GLU H 225 -9.15 -28.95 -4.23
CA GLU H 225 -8.07 -29.76 -3.66
C GLU H 225 -7.03 -28.90 -2.97
N PHE H 226 -6.79 -27.70 -3.48
CA PHE H 226 -5.87 -26.78 -2.82
C PHE H 226 -6.41 -26.35 -1.46
N LEU H 227 -7.71 -26.06 -1.38
CA LEU H 227 -8.30 -25.73 -0.09
C LEU H 227 -8.35 -26.92 0.85
N GLU H 228 -8.31 -28.14 0.31
CA GLU H 228 -8.28 -29.32 1.17
C GLU H 228 -7.02 -29.32 2.04
N ILE H 229 -5.93 -28.76 1.51
CA ILE H 229 -4.65 -28.81 2.19
C ILE H 229 -4.21 -27.47 2.76
N TYR H 230 -4.67 -26.36 2.19
CA TYR H 230 -4.17 -25.05 2.56
C TYR H 230 -4.48 -24.71 4.01
N GLY H 231 -3.58 -23.92 4.62
CA GLY H 231 -3.71 -23.29 5.92
C GLY H 231 -3.53 -24.25 7.09
N LEU H 232 -2.99 -25.44 6.88
CA LEU H 232 -2.75 -26.40 7.95
C LEU H 232 -1.40 -27.07 7.71
N PRO H 233 -0.34 -26.57 8.35
CA PRO H 233 1.00 -27.08 8.03
C PRO H 233 1.16 -28.53 8.41
N MET H 234 2.02 -29.22 7.67
CA MET H 234 2.38 -30.59 8.00
C MET H 234 3.16 -30.61 9.31
N ARG H 235 2.91 -31.63 10.12
CA ARG H 235 3.45 -31.74 11.47
C ARG H 235 4.38 -32.95 11.51
N VAL H 236 5.67 -32.70 11.27
CA VAL H 236 6.67 -33.77 11.21
C VAL H 236 7.47 -33.77 12.51
N GLY H 237 7.71 -34.95 13.06
CA GLY H 237 8.57 -35.12 14.21
C GLY H 237 9.78 -35.94 13.82
N LYS H 238 10.96 -35.48 14.24
CA LYS H 238 12.22 -36.13 13.89
C LYS H 238 12.76 -36.82 15.15
N TYR H 239 12.37 -38.08 15.33
CA TYR H 239 12.87 -38.84 16.46
C TYR H 239 14.34 -39.19 16.24
N PRO H 240 15.18 -39.12 17.27
CA PRO H 240 16.58 -39.52 17.10
C PRO H 240 16.66 -40.98 16.71
N THR H 241 17.62 -41.29 15.84
CA THR H 241 17.79 -42.67 15.40
C THR H 241 18.21 -43.53 16.58
N GLY H 242 17.85 -44.81 16.50
CA GLY H 242 18.07 -45.72 17.60
C GLY H 242 16.97 -45.74 18.64
N SER H 243 15.95 -44.90 18.49
CA SER H 243 14.82 -44.94 19.41
C SER H 243 14.10 -46.27 19.31
N THR H 244 13.62 -46.76 20.44
CA THR H 244 12.95 -48.06 20.47
C THR H 244 11.68 -48.01 19.63
N ASN H 245 11.28 -49.19 19.14
CA ASN H 245 10.09 -49.30 18.31
C ASN H 245 8.82 -48.90 19.05
N ARG H 246 8.84 -48.84 20.37
CA ARG H 246 7.71 -48.38 21.17
C ARG H 246 7.64 -46.86 21.28
N GLU H 247 8.79 -46.18 21.25
CA GLU H 247 8.82 -44.73 21.38
C GLU H 247 8.51 -44.00 20.09
N LYS H 248 8.52 -44.70 18.95
CA LYS H 248 8.03 -44.12 17.71
C LYS H 248 6.52 -44.08 17.65
N ALA H 249 5.83 -45.10 18.17
CA ALA H 249 4.37 -45.11 18.20
C ALA H 249 3.82 -44.01 19.08
N THR H 250 4.37 -43.82 20.29
CA THR H 250 3.91 -42.74 21.14
C THR H 250 4.19 -41.39 20.53
N LEU H 251 5.35 -41.23 19.91
CA LEU H 251 5.67 -39.96 19.25
C LEU H 251 4.69 -39.67 18.13
N MET H 252 4.32 -40.69 17.35
CA MET H 252 3.42 -40.46 16.24
C MET H 252 2.00 -40.18 16.73
N GLN H 253 1.57 -40.89 17.79
CA GLN H 253 0.27 -40.60 18.38
C GLN H 253 0.22 -39.22 19.01
N ALA H 254 1.37 -38.68 19.44
CA ALA H 254 1.42 -37.32 19.97
C ALA H 254 1.39 -36.30 18.84
N VAL H 255 2.23 -36.48 17.81
CA VAL H 255 2.30 -35.53 16.72
C VAL H 255 1.00 -35.50 15.92
N MET H 256 0.19 -36.55 16.02
CA MET H 256 -1.15 -36.54 15.44
C MET H 256 -2.21 -36.13 16.44
N ASP H 257 -1.82 -35.77 17.66
CA ASP H 257 -2.74 -35.28 18.68
C ASP H 257 -2.71 -33.77 18.81
N ILE H 258 -1.99 -33.08 17.93
CA ILE H 258 -1.92 -31.62 17.97
C ILE H 258 -3.26 -31.06 17.48
N GLY H 259 -3.89 -30.27 18.33
CA GLY H 259 -5.16 -29.64 17.98
C GLY H 259 -5.21 -28.19 18.39
N ARG H 260 -6.30 -27.78 19.05
CA ARG H 260 -6.42 -26.41 19.51
C ARG H 260 -5.64 -26.23 20.80
N ARG H 261 -4.75 -25.25 20.82
CA ARG H 261 -3.94 -24.92 22.00
C ARG H 261 -3.13 -26.13 22.46
N ALA H 262 -2.69 -26.95 21.51
CA ALA H 262 -1.91 -28.12 21.86
C ALA H 262 -0.57 -27.69 22.45
N GLY H 263 -0.15 -28.38 23.50
CA GLY H 263 1.10 -28.07 24.14
C GLY H 263 1.65 -29.25 24.91
N GLY H 264 2.91 -29.59 24.66
CA GLY H 264 3.48 -30.76 25.29
C GLY H 264 4.98 -30.63 25.46
N ILE H 265 5.60 -31.74 25.81
CA ILE H 265 7.03 -31.78 26.11
C ILE H 265 7.70 -32.73 25.13
N ILE H 266 8.91 -32.35 24.69
CA ILE H 266 9.72 -33.21 23.84
C ILE H 266 11.15 -33.21 24.37
N PRO H 267 11.85 -34.33 24.28
CA PRO H 267 13.25 -34.37 24.72
C PRO H 267 14.10 -33.44 23.87
N MET H 268 15.32 -33.18 24.36
CA MET H 268 16.22 -32.28 23.66
C MET H 268 16.61 -32.83 22.30
N GLY H 269 16.64 -34.15 22.15
CA GLY H 269 17.05 -34.76 20.89
C GLY H 269 15.97 -34.83 19.83
N MET H 270 14.74 -34.47 20.16
CA MET H 270 13.63 -34.53 19.21
C MET H 270 13.32 -33.14 18.67
N THR H 271 12.71 -33.11 17.49
CA THR H 271 12.30 -31.87 16.86
C THR H 271 10.87 -32.00 16.37
N LEU H 272 10.17 -30.87 16.30
CA LEU H 272 8.75 -30.85 15.93
C LEU H 272 8.50 -29.73 14.92
N ASP H 273 9.32 -29.70 13.87
CA ASP H 273 9.19 -28.65 12.87
C ASP H 273 7.85 -28.72 12.16
N PHE H 274 7.32 -27.55 11.81
CA PHE H 274 6.04 -27.42 11.09
C PHE H 274 6.34 -26.93 9.68
N GLN H 275 6.08 -27.78 8.69
CA GLN H 275 6.32 -27.43 7.30
C GLN H 275 5.00 -27.25 6.57
N SER H 276 4.89 -26.15 5.82
CA SER H 276 3.68 -25.88 5.07
C SER H 276 3.54 -26.86 3.92
N ALA H 277 2.29 -27.29 3.68
CA ALA H 277 2.00 -28.25 2.62
C ALA H 277 1.29 -27.65 1.42
N ALA H 278 0.90 -26.38 1.48
CA ALA H 278 0.23 -25.73 0.35
C ALA H 278 0.45 -24.22 0.48
N ASP H 279 1.22 -23.65 -0.43
CA ASP H 279 1.52 -22.23 -0.42
C ASP H 279 0.96 -21.59 -1.68
N GLY H 280 0.27 -20.48 -1.51
CA GLY H 280 -0.32 -19.77 -2.63
C GLY H 280 -1.53 -18.98 -2.17
N GLN H 281 -2.30 -18.52 -3.16
CA GLN H 281 -3.51 -17.76 -2.90
C GLN H 281 -4.57 -18.16 -3.92
N SER H 282 -5.76 -17.61 -3.75
CA SER H 282 -6.91 -17.98 -4.57
C SER H 282 -7.06 -17.15 -5.83
N ASP H 283 -6.19 -16.17 -6.05
CA ASP H 283 -6.36 -15.28 -7.20
C ASP H 283 -6.30 -15.99 -8.54
N PRO H 284 -5.33 -16.86 -8.83
CA PRO H 284 -5.31 -17.49 -10.16
C PRO H 284 -6.52 -18.38 -10.43
N PHE H 285 -6.91 -19.21 -9.48
CA PHE H 285 -8.05 -20.09 -9.69
C PHE H 285 -9.32 -19.29 -9.97
N MET H 286 -9.58 -18.27 -9.17
CA MET H 286 -10.77 -17.45 -9.39
C MET H 286 -10.69 -16.64 -10.67
N ALA H 287 -9.50 -16.20 -11.08
CA ALA H 287 -9.38 -15.51 -12.35
C ALA H 287 -9.75 -16.43 -13.51
N MET H 288 -9.23 -17.66 -13.50
CA MET H 288 -9.59 -18.61 -14.55
C MET H 288 -11.07 -18.94 -14.53
N ILE H 289 -11.63 -19.13 -13.33
CA ILE H 289 -13.05 -19.46 -13.22
C ILE H 289 -13.90 -18.31 -13.77
N GLY H 290 -13.56 -17.08 -13.41
CA GLY H 290 -14.30 -15.93 -13.92
C GLY H 290 -14.21 -15.81 -15.42
N TRP H 291 -13.02 -16.00 -15.98
CA TRP H 291 -12.88 -15.92 -17.43
C TRP H 291 -13.70 -17.00 -18.12
N ALA H 292 -13.67 -18.22 -17.59
CA ALA H 292 -14.41 -19.30 -18.23
C ALA H 292 -15.91 -19.06 -18.13
N GLU H 293 -16.39 -18.58 -16.99
CA GLU H 293 -17.81 -18.29 -16.87
C GLU H 293 -18.23 -17.16 -17.81
N LYS H 294 -17.39 -16.14 -17.95
CA LYS H 294 -17.69 -15.06 -18.88
C LYS H 294 -17.75 -15.59 -20.31
N ALA H 295 -16.81 -16.47 -20.69
CA ALA H 295 -16.84 -17.04 -22.02
C ALA H 295 -18.09 -17.88 -22.26
N ILE H 296 -18.48 -18.68 -21.26
CA ILE H 296 -19.68 -19.49 -21.39
C ILE H 296 -20.91 -18.62 -21.56
N SER H 297 -21.00 -17.54 -20.77
CA SER H 297 -22.13 -16.62 -20.91
C SER H 297 -22.14 -15.97 -22.28
N LYS H 298 -20.97 -15.59 -22.79
CA LYS H 298 -20.88 -15.01 -24.13
C LYS H 298 -21.38 -15.99 -25.18
N ALA H 299 -20.98 -17.26 -25.07
CA ALA H 299 -21.41 -18.25 -26.05
C ALA H 299 -22.91 -18.48 -25.98
N ILE H 300 -23.46 -18.55 -24.77
CA ILE H 300 -24.87 -18.93 -24.61
C ILE H 300 -25.78 -17.75 -24.96
N LEU H 301 -25.65 -16.64 -24.23
CA LEU H 301 -26.56 -15.52 -24.44
C LEU H 301 -26.05 -14.56 -25.49
N GLY H 302 -24.77 -14.20 -25.42
CA GLY H 302 -24.19 -13.21 -26.30
C GLY H 302 -23.45 -12.12 -25.57
N GLY H 303 -23.75 -11.92 -24.29
CA GLY H 303 -23.08 -10.92 -23.49
C GLY H 303 -23.40 -11.04 -22.02
N THR H 304 -22.39 -11.01 -21.17
CA THR H 304 -22.60 -11.14 -19.73
C THR H 304 -23.01 -9.80 -19.13
N ASP H 322 -28.90 -5.75 -23.94
CA ASP H 322 -30.08 -6.61 -23.91
C ASP H 322 -30.61 -6.83 -25.32
N GLU H 323 -30.08 -6.08 -26.28
CA GLU H 323 -30.48 -6.26 -27.67
C GLU H 323 -29.99 -7.59 -28.22
N VAL H 324 -28.79 -8.01 -27.82
CA VAL H 324 -28.21 -9.24 -28.35
C VAL H 324 -29.04 -10.45 -27.94
N ARG H 325 -29.49 -10.48 -26.68
CA ARG H 325 -30.36 -11.58 -26.24
C ARG H 325 -31.66 -11.59 -27.02
N ARG H 326 -32.20 -10.41 -27.32
CA ARG H 326 -33.42 -10.33 -28.12
C ARG H 326 -33.19 -10.89 -29.52
N GLU H 327 -32.05 -10.56 -30.14
CA GLU H 327 -31.76 -11.09 -31.47
C GLU H 327 -31.58 -12.60 -31.44
N ILE H 328 -30.91 -13.11 -30.40
CA ILE H 328 -30.75 -14.56 -30.26
C ILE H 328 -32.10 -15.25 -30.15
N ARG H 329 -32.98 -14.69 -29.30
CA ARG H 329 -34.30 -15.26 -29.14
C ARG H 329 -35.08 -15.23 -30.45
N ASN H 330 -35.04 -14.11 -31.17
CA ASN H 330 -35.76 -14.03 -32.43
C ASN H 330 -35.23 -15.06 -33.43
N ALA H 331 -33.91 -15.20 -33.52
CA ALA H 331 -33.33 -16.11 -34.50
C ALA H 331 -33.71 -17.56 -34.21
N ASP H 332 -33.48 -18.02 -32.97
CA ASP H 332 -33.74 -19.42 -32.70
C ASP H 332 -35.23 -19.72 -32.64
N VAL H 333 -36.05 -18.73 -32.27
CA VAL H 333 -37.49 -18.89 -32.34
C VAL H 333 -37.95 -19.02 -33.79
N GLY H 334 -37.36 -18.23 -34.69
CA GLY H 334 -37.70 -18.37 -36.10
C GLY H 334 -37.33 -19.73 -36.65
N GLN H 335 -36.15 -20.23 -36.26
CA GLN H 335 -35.76 -21.57 -36.69
C GLN H 335 -36.72 -22.62 -36.15
N LEU H 336 -37.11 -22.50 -34.89
CA LEU H 336 -38.07 -23.44 -34.31
C LEU H 336 -39.42 -23.36 -35.03
N ALA H 337 -39.84 -22.15 -35.40
CA ALA H 337 -41.10 -21.98 -36.13
C ALA H 337 -41.04 -22.64 -37.49
N ARG H 338 -39.91 -22.50 -38.19
CA ARG H 338 -39.75 -23.18 -39.47
C ARG H 338 -39.81 -24.69 -39.30
N SER H 339 -39.16 -25.22 -38.27
CA SER H 339 -39.21 -26.65 -38.02
C SER H 339 -40.64 -27.11 -37.73
N ILE H 340 -41.37 -26.35 -36.91
CA ILE H 340 -42.74 -26.71 -36.59
C ILE H 340 -43.62 -26.70 -37.83
N ASN H 341 -43.48 -25.66 -38.66
CA ASN H 341 -44.24 -25.61 -39.90
C ASN H 341 -43.92 -26.79 -40.80
N ARG H 342 -42.67 -27.20 -40.85
CA ARG H 342 -42.30 -28.36 -41.65
C ARG H 342 -42.94 -29.63 -41.10
N ASP H 343 -42.98 -29.80 -39.77
CA ASP H 343 -43.23 -31.12 -39.21
C ASP H 343 -44.31 -31.19 -38.16
N LEU H 344 -45.11 -30.13 -37.96
CA LEU H 344 -46.21 -30.22 -37.00
C LEU H 344 -47.50 -29.58 -37.50
N ILE H 345 -47.49 -28.97 -38.68
CA ILE H 345 -48.70 -28.39 -39.28
C ILE H 345 -49.08 -29.13 -40.55
N TYR H 346 -48.12 -29.27 -41.47
CA TYR H 346 -48.36 -30.06 -42.67
C TYR H 346 -48.73 -31.52 -42.37
N PRO H 347 -48.10 -32.23 -41.43
CA PRO H 347 -48.57 -33.59 -41.15
C PRO H 347 -50.02 -33.65 -40.70
N LEU H 348 -50.42 -32.74 -39.81
CA LEU H 348 -51.81 -32.73 -39.35
C LEU H 348 -52.76 -32.43 -40.50
N LEU H 349 -52.40 -31.44 -41.35
CA LEU H 349 -53.26 -31.11 -42.47
C LEU H 349 -53.39 -32.26 -43.45
N ALA H 350 -52.28 -32.95 -43.73
CA ALA H 350 -52.31 -34.05 -44.70
C ALA H 350 -53.07 -35.25 -44.16
N LEU H 351 -52.87 -35.57 -42.88
CA LEU H 351 -53.55 -36.73 -42.31
C LEU H 351 -55.04 -36.48 -42.14
N ASN H 352 -55.42 -35.33 -41.59
CA ASN H 352 -56.83 -35.07 -41.33
C ASN H 352 -57.61 -34.89 -42.62
N SER H 353 -57.06 -34.16 -43.58
CA SER H 353 -57.75 -33.93 -44.84
C SER H 353 -57.49 -35.09 -45.80
N ASP H 354 -58.32 -35.15 -46.85
CA ASP H 354 -58.19 -36.19 -47.87
C ASP H 354 -57.71 -35.67 -49.21
N SER H 355 -57.98 -34.41 -49.53
CA SER H 355 -57.52 -33.84 -50.78
C SER H 355 -56.04 -33.48 -50.70
N THR H 356 -55.44 -33.28 -51.87
CA THR H 356 -54.02 -32.93 -51.95
C THR H 356 -53.80 -31.56 -51.33
N ILE H 357 -53.06 -31.53 -50.21
CA ILE H 357 -52.81 -30.28 -49.52
C ILE H 357 -51.92 -29.39 -50.37
N ASP H 358 -52.30 -28.13 -50.52
CA ASP H 358 -51.52 -27.17 -51.29
C ASP H 358 -50.25 -26.85 -50.51
N ILE H 359 -49.12 -27.39 -50.97
CA ILE H 359 -47.85 -27.18 -50.27
C ILE H 359 -47.44 -25.71 -50.32
N ASN H 360 -47.75 -25.02 -51.42
CA ASN H 360 -47.39 -23.61 -51.53
C ASN H 360 -48.12 -22.77 -50.48
N ARG H 361 -49.38 -23.06 -50.24
CA ARG H 361 -50.21 -22.27 -49.32
C ARG H 361 -50.71 -23.18 -48.20
N LEU H 362 -50.05 -23.13 -47.06
CA LEU H 362 -50.49 -23.83 -45.86
C LEU H 362 -50.27 -22.93 -44.65
N PRO H 363 -51.09 -23.09 -43.60
CA PRO H 363 -50.93 -22.25 -42.41
C PRO H 363 -49.55 -22.43 -41.78
N GLY H 364 -49.02 -21.35 -41.25
CA GLY H 364 -47.71 -21.37 -40.63
C GLY H 364 -47.73 -20.70 -39.27
N ILE H 365 -47.00 -21.30 -38.32
CA ILE H 365 -46.96 -20.75 -36.97
C ILE H 365 -46.11 -19.49 -36.97
N VAL H 366 -46.57 -18.49 -36.22
CA VAL H 366 -45.88 -17.21 -36.10
C VAL H 366 -45.80 -16.87 -34.63
N PHE H 367 -44.59 -16.54 -34.16
CA PHE H 367 -44.38 -16.13 -32.78
C PHE H 367 -44.45 -14.61 -32.68
N ASP H 368 -45.08 -14.12 -31.61
CA ASP H 368 -45.22 -12.68 -31.38
C ASP H 368 -43.91 -12.17 -30.77
N THR H 369 -42.92 -12.02 -31.63
CA THR H 369 -41.60 -11.57 -31.22
C THR H 369 -41.42 -10.06 -31.28
N SER H 370 -42.48 -9.32 -31.61
CA SER H 370 -42.37 -7.87 -31.72
C SER H 370 -42.06 -7.25 -30.35
N GLU H 371 -41.16 -6.28 -30.35
CA GLU H 371 -40.80 -5.59 -29.11
C GLU H 371 -42.00 -4.81 -28.57
N ALA H 372 -42.15 -4.84 -27.25
CA ALA H 372 -43.26 -4.13 -26.63
C ALA H 372 -43.12 -2.63 -26.83
N GLY H 373 -44.27 -1.96 -26.94
CA GLY H 373 -44.32 -0.53 -27.16
C GLY H 373 -44.63 0.20 -25.87
N ASP H 374 -43.82 1.21 -25.57
CA ASP H 374 -44.02 2.02 -24.38
C ASP H 374 -45.34 2.80 -24.49
N ILE H 375 -46.26 2.53 -23.56
CA ILE H 375 -47.61 3.06 -23.68
C ILE H 375 -47.64 4.57 -23.52
N THR H 376 -46.79 5.13 -22.66
CA THR H 376 -46.84 6.56 -22.40
C THR H 376 -46.41 7.36 -23.63
N ALA H 377 -45.30 6.97 -24.25
CA ALA H 377 -44.83 7.69 -25.43
C ALA H 377 -45.82 7.57 -26.58
N LEU H 378 -46.37 6.39 -26.81
CA LEU H 378 -47.37 6.24 -27.86
C LEU H 378 -48.60 7.07 -27.55
N SER H 379 -49.04 7.06 -26.29
CA SER H 379 -50.27 7.76 -25.93
C SER H 379 -50.13 9.27 -26.03
N ASP H 380 -48.95 9.82 -25.75
CA ASP H 380 -48.77 11.26 -25.89
C ASP H 380 -48.15 11.66 -27.22
N ALA H 381 -47.88 10.70 -28.11
CA ALA H 381 -47.37 11.02 -29.44
C ALA H 381 -48.43 10.86 -30.53
N ILE H 382 -49.16 9.74 -30.52
CA ILE H 382 -50.10 9.46 -31.62
C ILE H 382 -51.19 10.52 -31.73
N PRO H 383 -51.89 10.90 -30.65
CA PRO H 383 -52.96 11.87 -30.80
C PRO H 383 -52.40 13.16 -31.37
N LYS H 384 -51.07 13.33 -31.30
CA LYS H 384 -50.45 14.59 -31.79
C LYS H 384 -50.19 14.46 -33.28
N LEU H 385 -49.84 13.26 -33.72
CA LEU H 385 -49.58 13.03 -35.16
C LEU H 385 -50.91 12.72 -35.82
N ALA H 386 -51.85 12.15 -35.06
CA ALA H 386 -53.13 11.75 -35.67
C ALA H 386 -53.69 12.97 -36.39
N ALA H 387 -53.93 14.02 -35.62
CA ALA H 387 -54.38 15.23 -36.32
C ALA H 387 -53.50 15.38 -37.55
N GLY H 388 -54.07 15.24 -38.75
CA GLY H 388 -53.27 15.51 -39.96
C GLY H 388 -52.90 14.26 -40.71
N MET H 389 -52.67 13.17 -40.00
CA MET H 389 -52.21 11.92 -40.65
C MET H 389 -53.19 10.80 -40.34
N ARG H 390 -53.52 9.98 -41.35
CA ARG H 390 -54.44 8.82 -41.12
C ARG H 390 -53.62 7.64 -40.58
N ILE H 391 -53.54 7.51 -39.24
CA ILE H 391 -52.76 6.41 -38.63
C ILE H 391 -53.73 5.25 -38.44
N PRO H 392 -53.43 4.02 -38.89
CA PRO H 392 -54.41 2.95 -38.81
C PRO H 392 -54.54 2.56 -37.37
N VAL H 393 -55.75 2.21 -36.97
CA VAL H 393 -55.98 1.87 -35.54
C VAL H 393 -55.22 0.58 -35.26
N SER H 394 -55.20 -0.34 -36.22
CA SER H 394 -54.57 -1.65 -35.94
C SER H 394 -53.08 -1.47 -35.67
N TRP H 395 -52.35 -0.77 -36.54
CA TRP H 395 -50.93 -0.60 -36.20
C TRP H 395 -50.88 -0.26 -34.72
N ILE H 396 -51.83 0.56 -34.27
CA ILE H 396 -51.67 0.88 -32.85
C ILE H 396 -52.16 -0.27 -31.98
N GLN H 397 -53.21 -0.97 -32.43
CA GLN H 397 -53.75 -2.08 -31.65
C GLN H 397 -52.73 -3.20 -31.46
N GLU H 398 -51.72 -3.29 -32.33
CA GLU H 398 -50.70 -4.31 -32.16
C GLU H 398 -49.96 -4.14 -30.85
N LYS H 399 -49.63 -2.91 -30.49
CA LYS H 399 -49.02 -2.64 -29.20
C LYS H 399 -50.05 -2.87 -28.10
N LEU H 400 -49.79 -3.87 -27.25
CA LEU H 400 -50.72 -4.30 -26.20
C LEU H 400 -52.02 -4.70 -26.88
N HIS H 401 -53.14 -4.03 -26.62
CA HIS H 401 -54.40 -4.36 -27.28
C HIS H 401 -54.79 -3.26 -28.26
N GLY I 2 -69.98 -47.50 -13.97
CA GLY I 2 -69.06 -47.79 -12.87
C GLY I 2 -67.64 -47.97 -13.35
N ARG I 3 -67.48 -48.41 -14.60
CA ARG I 3 -66.16 -48.61 -15.21
C ARG I 3 -65.67 -47.26 -15.72
N ILE I 4 -65.09 -46.48 -14.81
CA ILE I 4 -64.63 -45.14 -15.15
C ILE I 4 -63.38 -45.23 -16.02
N LEU I 5 -63.33 -44.40 -17.06
CA LEU I 5 -62.17 -44.33 -17.94
C LEU I 5 -61.26 -43.19 -17.49
N ASP I 6 -59.96 -43.43 -17.59
CA ASP I 6 -58.96 -42.43 -17.23
C ASP I 6 -58.77 -41.47 -18.41
N ILE I 7 -57.76 -40.60 -18.30
CA ILE I 7 -57.51 -39.63 -19.36
C ILE I 7 -57.07 -40.32 -20.64
N SER I 8 -56.42 -41.47 -20.53
CA SER I 8 -55.90 -42.19 -21.69
C SER I 8 -56.90 -43.16 -22.28
N GLY I 9 -58.14 -43.16 -21.80
CA GLY I 9 -59.18 -44.00 -22.37
C GLY I 9 -59.00 -45.48 -22.14
N GLN I 10 -58.52 -45.87 -20.97
CA GLN I 10 -58.45 -47.28 -20.59
C GLN I 10 -59.41 -47.53 -19.43
N PRO I 11 -60.48 -48.29 -19.63
CA PRO I 11 -61.44 -48.51 -18.54
C PRO I 11 -60.80 -49.30 -17.40
N PHE I 12 -61.27 -49.02 -16.19
CA PHE I 12 -60.76 -49.69 -14.99
C PHE I 12 -61.81 -49.56 -13.90
N ASP I 13 -61.53 -50.15 -12.74
CA ASP I 13 -62.39 -50.06 -11.57
C ASP I 13 -61.69 -49.20 -10.52
N PHE I 14 -62.38 -48.17 -10.04
CA PHE I 14 -61.82 -47.24 -9.07
C PHE I 14 -62.07 -47.75 -7.66
N ASP I 15 -61.04 -47.70 -6.83
CA ASP I 15 -61.10 -48.22 -5.46
C ASP I 15 -60.79 -47.10 -4.48
N ASP I 16 -61.60 -47.02 -3.41
CA ASP I 16 -61.42 -45.98 -2.40
C ASP I 16 -60.21 -46.25 -1.51
N GLU I 17 -59.77 -47.50 -1.40
CA GLU I 17 -58.64 -47.82 -0.55
C GLU I 17 -57.36 -47.19 -1.07
N MET I 18 -56.59 -46.60 -0.16
CA MET I 18 -55.30 -46.04 -0.52
C MET I 18 -54.33 -47.15 -0.88
N GLN I 19 -53.50 -46.91 -1.91
CA GLN I 19 -52.64 -47.98 -2.42
C GLN I 19 -51.62 -48.41 -1.38
N SER I 20 -51.08 -47.47 -0.60
CA SER I 20 -50.12 -47.84 0.43
C SER I 20 -50.76 -48.71 1.49
N ARG I 21 -51.99 -48.38 1.91
CA ARG I 21 -52.70 -49.15 2.93
C ARG I 21 -53.38 -50.35 2.30
N SER I 22 -52.56 -51.27 1.77
CA SER I 22 -53.06 -52.44 1.08
C SER I 22 -52.65 -53.74 1.77
N ASP I 23 -52.06 -53.64 2.96
CA ASP I 23 -51.69 -54.80 3.78
C ASP I 23 -50.61 -55.65 3.12
N GLU I 24 -50.12 -55.20 1.96
CA GLU I 24 -49.02 -55.89 1.29
C GLU I 24 -47.76 -55.04 1.22
N LEU I 25 -47.90 -53.72 1.32
CA LEU I 25 -46.76 -52.81 1.25
C LEU I 25 -46.52 -52.13 2.59
N ALA I 26 -46.83 -52.84 3.68
CA ALA I 26 -46.61 -52.31 5.02
C ALA I 26 -45.15 -52.24 5.40
N MET I 27 -44.32 -53.16 4.88
CA MET I 27 -42.91 -53.22 5.22
C MET I 27 -42.01 -52.54 4.19
N VAL I 28 -42.59 -51.93 3.16
CA VAL I 28 -41.82 -51.19 2.17
C VAL I 28 -42.20 -49.72 2.10
N MET I 29 -43.30 -49.31 2.73
CA MET I 29 -43.65 -47.90 2.84
C MET I 29 -43.06 -47.24 4.09
N LYS I 30 -42.41 -48.01 4.95
CA LYS I 30 -41.83 -47.51 6.19
C LYS I 30 -40.32 -47.76 6.12
N ARG I 31 -39.59 -46.76 5.65
CA ARG I 31 -38.14 -46.83 5.49
C ARG I 31 -37.47 -45.75 6.33
N THR I 32 -36.45 -46.15 7.09
CA THR I 32 -35.68 -45.18 7.84
C THR I 32 -34.57 -44.62 6.95
N GLN I 33 -34.49 -43.28 6.87
CA GLN I 33 -33.71 -42.64 5.83
C GLN I 33 -32.22 -42.94 5.99
N GLU I 34 -31.54 -42.99 4.84
CA GLU I 34 -30.13 -43.35 4.81
C GLU I 34 -29.23 -42.22 5.25
N HIS I 35 -29.60 -40.97 4.99
CA HIS I 35 -28.74 -39.81 5.18
C HIS I 35 -27.39 -40.05 4.48
N PRO I 36 -27.38 -40.04 3.15
CA PRO I 36 -26.15 -40.37 2.41
C PRO I 36 -25.15 -39.23 2.34
N SER I 37 -25.54 -38.03 2.75
CA SER I 37 -24.70 -36.84 2.63
C SER I 37 -23.71 -36.70 3.77
N SER I 38 -23.44 -37.77 4.50
CA SER I 38 -22.43 -37.78 5.54
C SER I 38 -21.13 -38.30 4.93
N GLY I 39 -20.13 -37.44 4.81
CA GLY I 39 -18.87 -37.82 4.22
C GLY I 39 -18.93 -38.17 2.75
N VAL I 40 -19.63 -37.35 1.96
CA VAL I 40 -19.74 -37.60 0.53
C VAL I 40 -18.43 -37.30 -0.17
N THR I 41 -17.98 -38.22 -1.01
CA THR I 41 -16.87 -38.03 -1.92
C THR I 41 -17.41 -37.92 -3.34
N PRO I 42 -16.88 -36.99 -4.16
CA PRO I 42 -17.39 -36.84 -5.53
C PRO I 42 -17.55 -38.14 -6.30
N ASN I 43 -16.67 -39.13 -6.06
CA ASN I 43 -16.84 -40.43 -6.70
C ASN I 43 -18.17 -41.06 -6.29
N ARG I 44 -18.46 -41.05 -4.99
CA ARG I 44 -19.69 -41.64 -4.48
C ARG I 44 -20.92 -40.85 -4.90
N ALA I 45 -20.80 -39.52 -4.97
CA ALA I 45 -21.91 -38.72 -5.49
C ALA I 45 -22.20 -39.07 -6.95
N ALA I 46 -21.14 -39.22 -7.76
CA ALA I 46 -21.35 -39.66 -9.14
C ALA I 46 -21.98 -41.04 -9.18
N GLN I 47 -21.59 -41.93 -8.27
CA GLN I 47 -22.15 -43.28 -8.25
C GLN I 47 -23.65 -43.25 -7.96
N MET I 48 -24.06 -42.47 -6.96
CA MET I 48 -25.49 -42.39 -6.65
C MET I 48 -26.27 -41.69 -7.75
N LEU I 49 -25.67 -40.67 -8.39
CA LEU I 49 -26.33 -40.04 -9.53
C LEU I 49 -26.54 -41.03 -10.68
N ARG I 50 -25.54 -41.87 -10.95
CA ARG I 50 -25.68 -42.87 -12.01
C ARG I 50 -26.69 -43.93 -11.63
N ASP I 51 -26.76 -44.30 -10.36
CA ASP I 51 -27.77 -45.25 -9.91
C ASP I 51 -29.16 -44.68 -10.10
N ALA I 52 -29.34 -43.39 -9.79
CA ALA I 52 -30.62 -42.73 -10.03
C ALA I 52 -30.94 -42.67 -11.52
N GLU I 53 -29.94 -42.39 -12.36
CA GLU I 53 -30.16 -42.37 -13.79
C GLU I 53 -30.61 -43.73 -14.30
N ARG I 54 -30.01 -44.80 -13.77
CA ARG I 54 -30.42 -46.13 -14.20
C ARG I 54 -31.82 -46.50 -13.75
N GLY I 55 -32.34 -45.87 -12.68
CA GLY I 55 -33.69 -46.13 -12.26
C GLY I 55 -33.95 -46.15 -10.76
N ASP I 56 -32.93 -46.44 -9.96
CA ASP I 56 -33.07 -46.50 -8.51
C ASP I 56 -32.93 -45.09 -7.93
N LEU I 57 -34.06 -44.43 -7.70
CA LEU I 57 -34.10 -43.03 -7.33
C LEU I 57 -33.99 -42.79 -5.82
N THR I 58 -33.85 -43.84 -5.02
CA THR I 58 -33.87 -43.69 -3.56
C THR I 58 -32.69 -42.85 -3.08
N ALA I 59 -31.47 -43.19 -3.51
CA ALA I 59 -30.30 -42.49 -3.03
C ALA I 59 -30.32 -41.03 -3.44
N GLN I 60 -30.75 -40.75 -4.67
CA GLN I 60 -30.85 -39.37 -5.13
C GLN I 60 -31.83 -38.58 -4.28
N ALA I 61 -32.98 -39.17 -3.94
CA ALA I 61 -33.96 -38.45 -3.15
C ALA I 61 -33.45 -38.17 -1.74
N ASP I 62 -32.80 -39.15 -1.12
CA ASP I 62 -32.23 -38.91 0.21
C ASP I 62 -31.15 -37.83 0.15
N LEU I 63 -30.31 -37.86 -0.89
CA LEU I 63 -29.27 -36.86 -1.04
C LEU I 63 -29.87 -35.48 -1.22
N ALA I 64 -30.94 -35.38 -2.01
CA ALA I 64 -31.62 -34.10 -2.21
C ALA I 64 -32.22 -33.59 -0.90
N PHE I 65 -32.81 -34.49 -0.10
CA PHE I 65 -33.37 -34.07 1.18
C PHE I 65 -32.29 -33.54 2.11
N ASP I 66 -31.15 -34.23 2.17
CA ASP I 66 -30.04 -33.77 3.00
C ASP I 66 -29.51 -32.43 2.49
N MET I 67 -29.44 -32.25 1.17
CA MET I 67 -28.97 -30.99 0.64
C MET I 67 -29.95 -29.86 0.98
N GLU I 68 -31.24 -30.17 1.01
CA GLU I 68 -32.23 -29.15 1.35
C GLU I 68 -32.12 -28.75 2.81
N GLU I 69 -31.95 -29.71 3.71
CA GLU I 69 -31.91 -29.36 5.13
C GLU I 69 -30.54 -28.93 5.62
N LYS I 70 -29.47 -29.23 4.91
CA LYS I 70 -28.12 -28.94 5.40
C LYS I 70 -27.60 -27.59 4.93
N ASP I 71 -27.58 -27.37 3.61
CA ASP I 71 -27.01 -26.15 3.04
C ASP I 71 -28.00 -25.01 3.23
N THR I 72 -27.68 -24.07 4.12
CA THR I 72 -28.62 -23.03 4.48
C THR I 72 -28.94 -22.12 3.30
N HIS I 73 -27.92 -21.74 2.52
CA HIS I 73 -28.17 -20.91 1.35
C HIS I 73 -29.05 -21.63 0.34
N LEU I 74 -28.81 -22.92 0.14
CA LEU I 74 -29.64 -23.71 -0.76
C LEU I 74 -31.09 -23.71 -0.30
N PHE I 75 -31.32 -23.89 1.01
CA PHE I 75 -32.69 -23.92 1.51
C PHE I 75 -33.35 -22.55 1.38
N SER I 76 -32.61 -21.48 1.65
CA SER I 76 -33.19 -20.15 1.50
C SER I 76 -33.60 -19.89 0.06
N GLU I 77 -32.73 -20.24 -0.89
CA GLU I 77 -33.07 -20.03 -2.30
C GLU I 77 -34.24 -20.91 -2.72
N LEU I 78 -34.26 -22.17 -2.27
CA LEU I 78 -35.34 -23.07 -2.64
C LEU I 78 -36.68 -22.60 -2.10
N SER I 79 -36.70 -22.13 -0.85
CA SER I 79 -37.94 -21.59 -0.29
C SER I 79 -38.35 -20.31 -0.99
N LYS I 80 -37.38 -19.46 -1.34
CA LYS I 80 -37.67 -18.26 -2.10
C LYS I 80 -38.34 -18.59 -3.42
N ARG I 81 -37.87 -19.64 -4.09
CA ARG I 81 -38.48 -20.03 -5.37
C ARG I 81 -39.84 -20.67 -5.15
N ARG I 82 -39.99 -21.52 -4.13
CA ARG I 82 -41.23 -22.27 -3.95
C ARG I 82 -42.36 -21.39 -3.46
N LEU I 83 -42.04 -20.31 -2.72
CA LEU I 83 -43.10 -19.43 -2.25
C LEU I 83 -43.58 -18.49 -3.33
N ALA I 84 -42.83 -18.35 -4.43
CA ALA I 84 -43.31 -17.57 -5.56
C ALA I 84 -44.56 -18.19 -6.15
N ILE I 85 -44.60 -19.52 -6.25
CA ILE I 85 -45.73 -20.22 -6.85
C ILE I 85 -46.97 -20.04 -5.99
N GLN I 86 -46.82 -20.18 -4.68
CA GLN I 86 -47.97 -20.10 -3.79
C GLN I 86 -48.58 -18.70 -3.77
N ALA I 87 -47.80 -17.69 -4.12
CA ALA I 87 -48.31 -16.32 -4.10
C ALA I 87 -49.27 -16.05 -5.25
N LEU I 88 -49.12 -16.77 -6.36
CA LEU I 88 -49.95 -16.51 -7.54
C LEU I 88 -51.40 -16.88 -7.26
N GLU I 89 -52.31 -15.99 -7.64
CA GLU I 89 -53.73 -16.29 -7.57
C GLU I 89 -54.16 -17.07 -8.80
N TRP I 90 -55.15 -17.93 -8.62
CA TRP I 90 -55.58 -18.84 -9.68
C TRP I 90 -57.09 -18.94 -9.71
N ARG I 91 -57.59 -19.45 -10.83
CA ARG I 91 -59.02 -19.66 -11.03
C ARG I 91 -59.21 -20.80 -12.01
N ILE I 92 -60.33 -21.50 -11.88
CA ILE I 92 -60.63 -22.63 -12.77
C ILE I 92 -61.38 -22.04 -13.97
N ALA I 93 -60.61 -21.58 -14.94
CA ALA I 93 -61.20 -21.05 -16.16
C ALA I 93 -61.81 -22.18 -16.98
N PRO I 94 -63.04 -22.04 -17.43
CA PRO I 94 -63.68 -23.11 -18.21
C PRO I 94 -63.01 -23.29 -19.56
N ALA I 95 -63.42 -24.34 -20.25
CA ALA I 95 -62.90 -24.61 -21.59
C ALA I 95 -63.31 -23.48 -22.54
N ARG I 96 -62.51 -23.32 -23.59
CA ARG I 96 -62.77 -22.26 -24.55
C ARG I 96 -64.14 -22.44 -25.21
N ASP I 97 -64.84 -21.32 -25.39
CA ASP I 97 -66.20 -21.32 -25.90
C ASP I 97 -67.11 -22.22 -25.05
N ALA I 98 -67.01 -22.04 -23.74
CA ALA I 98 -67.76 -22.88 -22.80
C ALA I 98 -69.26 -22.64 -22.95
N SER I 99 -70.02 -23.72 -22.82
CA SER I 99 -71.48 -23.63 -22.85
C SER I 99 -71.97 -23.25 -21.45
N ALA I 100 -73.28 -23.39 -21.22
CA ALA I 100 -73.82 -23.10 -19.88
C ALA I 100 -73.31 -24.10 -18.86
N GLN I 101 -73.55 -25.38 -19.11
CA GLN I 101 -73.21 -26.41 -18.11
C GLN I 101 -71.72 -26.48 -17.85
N GLU I 102 -70.90 -26.33 -18.90
CA GLU I 102 -69.45 -26.36 -18.71
C GLU I 102 -68.99 -25.21 -17.84
N LYS I 103 -69.51 -24.00 -18.09
CA LYS I 103 -69.15 -22.85 -17.27
C LYS I 103 -69.61 -23.04 -15.82
N LYS I 104 -70.81 -23.59 -15.63
CA LYS I 104 -71.30 -23.80 -14.28
C LYS I 104 -70.45 -24.83 -13.53
N ASP I 105 -70.07 -25.92 -14.19
CA ASP I 105 -69.21 -26.90 -13.56
C ASP I 105 -67.83 -26.32 -13.26
N ALA I 106 -67.28 -25.52 -14.17
CA ALA I 106 -65.99 -24.89 -13.91
C ALA I 106 -66.06 -23.96 -12.71
N ASP I 107 -67.13 -23.16 -12.61
CA ASP I 107 -67.29 -22.28 -11.46
C ASP I 107 -67.47 -23.09 -10.17
N MET I 108 -68.21 -24.20 -10.24
CA MET I 108 -68.36 -25.05 -9.07
C MET I 108 -67.02 -25.58 -8.59
N LEU I 109 -66.19 -26.06 -9.52
CA LEU I 109 -64.86 -26.51 -9.16
C LEU I 109 -64.04 -25.38 -8.58
N ASN I 110 -64.13 -24.17 -9.17
CA ASN I 110 -63.39 -23.03 -8.68
C ASN I 110 -63.74 -22.73 -7.23
N GLU I 111 -65.04 -22.65 -6.92
CA GLU I 111 -65.46 -22.33 -5.56
C GLU I 111 -65.05 -23.45 -4.60
N TYR I 112 -65.24 -24.71 -5.00
CA TYR I 112 -64.87 -25.81 -4.11
C TYR I 112 -63.39 -25.80 -3.80
N LEU I 113 -62.54 -25.62 -4.82
CA LEU I 113 -61.11 -25.64 -4.60
C LEU I 113 -60.64 -24.43 -3.80
N HIS I 114 -61.25 -23.27 -4.00
CA HIS I 114 -60.93 -22.13 -3.15
C HIS I 114 -61.46 -22.29 -1.74
N ASP I 115 -62.41 -23.21 -1.53
CA ASP I 115 -62.95 -23.51 -0.21
C ASP I 115 -62.57 -24.91 0.27
N ALA I 116 -61.42 -25.43 -0.15
CA ALA I 116 -60.92 -26.71 0.33
C ALA I 116 -59.55 -26.50 0.94
N ALA I 117 -59.36 -27.01 2.16
CA ALA I 117 -58.12 -26.74 2.89
C ALA I 117 -56.95 -27.56 2.36
N TRP I 118 -57.22 -28.65 1.64
CA TRP I 118 -56.15 -29.54 1.21
C TRP I 118 -55.53 -29.13 -0.11
N PHE I 119 -56.04 -28.07 -0.76
CA PHE I 119 -55.45 -27.65 -2.03
C PHE I 119 -54.15 -26.88 -1.81
N GLU I 120 -54.13 -26.01 -0.80
CA GLU I 120 -52.92 -25.25 -0.52
C GLU I 120 -51.78 -26.18 -0.13
N ASP I 121 -52.09 -27.23 0.65
CA ASP I 121 -51.08 -28.24 0.96
C ASP I 121 -50.64 -28.96 -0.31
N ALA I 122 -51.56 -29.22 -1.24
CA ALA I 122 -51.21 -29.86 -2.49
C ALA I 122 -50.21 -29.01 -3.28
N LEU I 123 -50.46 -27.70 -3.35
CA LEU I 123 -49.57 -26.82 -4.10
C LEU I 123 -48.24 -26.65 -3.41
N PHE I 124 -48.23 -26.60 -2.07
CA PHE I 124 -46.97 -26.46 -1.36
C PHE I 124 -46.12 -27.72 -1.48
N ASP I 125 -46.74 -28.89 -1.42
CA ASP I 125 -46.00 -30.14 -1.53
C ASP I 125 -45.59 -30.44 -2.97
N ALA I 126 -46.36 -29.98 -3.94
CA ALA I 126 -45.98 -30.17 -5.34
C ALA I 126 -44.71 -29.42 -5.68
N GLY I 127 -44.36 -28.40 -4.91
CA GLY I 127 -43.10 -27.70 -5.12
C GLY I 127 -41.88 -28.49 -4.74
N ASP I 128 -42.05 -29.65 -4.09
CA ASP I 128 -40.91 -30.50 -3.77
C ASP I 128 -40.24 -31.05 -5.03
N ALA I 129 -40.98 -31.18 -6.12
CA ALA I 129 -40.43 -31.71 -7.36
C ALA I 129 -39.35 -30.80 -7.95
N ILE I 130 -39.25 -29.56 -7.48
CA ILE I 130 -38.26 -28.63 -8.00
C ILE I 130 -36.85 -29.19 -7.78
N LEU I 131 -36.59 -29.74 -6.60
CA LEU I 131 -35.26 -30.19 -6.23
C LEU I 131 -35.06 -31.68 -6.41
N LYS I 132 -36.03 -32.49 -6.00
CA LYS I 132 -35.89 -33.94 -6.08
C LYS I 132 -36.16 -34.46 -7.49
N GLY I 133 -37.09 -33.84 -8.20
CA GLY I 133 -37.45 -34.24 -9.54
C GLY I 133 -38.89 -34.64 -9.74
N TYR I 134 -39.59 -35.03 -8.67
CA TYR I 134 -40.93 -35.59 -8.77
C TYR I 134 -41.58 -35.50 -7.39
N SER I 135 -42.77 -34.90 -7.33
CA SER I 135 -43.52 -34.80 -6.09
C SER I 135 -44.75 -35.69 -6.21
N MET I 136 -44.82 -36.73 -5.38
CA MET I 136 -45.89 -37.71 -5.43
C MET I 136 -46.71 -37.63 -4.15
N GLN I 137 -48.03 -37.46 -4.31
CA GLN I 137 -48.95 -37.33 -3.19
C GLN I 137 -50.13 -38.26 -3.39
N GLU I 138 -50.49 -39.01 -2.35
CA GLU I 138 -51.64 -39.88 -2.44
C GLU I 138 -52.92 -39.07 -2.23
N ILE I 139 -54.03 -39.64 -2.68
CA ILE I 139 -55.34 -39.03 -2.59
C ILE I 139 -56.22 -39.96 -1.78
N GLU I 140 -56.61 -39.53 -0.58
CA GLU I 140 -57.53 -40.29 0.27
C GLU I 140 -58.94 -39.83 -0.09
N TRP I 141 -59.61 -40.59 -0.95
CA TRP I 141 -60.92 -40.19 -1.43
C TRP I 141 -61.95 -40.28 -0.31
N GLY I 142 -62.87 -39.31 -0.29
CA GLY I 142 -63.89 -39.26 0.73
C GLY I 142 -65.20 -38.79 0.16
N TRP I 143 -66.26 -39.04 0.93
CA TRP I 143 -67.63 -38.70 0.53
C TRP I 143 -68.01 -37.38 1.19
N LEU I 144 -68.13 -36.33 0.37
CA LEU I 144 -68.59 -35.02 0.83
C LEU I 144 -69.99 -34.80 0.27
N GLY I 145 -71.00 -35.06 1.08
CA GLY I 145 -72.37 -34.95 0.62
C GLY I 145 -72.66 -35.91 -0.51
N LYS I 146 -72.83 -35.38 -1.72
CA LYS I 146 -73.01 -36.18 -2.92
C LYS I 146 -71.92 -35.87 -3.93
N MET I 147 -70.69 -35.75 -3.44
CA MET I 147 -69.53 -35.51 -4.29
C MET I 147 -68.36 -36.31 -3.74
N ARG I 148 -67.76 -37.15 -4.59
CA ARG I 148 -66.62 -37.96 -4.20
C ARG I 148 -65.36 -37.16 -4.46
N VAL I 149 -64.90 -36.46 -3.43
CA VAL I 149 -63.77 -35.53 -3.55
C VAL I 149 -62.71 -35.87 -2.52
N PRO I 150 -61.45 -35.53 -2.75
CA PRO I 150 -60.40 -35.86 -1.77
C PRO I 150 -60.63 -35.13 -0.46
N VAL I 151 -60.23 -35.80 0.64
CA VAL I 151 -60.29 -35.19 1.96
C VAL I 151 -58.91 -34.95 2.56
N ALA I 152 -57.86 -35.56 2.01
CA ALA I 152 -56.51 -35.37 2.51
C ALA I 152 -55.53 -35.86 1.45
N LEU I 153 -54.45 -35.10 1.27
CA LEU I 153 -53.39 -35.45 0.32
C LEU I 153 -52.09 -35.65 1.11
N HIS I 154 -51.73 -36.91 1.30
CA HIS I 154 -50.50 -37.22 2.03
C HIS I 154 -49.32 -37.26 1.08
N HIS I 155 -48.23 -36.59 1.47
CA HIS I 155 -47.02 -36.52 0.66
C HIS I 155 -46.12 -37.69 1.05
N ARG I 156 -46.13 -38.74 0.23
CA ARG I 156 -45.28 -39.89 0.50
C ARG I 156 -43.82 -39.56 0.20
N ASP I 157 -42.92 -40.28 0.83
CA ASP I 157 -41.50 -40.03 0.65
C ASP I 157 -41.09 -40.37 -0.78
N PRO I 158 -40.37 -39.48 -1.47
CA PRO I 158 -40.01 -39.75 -2.87
C PRO I 158 -39.12 -40.97 -3.06
N ALA I 159 -38.45 -41.43 -2.00
CA ALA I 159 -37.58 -42.60 -2.14
C ALA I 159 -38.36 -43.89 -2.35
N LEU I 160 -39.67 -43.90 -2.09
CA LEU I 160 -40.46 -45.11 -2.26
C LEU I 160 -40.76 -45.44 -3.71
N PHE I 161 -40.45 -44.54 -4.65
CA PHE I 161 -40.81 -44.72 -6.04
C PHE I 161 -39.56 -44.94 -6.87
N CYS I 162 -39.54 -46.02 -7.65
CA CYS I 162 -38.47 -46.32 -8.57
C CYS I 162 -39.02 -46.31 -9.99
N ALA I 163 -38.31 -45.63 -10.89
CA ALA I 163 -38.74 -45.57 -12.27
C ALA I 163 -38.66 -46.96 -12.89
N ASN I 164 -39.58 -47.23 -13.82
CA ASN I 164 -39.59 -48.51 -14.49
C ASN I 164 -38.30 -48.68 -15.30
N PRO I 165 -37.66 -49.84 -15.23
CA PRO I 165 -36.47 -50.05 -16.08
C PRO I 165 -36.78 -49.96 -17.57
N ASP I 166 -38.04 -50.12 -17.96
CA ASP I 166 -38.46 -49.95 -19.34
C ASP I 166 -39.27 -48.66 -19.47
N ASN I 167 -38.93 -47.88 -20.50
CA ASN I 167 -39.57 -46.62 -20.86
C ASN I 167 -39.19 -45.50 -19.89
N LEU I 168 -38.60 -45.87 -18.75
CA LEU I 168 -37.81 -44.97 -17.91
C LEU I 168 -38.48 -43.64 -17.59
N ASN I 169 -39.78 -43.53 -17.82
CA ASN I 169 -40.50 -42.29 -17.54
C ASN I 169 -41.79 -42.50 -16.75
N GLU I 170 -42.11 -43.73 -16.38
CA GLU I 170 -43.29 -44.03 -15.59
C GLU I 170 -42.86 -44.34 -14.17
N LEU I 171 -43.23 -43.47 -13.24
CA LEU I 171 -42.92 -43.70 -11.83
C LEU I 171 -43.77 -44.85 -11.32
N ARG I 172 -43.14 -45.85 -10.72
CA ARG I 172 -43.82 -47.02 -10.20
C ARG I 172 -43.45 -47.22 -8.74
N LEU I 173 -44.47 -47.41 -7.91
CA LEU I 173 -44.25 -47.64 -6.49
C LEU I 173 -43.42 -48.91 -6.28
N ARG I 174 -42.38 -48.79 -5.46
CA ARG I 174 -41.48 -49.91 -5.25
C ARG I 174 -42.16 -51.02 -4.46
N ASP I 175 -42.06 -52.24 -4.96
CA ASP I 175 -42.67 -53.40 -4.31
C ASP I 175 -41.68 -54.57 -4.30
N ALA I 176 -40.40 -54.27 -4.20
CA ALA I 176 -39.34 -55.28 -4.20
C ALA I 176 -39.43 -56.18 -5.43
N SER I 177 -39.74 -55.56 -6.57
CA SER I 177 -39.87 -56.27 -7.83
C SER I 177 -39.05 -55.58 -8.90
N TYR I 178 -38.69 -56.34 -9.93
CA TYR I 178 -37.89 -55.80 -11.03
C TYR I 178 -38.63 -54.69 -11.75
N HIS I 179 -39.87 -54.97 -12.18
CA HIS I 179 -40.67 -53.94 -12.83
C HIS I 179 -41.20 -52.93 -11.83
N GLY I 180 -41.64 -53.41 -10.68
CA GLY I 180 -42.21 -52.52 -9.66
C GLY I 180 -43.70 -52.35 -9.83
N LEU I 181 -44.37 -52.14 -8.70
CA LEU I 181 -45.81 -51.95 -8.72
C LEU I 181 -46.17 -50.60 -9.33
N GLU I 182 -47.08 -50.62 -10.30
CA GLU I 182 -47.53 -49.39 -10.92
C GLU I 182 -48.42 -48.61 -9.96
N LEU I 183 -48.67 -47.34 -10.30
CA LEU I 183 -49.51 -46.50 -9.47
C LEU I 183 -50.98 -46.84 -9.68
N GLN I 184 -51.71 -46.92 -8.58
CA GLN I 184 -53.15 -47.13 -8.65
C GLN I 184 -53.80 -45.90 -9.30
N PRO I 185 -54.66 -46.10 -10.29
CA PRO I 185 -55.22 -44.95 -11.00
C PRO I 185 -56.13 -44.12 -10.11
N PHE I 186 -56.15 -42.82 -10.38
CA PHE I 186 -56.99 -41.86 -9.65
C PHE I 186 -56.65 -41.83 -8.16
N GLY I 187 -55.43 -42.21 -7.80
CA GLY I 187 -55.04 -42.22 -6.40
C GLY I 187 -53.61 -41.80 -6.15
N TRP I 188 -53.03 -41.02 -7.07
CA TRP I 188 -51.63 -40.63 -6.95
C TRP I 188 -51.43 -39.33 -7.70
N PHE I 189 -51.40 -38.22 -6.96
CA PHE I 189 -51.15 -36.91 -7.55
C PHE I 189 -49.66 -36.76 -7.85
N MET I 190 -49.28 -36.89 -9.11
CA MET I 190 -47.89 -36.85 -9.53
C MET I 190 -47.62 -35.56 -10.28
N HIS I 191 -46.58 -34.84 -9.87
CA HIS I 191 -46.18 -33.58 -10.51
C HIS I 191 -44.70 -33.69 -10.84
N ARG I 192 -44.39 -33.92 -12.12
CA ARG I 192 -43.01 -34.06 -12.57
C ARG I 192 -42.56 -32.71 -13.14
N ALA I 193 -41.78 -31.98 -12.34
CA ALA I 193 -41.29 -30.66 -12.74
C ALA I 193 -39.97 -30.84 -13.47
N LYS I 194 -40.01 -30.78 -14.80
CA LYS I 194 -38.82 -30.97 -15.62
C LYS I 194 -38.17 -29.61 -15.88
N SER I 195 -37.13 -29.30 -15.10
CA SER I 195 -36.33 -28.12 -15.38
C SER I 195 -35.40 -28.36 -16.56
N ARG I 196 -34.94 -29.58 -16.73
CA ARG I 196 -34.05 -29.97 -17.81
C ARG I 196 -34.67 -31.16 -18.55
N THR I 197 -34.62 -31.11 -19.88
CA THR I 197 -35.20 -32.18 -20.67
C THR I 197 -34.48 -33.50 -20.40
N GLY I 198 -35.24 -34.58 -20.39
CA GLY I 198 -34.68 -35.88 -20.09
C GLY I 198 -35.70 -36.76 -19.39
N TYR I 199 -35.18 -37.75 -18.66
CA TYR I 199 -36.01 -38.73 -17.99
C TYR I 199 -36.44 -38.22 -16.61
N VAL I 200 -37.19 -39.05 -15.89
CA VAL I 200 -37.77 -38.62 -14.62
C VAL I 200 -36.70 -38.41 -13.56
N GLY I 201 -35.68 -39.27 -13.54
CA GLY I 201 -34.64 -39.13 -12.55
C GLY I 201 -33.68 -37.99 -12.85
N THR I 202 -33.54 -37.66 -14.13
CA THR I 202 -32.54 -36.67 -14.53
C THR I 202 -33.00 -35.24 -14.23
N ASN I 203 -34.28 -34.94 -14.45
CA ASN I 203 -34.73 -33.56 -14.53
C ASN I 203 -34.72 -32.82 -13.19
N GLY I 204 -34.33 -33.46 -12.08
CA GLY I 204 -34.24 -32.75 -10.83
C GLY I 204 -33.05 -31.81 -10.77
N LEU I 205 -33.18 -30.77 -9.96
CA LEU I 205 -32.09 -29.81 -9.77
C LEU I 205 -30.97 -30.36 -8.89
N VAL I 206 -31.19 -31.48 -8.20
CA VAL I 206 -30.12 -32.06 -7.38
C VAL I 206 -28.94 -32.48 -8.26
N ARG I 207 -29.20 -32.90 -9.50
CA ARG I 207 -28.12 -33.29 -10.40
C ARG I 207 -27.14 -32.15 -10.63
N THR I 208 -27.66 -30.94 -10.85
CA THR I 208 -26.80 -29.79 -11.05
C THR I 208 -26.22 -29.26 -9.75
N LEU I 209 -26.99 -29.29 -8.67
CA LEU I 209 -26.62 -28.63 -7.43
C LEU I 209 -25.78 -29.48 -6.50
N ILE I 210 -25.58 -30.76 -6.80
CA ILE I 210 -24.82 -31.61 -5.90
C ILE I 210 -23.37 -31.14 -5.83
N TRP I 211 -22.82 -30.69 -6.96
CA TRP I 211 -21.40 -30.31 -6.97
C TRP I 211 -21.14 -29.02 -6.20
N PRO I 212 -21.83 -27.91 -6.46
CA PRO I 212 -21.60 -26.71 -5.63
C PRO I 212 -21.90 -26.96 -4.16
N PHE I 213 -22.90 -27.78 -3.85
CA PHE I 213 -23.17 -28.13 -2.46
C PHE I 213 -21.96 -28.79 -1.82
N ILE I 214 -21.39 -29.78 -2.48
CA ILE I 214 -20.22 -30.48 -1.94
C ILE I 214 -19.07 -29.52 -1.75
N PHE I 215 -18.78 -28.70 -2.77
CA PHE I 215 -17.65 -27.79 -2.68
C PHE I 215 -17.83 -26.79 -1.54
N LYS I 216 -19.02 -26.17 -1.46
CA LYS I 216 -19.26 -25.18 -0.42
C LYS I 216 -19.16 -25.79 0.97
N ASN I 217 -19.77 -26.96 1.17
CA ASN I 217 -19.78 -27.53 2.52
C ASN I 217 -18.41 -28.04 2.93
N TYR I 218 -17.66 -28.63 2.00
CA TYR I 218 -16.30 -29.03 2.33
C TYR I 218 -15.43 -27.83 2.66
N SER I 219 -15.57 -26.74 1.89
CA SER I 219 -14.82 -25.54 2.19
C SER I 219 -15.22 -24.97 3.55
N VAL I 220 -16.51 -24.99 3.88
CA VAL I 220 -16.96 -24.45 5.15
C VAL I 220 -16.40 -25.26 6.31
N ARG I 221 -16.45 -26.59 6.21
CA ARG I 221 -15.93 -27.40 7.30
C ARG I 221 -14.41 -27.23 7.44
N ASP I 222 -13.70 -27.17 6.31
CA ASP I 222 -12.25 -26.95 6.39
C ASP I 222 -11.94 -25.59 7.02
N PHE I 223 -12.72 -24.56 6.67
CA PHE I 223 -12.52 -23.25 7.25
C PHE I 223 -12.77 -23.26 8.75
N ALA I 224 -13.83 -23.93 9.19
CA ALA I 224 -14.11 -24.02 10.62
C ALA I 224 -13.00 -24.74 11.36
N GLU I 225 -12.51 -25.84 10.79
CA GLU I 225 -11.40 -26.55 11.43
C GLU I 225 -10.14 -25.70 11.45
N PHE I 226 -9.93 -24.87 10.42
CA PHE I 226 -8.79 -23.96 10.42
C PHE I 226 -8.91 -22.93 11.53
N LEU I 227 -10.11 -22.38 11.74
CA LEU I 227 -10.30 -21.45 12.85
C LEU I 227 -10.21 -22.13 14.20
N GLU I 228 -10.43 -23.45 14.25
CA GLU I 228 -10.27 -24.16 15.51
C GLU I 228 -8.84 -24.06 16.02
N ILE I 229 -7.88 -23.99 15.09
CA ILE I 229 -6.47 -24.01 15.45
C ILE I 229 -5.78 -22.66 15.28
N TYR I 230 -6.28 -21.80 14.39
CA TYR I 230 -5.57 -20.58 14.03
C TYR I 230 -5.46 -19.63 15.22
N GLY I 231 -4.38 -18.87 15.24
CA GLY I 231 -4.09 -17.75 16.13
C GLY I 231 -3.69 -18.17 17.53
N LEU I 232 -3.34 -19.43 17.75
CA LEU I 232 -2.91 -19.90 19.08
C LEU I 232 -1.75 -20.85 18.88
N PRO I 233 -0.51 -20.37 19.01
CA PRO I 233 0.65 -21.21 18.68
C PRO I 233 0.77 -22.39 19.62
N MET I 234 1.35 -23.47 19.09
CA MET I 234 1.65 -24.62 19.92
C MET I 234 2.75 -24.28 20.92
N ARG I 235 2.62 -24.82 22.13
CA ARG I 235 3.49 -24.47 23.25
C ARG I 235 4.29 -25.72 23.62
N VAL I 236 5.48 -25.85 23.05
CA VAL I 236 6.33 -27.02 23.27
C VAL I 236 7.45 -26.65 24.23
N GLY I 237 7.71 -27.53 25.20
CA GLY I 237 8.83 -27.39 26.11
C GLY I 237 9.82 -28.52 25.87
N LYS I 238 11.09 -28.17 25.82
CA LYS I 238 12.16 -29.12 25.54
C LYS I 238 12.95 -29.35 26.83
N TYR I 239 12.51 -30.32 27.61
CA TYR I 239 13.23 -30.65 28.83
C TYR I 239 14.55 -31.34 28.50
N PRO I 240 15.63 -31.02 29.22
CA PRO I 240 16.89 -31.71 28.96
C PRO I 240 16.74 -33.20 29.23
N THR I 241 17.40 -34.01 28.41
CA THR I 241 17.33 -35.45 28.60
C THR I 241 17.96 -35.84 29.92
N GLY I 242 17.48 -36.94 30.49
CA GLY I 242 17.89 -37.35 31.80
C GLY I 242 17.12 -36.74 32.94
N SER I 243 16.17 -35.86 32.65
CA SER I 243 15.32 -35.30 33.70
C SER I 243 14.49 -36.39 34.34
N THR I 244 14.29 -36.29 35.64
CA THR I 244 13.53 -37.30 36.37
C THR I 244 12.09 -37.36 35.86
N ASN I 245 11.47 -38.52 36.03
CA ASN I 245 10.10 -38.72 35.59
C ASN I 245 9.11 -37.83 36.31
N ARG I 246 9.49 -37.25 37.45
CA ARG I 246 8.66 -36.30 38.16
C ARG I 246 8.76 -34.88 37.62
N GLU I 247 9.91 -34.50 37.06
CA GLU I 247 10.10 -33.15 36.54
C GLU I 247 9.53 -32.97 35.15
N LYS I 248 9.18 -34.05 34.47
CA LYS I 248 8.43 -33.94 33.22
C LYS I 248 6.96 -33.62 33.44
N ALA I 249 6.36 -34.20 34.48
CA ALA I 249 4.96 -33.91 34.81
C ALA I 249 4.75 -32.46 35.21
N THR I 250 5.62 -31.93 36.07
CA THR I 250 5.50 -30.52 36.45
C THR I 250 5.73 -29.61 35.25
N LEU I 251 6.69 -29.94 34.40
CA LEU I 251 6.94 -29.14 33.22
C LEU I 251 5.73 -29.13 32.30
N MET I 252 5.09 -30.28 32.14
CA MET I 252 3.93 -30.35 31.25
C MET I 252 2.74 -29.63 31.84
N GLN I 253 2.54 -29.76 33.16
CA GLN I 253 1.47 -29.01 33.81
C GLN I 253 1.72 -27.51 33.78
N ALA I 254 2.97 -27.08 33.70
CA ALA I 254 3.28 -25.67 33.54
C ALA I 254 3.06 -25.19 32.11
N VAL I 255 3.58 -25.93 31.13
CA VAL I 255 3.44 -25.53 29.74
C VAL I 255 1.99 -25.57 29.29
N MET I 256 1.13 -26.31 29.99
CA MET I 256 -0.30 -26.28 29.75
C MET I 256 -1.02 -25.30 30.67
N ASP I 257 -0.30 -24.57 31.50
CA ASP I 257 -0.87 -23.54 32.36
C ASP I 257 -0.67 -22.15 31.80
N ILE I 258 -0.15 -22.02 30.58
CA ILE I 258 0.06 -20.72 29.97
C ILE I 258 -1.30 -20.15 29.56
N GLY I 259 -1.62 -18.97 30.09
CA GLY I 259 -2.87 -18.31 29.77
C GLY I 259 -2.68 -16.83 29.51
N ARG I 260 -3.51 -16.00 30.11
CA ARG I 260 -3.39 -14.56 29.95
C ARG I 260 -2.29 -14.03 30.84
N ARG I 261 -1.33 -13.31 30.25
CA ARG I 261 -0.21 -12.71 30.98
C ARG I 261 0.58 -13.76 31.76
N ALA I 262 0.67 -14.96 31.19
CA ALA I 262 1.42 -16.03 31.84
C ALA I 262 2.89 -15.66 31.91
N GLY I 263 3.51 -15.94 33.05
CA GLY I 263 4.91 -15.65 33.24
C GLY I 263 5.54 -16.50 34.31
N GLY I 264 6.66 -17.14 33.98
CA GLY I 264 7.26 -18.06 34.93
C GLY I 264 8.75 -18.15 34.73
N ILE I 265 9.35 -19.13 35.39
CA ILE I 265 10.79 -19.32 35.39
C ILE I 265 11.10 -20.70 34.81
N ILE I 266 12.16 -20.77 34.01
CA ILE I 266 12.65 -22.04 33.48
C ILE I 266 14.15 -22.10 33.67
N PRO I 267 14.70 -23.28 33.94
CA PRO I 267 16.16 -23.41 34.05
C PRO I 267 16.85 -23.07 32.73
N MET I 268 18.17 -22.88 32.81
CA MET I 268 18.93 -22.53 31.62
C MET I 268 18.89 -23.64 30.58
N GLY I 269 18.76 -24.90 31.02
CA GLY I 269 18.76 -26.02 30.10
C GLY I 269 17.45 -26.30 29.42
N MET I 270 16.38 -25.62 29.81
CA MET I 270 15.07 -25.83 29.22
C MET I 270 14.74 -24.74 28.20
N THR I 271 13.84 -25.07 27.27
CA THR I 271 13.41 -24.14 26.26
C THR I 271 11.88 -24.18 26.18
N LEU I 272 11.30 -23.06 25.76
CA LEU I 272 9.85 -22.92 25.71
C LEU I 272 9.43 -22.27 24.38
N ASP I 273 9.95 -22.81 23.28
CA ASP I 273 9.65 -22.25 21.97
C ASP I 273 8.17 -22.34 21.65
N PHE I 274 7.67 -21.33 20.94
CA PHE I 274 6.27 -21.26 20.52
C PHE I 274 6.23 -21.44 19.00
N GLN I 275 5.64 -22.54 18.56
CA GLN I 275 5.53 -22.85 17.13
C GLN I 275 4.09 -22.72 16.68
N SER I 276 3.89 -22.02 15.57
CA SER I 276 2.55 -21.85 15.02
C SER I 276 2.02 -23.16 14.47
N ALA I 277 0.72 -23.39 14.70
CA ALA I 277 0.08 -24.61 14.26
C ALA I 277 -0.87 -24.43 13.08
N ALA I 278 -1.12 -23.19 12.65
CA ALA I 278 -1.99 -22.93 11.52
C ALA I 278 -1.62 -21.58 10.94
N ASP I 279 -1.07 -21.58 9.73
CA ASP I 279 -0.65 -20.36 9.05
C ASP I 279 -1.46 -20.18 7.79
N GLY I 280 -1.98 -18.98 7.58
CA GLY I 280 -2.77 -18.68 6.41
C GLY I 280 -3.75 -17.56 6.71
N GLN I 281 -4.70 -17.39 5.79
CA GLN I 281 -5.74 -16.38 5.93
C GLN I 281 -7.06 -16.94 5.43
N SER I 282 -8.11 -16.15 5.57
CA SER I 282 -9.46 -16.59 5.25
C SER I 282 -9.86 -16.32 3.80
N ASP I 283 -9.00 -15.70 3.01
CA ASP I 283 -9.38 -15.33 1.65
C ASP I 283 -9.75 -16.53 0.78
N PRO I 284 -8.97 -17.61 0.70
CA PRO I 284 -9.36 -18.71 -0.19
C PRO I 284 -10.67 -19.37 0.20
N PHE I 285 -10.87 -19.66 1.48
CA PHE I 285 -12.10 -20.31 1.90
C PHE I 285 -13.31 -19.46 1.56
N MET I 286 -13.26 -18.17 1.87
CA MET I 286 -14.38 -17.30 1.57
C MET I 286 -14.58 -17.10 0.08
N ALA I 287 -13.50 -17.11 -0.72
CA ALA I 287 -13.66 -17.03 -2.16
C ALA I 287 -14.41 -18.24 -2.70
N MET I 288 -14.02 -19.44 -2.26
CA MET I 288 -14.72 -20.64 -2.70
C MET I 288 -16.18 -20.64 -2.23
N ILE I 289 -16.41 -20.22 -0.99
CA ILE I 289 -17.78 -20.20 -0.47
C ILE I 289 -18.64 -19.23 -1.28
N GLY I 290 -18.10 -18.05 -1.57
CA GLY I 290 -18.85 -17.08 -2.36
C GLY I 290 -19.14 -17.58 -3.76
N TRP I 291 -18.16 -18.21 -4.40
CA TRP I 291 -18.40 -18.74 -5.74
C TRP I 291 -19.47 -19.83 -5.71
N ALA I 292 -19.40 -20.73 -4.71
CA ALA I 292 -20.38 -21.80 -4.64
C ALA I 292 -21.78 -21.26 -4.37
N GLU I 293 -21.89 -20.27 -3.48
CA GLU I 293 -23.20 -19.68 -3.22
C GLU I 293 -23.75 -18.98 -4.46
N LYS I 294 -22.89 -18.28 -5.19
CA LYS I 294 -23.33 -17.64 -6.43
C LYS I 294 -23.81 -18.66 -7.43
N ALA I 295 -23.09 -19.79 -7.55
CA ALA I 295 -23.51 -20.83 -8.48
C ALA I 295 -24.85 -21.44 -8.06
N ILE I 296 -25.04 -21.67 -6.77
CA ILE I 296 -26.31 -22.23 -6.28
C ILE I 296 -27.45 -21.26 -6.57
N SER I 297 -27.23 -19.97 -6.33
CA SER I 297 -28.26 -18.99 -6.62
C SER I 297 -28.58 -18.95 -8.11
N LYS I 298 -27.55 -19.04 -8.96
CA LYS I 298 -27.78 -19.07 -10.40
C LYS I 298 -28.63 -20.27 -10.79
N ALA I 299 -28.32 -21.45 -10.23
CA ALA I 299 -29.08 -22.64 -10.57
C ALA I 299 -30.52 -22.53 -10.11
N ILE I 300 -30.74 -21.99 -8.90
CA ILE I 300 -32.08 -22.00 -8.33
C ILE I 300 -32.95 -20.91 -8.95
N LEU I 301 -32.54 -19.65 -8.82
CA LEU I 301 -33.36 -18.56 -9.31
C LEU I 301 -33.05 -18.22 -10.76
N GLY I 302 -31.78 -18.12 -11.11
CA GLY I 302 -31.35 -17.70 -12.43
C GLY I 302 -30.36 -16.56 -12.42
N GLY I 303 -30.29 -15.82 -11.32
CA GLY I 303 -29.35 -14.74 -11.19
C GLY I 303 -29.29 -14.19 -9.78
N THR I 304 -28.08 -14.01 -9.25
CA THR I 304 -27.92 -13.52 -7.90
C THR I 304 -28.02 -12.00 -7.87
N ASP I 322 -34.59 -9.16 -12.67
CA ASP I 322 -35.80 -9.68 -12.04
C ASP I 322 -36.71 -10.35 -13.07
N GLU I 323 -36.37 -10.16 -14.35
CA GLU I 323 -37.14 -10.80 -15.41
C GLU I 323 -36.93 -12.31 -15.41
N VAL I 324 -35.71 -12.76 -15.12
CA VAL I 324 -35.40 -14.19 -15.15
C VAL I 324 -36.21 -14.94 -14.11
N ARG I 325 -36.32 -14.38 -12.90
CA ARG I 325 -37.12 -15.01 -11.87
C ARG I 325 -38.59 -15.09 -12.29
N ARG I 326 -39.08 -14.04 -12.95
CA ARG I 326 -40.45 -14.06 -13.44
C ARG I 326 -40.65 -15.17 -14.47
N GLU I 327 -39.69 -15.33 -15.38
CA GLU I 327 -39.82 -16.40 -16.37
C GLU I 327 -39.76 -17.78 -15.72
N ILE I 328 -38.90 -17.95 -14.72
CA ILE I 328 -38.82 -19.22 -13.99
C ILE I 328 -40.16 -19.53 -13.34
N ARG I 329 -40.72 -18.52 -12.66
CA ARG I 329 -42.01 -18.71 -12.00
C ARG I 329 -43.10 -19.06 -13.00
N ASN I 330 -43.15 -18.35 -14.13
CA ASN I 330 -44.16 -18.65 -15.14
C ASN I 330 -44.01 -20.07 -15.66
N ALA I 331 -42.79 -20.49 -15.95
CA ALA I 331 -42.57 -21.82 -16.53
C ALA I 331 -42.98 -22.92 -15.56
N ASP I 332 -42.48 -22.87 -14.32
CA ASP I 332 -42.78 -23.99 -13.42
C ASP I 332 -44.22 -23.92 -12.93
N VAL I 333 -44.82 -22.73 -12.88
CA VAL I 333 -46.24 -22.63 -12.58
C VAL I 333 -47.08 -23.23 -13.71
N GLY I 334 -46.68 -23.00 -14.96
CA GLY I 334 -47.39 -23.62 -16.06
C GLY I 334 -47.29 -25.14 -16.03
N GLN I 335 -46.11 -25.66 -15.70
CA GLN I 335 -45.96 -27.11 -15.57
C GLN I 335 -46.84 -27.65 -14.45
N LEU I 336 -46.88 -26.95 -13.31
CA LEU I 336 -47.74 -27.38 -12.21
C LEU I 336 -49.21 -27.33 -12.61
N ALA I 337 -49.60 -26.31 -13.38
CA ALA I 337 -50.99 -26.22 -13.82
C ALA I 337 -51.34 -27.36 -14.75
N ARG I 338 -50.42 -27.74 -15.64
CA ARG I 338 -50.67 -28.89 -16.51
C ARG I 338 -50.82 -30.17 -15.69
N SER I 339 -49.97 -30.34 -14.69
CA SER I 339 -50.09 -31.53 -13.83
C SER I 339 -51.42 -31.54 -13.09
N ILE I 340 -51.84 -30.39 -12.56
CA ILE I 340 -53.11 -30.32 -11.84
C ILE I 340 -54.27 -30.64 -12.76
N ASN I 341 -54.26 -30.07 -13.97
CA ASN I 341 -55.33 -30.36 -14.93
C ASN I 341 -55.37 -31.84 -15.26
N ARG I 342 -54.20 -32.47 -15.38
CA ARG I 342 -54.17 -33.91 -15.64
C ARG I 342 -54.75 -34.71 -14.48
N ASP I 343 -54.45 -34.31 -13.24
CA ASP I 343 -54.65 -35.22 -12.12
C ASP I 343 -55.43 -34.65 -10.94
N LEU I 344 -56.04 -33.47 -11.06
CA LEU I 344 -56.86 -32.94 -9.98
C LEU I 344 -58.17 -32.31 -10.43
N ILE I 345 -58.43 -32.25 -11.74
CA ILE I 345 -59.69 -31.75 -12.27
C ILE I 345 -60.45 -32.85 -12.99
N TYR I 346 -59.79 -33.52 -13.93
CA TYR I 346 -60.41 -34.67 -14.59
C TYR I 346 -60.82 -35.77 -13.62
N PRO I 347 -60.03 -36.16 -12.61
CA PRO I 347 -60.52 -37.18 -11.67
C PRO I 347 -61.80 -36.77 -10.95
N LEU I 348 -61.87 -35.52 -10.48
CA LEU I 348 -63.08 -35.06 -9.82
C LEU I 348 -64.26 -35.06 -10.78
N LEU I 349 -64.06 -34.59 -12.00
CA LEU I 349 -65.15 -34.57 -12.97
C LEU I 349 -65.64 -35.98 -13.30
N ALA I 350 -64.71 -36.93 -13.47
CA ALA I 350 -65.09 -38.28 -13.83
C ALA I 350 -65.78 -38.99 -12.68
N LEU I 351 -65.29 -38.81 -11.45
CA LEU I 351 -65.89 -39.49 -10.31
C LEU I 351 -67.26 -38.91 -9.97
N ASN I 352 -67.37 -37.59 -9.92
CA ASN I 352 -68.64 -36.96 -9.52
C ASN I 352 -69.72 -37.17 -10.58
N SER I 353 -69.37 -37.01 -11.85
CA SER I 353 -70.34 -37.18 -12.92
C SER I 353 -70.45 -38.65 -13.30
N ASP I 354 -71.53 -38.97 -14.03
CA ASP I 354 -71.77 -40.33 -14.48
C ASP I 354 -71.62 -40.50 -15.99
N SER I 355 -71.84 -39.45 -16.77
CA SER I 355 -71.69 -39.53 -18.22
C SER I 355 -70.21 -39.46 -18.59
N THR I 356 -69.92 -39.86 -19.83
CA THR I 356 -68.55 -39.86 -20.33
C THR I 356 -68.05 -38.43 -20.43
N ILE I 357 -67.04 -38.10 -19.61
CA ILE I 357 -66.50 -36.75 -19.60
C ILE I 357 -65.80 -36.47 -20.92
N ASP I 358 -66.09 -35.33 -21.53
CA ASP I 358 -65.45 -34.93 -22.77
C ASP I 358 -64.00 -34.57 -22.49
N ILE I 359 -63.08 -35.46 -22.87
CA ILE I 359 -61.67 -35.24 -22.61
C ILE I 359 -61.15 -34.03 -23.38
N ASN I 360 -61.68 -33.79 -24.58
CA ASN I 360 -61.24 -32.64 -25.37
C ASN I 360 -61.58 -31.32 -24.67
N ARG I 361 -62.77 -31.23 -24.07
CA ARG I 361 -63.24 -30.01 -23.45
C ARG I 361 -63.51 -30.27 -21.97
N LEU I 362 -62.57 -29.89 -21.12
CA LEU I 362 -62.73 -29.95 -19.68
C LEU I 362 -62.13 -28.71 -19.05
N PRO I 363 -62.65 -28.27 -17.90
CA PRO I 363 -62.10 -27.08 -17.26
C PRO I 363 -60.63 -27.25 -16.90
N GLY I 364 -59.88 -26.17 -17.01
CA GLY I 364 -58.46 -26.19 -16.73
C GLY I 364 -58.07 -25.05 -15.81
N ILE I 365 -57.17 -25.35 -14.87
CA ILE I 365 -56.72 -24.32 -13.93
C ILE I 365 -55.79 -23.35 -14.65
N VAL I 366 -55.96 -22.06 -14.35
CA VAL I 366 -55.14 -21.01 -14.93
C VAL I 366 -54.63 -20.12 -13.80
N PHE I 367 -53.33 -19.88 -13.78
CA PHE I 367 -52.73 -18.99 -12.80
C PHE I 367 -52.63 -17.58 -13.36
N ASP I 368 -52.91 -16.59 -12.51
CA ASP I 368 -52.85 -15.19 -12.90
C ASP I 368 -51.40 -14.74 -12.85
N THR I 369 -50.65 -15.13 -13.87
CA THR I 369 -49.23 -14.82 -13.97
C THR I 369 -48.95 -13.54 -14.72
N SER I 370 -49.98 -12.79 -15.12
CA SER I 370 -49.77 -11.56 -15.86
C SER I 370 -49.06 -10.52 -15.01
N GLU I 371 -48.10 -9.83 -15.61
CA GLU I 371 -47.38 -8.79 -14.90
C GLU I 371 -48.31 -7.65 -14.52
N ALA I 372 -48.12 -7.10 -13.32
CA ALA I 372 -48.96 -6.00 -12.86
C ALA I 372 -48.74 -4.77 -13.73
N GLY I 373 -49.81 -3.99 -13.88
CA GLY I 373 -49.79 -2.80 -14.69
C GLY I 373 -49.68 -1.55 -13.81
N ASP I 374 -48.73 -0.69 -14.15
CA ASP I 374 -48.54 0.56 -13.42
C ASP I 374 -49.75 1.46 -13.60
N ILE I 375 -50.42 1.77 -12.49
CA ILE I 375 -51.71 2.45 -12.55
C ILE I 375 -51.56 3.88 -13.06
N THR I 376 -50.47 4.56 -12.72
CA THR I 376 -50.32 5.96 -13.11
C THR I 376 -50.16 6.10 -14.62
N ALA I 377 -49.29 5.28 -15.22
CA ALA I 377 -49.08 5.36 -16.66
C ALA I 377 -50.34 4.99 -17.42
N LEU I 378 -51.04 3.94 -16.99
CA LEU I 378 -52.29 3.58 -17.65
C LEU I 378 -53.32 4.69 -17.50
N SER I 379 -53.41 5.27 -16.30
CA SER I 379 -54.44 6.28 -16.04
C SER I 379 -54.19 7.56 -16.82
N ASP I 380 -52.93 7.93 -17.05
CA ASP I 380 -52.67 9.14 -17.83
C ASP I 380 -52.39 8.84 -19.30
N ALA I 381 -52.45 7.57 -19.71
CA ALA I 381 -52.29 7.23 -21.12
C ALA I 381 -53.60 6.85 -21.80
N ILE I 382 -54.41 5.99 -21.16
CA ILE I 382 -55.61 5.48 -21.80
C ILE I 382 -56.60 6.60 -22.16
N PRO I 383 -56.93 7.54 -21.26
CA PRO I 383 -57.90 8.56 -21.61
C PRO I 383 -57.38 9.41 -22.75
N LYS I 384 -56.08 9.32 -23.05
CA LYS I 384 -55.48 10.11 -24.15
C LYS I 384 -55.66 9.34 -25.45
N LEU I 385 -55.58 8.02 -25.38
CA LEU I 385 -55.75 7.18 -26.58
C LEU I 385 -57.24 6.92 -26.75
N ALA I 386 -57.99 6.81 -25.65
CA ALA I 386 -59.41 6.45 -25.77
C ALA I 386 -60.04 7.37 -26.81
N ALA I 387 -59.94 8.66 -26.57
CA ALA I 387 -60.47 9.55 -27.61
C ALA I 387 -59.94 9.03 -28.93
N GLY I 388 -60.80 8.56 -29.82
CA GLY I 388 -60.33 8.18 -31.16
C GLY I 388 -60.28 6.68 -31.36
N MET I 389 -59.94 5.95 -30.30
CA MET I 389 -59.77 4.48 -30.46
C MET I 389 -60.76 3.79 -29.52
N ARG I 390 -61.44 2.75 -30.01
CA ARG I 390 -62.39 2.00 -29.17
C ARG I 390 -61.61 1.00 -28.29
N ILE I 391 -61.08 1.46 -27.17
CA ILE I 391 -60.33 0.56 -26.25
C ILE I 391 -61.39 -0.17 -25.44
N PRO I 392 -61.15 -1.41 -24.95
CA PRO I 392 -62.19 -2.16 -24.27
C PRO I 392 -62.04 -2.09 -22.78
N VAL I 393 -63.14 -1.85 -22.08
CA VAL I 393 -63.01 -1.67 -20.61
C VAL I 393 -62.38 -2.95 -20.07
N SER I 394 -62.82 -4.09 -20.60
CA SER I 394 -62.31 -5.39 -20.07
C SER I 394 -60.79 -5.38 -20.03
N TRP I 395 -60.14 -5.20 -21.17
CA TRP I 395 -58.67 -5.26 -21.17
C TRP I 395 -58.20 -4.40 -20.03
N ILE I 396 -58.78 -3.21 -19.89
CA ILE I 396 -58.23 -2.39 -18.83
C ILE I 396 -58.57 -2.97 -17.46
N GLN I 397 -59.76 -3.58 -17.34
CA GLN I 397 -60.17 -4.16 -16.06
C GLN I 397 -59.25 -5.27 -15.60
N GLU I 398 -58.52 -5.90 -16.53
CA GLU I 398 -57.58 -6.95 -16.15
C GLU I 398 -56.50 -6.42 -15.22
N LYS I 399 -55.98 -5.22 -15.51
CA LYS I 399 -55.03 -4.59 -14.62
C LYS I 399 -55.74 -4.16 -13.35
N LEU I 400 -55.36 -4.75 -12.21
CA LEU I 400 -56.02 -4.54 -10.93
C LEU I 400 -57.48 -4.92 -11.09
N HIS I 401 -58.42 -4.00 -10.91
CA HIS I 401 -59.84 -4.31 -11.10
C HIS I 401 -60.38 -3.64 -12.36
N GLY J 2 -75.15 -34.52 22.54
CA GLY J 2 -74.00 -34.52 23.43
C GLY J 2 -72.77 -35.15 22.81
N ARG J 3 -72.99 -36.08 21.88
CA ARG J 3 -71.91 -36.75 21.17
C ARG J 3 -71.45 -35.86 20.02
N ILE J 4 -70.58 -34.90 20.37
CA ILE J 4 -70.11 -33.93 19.40
C ILE J 4 -69.15 -34.60 18.42
N LEU J 5 -69.31 -34.29 17.14
CA LEU J 5 -68.42 -34.80 16.10
C LEU J 5 -67.31 -33.78 15.82
N ASP J 6 -66.12 -34.28 15.57
CA ASP J 6 -64.98 -33.44 15.24
C ASP J 6 -65.01 -33.09 13.75
N ILE J 7 -63.94 -32.46 13.26
CA ILE J 7 -63.89 -32.06 11.86
C ILE J 7 -63.88 -33.28 10.95
N SER J 8 -63.32 -34.39 11.42
CA SER J 8 -63.19 -35.60 10.62
C SER J 8 -64.39 -36.52 10.72
N GLY J 9 -65.46 -36.08 11.38
CA GLY J 9 -66.68 -36.86 11.47
C GLY J 9 -66.59 -38.13 12.28
N GLN J 10 -65.85 -38.11 13.38
CA GLN J 10 -65.81 -39.23 14.32
C GLN J 10 -66.44 -38.80 15.63
N PRO J 11 -67.60 -39.35 16.01
CA PRO J 11 -68.24 -38.94 17.25
C PRO J 11 -67.41 -39.29 18.47
N PHE J 12 -67.51 -38.47 19.51
CA PHE J 12 -66.76 -38.69 20.74
C PHE J 12 -67.47 -37.92 21.86
N ASP J 13 -66.95 -38.05 23.08
CA ASP J 13 -67.45 -37.32 24.23
C ASP J 13 -66.43 -36.27 24.64
N PHE J 14 -66.88 -35.02 24.75
CA PHE J 14 -65.99 -33.92 25.07
C PHE J 14 -65.91 -33.75 26.58
N ASP J 15 -64.70 -33.57 27.09
CA ASP J 15 -64.44 -33.48 28.52
C ASP J 15 -63.78 -32.14 28.84
N ASP J 16 -64.28 -31.49 29.90
CA ASP J 16 -63.74 -30.18 30.30
C ASP J 16 -62.37 -30.31 30.95
N GLU J 17 -62.03 -31.47 31.50
CA GLU J 17 -60.75 -31.62 32.18
C GLU J 17 -59.59 -31.52 31.18
N MET J 18 -58.56 -30.78 31.57
CA MET J 18 -57.37 -30.67 30.74
C MET J 18 -56.63 -32.00 30.72
N GLN J 19 -56.09 -32.35 29.55
CA GLN J 19 -55.49 -33.68 29.39
C GLN J 19 -54.27 -33.86 30.29
N SER J 20 -53.47 -32.80 30.45
CA SER J 20 -52.30 -32.90 31.32
C SER J 20 -52.72 -33.14 32.76
N ARG J 21 -53.76 -32.44 33.24
CA ARG J 21 -54.23 -32.57 34.60
C ARG J 21 -55.17 -33.77 34.72
N SER J 22 -54.60 -34.96 34.49
CA SER J 22 -55.37 -36.20 34.50
C SER J 22 -54.91 -37.15 35.58
N ASP J 23 -54.01 -36.71 36.47
CA ASP J 23 -53.55 -37.48 37.62
C ASP J 23 -52.77 -38.72 37.19
N GLU J 24 -52.55 -38.88 35.88
CA GLU J 24 -51.74 -39.97 35.37
C GLU J 24 -50.48 -39.49 34.69
N LEU J 25 -50.47 -38.24 34.23
CA LEU J 25 -49.31 -37.68 33.54
C LEU J 25 -48.65 -36.58 34.38
N ALA J 26 -48.74 -36.72 35.70
CA ALA J 26 -48.13 -35.74 36.60
C ALA J 26 -46.61 -35.82 36.61
N MET J 27 -46.04 -37.01 36.39
CA MET J 27 -44.60 -37.20 36.43
C MET J 27 -43.96 -37.18 35.05
N VAL J 28 -44.72 -36.93 33.99
CA VAL J 28 -44.17 -36.82 32.65
C VAL J 28 -44.42 -35.46 32.02
N MET J 29 -45.27 -34.62 32.62
CA MET J 29 -45.45 -33.24 32.17
C MET J 29 -44.51 -32.27 32.86
N LYS J 30 -43.72 -32.74 33.82
CA LYS J 30 -42.78 -31.91 34.58
C LYS J 30 -41.37 -32.46 34.31
N ARG J 31 -40.71 -31.88 33.32
CA ARG J 31 -39.37 -32.30 32.92
C ARG J 31 -38.41 -31.13 33.05
N THR J 32 -37.27 -31.37 33.68
CA THR J 32 -36.23 -30.34 33.76
C THR J 32 -35.36 -30.42 32.52
N GLN J 33 -35.18 -29.28 31.85
CA GLN J 33 -34.65 -29.28 30.50
C GLN J 33 -33.20 -29.77 30.46
N GLU J 34 -32.86 -30.40 29.35
CA GLU J 34 -31.55 -31.02 29.20
C GLU J 34 -30.45 -29.99 28.91
N HIS J 35 -30.78 -28.92 28.20
CA HIS J 35 -29.79 -27.97 27.69
C HIS J 35 -28.72 -28.72 26.91
N PRO J 36 -29.04 -29.25 25.74
CA PRO J 36 -28.09 -30.08 24.99
C PRO J 36 -27.06 -29.28 24.23
N SER J 37 -27.20 -27.97 24.14
CA SER J 37 -26.33 -27.11 23.35
C SER J 37 -25.05 -26.72 24.09
N SER J 38 -24.70 -27.44 25.14
CA SER J 38 -23.45 -27.23 25.86
C SER J 38 -22.41 -28.20 25.29
N GLY J 39 -21.42 -27.66 24.61
CA GLY J 39 -20.39 -28.48 24.01
C GLY J 39 -20.87 -29.36 22.88
N VAL J 40 -21.67 -28.82 21.96
CA VAL J 40 -22.18 -29.61 20.85
C VAL J 40 -21.08 -29.87 19.84
N THR J 41 -20.96 -31.12 19.41
CA THR J 41 -20.12 -31.53 18.31
C THR J 41 -21.00 -31.90 17.12
N PRO J 42 -20.63 -31.50 15.90
CA PRO J 42 -21.46 -31.82 14.73
C PRO J 42 -21.93 -33.26 14.66
N ASN J 43 -21.11 -34.21 15.11
CA ASN J 43 -21.56 -35.60 15.17
C ASN J 43 -22.78 -35.74 16.06
N ARG J 44 -22.72 -35.15 17.26
CA ARG J 44 -23.82 -35.25 18.20
C ARG J 44 -25.04 -34.46 17.74
N ALA J 45 -24.82 -33.32 17.07
CA ALA J 45 -25.95 -32.60 16.49
C ALA J 45 -26.65 -33.44 15.43
N ALA J 46 -25.87 -34.10 14.56
CA ALA J 46 -26.47 -35.01 13.59
C ALA J 46 -27.22 -36.14 14.29
N GLN J 47 -26.67 -36.65 15.39
CA GLN J 47 -27.33 -37.74 16.11
C GLN J 47 -28.68 -37.30 16.66
N MET J 48 -28.76 -36.12 17.28
CA MET J 48 -30.04 -35.66 17.80
C MET J 48 -31.01 -35.31 16.68
N LEU J 49 -30.52 -34.78 15.56
CA LEU J 49 -31.40 -34.54 14.42
C LEU J 49 -31.98 -35.85 13.89
N ARG J 50 -31.17 -36.90 13.82
CA ARG J 50 -31.67 -38.19 13.34
C ARG J 50 -32.64 -38.81 14.35
N ASP J 51 -32.40 -38.61 15.64
CA ASP J 51 -33.35 -39.08 16.65
C ASP J 51 -34.68 -38.38 16.50
N ALA J 52 -34.65 -37.07 16.26
CA ALA J 52 -35.88 -36.33 16.01
C ALA J 52 -36.58 -36.81 14.74
N GLU J 53 -35.81 -37.08 13.69
CA GLU J 53 -36.41 -37.59 12.46
C GLU J 53 -37.09 -38.93 12.69
N ARG J 54 -36.48 -39.79 13.50
CA ARG J 54 -37.09 -41.08 13.80
C ARG J 54 -38.35 -40.95 14.65
N GLY J 55 -38.52 -39.86 15.40
CA GLY J 55 -39.74 -39.66 16.16
C GLY J 55 -39.59 -39.03 17.52
N ASP J 56 -38.42 -39.16 18.15
CA ASP J 56 -38.17 -38.60 19.48
C ASP J 56 -37.75 -37.15 19.34
N LEU J 57 -38.73 -36.24 19.48
CA LEU J 57 -38.54 -34.82 19.21
C LEU J 57 -38.02 -34.03 20.40
N THR J 58 -37.76 -34.68 21.54
CA THR J 58 -37.38 -33.94 22.75
C THR J 58 -36.04 -33.23 22.57
N ALA J 59 -35.03 -33.95 22.11
CA ALA J 59 -33.70 -33.36 21.98
C ALA J 59 -33.70 -32.21 20.99
N GLN J 60 -34.42 -32.37 19.88
CA GLN J 60 -34.50 -31.31 18.89
C GLN J 60 -35.16 -30.06 19.48
N ALA J 61 -36.22 -30.24 20.27
CA ALA J 61 -36.89 -29.08 20.85
C ALA J 61 -36.01 -28.37 21.86
N ASP J 62 -35.30 -29.12 22.70
CA ASP J 62 -34.38 -28.47 23.63
C ASP J 62 -33.26 -27.75 22.90
N LEU J 63 -32.73 -28.35 21.83
CA LEU J 63 -31.68 -27.72 21.06
C LEU J 63 -32.19 -26.43 20.41
N ALA J 64 -33.41 -26.46 19.89
CA ALA J 64 -34.00 -25.25 19.31
C ALA J 64 -34.19 -24.16 20.35
N PHE J 65 -34.62 -24.54 21.55
CA PHE J 65 -34.78 -23.54 22.61
C PHE J 65 -33.45 -22.90 22.98
N ASP J 66 -32.40 -23.71 23.10
CA ASP J 66 -31.08 -23.18 23.40
C ASP J 66 -30.58 -22.29 22.27
N MET J 67 -30.85 -22.67 21.03
CA MET J 67 -30.43 -21.84 19.91
C MET J 67 -31.17 -20.51 19.91
N GLU J 68 -32.43 -20.53 20.33
CA GLU J 68 -33.20 -19.29 20.38
C GLU J 68 -32.68 -18.35 21.46
N GLU J 69 -32.36 -18.89 22.64
CA GLU J 69 -31.92 -18.02 23.73
C GLU J 69 -30.43 -17.69 23.69
N LYS J 70 -29.61 -18.46 22.98
CA LYS J 70 -28.17 -18.27 23.01
C LYS J 70 -27.67 -17.35 21.91
N ASP J 71 -27.98 -17.68 20.65
CA ASP J 71 -27.48 -16.93 19.52
C ASP J 71 -28.28 -15.65 19.38
N THR J 72 -27.65 -14.51 19.68
CA THR J 72 -28.35 -13.24 19.73
C THR J 72 -28.90 -12.85 18.35
N HIS J 73 -28.09 -13.02 17.31
CA HIS J 73 -28.56 -12.69 15.96
C HIS J 73 -29.74 -13.58 15.57
N LEU J 74 -29.68 -14.86 15.92
CA LEU J 74 -30.79 -15.76 15.63
C LEU J 74 -32.05 -15.30 16.33
N PHE J 75 -31.94 -14.89 17.60
CA PHE J 75 -33.12 -14.44 18.33
C PHE J 75 -33.68 -13.15 17.75
N SER J 76 -32.79 -12.22 17.37
CA SER J 76 -33.28 -10.98 16.77
C SER J 76 -34.03 -11.25 15.48
N GLU J 77 -33.47 -12.11 14.62
CA GLU J 77 -34.15 -12.43 13.36
C GLU J 77 -35.47 -13.16 13.62
N LEU J 78 -35.49 -14.09 14.57
CA LEU J 78 -36.70 -14.84 14.84
C LEU J 78 -37.80 -13.94 15.38
N SER J 79 -37.44 -13.01 16.28
CA SER J 79 -38.44 -12.07 16.79
C SER J 79 -38.90 -11.12 15.70
N LYS J 80 -37.99 -10.69 14.83
CA LYS J 80 -38.37 -9.85 13.69
C LYS J 80 -39.38 -10.56 12.81
N ARG J 81 -39.20 -11.86 12.58
CA ARG J 81 -40.16 -12.60 11.76
C ARG J 81 -41.48 -12.83 12.50
N ARG J 82 -41.41 -13.15 13.79
CA ARG J 82 -42.62 -13.51 14.53
C ARG J 82 -43.50 -12.30 14.80
N LEU J 83 -42.91 -11.11 14.91
CA LEU J 83 -43.72 -9.92 15.16
C LEU J 83 -44.38 -9.41 13.89
N ALA J 84 -43.94 -9.88 12.72
CA ALA J 84 -44.63 -9.54 11.48
C ALA J 84 -46.05 -10.09 11.48
N ILE J 85 -46.22 -11.31 11.98
CA ILE J 85 -47.53 -11.97 11.99
C ILE J 85 -48.48 -11.22 12.92
N GLN J 86 -48.00 -10.84 14.10
CA GLN J 86 -48.86 -10.19 15.08
C GLN J 86 -49.31 -8.82 14.61
N ALA J 87 -48.56 -8.19 13.69
CA ALA J 87 -48.93 -6.87 13.22
C ALA J 87 -50.13 -6.90 12.28
N LEU J 88 -50.34 -8.01 11.60
CA LEU J 88 -51.43 -8.09 10.62
C LEU J 88 -52.79 -8.04 11.31
N GLU J 89 -53.68 -7.22 10.77
CA GLU J 89 -55.04 -7.18 11.26
C GLU J 89 -55.87 -8.28 10.61
N TRP J 90 -56.84 -8.79 11.34
CA TRP J 90 -57.61 -9.95 10.89
C TRP J 90 -59.08 -9.76 11.21
N ARG J 91 -59.91 -10.56 10.55
CA ARG J 91 -61.35 -10.56 10.75
C ARG J 91 -61.89 -11.93 10.42
N ILE J 92 -62.99 -12.29 11.06
CA ILE J 92 -63.62 -13.61 10.85
C ILE J 92 -64.61 -13.42 9.69
N ALA J 93 -64.08 -13.54 8.47
CA ALA J 93 -64.91 -13.43 7.30
C ALA J 93 -65.82 -14.66 7.19
N PRO J 94 -67.12 -14.47 6.98
CA PRO J 94 -68.03 -15.61 6.88
C PRO J 94 -67.76 -16.46 5.65
N ALA J 95 -68.43 -17.60 5.59
CA ALA J 95 -68.32 -18.47 4.43
C ALA J 95 -68.85 -17.77 3.19
N ARG J 96 -68.35 -18.20 2.03
CA ARG J 96 -68.75 -17.57 0.77
C ARG J 96 -70.25 -17.74 0.56
N ASP J 97 -70.88 -16.68 0.05
CA ASP J 97 -72.33 -16.62 -0.13
C ASP J 97 -73.05 -16.91 1.20
N ALA J 98 -72.59 -16.23 2.25
CA ALA J 98 -73.14 -16.46 3.58
C ALA J 98 -74.60 -16.02 3.66
N SER J 99 -75.40 -16.79 4.39
CA SER J 99 -76.79 -16.44 4.63
C SER J 99 -76.87 -15.43 5.78
N ALA J 100 -78.07 -15.21 6.31
CA ALA J 100 -78.21 -14.32 7.45
C ALA J 100 -77.53 -14.90 8.68
N GLN J 101 -77.94 -16.10 9.09
CA GLN J 101 -77.46 -16.68 10.33
C GLN J 101 -75.96 -16.93 10.29
N GLU J 102 -75.44 -17.38 9.14
CA GLU J 102 -74.00 -17.61 9.02
C GLU J 102 -73.22 -16.31 9.20
N LYS J 103 -73.68 -15.23 8.56
CA LYS J 103 -73.01 -13.95 8.71
C LYS J 103 -73.08 -13.45 10.14
N LYS J 104 -74.24 -13.62 10.79
CA LYS J 104 -74.38 -13.18 12.18
C LYS J 104 -73.46 -13.96 13.11
N ASP J 105 -73.36 -15.28 12.92
CA ASP J 105 -72.44 -16.08 13.73
C ASP J 105 -70.99 -15.71 13.48
N ALA J 106 -70.64 -15.45 12.21
CA ALA J 106 -69.27 -15.04 11.91
C ALA J 106 -68.94 -13.71 12.57
N ASP J 107 -69.86 -12.75 12.52
CA ASP J 107 -69.64 -11.47 13.18
C ASP J 107 -69.54 -11.64 14.69
N MET J 108 -70.37 -12.52 15.26
CA MET J 108 -70.29 -12.78 16.69
C MET J 108 -68.92 -13.32 17.07
N LEU J 109 -68.41 -14.29 16.30
CA LEU J 109 -67.07 -14.80 16.55
C LEU J 109 -66.03 -13.71 16.40
N ASN J 110 -66.17 -12.86 15.38
CA ASN J 110 -65.23 -11.77 15.15
C ASN J 110 -65.15 -10.87 16.37
N GLU J 111 -66.31 -10.41 16.87
CA GLU J 111 -66.33 -9.51 18.01
C GLU J 111 -65.78 -10.20 19.26
N TYR J 112 -66.17 -11.45 19.49
CA TYR J 112 -65.69 -12.14 20.67
C TYR J 112 -64.18 -12.31 20.64
N LEU J 113 -63.63 -12.71 19.49
CA LEU J 113 -62.19 -12.93 19.42
C LEU J 113 -61.42 -11.62 19.51
N HIS J 114 -61.96 -10.53 18.93
CA HIS J 114 -61.32 -9.24 19.12
C HIS J 114 -61.47 -8.71 20.54
N ASP J 115 -62.42 -9.26 21.31
CA ASP J 115 -62.60 -8.89 22.71
C ASP J 115 -62.24 -10.02 23.66
N ALA J 116 -61.30 -10.88 23.29
CA ALA J 116 -60.80 -11.93 24.17
C ALA J 116 -59.30 -11.77 24.35
N ALA J 117 -58.84 -11.77 25.60
CA ALA J 117 -57.44 -11.48 25.88
C ALA J 117 -56.53 -12.65 25.53
N TRP J 118 -57.07 -13.86 25.43
CA TRP J 118 -56.24 -15.03 25.23
C TRP J 118 -55.97 -15.32 23.76
N PHE J 119 -56.53 -14.54 22.83
CA PHE J 119 -56.25 -14.79 21.42
C PHE J 119 -54.88 -14.26 21.02
N GLU J 120 -54.52 -13.07 21.51
CA GLU J 120 -53.21 -12.52 21.19
C GLU J 120 -52.10 -13.42 21.71
N ASP J 121 -52.28 -13.98 22.91
CA ASP J 121 -51.33 -14.96 23.41
C ASP J 121 -51.29 -16.20 22.52
N ALA J 122 -52.45 -16.62 22.02
CA ALA J 122 -52.50 -17.78 21.12
C ALA J 122 -51.68 -17.52 19.87
N LEU J 123 -51.82 -16.34 19.28
CA LEU J 123 -51.10 -16.02 18.06
C LEU J 123 -49.61 -15.85 18.33
N PHE J 124 -49.24 -15.26 19.47
CA PHE J 124 -47.82 -15.10 19.79
C PHE J 124 -47.15 -16.44 20.06
N ASP J 125 -47.85 -17.35 20.75
CA ASP J 125 -47.27 -18.65 21.05
C ASP J 125 -47.28 -19.57 19.84
N ALA J 126 -48.25 -19.41 18.93
CA ALA J 126 -48.27 -20.22 17.72
C ALA J 126 -47.07 -19.93 16.83
N GLY J 127 -46.43 -18.77 16.99
CA GLY J 127 -45.23 -18.46 16.26
C GLY J 127 -44.02 -19.26 16.69
N ASP J 128 -44.11 -20.00 17.79
CA ASP J 128 -43.01 -20.86 18.22
C ASP J 128 -42.75 -21.98 17.23
N ALA J 129 -43.77 -22.40 16.47
CA ALA J 129 -43.60 -23.47 15.50
C ALA J 129 -42.66 -23.11 14.37
N ILE J 130 -42.32 -21.83 14.23
CA ILE J 130 -41.41 -21.40 13.16
C ILE J 130 -40.05 -22.08 13.31
N LEU J 131 -39.55 -22.15 14.54
CA LEU J 131 -38.20 -22.66 14.79
C LEU J 131 -38.20 -24.11 15.26
N LYS J 132 -39.09 -24.49 16.15
CA LYS J 132 -39.11 -25.85 16.68
C LYS J 132 -39.79 -26.83 15.74
N GLY J 133 -40.83 -26.38 15.03
CA GLY J 133 -41.55 -27.20 14.09
C GLY J 133 -43.03 -27.35 14.40
N TYR J 134 -43.44 -27.14 15.65
CA TYR J 134 -44.82 -27.41 16.06
C TYR J 134 -45.06 -26.66 17.36
N SER J 135 -46.13 -25.87 17.39
CA SER J 135 -46.53 -25.13 18.59
C SER J 135 -47.81 -25.75 19.12
N MET J 136 -47.75 -26.32 20.31
CA MET J 136 -48.88 -27.01 20.92
C MET J 136 -49.33 -26.26 22.16
N GLN J 137 -50.61 -25.92 22.22
CA GLN J 137 -51.19 -25.18 23.33
C GLN J 137 -52.46 -25.87 23.80
N GLU J 138 -52.59 -26.04 25.10
CA GLU J 138 -53.81 -26.64 25.63
C GLU J 138 -54.90 -25.58 25.72
N ILE J 139 -56.14 -26.06 25.80
CA ILE J 139 -57.32 -25.22 25.88
C ILE J 139 -58.04 -25.55 27.17
N GLU J 140 -58.04 -24.61 28.11
CA GLU J 140 -58.78 -24.77 29.36
C GLU J 140 -60.19 -24.23 29.14
N TRP J 141 -61.12 -25.12 28.85
CA TRP J 141 -62.49 -24.71 28.52
C TRP J 141 -63.18 -24.13 29.75
N GLY J 142 -63.96 -23.08 29.52
CA GLY J 142 -64.67 -22.43 30.60
C GLY J 142 -66.05 -21.99 30.17
N TRP J 143 -66.89 -21.69 31.15
CA TRP J 143 -68.27 -21.28 30.93
C TRP J 143 -68.35 -19.76 31.01
N LEU J 144 -68.58 -19.12 29.86
CA LEU J 144 -68.78 -17.69 29.78
C LEU J 144 -70.26 -17.44 29.46
N GLY J 145 -71.03 -17.15 30.50
CA GLY J 145 -72.46 -16.97 30.33
C GLY J 145 -73.13 -18.23 29.81
N LYS J 146 -73.57 -18.21 28.55
CA LYS J 146 -74.13 -19.36 27.89
C LYS J 146 -73.31 -19.71 26.64
N MET J 147 -71.99 -19.65 26.77
CA MET J 147 -71.07 -19.99 25.69
C MET J 147 -69.88 -20.72 26.28
N ARG J 148 -69.61 -21.92 25.79
CA ARG J 148 -68.49 -22.72 26.26
C ARG J 148 -67.27 -22.34 25.42
N VAL J 149 -66.49 -21.40 25.94
CA VAL J 149 -65.36 -20.83 25.18
C VAL J 149 -64.10 -20.93 26.04
N PRO J 150 -62.91 -20.97 25.43
CA PRO J 150 -61.68 -21.07 26.23
C PRO J 150 -61.48 -19.85 27.10
N VAL J 151 -60.88 -20.08 28.26
CA VAL J 151 -60.53 -19.00 29.18
C VAL J 151 -59.03 -18.82 29.33
N ALA J 152 -58.23 -19.78 28.90
CA ALA J 152 -56.77 -19.67 28.98
C ALA J 152 -56.15 -20.72 28.07
N LEU J 153 -55.09 -20.33 27.36
CA LEU J 153 -54.36 -21.23 26.46
C LEU J 153 -52.93 -21.33 26.99
N HIS J 154 -52.63 -22.46 27.63
CA HIS J 154 -51.29 -22.69 28.17
C HIS J 154 -50.41 -23.33 27.11
N HIS J 155 -49.21 -22.78 26.94
CA HIS J 155 -48.24 -23.29 25.97
C HIS J 155 -47.39 -24.35 26.63
N ARG J 156 -47.70 -25.61 26.38
CA ARG J 156 -46.92 -26.70 26.94
C ARG J 156 -45.57 -26.81 26.23
N ASP J 157 -44.60 -27.38 26.94
CA ASP J 157 -43.26 -27.50 26.38
C ASP J 157 -43.29 -28.46 25.19
N PRO J 158 -42.69 -28.08 24.05
CA PRO J 158 -42.74 -28.96 22.87
C PRO J 158 -42.04 -30.29 23.06
N ALA J 159 -41.16 -30.42 24.06
CA ALA J 159 -40.47 -31.69 24.27
C ALA J 159 -41.39 -32.78 24.81
N LEU J 160 -42.57 -32.42 25.29
CA LEU J 160 -43.50 -33.41 25.84
C LEU J 160 -44.19 -34.24 24.77
N PHE J 161 -44.06 -33.87 23.50
CA PHE J 161 -44.79 -34.52 22.42
C PHE J 161 -43.83 -35.30 21.54
N CYS J 162 -44.13 -36.57 21.33
CA CYS J 162 -43.35 -37.43 20.43
C CYS J 162 -44.26 -37.87 19.29
N ALA J 163 -43.75 -37.76 18.06
CA ALA J 163 -44.53 -38.19 16.91
C ALA J 163 -44.75 -39.69 16.95
N ASN J 164 -45.90 -40.12 16.45
CA ASN J 164 -46.20 -41.55 16.42
C ASN J 164 -45.19 -42.26 15.53
N PRO J 165 -44.66 -43.41 15.97
CA PRO J 165 -43.76 -44.17 15.08
C PRO J 165 -44.43 -44.62 13.80
N ASP J 166 -45.76 -44.68 13.78
CA ASP J 166 -46.52 -45.00 12.57
C ASP J 166 -47.21 -43.74 12.06
N ASN J 167 -47.09 -43.52 10.75
CA ASN J 167 -47.69 -42.41 10.00
C ASN J 167 -46.97 -41.10 10.30
N LEU J 168 -46.13 -41.08 11.34
CA LEU J 168 -45.06 -40.10 11.52
C LEU J 168 -45.50 -38.65 11.36
N ASN J 169 -46.81 -38.38 11.37
CA ASN J 169 -47.32 -37.03 11.21
C ASN J 169 -48.36 -36.64 12.25
N GLU J 170 -48.69 -37.53 13.19
CA GLU J 170 -49.64 -37.25 14.24
C GLU J 170 -48.87 -37.04 15.53
N LEU J 171 -48.90 -35.82 16.05
CA LEU J 171 -48.26 -35.53 17.32
C LEU J 171 -49.05 -36.18 18.44
N ARG J 172 -48.36 -36.96 19.28
CA ARG J 172 -48.99 -37.66 20.38
C ARG J 172 -48.27 -37.33 21.67
N LEU J 173 -49.04 -36.97 22.70
CA LEU J 173 -48.48 -36.64 23.99
C LEU J 173 -47.74 -37.84 24.56
N ARG J 174 -46.52 -37.62 25.04
CA ARG J 174 -45.68 -38.72 25.51
C ARG J 174 -46.24 -39.26 26.83
N ASP J 175 -46.37 -40.58 26.91
CA ASP J 175 -46.89 -41.24 28.09
C ASP J 175 -46.06 -42.47 28.42
N ALA J 176 -44.76 -42.41 28.12
CA ALA J 176 -43.84 -43.52 28.35
C ALA J 176 -44.33 -44.80 27.67
N SER J 177 -44.88 -44.64 26.47
CA SER J 177 -45.41 -45.76 25.71
C SER J 177 -44.84 -45.73 24.30
N TYR J 178 -44.83 -46.90 23.66
CA TYR J 178 -44.30 -47.00 22.30
C TYR J 178 -45.11 -46.16 21.33
N HIS J 179 -46.43 -46.34 21.32
CA HIS J 179 -47.29 -45.53 20.46
C HIS J 179 -47.44 -44.12 21.02
N GLY J 180 -47.60 -43.99 22.32
CA GLY J 180 -47.79 -42.69 22.92
C GLY J 180 -49.26 -42.31 23.01
N LEU J 181 -49.58 -41.53 24.04
CA LEU J 181 -50.96 -41.10 24.24
C LEU J 181 -51.34 -40.07 23.19
N GLU J 182 -52.47 -40.29 22.52
CA GLU J 182 -52.96 -39.35 21.53
C GLU J 182 -53.49 -38.09 22.20
N LEU J 183 -53.70 -37.06 21.41
CA LEU J 183 -54.22 -35.80 21.93
C LEU J 183 -55.70 -35.91 22.20
N GLN J 184 -56.13 -35.39 23.35
CA GLN J 184 -57.55 -35.32 23.65
C GLN J 184 -58.23 -34.37 22.68
N PRO J 185 -59.34 -34.77 22.06
CA PRO J 185 -59.97 -33.92 21.05
C PRO J 185 -60.53 -32.64 21.67
N PHE J 186 -60.50 -31.57 20.87
CA PHE J 186 -61.02 -30.26 21.25
C PHE J 186 -60.30 -29.70 22.47
N GLY J 187 -59.07 -30.14 22.71
CA GLY J 187 -58.33 -29.66 23.86
C GLY J 187 -56.85 -29.47 23.60
N TRP J 188 -56.46 -29.25 22.35
CA TRP J 188 -55.05 -29.13 22.01
C TRP J 188 -54.93 -28.29 20.74
N PHE J 189 -54.62 -27.01 20.89
CA PHE J 189 -54.42 -26.12 19.75
C PHE J 189 -53.05 -26.40 19.14
N MET J 190 -53.04 -27.09 18.01
CA MET J 190 -51.80 -27.50 17.35
C MET J 190 -51.63 -26.70 16.06
N HIS J 191 -50.47 -26.09 15.90
CA HIS J 191 -50.13 -25.30 14.72
C HIS J 191 -48.80 -25.82 14.17
N ARG J 192 -48.86 -26.60 13.09
CA ARG J 192 -47.68 -27.17 12.48
C ARG J 192 -47.27 -26.28 11.30
N ALA J 193 -46.25 -25.45 11.52
CA ALA J 193 -45.76 -24.53 10.50
C ALA J 193 -44.70 -25.23 9.68
N LYS J 194 -45.09 -25.71 8.49
CA LYS J 194 -44.18 -26.45 7.62
C LYS J 194 -43.50 -25.46 6.67
N SER J 195 -42.26 -25.07 7.01
CA SER J 195 -41.47 -24.28 6.08
C SER J 195 -40.91 -25.15 4.96
N ARG J 196 -40.62 -26.41 5.27
CA ARG J 196 -40.08 -27.36 4.31
C ARG J 196 -40.97 -28.59 4.30
N THR J 197 -41.29 -29.09 3.10
CA THR J 197 -42.15 -30.26 2.99
C THR J 197 -41.50 -31.46 3.66
N GLY J 198 -42.32 -32.29 4.29
CA GLY J 198 -41.82 -33.44 5.01
C GLY J 198 -42.69 -33.75 6.21
N TYR J 199 -42.10 -34.43 7.18
CA TYR J 199 -42.81 -34.89 8.36
C TYR J 199 -42.81 -33.80 9.43
N VAL J 200 -43.40 -34.11 10.58
CA VAL J 200 -43.60 -33.10 11.62
C VAL J 200 -42.27 -32.69 12.25
N GLY J 201 -41.36 -33.65 12.44
CA GLY J 201 -40.08 -33.32 13.04
C GLY J 201 -39.15 -32.61 12.09
N THR J 202 -39.31 -32.86 10.78
CA THR J 202 -38.37 -32.32 9.79
C THR J 202 -38.61 -30.85 9.53
N ASN J 203 -39.86 -30.41 9.47
CA ASN J 203 -40.20 -29.12 8.89
C ASN J 203 -39.76 -27.92 9.73
N GLY J 204 -39.15 -28.13 10.90
CA GLY J 204 -38.68 -27.00 11.67
C GLY J 204 -37.44 -26.37 11.07
N LEU J 205 -37.25 -25.08 11.37
CA LEU J 205 -36.06 -24.38 10.88
C LEU J 205 -34.81 -24.71 11.68
N VAL J 206 -34.94 -25.41 12.81
CA VAL J 206 -33.75 -25.80 13.56
C VAL J 206 -32.89 -26.76 12.75
N ARG J 207 -33.49 -27.58 11.89
CA ARG J 207 -32.73 -28.51 11.07
C ARG J 207 -31.75 -27.77 10.17
N THR J 208 -32.20 -26.67 9.55
CA THR J 208 -31.32 -25.89 8.69
C THR J 208 -30.37 -25.00 9.50
N LEU J 209 -30.83 -24.44 10.60
CA LEU J 209 -30.08 -23.43 11.33
C LEU J 209 -29.11 -23.98 12.35
N ILE J 210 -29.12 -25.29 12.61
CA ILE J 210 -28.22 -25.83 13.61
C ILE J 210 -26.77 -25.67 13.18
N TRP J 211 -26.49 -25.82 11.88
CA TRP J 211 -25.10 -25.76 11.42
C TRP J 211 -24.53 -24.36 11.48
N PRO J 212 -25.16 -23.32 10.90
CA PRO J 212 -24.62 -21.97 11.07
C PRO J 212 -24.54 -21.54 12.51
N PHE J 213 -25.50 -21.96 13.35
CA PHE J 213 -25.42 -21.66 14.78
C PHE J 213 -24.15 -22.22 15.39
N ILE J 214 -23.86 -23.50 15.12
CA ILE J 214 -22.66 -24.13 15.66
C ILE J 214 -21.42 -23.42 15.19
N PHE J 215 -21.34 -23.15 13.88
CA PHE J 215 -20.15 -22.52 13.33
C PHE J 215 -19.94 -21.13 13.93
N LYS J 216 -20.99 -20.31 13.97
CA LYS J 216 -20.86 -18.96 14.50
C LYS J 216 -20.45 -18.97 15.96
N ASN J 217 -21.09 -19.82 16.77
CA ASN J 217 -20.80 -19.78 18.19
C ASN J 217 -19.41 -20.33 18.51
N TYR J 218 -18.99 -21.38 17.79
CA TYR J 218 -17.64 -21.88 17.99
C TYR J 218 -16.61 -20.83 17.58
N SER J 219 -16.85 -20.15 16.46
CA SER J 219 -15.93 -19.09 16.05
C SER J 219 -15.90 -17.96 17.07
N VAL J 220 -17.06 -17.61 17.63
CA VAL J 220 -17.11 -16.51 18.60
C VAL J 220 -16.33 -16.88 19.86
N ARG J 221 -16.54 -18.11 20.37
CA ARG J 221 -15.81 -18.50 21.57
C ARG J 221 -14.31 -18.59 21.30
N ASP J 222 -13.91 -19.11 20.15
CA ASP J 222 -12.49 -19.17 19.83
C ASP J 222 -11.90 -17.76 19.73
N PHE J 223 -12.65 -16.83 19.13
CA PHE J 223 -12.18 -15.46 19.02
C PHE J 223 -12.03 -14.81 20.39
N ALA J 224 -12.99 -15.04 21.28
CA ALA J 224 -12.89 -14.49 22.63
C ALA J 224 -11.69 -15.05 23.37
N GLU J 225 -11.47 -16.36 23.25
CA GLU J 225 -10.30 -16.95 23.90
C GLU J 225 -9.00 -16.43 23.29
N PHE J 226 -9.00 -16.14 21.99
CA PHE J 226 -7.83 -15.55 21.37
C PHE J 226 -7.56 -14.16 21.92
N LEU J 227 -8.60 -13.35 22.10
CA LEU J 227 -8.42 -12.03 22.69
C LEU J 227 -8.03 -12.12 24.17
N GLU J 228 -8.35 -13.23 24.83
CA GLU J 228 -7.93 -13.40 26.22
C GLU J 228 -6.41 -13.38 26.32
N ILE J 229 -5.72 -13.87 25.29
CA ILE J 229 -4.27 -14.02 25.34
C ILE J 229 -3.54 -13.02 24.46
N TYR J 230 -4.18 -12.51 23.40
CA TYR J 230 -3.48 -11.70 22.42
C TYR J 230 -2.98 -10.39 23.02
N GLY J 231 -1.86 -9.92 22.48
CA GLY J 231 -1.25 -8.61 22.71
C GLY J 231 -0.54 -8.50 24.05
N LEU J 232 -0.25 -9.61 24.73
CA LEU J 232 0.47 -9.58 26.00
C LEU J 232 1.45 -10.74 26.02
N PRO J 233 2.71 -10.50 25.67
CA PRO J 233 3.66 -11.60 25.52
C PRO J 233 3.93 -12.31 26.83
N MET J 234 4.23 -13.60 26.72
CA MET J 234 4.64 -14.36 27.89
C MET J 234 5.99 -13.85 28.40
N ARG J 235 6.15 -13.83 29.71
CA ARG J 235 7.30 -13.24 30.38
C ARG J 235 8.06 -14.37 31.09
N VAL J 236 9.05 -14.95 30.41
CA VAL J 236 9.81 -16.06 30.94
C VAL J 236 11.17 -15.56 31.40
N GLY J 237 11.60 -16.01 32.58
CA GLY J 237 12.92 -15.74 33.09
C GLY J 237 13.71 -17.03 33.18
N LYS J 238 14.96 -17.00 32.71
CA LYS J 238 15.83 -18.17 32.68
C LYS J 238 16.89 -18.01 33.75
N TYR J 239 16.60 -18.47 34.95
CA TYR J 239 17.58 -18.42 36.02
C TYR J 239 18.69 -19.42 35.76
N PRO J 240 19.95 -19.06 36.03
CA PRO J 240 21.03 -20.03 35.86
C PRO J 240 20.82 -21.22 36.78
N THR J 241 21.17 -22.40 36.28
CA THR J 241 21.02 -23.60 37.08
C THR J 241 21.94 -23.55 38.29
N GLY J 242 21.53 -24.21 39.37
CA GLY J 242 22.25 -24.14 40.61
C GLY J 242 21.85 -22.98 41.51
N SER J 243 20.94 -22.12 41.05
CA SER J 243 20.45 -21.04 41.90
C SER J 243 19.72 -21.60 43.11
N THR J 244 19.89 -20.94 44.24
CA THR J 244 19.26 -21.41 45.47
C THR J 244 17.74 -21.38 45.34
N ASN J 245 17.08 -22.24 46.13
CA ASN J 245 15.64 -22.33 46.10
C ASN J 245 14.95 -21.05 46.55
N ARG J 246 15.68 -20.14 47.20
CA ARG J 246 15.15 -18.84 47.59
C ARG J 246 15.23 -17.82 46.47
N GLU J 247 16.21 -17.92 45.59
CA GLU J 247 16.39 -16.96 44.51
C GLU J 247 15.49 -17.24 43.31
N LYS J 248 14.87 -18.42 43.25
CA LYS J 248 13.84 -18.67 42.26
C LYS J 248 12.51 -18.02 42.62
N ALA J 249 12.15 -18.00 43.90
CA ALA J 249 10.93 -17.34 44.35
C ALA J 249 10.97 -15.83 44.11
N THR J 250 12.07 -15.17 44.45
CA THR J 250 12.18 -13.74 44.19
C THR J 250 12.17 -13.45 42.70
N LEU J 251 12.85 -14.28 41.90
CA LEU J 251 12.84 -14.08 40.46
C LEU J 251 11.43 -14.21 39.91
N MET J 252 10.67 -15.18 40.39
CA MET J 252 9.32 -15.38 39.87
C MET J 252 8.39 -14.27 40.33
N GLN J 253 8.54 -13.81 41.57
CA GLN J 253 7.76 -12.67 42.03
C GLN J 253 8.11 -11.39 41.29
N ALA J 254 9.34 -11.28 40.79
CA ALA J 254 9.72 -10.13 39.97
C ALA J 254 9.16 -10.24 38.55
N VAL J 255 9.34 -11.40 37.91
CA VAL J 255 8.87 -11.58 36.54
C VAL J 255 7.36 -11.51 36.46
N MET J 256 6.66 -11.73 37.57
CA MET J 256 5.22 -11.51 37.63
C MET J 256 4.85 -10.13 38.15
N ASP J 257 5.84 -9.28 38.41
CA ASP J 257 5.61 -7.91 38.83
C ASP J 257 5.79 -6.91 37.69
N ILE J 258 5.97 -7.40 36.47
CA ILE J 258 6.12 -6.51 35.32
C ILE J 258 4.77 -5.90 34.99
N GLY J 259 4.70 -4.57 35.00
CA GLY J 259 3.48 -3.87 34.68
C GLY J 259 3.72 -2.70 33.76
N ARG J 260 3.15 -1.53 34.10
CA ARG J 260 3.36 -0.34 33.30
C ARG J 260 4.71 0.28 33.64
N ARG J 261 5.53 0.49 32.61
CA ARG J 261 6.85 1.11 32.77
C ARG J 261 7.72 0.33 33.75
N ALA J 262 7.55 -0.99 33.75
CA ALA J 262 8.34 -1.83 34.63
C ALA J 262 9.81 -1.75 34.25
N GLY J 263 10.68 -1.67 35.24
CA GLY J 263 12.10 -1.60 34.99
C GLY J 263 12.91 -2.06 36.18
N GLY J 264 13.83 -2.99 35.96
CA GLY J 264 14.58 -3.54 37.06
C GLY J 264 15.96 -4.00 36.62
N ILE J 265 16.62 -4.73 37.52
CA ILE J 265 17.98 -5.18 37.31
C ILE J 265 18.00 -6.70 37.33
N ILE J 266 18.81 -7.29 36.46
CA ILE J 266 19.02 -8.73 36.45
C ILE J 266 20.52 -9.00 36.34
N PRO J 267 21.01 -10.06 36.97
CA PRO J 267 22.43 -10.41 36.84
C PRO J 267 22.76 -10.78 35.40
N MET J 268 24.07 -10.83 35.13
CA MET J 268 24.51 -11.14 33.78
C MET J 268 24.12 -12.55 33.36
N GLY J 269 23.99 -13.47 34.32
CA GLY J 269 23.65 -14.84 34.00
C GLY J 269 22.17 -15.12 33.80
N MET J 270 21.31 -14.14 34.04
CA MET J 270 19.87 -14.31 33.88
C MET J 270 19.40 -13.68 32.58
N THR J 271 18.26 -14.17 32.10
CA THR J 271 17.65 -13.65 30.88
C THR J 271 16.16 -13.43 31.13
N LEU J 272 15.59 -12.48 30.40
CA LEU J 272 14.20 -12.09 30.58
C LEU J 272 13.51 -11.96 29.22
N ASP J 273 13.66 -13.00 28.39
CA ASP J 273 13.09 -12.97 27.06
C ASP J 273 11.57 -12.89 27.11
N PHE J 274 10.99 -12.17 26.15
CA PHE J 274 9.55 -12.00 26.02
C PHE J 274 9.08 -12.77 24.78
N GLN J 275 8.30 -13.82 24.98
CA GLN J 275 7.80 -14.64 23.89
C GLN J 275 6.30 -14.43 23.73
N SER J 276 5.88 -14.21 22.49
CA SER J 276 4.46 -14.00 22.20
C SER J 276 3.69 -15.30 22.40
N ALA J 277 2.48 -15.17 22.97
CA ALA J 277 1.64 -16.32 23.24
C ALA J 277 0.43 -16.43 22.32
N ALA J 278 0.20 -15.45 21.45
CA ALA J 278 -0.92 -15.51 20.52
C ALA J 278 -0.60 -14.60 19.34
N ASP J 279 -0.38 -15.19 18.17
CA ASP J 279 -0.04 -14.45 16.96
C ASP J 279 -1.15 -14.64 15.94
N GLY J 280 -1.60 -13.55 15.34
CA GLY J 280 -2.64 -13.60 14.34
C GLY J 280 -3.40 -12.29 14.30
N GLN J 281 -4.54 -12.32 13.62
CA GLN J 281 -5.41 -11.16 13.50
C GLN J 281 -6.85 -11.61 13.57
N SER J 282 -7.76 -10.63 13.56
CA SER J 282 -9.18 -10.89 13.74
C SER J 282 -9.92 -11.15 12.45
N ASP J 283 -9.25 -11.08 11.30
CA ASP J 283 -9.94 -11.22 10.03
C ASP J 283 -10.63 -12.58 9.86
N PRO J 284 -9.99 -13.72 10.10
CA PRO J 284 -10.71 -14.99 9.88
C PRO J 284 -11.92 -15.18 10.77
N PHE J 285 -11.80 -14.88 12.06
CA PHE J 285 -12.93 -15.06 12.96
C PHE J 285 -14.11 -14.20 12.55
N MET J 286 -13.87 -12.93 12.24
CA MET J 286 -14.94 -12.05 11.82
C MET J 286 -15.51 -12.44 10.47
N ALA J 287 -14.68 -12.97 9.55
CA ALA J 287 -15.21 -13.45 8.28
C ALA J 287 -16.18 -14.60 8.49
N MET J 288 -15.80 -15.58 9.32
CA MET J 288 -16.69 -16.69 9.60
C MET J 288 -17.97 -16.21 10.31
N ILE J 289 -17.83 -15.30 11.27
CA ILE J 289 -19.00 -14.80 11.98
C ILE J 289 -19.95 -14.09 11.02
N GLY J 290 -19.41 -13.26 10.14
CA GLY J 290 -20.25 -12.57 9.17
C GLY J 290 -20.95 -13.53 8.22
N TRP J 291 -20.23 -14.53 7.73
CA TRP J 291 -20.86 -15.51 6.85
C TRP J 291 -21.97 -16.26 7.56
N ALA J 292 -21.74 -16.67 8.81
CA ALA J 292 -22.75 -17.41 9.53
C ALA J 292 -23.97 -16.55 9.82
N GLU J 293 -23.76 -15.28 10.20
CA GLU J 293 -24.89 -14.39 10.43
C GLU J 293 -25.69 -14.16 9.14
N LYS J 294 -24.99 -13.99 8.02
CA LYS J 294 -25.68 -13.82 6.75
C LYS J 294 -26.50 -15.06 6.40
N ALA J 295 -25.94 -16.25 6.64
CA ALA J 295 -26.68 -17.48 6.38
C ALA J 295 -27.91 -17.60 7.28
N ILE J 296 -27.77 -17.25 8.55
CA ILE J 296 -28.91 -17.31 9.47
C ILE J 296 -30.00 -16.33 9.04
N SER J 297 -29.61 -15.12 8.64
CA SER J 297 -30.58 -14.15 8.15
C SER J 297 -31.28 -14.66 6.90
N LYS J 298 -30.52 -15.28 5.98
CA LYS J 298 -31.13 -15.85 4.78
C LYS J 298 -32.15 -16.91 5.13
N ALA J 299 -31.81 -17.80 6.08
CA ALA J 299 -32.74 -18.86 6.45
C ALA J 299 -34.00 -18.29 7.11
N ILE J 300 -33.84 -17.29 7.97
CA ILE J 300 -34.98 -16.79 8.75
C ILE J 300 -35.88 -15.90 7.89
N LEU J 301 -35.33 -14.81 7.37
CA LEU J 301 -36.16 -13.87 6.63
C LEU J 301 -36.22 -14.19 5.15
N GLY J 302 -35.07 -14.50 4.55
CA GLY J 302 -34.98 -14.74 3.12
C GLY J 302 -33.92 -13.91 2.44
N GLY J 303 -33.50 -12.82 3.06
CA GLY J 303 -32.45 -11.97 2.51
C GLY J 303 -31.98 -10.94 3.49
N THR J 304 -30.67 -10.81 3.64
CA THR J 304 -30.10 -9.84 4.57
C THR J 304 -30.05 -8.45 3.96
N ASP J 322 -37.38 -6.57 -0.17
CA ASP J 322 -38.41 -6.54 0.85
C ASP J 322 -39.62 -7.37 0.42
N GLU J 323 -39.63 -7.79 -0.85
CA GLU J 323 -40.70 -8.63 -1.35
C GLU J 323 -40.63 -10.03 -0.73
N VAL J 324 -39.43 -10.55 -0.52
CA VAL J 324 -39.28 -11.90 0.01
C VAL J 324 -39.83 -12.00 1.42
N ARG J 325 -39.56 -10.99 2.25
CA ARG J 325 -40.13 -10.98 3.60
C ARG J 325 -41.65 -10.93 3.56
N ARG J 326 -42.20 -10.17 2.62
CA ARG J 326 -43.65 -10.12 2.46
C ARG J 326 -44.22 -11.48 2.09
N GLU J 327 -43.55 -12.19 1.17
CA GLU J 327 -44.03 -13.52 0.79
C GLU J 327 -43.93 -14.50 1.96
N ILE J 328 -42.84 -14.42 2.73
CA ILE J 328 -42.69 -15.27 3.91
C ILE J 328 -43.83 -15.03 4.89
N ARG J 329 -44.11 -13.74 5.16
CA ARG J 329 -45.19 -13.40 6.07
C ARG J 329 -46.52 -13.91 5.56
N ASN J 330 -46.80 -13.71 4.27
CA ASN J 330 -48.07 -14.18 3.73
C ASN J 330 -48.20 -15.69 3.86
N ALA J 331 -47.13 -16.42 3.54
CA ALA J 331 -47.20 -17.88 3.58
C ALA J 331 -47.44 -18.41 4.98
N ASP J 332 -46.62 -17.97 5.95
CA ASP J 332 -46.76 -18.54 7.28
C ASP J 332 -48.02 -18.02 7.97
N VAL J 333 -48.48 -16.80 7.61
CA VAL J 333 -49.75 -16.32 8.12
C VAL J 333 -50.90 -17.14 7.57
N GLY J 334 -50.83 -17.52 6.29
CA GLY J 334 -51.87 -18.38 5.74
C GLY J 334 -51.90 -19.75 6.41
N GLN J 335 -50.73 -20.31 6.69
CA GLN J 335 -50.67 -21.58 7.41
C GLN J 335 -51.27 -21.45 8.80
N LEU J 336 -50.94 -20.36 9.50
CA LEU J 336 -51.51 -20.12 10.83
C LEU J 336 -53.03 -19.96 10.74
N ALA J 337 -53.52 -19.28 9.72
CA ALA J 337 -54.96 -19.11 9.56
C ALA J 337 -55.64 -20.44 9.31
N ARG J 338 -55.04 -21.30 8.51
CA ARG J 338 -55.61 -22.63 8.30
C ARG J 338 -55.65 -23.42 9.61
N SER J 339 -54.58 -23.34 10.40
CA SER J 339 -54.58 -24.04 11.69
C SER J 339 -55.66 -23.49 12.62
N ILE J 340 -55.83 -22.16 12.66
CA ILE J 340 -56.84 -21.56 13.51
C ILE J 340 -58.24 -22.00 13.08
N ASN J 341 -58.50 -21.98 11.76
CA ASN J 341 -59.79 -22.42 11.27
C ASN J 341 -60.05 -23.87 11.63
N ARG J 342 -59.01 -24.71 11.57
CA ARG J 342 -59.19 -26.10 11.96
C ARG J 342 -59.51 -26.24 13.44
N ASP J 343 -58.86 -25.44 14.30
CA ASP J 343 -58.84 -25.77 15.72
C ASP J 343 -59.22 -24.62 16.66
N LEU J 344 -59.73 -23.51 16.15
CA LEU J 344 -60.18 -22.44 17.05
C LEU J 344 -61.51 -21.81 16.63
N ILE J 345 -62.10 -22.23 15.51
CA ILE J 345 -63.40 -21.74 15.07
C ILE J 345 -64.42 -22.87 15.09
N TYR J 346 -64.10 -23.98 14.42
CA TYR J 346 -64.96 -25.15 14.47
C TYR J 346 -65.21 -25.67 15.89
N PRO J 347 -64.21 -25.76 16.78
CA PRO J 347 -64.53 -26.20 18.15
C PRO J 347 -65.53 -25.30 18.85
N LEU J 348 -65.36 -23.98 18.73
CA LEU J 348 -66.31 -23.06 19.35
C LEU J 348 -67.71 -23.23 18.76
N LEU J 349 -67.79 -23.33 17.43
CA LEU J 349 -69.09 -23.50 16.79
C LEU J 349 -69.77 -24.79 17.22
N ALA J 350 -69.01 -25.88 17.30
CA ALA J 350 -69.59 -27.17 17.64
C ALA J 350 -70.01 -27.21 19.11
N LEU J 351 -69.20 -26.64 20.00
CA LEU J 351 -69.53 -26.68 21.42
C LEU J 351 -70.71 -25.76 21.74
N ASN J 352 -70.68 -24.53 21.22
CA ASN J 352 -71.73 -23.57 21.56
C ASN J 352 -73.07 -23.97 20.94
N SER J 353 -73.06 -24.40 19.68
CA SER J 353 -74.29 -24.79 19.03
C SER J 353 -74.63 -26.25 19.35
N ASP J 354 -75.88 -26.62 19.07
CA ASP J 354 -76.37 -27.98 19.30
C ASP J 354 -76.63 -28.75 18.03
N SER J 355 -76.94 -28.08 16.93
CA SER J 355 -77.18 -28.76 15.67
C SER J 355 -75.86 -29.14 15.01
N THR J 356 -75.95 -30.06 14.06
CA THR J 356 -74.77 -30.53 13.33
C THR J 356 -74.19 -29.38 12.52
N ILE J 357 -72.98 -28.95 12.88
CA ILE J 357 -72.33 -27.83 12.19
C ILE J 357 -71.97 -28.26 10.78
N ASP J 358 -72.32 -27.42 9.81
CA ASP J 358 -72.00 -27.69 8.41
C ASP J 358 -70.50 -27.53 8.21
N ILE J 359 -69.80 -28.67 8.09
CA ILE J 359 -68.35 -28.64 7.93
C ILE J 359 -67.95 -27.96 6.62
N ASN J 360 -68.75 -28.13 5.57
CA ASN J 360 -68.43 -27.50 4.29
C ASN J 360 -68.46 -25.98 4.40
N ARG J 361 -69.43 -25.43 5.12
CA ARG J 361 -69.62 -23.98 5.23
C ARG J 361 -69.50 -23.57 6.69
N LEU J 362 -68.33 -23.07 7.09
CA LEU J 362 -68.12 -22.52 8.41
C LEU J 362 -67.26 -21.26 8.29
N PRO J 363 -67.42 -20.32 9.21
CA PRO J 363 -66.61 -19.09 9.14
C PRO J 363 -65.13 -19.39 9.25
N GLY J 364 -64.35 -18.62 8.52
CA GLY J 364 -62.90 -18.79 8.50
C GLY J 364 -62.17 -17.48 8.71
N ILE J 365 -61.10 -17.54 9.49
CA ILE J 365 -60.32 -16.35 9.78
C ILE J 365 -59.54 -15.93 8.54
N VAL J 366 -59.50 -14.63 8.28
CA VAL J 366 -58.78 -14.08 7.14
C VAL J 366 -57.91 -12.93 7.64
N PHE J 367 -56.62 -12.96 7.29
CA PHE J 367 -55.71 -11.90 7.65
C PHE J 367 -55.64 -10.87 6.52
N ASP J 368 -55.60 -9.59 6.89
CA ASP J 368 -55.52 -8.50 5.92
C ASP J 368 -54.07 -8.36 5.47
N THR J 369 -53.65 -9.27 4.59
CA THR J 369 -52.29 -9.31 4.10
C THR J 369 -52.11 -8.51 2.81
N SER J 370 -53.14 -7.81 2.35
CA SER J 370 -53.02 -7.05 1.12
C SER J 370 -52.02 -5.91 1.28
N GLU J 371 -51.19 -5.71 0.25
CA GLU J 371 -50.21 -4.64 0.27
C GLU J 371 -50.91 -3.28 0.29
N ALA J 372 -50.36 -2.35 1.07
CA ALA J 372 -50.94 -1.02 1.17
C ALA J 372 -50.85 -0.31 -0.18
N GLY J 373 -51.85 0.54 -0.43
CA GLY J 373 -51.93 1.28 -1.68
C GLY J 373 -51.49 2.72 -1.48
N ASP J 374 -50.59 3.17 -2.34
CA ASP J 374 -50.10 4.54 -2.28
C ASP J 374 -51.23 5.52 -2.58
N ILE J 375 -51.55 6.38 -1.61
CA ILE J 375 -52.74 7.21 -1.70
C ILE J 375 -52.60 8.24 -2.81
N THR J 376 -51.41 8.79 -3.02
CA THR J 376 -51.25 9.85 -4.01
C THR J 376 -51.47 9.34 -5.43
N ALA J 377 -50.87 8.20 -5.77
CA ALA J 377 -51.05 7.64 -7.11
C ALA J 377 -52.49 7.25 -7.36
N LEU J 378 -53.14 6.62 -6.38
CA LEU J 378 -54.55 6.27 -6.56
C LEU J 378 -55.40 7.53 -6.70
N SER J 379 -55.12 8.55 -5.90
CA SER J 379 -55.94 9.76 -5.89
C SER J 379 -55.80 10.54 -7.19
N ASP J 380 -54.61 10.54 -7.80
CA ASP J 380 -54.47 11.26 -9.06
C ASP J 380 -54.61 10.34 -10.28
N ALA J 381 -54.89 9.06 -10.07
CA ALA J 381 -55.14 8.15 -11.19
C ALA J 381 -56.61 7.80 -11.36
N ILE J 382 -57.29 7.44 -10.27
CA ILE J 382 -58.66 6.96 -10.36
C ILE J 382 -59.61 8.01 -10.96
N PRO J 383 -59.61 9.27 -10.50
CA PRO J 383 -60.53 10.25 -11.06
C PRO J 383 -60.26 10.44 -12.55
N LYS J 384 -59.11 9.98 -13.02
CA LYS J 384 -58.73 10.15 -14.44
C LYS J 384 -59.30 8.98 -15.24
N LEU J 385 -59.35 7.81 -14.62
CA LEU J 385 -59.93 6.62 -15.29
C LEU J 385 -61.42 6.60 -14.98
N ALA J 386 -61.81 7.12 -13.83
CA ALA J 386 -63.24 7.03 -13.46
C ALA J 386 -64.05 7.51 -14.64
N ALA J 387 -63.80 8.75 -15.04
CA ALA J 387 -64.52 9.20 -16.24
C ALA J 387 -64.39 8.10 -17.27
N GLY J 388 -65.50 7.49 -17.70
CA GLY J 388 -65.42 6.51 -18.80
C GLY J 388 -65.54 5.09 -18.32
N MET J 389 -65.07 4.81 -17.11
CA MET J 389 -65.07 3.42 -16.63
C MET J 389 -65.82 3.33 -15.31
N ARG J 390 -66.73 2.36 -15.19
CA ARG J 390 -67.45 2.15 -13.89
C ARG J 390 -66.49 1.41 -12.94
N ILE J 391 -65.90 2.13 -11.99
CA ILE J 391 -64.90 1.52 -11.07
C ILE J 391 -65.55 1.49 -9.69
N PRO J 392 -65.61 0.34 -9.00
CA PRO J 392 -66.35 0.25 -7.76
C PRO J 392 -65.72 1.07 -6.67
N VAL J 393 -66.55 1.62 -5.80
CA VAL J 393 -66.03 2.41 -4.65
C VAL J 393 -65.41 1.40 -3.68
N SER J 394 -65.96 0.19 -3.66
CA SER J 394 -65.48 -0.83 -2.69
C SER J 394 -63.99 -1.10 -2.91
N TRP J 395 -63.59 -1.34 -4.16
CA TRP J 395 -62.16 -1.68 -4.40
C TRP J 395 -61.32 -0.56 -3.84
N ILE J 396 -61.74 0.68 -4.08
CA ILE J 396 -60.96 1.86 -3.57
C ILE J 396 -61.04 1.87 -2.05
N GLN J 397 -62.23 1.58 -1.51
CA GLN J 397 -62.38 1.55 -0.04
C GLN J 397 -61.36 0.56 0.52
N GLU J 398 -61.08 -0.55 -0.19
CA GLU J 398 -60.18 -1.52 0.42
C GLU J 398 -58.84 -0.86 0.79
N LYS J 399 -58.31 -0.02 -0.10
CA LYS J 399 -57.10 0.72 0.22
C LYS J 399 -57.42 1.75 1.29
N LEU J 400 -56.81 1.59 2.46
CA LEU J 400 -57.08 2.44 3.63
C LEU J 400 -58.55 2.32 3.96
N HIS J 401 -59.33 3.40 3.89
CA HIS J 401 -60.78 3.31 4.14
C HIS J 401 -61.56 3.51 2.85
N GLY K 2 -69.30 -7.24 49.93
CA GLY K 2 -67.96 -7.11 50.49
C GLY K 2 -67.00 -8.16 49.96
N ARG K 3 -67.55 -9.31 49.60
CA ARG K 3 -66.75 -10.42 49.06
C ARG K 3 -66.53 -10.15 47.57
N ILE K 4 -65.52 -9.34 47.28
CA ILE K 4 -65.23 -8.95 45.90
C ILE K 4 -64.63 -10.13 45.15
N LEU K 5 -65.09 -10.33 43.93
CA LEU K 5 -64.56 -11.38 43.06
C LEU K 5 -63.50 -10.80 42.14
N ASP K 6 -62.44 -11.58 41.90
CA ASP K 6 -61.36 -11.17 41.03
C ASP K 6 -61.76 -11.45 39.57
N ILE K 7 -60.81 -11.30 38.66
CA ILE K 7 -61.09 -11.52 37.24
C ILE K 7 -61.43 -12.97 36.97
N SER K 8 -60.87 -13.89 37.75
CA SER K 8 -61.06 -15.32 37.55
C SER K 8 -62.28 -15.86 38.29
N GLY K 9 -63.08 -14.99 38.89
CA GLY K 9 -64.30 -15.42 39.56
C GLY K 9 -64.12 -16.26 40.80
N GLN K 10 -63.11 -15.93 41.61
CA GLN K 10 -62.93 -16.57 42.92
C GLN K 10 -63.15 -15.53 44.01
N PRO K 11 -64.20 -15.65 44.81
CA PRO K 11 -64.46 -14.65 45.85
C PRO K 11 -63.36 -14.65 46.90
N PHE K 12 -63.12 -13.47 47.47
CA PHE K 12 -62.10 -13.32 48.50
C PHE K 12 -62.41 -12.05 49.28
N ASP K 13 -61.60 -11.77 50.30
CA ASP K 13 -61.71 -10.56 51.10
C ASP K 13 -60.53 -9.66 50.78
N PHE K 14 -60.81 -8.41 50.42
CA PHE K 14 -59.78 -7.45 50.06
C PHE K 14 -59.28 -6.71 51.29
N ASP K 15 -57.97 -6.59 51.41
CA ASP K 15 -57.33 -5.98 52.57
C ASP K 15 -56.51 -4.78 52.14
N ASP K 16 -56.63 -3.68 52.87
CA ASP K 16 -55.90 -2.46 52.55
C ASP K 16 -54.42 -2.56 52.89
N GLU K 17 -54.05 -3.45 53.81
CA GLU K 17 -52.66 -3.57 54.22
C GLU K 17 -51.81 -4.10 53.07
N MET K 18 -50.64 -3.48 52.88
CA MET K 18 -49.71 -3.94 51.87
C MET K 18 -49.12 -5.29 52.28
N GLN K 19 -48.94 -6.18 51.31
CA GLN K 19 -48.53 -7.55 51.63
C GLN K 19 -47.14 -7.58 52.25
N SER K 20 -46.23 -6.73 51.76
CA SER K 20 -44.89 -6.69 52.34
C SER K 20 -44.93 -6.25 53.79
N ARG K 21 -45.74 -5.23 54.10
CA ARG K 21 -45.84 -4.70 55.46
C ARG K 21 -46.82 -5.56 56.27
N SER K 22 -46.44 -6.82 56.47
CA SER K 22 -47.29 -7.77 57.18
C SER K 22 -46.65 -8.28 58.46
N ASP K 23 -45.52 -7.70 58.85
CA ASP K 23 -44.84 -8.02 60.11
C ASP K 23 -44.30 -9.45 60.11
N GLU K 24 -44.46 -10.16 59.00
CA GLU K 24 -43.91 -11.50 58.87
C GLU K 24 -42.84 -11.59 57.81
N LEU K 25 -42.83 -10.66 56.85
CA LEU K 25 -41.86 -10.65 55.77
C LEU K 25 -40.91 -9.46 55.89
N ALA K 26 -40.65 -9.04 57.12
CA ALA K 26 -39.74 -7.93 57.37
C ALA K 26 -38.28 -8.29 57.11
N MET K 27 -37.90 -9.54 57.32
CA MET K 27 -36.53 -9.99 57.14
C MET K 27 -36.27 -10.65 55.80
N VAL K 28 -37.27 -10.70 54.92
CA VAL K 28 -37.08 -11.25 53.58
C VAL K 28 -37.36 -10.23 52.48
N MET K 29 -37.96 -9.08 52.81
CA MET K 29 -38.12 -8.00 51.86
C MET K 29 -36.94 -7.03 51.85
N LYS K 30 -35.97 -7.22 52.72
CA LYS K 30 -34.80 -6.35 52.84
C LYS K 30 -33.57 -7.21 52.57
N ARG K 31 -33.14 -7.24 51.32
CA ARG K 31 -32.00 -8.02 50.87
C ARG K 31 -30.93 -7.11 50.29
N THR K 32 -29.69 -7.30 50.71
CA THR K 32 -28.59 -6.56 50.13
C THR K 32 -28.09 -7.29 48.89
N GLN K 33 -27.98 -6.56 47.78
CA GLN K 33 -27.84 -7.21 46.48
C GLN K 33 -26.51 -7.95 46.38
N GLU K 34 -26.52 -9.04 45.62
CA GLU K 34 -25.35 -9.90 45.47
C GLU K 34 -24.29 -9.32 44.56
N HIS K 35 -24.70 -8.57 43.54
CA HIS K 35 -23.79 -8.12 42.48
C HIS K 35 -23.03 -9.31 41.91
N PRO K 36 -23.71 -10.20 41.18
CA PRO K 36 -23.06 -11.42 40.70
C PRO K 36 -22.20 -11.21 39.47
N SER K 37 -22.26 -10.05 38.84
CA SER K 37 -21.54 -9.77 37.60
C SER K 37 -20.09 -9.37 37.81
N SER K 38 -19.53 -9.66 38.99
CA SER K 38 -18.13 -9.43 39.27
C SER K 38 -17.38 -10.72 38.99
N GLY K 39 -16.54 -10.71 37.95
CA GLY K 39 -15.79 -11.90 37.58
C GLY K 39 -16.63 -13.04 37.08
N VAL K 40 -17.59 -12.77 36.20
CA VAL K 40 -18.46 -13.81 35.67
C VAL K 40 -17.68 -14.67 34.68
N THR K 41 -17.79 -15.99 34.82
CA THR K 41 -17.31 -16.95 33.87
C THR K 41 -18.51 -17.58 33.16
N PRO K 42 -18.43 -17.79 31.84
CA PRO K 42 -19.58 -18.40 31.12
C PRO K 42 -20.17 -19.63 31.78
N ASN K 43 -19.36 -20.44 32.44
CA ASN K 43 -19.89 -21.58 33.18
C ASN K 43 -20.84 -21.11 34.28
N ARG K 44 -20.41 -20.12 35.05
CA ARG K 44 -21.23 -19.60 36.15
C ARG K 44 -22.45 -18.85 35.64
N ALA K 45 -22.33 -18.15 34.51
CA ALA K 45 -23.49 -17.51 33.92
C ALA K 45 -24.52 -18.56 33.48
N ALA K 46 -24.06 -19.65 32.88
CA ALA K 46 -24.98 -20.73 32.54
C ALA K 46 -25.61 -21.32 33.79
N GLN K 47 -24.84 -21.43 34.87
CA GLN K 47 -25.38 -21.99 36.11
C GLN K 47 -26.49 -21.12 36.67
N MET K 48 -26.29 -19.81 36.70
CA MET K 48 -27.34 -18.93 37.22
C MET K 48 -28.54 -18.88 36.28
N LEU K 49 -28.32 -18.96 34.97
CA LEU K 49 -29.44 -19.02 34.04
C LEU K 49 -30.26 -20.30 34.26
N ARG K 50 -29.60 -21.42 34.50
CA ARG K 50 -30.32 -22.67 34.75
C ARG K 50 -31.04 -22.63 36.09
N ASP K 51 -30.44 -21.97 37.09
CA ASP K 51 -31.12 -21.81 38.37
C ASP K 51 -32.38 -20.98 38.21
N ALA K 52 -32.31 -19.91 37.40
CA ALA K 52 -33.49 -19.11 37.11
C ALA K 52 -34.54 -19.91 36.36
N GLU K 53 -34.10 -20.73 35.40
CA GLU K 53 -35.04 -21.56 34.66
C GLU K 53 -35.76 -22.53 35.58
N ARG K 54 -35.03 -23.10 36.56
CA ARG K 54 -35.67 -24.02 37.50
C ARG K 54 -36.64 -23.32 38.44
N GLY K 55 -36.49 -22.01 38.65
CA GLY K 55 -37.44 -21.28 39.48
C GLY K 55 -36.88 -20.19 40.37
N ASP K 56 -35.60 -20.29 40.74
CA ASP K 56 -34.97 -19.30 41.62
C ASP K 56 -34.48 -18.14 40.77
N LEU K 57 -35.29 -17.09 40.69
CA LEU K 57 -35.05 -15.96 39.79
C LEU K 57 -34.16 -14.87 40.39
N THR K 58 -33.67 -15.05 41.62
CA THR K 58 -32.92 -13.98 42.28
C THR K 58 -31.63 -13.67 41.54
N ALA K 59 -30.84 -14.70 41.25
CA ALA K 59 -29.54 -14.48 40.61
C ALA K 59 -29.70 -13.85 39.25
N GLN K 60 -30.69 -14.30 38.48
CA GLN K 60 -30.95 -13.72 37.17
C GLN K 60 -31.31 -12.25 37.27
N ALA K 61 -32.13 -11.88 38.24
CA ALA K 61 -32.53 -10.48 38.39
C ALA K 61 -31.34 -9.61 38.78
N ASP K 62 -30.50 -10.09 39.71
CA ASP K 62 -29.32 -9.30 40.07
C ASP K 62 -28.38 -9.17 38.88
N LEU K 63 -28.20 -10.25 38.10
CA LEU K 63 -27.34 -10.19 36.93
C LEU K 63 -27.88 -9.21 35.90
N ALA K 64 -29.20 -9.20 35.70
CA ALA K 64 -29.80 -8.24 34.78
C ALA K 64 -29.61 -6.81 35.25
N PHE K 65 -29.74 -6.57 36.56
CA PHE K 65 -29.53 -5.23 37.09
C PHE K 65 -28.10 -4.77 36.85
N ASP K 66 -27.13 -5.65 37.11
CA ASP K 66 -25.74 -5.31 36.88
C ASP K 66 -25.47 -5.06 35.40
N MET K 67 -26.10 -5.86 34.53
CA MET K 67 -25.92 -5.65 33.10
C MET K 67 -26.51 -4.32 32.67
N GLU K 68 -27.61 -3.90 33.30
CA GLU K 68 -28.22 -2.63 32.95
C GLU K 68 -27.35 -1.46 33.38
N GLU K 69 -26.78 -1.53 34.59
CA GLU K 69 -25.99 -0.39 35.07
C GLU K 69 -24.55 -0.41 34.60
N LYS K 70 -24.02 -1.54 34.15
CA LYS K 70 -22.60 -1.63 33.81
C LYS K 70 -22.34 -1.35 32.33
N ASP K 71 -23.00 -2.10 31.44
CA ASP K 71 -22.75 -1.99 30.01
C ASP K 71 -23.43 -0.73 29.49
N THR K 72 -22.65 0.28 29.13
CA THR K 72 -23.21 1.57 28.76
C THR K 72 -24.05 1.48 27.50
N HIS K 73 -23.57 0.75 26.48
CA HIS K 73 -24.36 0.60 25.27
C HIS K 73 -25.67 -0.12 25.54
N LEU K 74 -25.63 -1.14 26.39
CA LEU K 74 -26.85 -1.85 26.76
C LEU K 74 -27.84 -0.91 27.43
N PHE K 75 -27.36 -0.06 28.35
CA PHE K 75 -28.26 0.86 29.02
C PHE K 75 -28.83 1.89 28.05
N SER K 76 -28.00 2.40 27.14
CA SER K 76 -28.50 3.37 26.17
C SER K 76 -29.59 2.75 25.30
N GLU K 77 -29.37 1.53 24.82
CA GLU K 77 -30.38 0.87 23.99
C GLU K 77 -31.65 0.58 24.79
N LEU K 78 -31.49 0.13 26.05
CA LEU K 78 -32.66 -0.19 26.86
C LEU K 78 -33.48 1.04 27.16
N SER K 79 -32.83 2.16 27.46
CA SER K 79 -33.56 3.40 27.70
C SER K 79 -34.21 3.90 26.42
N LYS K 80 -33.52 3.76 25.28
CA LYS K 80 -34.11 4.13 23.99
C LYS K 80 -35.39 3.34 23.74
N ARG K 81 -35.39 2.05 24.08
CA ARG K 81 -36.58 1.25 23.87
C ARG K 81 -37.67 1.59 24.88
N ARG K 82 -37.30 1.80 26.14
CA ARG K 82 -38.31 2.02 27.18
C ARG K 82 -38.97 3.38 27.06
N LEU K 83 -38.26 4.38 26.53
CA LEU K 83 -38.86 5.70 26.39
C LEU K 83 -39.80 5.77 25.19
N ALA K 84 -39.72 4.80 24.28
CA ALA K 84 -40.68 4.73 23.19
C ALA K 84 -42.09 4.53 23.71
N ILE K 85 -42.23 3.66 24.72
CA ILE K 85 -43.54 3.33 25.28
C ILE K 85 -44.15 4.56 25.95
N GLN K 86 -43.34 5.28 26.72
CA GLN K 86 -43.85 6.42 27.47
C GLN K 86 -44.28 7.55 26.55
N ALA K 87 -43.76 7.60 25.32
CA ALA K 87 -44.11 8.67 24.40
C ALA K 87 -45.51 8.50 23.84
N LEU K 88 -46.01 7.26 23.76
CA LEU K 88 -47.30 7.00 23.16
C LEU K 88 -48.42 7.60 24.02
N GLU K 89 -49.35 8.29 23.37
CA GLU K 89 -50.54 8.79 24.04
C GLU K 89 -51.59 7.70 24.12
N TRP K 90 -52.38 7.72 25.19
CA TRP K 90 -53.33 6.66 25.44
C TRP K 90 -54.64 7.25 25.94
N ARG K 91 -55.69 6.42 25.88
CA ARG K 91 -57.02 6.78 26.34
C ARG K 91 -57.75 5.52 26.76
N ILE K 92 -58.67 5.68 27.71
CA ILE K 92 -59.45 4.54 28.22
C ILE K 92 -60.68 4.43 27.32
N ALA K 93 -60.51 3.73 26.20
CA ALA K 93 -61.62 3.52 25.29
C ALA K 93 -62.62 2.54 25.92
N PRO K 94 -63.91 2.89 25.91
CA PRO K 94 -64.91 2.00 26.52
C PRO K 94 -65.05 0.70 25.75
N ALA K 95 -65.82 -0.21 26.32
CA ALA K 95 -66.09 -1.48 25.66
C ALA K 95 -66.86 -1.25 24.37
N ARG K 96 -66.73 -2.19 23.45
CA ARG K 96 -67.40 -2.07 22.16
C ARG K 96 -68.91 -2.01 22.34
N ASP K 97 -69.55 -1.14 21.56
CA ASP K 97 -70.98 -0.88 21.67
C ASP K 97 -71.34 -0.46 23.10
N ALA K 98 -70.58 0.47 23.63
CA ALA K 98 -70.77 0.91 25.01
C ALA K 98 -72.11 1.61 25.18
N SER K 99 -72.75 1.38 26.32
CA SER K 99 -73.99 2.06 26.65
C SER K 99 -73.67 3.43 27.23
N ALA K 100 -74.67 4.08 27.84
CA ALA K 100 -74.42 5.37 28.48
C ALA K 100 -73.49 5.21 29.69
N GLN K 101 -73.89 4.38 30.64
CA GLN K 101 -73.14 4.26 31.89
C GLN K 101 -71.74 3.74 31.66
N GLU K 102 -71.58 2.78 30.75
CA GLU K 102 -70.25 2.24 30.46
C GLU K 102 -69.34 3.32 29.89
N LYS K 103 -69.85 4.12 28.94
CA LYS K 103 -69.05 5.20 28.38
C LYS K 103 -68.70 6.24 29.44
N LYS K 104 -69.66 6.56 30.32
CA LYS K 104 -69.38 7.54 31.36
C LYS K 104 -68.32 7.04 32.33
N ASP K 105 -68.40 5.76 32.73
CA ASP K 105 -67.37 5.20 33.60
C ASP K 105 -66.01 5.15 32.92
N ALA K 106 -65.98 4.80 31.64
CA ALA K 106 -64.72 4.78 30.91
C ALA K 106 -64.11 6.17 30.83
N ASP K 107 -64.92 7.18 30.56
CA ASP K 107 -64.42 8.55 30.54
C ASP K 107 -63.93 9.00 31.91
N MET K 108 -64.66 8.60 32.97
CA MET K 108 -64.23 8.92 34.32
C MET K 108 -62.86 8.32 34.62
N LEU K 109 -62.67 7.06 34.26
CA LEU K 109 -61.36 6.43 34.44
C LEU K 109 -60.30 7.14 33.61
N ASN K 110 -60.64 7.52 32.38
CA ASN K 110 -59.69 8.22 31.52
C ASN K 110 -59.21 9.51 32.17
N GLU K 111 -60.15 10.33 32.64
CA GLU K 111 -59.78 11.61 33.25
C GLU K 111 -59.00 11.39 34.53
N TYR K 112 -59.42 10.43 35.37
CA TYR K 112 -58.70 10.20 36.61
C TYR K 112 -57.27 9.75 36.35
N LEU K 113 -57.08 8.82 35.41
CA LEU K 113 -55.74 8.31 35.14
C LEU K 113 -54.86 9.37 34.49
N HIS K 114 -55.43 10.22 33.63
CA HIS K 114 -54.65 11.32 33.10
C HIS K 114 -54.38 12.39 34.14
N ASP K 115 -55.13 12.39 35.24
CA ASP K 115 -54.90 13.33 36.35
C ASP K 115 -54.42 12.63 37.61
N ALA K 116 -53.68 11.52 37.46
CA ALA K 116 -53.07 10.85 38.60
C ALA K 116 -51.56 10.77 38.38
N ALA K 117 -50.79 11.18 39.38
CA ALA K 117 -49.35 11.28 39.21
C ALA K 117 -48.67 9.92 39.24
N TRP K 118 -49.33 8.90 39.79
CA TRP K 118 -48.69 7.60 39.97
C TRP K 118 -48.83 6.70 38.74
N PHE K 119 -49.55 7.14 37.71
CA PHE K 119 -49.68 6.29 36.52
C PHE K 119 -48.43 6.34 35.66
N GLU K 120 -47.84 7.53 35.50
CA GLU K 120 -46.62 7.63 34.72
C GLU K 120 -45.49 6.83 35.34
N ASP K 121 -45.40 6.85 36.67
CA ASP K 121 -44.45 5.98 37.36
C ASP K 121 -44.76 4.51 37.11
N ALA K 122 -46.03 4.16 37.09
CA ALA K 122 -46.42 2.78 36.82
C ALA K 122 -45.94 2.34 35.45
N LEU K 123 -46.13 3.18 34.44
CA LEU K 123 -45.73 2.85 33.08
C LEU K 123 -44.22 2.82 32.94
N PHE K 124 -43.51 3.73 33.61
CA PHE K 124 -42.05 3.73 33.54
C PHE K 124 -41.45 2.51 34.23
N ASP K 125 -42.02 2.10 35.37
CA ASP K 125 -41.50 0.94 36.09
C ASP K 125 -41.92 -0.36 35.43
N ALA K 126 -43.07 -0.39 34.76
CA ALA K 126 -43.47 -1.59 34.05
C ALA K 126 -42.53 -1.93 32.90
N GLY K 127 -41.78 -0.95 32.42
CA GLY K 127 -40.79 -1.22 31.39
C GLY K 127 -39.58 -1.99 31.88
N ASP K 128 -39.46 -2.19 33.19
CA ASP K 128 -38.37 -3.00 33.71
C ASP K 128 -38.47 -4.45 33.28
N ALA K 129 -39.68 -4.93 33.00
CA ALA K 129 -39.88 -6.32 32.60
C ALA K 129 -39.23 -6.63 31.25
N ILE K 130 -38.83 -5.60 30.50
CA ILE K 130 -38.20 -5.83 29.20
C ILE K 130 -36.93 -6.64 29.36
N LEU K 131 -36.12 -6.31 30.36
CA LEU K 131 -34.82 -6.92 30.54
C LEU K 131 -34.81 -8.04 31.58
N LYS K 132 -35.47 -7.83 32.71
CA LYS K 132 -35.46 -8.83 33.77
C LYS K 132 -36.45 -9.96 33.51
N GLY K 133 -37.59 -9.63 32.90
CA GLY K 133 -38.62 -10.62 32.58
C GLY K 133 -39.96 -10.34 33.21
N TYR K 134 -40.02 -9.57 34.30
CA TYR K 134 -41.25 -9.38 35.06
C TYR K 134 -41.07 -8.13 35.91
N SER K 135 -42.02 -7.21 35.81
CA SER K 135 -42.02 -5.99 36.62
C SER K 135 -43.17 -6.07 37.61
N MET K 136 -42.85 -6.12 38.89
CA MET K 136 -43.84 -6.27 39.95
C MET K 136 -43.87 -5.02 40.81
N GLN K 137 -45.05 -4.44 40.96
CA GLN K 137 -45.24 -3.21 41.73
C GLN K 137 -46.40 -3.39 42.69
N GLU K 138 -46.20 -3.00 43.94
CA GLU K 138 -47.28 -3.08 44.91
C GLU K 138 -48.21 -1.90 44.74
N ILE K 139 -49.42 -2.05 45.27
CA ILE K 139 -50.46 -1.04 45.21
C ILE K 139 -50.83 -0.67 46.63
N GLU K 140 -50.51 0.55 47.05
CA GLU K 140 -50.90 1.05 48.36
C GLU K 140 -52.26 1.71 48.21
N TRP K 141 -53.32 0.99 48.53
CA TRP K 141 -54.67 1.49 48.34
C TRP K 141 -54.97 2.63 49.29
N GLY K 142 -55.69 3.63 48.80
CA GLY K 142 -56.01 4.79 49.61
C GLY K 142 -57.42 5.27 49.30
N TRP K 143 -57.93 6.11 50.21
CA TRP K 143 -59.28 6.64 50.11
C TRP K 143 -59.20 8.05 49.53
N LEU K 144 -59.67 8.21 48.29
CA LEU K 144 -59.76 9.50 47.63
C LEU K 144 -61.23 9.88 47.55
N GLY K 145 -61.68 10.72 48.49
CA GLY K 145 -63.08 11.07 48.55
C GLY K 145 -63.97 9.87 48.78
N LYS K 146 -64.72 9.48 47.75
CA LYS K 146 -65.54 8.27 47.78
C LYS K 146 -65.12 7.31 46.68
N MET K 147 -63.81 7.16 46.50
CA MET K 147 -63.25 6.24 45.52
C MET K 147 -62.01 5.59 46.12
N ARG K 148 -61.99 4.26 46.15
CA ARG K 148 -60.86 3.52 46.69
C ARG K 148 -59.87 3.29 45.56
N VAL K 149 -58.90 4.19 45.42
CA VAL K 149 -57.97 4.17 44.30
C VAL K 149 -56.54 4.19 44.83
N PRO K 150 -55.56 3.67 44.08
CA PRO K 150 -54.18 3.66 44.57
C PRO K 150 -53.65 5.07 44.77
N VAL K 151 -52.78 5.22 45.77
CA VAL K 151 -52.11 6.48 46.03
C VAL K 151 -50.61 6.41 45.78
N ALA K 152 -50.04 5.22 45.66
CA ALA K 152 -48.61 5.07 45.39
C ALA K 152 -48.35 3.64 44.93
N LEU K 153 -47.48 3.50 43.93
CA LEU K 153 -47.10 2.20 43.39
C LEU K 153 -45.60 2.03 43.60
N HIS K 154 -45.24 1.23 44.60
CA HIS K 154 -43.85 0.98 44.90
C HIS K 154 -43.32 -0.20 44.07
N HIS K 155 -42.17 0.00 43.45
CA HIS K 155 -41.54 -1.03 42.62
C HIS K 155 -40.64 -1.88 43.50
N ARG K 156 -41.13 -3.06 43.89
CA ARG K 156 -40.32 -3.96 44.70
C ARG K 156 -39.23 -4.60 43.86
N ASP K 157 -38.16 -5.02 44.53
CA ASP K 157 -37.04 -5.61 43.82
C ASP K 157 -37.45 -6.94 43.20
N PRO K 158 -37.16 -7.18 41.93
CA PRO K 158 -37.59 -8.42 41.28
C PRO K 158 -37.00 -9.68 41.89
N ALA K 159 -35.90 -9.57 42.64
CA ALA K 159 -35.29 -10.74 43.24
C ALA K 159 -36.13 -11.32 44.37
N LEU K 160 -37.10 -10.58 44.90
CA LEU K 160 -37.93 -11.07 45.98
C LEU K 160 -38.95 -12.11 45.55
N PHE K 161 -39.13 -12.32 44.25
CA PHE K 161 -40.19 -13.19 43.73
C PHE K 161 -39.56 -14.42 43.11
N CYS K 162 -40.01 -15.59 43.54
CA CYS K 162 -39.60 -16.86 42.97
C CYS K 162 -40.80 -17.54 42.35
N ALA K 163 -40.62 -18.04 41.13
CA ALA K 163 -41.72 -18.74 40.46
C ALA K 163 -42.05 -20.02 41.20
N ASN K 164 -43.33 -20.38 41.18
CA ASN K 164 -43.75 -21.61 41.83
C ASN K 164 -43.08 -22.81 41.16
N PRO K 165 -42.56 -23.76 41.93
CA PRO K 165 -42.00 -24.96 41.32
C PRO K 165 -43.03 -25.76 40.52
N ASP K 166 -44.31 -25.57 40.79
CA ASP K 166 -45.39 -26.18 40.03
C ASP K 166 -46.07 -25.13 39.18
N ASN K 167 -46.28 -25.48 37.91
CA ASN K 167 -46.96 -24.68 36.88
C ASN K 167 -46.06 -23.52 36.42
N LEU K 168 -45.00 -23.25 37.16
CA LEU K 168 -43.83 -22.50 36.67
C LEU K 168 -44.17 -21.18 35.98
N ASN K 169 -45.39 -20.69 36.14
CA ASN K 169 -45.80 -19.44 35.51
C ASN K 169 -46.48 -18.48 36.46
N GLU K 170 -46.63 -18.83 37.73
CA GLU K 170 -47.24 -17.97 38.73
C GLU K 170 -46.15 -17.42 39.62
N LEU K 171 -45.92 -16.11 39.54
CA LEU K 171 -44.95 -15.46 40.40
C LEU K 171 -45.47 -15.44 41.83
N ARG K 172 -44.66 -15.93 42.77
CA ARG K 172 -45.03 -16.01 44.16
C ARG K 172 -43.97 -15.31 45.01
N LEU K 173 -44.42 -14.44 45.90
CA LEU K 173 -43.49 -13.74 46.78
C LEU K 173 -42.74 -14.73 47.66
N ARG K 174 -41.42 -14.57 47.73
CA ARG K 174 -40.60 -15.52 48.46
C ARG K 174 -40.82 -15.36 49.96
N ASP K 175 -41.06 -16.49 50.63
CA ASP K 175 -41.30 -16.50 52.07
C ASP K 175 -40.52 -17.63 52.73
N ALA K 176 -39.35 -17.95 52.17
CA ALA K 176 -38.51 -19.03 52.69
C ALA K 176 -39.27 -20.36 52.75
N SER K 177 -40.10 -20.59 51.73
CA SER K 177 -40.91 -21.80 51.66
C SER K 177 -40.73 -22.45 50.30
N TYR K 178 -41.00 -23.75 50.24
CA TYR K 178 -40.86 -24.49 48.99
C TYR K 178 -41.82 -23.97 47.94
N HIS K 179 -43.11 -23.88 48.27
CA HIS K 179 -44.08 -23.34 47.34
C HIS K 179 -43.95 -21.82 47.23
N GLY K 180 -43.75 -21.15 48.36
CA GLY K 180 -43.66 -19.70 48.35
C GLY K 180 -45.01 -19.05 48.55
N LEU K 181 -44.98 -17.88 49.18
CA LEU K 181 -46.21 -17.14 49.44
C LEU K 181 -46.76 -16.57 48.14
N GLU K 182 -48.04 -16.82 47.89
CA GLU K 182 -48.69 -16.28 46.70
C GLU K 182 -48.91 -14.77 46.86
N LEU K 183 -49.22 -14.13 45.74
CA LEU K 183 -49.47 -12.70 45.75
C LEU K 183 -50.85 -12.40 46.34
N GLN K 184 -50.90 -11.39 47.21
CA GLN K 184 -52.18 -10.93 47.72
C GLN K 184 -53.00 -10.33 46.60
N PRO K 185 -54.27 -10.73 46.45
CA PRO K 185 -55.06 -10.24 45.33
C PRO K 185 -55.32 -8.74 45.41
N PHE K 186 -55.41 -8.12 44.24
CA PHE K 186 -55.69 -6.69 44.10
C PHE K 186 -54.63 -5.84 44.78
N GLY K 187 -53.42 -6.37 44.95
CA GLY K 187 -52.36 -5.62 45.59
C GLY K 187 -50.99 -5.84 44.99
N TRP K 188 -50.94 -6.23 43.71
CA TRP K 188 -49.66 -6.52 43.07
C TRP K 188 -49.81 -6.32 41.58
N PHE K 189 -49.35 -5.17 41.08
CA PHE K 189 -49.38 -4.88 39.65
C PHE K 189 -48.26 -5.63 38.97
N MET K 190 -48.59 -6.71 38.27
CA MET K 190 -47.63 -7.58 37.62
C MET K 190 -47.73 -7.41 36.11
N HIS K 191 -46.59 -7.15 35.47
CA HIS K 191 -46.53 -7.00 34.02
C HIS K 191 -45.44 -7.93 33.50
N ARG K 192 -45.86 -9.05 32.90
CA ARG K 192 -44.92 -10.04 32.38
C ARG K 192 -44.76 -9.80 30.89
N ALA K 193 -43.65 -9.17 30.51
CA ALA K 193 -43.38 -8.85 29.11
C ALA K 193 -42.64 -10.02 28.49
N LYS K 194 -43.36 -10.85 27.73
CA LYS K 194 -42.79 -12.03 27.09
C LYS K 194 -42.30 -11.65 25.70
N SER K 195 -40.99 -11.41 25.58
CA SER K 195 -40.40 -11.24 24.26
C SER K 195 -40.23 -12.57 23.55
N ARG K 196 -39.98 -13.63 24.31
CA ARG K 196 -39.82 -14.98 23.77
C ARG K 196 -40.79 -15.90 24.49
N THR K 197 -41.44 -16.77 23.72
CA THR K 197 -42.40 -17.70 24.31
C THR K 197 -41.71 -18.63 25.29
N GLY K 198 -42.41 -18.95 26.38
CA GLY K 198 -41.83 -19.80 27.41
C GLY K 198 -42.39 -19.42 28.76
N TYR K 199 -41.62 -19.76 29.80
CA TYR K 199 -42.03 -19.54 31.17
C TYR K 199 -41.64 -18.14 31.64
N VAL K 200 -41.95 -17.84 32.89
CA VAL K 200 -41.76 -16.48 33.40
C VAL K 200 -40.29 -16.14 33.51
N GLY K 201 -39.45 -17.09 33.92
CA GLY K 201 -38.03 -16.80 34.05
C GLY K 201 -37.32 -16.73 32.70
N THR K 202 -37.85 -17.44 31.70
CA THR K 202 -37.16 -17.55 30.42
C THR K 202 -37.32 -16.28 29.59
N ASN K 203 -38.51 -15.68 29.60
CA ASN K 203 -38.87 -14.68 28.58
C ASN K 203 -38.11 -13.36 28.72
N GLY K 204 -37.25 -13.19 29.70
CA GLY K 204 -36.48 -11.96 29.80
C GLY K 204 -35.39 -11.88 28.75
N LEU K 205 -35.02 -10.66 28.40
CA LEU K 205 -33.94 -10.44 27.44
C LEU K 205 -32.56 -10.66 28.02
N VAL K 206 -32.44 -10.81 29.34
CA VAL K 206 -31.14 -11.09 29.93
C VAL K 206 -30.61 -12.44 29.48
N ARG K 207 -31.50 -13.40 29.20
CA ARG K 207 -31.07 -14.71 28.73
C ARG K 207 -30.30 -14.60 27.42
N THR K 208 -30.80 -13.78 26.49
CA THR K 208 -30.11 -13.59 25.22
C THR K 208 -28.90 -12.67 25.35
N LEU K 209 -29.01 -11.63 26.17
CA LEU K 209 -28.00 -10.57 26.20
C LEU K 209 -26.84 -10.85 27.15
N ILE K 210 -26.91 -11.92 27.95
CA ILE K 210 -25.82 -12.17 28.89
C ILE K 210 -24.52 -12.49 28.15
N TRP K 211 -24.62 -13.19 27.02
CA TRP K 211 -23.40 -13.60 26.32
C TRP K 211 -22.71 -12.43 25.63
N PRO K 212 -23.38 -11.61 24.80
CA PRO K 212 -22.69 -10.44 24.24
C PRO K 212 -22.19 -9.49 25.31
N PHE K 213 -22.93 -9.35 26.42
CA PHE K 213 -22.45 -8.51 27.52
C PHE K 213 -21.11 -9.02 28.04
N ILE K 214 -21.02 -10.33 28.31
CA ILE K 214 -19.79 -10.91 28.83
C ILE K 214 -18.66 -10.70 27.84
N PHE K 215 -18.90 -11.00 26.56
CA PHE K 215 -17.84 -10.89 25.57
C PHE K 215 -17.36 -9.46 25.44
N LYS K 216 -18.29 -8.50 25.34
CA LYS K 216 -17.91 -7.10 25.17
C LYS K 216 -17.13 -6.60 26.37
N ASN K 217 -17.60 -6.91 27.59
CA ASN K 217 -16.93 -6.35 28.76
C ASN K 217 -15.57 -7.01 29.00
N TYR K 218 -15.45 -8.31 28.75
CA TYR K 218 -14.14 -8.93 28.87
C TYR K 218 -13.17 -8.37 27.85
N SER K 219 -13.64 -8.16 26.61
CA SER K 219 -12.78 -7.55 25.60
C SER K 219 -12.37 -6.14 26.00
N VAL K 220 -13.31 -5.37 26.56
CA VAL K 220 -13.01 -3.99 26.95
C VAL K 220 -11.96 -3.97 28.06
N ARG K 221 -12.12 -4.82 29.07
CA ARG K 221 -11.14 -4.83 30.15
C ARG K 221 -9.79 -5.30 29.67
N ASP K 222 -9.75 -6.32 28.81
CA ASP K 222 -8.48 -6.77 28.26
C ASP K 222 -7.82 -5.67 27.44
N PHE K 223 -8.60 -4.93 26.66
CA PHE K 223 -8.06 -3.84 25.87
C PHE K 223 -7.49 -2.74 26.76
N ALA K 224 -8.20 -2.40 27.83
CA ALA K 224 -7.71 -1.38 28.75
C ALA K 224 -6.40 -1.82 29.41
N GLU K 225 -6.33 -3.08 29.83
CA GLU K 225 -5.09 -3.58 30.42
C GLU K 225 -3.96 -3.60 29.40
N PHE K 226 -4.28 -3.87 28.14
CA PHE K 226 -3.27 -3.82 27.09
C PHE K 226 -2.74 -2.40 26.91
N LEU K 227 -3.63 -1.41 26.92
CA LEU K 227 -3.17 -0.03 26.83
C LEU K 227 -2.41 0.41 28.08
N GLU K 228 -2.65 -0.25 29.21
CA GLU K 228 -1.89 0.07 30.41
C GLU K 228 -0.40 -0.16 30.20
N ILE K 229 -0.06 -1.14 29.36
CA ILE K 229 1.33 -1.55 29.19
C ILE K 229 1.89 -1.14 27.83
N TYR K 230 1.05 -1.00 26.81
CA TYR K 230 1.53 -0.80 25.45
C TYR K 230 2.29 0.51 25.31
N GLY K 231 3.26 0.51 24.40
CA GLY K 231 4.03 1.65 23.91
C GLY K 231 5.08 2.15 24.89
N LEU K 232 5.43 1.38 25.92
CA LEU K 232 6.45 1.77 26.88
C LEU K 232 7.30 0.55 27.20
N PRO K 233 8.45 0.39 26.54
CA PRO K 233 9.22 -0.85 26.69
C PRO K 233 9.76 -1.00 28.10
N MET K 234 9.91 -2.26 28.51
CA MET K 234 10.54 -2.56 29.79
C MET K 234 12.02 -2.17 29.73
N ARG K 235 12.51 -1.63 30.84
CA ARG K 235 13.86 -1.08 30.94
C ARG K 235 14.67 -1.94 31.90
N VAL K 236 15.38 -2.92 31.36
CA VAL K 236 16.16 -3.86 32.16
C VAL K 236 17.63 -3.49 32.08
N GLY K 237 18.31 -3.51 33.22
CA GLY K 237 19.75 -3.31 33.28
C GLY K 237 20.41 -4.59 33.76
N LYS K 238 21.48 -4.98 33.09
CA LYS K 238 22.20 -6.21 33.40
C LYS K 238 23.53 -5.85 34.05
N TYR K 239 23.52 -5.73 35.37
CA TYR K 239 24.75 -5.43 36.09
C TYR K 239 25.66 -6.66 36.08
N PRO K 240 26.97 -6.47 35.90
CA PRO K 240 27.88 -7.62 35.96
C PRO K 240 27.82 -8.27 37.33
N THR K 241 27.91 -9.59 37.34
CA THR K 241 27.86 -10.31 38.60
C THR K 241 29.08 -9.96 39.44
N GLY K 242 28.91 -10.04 40.76
CA GLY K 242 29.93 -9.61 41.68
C GLY K 242 29.89 -8.15 42.03
N SER K 243 28.97 -7.38 41.44
CA SER K 243 28.84 -5.97 41.80
C SER K 243 28.39 -5.85 43.25
N THR K 244 28.92 -4.83 43.93
CA THR K 244 28.60 -4.63 45.34
C THR K 244 27.11 -4.37 45.52
N ASN K 245 26.61 -4.69 46.71
CA ASN K 245 25.20 -4.50 47.02
C ASN K 245 24.77 -3.04 46.98
N ARG K 246 25.73 -2.11 47.03
CA ARG K 246 25.44 -0.69 46.90
C ARG K 246 25.31 -0.23 45.45
N GLU K 247 26.02 -0.87 44.53
CA GLU K 247 25.98 -0.49 43.12
C GLU K 247 24.78 -1.04 42.38
N LYS K 248 24.07 -2.00 42.96
CA LYS K 248 22.79 -2.43 42.41
C LYS K 248 21.66 -1.44 42.71
N ALA K 249 21.66 -0.84 43.90
CA ALA K 249 20.66 0.17 44.24
C ALA K 249 20.77 1.42 43.37
N THR K 250 21.99 1.92 43.16
CA THR K 250 22.15 3.08 42.29
C THR K 250 21.77 2.74 40.86
N LEU K 251 22.13 1.56 40.39
CA LEU K 251 21.77 1.16 39.04
C LEU K 251 20.25 1.09 38.88
N MET K 252 19.56 0.56 39.89
CA MET K 252 18.11 0.44 39.79
C MET K 252 17.44 1.80 39.88
N GLN K 253 17.95 2.68 40.75
CA GLN K 253 17.42 4.03 40.81
C GLN K 253 17.69 4.81 39.53
N ALA K 254 18.73 4.47 38.80
CA ALA K 254 18.99 5.09 37.50
C ALA K 254 18.07 4.53 36.42
N VAL K 255 17.97 3.21 36.32
CA VAL K 255 17.15 2.59 35.30
C VAL K 255 15.67 2.91 35.50
N MET K 256 15.28 3.30 36.70
CA MET K 256 13.93 3.79 36.96
C MET K 256 13.84 5.30 36.88
N ASP K 257 14.93 5.98 36.54
CA ASP K 257 14.94 7.43 36.35
C ASP K 257 14.90 7.82 34.89
N ILE K 258 14.71 6.86 33.99
CA ILE K 258 14.63 7.16 32.56
C ILE K 258 13.30 7.84 32.27
N GLY K 259 13.35 9.04 31.72
CA GLY K 259 12.16 9.78 31.38
C GLY K 259 12.25 10.43 30.01
N ARG K 260 11.91 11.70 29.91
CA ARG K 260 12.00 12.41 28.65
C ARG K 260 13.44 12.83 28.40
N ARG K 261 13.98 12.45 27.24
CA ARG K 261 15.34 12.81 26.84
C ARG K 261 16.36 12.34 27.87
N ALA K 262 16.08 11.20 28.49
CA ALA K 262 17.01 10.65 29.46
C ALA K 262 18.31 10.27 28.80
N GLY K 263 19.42 10.58 29.46
CA GLY K 263 20.73 10.26 28.92
C GLY K 263 21.78 10.17 30.01
N GLY K 264 22.52 9.07 30.03
CA GLY K 264 23.49 8.88 31.09
C GLY K 264 24.65 8.02 30.63
N ILE K 265 25.45 7.61 31.60
CA ILE K 265 26.67 6.85 31.34
C ILE K 265 26.56 5.50 32.03
N ILE K 266 27.04 4.46 31.35
CA ILE K 266 27.12 3.13 31.93
C ILE K 266 28.50 2.54 31.66
N PRO K 267 29.04 1.76 32.58
CA PRO K 267 30.33 1.12 32.33
C PRO K 267 30.25 0.14 31.16
N MET K 268 31.42 -0.27 30.68
CA MET K 268 31.47 -1.18 29.54
C MET K 268 30.84 -2.52 29.87
N GLY K 269 30.90 -2.93 31.14
CA GLY K 269 30.36 -4.23 31.53
C GLY K 269 28.86 -4.27 31.76
N MET K 270 28.19 -3.13 31.73
CA MET K 270 26.76 -3.06 31.95
C MET K 270 26.00 -2.93 30.63
N THR K 271 24.74 -3.35 30.65
CA THR K 271 23.88 -3.25 29.48
C THR K 271 22.55 -2.66 29.90
N LEU K 272 21.89 -2.00 28.96
CA LEU K 272 20.63 -1.31 29.23
C LEU K 272 19.62 -1.61 28.12
N ASP K 273 19.45 -2.89 27.81
CA ASP K 273 18.55 -3.29 26.74
C ASP K 273 17.12 -2.90 27.06
N PHE K 274 16.37 -2.54 26.02
CA PHE K 274 14.96 -2.16 26.13
C PHE K 274 14.13 -3.25 25.47
N GLN K 275 13.33 -3.95 26.27
CA GLN K 275 12.49 -5.03 25.77
C GLN K 275 11.02 -4.61 25.83
N SER K 276 10.31 -4.83 24.73
CA SER K 276 8.90 -4.49 24.68
C SER K 276 8.08 -5.41 25.58
N ALA K 277 7.09 -4.84 26.25
CA ALA K 277 6.24 -5.59 27.16
C ALA K 277 4.84 -5.84 26.65
N ALA K 278 4.47 -5.26 25.50
CA ALA K 278 3.14 -5.47 24.93
C ALA K 278 3.23 -5.20 23.44
N ASP K 279 3.07 -6.23 22.63
CA ASP K 279 3.13 -6.12 21.18
C ASP K 279 1.78 -6.49 20.59
N GLY K 280 1.29 -5.67 19.68
CA GLY K 280 0.03 -5.91 19.03
C GLY K 280 -0.60 -4.61 18.58
N GLN K 281 -1.87 -4.69 18.23
CA GLN K 281 -2.62 -3.52 17.78
C GLN K 281 -4.04 -3.62 18.33
N SER K 282 -4.82 -2.57 18.09
CA SER K 282 -6.16 -2.46 18.65
C SER K 282 -7.24 -3.07 17.77
N ASP K 283 -6.89 -3.60 16.60
CA ASP K 283 -7.92 -4.10 15.68
C ASP K 283 -8.75 -5.24 16.26
N PRO K 284 -8.16 -6.29 16.86
CA PRO K 284 -9.02 -7.38 17.36
C PRO K 284 -9.97 -6.96 18.46
N PHE K 285 -9.49 -6.19 19.44
CA PHE K 285 -10.34 -5.77 20.54
C PHE K 285 -11.51 -4.94 20.03
N MET K 286 -11.24 -3.97 19.15
CA MET K 286 -12.32 -3.15 18.61
C MET K 286 -13.26 -3.93 17.71
N ALA K 287 -12.75 -4.92 16.98
CA ALA K 287 -13.63 -5.76 16.18
C ALA K 287 -14.61 -6.53 17.07
N MET K 288 -14.11 -7.14 18.14
CA MET K 288 -15.00 -7.85 19.05
C MET K 288 -15.99 -6.90 19.72
N ILE K 289 -15.52 -5.72 20.13
CA ILE K 289 -16.42 -4.75 20.77
C ILE K 289 -17.51 -4.32 19.82
N GLY K 290 -17.15 -4.03 18.56
CA GLY K 290 -18.15 -3.64 17.58
C GLY K 290 -19.16 -4.74 17.31
N TRP K 291 -18.69 -5.98 17.18
CA TRP K 291 -19.62 -7.09 16.96
C TRP K 291 -20.57 -7.26 18.13
N ALA K 292 -20.04 -7.17 19.35
CA ALA K 292 -20.90 -7.34 20.53
C ALA K 292 -21.91 -6.22 20.65
N GLU K 293 -21.50 -4.98 20.38
CA GLU K 293 -22.45 -3.87 20.42
C GLU K 293 -23.52 -4.01 19.36
N LYS K 294 -23.13 -4.46 18.16
CA LYS K 294 -24.12 -4.69 17.11
C LYS K 294 -25.11 -5.77 17.51
N ALA K 295 -24.62 -6.85 18.12
CA ALA K 295 -25.52 -7.91 18.58
C ALA K 295 -26.47 -7.41 19.66
N ILE K 296 -25.96 -6.61 20.60
CA ILE K 296 -26.81 -6.07 21.66
C ILE K 296 -27.89 -5.17 21.07
N SER K 297 -27.51 -4.32 20.11
CA SER K 297 -28.50 -3.46 19.47
C SER K 297 -29.53 -4.28 18.72
N LYS K 298 -29.11 -5.35 18.05
CA LYS K 298 -30.05 -6.23 17.36
C LYS K 298 -31.05 -6.84 18.34
N ALA K 299 -30.54 -7.32 19.48
CA ALA K 299 -31.43 -7.93 20.47
C ALA K 299 -32.42 -6.91 21.03
N ILE K 300 -31.94 -5.71 21.33
CA ILE K 300 -32.78 -4.73 22.02
C ILE K 300 -33.80 -4.11 21.07
N LEU K 301 -33.31 -3.44 20.02
CA LEU K 301 -34.22 -2.73 19.12
C LEU K 301 -34.69 -3.61 17.98
N GLY K 302 -33.78 -4.35 17.35
CA GLY K 302 -34.09 -5.15 16.19
C GLY K 302 -33.18 -4.90 15.02
N GLY K 303 -32.51 -3.75 15.00
CA GLY K 303 -31.59 -3.42 13.94
C GLY K 303 -30.77 -2.18 14.25
N THR K 304 -29.46 -2.26 14.06
CA THR K 304 -28.59 -1.14 14.34
C THR K 304 -28.59 -0.15 13.18
N ASP K 322 -36.54 1.30 10.20
CA ASP K 322 -37.27 1.93 11.31
C ASP K 322 -38.61 1.26 11.53
N GLU K 323 -38.98 0.37 10.60
CA GLU K 323 -40.22 -0.37 10.75
C GLU K 323 -40.13 -1.38 11.89
N VAL K 324 -38.95 -2.00 12.06
CA VAL K 324 -38.78 -3.03 13.08
C VAL K 324 -38.96 -2.44 14.47
N ARG K 325 -38.39 -1.25 14.70
CA ARG K 325 -38.57 -0.60 16.00
C ARG K 325 -40.04 -0.28 16.25
N ARG K 326 -40.75 0.14 15.20
CA ARG K 326 -42.18 0.40 15.34
C ARG K 326 -42.94 -0.86 15.72
N GLU K 327 -42.61 -1.98 15.09
CA GLU K 327 -43.29 -3.24 15.43
C GLU K 327 -42.98 -3.66 16.86
N ILE K 328 -41.72 -3.49 17.28
CA ILE K 328 -41.35 -3.82 18.67
C ILE K 328 -42.15 -2.97 19.65
N ARG K 329 -42.23 -1.67 19.38
CA ARG K 329 -42.99 -0.79 20.24
C ARG K 329 -44.46 -1.18 20.29
N ASN K 330 -45.05 -1.47 19.13
CA ASN K 330 -46.46 -1.86 19.11
C ASN K 330 -46.68 -3.14 19.91
N ALA K 331 -45.80 -4.13 19.75
CA ALA K 331 -45.98 -5.41 20.42
C ALA K 331 -45.89 -5.26 21.94
N ASP K 332 -44.82 -4.64 22.42
CA ASP K 332 -44.66 -4.59 23.87
C ASP K 332 -45.63 -3.59 24.50
N VAL K 333 -46.05 -2.57 23.75
CA VAL K 333 -47.09 -1.69 24.23
C VAL K 333 -48.42 -2.42 24.34
N GLY K 334 -48.73 -3.28 23.37
CA GLY K 334 -49.94 -4.08 23.47
C GLY K 334 -49.92 -5.02 24.66
N GLN K 335 -48.77 -5.64 24.91
CA GLN K 335 -48.65 -6.50 26.09
C GLN K 335 -48.83 -5.70 27.38
N LEU K 336 -48.23 -4.52 27.45
CA LEU K 336 -48.42 -3.66 28.62
C LEU K 336 -49.87 -3.25 28.79
N ALA K 337 -50.56 -2.96 27.68
CA ALA K 337 -51.97 -2.59 27.76
C ALA K 337 -52.82 -3.74 28.26
N ARG K 338 -52.52 -4.97 27.81
CA ARG K 338 -53.24 -6.12 28.34
C ARG K 338 -53.01 -6.29 29.83
N SER K 339 -51.76 -6.12 30.28
CA SER K 339 -51.47 -6.21 31.70
C SER K 339 -52.22 -5.15 32.50
N ILE K 340 -52.25 -3.91 31.99
CA ILE K 340 -52.95 -2.83 32.68
C ILE K 340 -54.44 -3.12 32.76
N ASN K 341 -55.03 -3.58 31.65
CA ASN K 341 -56.45 -3.93 31.67
C ASN K 341 -56.73 -5.03 32.68
N ARG K 342 -55.83 -6.00 32.78
CA ARG K 342 -56.02 -7.06 33.77
C ARG K 342 -55.95 -6.52 35.19
N ASP K 343 -55.03 -5.59 35.47
CA ASP K 343 -54.66 -5.31 36.84
C ASP K 343 -54.67 -3.84 37.25
N LEU K 344 -55.20 -2.94 36.42
CA LEU K 344 -55.30 -1.55 36.83
C LEU K 344 -56.62 -0.90 36.46
N ILE K 345 -57.51 -1.59 35.77
CA ILE K 345 -58.84 -1.08 35.45
C ILE K 345 -59.92 -1.90 36.14
N TYR K 346 -59.88 -3.22 35.99
CA TYR K 346 -60.82 -4.07 36.72
C TYR K 346 -60.71 -3.93 38.23
N PRO K 347 -59.53 -3.84 38.86
CA PRO K 347 -59.52 -3.62 40.31
C PRO K 347 -60.21 -2.33 40.73
N LEU K 348 -59.97 -1.23 40.02
CA LEU K 348 -60.63 0.02 40.35
C LEU K 348 -62.13 -0.09 40.18
N LEU K 349 -62.58 -0.71 39.08
CA LEU K 349 -64.02 -0.86 38.85
C LEU K 349 -64.66 -1.71 39.93
N ALA K 350 -64.01 -2.81 40.33
CA ALA K 350 -64.59 -3.70 41.31
C ALA K 350 -64.62 -3.07 42.70
N LEU K 351 -63.55 -2.37 43.07
CA LEU K 351 -63.50 -1.75 44.40
C LEU K 351 -64.47 -0.58 44.51
N ASN K 352 -64.46 0.31 43.52
CA ASN K 352 -65.29 1.50 43.61
C ASN K 352 -66.78 1.15 43.50
N SER K 353 -67.14 0.26 42.58
CA SER K 353 -68.53 -0.12 42.42
C SER K 353 -68.91 -1.21 43.42
N ASP K 354 -70.21 -1.41 43.58
CA ASP K 354 -70.73 -2.44 44.48
C ASP K 354 -71.39 -3.60 43.76
N SER K 355 -71.93 -3.38 42.57
CA SER K 355 -72.56 -4.44 41.80
C SER K 355 -71.50 -5.31 41.13
N THR K 356 -71.92 -6.50 40.70
CA THR K 356 -71.02 -7.44 40.04
C THR K 356 -70.57 -6.85 38.71
N ILE K 357 -69.27 -6.55 38.60
CA ILE K 357 -68.73 -5.96 37.37
C ILE K 357 -68.80 -6.97 36.25
N ASP K 358 -69.31 -6.55 35.11
CA ASP K 358 -69.40 -7.41 33.92
C ASP K 358 -68.00 -7.65 33.39
N ILE K 359 -67.47 -8.85 33.63
CA ILE K 359 -66.11 -9.16 33.19
C ILE K 359 -66.01 -9.16 31.67
N ASN K 360 -67.07 -9.58 30.98
CA ASN K 360 -67.05 -9.59 29.52
C ASN K 360 -66.91 -8.18 28.96
N ARG K 361 -67.60 -7.22 29.54
CA ARG K 361 -67.62 -5.84 29.04
C ARG K 361 -67.09 -4.91 30.13
N LEU K 362 -65.82 -4.54 30.02
CA LEU K 362 -65.22 -3.54 30.88
C LEU K 362 -64.31 -2.64 30.07
N PRO K 363 -64.13 -1.39 30.48
CA PRO K 363 -63.27 -0.47 29.73
C PRO K 363 -61.84 -0.99 29.65
N GLY K 364 -61.21 -0.74 28.51
CA GLY K 364 -59.85 -1.19 28.28
C GLY K 364 -58.98 -0.07 27.76
N ILE K 365 -57.73 -0.02 28.24
CA ILE K 365 -56.81 1.02 27.82
C ILE K 365 -56.35 0.73 26.40
N VAL K 366 -56.26 1.79 25.59
CA VAL K 366 -55.82 1.68 24.20
C VAL K 366 -54.76 2.74 23.97
N PHE K 367 -53.62 2.33 23.41
CA PHE K 367 -52.54 3.24 23.08
C PHE K 367 -52.68 3.70 21.62
N ASP K 368 -52.43 4.98 21.38
CA ASP K 368 -52.52 5.54 20.04
C ASP K 368 -51.23 5.21 19.29
N THR K 369 -51.14 3.96 18.85
CA THR K 369 -49.97 3.46 18.15
C THR K 369 -50.06 3.62 16.63
N SER K 370 -51.10 4.27 16.13
CA SER K 370 -51.25 4.43 14.69
C SER K 370 -50.14 5.32 14.13
N GLU K 371 -49.61 4.92 12.98
CA GLU K 371 -48.57 5.70 12.33
C GLU K 371 -49.11 7.06 11.89
N ALA K 372 -48.30 8.09 12.06
CA ALA K 372 -48.70 9.43 11.68
C ALA K 372 -48.92 9.52 10.17
N GLY K 373 -49.87 10.36 9.77
CA GLY K 373 -50.21 10.54 8.38
C GLY K 373 -49.60 11.83 7.85
N ASP K 374 -48.93 11.71 6.70
CA ASP K 374 -48.32 12.87 6.05
C ASP K 374 -49.40 13.84 5.59
N ILE K 375 -49.36 15.05 6.14
CA ILE K 375 -50.46 16.00 5.92
C ILE K 375 -50.53 16.46 4.48
N THR K 376 -49.38 16.62 3.81
CA THR K 376 -49.39 17.14 2.45
C THR K 376 -50.03 16.16 1.47
N ALA K 377 -49.65 14.88 1.56
CA ALA K 377 -50.22 13.88 0.66
C ALA K 377 -51.72 13.72 0.90
N LEU K 378 -52.14 13.66 2.15
CA LEU K 378 -53.57 13.56 2.44
C LEU K 378 -54.31 14.80 1.94
N SER K 379 -53.73 15.98 2.15
CA SER K 379 -54.41 17.22 1.78
C SER K 379 -54.55 17.37 0.27
N ASP K 380 -53.57 16.90 -0.50
CA ASP K 380 -53.70 16.99 -1.95
C ASP K 380 -54.23 15.72 -2.59
N ALA K 381 -54.58 14.70 -1.79
CA ALA K 381 -55.18 13.48 -2.32
C ALA K 381 -56.67 13.39 -2.01
N ILE K 382 -57.06 13.65 -0.76
CA ILE K 382 -58.46 13.45 -0.37
C ILE K 382 -59.43 14.32 -1.16
N PRO K 383 -59.21 15.65 -1.28
CA PRO K 383 -60.15 16.48 -1.99
C PRO K 383 -60.30 15.98 -3.41
N LYS K 384 -59.34 15.17 -3.88
CA LYS K 384 -59.37 14.68 -5.28
C LYS K 384 -60.22 13.41 -5.33
N LEU K 385 -60.16 12.61 -4.29
CA LEU K 385 -60.96 11.37 -4.24
C LEU K 385 -62.33 11.73 -3.68
N ALA K 386 -62.40 12.78 -2.86
CA ALA K 386 -63.69 13.11 -2.23
C ALA K 386 -64.72 13.25 -3.35
N ALA K 387 -64.45 14.19 -4.24
CA ALA K 387 -65.39 14.27 -5.37
C ALA K 387 -65.65 12.83 -5.81
N GLY K 388 -66.88 12.34 -5.66
CA GLY K 388 -67.20 11.00 -6.20
C GLY K 388 -67.33 9.95 -5.13
N MET K 389 -66.58 10.08 -4.05
CA MET K 389 -66.58 9.04 -3.00
C MET K 389 -66.94 9.68 -1.67
N ARG K 390 -67.77 9.00 -0.86
CA ARG K 390 -68.14 9.52 0.48
C ARG K 390 -67.05 9.10 1.49
N ILE K 391 -66.03 9.95 1.69
CA ILE K 391 -64.93 9.62 2.63
C ILE K 391 -65.37 10.16 3.98
N PRO K 392 -65.34 9.38 5.07
CA PRO K 392 -65.86 9.85 6.34
C PRO K 392 -64.90 10.88 6.87
N VAL K 393 -65.43 11.90 7.53
CA VAL K 393 -64.55 12.99 8.02
C VAL K 393 -63.68 12.40 9.12
N SER K 394 -64.25 11.52 9.94
CA SER K 394 -63.46 11.00 11.08
C SER K 394 -62.24 10.23 10.58
N TRP K 395 -62.42 9.28 9.68
CA TRP K 395 -61.20 8.60 9.22
C TRP K 395 -60.16 9.68 8.99
N ILE K 396 -60.60 10.82 8.45
CA ILE K 396 -59.53 11.79 8.22
C ILE K 396 -59.15 12.48 9.51
N GLN K 397 -60.11 12.72 10.41
CA GLN K 397 -59.83 13.39 11.66
C GLN K 397 -58.86 12.60 12.53
N GLU K 398 -58.75 11.28 12.32
CA GLU K 398 -57.82 10.49 13.10
C GLU K 398 -56.38 10.96 12.87
N LYS K 399 -56.03 11.26 11.62
CA LYS K 399 -54.72 11.82 11.32
C LYS K 399 -54.65 13.23 11.87
N LEU K 400 -53.76 13.45 12.85
CA LEU K 400 -53.63 14.72 13.56
C LEU K 400 -54.99 15.03 14.19
N HIS K 401 -55.65 16.12 13.82
CA HIS K 401 -56.97 16.42 14.37
C HIS K 401 -58.05 16.24 13.32
N GLY L 2 -54.00 27.01 60.85
CA GLY L 2 -52.56 27.09 61.01
C GLY L 2 -51.87 25.76 60.82
N ARG L 3 -52.59 24.68 61.12
CA ARG L 3 -52.07 23.32 60.96
C ARG L 3 -52.22 22.91 59.50
N ILE L 4 -51.26 23.34 58.68
CA ILE L 4 -51.31 23.08 57.26
C ILE L 4 -51.04 21.60 56.99
N LEU L 5 -51.83 21.01 56.09
CA LEU L 5 -51.63 19.63 55.68
C LEU L 5 -50.80 19.57 54.40
N ASP L 6 -49.93 18.57 54.34
CA ASP L 6 -49.08 18.37 53.17
C ASP L 6 -49.88 17.62 52.10
N ILE L 7 -49.19 17.20 51.03
CA ILE L 7 -49.85 16.49 49.94
C ILE L 7 -50.38 15.15 50.41
N SER L 8 -49.71 14.54 51.39
CA SER L 8 -50.08 13.21 51.87
C SER L 8 -51.11 13.26 53.00
N GLY L 9 -51.64 14.43 53.32
CA GLY L 9 -52.68 14.55 54.32
C GLY L 9 -52.24 14.27 55.74
N GLN L 10 -51.03 14.69 56.10
CA GLN L 10 -50.57 14.61 57.49
C GLN L 10 -50.40 16.02 58.04
N PRO L 11 -51.21 16.43 59.01
CA PRO L 11 -51.10 17.80 59.53
C PRO L 11 -49.77 18.01 60.23
N PHE L 12 -49.28 19.24 60.18
CA PHE L 12 -48.00 19.60 60.80
C PHE L 12 -47.98 21.11 61.00
N ASP L 13 -46.91 21.61 61.61
CA ASP L 13 -46.70 23.04 61.80
C ASP L 13 -45.57 23.49 60.89
N PHE L 14 -45.83 24.51 60.09
CA PHE L 14 -44.85 25.03 59.14
C PHE L 14 -43.98 26.08 59.80
N ASP L 15 -42.67 25.99 59.59
CA ASP L 15 -41.70 26.88 60.22
C ASP L 15 -40.91 27.62 59.14
N ASP L 16 -40.74 28.93 59.33
CA ASP L 16 -40.01 29.75 58.37
C ASP L 16 -38.51 29.50 58.42
N GLU L 17 -37.99 29.01 59.55
CA GLU L 17 -36.56 28.79 59.67
C GLU L 17 -36.09 27.69 58.72
N MET L 18 -34.97 27.95 58.05
CA MET L 18 -34.38 26.94 57.18
C MET L 18 -33.83 25.79 58.01
N GLN L 19 -33.99 24.56 57.52
CA GLN L 19 -33.64 23.39 58.31
C GLN L 19 -32.15 23.34 58.58
N SER L 20 -31.32 23.73 57.61
CA SER L 20 -29.87 23.74 57.83
C SER L 20 -29.49 24.73 58.91
N ARG L 21 -30.10 25.92 58.90
CA ARG L 21 -29.79 26.95 59.89
C ARG L 21 -30.59 26.71 61.17
N SER L 22 -30.28 25.58 61.82
CA SER L 22 -31.00 25.17 63.02
C SER L 22 -30.09 25.11 64.24
N ASP L 23 -28.84 25.58 64.11
CA ASP L 23 -27.89 25.66 65.22
C ASP L 23 -27.51 24.27 65.74
N GLU L 24 -28.01 23.22 65.10
CA GLU L 24 -27.64 21.86 65.47
C GLU L 24 -26.90 21.15 64.35
N LEU L 25 -27.06 21.59 63.11
CA LEU L 25 -26.41 20.98 61.96
C LEU L 25 -25.36 21.91 61.35
N ALA L 26 -24.74 22.73 62.20
CA ALA L 26 -23.71 23.65 61.74
C ALA L 26 -22.42 22.94 61.39
N MET L 27 -22.10 21.83 62.05
CA MET L 27 -20.87 21.09 61.81
C MET L 27 -21.04 19.91 60.87
N VAL L 28 -22.23 19.71 60.32
CA VAL L 28 -22.46 18.65 59.34
C VAL L 28 -22.93 19.17 57.99
N MET L 29 -23.30 20.44 57.89
CA MET L 29 -23.62 21.07 56.61
C MET L 29 -22.40 21.70 55.96
N LYS L 30 -21.26 21.69 56.61
CA LYS L 30 -20.03 22.29 56.10
C LYS L 30 -18.99 21.17 55.99
N ARG L 31 -18.91 20.56 54.81
CA ARG L 31 -18.00 19.46 54.54
C ARG L 31 -17.05 19.84 53.41
N THR L 32 -15.76 19.60 53.62
CA THR L 32 -14.79 19.82 52.57
C THR L 32 -14.70 18.56 51.70
N GLN L 33 -14.83 18.74 50.38
CA GLN L 33 -15.09 17.62 49.50
C GLN L 33 -13.90 16.66 49.47
N GLU L 34 -14.22 15.38 49.27
CA GLU L 34 -13.21 14.33 49.30
C GLU L 34 -12.38 14.28 48.02
N HIS L 35 -12.97 14.61 46.88
CA HIS L 35 -12.35 14.42 45.58
C HIS L 35 -11.87 12.97 45.44
N PRO L 36 -12.80 12.02 45.32
CA PRO L 36 -12.42 10.60 45.30
C PRO L 36 -11.88 10.12 43.97
N SER L 37 -12.00 10.93 42.92
CA SER L 37 -11.62 10.54 41.57
C SER L 37 -10.13 10.71 41.30
N SER L 38 -9.31 10.82 42.33
CA SER L 38 -7.87 10.86 42.20
C SER L 38 -7.33 9.44 42.36
N GLY L 39 -6.80 8.87 41.29
CA GLY L 39 -6.29 7.53 41.32
C GLY L 39 -7.33 6.45 41.56
N VAL L 40 -8.47 6.54 40.85
CA VAL L 40 -9.53 5.55 41.02
C VAL L 40 -9.12 4.24 40.36
N THR L 41 -9.30 3.14 41.09
CA THR L 41 -9.18 1.79 40.58
C THR L 41 -10.57 1.18 40.48
N PRO L 42 -10.87 0.44 39.40
CA PRO L 42 -12.21 -0.16 39.25
C PRO L 42 -12.72 -0.86 40.50
N ASN L 43 -11.84 -1.51 41.27
CA ASN L 43 -12.26 -2.12 42.51
C ASN L 43 -12.84 -1.08 43.46
N ARG L 44 -12.13 0.04 43.62
CA ARG L 44 -12.58 1.10 44.52
C ARG L 44 -13.82 1.81 44.00
N ALA L 45 -13.93 1.96 42.67
CA ALA L 45 -15.16 2.51 42.11
C ALA L 45 -16.35 1.60 42.39
N ALA L 46 -16.16 0.29 42.23
CA ALA L 46 -17.23 -0.64 42.60
C ALA L 46 -17.56 -0.55 44.08
N GLN L 47 -16.55 -0.36 44.93
CA GLN L 47 -16.79 -0.26 46.36
C GLN L 47 -17.63 0.96 46.69
N MET L 48 -17.31 2.12 46.11
CA MET L 48 -18.10 3.31 46.40
C MET L 48 -19.50 3.21 45.79
N LEU L 49 -19.64 2.57 44.62
CA LEU L 49 -20.97 2.36 44.08
C LEU L 49 -21.82 1.47 44.98
N ARG L 50 -21.22 0.42 45.54
CA ARG L 50 -21.95 -0.45 46.46
C ARG L 50 -22.29 0.27 47.76
N ASP L 51 -21.40 1.13 48.23
CA ASP L 51 -21.70 1.92 49.42
C ASP L 51 -22.87 2.85 49.16
N ALA L 52 -22.91 3.47 47.98
CA ALA L 52 -24.06 4.31 47.61
C ALA L 52 -25.33 3.49 47.51
N GLU L 53 -25.25 2.28 46.94
CA GLU L 53 -26.41 1.42 46.85
C GLU L 53 -26.93 1.06 48.23
N ARG L 54 -26.04 0.80 49.18
CA ARG L 54 -26.48 0.49 50.53
C ARG L 54 -27.11 1.69 51.25
N GLY L 55 -26.79 2.91 50.83
CA GLY L 55 -27.42 4.07 51.43
C GLY L 55 -26.55 5.29 51.62
N ASP L 56 -25.23 5.11 51.73
CA ASP L 56 -24.31 6.22 51.94
C ASP L 56 -23.95 6.84 50.59
N LEU L 57 -24.65 7.90 50.22
CA LEU L 57 -24.56 8.50 48.90
C LEU L 57 -23.46 9.53 48.77
N THR L 58 -22.69 9.78 49.83
CA THR L 58 -21.69 10.86 49.80
C THR L 58 -20.61 10.59 48.75
N ALA L 59 -20.02 9.39 48.77
CA ALA L 59 -18.93 9.09 47.87
C ALA L 59 -19.39 9.13 46.42
N GLN L 60 -20.59 8.62 46.15
CA GLN L 60 -21.13 8.65 44.80
C GLN L 60 -21.30 10.08 44.32
N ALA L 61 -21.81 10.96 45.18
CA ALA L 61 -22.03 12.34 44.77
C ALA L 61 -20.70 13.06 44.50
N ASP L 62 -19.70 12.84 45.35
CA ASP L 62 -18.40 13.45 45.09
C ASP L 62 -17.79 12.91 43.79
N LEU L 63 -17.93 11.61 43.55
CA LEU L 63 -17.40 11.02 42.33
C LEU L 63 -18.10 11.60 41.11
N ALA L 64 -19.42 11.78 41.19
CA ALA L 64 -20.17 12.38 40.08
C ALA L 64 -19.73 13.81 39.84
N PHE L 65 -19.49 14.58 40.91
CA PHE L 65 -19.03 15.95 40.73
C PHE L 65 -17.66 16.00 40.05
N ASP L 66 -16.75 15.13 40.47
CA ASP L 66 -15.45 15.06 39.82
C ASP L 66 -15.56 14.64 38.37
N MET L 67 -16.45 13.70 38.07
CA MET L 67 -16.64 13.27 36.69
C MET L 67 -17.21 14.41 35.85
N GLU L 68 -18.06 15.24 36.45
CA GLU L 68 -18.63 16.36 35.71
C GLU L 68 -17.57 17.41 35.41
N GLU L 69 -16.71 17.72 36.38
CA GLU L 69 -15.72 18.78 36.15
C GLU L 69 -14.46 18.30 35.45
N LYS L 70 -14.18 17.00 35.44
CA LYS L 70 -12.92 16.51 34.89
C LYS L 70 -13.02 16.12 33.43
N ASP L 71 -13.96 15.22 33.11
CA ASP L 71 -14.09 14.70 31.75
C ASP L 71 -14.77 15.75 30.88
N THR L 72 -14.02 16.36 29.97
CA THR L 72 -14.53 17.47 29.20
C THR L 72 -15.69 17.05 28.30
N HIS L 73 -15.56 15.89 27.64
CA HIS L 73 -16.65 15.41 26.79
C HIS L 73 -17.90 15.14 27.60
N LEU L 74 -17.73 14.55 28.80
CA LEU L 74 -18.87 14.31 29.67
C LEU L 74 -19.56 15.61 30.04
N PHE L 75 -18.79 16.65 30.37
CA PHE L 75 -19.39 17.92 30.75
C PHE L 75 -20.09 18.57 29.56
N SER L 76 -19.49 18.50 28.38
CA SER L 76 -20.15 19.07 27.20
C SER L 76 -21.48 18.38 26.93
N GLU L 77 -21.50 17.05 26.99
CA GLU L 77 -22.75 16.32 26.76
C GLU L 77 -23.77 16.63 27.84
N LEU L 78 -23.34 16.69 29.10
CA LEU L 78 -24.26 16.96 30.19
C LEU L 78 -24.88 18.35 30.08
N SER L 79 -24.06 19.34 29.73
CA SER L 79 -24.60 20.69 29.54
C SER L 79 -25.51 20.75 28.32
N LYS L 80 -25.17 20.03 27.25
CA LYS L 80 -26.04 19.96 26.09
C LYS L 80 -27.40 19.40 26.47
N ARG L 81 -27.43 18.38 27.33
CA ARG L 81 -28.71 17.80 27.73
C ARG L 81 -29.45 18.73 28.69
N ARG L 82 -28.75 19.37 29.62
CA ARG L 82 -29.41 20.17 30.65
C ARG L 82 -29.96 21.47 30.08
N LEU L 83 -29.32 22.01 29.03
CA LEU L 83 -29.84 23.25 28.45
C LEU L 83 -31.04 23.01 27.56
N ALA L 84 -31.29 21.76 27.17
CA ALA L 84 -32.51 21.45 26.43
C ALA L 84 -33.74 21.74 27.26
N ILE L 85 -33.69 21.41 28.55
CA ILE L 85 -34.83 21.60 29.45
C ILE L 85 -35.12 23.08 29.62
N GLN L 86 -34.08 23.88 29.83
CA GLN L 86 -34.27 25.30 30.09
C GLN L 86 -34.83 26.02 28.87
N ALA L 87 -34.64 25.47 27.67
CA ALA L 87 -35.13 26.12 26.46
C ALA L 87 -36.65 26.01 26.32
N LEU L 88 -37.24 24.97 26.90
CA LEU L 88 -38.68 24.76 26.75
C LEU L 88 -39.47 25.85 27.45
N GLU L 89 -40.47 26.38 26.77
CA GLU L 89 -41.38 27.33 27.39
C GLU L 89 -42.47 26.58 28.15
N TRP L 90 -42.95 27.19 29.22
CA TRP L 90 -43.90 26.53 30.11
C TRP L 90 -44.97 27.50 30.55
N ARG L 91 -46.06 26.94 31.06
CA ARG L 91 -47.18 27.72 31.58
C ARG L 91 -47.88 26.90 32.65
N ILE L 92 -48.51 27.59 33.59
CA ILE L 92 -49.22 26.93 34.69
C ILE L 92 -50.65 26.71 34.19
N ALA L 93 -50.84 25.60 33.49
CA ALA L 93 -52.17 25.26 33.01
C ALA L 93 -53.06 24.84 34.18
N PRO L 94 -54.25 25.39 34.28
CA PRO L 94 -55.14 25.03 35.40
C PRO L 94 -55.59 23.59 35.32
N ALA L 95 -56.26 23.15 36.38
CA ALA L 95 -56.81 21.80 36.42
C ALA L 95 -57.88 21.64 35.33
N ARG L 96 -58.08 20.40 34.91
CA ARG L 96 -59.05 20.12 33.86
C ARG L 96 -60.44 20.54 34.30
N ASP L 97 -61.19 21.13 33.36
CA ASP L 97 -62.51 21.69 33.62
C ASP L 97 -62.45 22.70 34.77
N ALA L 98 -61.48 23.61 34.68
CA ALA L 98 -61.26 24.59 35.73
C ALA L 98 -62.45 25.54 35.84
N SER L 99 -62.77 25.92 37.07
CA SER L 99 -63.83 26.90 37.32
C SER L 99 -63.24 28.30 37.16
N ALA L 100 -63.97 29.31 37.61
CA ALA L 100 -63.45 30.68 37.56
C ALA L 100 -62.27 30.85 38.50
N GLN L 101 -62.46 30.55 39.79
CA GLN L 101 -61.42 30.81 40.78
C GLN L 101 -60.18 29.97 40.52
N GLU L 102 -60.36 28.72 40.11
CA GLU L 102 -59.20 27.87 39.83
C GLU L 102 -58.39 28.42 38.67
N LYS L 103 -59.06 28.86 37.60
CA LYS L 103 -58.35 29.45 36.47
C LYS L 103 -57.64 30.73 36.87
N LYS L 104 -58.29 31.56 37.70
CA LYS L 104 -57.66 32.80 38.12
C LYS L 104 -56.43 32.54 38.99
N ASP L 105 -56.51 31.58 39.90
CA ASP L 105 -55.35 31.23 40.71
C ASP L 105 -54.23 30.64 39.86
N ALA L 106 -54.57 29.80 38.89
CA ALA L 106 -53.56 29.24 38.00
C ALA L 106 -52.86 30.34 37.21
N ASP L 107 -53.63 31.31 36.69
CA ASP L 107 -53.02 32.42 35.97
C ASP L 107 -52.15 33.27 36.89
N MET L 108 -52.61 33.48 38.13
CA MET L 108 -51.80 34.23 39.09
C MET L 108 -50.47 33.55 39.34
N LEU L 109 -50.49 32.23 39.54
CA LEU L 109 -49.25 31.49 39.70
C LEU L 109 -48.38 31.59 38.46
N ASN L 110 -49.00 31.49 37.28
CA ASN L 110 -48.24 31.60 36.03
C ASN L 110 -47.51 32.92 35.94
N GLU L 111 -48.21 34.03 36.17
CA GLU L 111 -47.58 35.33 36.07
C GLU L 111 -46.50 35.51 37.14
N TYR L 112 -46.78 35.07 38.37
CA TYR L 112 -45.78 35.22 39.43
C TYR L 112 -44.52 34.43 39.11
N LEU L 113 -44.66 33.19 38.66
CA LEU L 113 -43.50 32.37 38.38
C LEU L 113 -42.73 32.89 37.17
N HIS L 114 -43.42 33.40 36.15
CA HIS L 114 -42.72 34.03 35.05
C HIS L 114 -42.08 35.36 35.44
N ASP L 115 -42.51 35.95 36.56
CA ASP L 115 -41.93 37.18 37.07
C ASP L 115 -41.18 36.96 38.39
N ALA L 116 -40.61 35.77 38.60
CA ALA L 116 -39.78 35.50 39.76
C ALA L 116 -38.41 35.05 39.30
N ALA L 117 -37.36 35.68 39.85
CA ALA L 117 -36.01 35.42 39.37
C ALA L 117 -35.47 34.08 39.85
N TRP L 118 -36.05 33.52 40.91
CA TRP L 118 -35.51 32.30 41.50
C TRP L 118 -36.05 31.04 40.85
N PHE L 119 -36.97 31.15 39.89
CA PHE L 119 -37.49 29.95 39.25
C PHE L 119 -36.51 29.40 38.23
N GLU L 120 -35.88 30.28 37.45
CA GLU L 120 -34.91 29.83 36.46
C GLU L 120 -33.73 29.14 37.14
N ASP L 121 -33.29 29.66 38.29
CA ASP L 121 -32.27 28.98 39.07
C ASP L 121 -32.76 27.64 39.56
N ALA L 122 -34.04 27.55 39.95
CA ALA L 122 -34.60 26.29 40.40
C ALA L 122 -34.54 25.24 39.29
N LEU L 123 -34.91 25.63 38.06
CA LEU L 123 -34.91 24.71 36.95
C LEU L 123 -33.50 24.33 36.53
N PHE L 124 -32.56 25.28 36.59
CA PHE L 124 -31.18 24.96 36.23
C PHE L 124 -30.54 24.04 37.24
N ASP L 125 -30.81 24.24 38.54
CA ASP L 125 -30.23 23.39 39.56
C ASP L 125 -30.92 22.04 39.65
N ALA L 126 -32.20 21.97 39.29
CA ALA L 126 -32.89 20.69 39.28
C ALA L 126 -32.32 19.75 38.23
N GLY L 127 -31.64 20.28 37.23
CA GLY L 127 -30.98 19.43 36.25
C GLY L 127 -29.77 18.70 36.76
N ASP L 128 -29.31 19.03 37.98
CA ASP L 128 -28.19 18.31 38.58
C ASP L 128 -28.55 16.85 38.85
N ALA L 129 -29.82 16.54 39.06
CA ALA L 129 -30.24 15.18 39.35
C ALA L 129 -30.00 14.24 38.18
N ILE L 130 -29.73 14.77 36.99
CA ILE L 130 -29.49 13.93 35.82
C ILE L 130 -28.29 13.02 36.06
N LEU L 131 -27.22 13.56 36.63
CA LEU L 131 -25.97 12.83 36.79
C LEU L 131 -25.80 12.25 38.18
N LYS L 132 -26.11 13.01 39.22
CA LYS L 132 -25.91 12.54 40.59
C LYS L 132 -27.05 11.62 41.05
N GLY L 133 -28.26 11.89 40.61
CA GLY L 133 -29.41 11.08 40.96
C GLY L 133 -30.52 11.83 41.66
N TYR L 134 -30.22 12.97 42.28
CA TYR L 134 -31.18 13.69 43.12
C TYR L 134 -30.67 15.11 43.29
N SER L 135 -31.53 16.09 42.99
CA SER L 135 -31.20 17.50 43.16
C SER L 135 -32.06 18.05 44.30
N MET L 136 -31.41 18.45 45.38
CA MET L 136 -32.10 18.93 46.57
C MET L 136 -31.78 20.40 46.78
N GLN L 137 -32.84 21.22 46.90
CA GLN L 137 -32.71 22.66 47.08
C GLN L 137 -33.58 23.10 48.23
N GLU L 138 -33.02 23.92 49.12
CA GLU L 138 -33.81 24.45 50.22
C GLU L 138 -34.65 25.63 49.75
N ILE L 139 -35.69 25.93 50.52
CA ILE L 139 -36.60 27.02 50.22
C ILE L 139 -36.55 27.98 51.40
N GLU L 140 -36.03 29.19 51.15
CA GLU L 140 -36.00 30.24 52.17
C GLU L 140 -37.30 31.03 52.01
N TRP L 141 -38.29 30.71 52.83
CA TRP L 141 -39.59 31.34 52.71
C TRP L 141 -39.52 32.81 53.11
N GLY L 142 -40.25 33.65 52.39
CA GLY L 142 -40.26 35.08 52.66
C GLY L 142 -41.63 35.66 52.45
N TRP L 143 -41.82 36.86 52.99
CA TRP L 143 -43.09 37.57 52.94
C TRP L 143 -43.03 38.58 51.80
N LEU L 144 -43.81 38.31 50.75
CA LEU L 144 -43.95 39.23 49.61
C LEU L 144 -45.35 39.81 49.67
N GLY L 145 -45.46 41.02 50.22
CA GLY L 145 -46.76 41.64 50.40
C GLY L 145 -47.66 40.83 51.30
N LYS L 146 -48.68 40.21 50.72
CA LYS L 146 -49.57 39.31 51.44
C LYS L 146 -49.54 37.92 50.81
N MET L 147 -48.35 37.46 50.45
CA MET L 147 -48.15 36.14 49.88
C MET L 147 -46.86 35.56 50.45
N ARG L 148 -46.95 34.37 51.05
CA ARG L 148 -45.78 33.71 51.62
C ARG L 148 -45.16 32.85 50.53
N VAL L 149 -44.19 33.42 49.82
CA VAL L 149 -43.59 32.77 48.66
C VAL L 149 -42.07 32.72 48.84
N PRO L 150 -41.38 31.77 48.20
CA PRO L 150 -39.93 31.69 48.37
C PRO L 150 -39.24 32.93 47.82
N VAL L 151 -38.12 33.29 48.45
CA VAL L 151 -37.30 34.40 47.99
C VAL L 151 -35.93 33.95 47.50
N ALA L 152 -35.51 32.71 47.80
CA ALA L 152 -34.24 32.19 47.35
C ALA L 152 -34.24 30.68 47.51
N LEU L 153 -33.68 29.99 46.52
CA LEU L 153 -33.56 28.53 46.54
C LEU L 153 -32.08 28.18 46.50
N HIS L 154 -31.55 27.79 47.66
CA HIS L 154 -30.15 27.42 47.75
C HIS L 154 -29.97 25.94 47.43
N HIS L 155 -29.01 25.63 46.58
CA HIS L 155 -28.73 24.25 46.16
C HIS L 155 -27.70 23.67 47.13
N ARG L 156 -28.17 22.87 48.08
CA ARG L 156 -27.26 22.24 49.03
C ARG L 156 -26.48 21.11 48.35
N ASP L 157 -25.33 20.80 48.90
CA ASP L 157 -24.48 19.77 48.31
C ASP L 157 -25.16 18.41 48.44
N PRO L 158 -25.24 17.63 47.36
CA PRO L 158 -25.94 16.34 47.42
C PRO L 158 -25.32 15.34 48.39
N ALA L 159 -24.06 15.54 48.78
CA ALA L 159 -23.42 14.60 49.69
C ALA L 159 -23.98 14.69 51.11
N LEU L 160 -24.71 15.76 51.43
CA LEU L 160 -25.26 15.92 52.78
C LEU L 160 -26.46 15.02 53.05
N PHE L 161 -26.99 14.34 52.03
CA PHE L 161 -28.21 13.56 52.17
C PHE L 161 -27.89 12.08 52.04
N CYS L 162 -28.31 11.29 53.02
CA CYS L 162 -28.17 9.85 53.00
C CYS L 162 -29.55 9.22 52.99
N ALA L 163 -29.75 8.25 52.10
CA ALA L 163 -31.04 7.57 52.03
C ALA L 163 -31.27 6.79 53.31
N ASN L 164 -32.54 6.70 53.70
CA ASN L 164 -32.89 5.94 54.90
C ASN L 164 -32.53 4.47 54.70
N PRO L 165 -31.90 3.83 55.69
CA PRO L 165 -31.64 2.39 55.55
C PRO L 165 -32.91 1.57 55.41
N ASP L 166 -34.06 2.10 55.83
CA ASP L 166 -35.34 1.44 55.64
C ASP L 166 -36.13 2.17 54.57
N ASN L 167 -36.71 1.39 53.65
CA ASN L 167 -37.55 1.84 52.54
C ASN L 167 -36.71 2.51 51.45
N LEU L 168 -35.46 2.84 51.76
CA LEU L 168 -34.41 3.10 50.78
C LEU L 168 -34.80 4.06 49.66
N ASN L 169 -35.89 4.80 49.84
CA ASN L 169 -36.33 5.75 48.82
C ASN L 169 -36.66 7.13 49.37
N GLU L 170 -36.49 7.34 50.67
CA GLU L 170 -36.74 8.63 51.30
C GLU L 170 -35.40 9.28 51.61
N LEU L 171 -35.09 10.37 50.93
CA LEU L 171 -33.86 11.11 51.20
C LEU L 171 -33.99 11.80 52.56
N ARG L 172 -33.01 11.58 53.42
CA ARG L 172 -33.00 12.15 54.75
C ARG L 172 -31.70 12.90 54.98
N LEU L 173 -31.81 14.13 55.47
CA LEU L 173 -30.63 14.93 55.75
C LEU L 173 -29.77 14.25 56.81
N ARG L 174 -28.47 14.15 56.53
CA ARG L 174 -27.57 13.45 57.42
C ARG L 174 -27.37 14.22 58.72
N ASP L 175 -27.52 13.54 59.84
CA ASP L 175 -27.38 14.16 61.16
C ASP L 175 -26.55 13.25 62.07
N ALA L 176 -25.61 12.52 61.50
CA ALA L 176 -24.75 11.59 62.24
C ALA L 176 -25.59 10.58 63.03
N SER L 177 -26.67 10.12 62.41
CA SER L 177 -27.58 9.16 63.03
C SER L 177 -27.83 8.01 62.08
N TYR L 178 -28.22 6.87 62.66
CA TYR L 178 -28.48 5.67 61.86
C TYR L 178 -29.63 5.91 60.89
N HIS L 179 -30.78 6.37 61.41
CA HIS L 179 -31.90 6.67 60.55
C HIS L 179 -31.67 7.96 59.76
N GLY L 180 -31.13 8.97 60.42
CA GLY L 180 -30.91 10.25 59.77
C GLY L 180 -32.09 11.18 59.93
N LEU L 181 -31.79 12.47 59.97
CA LEU L 181 -32.84 13.47 60.11
C LEU L 181 -33.66 13.57 58.83
N GLU L 182 -34.98 13.50 58.98
CA GLU L 182 -35.87 13.62 57.84
C GLU L 182 -35.91 15.08 57.36
N LEU L 183 -36.45 15.28 56.16
CA LEU L 183 -36.55 16.61 55.59
C LEU L 183 -37.69 17.38 56.26
N GLN L 184 -37.43 18.64 56.58
CA GLN L 184 -38.47 19.51 57.10
C GLN L 184 -39.51 19.75 56.00
N PRO L 185 -40.80 19.58 56.31
CA PRO L 185 -41.81 19.71 55.26
C PRO L 185 -41.90 21.14 54.74
N PHE L 186 -42.25 21.24 53.46
CA PHE L 186 -42.42 22.53 52.77
C PHE L 186 -41.15 23.35 52.78
N GLY L 187 -39.99 22.71 52.91
CA GLY L 187 -38.74 23.43 52.94
C GLY L 187 -37.60 22.73 52.23
N TRP L 188 -37.92 21.86 51.27
CA TRP L 188 -36.89 21.09 50.59
C TRP L 188 -37.41 20.71 49.21
N PHE L 189 -36.99 21.45 48.19
CA PHE L 189 -37.38 21.15 46.81
C PHE L 189 -36.54 19.97 46.32
N MET L 190 -37.15 18.79 46.25
CA MET L 190 -36.47 17.56 45.86
C MET L 190 -36.95 17.13 44.48
N HIS L 191 -36.00 16.88 43.58
CA HIS L 191 -36.31 16.43 42.23
C HIS L 191 -35.49 15.17 41.96
N ARG L 192 -36.14 14.02 42.01
CA ARG L 192 -35.47 12.73 41.80
C ARG L 192 -35.70 12.32 40.34
N ALA L 193 -34.66 12.52 39.52
CA ALA L 193 -34.74 12.19 38.09
C ALA L 193 -34.30 10.74 37.91
N LYS L 194 -35.27 9.85 37.75
CA LYS L 194 -35.00 8.42 37.60
C LYS L 194 -34.87 8.10 36.12
N SER L 195 -33.62 8.01 35.64
CA SER L 195 -33.38 7.53 34.29
C SER L 195 -33.53 6.01 34.21
N ARG L 196 -33.19 5.32 35.29
CA ARG L 196 -33.28 3.88 35.38
C ARG L 196 -34.11 3.51 36.61
N THR L 197 -35.02 2.55 36.44
CA THR L 197 -35.87 2.15 37.55
C THR L 197 -35.03 1.57 38.68
N GLY L 198 -35.45 1.86 39.91
CA GLY L 198 -34.71 1.41 41.07
C GLY L 198 -34.84 2.40 42.21
N TYR L 199 -33.85 2.36 43.11
CA TYR L 199 -33.86 3.18 44.30
C TYR L 199 -33.25 4.55 44.02
N VAL L 200 -33.18 5.38 45.05
CA VAL L 200 -32.75 6.76 44.87
C VAL L 200 -31.27 6.84 44.51
N GLY L 201 -30.45 5.98 45.12
CA GLY L 201 -29.02 6.01 44.82
C GLY L 201 -28.69 5.40 43.48
N THR L 202 -29.53 4.47 43.01
CA THR L 202 -29.20 3.73 41.80
C THR L 202 -29.48 4.56 40.54
N ASN L 203 -30.56 5.33 40.52
CA ASN L 203 -31.08 5.88 39.28
C ASN L 203 -30.21 6.98 38.67
N GLY L 204 -29.09 7.36 39.29
CA GLY L 204 -28.22 8.34 38.67
C GLY L 204 -27.44 7.78 37.50
N LEU L 205 -27.07 8.67 36.58
CA LEU L 205 -26.27 8.27 35.43
C LEU L 205 -24.80 8.03 35.77
N VAL L 206 -24.36 8.42 36.96
CA VAL L 206 -22.97 8.15 37.35
C VAL L 206 -22.71 6.64 37.43
N ARG L 207 -23.72 5.85 37.78
CA ARG L 207 -23.55 4.40 37.85
C ARG L 207 -23.15 3.83 36.50
N THR L 208 -23.80 4.28 35.43
CA THR L 208 -23.46 3.81 34.10
C THR L 208 -22.19 4.46 33.56
N LEU L 209 -21.97 5.73 33.85
CA LEU L 209 -20.91 6.50 33.22
C LEU L 209 -19.57 6.41 33.93
N ILE L 210 -19.51 5.78 35.11
CA ILE L 210 -18.25 5.72 35.83
C ILE L 210 -17.23 4.89 35.05
N TRP L 211 -17.68 3.82 34.40
CA TRP L 211 -16.73 2.95 33.71
C TRP L 211 -16.14 3.59 32.46
N PRO L 212 -16.93 4.11 31.51
CA PRO L 212 -16.31 4.80 30.37
C PRO L 212 -15.47 5.99 30.80
N PHE L 213 -15.87 6.70 31.85
CA PHE L 213 -15.04 7.80 32.36
C PHE L 213 -13.67 7.30 32.77
N ILE L 214 -13.63 6.22 33.56
CA ILE L 214 -12.36 5.67 34.02
C ILE L 214 -11.51 5.23 32.83
N PHE L 215 -12.11 4.49 31.89
CA PHE L 215 -11.35 3.99 30.76
C PHE L 215 -10.78 5.13 29.92
N LYS L 216 -11.62 6.13 29.59
CA LYS L 216 -11.16 7.24 28.77
C LYS L 216 -10.06 8.02 29.46
N ASN L 217 -10.22 8.32 30.74
CA ASN L 217 -9.23 9.16 31.40
C ASN L 217 -7.92 8.41 31.62
N TYR L 218 -7.98 7.13 31.95
CA TYR L 218 -6.75 6.36 32.06
C TYR L 218 -6.03 6.26 30.72
N SER L 219 -6.79 6.05 29.64
CA SER L 219 -6.18 6.02 28.32
C SER L 219 -5.55 7.37 27.97
N VAL L 220 -6.23 8.46 28.31
CA VAL L 220 -5.71 9.78 28.00
C VAL L 220 -4.42 10.06 28.74
N ARG L 221 -4.38 9.73 30.04
CA ARG L 221 -3.16 9.97 30.80
C ARG L 221 -2.02 9.08 30.30
N ASP L 222 -2.31 7.82 29.98
CA ASP L 222 -1.26 6.95 29.44
C ASP L 222 -0.75 7.48 28.11
N PHE L 223 -1.65 7.98 27.26
CA PHE L 223 -1.24 8.54 25.98
C PHE L 223 -0.36 9.77 26.17
N ALA L 224 -0.73 10.64 27.10
CA ALA L 224 0.09 11.82 27.36
C ALA L 224 1.47 11.44 27.87
N GLU L 225 1.53 10.47 28.78
CA GLU L 225 2.84 10.02 29.27
C GLU L 225 3.64 9.37 28.16
N PHE L 226 2.98 8.68 27.23
CA PHE L 226 3.68 8.11 26.09
C PHE L 226 4.28 9.20 25.20
N LEU L 227 3.51 10.28 24.96
CA LEU L 227 4.06 11.39 24.19
C LEU L 227 5.15 12.13 24.94
N GLU L 228 5.16 12.03 26.27
CA GLU L 228 6.24 12.66 27.02
C GLU L 228 7.59 12.08 26.65
N ILE L 229 7.61 10.79 26.28
CA ILE L 229 8.85 10.10 26.01
C ILE L 229 9.08 9.80 24.54
N TYR L 230 8.01 9.69 23.74
CA TYR L 230 8.13 9.23 22.37
C TYR L 230 8.94 10.20 21.52
N GLY L 231 9.63 9.64 20.53
CA GLY L 231 10.34 10.32 19.45
C GLY L 231 11.66 10.96 19.88
N LEU L 232 12.19 10.61 21.04
CA LEU L 232 13.47 11.15 21.51
C LEU L 232 14.25 10.02 22.16
N PRO L 233 15.17 9.38 21.41
CA PRO L 233 15.85 8.20 21.94
C PRO L 233 16.71 8.51 23.14
N MET L 234 16.85 7.52 24.01
CA MET L 234 17.78 7.65 25.13
C MET L 234 19.21 7.69 24.62
N ARG L 235 20.03 8.52 25.27
CA ARG L 235 21.40 8.80 24.84
C ARG L 235 22.35 8.25 25.89
N VAL L 236 22.80 7.02 25.70
CA VAL L 236 23.68 6.35 26.66
C VAL L 236 25.11 6.36 26.13
N GLY L 237 26.06 6.67 27.00
CA GLY L 237 27.47 6.59 26.68
C GLY L 237 28.12 5.52 27.53
N LYS L 238 28.94 4.69 26.90
CA LYS L 238 29.59 3.56 27.56
C LYS L 238 31.08 3.90 27.70
N TYR L 239 31.43 4.54 28.81
CA TYR L 239 32.83 4.85 29.06
C TYR L 239 33.59 3.57 29.41
N PRO L 240 34.82 3.42 28.92
CA PRO L 240 35.60 2.24 29.28
C PRO L 240 35.84 2.22 30.78
N THR L 241 35.82 1.01 31.34
CA THR L 241 36.05 0.88 32.78
C THR L 241 37.47 1.31 33.12
N GLY L 242 37.64 1.79 34.34
CA GLY L 242 38.90 2.36 34.75
C GLY L 242 39.09 3.82 34.43
N SER L 243 38.12 4.44 33.76
CA SER L 243 38.21 5.87 33.50
C SER L 243 38.18 6.65 34.80
N THR L 244 38.95 7.73 34.85
CA THR L 244 39.04 8.54 36.06
C THR L 244 37.68 9.13 36.40
N ASN L 245 37.48 9.41 37.68
CA ASN L 245 36.23 9.99 38.16
C ASN L 245 35.94 11.36 37.57
N ARG L 246 36.96 12.03 37.01
CA ARG L 246 36.77 13.31 36.34
C ARG L 246 36.30 13.16 34.90
N GLU L 247 36.68 12.07 34.23
CA GLU L 247 36.31 11.86 32.83
C GLU L 247 34.91 11.30 32.66
N LYS L 248 34.28 10.83 33.74
CA LYS L 248 32.87 10.47 33.70
C LYS L 248 31.97 11.69 33.76
N ALA L 249 32.34 12.70 34.53
CA ALA L 249 31.56 13.94 34.59
C ALA L 249 31.54 14.68 33.26
N THR L 250 32.69 14.82 32.61
CA THR L 250 32.73 15.47 31.31
C THR L 250 31.95 14.67 30.28
N LEU L 251 32.07 13.35 30.30
CA LEU L 251 31.33 12.51 29.37
C LEU L 251 29.83 12.68 29.57
N MET L 252 29.38 12.75 30.83
CA MET L 252 27.95 12.88 31.08
C MET L 252 27.45 14.26 30.70
N GLN L 253 28.25 15.31 30.97
CA GLN L 253 27.88 16.64 30.54
C GLN L 253 27.87 16.77 29.03
N ALA L 254 28.65 15.96 28.32
CA ALA L 254 28.60 15.96 26.86
C ALA L 254 27.39 15.20 26.34
N VAL L 255 27.15 13.99 26.86
CA VAL L 255 26.03 13.19 26.39
C VAL L 255 24.70 13.84 26.73
N MET L 256 24.66 14.75 27.69
CA MET L 256 23.49 15.56 27.97
C MET L 256 23.52 16.90 27.26
N ASP L 257 24.54 17.16 26.45
CA ASP L 257 24.63 18.37 25.65
C ASP L 257 24.23 18.15 24.20
N ILE L 258 23.72 16.96 23.87
CA ILE L 258 23.31 16.67 22.50
C ILE L 258 22.01 17.43 22.22
N GLY L 259 22.02 18.26 21.20
CA GLY L 259 20.85 19.02 20.82
C GLY L 259 20.64 19.03 19.32
N ARG L 260 20.40 20.20 18.74
CA ARG L 260 20.20 20.31 17.30
C ARG L 260 21.56 20.32 16.61
N ARG L 261 21.74 19.41 15.65
CA ARG L 261 22.98 19.30 14.88
C ARG L 261 24.18 19.09 15.78
N ALA L 262 23.98 18.37 16.88
CA ALA L 262 25.08 18.09 17.80
C ALA L 262 26.13 17.23 17.10
N GLY L 263 27.40 17.56 17.33
CA GLY L 263 28.48 16.80 16.74
C GLY L 263 29.76 16.96 17.51
N GLY L 264 30.39 15.84 17.87
CA GLY L 264 31.58 15.90 18.69
C GLY L 264 32.49 14.73 18.42
N ILE L 265 33.48 14.59 19.29
CA ILE L 265 34.51 13.57 19.15
C ILE L 265 34.47 12.66 20.37
N ILE L 266 34.67 11.36 20.13
CA ILE L 266 34.77 10.38 21.21
C ILE L 266 35.96 9.49 20.95
N PRO L 267 36.67 9.05 21.99
CA PRO L 267 37.78 8.12 21.79
C PRO L 267 37.31 6.80 21.20
N MET L 268 38.27 6.01 20.73
CA MET L 268 37.93 4.73 20.12
C MET L 268 37.29 3.78 21.12
N GLY L 269 37.65 3.91 22.41
CA GLY L 269 37.12 3.02 23.43
C GLY L 269 35.74 3.36 23.94
N MET L 270 35.19 4.50 23.54
CA MET L 270 33.88 4.92 24.00
C MET L 270 32.82 4.66 22.93
N THR L 271 31.57 4.54 23.38
CA THR L 271 30.44 4.33 22.49
C THR L 271 29.32 5.27 22.88
N LEU L 272 28.50 5.62 21.89
CA LEU L 272 27.43 6.59 22.07
C LEU L 272 26.14 6.08 21.43
N ASP L 273 25.78 4.84 21.76
CA ASP L 273 24.59 4.22 21.17
C ASP L 273 23.34 4.97 21.57
N PHE L 274 22.38 5.03 20.65
CA PHE L 274 21.09 5.68 20.86
C PHE L 274 20.02 4.60 20.92
N GLN L 275 19.40 4.45 22.10
CA GLN L 275 18.37 3.45 22.29
C GLN L 275 17.01 4.12 22.46
N SER L 276 16.02 3.63 21.74
CA SER L 276 14.67 4.19 21.83
C SER L 276 14.05 3.87 23.18
N ALA L 277 13.32 4.85 23.72
CA ALA L 277 12.68 4.72 25.01
C ALA L 277 11.18 4.56 24.95
N ALA L 278 10.57 4.69 23.78
CA ALA L 278 9.13 4.53 23.63
C ALA L 278 8.84 4.16 22.19
N ASP L 279 8.38 2.94 21.96
CA ASP L 279 8.07 2.44 20.63
C ASP L 279 6.58 2.13 20.54
N GLY L 280 5.95 2.59 19.48
CA GLY L 280 4.54 2.37 19.28
C GLY L 280 3.94 3.47 18.43
N GLN L 281 2.61 3.50 18.41
CA GLN L 281 1.87 4.52 17.67
C GLN L 281 0.65 4.93 18.48
N SER L 282 -0.07 5.92 17.96
CA SER L 282 -1.20 6.51 18.67
C SER L 282 -2.53 5.81 18.38
N ASP L 283 -2.55 4.80 17.52
CA ASP L 283 -3.81 4.18 17.13
C ASP L 283 -4.56 3.55 18.31
N PRO L 284 -3.94 2.74 19.18
CA PRO L 284 -4.73 2.13 20.26
C PRO L 284 -5.31 3.14 21.23
N PHE L 285 -4.51 4.13 21.66
CA PHE L 285 -5.01 5.11 22.61
C PHE L 285 -6.20 5.87 22.04
N MET L 286 -6.08 6.33 20.80
CA MET L 286 -7.18 7.06 20.17
C MET L 286 -8.38 6.18 19.91
N ALA L 287 -8.18 4.89 19.61
CA ALA L 287 -9.32 4.00 19.45
C ALA L 287 -10.10 3.86 20.75
N MET L 288 -9.39 3.65 21.86
CA MET L 288 -10.06 3.55 23.15
C MET L 288 -10.75 4.87 23.52
N ILE L 289 -10.09 5.99 23.28
CA ILE L 289 -10.69 7.28 23.59
C ILE L 289 -11.96 7.51 22.78
N GLY L 290 -11.92 7.18 21.49
CA GLY L 290 -13.10 7.34 20.66
C GLY L 290 -14.24 6.44 21.10
N TRP L 291 -13.93 5.19 21.44
CA TRP L 291 -14.98 4.29 21.90
C TRP L 291 -15.60 4.80 23.20
N ALA L 292 -14.76 5.26 24.13
CA ALA L 292 -15.28 5.74 25.41
C ALA L 292 -16.14 6.99 25.22
N GLU L 293 -15.69 7.91 24.36
CA GLU L 293 -16.49 9.11 24.11
C GLU L 293 -17.83 8.75 23.45
N LYS L 294 -17.81 7.80 22.52
CA LYS L 294 -19.06 7.37 21.89
C LYS L 294 -19.99 6.76 22.91
N ALA L 295 -19.45 5.95 23.83
CA ALA L 295 -20.29 5.35 24.87
C ALA L 295 -20.87 6.41 25.79
N ILE L 296 -20.07 7.40 26.17
CA ILE L 296 -20.56 8.48 27.03
C ILE L 296 -21.67 9.26 26.33
N SER L 297 -21.49 9.56 25.05
CA SER L 297 -22.52 10.25 24.30
C SER L 297 -23.79 9.43 24.22
N LYS L 298 -23.65 8.11 24.01
CA LYS L 298 -24.83 7.24 23.97
C LYS L 298 -25.56 7.28 25.30
N ALA L 299 -24.83 7.21 26.41
CA ALA L 299 -25.48 7.23 27.72
C ALA L 299 -26.18 8.55 27.97
N ILE L 300 -25.54 9.67 27.60
CA ILE L 300 -26.08 10.98 27.95
C ILE L 300 -27.25 11.35 27.04
N LEU L 301 -27.00 11.44 25.74
CA LEU L 301 -28.04 11.88 24.82
C LEU L 301 -28.87 10.73 24.31
N GLY L 302 -28.24 9.64 23.89
CA GLY L 302 -28.91 8.52 23.30
C GLY L 302 -28.32 8.10 21.96
N GLY L 303 -27.59 8.99 21.31
CA GLY L 303 -26.94 8.68 20.06
C GLY L 303 -25.97 9.76 19.63
N THR L 304 -24.77 9.35 19.22
CA THR L 304 -23.76 10.31 18.81
C THR L 304 -23.97 10.72 17.36
N ASP L 322 -32.26 12.37 15.72
CA ASP L 322 -32.61 13.51 16.55
C ASP L 322 -33.91 13.25 17.31
N GLU L 323 -34.59 12.16 16.95
CA GLU L 323 -35.81 11.80 17.66
C GLU L 323 -35.50 11.33 19.08
N VAL L 324 -34.38 10.62 19.27
CA VAL L 324 -34.05 10.08 20.59
C VAL L 324 -33.80 11.20 21.58
N ARG L 325 -33.08 12.25 21.15
CA ARG L 325 -32.86 13.38 22.03
C ARG L 325 -34.17 14.05 22.41
N ARG L 326 -35.10 14.14 21.45
CA ARG L 326 -36.41 14.72 21.74
C ARG L 326 -37.15 13.88 22.78
N GLU L 327 -37.10 12.56 22.64
CA GLU L 327 -37.77 11.71 23.63
C GLU L 327 -37.13 11.84 25.00
N ILE L 328 -35.80 11.92 25.06
CA ILE L 328 -35.10 12.11 26.33
C ILE L 328 -35.54 13.41 26.99
N ARG L 329 -35.58 14.49 26.20
CA ARG L 329 -36.00 15.79 26.73
C ARG L 329 -37.43 15.73 27.23
N ASN L 330 -38.33 15.11 26.46
CA ASN L 330 -39.72 15.02 26.89
C ASN L 330 -39.83 14.25 28.20
N ALA L 331 -39.13 13.13 28.31
CA ALA L 331 -39.25 12.29 29.50
C ALA L 331 -38.73 13.01 30.74
N ASP L 332 -37.51 13.55 30.68
CA ASP L 332 -36.97 14.15 31.90
C ASP L 332 -37.65 15.48 32.21
N VAL L 333 -38.16 16.18 31.19
CA VAL L 333 -38.97 17.37 31.43
C VAL L 333 -40.28 17.01 32.11
N GLY L 334 -40.91 15.90 31.71
CA GLY L 334 -42.12 15.47 32.38
C GLY L 334 -41.86 15.10 33.84
N GLN L 335 -40.74 14.42 34.09
CA GLN L 335 -40.40 14.10 35.48
C GLN L 335 -40.17 15.37 36.29
N LEU L 336 -39.47 16.35 35.72
CA LEU L 336 -39.25 17.61 36.41
C LEU L 336 -40.58 18.33 36.67
N ALA L 337 -41.50 18.28 35.71
CA ALA L 337 -42.79 18.92 35.90
C ALA L 337 -43.57 18.25 37.01
N ARG L 338 -43.52 16.92 37.10
CA ARG L 338 -44.18 16.23 38.20
C ARG L 338 -43.57 16.63 39.54
N SER L 339 -42.25 16.73 39.60
CA SER L 339 -41.60 17.16 40.85
C SER L 339 -42.02 18.58 41.22
N ILE L 340 -42.06 19.48 40.24
CA ILE L 340 -42.46 20.86 40.52
C ILE L 340 -43.89 20.93 41.02
N ASN L 341 -44.79 20.18 40.37
CA ASN L 341 -46.19 20.16 40.81
C ASN L 341 -46.29 19.63 42.23
N ARG L 342 -45.49 18.62 42.57
CA ARG L 342 -45.49 18.11 43.93
C ARG L 342 -45.01 19.15 44.94
N ASP L 343 -43.96 19.91 44.58
CA ASP L 343 -43.22 20.64 45.60
C ASP L 343 -43.00 22.12 45.32
N LEU L 344 -43.64 22.70 44.30
CA LEU L 344 -43.51 24.14 44.07
C LEU L 344 -44.82 24.83 43.72
N ILE L 345 -45.93 24.10 43.60
CA ILE L 345 -47.24 24.68 43.37
C ILE L 345 -48.16 24.45 44.55
N TYR L 346 -48.29 23.19 44.97
CA TYR L 346 -49.06 22.89 46.17
C TYR L 346 -48.56 23.62 47.42
N PRO L 347 -47.25 23.72 47.70
CA PRO L 347 -46.82 24.49 48.88
C PRO L 347 -47.26 25.95 48.82
N LEU L 348 -47.12 26.60 47.66
CA LEU L 348 -47.55 27.98 47.54
C LEU L 348 -49.06 28.10 47.75
N LEU L 349 -49.82 27.20 47.13
CA LEU L 349 -51.28 27.25 47.28
C LEU L 349 -51.69 27.04 48.74
N ALA L 350 -51.06 26.09 49.43
CA ALA L 350 -51.44 25.80 50.80
C ALA L 350 -51.05 26.93 51.74
N LEU L 351 -49.85 27.50 51.56
CA LEU L 351 -49.41 28.57 52.44
C LEU L 351 -50.19 29.86 52.22
N ASN L 352 -50.37 30.25 50.96
CA ASN L 352 -51.05 31.52 50.68
C ASN L 352 -52.53 31.45 51.04
N SER L 353 -53.19 30.36 50.70
CA SER L 353 -54.61 30.22 51.00
C SER L 353 -54.80 29.71 52.43
N ASP L 354 -56.04 29.85 52.92
CA ASP L 354 -56.39 29.39 54.26
C ASP L 354 -57.32 28.19 54.26
N SER L 355 -58.14 28.02 53.23
CA SER L 355 -59.03 26.88 53.16
C SER L 355 -58.27 25.62 52.72
N THR L 356 -58.89 24.48 52.96
CA THR L 356 -58.28 23.20 52.60
C THR L 356 -58.15 23.10 51.09
N ILE L 357 -56.90 23.07 50.60
CA ILE L 357 -56.65 23.01 49.17
C ILE L 357 -57.11 21.66 48.64
N ASP L 358 -57.87 21.68 47.55
CA ASP L 358 -58.33 20.45 46.92
C ASP L 358 -57.15 19.75 46.27
N ILE L 359 -56.69 18.66 46.88
CA ILE L 359 -55.53 17.95 46.36
C ILE L 359 -55.83 17.32 45.01
N ASN L 360 -57.07 16.87 44.80
CA ASN L 360 -57.44 16.27 43.52
C ASN L 360 -57.33 17.28 42.38
N ARG L 361 -57.76 18.51 42.61
CA ARG L 361 -57.78 19.55 41.58
C ARG L 361 -56.90 20.72 42.02
N LEU L 362 -55.68 20.77 41.50
CA LEU L 362 -54.78 21.88 41.71
C LEU L 362 -54.04 22.19 40.42
N PRO L 363 -53.65 23.44 40.21
CA PRO L 363 -52.94 23.79 38.97
C PRO L 363 -51.63 23.01 38.85
N GLY L 364 -51.30 22.67 37.62
CA GLY L 364 -50.10 21.91 37.33
C GLY L 364 -49.30 22.53 36.21
N ILE L 365 -47.97 22.53 36.37
CA ILE L 365 -47.10 23.11 35.35
C ILE L 365 -47.06 22.19 34.14
N VAL L 366 -47.10 22.78 32.95
CA VAL L 366 -47.05 22.05 31.69
C VAL L 366 -45.99 22.70 30.81
N PHE L 367 -45.08 21.89 30.27
CA PHE L 367 -44.07 22.37 29.36
C PHE L 367 -44.54 22.21 27.92
N ASP L 368 -44.25 23.22 27.10
CA ASP L 368 -44.63 23.21 25.69
C ASP L 368 -43.62 22.36 24.92
N THR L 369 -43.77 21.05 25.05
CA THR L 369 -42.88 20.09 24.43
C THR L 369 -43.34 19.64 23.06
N SER L 370 -44.43 20.22 22.54
CA SER L 370 -44.93 19.82 21.23
C SER L 370 -43.94 20.17 20.13
N GLU L 371 -43.76 19.25 19.19
CA GLU L 371 -42.86 19.49 18.07
C GLU L 371 -43.37 20.63 17.21
N ALA L 372 -42.45 21.47 16.73
CA ALA L 372 -42.83 22.60 15.89
C ALA L 372 -43.42 22.10 14.58
N GLY L 373 -44.36 22.88 14.05
CA GLY L 373 -45.05 22.55 12.82
C GLY L 373 -44.49 23.37 11.66
N ASP L 374 -44.15 22.67 10.58
CA ASP L 374 -43.63 23.33 9.38
C ASP L 374 -44.71 24.22 8.77
N ILE L 375 -44.43 25.53 8.71
CA ILE L 375 -45.45 26.49 8.33
C ILE L 375 -45.86 26.34 6.87
N THR L 376 -44.92 26.00 5.99
CA THR L 376 -45.24 25.92 4.57
C THR L 376 -46.20 24.78 4.27
N ALA L 377 -45.93 23.59 4.82
CA ALA L 377 -46.80 22.45 4.59
C ALA L 377 -48.18 22.68 5.17
N LEU L 378 -48.26 23.22 6.38
CA LEU L 378 -49.56 23.53 6.97
C LEU L 378 -50.30 24.57 6.13
N SER L 379 -49.59 25.60 5.68
CA SER L 379 -50.23 26.69 4.96
C SER L 379 -50.74 26.25 3.59
N ASP L 380 -50.05 25.32 2.93
CA ASP L 380 -50.55 24.86 1.65
C ASP L 380 -51.35 23.57 1.75
N ALA L 381 -51.55 23.04 2.96
CA ALA L 381 -52.38 21.86 3.14
C ALA L 381 -53.75 22.19 3.75
N ILE L 382 -53.77 22.99 4.82
CA ILE L 382 -55.02 23.24 5.54
C ILE L 382 -56.08 23.90 4.65
N PRO L 383 -55.78 24.96 3.88
CA PRO L 383 -56.81 25.58 3.08
C PRO L 383 -57.35 24.60 2.05
N LYS L 384 -56.63 23.51 1.82
CA LYS L 384 -57.07 22.51 0.82
C LYS L 384 -58.03 21.53 1.50
N LEU L 385 -57.78 21.25 2.77
CA LEU L 385 -58.66 20.33 3.53
C LEU L 385 -59.80 21.16 4.11
N ALA L 386 -59.53 22.41 4.47
CA ALA L 386 -60.59 23.21 5.13
C ALA L 386 -61.85 23.09 4.30
N ALA L 387 -61.75 23.47 3.04
CA ALA L 387 -62.94 23.27 2.22
C ALA L 387 -63.44 21.87 2.49
N GLY L 388 -64.63 21.72 3.09
CA GLY L 388 -65.20 20.38 3.25
C GLY L 388 -65.13 19.89 4.69
N MET L 389 -64.08 20.26 5.40
CA MET L 389 -63.91 19.73 6.77
C MET L 389 -63.85 20.90 7.75
N ARG L 390 -64.50 20.78 8.90
CA ARG L 390 -64.46 21.86 9.93
C ARG L 390 -63.19 21.71 10.78
N ILE L 391 -62.10 22.34 10.36
CA ILE L 391 -60.83 22.28 11.13
C ILE L 391 -60.89 23.43 12.13
N PRO L 392 -60.43 23.28 13.38
CA PRO L 392 -60.59 24.34 14.35
C PRO L 392 -59.40 25.27 14.31
N VAL L 393 -59.65 26.57 14.43
CA VAL L 393 -58.53 27.53 14.29
C VAL L 393 -57.57 27.26 15.44
N SER L 394 -58.08 26.71 16.54
CA SER L 394 -57.23 26.52 17.74
C SER L 394 -56.06 25.58 17.40
N TRP L 395 -56.35 24.41 16.85
CA TRP L 395 -55.27 23.43 16.57
C TRP L 395 -54.25 24.15 15.70
N ILE L 396 -54.72 24.88 14.70
CA ILE L 396 -53.79 25.58 13.77
C ILE L 396 -53.01 26.64 14.56
N GLN L 397 -53.66 27.31 15.49
CA GLN L 397 -52.98 28.33 16.30
C GLN L 397 -51.89 27.65 17.11
N GLU L 398 -52.15 26.46 17.66
CA GLU L 398 -51.12 25.88 18.51
C GLU L 398 -49.76 25.92 17.81
N LYS L 399 -49.72 25.62 16.51
CA LYS L 399 -48.49 25.75 15.75
C LYS L 399 -48.15 27.22 15.61
N LEU L 400 -47.02 27.63 16.18
CA LEU L 400 -46.60 29.03 16.23
C LEU L 400 -47.70 29.83 16.92
N HIS L 401 -48.33 30.78 16.25
CA HIS L 401 -49.44 31.53 16.86
C HIS L 401 -50.77 31.15 16.23
N ASN M 2 22.42 -66.66 19.47
CA ASN M 2 23.62 -65.99 19.00
C ASN M 2 23.73 -66.12 17.48
N TYR M 3 24.41 -65.15 16.86
CA TYR M 3 24.53 -65.13 15.41
C TYR M 3 25.57 -66.14 14.92
N ALA M 4 26.68 -66.27 15.63
CA ALA M 4 27.75 -67.18 15.26
C ALA M 4 27.95 -68.24 16.34
N THR M 5 28.23 -69.46 15.90
CA THR M 5 28.49 -70.56 16.81
C THR M 5 29.98 -70.61 17.15
N VAL M 6 30.28 -71.29 18.26
CA VAL M 6 31.66 -71.41 18.70
C VAL M 6 32.50 -72.15 17.67
N ASN M 7 31.89 -73.06 16.90
CA ASN M 7 32.61 -73.76 15.85
C ASN M 7 33.04 -72.85 14.73
N ASP M 8 32.49 -71.64 14.63
CA ASP M 8 32.93 -70.64 13.67
C ASP M 8 33.95 -69.69 14.25
N LEU M 9 33.80 -69.31 15.52
CA LEU M 9 34.82 -68.49 16.18
C LEU M 9 36.14 -69.25 16.30
N CYS M 10 36.08 -70.55 16.53
CA CYS M 10 37.29 -71.36 16.59
C CYS M 10 37.87 -71.68 15.22
N ALA M 11 37.18 -71.29 14.14
CA ALA M 11 37.70 -71.43 12.80
C ALA M 11 38.29 -70.13 12.27
N ARG M 12 37.56 -69.02 12.43
CA ARG M 12 38.13 -67.73 12.05
C ARG M 12 39.34 -67.39 12.91
N TYR M 13 39.27 -67.66 14.21
CA TYR M 13 40.38 -67.49 15.13
C TYR M 13 40.84 -68.87 15.57
N THR M 14 42.16 -69.08 15.58
CA THR M 14 42.71 -70.40 15.84
C THR M 14 42.20 -70.96 17.16
N ARG M 15 41.83 -72.24 17.15
CA ARG M 15 41.24 -72.87 18.33
C ARG M 15 42.22 -72.86 19.50
N THR M 16 43.51 -73.06 19.21
CA THR M 16 44.51 -73.07 20.29
C THR M 16 44.53 -71.76 21.04
N ARG M 17 44.50 -70.63 20.32
CA ARG M 17 44.44 -69.33 20.98
C ARG M 17 43.12 -69.15 21.71
N LEU M 18 42.03 -69.68 21.16
CA LEU M 18 40.75 -69.62 21.85
C LEU M 18 40.80 -70.40 23.16
N ASP M 19 41.41 -71.58 23.14
CA ASP M 19 41.58 -72.33 24.38
C ASP M 19 42.46 -71.59 25.37
N ILE M 20 43.51 -70.93 24.88
CA ILE M 20 44.38 -70.16 25.77
C ILE M 20 43.59 -69.04 26.43
N LEU M 21 42.75 -68.34 25.68
CA LEU M 21 41.93 -67.28 26.24
C LEU M 21 40.85 -67.78 27.18
N THR M 22 40.30 -68.96 26.92
CA THR M 22 39.16 -69.46 27.68
C THR M 22 39.55 -70.19 28.96
N ARG M 23 40.64 -70.97 28.94
CA ARG M 23 40.98 -71.84 30.07
C ARG M 23 41.11 -71.11 31.41
N PRO M 24 41.54 -69.84 31.50
CA PRO M 24 41.53 -69.19 32.81
C PRO M 24 40.12 -68.88 33.30
N LYS M 25 39.22 -68.50 32.40
CA LYS M 25 37.93 -67.94 32.80
C LYS M 25 37.04 -69.00 33.43
N THR M 26 37.19 -70.26 33.02
CA THR M 26 36.38 -71.32 33.58
C THR M 26 36.75 -71.57 35.04
N ALA M 27 35.83 -72.20 35.77
CA ALA M 27 36.05 -72.42 37.20
C ALA M 27 37.10 -73.49 37.44
N ASP M 28 37.03 -74.60 36.70
CA ASP M 28 37.94 -75.71 36.94
C ASP M 28 39.38 -75.37 36.56
N GLY M 29 39.56 -74.77 35.39
CA GLY M 29 40.88 -74.47 34.86
C GLY M 29 41.24 -75.23 33.60
N GLN M 30 40.36 -76.08 33.08
CA GLN M 30 40.48 -76.87 31.88
C GLN M 30 39.73 -76.18 30.73
N PRO M 31 40.16 -76.37 29.49
CA PRO M 31 39.47 -75.73 28.36
C PRO M 31 37.97 -75.98 28.39
N ASP M 32 37.21 -74.90 28.28
CA ASP M 32 35.76 -74.94 28.34
C ASP M 32 35.16 -74.32 27.09
N ASP M 33 33.88 -74.59 26.87
CA ASP M 33 33.17 -74.08 25.70
C ASP M 33 32.06 -73.10 26.06
N ALA M 34 31.56 -73.12 27.29
CA ALA M 34 30.47 -72.22 27.66
C ALA M 34 30.90 -70.77 27.70
N VAL M 35 32.17 -70.50 28.01
CA VAL M 35 32.65 -69.12 28.04
C VAL M 35 32.57 -68.49 26.66
N ALA M 36 32.99 -69.23 25.63
CA ALA M 36 32.94 -68.71 24.28
C ALA M 36 31.50 -68.48 23.84
N GLU M 37 30.60 -69.39 24.19
CA GLU M 37 29.20 -69.21 23.84
C GLU M 37 28.59 -68.01 24.54
N GLN M 38 28.96 -67.79 25.80
CA GLN M 38 28.47 -66.61 26.52
C GLN M 38 28.99 -65.32 25.90
N ALA M 39 30.26 -65.31 25.50
CA ALA M 39 30.81 -64.13 24.83
C ALA M 39 30.13 -63.89 23.50
N LEU M 40 29.86 -64.96 22.74
CA LEU M 40 29.15 -64.83 21.48
C LEU M 40 27.73 -64.31 21.71
N ALA M 41 27.08 -64.76 22.77
CA ALA M 41 25.75 -64.25 23.09
C ALA M 41 25.78 -62.77 23.44
N ASP M 42 26.79 -62.34 24.19
CA ASP M 42 26.91 -60.92 24.51
C ASP M 42 27.18 -60.09 23.25
N ALA M 43 28.03 -60.58 22.36
CA ALA M 43 28.29 -59.87 21.11
C ALA M 43 27.04 -59.82 20.24
N SER M 44 26.27 -60.91 20.21
CA SER M 44 25.02 -60.92 19.46
C SER M 44 24.02 -59.95 20.06
N ALA M 45 24.02 -59.81 21.39
CA ALA M 45 23.17 -58.80 22.03
C ALA M 45 23.59 -57.40 21.62
N PHE M 46 24.91 -57.16 21.58
CA PHE M 46 25.42 -55.87 21.12
C PHE M 46 24.93 -55.56 19.70
N ILE M 47 25.10 -56.51 18.79
CA ILE M 47 24.67 -56.30 17.41
C ILE M 47 23.15 -56.14 17.34
N ASP M 48 22.42 -56.91 18.14
CA ASP M 48 20.97 -56.79 18.15
C ASP M 48 20.53 -55.41 18.58
N GLY M 49 21.18 -54.86 19.61
CA GLY M 49 20.88 -53.50 20.00
C GLY M 49 21.22 -52.48 18.93
N TYR M 50 22.31 -52.73 18.20
CA TYR M 50 22.68 -51.80 17.15
C TYR M 50 21.84 -51.95 15.88
N LEU M 51 21.08 -53.04 15.76
CA LEU M 51 20.28 -53.26 14.57
C LEU M 51 18.78 -53.04 14.79
N ALA M 52 18.32 -53.09 16.04
CA ALA M 52 16.89 -52.97 16.30
C ALA M 52 16.34 -51.59 15.96
N ALA M 53 17.19 -50.65 15.56
CA ALA M 53 16.70 -49.32 15.22
C ALA M 53 15.79 -49.36 13.99
N ARG M 54 16.14 -50.17 12.99
CA ARG M 54 15.37 -50.20 11.75
C ARG M 54 15.17 -51.62 11.24
N PHE M 55 15.04 -52.60 12.12
CA PHE M 55 14.80 -53.98 11.72
C PHE M 55 13.93 -54.66 12.76
N VAL M 56 13.13 -55.61 12.31
CA VAL M 56 12.47 -56.52 13.24
C VAL M 56 13.53 -57.51 13.74
N LEU M 57 13.80 -57.44 15.04
CA LEU M 57 15.07 -57.97 15.55
C LEU M 57 15.16 -59.49 15.48
N PRO M 58 14.09 -60.28 15.72
CA PRO M 58 14.17 -61.71 15.41
C PRO M 58 14.29 -61.91 13.90
N LEU M 59 15.48 -61.67 13.37
CA LEU M 59 15.71 -61.53 11.94
C LEU M 59 15.15 -62.70 11.16
N THR M 60 14.32 -62.39 10.17
CA THR M 60 13.79 -63.44 9.29
C THR M 60 14.92 -64.10 8.51
N VAL M 61 15.77 -63.29 7.89
CA VAL M 61 16.97 -63.76 7.20
C VAL M 61 18.17 -63.02 7.79
N VAL M 62 19.22 -63.77 8.11
CA VAL M 62 20.39 -63.22 8.79
C VAL M 62 21.37 -62.73 7.73
N PRO M 63 21.78 -61.47 7.75
CA PRO M 63 22.83 -61.02 6.83
C PRO M 63 24.10 -61.84 7.04
N SER M 64 24.78 -62.14 5.94
CA SER M 64 25.91 -63.07 5.99
C SER M 64 27.15 -62.45 6.60
N LEU M 65 27.26 -61.12 6.59
CA LEU M 65 28.39 -60.47 7.25
C LEU M 65 28.25 -60.44 8.76
N LEU M 66 27.03 -60.62 9.27
CA LEU M 66 26.82 -60.52 10.71
C LEU M 66 27.54 -61.61 11.47
N LYS M 67 27.82 -62.74 10.83
CA LYS M 67 28.65 -63.76 11.47
C LYS M 67 30.05 -63.22 11.77
N ARG M 68 30.66 -62.56 10.79
CA ARG M 68 31.94 -61.91 11.01
C ARG M 68 31.84 -60.81 12.05
N GLN M 69 30.79 -60.00 11.97
CA GLN M 69 30.63 -58.89 12.92
C GLN M 69 30.38 -59.38 14.33
N CYS M 70 29.84 -60.58 14.50
CA CYS M 70 29.68 -61.15 15.84
C CYS M 70 30.97 -61.81 16.32
N CYS M 71 31.69 -62.47 15.41
CA CYS M 71 32.96 -63.09 15.80
C CYS M 71 33.97 -62.04 16.27
N VAL M 72 34.06 -60.91 15.57
CA VAL M 72 35.05 -59.90 15.96
C VAL M 72 34.71 -59.31 17.31
N VAL M 73 33.43 -58.99 17.56
CA VAL M 73 33.06 -58.40 18.83
C VAL M 73 33.21 -59.41 19.96
N ALA M 74 32.91 -60.68 19.70
CA ALA M 74 33.14 -61.70 20.71
C ALA M 74 34.63 -61.84 21.03
N TRP M 75 35.47 -61.78 20.00
CA TRP M 75 36.91 -61.87 20.23
C TRP M 75 37.41 -60.69 21.07
N PHE M 76 36.92 -59.48 20.77
CA PHE M 76 37.31 -58.34 21.58
C PHE M 76 36.80 -58.47 23.01
N TYR M 77 35.56 -58.90 23.19
CA TYR M 77 35.01 -59.11 24.52
C TYR M 77 35.78 -60.18 25.28
N LEU M 78 36.41 -61.10 24.57
CA LEU M 78 37.15 -62.18 25.19
C LEU M 78 38.62 -61.82 25.45
N ASN M 79 39.06 -60.64 25.01
CA ASN M 79 40.40 -60.14 25.27
C ASN M 79 40.38 -58.88 26.13
N GLU M 80 39.39 -58.77 27.02
CA GLU M 80 39.20 -57.53 27.76
C GLU M 80 40.32 -57.24 28.74
N SER M 81 41.07 -58.25 29.18
CA SER M 81 42.13 -58.02 30.16
C SER M 81 43.32 -57.31 29.53
N GLN M 82 43.76 -57.78 28.38
CA GLN M 82 44.93 -57.22 27.69
C GLN M 82 44.81 -57.54 26.22
N PRO M 83 44.23 -56.65 25.42
CA PRO M 83 44.07 -56.92 23.99
C PRO M 83 45.20 -56.34 23.15
N THR M 84 45.39 -56.95 21.99
CA THR M 84 46.31 -56.41 21.00
C THR M 84 45.75 -55.12 20.44
N GLU M 85 46.65 -54.27 19.92
CA GLU M 85 46.20 -53.03 19.29
C GLU M 85 45.31 -53.31 18.09
N GLN M 86 45.61 -54.35 17.32
CA GLN M 86 44.81 -54.66 16.15
C GLN M 86 43.41 -55.13 16.54
N ILE M 87 43.29 -55.88 17.63
CA ILE M 87 41.97 -56.31 18.09
C ILE M 87 41.12 -55.09 18.43
N THR M 88 41.70 -54.14 19.15
CA THR M 88 40.96 -52.92 19.48
C THR M 88 40.61 -52.13 18.24
N ALA M 89 41.53 -52.03 17.28
CA ALA M 89 41.26 -51.28 16.06
C ALA M 89 40.12 -51.92 15.27
N THR M 90 40.13 -53.24 15.16
CA THR M 90 39.06 -53.92 14.43
C THR M 90 37.73 -53.82 15.17
N TYR M 91 37.76 -53.84 16.49
CA TYR M 91 36.53 -53.64 17.25
C TYR M 91 35.98 -52.24 17.04
N ARG M 92 36.85 -51.23 17.01
CA ARG M 92 36.38 -49.89 16.70
C ARG M 92 35.82 -49.81 15.29
N ASP M 93 36.44 -50.50 14.34
CA ASP M 93 35.93 -50.51 12.98
C ASP M 93 34.54 -51.14 12.91
N THR M 94 34.33 -52.26 13.62
CA THR M 94 33.02 -52.89 13.56
C THR M 94 31.97 -52.10 14.33
N VAL M 95 32.37 -51.40 15.40
CA VAL M 95 31.44 -50.48 16.05
C VAL M 95 31.05 -49.34 15.11
N ARG M 96 32.02 -48.82 14.36
CA ARG M 96 31.72 -47.79 13.38
C ARG M 96 30.75 -48.31 12.32
N TRP M 97 30.98 -49.55 11.86
CA TRP M 97 30.07 -50.13 10.87
C TRP M 97 28.67 -50.31 11.43
N LEU M 98 28.56 -50.76 12.67
CA LEU M 98 27.24 -50.93 13.29
C LEU M 98 26.55 -49.59 13.48
N GLU M 99 27.31 -48.56 13.84
CA GLU M 99 26.73 -47.21 13.94
C GLU M 99 26.23 -46.73 12.59
N GLN M 100 26.99 -47.00 11.53
CA GLN M 100 26.55 -46.61 10.20
C GLN M 100 25.29 -47.37 9.79
N VAL M 101 25.20 -48.65 10.16
CA VAL M 101 24.00 -49.43 9.85
C VAL M 101 22.80 -48.87 10.60
N ARG M 102 22.97 -48.57 11.88
CA ARG M 102 21.86 -48.02 12.67
C ARG M 102 21.42 -46.66 12.14
N ASP M 103 22.38 -45.80 11.79
CA ASP M 103 22.03 -44.49 11.28
C ASP M 103 21.32 -44.58 9.94
N GLY M 104 21.68 -45.57 9.13
CA GLY M 104 21.15 -45.71 7.78
C GLY M 104 22.18 -45.52 6.69
N LYS M 105 23.45 -45.32 7.02
CA LYS M 105 24.45 -45.08 5.99
C LYS M 105 24.74 -46.34 5.18
N THR M 106 24.67 -47.51 5.82
CA THR M 106 24.97 -48.77 5.15
C THR M 106 23.96 -49.82 5.55
N ASP M 107 23.44 -50.53 4.56
CA ASP M 107 22.58 -51.67 4.85
C ASP M 107 23.42 -52.87 5.29
N PRO M 108 22.91 -53.71 6.19
CA PRO M 108 23.71 -54.84 6.68
C PRO M 108 24.12 -55.81 5.58
N GLY M 109 23.29 -55.97 4.55
CA GLY M 109 23.56 -56.93 3.51
C GLY M 109 22.37 -57.83 3.32
N VAL M 110 22.64 -59.05 2.85
CA VAL M 110 21.61 -60.05 2.58
C VAL M 110 22.10 -61.40 3.05
N GLU M 111 21.24 -62.40 2.92
CA GLU M 111 21.69 -63.79 3.02
C GLU M 111 22.31 -64.19 1.69
N SER M 112 23.57 -64.59 1.72
CA SER M 112 24.30 -64.90 0.49
C SER M 112 23.67 -66.04 -0.30
N ARG M 113 22.87 -66.88 0.36
CA ARG M 113 22.26 -68.01 -0.34
C ARG M 113 21.21 -67.54 -1.35
N THR M 114 20.32 -66.66 -0.93
CA THR M 114 19.19 -66.25 -1.75
C THR M 114 19.08 -64.76 -1.96
N ALA M 115 20.02 -63.96 -1.44
CA ALA M 115 20.01 -62.51 -1.60
C ALA M 115 18.70 -61.90 -1.12
N ALA M 116 18.35 -62.20 0.12
CA ALA M 116 17.15 -61.66 0.76
C ALA M 116 17.56 -60.74 1.88
N SER M 117 16.97 -59.55 1.91
CA SER M 117 17.30 -58.58 2.94
C SER M 117 16.32 -58.68 4.10
N PRO M 118 16.81 -58.58 5.34
CA PRO M 118 15.91 -58.68 6.50
C PRO M 118 14.92 -57.54 6.51
N GLU M 119 13.68 -57.85 6.88
CA GLU M 119 12.63 -56.85 6.94
C GLU M 119 12.72 -56.06 8.23
N GLY M 120 11.90 -55.01 8.32
CA GLY M 120 11.90 -54.18 9.52
C GLY M 120 10.66 -53.32 9.55
N GLU M 121 10.47 -52.67 10.70
CA GLU M 121 9.33 -51.79 10.86
C GLU M 121 9.51 -50.52 10.03
N ASP M 122 8.40 -49.84 9.78
CA ASP M 122 8.39 -48.65 8.95
C ASP M 122 9.14 -47.53 9.67
N LEU M 123 10.31 -47.15 9.13
CA LEU M 123 11.05 -46.02 9.70
C LEU M 123 10.25 -44.74 9.58
N VAL M 124 9.64 -44.50 8.43
CA VAL M 124 8.84 -43.32 8.16
C VAL M 124 7.40 -43.76 7.97
N GLN M 125 6.47 -43.03 8.59
CA GLN M 125 5.06 -43.35 8.51
C GLN M 125 4.26 -42.07 8.72
N VAL M 126 3.39 -41.74 7.78
CA VAL M 126 2.56 -40.55 7.87
C VAL M 126 1.10 -40.96 7.67
N GLN M 127 0.20 -40.24 8.32
CA GLN M 127 -1.23 -40.43 8.16
C GLN M 127 -1.88 -39.09 7.90
N SER M 128 -2.77 -39.05 6.92
CA SER M 128 -3.54 -37.86 6.61
C SER M 128 -5.03 -38.22 6.61
N ASP M 129 -5.85 -37.19 6.54
CA ASP M 129 -7.28 -37.41 6.42
C ASP M 129 -7.59 -38.10 5.10
N PRO M 130 -8.71 -38.80 4.99
CA PRO M 130 -9.04 -39.50 3.75
C PRO M 130 -9.04 -38.54 2.57
N PRO M 131 -8.54 -38.97 1.42
CA PRO M 131 -8.36 -38.04 0.30
C PRO M 131 -9.69 -37.76 -0.40
N VAL M 132 -10.00 -36.48 -0.53
CA VAL M 132 -11.17 -36.02 -1.27
C VAL M 132 -10.69 -34.99 -2.28
N PHE M 133 -11.36 -34.93 -3.43
CA PHE M 133 -11.01 -34.05 -4.54
C PHE M 133 -9.67 -34.41 -5.16
N SER M 134 -9.13 -35.59 -4.85
CA SER M 134 -7.91 -36.03 -5.50
C SER M 134 -8.21 -36.48 -6.93
N ARG M 135 -7.16 -36.58 -7.74
CA ARG M 135 -7.33 -36.94 -9.14
C ARG M 135 -7.87 -38.35 -9.31
N LYS M 136 -7.77 -39.20 -8.28
CA LYS M 136 -8.31 -40.54 -8.37
C LYS M 136 -9.83 -40.56 -8.38
N GLN M 137 -10.48 -39.48 -7.96
CA GLN M 137 -11.93 -39.37 -7.99
C GLN M 137 -12.33 -39.05 -9.42
N LYS M 138 -12.62 -40.09 -10.20
CA LYS M 138 -12.95 -39.91 -11.61
C LYS M 138 -14.27 -39.20 -11.83
N GLY M 139 -15.08 -39.03 -10.78
CA GLY M 139 -16.30 -38.24 -10.90
C GLY M 139 -15.98 -36.79 -11.17
N PHE M 140 -17.01 -35.99 -11.44
CA PHE M 140 -16.85 -34.58 -11.79
C PHE M 140 -15.95 -34.43 -13.00
N ILE M 141 -14.79 -33.80 -12.81
CA ILE M 141 -13.84 -33.54 -13.90
C ILE M 141 -14.50 -32.80 -15.06
N ASN N 2 20.70 -56.09 41.66
CA ASN N 2 21.78 -55.92 40.69
C ASN N 2 21.48 -56.65 39.38
N TYR N 3 22.06 -56.16 38.29
CA TYR N 3 21.78 -56.75 36.98
C TYR N 3 22.56 -58.05 36.79
N ALA N 4 23.81 -58.10 37.24
CA ALA N 4 24.65 -59.28 37.09
C ALA N 4 25.03 -59.82 38.45
N THR N 5 25.08 -61.15 38.55
CA THR N 5 25.47 -61.83 39.77
C THR N 5 26.98 -62.03 39.79
N VAL N 6 27.51 -62.25 41.00
CA VAL N 6 28.94 -62.45 41.16
C VAL N 6 29.41 -63.69 40.41
N ASN N 7 28.53 -64.69 40.25
CA ASN N 7 28.87 -65.87 39.49
C ASN N 7 29.08 -65.59 38.01
N ASP N 8 28.63 -64.44 37.52
CA ASP N 8 28.88 -64.02 36.15
C ASP N 8 30.11 -63.12 36.04
N LEU N 9 30.34 -62.26 37.02
CA LEU N 9 31.56 -61.46 37.03
C LEU N 9 32.79 -62.33 37.20
N CYS N 10 32.68 -63.42 37.99
CA CYS N 10 33.78 -64.34 38.15
C CYS N 10 33.94 -65.29 36.97
N ALA N 11 33.03 -65.23 35.99
CA ALA N 11 33.16 -66.00 34.76
C ALA N 11 33.70 -65.16 33.62
N ARG N 12 33.15 -63.96 33.41
CA ARG N 12 33.71 -63.05 32.42
C ARG N 12 35.13 -62.65 32.77
N TYR N 13 35.38 -62.35 34.04
CA TYR N 13 36.71 -62.06 34.55
C TYR N 13 37.14 -63.21 35.44
N THR N 14 38.40 -63.65 35.29
CA THR N 14 38.88 -64.84 35.98
C THR N 14 38.68 -64.71 37.48
N ARG N 15 38.20 -65.80 38.09
CA ARG N 15 37.90 -65.77 39.52
C ARG N 15 39.15 -65.50 40.36
N THR N 16 40.30 -66.03 39.93
CA THR N 16 41.54 -65.82 40.68
C THR N 16 41.88 -64.33 40.76
N ARG N 17 41.77 -63.61 39.64
CA ARG N 17 42.00 -62.18 39.67
C ARG N 17 40.93 -61.46 40.50
N LEU N 18 39.69 -61.94 40.47
CA LEU N 18 38.65 -61.36 41.31
C LEU N 18 38.98 -61.55 42.78
N ASP N 19 39.46 -62.73 43.16
CA ASP N 19 39.88 -62.95 44.55
C ASP N 19 41.06 -62.05 44.91
N ILE N 20 42.00 -61.87 43.98
CA ILE N 20 43.13 -60.99 44.25
C ILE N 20 42.67 -59.57 44.50
N LEU N 21 41.72 -59.09 43.71
CA LEU N 21 41.18 -57.74 43.90
C LEU N 21 40.35 -57.61 45.16
N THR N 22 39.63 -58.67 45.57
CA THR N 22 38.69 -58.59 46.68
C THR N 22 39.35 -58.80 48.04
N ARG N 23 40.31 -59.73 48.14
CA ARG N 23 40.86 -60.12 49.44
C ARG N 23 41.41 -58.96 50.28
N PRO N 24 41.96 -57.88 49.71
CA PRO N 24 42.36 -56.76 50.59
C PRO N 24 41.17 -56.01 51.17
N LYS N 25 40.10 -55.85 50.39
CA LYS N 25 39.02 -54.95 50.76
C LYS N 25 38.22 -55.47 51.95
N THR N 26 38.16 -56.78 52.11
CA THR N 26 37.43 -57.36 53.23
C THR N 26 38.15 -57.08 54.54
N ALA N 27 37.41 -57.16 55.64
CA ALA N 27 37.97 -56.84 56.94
C ALA N 27 38.95 -57.92 57.41
N ASP N 28 38.59 -59.18 57.26
CA ASP N 28 39.43 -60.27 57.77
C ASP N 28 40.73 -60.39 56.99
N GLY N 29 40.65 -60.35 55.66
CA GLY N 29 41.81 -60.55 54.81
C GLY N 29 41.75 -61.80 53.96
N GLN N 30 40.69 -62.59 54.06
CA GLN N 30 40.40 -63.81 53.31
C GLN N 30 39.46 -63.50 52.16
N PRO N 31 39.52 -64.26 51.06
CA PRO N 31 38.61 -64.00 49.94
C PRO N 31 37.15 -63.91 50.38
N ASP N 32 36.49 -62.84 49.95
CA ASP N 32 35.11 -62.56 50.33
C ASP N 32 34.27 -62.40 49.08
N ASP N 33 32.95 -62.49 49.26
CA ASP N 33 32.01 -62.35 48.17
C ASP N 33 31.13 -61.11 48.27
N ALA N 34 30.97 -60.54 49.46
CA ALA N 34 30.10 -59.38 49.62
C ALA N 34 30.66 -58.14 48.93
N VAL N 35 31.99 -58.02 48.83
CA VAL N 35 32.58 -56.86 48.17
C VAL N 35 32.18 -56.85 46.69
N ALA N 36 32.26 -57.99 46.02
CA ALA N 36 31.89 -58.05 44.61
C ALA N 36 30.41 -57.74 44.42
N GLU N 37 29.55 -58.25 45.32
CA GLU N 37 28.13 -57.96 45.20
C GLU N 37 27.85 -56.48 45.43
N GLN N 38 28.57 -55.85 46.36
CA GLN N 38 28.38 -54.41 46.58
C GLN N 38 28.83 -53.61 45.37
N ALA N 39 29.96 -54.00 44.76
CA ALA N 39 30.41 -53.32 43.55
C ALA N 39 29.41 -53.50 42.41
N LEU N 40 28.87 -54.70 42.26
CA LEU N 40 27.86 -54.96 41.24
C LEU N 40 26.61 -54.12 41.51
N ALA N 41 26.21 -53.98 42.77
CA ALA N 41 25.07 -53.14 43.10
C ALA N 41 25.34 -51.68 42.75
N ASP N 42 26.55 -51.18 43.03
CA ASP N 42 26.87 -49.81 42.66
C ASP N 42 26.87 -49.62 41.14
N ALA N 43 27.40 -50.59 40.40
CA ALA N 43 27.38 -50.49 38.94
C ALA N 43 25.96 -50.55 38.41
N SER N 44 25.12 -51.39 39.01
CA SER N 44 23.71 -51.45 38.62
C SER N 44 23.00 -50.15 38.92
N ALA N 45 23.35 -49.50 40.02
CA ALA N 45 22.81 -48.18 40.32
C ALA N 45 23.23 -47.16 39.27
N PHE N 46 24.50 -47.22 38.87
CA PHE N 46 25.00 -46.35 37.80
C PHE N 46 24.18 -46.54 36.52
N ILE N 47 24.01 -47.79 36.10
CA ILE N 47 23.25 -48.07 34.88
C ILE N 47 21.80 -47.65 35.05
N ASP N 48 21.23 -47.88 36.24
CA ASP N 48 19.85 -47.49 36.49
C ASP N 48 19.66 -45.99 36.35
N GLY N 49 20.60 -45.21 36.89
CA GLY N 49 20.55 -43.78 36.71
C GLY N 49 20.68 -43.37 35.26
N TYR N 50 21.50 -44.10 34.50
CA TYR N 50 21.68 -43.74 33.09
C TYR N 50 20.52 -44.23 32.23
N LEU N 51 19.66 -45.10 32.74
CA LEU N 51 18.54 -45.62 31.96
C LEU N 51 17.20 -45.04 32.36
N ALA N 52 17.07 -44.49 33.56
CA ALA N 52 15.79 -44.00 34.03
C ALA N 52 15.29 -42.81 33.24
N ALA N 53 16.09 -42.28 32.31
CA ALA N 53 15.64 -41.12 31.53
C ALA N 53 14.44 -41.48 30.66
N ARG N 54 14.44 -42.67 30.06
CA ARG N 54 13.36 -43.04 29.14
C ARG N 54 12.91 -44.48 29.34
N PHE N 55 12.94 -44.98 30.58
CA PHE N 55 12.46 -46.32 30.86
C PHE N 55 11.85 -46.36 32.25
N VAL N 56 10.87 -47.23 32.44
CA VAL N 56 10.41 -47.55 33.79
C VAL N 56 11.47 -48.43 34.44
N LEU N 57 12.08 -47.92 35.50
CA LEU N 57 13.38 -48.43 35.91
C LEU N 57 13.32 -49.84 36.50
N PRO N 58 12.28 -50.24 37.27
CA PRO N 58 12.15 -51.67 37.59
C PRO N 58 11.84 -52.46 36.33
N LEU N 59 12.88 -52.70 35.52
CA LEU N 59 12.72 -53.18 34.16
C LEU N 59 11.87 -54.43 34.10
N THR N 60 10.83 -54.39 33.26
CA THR N 60 10.01 -55.58 33.05
C THR N 60 10.82 -56.70 32.42
N VAL N 61 11.55 -56.39 31.35
CA VAL N 61 12.48 -57.32 30.71
C VAL N 61 13.84 -56.66 30.67
N VAL N 62 14.87 -57.40 31.06
CA VAL N 62 16.22 -56.86 31.18
C VAL N 62 16.93 -57.05 29.84
N PRO N 63 17.44 -55.99 29.23
CA PRO N 63 18.24 -56.15 28.02
C PRO N 63 19.45 -57.04 28.29
N SER N 64 19.78 -57.89 27.32
CA SER N 64 20.78 -58.92 27.54
C SER N 64 22.19 -58.36 27.56
N LEU N 65 22.41 -57.20 26.95
CA LEU N 65 23.74 -56.58 27.01
C LEU N 65 24.00 -55.92 28.36
N LEU N 66 22.96 -55.63 29.13
CA LEU N 66 23.15 -54.93 30.39
C LEU N 66 23.94 -55.76 31.39
N LYS N 67 23.95 -57.08 31.26
CA LYS N 67 24.82 -57.89 32.10
C LYS N 67 26.28 -57.56 31.85
N ARG N 68 26.67 -57.47 30.57
CA ARG N 68 28.02 -57.06 30.22
C ARG N 68 28.30 -55.64 30.69
N GLN N 69 27.34 -54.73 30.47
CA GLN N 69 27.55 -53.34 30.86
C GLN N 69 27.63 -53.16 32.36
N CYS N 70 27.06 -54.08 33.14
CA CYS N 70 27.20 -54.02 34.59
C CYS N 70 28.50 -54.65 35.04
N CYS N 71 28.90 -55.76 34.38
CA CYS N 71 30.17 -56.40 34.74
C CYS N 71 31.35 -55.47 34.49
N VAL N 72 31.35 -54.76 33.36
CA VAL N 72 32.49 -53.89 33.06
C VAL N 72 32.58 -52.75 34.07
N VAL N 73 31.46 -52.13 34.40
CA VAL N 73 31.48 -51.01 35.34
C VAL N 73 31.84 -51.49 36.74
N ALA N 74 31.37 -52.68 37.12
CA ALA N 74 31.77 -53.24 38.42
C ALA N 74 33.27 -53.52 38.45
N TRP N 75 33.82 -54.05 37.35
CA TRP N 75 35.24 -54.31 37.29
C TRP N 75 36.04 -53.02 37.42
N PHE N 76 35.61 -51.96 36.74
CA PHE N 76 36.31 -50.69 36.87
C PHE N 76 36.19 -50.14 38.29
N TYR N 77 35.00 -50.21 38.88
CA TYR N 77 34.81 -49.75 40.24
C TYR N 77 35.65 -50.56 41.23
N LEU N 78 35.98 -51.80 40.87
CA LEU N 78 36.77 -52.67 41.73
C LEU N 78 38.26 -52.52 41.51
N ASN N 79 38.68 -51.72 40.52
CA ASN N 79 40.09 -51.44 40.27
C ASN N 79 40.41 -49.97 40.47
N GLU N 80 39.72 -49.31 41.41
CA GLU N 80 39.83 -47.87 41.57
C GLU N 80 41.20 -47.44 42.07
N SER N 81 41.94 -48.32 42.74
CA SER N 81 43.23 -47.93 43.29
C SER N 81 44.28 -47.77 42.19
N GLN N 82 44.36 -48.74 41.28
CA GLN N 82 45.34 -48.72 40.21
C GLN N 82 44.80 -49.59 39.07
N PRO N 83 44.11 -49.00 38.10
CA PRO N 83 43.56 -49.77 36.99
C PRO N 83 44.47 -49.80 35.78
N THR N 84 44.30 -50.86 34.99
CA THR N 84 44.97 -50.94 33.70
C THR N 84 44.40 -49.90 32.75
N GLU N 85 45.19 -49.52 31.75
CA GLU N 85 44.71 -48.57 30.76
C GLU N 85 43.50 -49.12 30.00
N GLN N 86 43.51 -50.42 29.72
CA GLN N 86 42.39 -51.02 28.99
C GLN N 86 41.11 -51.01 29.81
N ILE N 87 41.21 -51.23 31.13
CA ILE N 87 40.03 -51.17 31.97
C ILE N 87 39.42 -49.78 31.92
N THR N 88 40.25 -48.75 32.02
CA THR N 88 39.75 -47.38 31.93
C THR N 88 39.14 -47.10 30.56
N ALA N 89 39.79 -47.57 29.50
CA ALA N 89 39.27 -47.33 28.16
C ALA N 89 37.90 -48.00 27.97
N THR N 90 37.75 -49.22 28.45
CA THR N 90 36.47 -49.92 28.31
C THR N 90 35.41 -49.28 29.18
N TYR N 91 35.79 -48.78 30.36
CA TYR N 91 34.83 -48.05 31.19
C TYR N 91 34.37 -46.78 30.50
N ARG N 92 35.29 -46.05 29.86
CA ARG N 92 34.88 -44.87 29.11
C ARG N 92 33.97 -45.25 27.94
N ASP N 93 34.26 -46.38 27.29
CA ASP N 93 33.39 -46.83 26.19
C ASP N 93 31.99 -47.16 26.69
N THR N 94 31.88 -47.82 27.84
CA THR N 94 30.54 -48.17 28.33
C THR N 94 29.81 -46.94 28.87
N VAL N 95 30.54 -45.97 29.42
CA VAL N 95 29.90 -44.71 29.80
C VAL N 95 29.39 -43.98 28.56
N ARG N 96 30.17 -44.01 27.47
CA ARG N 96 29.71 -43.41 26.22
C ARG N 96 28.45 -44.12 25.71
N TRP N 97 28.43 -45.45 25.79
CA TRP N 97 27.25 -46.19 25.36
C TRP N 97 26.04 -45.86 26.22
N LEU N 98 26.22 -45.74 27.53
CA LEU N 98 25.10 -45.39 28.40
C LEU N 98 24.61 -43.97 28.13
N GLU N 99 25.53 -43.05 27.85
CA GLU N 99 25.13 -41.70 27.47
C GLU N 99 24.33 -41.71 26.18
N GLN N 100 24.75 -42.52 25.21
CA GLN N 100 24.01 -42.62 23.95
C GLN N 100 22.62 -43.22 24.19
N VAL N 101 22.51 -44.19 25.09
CA VAL N 101 21.22 -44.78 25.39
C VAL N 101 20.31 -43.76 26.05
N ARG N 102 20.84 -43.01 27.01
CA ARG N 102 20.04 -41.99 27.69
C ARG N 102 19.60 -40.90 26.72
N ASP N 103 20.50 -40.45 25.85
CA ASP N 103 20.15 -39.40 24.90
C ASP N 103 19.10 -39.89 23.91
N GLY N 104 19.15 -41.16 23.55
CA GLY N 104 18.27 -41.72 22.54
C GLY N 104 18.98 -42.19 21.29
N LYS N 105 20.32 -42.12 21.23
CA LYS N 105 21.02 -42.51 20.02
C LYS N 105 20.96 -44.02 19.81
N THR N 106 20.96 -44.81 20.88
CA THR N 106 20.97 -46.26 20.78
C THR N 106 19.99 -46.85 21.79
N ASP N 107 19.17 -47.79 21.34
CA ASP N 107 18.32 -48.51 22.27
C ASP N 107 19.14 -49.58 23.01
N PRO N 108 18.80 -49.88 24.26
CA PRO N 108 19.61 -50.85 25.02
C PRO N 108 19.62 -52.23 24.40
N GLY N 109 18.54 -52.62 23.73
CA GLY N 109 18.43 -53.95 23.18
C GLY N 109 17.16 -54.61 23.65
N VAL N 110 17.18 -55.94 23.71
CA VAL N 110 16.03 -56.73 24.11
C VAL N 110 16.51 -57.85 25.01
N GLU N 111 15.56 -58.64 25.50
CA GLU N 111 15.88 -59.93 26.10
C GLU N 111 16.08 -60.93 24.98
N SER N 112 17.28 -61.54 24.93
CA SER N 112 17.62 -62.44 23.84
C SER N 112 16.71 -63.65 23.77
N ARG N 113 16.03 -64.00 24.87
CA ARG N 113 15.16 -65.16 24.87
C ARG N 113 13.93 -64.94 24.00
N THR N 114 13.26 -63.81 24.17
CA THR N 114 11.99 -63.55 23.49
C THR N 114 11.96 -62.27 22.69
N ALA N 115 13.07 -61.54 22.60
CA ALA N 115 13.16 -60.30 21.83
C ALA N 115 12.08 -59.30 22.25
N ALA N 116 12.04 -59.01 23.54
CA ALA N 116 11.11 -58.05 24.11
C ALA N 116 11.90 -56.84 24.62
N SER N 117 11.44 -55.65 24.24
CA SER N 117 12.13 -54.44 24.66
C SER N 117 11.48 -53.87 25.92
N PRO N 118 12.29 -53.39 26.87
CA PRO N 118 11.72 -52.84 28.10
C PRO N 118 10.87 -51.61 27.82
N GLU N 119 9.76 -51.51 28.53
CA GLU N 119 8.86 -50.38 28.35
C GLU N 119 9.36 -49.17 29.14
N GLY N 120 8.70 -48.04 28.93
CA GLY N 120 9.08 -46.82 29.62
C GLY N 120 7.98 -45.79 29.52
N GLU N 121 8.16 -44.72 30.29
CA GLU N 121 7.20 -43.64 30.28
C GLU N 121 7.26 -42.88 28.96
N ASP N 122 6.18 -42.14 28.67
CA ASP N 122 6.07 -41.40 27.43
C ASP N 122 7.08 -40.26 27.41
N LEU N 123 8.08 -40.37 26.54
CA LEU N 123 9.05 -39.28 26.40
C LEU N 123 8.37 -38.01 25.91
N VAL N 124 7.51 -38.14 24.91
CA VAL N 124 6.77 -37.03 24.34
C VAL N 124 5.29 -37.21 24.63
N GLN N 125 4.63 -36.14 25.06
CA GLN N 125 3.22 -36.19 25.40
C GLN N 125 2.64 -34.80 25.21
N VAL N 126 1.58 -34.71 24.40
CA VAL N 126 0.91 -33.45 24.13
C VAL N 126 -0.57 -33.61 24.44
N GLN N 127 -1.20 -32.53 24.87
CA GLN N 127 -2.64 -32.49 25.10
C GLN N 127 -3.20 -31.26 24.42
N SER N 128 -4.32 -31.45 23.73
CA SER N 128 -5.04 -30.34 23.10
C SER N 128 -6.49 -30.38 23.55
N ASP N 129 -7.22 -29.32 23.21
CA ASP N 129 -8.63 -29.29 23.50
C ASP N 129 -9.34 -30.38 22.69
N PRO N 130 -10.52 -30.83 23.13
CA PRO N 130 -11.22 -31.89 22.41
C PRO N 130 -11.45 -31.50 20.95
N PRO N 131 -11.31 -32.43 20.03
CA PRO N 131 -11.36 -32.08 18.61
C PRO N 131 -12.78 -31.86 18.14
N VAL N 132 -13.02 -30.69 17.54
CA VAL N 132 -14.29 -30.36 16.92
C VAL N 132 -14.00 -29.92 15.49
N PHE N 133 -14.94 -30.20 14.59
CA PHE N 133 -14.82 -29.93 13.17
C PHE N 133 -13.73 -30.75 12.50
N SER N 134 -13.25 -31.78 13.18
CA SER N 134 -12.29 -32.69 12.56
C SER N 134 -12.99 -33.60 11.56
N ARG N 135 -12.20 -34.21 10.68
CA ARG N 135 -12.77 -35.06 9.64
C ARG N 135 -13.47 -36.29 10.22
N LYS N 136 -13.17 -36.65 11.47
CA LYS N 136 -13.83 -37.79 12.08
C LYS N 136 -15.30 -37.52 12.39
N GLN N 137 -15.71 -36.25 12.42
CA GLN N 137 -17.11 -35.89 12.64
C GLN N 137 -17.84 -36.09 11.32
N LYS N 138 -18.42 -37.28 11.15
CA LYS N 138 -19.09 -37.61 9.90
C LYS N 138 -20.36 -36.81 9.67
N GLY N 139 -20.84 -36.08 10.68
CA GLY N 139 -21.97 -35.19 10.47
C GLY N 139 -21.61 -34.05 9.54
N PHE N 140 -22.60 -33.25 9.17
CA PHE N 140 -22.41 -32.15 8.22
C PHE N 140 -21.85 -32.67 6.90
N ILE N 141 -20.63 -32.26 6.56
CA ILE N 141 -19.98 -32.64 5.31
C ILE N 141 -20.86 -32.32 4.10
N ASN O 2 25.92 -37.44 56.89
CA ASN O 2 26.71 -37.89 55.75
C ASN O 2 26.01 -39.01 55.00
N TYR O 3 26.31 -39.14 53.71
CA TYR O 3 25.65 -40.14 52.87
C TYR O 3 26.21 -41.53 53.13
N ALA O 4 27.52 -41.64 53.29
CA ALA O 4 28.19 -42.92 53.51
C ALA O 4 28.87 -42.93 54.87
N THR O 5 28.82 -44.09 55.53
CA THR O 5 29.47 -44.27 56.82
C THR O 5 30.91 -44.74 56.62
N VAL O 6 31.72 -44.56 57.66
CA VAL O 6 33.12 -44.95 57.59
C VAL O 6 33.25 -46.45 57.39
N ASN O 7 32.27 -47.23 57.87
CA ASN O 7 32.29 -48.68 57.67
C ASN O 7 32.12 -49.06 56.21
N ASP O 8 31.66 -48.14 55.36
CA ASP O 8 31.58 -48.37 53.92
C ASP O 8 32.80 -47.87 53.18
N LEU O 9 33.36 -46.74 53.61
CA LEU O 9 34.61 -46.26 53.03
C LEU O 9 35.75 -47.22 53.32
N CYS O 10 35.75 -47.84 54.49
CA CYS O 10 36.77 -48.82 54.82
C CYS O 10 36.52 -50.17 54.17
N ALA O 11 35.39 -50.35 53.48
CA ALA O 11 35.12 -51.55 52.71
C ALA O 11 35.40 -51.37 51.24
N ARG O 12 34.94 -50.27 50.65
CA ARG O 12 35.28 -49.98 49.26
C ARG O 12 36.79 -49.75 49.10
N TYR O 13 37.39 -49.03 50.04
CA TYR O 13 38.82 -48.82 50.08
C TYR O 13 39.38 -49.57 51.28
N THR O 14 40.49 -50.27 51.08
CA THR O 14 41.03 -51.15 52.10
C THR O 14 41.25 -50.39 53.40
N ARG O 15 40.86 -51.01 54.52
CA ARG O 15 40.97 -50.35 55.82
C ARG O 15 42.41 -50.01 56.16
N THR O 16 43.35 -50.89 55.79
CA THR O 16 44.76 -50.64 56.10
C THR O 16 45.25 -49.35 55.45
N ARG O 17 44.90 -49.14 54.18
CA ARG O 17 45.26 -47.89 53.52
C ARG O 17 44.53 -46.71 54.15
N LEU O 18 43.29 -46.90 54.58
CA LEU O 18 42.57 -45.84 55.27
C LEU O 18 43.26 -45.47 56.58
N ASP O 19 43.72 -46.47 57.33
CA ASP O 19 44.47 -46.19 58.56
C ASP O 19 45.77 -45.48 58.24
N ILE O 20 46.45 -45.86 57.16
CA ILE O 20 47.69 -45.20 56.77
C ILE O 20 47.43 -43.73 56.47
N LEU O 21 46.35 -43.44 55.73
CA LEU O 21 46.00 -42.06 55.43
C LEU O 21 45.57 -41.27 56.65
N THR O 22 44.89 -41.90 57.61
CA THR O 22 44.29 -41.19 58.74
C THR O 22 45.27 -40.97 59.89
N ARG O 23 46.13 -41.94 60.19
CA ARG O 23 46.97 -41.86 61.38
C ARG O 23 47.84 -40.61 61.49
N PRO O 24 48.32 -39.98 60.40
CA PRO O 24 49.03 -38.70 60.60
C PRO O 24 48.11 -37.57 61.02
N LYS O 25 46.89 -37.54 60.48
CA LYS O 25 46.04 -36.36 60.63
C LYS O 25 45.54 -36.18 62.06
N THR O 26 45.40 -37.27 62.79
CA THR O 26 44.95 -37.20 64.18
C THR O 26 46.02 -36.56 65.04
N ALA O 27 45.60 -36.04 66.20
CA ALA O 27 46.52 -35.33 67.08
C ALA O 27 47.49 -36.28 67.76
N ASP O 28 46.98 -37.41 68.26
CA ASP O 28 47.82 -38.34 69.02
C ASP O 28 48.85 -39.02 68.12
N GLY O 29 48.43 -39.51 66.97
CA GLY O 29 49.29 -40.26 66.07
C GLY O 29 48.89 -41.71 65.89
N GLN O 30 47.83 -42.17 66.54
CA GLN O 30 47.25 -43.51 66.49
C GLN O 30 46.05 -43.51 65.54
N PRO O 31 45.75 -44.64 64.90
CA PRO O 31 44.60 -44.68 63.99
C PRO O 31 43.33 -44.15 64.63
N ASP O 32 42.67 -43.23 63.92
CA ASP O 32 41.49 -42.56 64.41
C ASP O 32 40.35 -42.75 63.41
N ASP O 33 39.13 -42.49 63.88
CA ASP O 33 37.94 -42.62 63.05
C ASP O 33 37.24 -41.30 62.77
N ALA O 34 37.47 -40.28 63.60
CA ALA O 34 36.77 -39.01 63.39
C ALA O 34 37.24 -38.29 62.14
N VAL O 35 38.49 -38.49 61.72
CA VAL O 35 38.99 -37.85 60.52
C VAL O 35 38.21 -38.34 59.30
N ALA O 36 38.00 -39.65 59.20
CA ALA O 36 37.26 -40.20 58.08
C ALA O 36 35.82 -39.71 58.07
N GLU O 37 35.19 -39.64 59.25
CA GLU O 37 33.83 -39.14 59.31
C GLU O 37 33.75 -37.68 58.91
N GLN O 38 34.74 -36.87 59.30
CA GLN O 38 34.76 -35.47 58.89
C GLN O 38 34.94 -35.33 57.39
N ALA O 39 35.81 -36.15 56.80
CA ALA O 39 35.98 -36.12 55.35
C ALA O 39 34.71 -36.55 54.63
N LEU O 40 34.05 -37.58 55.16
CA LEU O 40 32.77 -38.01 54.58
C LEU O 40 31.72 -36.91 54.70
N ALA O 41 31.69 -36.19 55.81
CA ALA O 41 30.77 -35.09 55.96
C ALA O 41 31.05 -33.97 54.96
N ASP O 42 32.33 -33.67 54.73
CA ASP O 42 32.67 -32.65 53.74
C ASP O 42 32.28 -33.10 52.33
N ALA O 43 32.51 -34.36 52.00
CA ALA O 43 32.10 -34.87 50.69
C ALA O 43 30.58 -34.86 50.54
N SER O 44 29.87 -35.20 51.61
CA SER O 44 28.41 -35.13 51.58
C SER O 44 27.93 -33.71 51.41
N ALA O 45 28.63 -32.74 52.01
CA ALA O 45 28.30 -31.34 51.80
C ALA O 45 28.53 -30.93 50.36
N PHE O 46 29.62 -31.41 49.76
CA PHE O 46 29.88 -31.17 48.34
C PHE O 46 28.74 -31.69 47.47
N ILE O 47 28.35 -32.94 47.69
CA ILE O 47 27.27 -33.54 46.90
C ILE O 47 25.96 -32.80 47.17
N ASP O 48 25.71 -32.42 48.42
CA ASP O 48 24.49 -31.69 48.75
C ASP O 48 24.41 -30.37 48.00
N GLY O 49 25.54 -29.65 47.93
CA GLY O 49 25.56 -28.43 47.15
C GLY O 49 25.33 -28.68 45.68
N TYR O 50 25.85 -29.80 45.18
CA TYR O 50 25.67 -30.09 43.75
C TYR O 50 24.29 -30.65 43.44
N LEU O 51 23.52 -31.04 44.45
CA LEU O 51 22.19 -31.61 44.22
C LEU O 51 21.06 -30.67 44.59
N ALA O 52 21.32 -29.65 45.43
CA ALA O 52 20.25 -28.78 45.89
C ALA O 52 19.67 -27.93 44.77
N ALA O 53 20.24 -27.98 43.56
CA ALA O 53 19.70 -27.20 42.45
C ALA O 53 18.29 -27.62 42.09
N ARG O 54 18.02 -28.93 42.10
CA ARG O 54 16.71 -29.42 41.68
C ARG O 54 16.19 -30.53 42.58
N PHE O 55 16.51 -30.48 43.88
CA PHE O 55 16.01 -31.47 44.82
C PHE O 55 15.79 -30.82 46.17
N VAL O 56 14.82 -31.33 46.92
CA VAL O 56 14.71 -30.98 48.33
C VAL O 56 15.82 -31.71 49.08
N LEU O 57 16.74 -30.94 49.64
CA LEU O 57 18.05 -31.49 49.97
C LEU O 57 18.02 -32.50 51.12
N PRO O 58 17.19 -32.34 52.17
CA PRO O 58 17.02 -33.46 53.12
C PRO O 58 16.32 -34.61 52.43
N LEU O 59 17.08 -35.35 51.62
CA LEU O 59 16.51 -36.31 50.67
C LEU O 59 15.57 -37.29 51.34
N THR O 60 14.36 -37.38 50.81
CA THR O 60 13.40 -38.36 51.32
C THR O 60 13.91 -39.78 51.10
N VAL O 61 14.35 -40.07 49.88
CA VAL O 61 14.98 -41.35 49.54
C VAL O 61 16.34 -41.05 48.93
N VAL O 62 17.36 -41.74 49.39
CA VAL O 62 18.75 -41.50 49.00
C VAL O 62 19.04 -42.34 47.76
N PRO O 63 19.46 -41.74 46.64
CA PRO O 63 19.90 -42.55 45.50
C PRO O 63 21.04 -43.47 45.89
N SER O 64 21.02 -44.68 45.34
CA SER O 64 21.95 -45.71 45.80
C SER O 64 23.36 -45.48 45.27
N LEU O 65 23.52 -44.73 44.18
CA LEU O 65 24.85 -44.41 43.69
C LEU O 65 25.53 -43.34 44.52
N LEU O 66 24.77 -42.56 45.28
CA LEU O 66 25.34 -41.47 46.04
C LEU O 66 26.30 -41.95 47.11
N LYS O 67 26.14 -43.18 47.59
CA LYS O 67 27.14 -43.74 48.50
C LYS O 67 28.50 -43.83 47.83
N ARG O 68 28.55 -44.35 46.61
CA ARG O 68 29.78 -44.39 45.84
C ARG O 68 30.30 -42.99 45.56
N GLN O 69 29.41 -42.08 45.18
CA GLN O 69 29.83 -40.72 44.85
C GLN O 69 30.34 -39.96 46.08
N CYS O 70 29.91 -40.35 47.27
CA CYS O 70 30.44 -39.74 48.48
C CYS O 70 31.76 -40.40 48.89
N CYS O 71 31.87 -41.72 48.72
CA CYS O 71 33.10 -42.40 49.06
C CYS O 71 34.26 -41.90 48.20
N VAL O 72 34.02 -41.72 46.90
CA VAL O 72 35.12 -41.30 46.02
C VAL O 72 35.58 -39.89 46.37
N VAL O 73 34.64 -38.98 46.62
CA VAL O 73 35.02 -37.61 46.95
C VAL O 73 35.70 -37.54 48.31
N ALA O 74 35.25 -38.34 49.26
CA ALA O 74 35.92 -38.40 50.55
C ALA O 74 37.34 -38.94 50.40
N TRP O 75 37.53 -39.96 49.57
CA TRP O 75 38.86 -40.50 49.34
C TRP O 75 39.77 -39.46 48.72
N PHE O 76 39.27 -38.70 47.74
CA PHE O 76 40.09 -37.65 47.15
C PHE O 76 40.41 -36.56 48.17
N TYR O 77 39.41 -36.15 48.97
CA TYR O 77 39.65 -35.15 50.00
C TYR O 77 40.64 -35.64 51.04
N LEU O 78 40.76 -36.95 51.21
CA LEU O 78 41.66 -37.53 52.19
C LEU O 78 43.05 -37.79 51.63
N ASN O 79 43.26 -37.56 50.33
CA ASN O 79 44.56 -37.69 49.69
C ASN O 79 45.06 -36.35 49.16
N GLU O 80 44.70 -35.26 49.82
CA GLU O 80 44.99 -33.93 49.30
C GLU O 80 46.48 -33.61 49.26
N SER O 81 47.29 -34.27 50.10
CA SER O 81 48.71 -33.96 50.14
C SER O 81 49.43 -34.47 48.90
N GLN O 82 49.17 -35.71 48.52
CA GLN O 82 49.82 -36.33 47.37
C GLN O 82 48.93 -37.45 46.88
N PRO O 83 48.06 -37.18 45.90
CA PRO O 83 47.16 -38.21 45.39
C PRO O 83 47.71 -38.91 44.16
N THR O 84 47.24 -40.15 43.96
CA THR O 84 47.52 -40.87 42.75
C THR O 84 46.82 -40.21 41.57
N GLU O 85 47.34 -40.44 40.37
CA GLU O 85 46.69 -39.90 39.17
C GLU O 85 45.29 -40.46 39.00
N GLN O 86 45.10 -41.73 39.33
CA GLN O 86 43.77 -42.34 39.19
C GLN O 86 42.78 -41.74 40.16
N ILE O 87 43.20 -41.43 41.37
CA ILE O 87 42.30 -40.80 42.33
C ILE O 87 41.82 -39.46 41.80
N THR O 88 42.75 -38.66 41.26
CA THR O 88 42.37 -37.38 40.68
C THR O 88 41.44 -37.56 39.49
N ALA O 89 41.74 -38.54 38.64
CA ALA O 89 40.89 -38.77 37.46
C ALA O 89 39.48 -39.17 37.86
N THR O 90 39.35 -40.05 38.85
CA THR O 90 38.03 -40.46 39.30
C THR O 90 37.30 -39.33 40.00
N TYR O 91 38.02 -38.48 40.73
CA TYR O 91 37.38 -37.31 41.33
C TYR O 91 36.87 -36.35 40.25
N ARG O 92 37.66 -36.15 39.19
CA ARG O 92 37.17 -35.33 38.09
C ARG O 92 35.95 -35.95 37.43
N ASP O 93 35.94 -37.28 37.30
CA ASP O 93 34.78 -37.96 36.71
C ASP O 93 33.53 -37.77 37.58
N THR O 94 33.67 -37.88 38.89
CA THR O 94 32.49 -37.72 39.75
C THR O 94 32.05 -36.27 39.83
N VAL O 95 32.99 -35.31 39.73
CA VAL O 95 32.59 -33.91 39.63
C VAL O 95 31.83 -33.67 38.33
N ARG O 96 32.28 -34.28 37.23
CA ARG O 96 31.56 -34.17 35.98
C ARG O 96 30.16 -34.76 36.09
N TRP O 97 30.03 -35.91 36.76
CA TRP O 97 28.72 -36.51 36.94
C TRP O 97 27.82 -35.62 37.80
N LEU O 98 28.36 -35.03 38.86
CA LEU O 98 27.56 -34.14 39.69
C LEU O 98 27.13 -32.90 38.93
N GLU O 99 28.03 -32.36 38.08
CA GLU O 99 27.66 -31.23 37.24
C GLU O 99 26.55 -31.60 36.27
N GLN O 100 26.62 -32.81 35.70
CA GLN O 100 25.55 -33.25 34.80
C GLN O 100 24.24 -33.41 35.55
N VAL O 101 24.29 -33.91 36.79
CA VAL O 101 23.08 -34.05 37.58
C VAL O 101 22.47 -32.68 37.88
N ARG O 102 23.31 -31.73 38.28
CA ARG O 102 22.82 -30.39 38.59
C ARG O 102 22.24 -29.72 37.35
N ASP O 103 22.90 -29.84 36.20
CA ASP O 103 22.40 -29.23 34.98
C ASP O 103 21.08 -29.86 34.55
N GLY O 104 20.93 -31.15 34.79
CA GLY O 104 19.76 -31.89 34.32
C GLY O 104 20.06 -32.95 33.30
N LYS O 105 21.33 -33.18 32.95
CA LYS O 105 21.65 -34.16 31.92
C LYS O 105 21.40 -35.58 32.42
N THR O 106 21.62 -35.84 33.70
CA THR O 106 21.46 -37.18 34.25
C THR O 106 20.74 -37.11 35.59
N ASP O 107 19.75 -37.96 35.78
CA ASP O 107 19.12 -38.07 37.08
C ASP O 107 20.01 -38.88 38.03
N PRO O 108 19.99 -38.57 39.33
CA PRO O 108 20.89 -39.30 40.25
C PRO O 108 20.60 -40.78 40.32
N GLY O 109 19.35 -41.19 40.14
CA GLY O 109 18.98 -42.58 40.26
C GLY O 109 17.81 -42.72 41.22
N VAL O 110 17.73 -43.88 41.84
CA VAL O 110 16.66 -44.21 42.78
C VAL O 110 17.28 -44.93 43.97
N GLU O 111 16.42 -45.26 44.94
CA GLU O 111 16.78 -46.23 45.97
C GLU O 111 16.58 -47.62 45.40
N SER O 112 17.65 -48.41 45.38
CA SER O 112 17.60 -49.73 44.75
C SER O 112 16.60 -50.66 45.42
N ARG O 113 16.22 -50.38 46.67
CA ARG O 113 15.28 -51.25 47.36
C ARG O 113 13.88 -51.17 46.75
N THR O 114 13.38 -49.95 46.53
CA THR O 114 12.02 -49.75 46.08
C THR O 114 11.88 -48.92 44.81
N ALA O 115 13.00 -48.52 44.20
CA ALA O 115 12.99 -47.75 42.95
C ALA O 115 12.16 -46.48 43.11
N ALA O 116 12.50 -45.68 44.12
CA ALA O 116 11.84 -44.41 44.37
C ALA O 116 12.83 -43.28 44.13
N SER O 117 12.41 -42.28 43.35
CA SER O 117 13.28 -41.16 43.04
C SER O 117 13.06 -40.02 44.02
N PRO O 118 14.12 -39.36 44.48
CA PRO O 118 13.97 -38.26 45.44
C PRO O 118 13.19 -37.12 44.82
N GLU O 119 12.31 -36.51 45.62
CA GLU O 119 11.50 -35.40 45.14
C GLU O 119 12.31 -34.11 45.20
N GLY O 120 11.72 -33.05 44.64
CA GLY O 120 12.38 -31.75 44.64
C GLY O 120 11.39 -30.66 44.32
N GLU O 121 11.87 -29.43 44.47
CA GLU O 121 11.04 -28.27 44.18
C GLU O 121 10.81 -28.14 42.68
N ASP O 122 9.77 -27.40 42.33
CA ASP O 122 9.40 -27.21 40.93
C ASP O 122 10.47 -26.40 40.21
N LEU O 123 11.19 -27.04 39.30
CA LEU O 123 12.18 -26.33 38.50
C LEU O 123 11.51 -25.26 37.64
N VAL O 124 10.40 -25.61 37.01
CA VAL O 124 9.64 -24.70 36.16
C VAL O 124 8.28 -24.45 36.80
N GLN O 125 7.86 -23.19 36.83
CA GLN O 125 6.60 -22.82 37.44
C GLN O 125 6.10 -21.54 36.77
N VAL O 126 4.89 -21.57 36.25
CA VAL O 126 4.28 -20.42 35.59
C VAL O 126 2.93 -20.16 36.22
N GLN O 127 2.55 -18.88 36.26
CA GLN O 127 1.23 -18.48 36.73
C GLN O 127 0.62 -17.55 35.71
N SER O 128 -0.66 -17.76 35.40
CA SER O 128 -1.42 -16.90 34.52
C SER O 128 -2.68 -16.46 35.22
N ASP O 129 -3.38 -15.51 34.61
CA ASP O 129 -4.66 -15.09 35.13
C ASP O 129 -5.66 -16.24 35.05
N PRO O 130 -6.70 -16.24 35.87
CA PRO O 130 -7.67 -17.33 35.85
C PRO O 130 -8.24 -17.52 34.46
N PRO O 131 -8.44 -18.77 34.04
CA PRO O 131 -8.84 -19.02 32.64
C PRO O 131 -10.31 -18.72 32.43
N VAL O 132 -10.59 -17.88 31.43
CA VAL O 132 -11.94 -17.58 31.00
C VAL O 132 -12.01 -17.84 29.51
N PHE O 133 -13.19 -18.25 29.04
CA PHE O 133 -13.43 -18.62 27.64
C PHE O 133 -12.64 -19.84 27.20
N SER O 134 -12.08 -20.59 28.15
CA SER O 134 -11.41 -21.83 27.82
C SER O 134 -12.44 -22.90 27.49
N ARG O 135 -11.97 -23.97 26.83
CA ARG O 135 -12.87 -25.03 26.41
C ARG O 135 -13.50 -25.75 27.60
N LYS O 136 -12.90 -25.64 28.79
CA LYS O 136 -13.48 -26.28 29.97
C LYS O 136 -14.78 -25.62 30.41
N GLN O 137 -15.05 -24.39 29.96
CA GLN O 137 -16.30 -23.71 30.27
C GLN O 137 -17.38 -24.27 29.36
N LYS O 138 -18.09 -25.28 29.86
CA LYS O 138 -19.09 -25.96 29.05
C LYS O 138 -20.29 -25.07 28.75
N GLY O 139 -20.43 -23.93 29.40
CA GLY O 139 -21.47 -22.99 29.06
C GLY O 139 -21.29 -22.43 27.67
N PHE O 140 -22.26 -21.66 27.18
CA PHE O 140 -22.23 -21.11 25.84
C PHE O 140 -22.10 -22.21 24.81
N ILE O 141 -20.98 -22.23 24.08
CA ILE O 141 -20.73 -23.21 23.01
C ILE O 141 -21.86 -23.23 22.00
N ASN P 2 36.53 -15.73 61.06
CA ASN P 2 36.95 -16.74 60.10
C ASN P 2 35.98 -17.90 60.07
N TYR P 3 35.93 -18.59 58.92
CA TYR P 3 34.98 -19.69 58.76
C TYR P 3 35.46 -20.95 59.47
N ALA P 4 36.76 -21.23 59.40
CA ALA P 4 37.34 -22.42 60.00
C ALA P 4 38.35 -22.03 61.07
N THR P 5 38.38 -22.78 62.16
CA THR P 5 39.31 -22.57 63.24
C THR P 5 40.60 -23.34 62.98
N VAL P 6 41.67 -22.92 63.66
CA VAL P 6 42.96 -23.56 63.49
C VAL P 6 42.90 -25.02 63.94
N ASN P 7 42.03 -25.33 64.89
CA ASN P 7 41.86 -26.71 65.33
C ASN P 7 41.28 -27.61 64.25
N ASP P 8 40.70 -27.03 63.20
CA ASP P 8 40.22 -27.80 62.06
C ASP P 8 41.25 -27.87 60.94
N LEU P 9 42.00 -26.78 60.72
CA LEU P 9 43.08 -26.84 59.75
C LEU P 9 44.17 -27.80 60.18
N CYS P 10 44.43 -27.89 61.48
CA CYS P 10 45.42 -28.83 62.00
C CYS P 10 44.88 -30.26 62.05
N ALA P 11 43.60 -30.47 61.75
CA ALA P 11 43.02 -31.80 61.66
C ALA P 11 42.93 -32.29 60.22
N ARG P 12 42.43 -31.44 59.31
CA ARG P 12 42.42 -31.80 57.90
C ARG P 12 43.84 -31.94 57.37
N TYR P 13 44.72 -31.04 57.75
CA TYR P 13 46.14 -31.12 57.41
C TYR P 13 46.92 -31.41 58.68
N THR P 14 47.88 -32.34 58.59
CA THR P 14 48.59 -32.82 59.77
C THR P 14 49.21 -31.66 60.53
N ARG P 15 49.07 -31.70 61.86
CA ARG P 15 49.57 -30.61 62.70
C ARG P 15 51.07 -30.45 62.57
N THR P 16 51.80 -31.56 62.44
CA THR P 16 53.26 -31.49 62.32
C THR P 16 53.67 -30.67 61.09
N ARG P 17 53.02 -30.92 59.95
CA ARG P 17 53.31 -30.14 58.76
C ARG P 17 52.88 -28.68 58.94
N LEU P 18 51.78 -28.45 59.66
CA LEU P 18 51.36 -27.09 59.95
C LEU P 18 52.40 -26.36 60.80
N ASP P 19 52.95 -27.05 61.81
CA ASP P 19 54.01 -26.46 62.61
C ASP P 19 55.26 -26.19 61.76
N ILE P 20 55.58 -27.10 60.84
CA ILE P 20 56.74 -26.90 59.97
C ILE P 20 56.54 -25.65 59.11
N LEU P 21 55.33 -25.47 58.57
CA LEU P 21 55.04 -24.28 57.77
C LEU P 21 55.01 -23.00 58.58
N THR P 22 54.55 -23.07 59.83
CA THR P 22 54.35 -21.87 60.64
C THR P 22 55.60 -21.39 61.37
N ARG P 23 56.42 -22.30 61.87
CA ARG P 23 57.55 -21.93 62.73
C ARG P 23 58.52 -20.92 62.10
N PRO P 24 58.74 -20.88 60.78
CA PRO P 24 59.59 -19.79 60.27
C PRO P 24 58.92 -18.44 60.31
N LYS P 25 57.61 -18.39 60.08
CA LYS P 25 56.93 -17.10 59.86
C LYS P 25 56.86 -16.29 61.14
N THR P 26 56.81 -16.96 62.30
CA THR P 26 56.75 -16.24 63.56
C THR P 26 58.07 -15.53 63.84
N ALA P 27 58.00 -14.52 64.72
CA ALA P 27 59.18 -13.71 65.00
C ALA P 27 60.20 -14.49 65.82
N ASP P 28 59.74 -15.21 66.85
CA ASP P 28 60.67 -15.88 67.75
C ASP P 28 61.37 -17.05 67.05
N GLY P 29 60.61 -17.87 66.33
CA GLY P 29 61.14 -19.07 65.69
C GLY P 29 60.58 -20.37 66.24
N GLN P 30 59.69 -20.32 67.22
CA GLN P 30 59.01 -21.42 67.87
C GLN P 30 57.61 -21.58 67.28
N PRO P 31 57.05 -22.78 67.27
CA PRO P 31 55.70 -22.97 66.71
C PRO P 31 54.70 -21.99 67.29
N ASP P 32 53.96 -21.32 66.40
CA ASP P 32 52.99 -20.30 66.79
C ASP P 32 51.64 -20.65 66.21
N ASP P 33 50.61 -20.00 66.76
CA ASP P 33 49.23 -20.22 66.33
C ASP P 33 48.61 -19.02 65.65
N ALA P 34 49.12 -17.81 65.88
CA ALA P 34 48.53 -16.62 65.30
C ALA P 34 48.70 -16.56 63.79
N VAL P 35 49.78 -17.14 63.27
CA VAL P 35 50.00 -17.15 61.82
C VAL P 35 48.90 -17.92 61.11
N ALA P 36 48.56 -19.10 61.65
CA ALA P 36 47.50 -19.90 61.04
C ALA P 36 46.16 -19.19 61.11
N GLU P 37 45.87 -18.53 62.23
CA GLU P 37 44.62 -17.79 62.35
C GLU P 37 44.57 -16.63 61.38
N GLN P 38 45.69 -15.94 61.17
CA GLN P 38 45.72 -14.85 60.21
C GLN P 38 45.52 -15.35 58.79
N ALA P 39 46.13 -16.49 58.45
CA ALA P 39 45.92 -17.07 57.13
C ALA P 39 44.48 -17.50 56.94
N LEU P 40 43.87 -18.09 57.98
CA LEU P 40 42.46 -18.47 57.91
C LEU P 40 41.57 -17.24 57.75
N ALA P 41 41.91 -16.14 58.43
CA ALA P 41 41.15 -14.91 58.26
C ALA P 41 41.27 -14.36 56.85
N ASP P 42 42.46 -14.43 56.26
CA ASP P 42 42.61 -13.97 54.87
C ASP P 42 41.83 -14.85 53.91
N ALA P 43 41.85 -16.17 54.12
CA ALA P 43 41.08 -17.07 53.27
C ALA P 43 39.58 -16.82 53.43
N SER P 44 39.14 -16.56 54.66
CA SER P 44 37.74 -16.25 54.90
C SER P 44 37.36 -14.94 54.23
N ALA P 45 38.27 -13.96 54.21
CA ALA P 45 38.02 -12.73 53.48
C ALA P 45 37.90 -12.99 51.98
N PHE P 46 38.76 -13.86 51.44
CA PHE P 46 38.66 -14.25 50.04
C PHE P 46 37.29 -14.84 49.73
N ILE P 47 36.86 -15.81 50.55
CA ILE P 47 35.56 -16.45 50.33
C ILE P 47 34.43 -15.44 50.50
N ASP P 48 34.56 -14.55 51.49
CA ASP P 48 33.53 -13.53 51.71
C ASP P 48 33.39 -12.63 50.49
N GLY P 49 34.51 -12.23 49.90
CA GLY P 49 34.43 -11.44 48.69
C GLY P 49 33.81 -12.22 47.54
N TYR P 50 34.08 -13.51 47.47
CA TYR P 50 33.51 -14.31 46.39
C TYR P 50 32.05 -14.66 46.62
N LEU P 51 31.54 -14.47 47.84
CA LEU P 51 30.15 -14.82 48.15
C LEU P 51 29.24 -13.61 48.28
N ALA P 52 29.80 -12.43 48.54
CA ALA P 52 28.97 -11.24 48.77
C ALA P 52 28.20 -10.81 47.54
N ALA P 53 28.42 -11.46 46.39
CA ALA P 53 27.68 -11.09 45.19
C ALA P 53 26.19 -11.34 45.33
N ARG P 54 25.82 -12.46 45.96
CA ARG P 54 24.40 -12.82 46.06
C ARG P 54 24.05 -13.36 47.44
N PHE P 55 24.69 -12.86 48.49
CA PHE P 55 24.38 -13.29 49.85
C PHE P 55 24.58 -12.11 50.79
N VAL P 56 23.79 -12.09 51.87
CA VAL P 56 24.09 -11.19 52.98
C VAL P 56 25.29 -11.76 53.73
N LEU P 57 26.38 -11.02 53.72
CA LEU P 57 27.68 -11.64 53.98
C LEU P 57 27.87 -12.07 55.44
N PRO P 58 27.36 -11.35 56.46
CA PRO P 58 27.35 -11.95 57.80
C PRO P 58 26.38 -13.13 57.84
N LEU P 59 26.84 -14.26 57.29
CA LEU P 59 25.97 -15.39 56.99
C LEU P 59 25.15 -15.81 58.19
N THR P 60 23.83 -15.88 58.00
CA THR P 60 22.96 -16.38 59.06
C THR P 60 23.27 -17.84 59.37
N VAL P 61 23.34 -18.68 58.34
CA VAL P 61 23.74 -20.06 58.48
C VAL P 61 24.92 -20.30 57.54
N VAL P 62 25.97 -20.94 58.04
CA VAL P 62 27.20 -21.14 57.31
C VAL P 62 27.09 -22.44 56.52
N PRO P 63 27.26 -22.43 55.20
CA PRO P 63 27.31 -23.69 54.46
C PRO P 63 28.43 -24.58 54.97
N SER P 64 28.16 -25.89 55.02
CA SER P 64 29.08 -26.81 55.67
C SER P 64 30.32 -27.07 54.83
N LEU P 65 30.25 -26.87 53.51
CA LEU P 65 31.44 -27.03 52.68
C LEU P 65 32.40 -25.86 52.82
N LEU P 66 31.93 -24.71 53.30
CA LEU P 66 32.78 -23.54 53.38
C LEU P 66 33.94 -23.73 54.34
N LYS P 67 33.80 -24.62 55.31
CA LYS P 67 34.95 -24.94 56.17
C LYS P 67 36.08 -25.56 55.34
N ARG P 68 35.74 -26.52 54.49
CA ARG P 68 36.74 -27.10 53.59
C ARG P 68 37.29 -26.04 52.63
N GLN P 69 36.41 -25.22 52.07
CA GLN P 69 36.85 -24.21 51.12
C GLN P 69 37.71 -23.14 51.76
N CYS P 70 37.58 -22.92 53.07
CA CYS P 70 38.47 -22.00 53.77
C CYS P 70 39.78 -22.67 54.14
N CYS P 71 39.72 -23.94 54.55
CA CYS P 71 40.95 -24.66 54.89
C CYS P 71 41.88 -24.78 53.68
N VAL P 72 41.33 -25.09 52.51
CA VAL P 72 42.18 -25.27 51.34
C VAL P 72 42.85 -23.95 50.94
N VAL P 73 42.09 -22.86 50.96
CA VAL P 73 42.66 -21.57 50.57
C VAL P 73 43.67 -21.10 51.60
N ALA P 74 43.41 -21.35 52.88
CA ALA P 74 44.40 -21.02 53.90
C ALA P 74 45.68 -21.83 53.73
N TRP P 75 45.54 -23.12 53.39
CA TRP P 75 46.72 -23.94 53.17
C TRP P 75 47.53 -23.43 51.98
N PHE P 76 46.86 -23.05 50.90
CA PHE P 76 47.58 -22.49 49.76
C PHE P 76 48.25 -21.17 50.13
N TYR P 77 47.54 -20.30 50.84
CA TYR P 77 48.12 -19.03 51.27
C TYR P 77 49.30 -19.25 52.21
N LEU P 78 49.34 -20.38 52.90
CA LEU P 78 50.42 -20.68 53.83
C LEU P 78 51.58 -21.41 53.16
N ASN P 79 51.46 -21.75 51.88
CA ASN P 79 52.54 -22.38 51.12
C ASN P 79 53.00 -21.48 49.97
N GLU P 80 52.92 -20.16 50.15
CA GLU P 80 53.18 -19.24 49.06
C GLU P 80 54.63 -19.24 48.60
N SER P 81 55.57 -19.66 49.46
CA SER P 81 56.98 -19.63 49.07
C SER P 81 57.29 -20.73 48.06
N GLN P 82 56.83 -21.94 48.31
CA GLN P 82 57.11 -23.08 47.43
C GLN P 82 56.01 -24.12 47.67
N PRO P 83 54.96 -24.10 46.86
CA PRO P 83 53.86 -25.05 47.04
C PRO P 83 54.01 -26.27 46.16
N THR P 84 53.39 -27.36 46.61
CA THR P 84 53.29 -28.56 45.80
C THR P 84 52.36 -28.29 44.62
N GLU P 85 52.53 -29.08 43.55
CA GLU P 85 51.65 -28.95 42.40
C GLU P 85 50.20 -29.25 42.78
N GLN P 86 49.99 -30.23 43.66
CA GLN P 86 48.63 -30.58 44.05
C GLN P 86 47.96 -29.46 44.84
N ILE P 87 48.73 -28.78 45.70
CA ILE P 87 48.17 -27.66 46.44
C ILE P 87 47.68 -26.57 45.49
N THR P 88 48.50 -26.25 44.48
CA THR P 88 48.10 -25.25 43.50
C THR P 88 46.88 -25.72 42.71
N ALA P 89 46.85 -27.00 42.33
CA ALA P 89 45.72 -27.50 41.56
C ALA P 89 44.43 -27.43 42.37
N THR P 90 44.49 -27.80 43.65
CA THR P 90 43.29 -27.75 44.49
C THR P 90 42.87 -26.30 44.75
N TYR P 91 43.84 -25.39 44.88
CA TYR P 91 43.48 -23.98 45.03
C TYR P 91 42.80 -23.46 43.78
N ARG P 92 43.29 -23.85 42.59
CA ARG P 92 42.61 -23.45 41.37
C ARG P 92 41.21 -24.06 41.30
N ASP P 93 41.05 -25.29 41.76
CA ASP P 93 39.72 -25.91 41.78
C ASP P 93 38.77 -25.16 42.70
N THR P 94 39.23 -24.76 43.88
CA THR P 94 38.34 -24.05 44.80
C THR P 94 38.07 -22.63 44.33
N VAL P 95 39.02 -21.99 43.65
CA VAL P 95 38.73 -20.70 43.03
C VAL P 95 37.69 -20.86 41.93
N ARG P 96 37.78 -21.93 41.14
CA ARG P 96 36.76 -22.19 40.14
C ARG P 96 35.40 -22.40 40.77
N TRP P 97 35.36 -23.14 41.88
CA TRP P 97 34.08 -23.36 42.57
C TRP P 97 33.51 -22.06 43.11
N LEU P 98 34.37 -21.21 43.68
CA LEU P 98 33.89 -19.92 44.20
C LEU P 98 33.40 -19.02 43.06
N GLU P 99 34.08 -19.06 41.91
CA GLU P 99 33.62 -18.30 40.75
C GLU P 99 32.25 -18.80 40.29
N GLN P 100 32.07 -20.12 40.29
CA GLN P 100 30.77 -20.68 39.91
C GLN P 100 29.68 -20.28 40.89
N VAL P 101 30.02 -20.24 42.19
CA VAL P 101 29.04 -19.82 43.19
C VAL P 101 28.65 -18.36 42.98
N ARG P 102 29.66 -17.51 42.75
CA ARG P 102 29.38 -16.09 42.54
C ARG P 102 28.55 -15.86 41.28
N ASP P 103 28.89 -16.57 40.20
CA ASP P 103 28.15 -16.40 38.95
C ASP P 103 26.71 -16.88 39.11
N GLY P 104 26.50 -17.92 39.91
CA GLY P 104 25.19 -18.54 40.05
C GLY P 104 25.12 -19.96 39.55
N LYS P 105 26.23 -20.55 39.10
CA LYS P 105 26.18 -21.89 38.55
C LYS P 105 25.94 -22.94 39.64
N THR P 106 26.46 -22.69 40.84
CA THR P 106 26.34 -23.65 41.93
C THR P 106 26.01 -22.91 43.23
N ASP P 107 25.03 -23.42 43.96
CA ASP P 107 24.76 -22.87 45.28
C ASP P 107 25.77 -23.39 46.28
N PRO P 108 26.14 -22.59 47.29
CA PRO P 108 27.16 -23.04 48.24
C PRO P 108 26.78 -24.30 49.00
N GLY P 109 25.50 -24.50 49.27
CA GLY P 109 25.05 -25.62 50.05
C GLY P 109 24.17 -25.15 51.18
N VAL P 110 24.15 -25.93 52.26
CA VAL P 110 23.34 -25.65 53.44
C VAL P 110 24.17 -25.94 54.67
N GLU P 111 23.58 -25.67 55.83
CA GLU P 111 24.11 -26.20 57.09
C GLU P 111 23.65 -27.65 57.23
N SER P 112 24.60 -28.57 57.33
CA SER P 112 24.27 -30.00 57.36
C SER P 112 23.40 -30.37 58.54
N ARG P 113 23.38 -29.56 59.60
CA ARG P 113 22.58 -29.88 60.78
C ARG P 113 21.09 -29.78 60.48
N THR P 114 20.66 -28.68 59.86
CA THR P 114 19.25 -28.42 59.66
C THR P 114 18.86 -28.16 58.21
N ALA P 115 19.81 -28.26 57.28
CA ALA P 115 19.54 -28.05 55.84
C ALA P 115 18.89 -26.69 55.60
N ALA P 116 19.55 -25.64 56.07
CA ALA P 116 19.11 -24.27 55.87
C ALA P 116 20.09 -23.55 54.98
N SER P 117 19.57 -22.87 53.95
CA SER P 117 20.43 -22.15 53.03
C SER P 117 20.57 -20.69 53.43
N PRO P 118 21.78 -20.14 53.34
CA PRO P 118 21.97 -18.74 53.73
C PRO P 118 21.17 -17.80 52.85
N GLU P 119 20.58 -16.78 53.47
CA GLU P 119 19.78 -15.81 52.74
C GLU P 119 20.68 -14.78 52.06
N GLY P 120 20.06 -13.94 51.23
CA GLY P 120 20.81 -12.91 50.53
C GLY P 120 19.88 -11.86 49.98
N GLU P 121 20.49 -10.79 49.48
CA GLU P 121 19.72 -9.71 48.89
C GLU P 121 19.11 -10.15 47.56
N ASP P 122 18.09 -9.42 47.14
CA ASP P 122 17.38 -9.73 45.90
C ASP P 122 18.29 -9.50 44.72
N LEU P 123 18.68 -10.58 44.04
CA LEU P 123 19.49 -10.44 42.83
C LEU P 123 18.72 -9.70 41.75
N VAL P 124 17.45 -10.05 41.57
CA VAL P 124 16.58 -9.43 40.57
C VAL P 124 15.47 -8.69 41.31
N GLN P 125 15.18 -7.47 40.87
CA GLN P 125 14.16 -6.65 41.50
C GLN P 125 13.63 -5.67 40.46
N VAL P 126 12.32 -5.68 40.25
CA VAL P 126 11.66 -4.80 39.29
C VAL P 126 10.55 -4.04 40.01
N GLN P 127 10.31 -2.82 39.57
CA GLN P 127 9.20 -2.01 40.07
C GLN P 127 8.43 -1.46 38.88
N SER P 128 7.11 -1.53 38.97
CA SER P 128 6.22 -0.97 37.98
C SER P 128 5.22 -0.05 38.66
N ASP P 129 4.48 0.69 37.84
CA ASP P 129 3.42 1.52 38.38
C ASP P 129 2.34 0.64 39.00
N PRO P 130 1.55 1.17 39.93
CA PRO P 130 0.52 0.36 40.58
C PRO P 130 -0.42 -0.25 39.55
N PRO P 131 -0.83 -1.50 39.76
CA PRO P 131 -1.59 -2.20 38.72
C PRO P 131 -3.04 -1.74 38.70
N VAL P 132 -3.49 -1.33 37.52
CA VAL P 132 -4.88 -0.97 37.27
C VAL P 132 -5.36 -1.79 36.08
N PHE P 133 -6.64 -2.12 36.09
CA PHE P 133 -7.28 -2.95 35.07
C PHE P 133 -6.73 -4.38 35.05
N SER P 134 -6.02 -4.77 36.10
CA SER P 134 -5.57 -6.16 36.20
C SER P 134 -6.74 -7.05 36.58
N ARG P 135 -6.56 -8.36 36.37
CA ARG P 135 -7.63 -9.31 36.65
C ARG P 135 -7.99 -9.37 38.13
N LYS P 136 -7.10 -8.90 39.00
CA LYS P 136 -7.40 -8.89 40.44
C LYS P 136 -8.47 -7.88 40.80
N GLN P 137 -8.74 -6.90 39.92
CA GLN P 137 -9.79 -5.93 40.15
C GLN P 137 -11.12 -6.59 39.81
N LYS P 138 -11.76 -7.17 40.83
CA LYS P 138 -13.00 -7.90 40.61
C LYS P 138 -14.16 -7.00 40.20
N GLY P 139 -14.01 -5.69 40.31
CA GLY P 139 -15.03 -4.77 39.81
C GLY P 139 -15.15 -4.86 38.31
N PHE P 140 -16.15 -4.18 37.74
CA PHE P 140 -16.43 -4.23 36.31
C PHE P 140 -16.67 -5.66 35.85
N ILE P 141 -15.78 -6.17 35.00
CA ILE P 141 -15.91 -7.52 34.44
C ILE P 141 -17.26 -7.74 33.77
N ASN Q 2 49.77 3.41 53.21
CA ASN Q 2 49.84 2.04 52.73
C ASN Q 2 48.78 1.17 53.40
N TYR Q 3 48.37 0.10 52.70
CA TYR Q 3 47.33 -0.76 53.24
C TYR Q 3 47.87 -1.69 54.32
N ALA Q 4 49.06 -2.24 54.11
CA ALA Q 4 49.68 -3.16 55.05
C ALA Q 4 50.97 -2.57 55.61
N THR Q 5 51.20 -2.82 56.89
CA THR Q 5 52.40 -2.37 57.57
C THR Q 5 53.51 -3.41 57.42
N VAL Q 6 54.75 -2.97 57.61
CA VAL Q 6 55.89 -3.87 57.49
C VAL Q 6 55.82 -4.97 58.53
N ASN Q 7 55.20 -4.70 59.68
CA ASN Q 7 55.03 -5.73 60.71
C ASN Q 7 54.10 -6.85 60.27
N ASP Q 8 53.32 -6.65 59.21
CA ASP Q 8 52.50 -7.70 58.64
C ASP Q 8 53.18 -8.41 57.48
N LEU Q 9 53.94 -7.69 56.67
CA LEU Q 9 54.73 -8.33 55.62
C LEU Q 9 55.81 -9.22 56.21
N CYS Q 10 56.39 -8.82 57.35
CA CYS Q 10 57.38 -9.66 58.01
C CYS Q 10 56.76 -10.80 58.79
N ALA Q 11 55.42 -10.87 58.87
CA ALA Q 11 54.73 -11.98 59.49
C ALA Q 11 54.22 -12.98 58.46
N ARG Q 12 53.57 -12.50 57.40
CA ARG Q 12 53.16 -13.38 56.32
C ARG Q 12 54.37 -14.00 55.64
N TYR Q 13 55.40 -13.21 55.39
CA TYR Q 13 56.67 -13.69 54.85
C TYR Q 13 57.73 -13.59 55.93
N THR Q 14 58.53 -14.64 56.07
CA THR Q 14 59.48 -14.73 57.17
C THR Q 14 60.39 -13.51 57.21
N ARG Q 15 60.60 -12.98 58.42
CA ARG Q 15 61.39 -11.77 58.58
C ARG Q 15 62.82 -11.97 58.09
N THR Q 16 63.38 -13.16 58.32
CA THR Q 16 64.76 -13.42 57.89
C THR Q 16 64.91 -13.27 56.38
N ARG Q 17 63.96 -13.83 55.62
CA ARG Q 17 64.00 -13.66 54.17
C ARG Q 17 63.76 -12.20 53.78
N LEU Q 18 62.91 -11.49 54.53
CA LEU Q 18 62.71 -10.07 54.27
C LEU Q 18 64.00 -9.29 54.49
N ASP Q 19 64.73 -9.59 55.57
CA ASP Q 19 66.02 -8.96 55.80
C ASP Q 19 67.01 -9.29 54.68
N ILE Q 20 66.99 -10.55 54.22
CA ILE Q 20 67.90 -10.93 53.13
C ILE Q 20 67.60 -10.13 51.88
N LEU Q 21 66.31 -9.95 51.56
CA LEU Q 21 65.93 -9.17 50.40
C LEU Q 21 66.22 -7.68 50.56
N THR Q 22 66.11 -7.14 51.77
CA THR Q 22 66.22 -5.70 51.99
C THR Q 22 67.66 -5.23 52.17
N ARG Q 23 68.51 -6.01 52.85
CA ARG Q 23 69.85 -5.54 53.21
C ARG Q 23 70.71 -5.08 52.03
N PRO Q 24 70.58 -5.62 50.81
CA PRO Q 24 71.36 -5.02 49.71
C PRO Q 24 70.85 -3.66 49.29
N LYS Q 25 69.53 -3.45 49.32
CA LYS Q 25 68.94 -2.27 48.72
C LYS Q 25 69.27 -1.00 49.49
N THR Q 26 69.48 -1.12 50.80
CA THR Q 26 69.81 0.04 51.61
C THR Q 26 71.21 0.53 51.28
N ALA Q 27 71.47 1.80 51.61
CA ALA Q 27 72.75 2.41 51.28
C ALA Q 27 73.88 1.85 52.13
N ASP Q 28 73.65 1.71 53.43
CA ASP Q 28 74.71 1.27 54.34
C ASP Q 28 75.09 -0.17 54.11
N GLY Q 29 74.10 -1.06 53.98
CA GLY Q 29 74.33 -2.48 53.85
C GLY Q 29 73.83 -3.31 55.00
N GLN Q 30 73.23 -2.70 56.03
CA GLN Q 30 72.63 -3.29 57.21
C GLN Q 30 71.13 -3.41 57.03
N PRO Q 31 70.48 -4.38 57.67
CA PRO Q 31 69.02 -4.51 57.53
C PRO Q 31 68.30 -3.20 57.81
N ASP Q 32 67.43 -2.82 56.89
CA ASP Q 32 66.69 -1.56 56.95
C ASP Q 32 65.20 -1.84 56.88
N ASP Q 33 64.41 -0.84 57.28
CA ASP Q 33 62.96 -0.95 57.27
C ASP Q 33 62.28 -0.02 56.28
N ALA Q 34 62.96 1.05 55.85
CA ALA Q 34 62.33 1.99 54.93
C ALA Q 34 62.11 1.40 53.54
N VAL Q 35 62.96 0.46 53.13
CA VAL Q 35 62.79 -0.17 51.82
C VAL Q 35 61.47 -0.93 51.77
N ALA Q 36 61.18 -1.70 52.81
CA ALA Q 36 59.93 -2.46 52.85
C ALA Q 36 58.73 -1.53 52.85
N GLU Q 37 58.81 -0.44 53.61
CA GLU Q 37 57.69 0.51 53.64
C GLU Q 37 57.50 1.17 52.28
N GLN Q 38 58.59 1.49 51.58
CA GLN Q 38 58.47 2.07 50.25
C GLN Q 38 57.85 1.08 49.27
N ALA Q 39 58.24 -0.18 49.34
CA ALA Q 39 57.64 -1.20 48.49
C ALA Q 39 56.16 -1.38 48.80
N LEU Q 40 55.81 -1.37 50.08
CA LEU Q 40 54.40 -1.46 50.47
C LEU Q 40 53.61 -0.26 49.96
N ALA Q 41 54.21 0.93 50.02
CA ALA Q 41 53.56 2.11 49.48
C ALA Q 41 53.34 2.01 47.98
N ASP Q 42 54.33 1.49 47.25
CA ASP Q 42 54.16 1.30 45.81
C ASP Q 42 53.07 0.27 45.50
N ALA Q 43 53.03 -0.82 46.26
CA ALA Q 43 51.98 -1.81 46.06
C ALA Q 43 50.61 -1.24 46.39
N SER Q 44 50.53 -0.43 47.45
CA SER Q 44 49.28 0.22 47.79
C SER Q 44 48.85 1.20 46.71
N ALA Q 45 49.81 1.88 46.09
CA ALA Q 45 49.49 2.74 44.95
C ALA Q 45 48.95 1.93 43.77
N PHE Q 46 49.55 0.78 43.52
CA PHE Q 46 49.06 -0.12 42.48
C PHE Q 46 47.60 -0.52 42.74
N ILE Q 47 47.32 -0.98 43.96
CA ILE Q 47 45.96 -1.38 44.31
C ILE Q 47 45.02 -0.18 44.24
N ASP Q 48 45.47 0.99 44.69
CA ASP Q 48 44.64 2.18 44.64
C ASP Q 48 44.25 2.52 43.21
N GLY Q 49 45.22 2.43 42.29
CA GLY Q 49 44.90 2.66 40.89
C GLY Q 49 43.92 1.62 40.35
N TYR Q 50 44.06 0.38 40.81
CA TYR Q 50 43.14 -0.65 40.32
C TYR Q 50 41.77 -0.59 40.97
N LEU Q 51 41.62 0.16 42.06
CA LEU Q 51 40.33 0.25 42.75
C LEU Q 51 39.61 1.56 42.53
N ALA Q 52 40.32 2.62 42.11
CA ALA Q 52 39.69 3.93 41.97
C ALA Q 52 38.66 3.96 40.86
N ALA Q 53 38.51 2.88 40.09
CA ALA Q 53 37.53 2.86 39.02
C ALA Q 53 36.11 2.99 39.55
N ARG Q 54 35.81 2.32 40.67
CA ARG Q 54 34.45 2.31 41.19
C ARG Q 54 34.42 2.45 42.71
N PHE Q 55 35.36 3.21 43.28
CA PHE Q 55 35.38 3.43 44.71
C PHE Q 55 35.93 4.82 45.00
N VAL Q 56 35.45 5.43 46.08
CA VAL Q 56 36.11 6.62 46.61
C VAL Q 56 37.40 6.18 47.28
N LEU Q 57 38.53 6.62 46.72
CA LEU Q 57 39.78 5.93 46.96
C LEU Q 57 40.30 6.08 48.40
N PRO Q 58 40.15 7.24 49.07
CA PRO Q 58 40.44 7.25 50.52
C PRO Q 58 39.43 6.40 51.26
N LEU Q 59 39.60 5.08 51.19
CA LEU Q 59 38.58 4.12 51.58
C LEU Q 59 38.07 4.38 52.99
N THR Q 60 36.75 4.50 53.11
CA THR Q 60 36.15 4.65 54.44
C THR Q 60 36.40 3.42 55.29
N VAL Q 61 36.13 2.24 54.74
CA VAL Q 61 36.43 0.97 55.38
C VAL Q 61 37.28 0.15 54.42
N VAL Q 62 38.37 -0.42 54.95
CA VAL Q 62 39.34 -1.13 54.13
C VAL Q 62 38.92 -2.60 54.05
N PRO Q 63 38.73 -3.15 52.85
CA PRO Q 63 38.47 -4.59 52.74
C PRO Q 63 39.61 -5.39 53.36
N SER Q 64 39.24 -6.48 54.03
CA SER Q 64 40.21 -7.22 54.82
C SER Q 64 41.15 -8.04 53.96
N LEU Q 65 40.76 -8.38 52.72
CA LEU Q 65 41.66 -9.09 51.83
C LEU Q 65 42.74 -8.17 51.25
N LEU Q 66 42.50 -6.86 51.26
CA LEU Q 66 43.45 -5.95 50.64
C LEU Q 66 44.80 -5.96 51.34
N LYS Q 67 44.85 -6.34 52.62
CA LYS Q 67 46.14 -6.50 53.27
C LYS Q 67 46.95 -7.59 52.60
N ARG Q 68 46.32 -8.74 52.34
CA ARG Q 68 46.99 -9.82 51.59
C ARG Q 68 47.36 -9.37 50.19
N GLN Q 69 46.44 -8.68 49.51
CA GLN Q 69 46.71 -8.24 48.14
C GLN Q 69 47.81 -7.19 48.07
N CYS Q 70 48.05 -6.46 49.14
CA CYS Q 70 49.16 -5.52 49.18
C CYS Q 70 50.45 -6.22 49.54
N CYS Q 71 50.39 -7.19 50.46
CA CYS Q 71 51.60 -7.92 50.83
C CYS Q 71 52.16 -8.69 49.65
N VAL Q 72 51.29 -9.34 48.86
CA VAL Q 72 51.80 -10.14 47.74
C VAL Q 72 52.45 -9.25 46.69
N VAL Q 73 51.82 -8.12 46.36
CA VAL Q 73 52.38 -7.23 45.35
C VAL Q 73 53.67 -6.60 45.86
N ALA Q 74 53.74 -6.26 47.14
CA ALA Q 74 54.98 -5.74 47.70
C ALA Q 74 56.08 -6.78 47.64
N TRP Q 75 55.76 -8.04 47.94
CA TRP Q 75 56.75 -9.10 47.87
C TRP Q 75 57.26 -9.28 46.44
N PHE Q 76 56.36 -9.24 45.46
CA PHE Q 76 56.81 -9.34 44.07
C PHE Q 76 57.67 -8.14 43.68
N TYR Q 77 57.26 -6.94 44.08
CA TYR Q 77 58.05 -5.74 43.77
C TYR Q 77 59.40 -5.79 44.45
N LEU Q 78 59.53 -6.53 45.54
CA LEU Q 78 60.77 -6.63 46.29
C LEU Q 78 61.66 -7.77 45.78
N ASN Q 79 61.17 -8.58 44.84
CA ASN Q 79 61.95 -9.65 44.23
C ASN Q 79 62.16 -9.40 42.74
N GLU Q 80 62.26 -8.14 42.34
CA GLU Q 80 62.30 -7.80 40.92
C GLU Q 80 63.58 -8.27 40.23
N SER Q 81 64.67 -8.48 40.98
CA SER Q 81 65.92 -8.88 40.35
C SER Q 81 65.86 -10.34 39.87
N GLN Q 82 65.37 -11.23 40.73
CA GLN Q 82 65.31 -12.66 40.40
C GLN Q 82 64.22 -13.28 41.27
N PRO Q 83 63.00 -13.37 40.77
CA PRO Q 83 61.91 -13.95 41.57
C PRO Q 83 61.70 -15.43 41.29
N THR Q 84 61.14 -16.09 42.29
CA THR Q 84 60.71 -17.47 42.13
C THR Q 84 59.53 -17.53 41.16
N GLU Q 85 59.34 -18.69 40.54
CA GLU Q 85 58.20 -18.87 39.64
C GLU Q 85 56.89 -18.72 40.39
N GLN Q 86 56.83 -19.19 41.64
CA GLN Q 86 55.59 -19.08 42.40
C GLN Q 86 55.27 -17.63 42.74
N ILE Q 87 56.28 -16.82 43.04
CA ILE Q 87 56.05 -15.41 43.32
C ILE Q 87 55.43 -14.73 42.10
N THR Q 88 55.98 -15.00 40.91
CA THR Q 88 55.42 -14.43 39.70
C THR Q 88 54.01 -14.94 39.45
N ALA Q 89 53.76 -16.22 39.68
CA ALA Q 89 52.42 -16.77 39.46
C ALA Q 89 51.40 -16.12 40.39
N THR Q 90 51.76 -15.95 41.66
CA THR Q 90 50.84 -15.33 42.61
C THR Q 90 50.64 -13.86 42.29
N TYR Q 91 51.68 -13.18 41.82
CA TYR Q 91 51.51 -11.79 41.39
C TYR Q 91 50.57 -11.69 40.20
N ARG Q 92 50.69 -12.61 39.24
CA ARG Q 92 49.74 -12.62 38.13
C ARG Q 92 48.33 -12.91 38.61
N ASP Q 93 48.19 -13.80 39.59
CA ASP Q 93 46.86 -14.09 40.13
C ASP Q 93 46.26 -12.87 40.80
N THR Q 94 47.05 -12.12 41.58
CA THR Q 94 46.49 -10.94 42.24
C THR Q 94 46.24 -9.80 41.26
N VAL Q 95 47.02 -9.71 40.19
CA VAL Q 95 46.71 -8.74 39.14
C VAL Q 95 45.40 -9.11 38.45
N ARG Q 96 45.19 -10.41 38.22
CA ARG Q 96 43.92 -10.85 37.65
C ARG Q 96 42.77 -10.52 38.58
N TRP Q 97 42.94 -10.73 39.88
CA TRP Q 97 41.88 -10.40 40.82
C TRP Q 97 41.60 -8.90 40.84
N LEU Q 98 42.64 -8.08 40.80
CA LEU Q 98 42.43 -6.63 40.78
C LEU Q 98 41.74 -6.19 39.49
N GLU Q 99 42.09 -6.81 38.37
CA GLU Q 99 41.40 -6.52 37.11
C GLU Q 99 39.93 -6.90 37.20
N GLN Q 100 39.63 -8.03 37.81
CA GLN Q 100 38.24 -8.44 37.98
C GLN Q 100 37.50 -7.47 38.88
N VAL Q 101 38.16 -6.98 39.93
CA VAL Q 101 37.52 -6.01 40.83
C VAL Q 101 37.23 -4.71 40.08
N ARG Q 102 38.21 -4.23 39.30
CA ARG Q 102 38.02 -3.00 38.55
C ARG Q 102 36.91 -3.15 37.51
N ASP Q 103 36.88 -4.28 36.81
CA ASP Q 103 35.86 -4.49 35.79
C ASP Q 103 34.47 -4.58 36.42
N GLY Q 104 34.38 -5.14 37.62
CA GLY Q 104 33.11 -5.38 38.28
C GLY Q 104 32.78 -6.84 38.48
N LYS Q 105 33.67 -7.77 38.10
CA LYS Q 105 33.37 -9.18 38.24
C LYS Q 105 33.33 -9.62 39.69
N THR Q 106 34.16 -9.03 40.53
CA THR Q 106 34.26 -9.41 41.94
C THR Q 106 34.34 -8.16 42.81
N ASP Q 107 33.55 -8.13 43.87
CA ASP Q 107 33.68 -7.06 44.84
C ASP Q 107 34.87 -7.33 45.75
N PRO Q 108 35.56 -6.27 46.21
CA PRO Q 108 36.76 -6.49 47.03
C PRO Q 108 36.47 -7.23 48.33
N GLY Q 109 35.29 -7.05 48.90
CA GLY Q 109 34.96 -7.65 50.17
C GLY Q 109 34.46 -6.61 51.14
N VAL Q 110 34.65 -6.87 52.43
CA VAL Q 110 34.21 -5.98 53.49
C VAL Q 110 35.31 -5.90 54.53
N GLU Q 111 35.07 -5.09 55.56
CA GLU Q 111 35.85 -5.15 56.78
C GLU Q 111 35.31 -6.30 57.62
N SER Q 112 36.18 -7.27 57.94
CA SER Q 112 35.74 -8.46 58.65
C SER Q 112 35.18 -8.15 60.02
N ARG Q 113 35.52 -6.99 60.60
CA ARG Q 113 35.03 -6.65 61.93
C ARG Q 113 33.52 -6.40 61.92
N THR Q 114 33.06 -5.58 60.98
CA THR Q 114 31.67 -5.15 60.98
C THR Q 114 30.94 -5.42 59.67
N ALA Q 115 31.59 -6.08 58.70
CA ALA Q 115 30.97 -6.42 57.42
C ALA Q 115 30.40 -5.18 56.72
N ALA Q 116 31.26 -4.17 56.55
CA ALA Q 116 30.90 -2.94 55.86
C ALA Q 116 31.68 -2.84 54.57
N SER Q 117 30.97 -2.56 53.48
CA SER Q 117 31.62 -2.46 52.18
C SER Q 117 31.99 -1.02 51.87
N PRO Q 118 33.18 -0.78 51.31
CA PRO Q 118 33.58 0.59 50.99
C PRO Q 118 32.67 1.22 49.97
N GLU Q 119 32.37 2.50 50.18
CA GLU Q 119 31.49 3.22 49.27
C GLU Q 119 32.28 3.70 48.05
N GLY Q 120 31.54 4.24 47.08
CA GLY Q 120 32.16 4.72 45.87
C GLY Q 120 31.22 5.63 45.10
N GLU Q 121 31.76 6.26 44.08
CA GLU Q 121 30.97 7.14 43.24
C GLU Q 121 30.00 6.34 42.39
N ASP Q 122 28.97 7.01 41.90
CA ASP Q 122 27.94 6.36 41.10
C ASP Q 122 28.52 5.92 39.76
N LEU Q 123 28.63 4.61 39.57
CA LEU Q 123 29.09 4.09 38.29
C LEU Q 123 28.13 4.46 37.17
N VAL Q 124 26.83 4.32 37.41
CA VAL Q 124 25.79 4.64 36.45
C VAL Q 124 25.00 5.82 36.99
N GLN Q 125 24.71 6.78 36.12
CA GLN Q 125 23.97 7.98 36.52
C GLN Q 125 23.27 8.53 35.29
N VAL Q 126 21.95 8.70 35.37
CA VAL Q 126 21.16 9.23 34.27
C VAL Q 126 20.34 10.40 34.79
N GLN Q 127 20.10 11.37 33.91
CA GLN Q 127 19.24 12.51 34.21
C GLN Q 127 18.24 12.67 33.10
N SER Q 128 16.98 12.90 33.47
CA SER Q 128 15.91 13.16 32.51
C SER Q 128 15.22 14.46 32.91
N ASP Q 129 14.35 14.93 32.02
CA ASP Q 129 13.56 16.10 32.33
C ASP Q 129 12.60 15.78 33.48
N PRO Q 130 12.14 16.78 34.22
CA PRO Q 130 11.25 16.52 35.35
C PRO Q 130 10.03 15.74 34.91
N PRO Q 131 9.57 14.78 35.72
CA PRO Q 131 8.51 13.89 35.26
C PRO Q 131 7.14 14.56 35.33
N VAL Q 132 6.44 14.55 34.20
CA VAL Q 132 5.08 15.04 34.11
C VAL Q 132 4.23 13.92 33.51
N PHE Q 133 2.97 13.87 33.92
CA PHE Q 133 2.01 12.85 33.51
C PHE Q 133 2.40 11.46 34.03
N SER Q 134 3.33 11.38 34.97
CA SER Q 134 3.66 10.11 35.58
C SER Q 134 2.56 9.68 36.55
N ARG Q 135 2.55 8.40 36.88
CA ARG Q 135 1.52 7.87 37.77
C ARG Q 135 1.56 8.48 39.15
N LYS Q 136 2.69 9.07 39.54
CA LYS Q 136 2.77 9.72 40.85
C LYS Q 136 1.92 10.98 40.94
N GLN Q 137 1.53 11.55 39.80
CA GLN Q 137 0.66 12.73 39.78
C GLN Q 137 -0.76 12.25 40.03
N LYS Q 138 -1.16 12.27 41.30
CA LYS Q 138 -2.48 11.77 41.68
C LYS Q 138 -3.62 12.63 41.16
N GLY Q 139 -3.32 13.82 40.65
CA GLY Q 139 -4.35 14.63 40.02
C GLY Q 139 -4.88 13.97 38.76
N PHE Q 140 -5.92 14.54 38.17
CA PHE Q 140 -6.57 13.99 36.98
C PHE Q 140 -7.05 12.56 37.26
N ILE Q 141 -6.47 11.59 36.56
CA ILE Q 141 -6.86 10.19 36.68
C ILE Q 141 -8.35 9.98 36.47
N ASN R 2 62.15 14.71 35.34
CA ASN R 2 61.97 13.28 35.49
C ASN R 2 61.05 12.96 36.66
N TYR R 3 60.38 11.81 36.59
CA TYR R 3 59.44 11.43 37.63
C TYR R 3 60.15 10.92 38.88
N ALA R 4 61.21 10.13 38.69
CA ALA R 4 61.95 9.54 39.79
C ALA R 4 63.39 10.04 39.78
N THR R 5 63.93 10.29 40.97
CA THR R 5 65.30 10.72 41.13
C THR R 5 66.23 9.51 41.23
N VAL R 6 67.51 9.76 40.96
CA VAL R 6 68.50 8.68 41.01
C VAL R 6 68.60 8.11 42.42
N ASN R 7 68.33 8.93 43.44
CA ASN R 7 68.35 8.44 44.81
C ASN R 7 67.24 7.43 45.09
N ASP R 8 66.23 7.34 44.22
CA ASP R 8 65.19 6.32 44.33
C ASP R 8 65.49 5.10 43.49
N LEU R 9 66.07 5.29 42.30
CA LEU R 9 66.50 4.15 41.50
C LEU R 9 67.61 3.38 42.18
N CYS R 10 68.49 4.07 42.89
CA CYS R 10 69.55 3.39 43.64
C CYS R 10 69.05 2.79 44.94
N ALA R 11 67.78 3.01 45.30
CA ALA R 11 67.17 2.39 46.47
C ALA R 11 66.32 1.18 46.08
N ARG R 12 65.47 1.33 45.07
CA ARG R 12 64.72 0.18 44.58
C ARG R 12 65.65 -0.89 44.00
N TYR R 13 66.65 -0.46 43.24
CA TYR R 13 67.68 -1.34 42.71
C TYR R 13 68.99 -1.03 43.43
N THR R 14 69.71 -2.08 43.82
CA THR R 14 70.90 -1.90 44.65
C THR R 14 71.89 -0.96 43.98
N ARG R 15 72.46 -0.06 44.79
CA ARG R 15 73.37 0.95 44.24
C ARG R 15 74.59 0.31 43.62
N THR R 16 75.09 -0.78 44.21
CA THR R 16 76.27 -1.44 43.68
C THR R 16 76.03 -1.93 42.25
N ARG R 17 74.88 -2.55 42.01
CA ARG R 17 74.55 -2.97 40.65
C ARG R 17 74.35 -1.77 39.73
N LEU R 18 73.80 -0.68 40.25
CA LEU R 18 73.66 0.54 39.45
C LEU R 18 75.03 1.08 39.06
N ASP R 19 75.98 1.09 40.00
CA ASP R 19 77.34 1.52 39.67
C ASP R 19 77.97 0.58 38.64
N ILE R 20 77.73 -0.72 38.77
CA ILE R 20 78.27 -1.67 37.79
C ILE R 20 77.73 -1.39 36.40
N LEU R 21 76.43 -1.11 36.30
CA LEU R 21 75.83 -0.78 35.01
C LEU R 21 76.28 0.56 34.46
N THR R 22 76.55 1.54 35.32
CA THR R 22 76.84 2.90 34.89
C THR R 22 78.31 3.13 34.55
N ARG R 23 79.23 2.53 35.32
CA ARG R 23 80.66 2.84 35.17
C ARG R 23 81.21 2.63 33.76
N PRO R 24 80.73 1.69 32.93
CA PRO R 24 81.24 1.64 31.56
C PRO R 24 80.77 2.81 30.71
N LYS R 25 79.52 3.25 30.91
CA LYS R 25 78.91 4.19 29.98
C LYS R 25 79.54 5.58 30.06
N THR R 26 80.06 5.93 31.23
CA THR R 26 80.70 7.23 31.38
C THR R 26 82.01 7.29 30.60
N ALA R 27 82.45 8.51 30.30
CA ALA R 27 83.66 8.68 29.49
C ALA R 27 84.91 8.30 30.26
N ASP R 28 85.01 8.73 31.52
CA ASP R 28 86.23 8.49 32.28
C ASP R 28 86.41 7.02 32.62
N GLY R 29 85.34 6.37 33.08
CA GLY R 29 85.41 4.99 33.53
C GLY R 29 85.15 4.79 35.00
N GLN R 30 84.90 5.86 35.76
CA GLN R 30 84.58 5.90 37.18
C GLN R 30 83.07 6.02 37.37
N PRO R 31 82.52 5.52 38.47
CA PRO R 31 81.07 5.62 38.70
C PRO R 31 80.57 7.04 38.53
N ASP R 32 79.52 7.20 37.73
CA ASP R 32 78.95 8.48 37.40
C ASP R 32 77.47 8.49 37.75
N ASP R 33 76.91 9.69 37.84
CA ASP R 33 75.51 9.87 38.16
C ASP R 33 74.68 10.44 37.02
N ALA R 34 75.31 11.11 36.05
CA ALA R 34 74.55 11.72 34.96
C ALA R 34 73.93 10.69 34.04
N VAL R 35 74.55 9.51 33.91
CA VAL R 35 73.99 8.47 33.05
C VAL R 35 72.63 8.02 33.59
N ALA R 36 72.55 7.79 34.91
CA ALA R 36 71.30 7.35 35.50
C ALA R 36 70.22 8.42 35.36
N GLU R 37 70.60 9.69 35.54
CA GLU R 37 69.62 10.77 35.39
C GLU R 37 69.14 10.87 33.95
N GLN R 38 70.03 10.67 32.98
CA GLN R 38 69.62 10.69 31.58
C GLN R 38 68.68 9.54 31.26
N ALA R 39 68.97 8.35 31.78
CA ALA R 39 68.08 7.21 31.58
C ALA R 39 66.72 7.46 32.22
N LEU R 40 66.72 8.04 33.42
CA LEU R 40 65.46 8.38 34.09
C LEU R 40 64.68 9.41 33.28
N ALA R 41 65.37 10.39 32.69
CA ALA R 41 64.71 11.37 31.85
C ALA R 41 64.10 10.72 30.61
N ASP R 42 64.81 9.77 29.99
CA ASP R 42 64.26 9.08 28.84
C ASP R 42 63.04 8.24 29.22
N ALA R 43 63.10 7.56 30.37
CA ALA R 43 61.94 6.78 30.83
C ALA R 43 60.76 7.70 31.15
N SER R 44 61.04 8.85 31.75
CA SER R 44 59.97 9.81 32.02
C SER R 44 59.38 10.35 30.74
N ALA R 45 60.20 10.53 29.71
CA ALA R 45 59.68 10.92 28.40
C ALA R 45 58.77 9.83 27.82
N PHE R 46 59.18 8.58 27.96
CA PHE R 46 58.36 7.45 27.53
C PHE R 46 57.00 7.48 28.22
N ILE R 47 57.00 7.60 29.54
CA ILE R 47 55.75 7.63 30.29
C ILE R 47 54.93 8.86 29.91
N ASP R 48 55.59 10.00 29.73
CA ASP R 48 54.88 11.22 29.34
C ASP R 48 54.17 11.04 28.00
N GLY R 49 54.84 10.41 27.03
CA GLY R 49 54.19 10.13 25.77
C GLY R 49 53.03 9.17 25.93
N TYR R 50 53.16 8.21 26.84
CA TYR R 50 52.07 7.25 27.02
C TYR R 50 50.92 7.83 27.86
N LEU R 51 51.13 8.97 28.52
CA LEU R 51 50.08 9.56 29.35
C LEU R 51 49.44 10.79 28.73
N ALA R 52 50.11 11.45 27.78
CA ALA R 52 49.59 12.68 27.22
C ALA R 52 48.30 12.48 26.42
N ALA R 53 47.86 11.24 26.24
CA ALA R 53 46.64 10.98 25.49
C ALA R 53 45.43 11.57 26.19
N ARG R 54 45.37 11.46 27.52
CA ARG R 54 44.20 11.92 28.27
C ARG R 54 44.58 12.65 29.55
N PHE R 55 45.70 13.37 29.54
CA PHE R 55 46.11 14.13 30.71
C PHE R 55 46.83 15.39 30.26
N VAL R 56 46.72 16.45 31.05
CA VAL R 56 47.59 17.60 30.87
C VAL R 56 48.97 17.23 31.40
N LEU R 57 49.94 17.19 30.49
CA LEU R 57 51.16 16.43 30.75
C LEU R 57 52.04 17.03 31.84
N PRO R 58 52.17 18.37 31.98
CA PRO R 58 52.83 18.88 33.19
C PRO R 58 51.96 18.60 34.41
N LEU R 59 52.01 17.35 34.87
CA LEU R 59 51.04 16.84 35.83
C LEU R 59 50.94 17.72 37.06
N THR R 60 49.71 18.13 37.39
CA THR R 60 49.49 18.91 38.61
C THR R 60 49.85 18.08 39.84
N VAL R 61 49.33 16.85 39.91
CA VAL R 61 49.67 15.91 40.95
C VAL R 61 50.18 14.63 40.30
N VAL R 62 51.30 14.12 40.78
CA VAL R 62 51.97 12.97 40.18
C VAL R 62 51.40 11.71 40.81
N PRO R 63 50.86 10.77 40.03
CA PRO R 63 50.45 9.49 40.59
C PRO R 63 51.63 8.79 41.26
N SER R 64 51.35 8.14 42.38
CA SER R 64 52.43 7.59 43.21
C SER R 64 53.05 6.34 42.61
N LEU R 65 52.32 5.63 41.74
CA LEU R 65 52.89 4.47 41.08
C LEU R 65 53.83 4.85 39.96
N LEU R 66 53.74 6.08 39.46
CA LEU R 66 54.57 6.48 38.33
C LEU R 66 56.05 6.50 38.68
N LYS R 67 56.39 6.65 39.96
CA LYS R 67 57.79 6.51 40.35
C LYS R 67 58.30 5.10 40.07
N ARG R 68 57.53 4.09 40.45
CA ARG R 68 57.88 2.71 40.13
C ARG R 68 57.90 2.49 38.62
N GLN R 69 56.91 3.01 37.91
CA GLN R 69 56.85 2.81 36.46
C GLN R 69 57.98 3.53 35.72
N CYS R 70 58.56 4.57 36.32
CA CYS R 70 59.72 5.21 35.72
C CYS R 70 61.00 4.48 36.08
N CYS R 71 61.09 3.99 37.32
CA CYS R 71 62.28 3.23 37.72
C CYS R 71 62.44 1.96 36.89
N VAL R 72 61.34 1.24 36.65
CA VAL R 72 61.47 -0.01 35.91
C VAL R 72 61.90 0.25 34.47
N VAL R 73 61.32 1.27 33.82
CA VAL R 73 61.67 1.55 32.44
C VAL R 73 63.09 2.08 32.35
N ALA R 74 63.52 2.88 33.33
CA ALA R 74 64.91 3.33 33.35
C ALA R 74 65.86 2.15 33.52
N TRP R 75 65.51 1.20 34.39
CA TRP R 75 66.35 0.03 34.58
C TRP R 75 66.46 -0.79 33.30
N PHE R 76 65.34 -0.97 32.59
CA PHE R 76 65.40 -1.69 31.32
C PHE R 76 66.23 -0.93 30.30
N TYR R 77 66.05 0.39 30.21
CA TYR R 77 66.83 1.19 29.28
C TYR R 77 68.31 1.16 29.62
N LEU R 78 68.65 0.91 30.88
CA LEU R 78 70.03 0.86 31.33
C LEU R 78 70.64 -0.52 31.21
N ASN R 79 69.86 -1.53 30.81
CA ASN R 79 70.35 -2.88 30.57
C ASN R 79 70.19 -3.28 29.11
N GLU R 80 70.29 -2.32 28.20
CA GLU R 80 70.00 -2.57 26.80
C GLU R 80 71.00 -3.53 26.14
N SER R 81 72.22 -3.62 26.67
CA SER R 81 73.22 -4.47 26.04
C SER R 81 72.91 -5.95 26.24
N GLN R 82 72.59 -6.33 27.48
CA GLN R 82 72.32 -7.72 27.82
C GLN R 82 71.45 -7.74 29.06
N PRO R 83 70.13 -7.79 28.90
CA PRO R 83 69.23 -7.78 30.06
C PRO R 83 68.84 -9.18 30.50
N THR R 84 68.49 -9.28 31.78
CA THR R 84 67.92 -10.51 32.31
C THR R 84 66.52 -10.72 31.72
N GLU R 85 66.08 -11.98 31.70
CA GLU R 85 64.74 -12.27 31.22
C GLU R 85 63.67 -11.58 32.06
N GLN R 86 63.90 -11.51 33.37
CA GLN R 86 62.92 -10.87 34.26
C GLN R 86 62.83 -9.38 34.00
N ILE R 87 63.96 -8.73 33.72
CA ILE R 87 63.93 -7.30 33.40
C ILE R 87 63.07 -7.05 32.17
N THR R 88 63.27 -7.86 31.13
CA THR R 88 62.47 -7.73 29.91
C THR R 88 60.99 -8.01 30.20
N ALA R 89 60.70 -9.03 31.00
CA ALA R 89 59.32 -9.35 31.30
C ALA R 89 58.63 -8.21 32.05
N THR R 90 59.33 -7.62 33.03
CA THR R 90 58.74 -6.53 33.78
C THR R 90 58.60 -5.28 32.91
N TYR R 91 59.53 -5.05 32.00
CA TYR R 91 59.39 -3.94 31.07
C TYR R 91 58.18 -4.13 30.16
N ARG R 92 57.96 -5.36 29.68
CA ARG R 92 56.76 -5.63 28.89
C ARG R 92 55.51 -5.43 29.72
N ASP R 93 55.54 -5.82 31.00
CA ASP R 93 54.38 -5.62 31.86
C ASP R 93 54.09 -4.13 32.04
N THR R 94 55.12 -3.31 32.25
CA THR R 94 54.86 -1.89 32.45
C THR R 94 54.46 -1.20 31.16
N VAL R 95 54.96 -1.68 30.01
CA VAL R 95 54.46 -1.16 28.73
C VAL R 95 53.00 -1.52 28.55
N ARG R 96 52.61 -2.74 28.93
CA ARG R 96 51.20 -3.12 28.88
C ARG R 96 50.36 -2.24 29.78
N TRP R 97 50.85 -1.94 30.98
CA TRP R 97 50.11 -1.07 31.89
C TRP R 97 49.97 0.33 31.33
N LEU R 98 51.04 0.86 30.72
CA LEU R 98 50.97 2.19 30.13
C LEU R 98 50.01 2.21 28.94
N GLU R 99 49.99 1.14 28.15
CA GLU R 99 49.04 1.05 27.05
C GLU R 99 47.60 1.02 27.58
N GLN R 100 47.38 0.29 28.67
CA GLN R 100 46.04 0.27 29.27
C GLN R 100 45.65 1.63 29.79
N VAL R 101 46.60 2.37 30.38
CA VAL R 101 46.30 3.70 30.88
C VAL R 101 45.95 4.63 29.73
N ARG R 102 46.73 4.58 28.65
CA ARG R 102 46.46 5.43 27.49
C ARG R 102 45.11 5.10 26.86
N ASP R 103 44.80 3.81 26.73
CA ASP R 103 43.53 3.42 26.12
C ASP R 103 42.35 3.84 26.99
N GLY R 104 42.54 3.82 28.31
CA GLY R 104 41.47 4.11 29.24
C GLY R 104 41.08 2.93 30.11
N LYS R 105 41.75 1.79 30.00
CA LYS R 105 41.36 0.62 30.77
C LYS R 105 41.66 0.81 32.26
N THR R 106 42.74 1.52 32.58
CA THR R 106 43.16 1.70 33.96
C THR R 106 43.58 3.15 34.18
N ASP R 107 43.09 3.75 35.26
CA ASP R 107 43.57 5.07 35.63
C ASP R 107 44.93 4.96 36.32
N PRO R 108 45.80 5.96 36.14
CA PRO R 108 47.15 5.86 36.72
C PRO R 108 47.14 5.75 38.23
N GLY R 109 46.17 6.36 38.89
CA GLY R 109 46.14 6.38 40.34
C GLY R 109 46.00 7.79 40.83
N VAL R 110 46.50 8.03 42.04
CA VAL R 110 46.43 9.33 42.69
C VAL R 110 47.77 9.61 43.37
N GLU R 111 47.87 10.79 43.97
CA GLU R 111 48.94 11.06 44.93
C GLU R 111 48.54 10.46 46.26
N SER R 112 49.36 9.55 46.78
CA SER R 112 49.03 8.83 48.01
C SER R 112 48.87 9.76 49.20
N ARG R 113 49.45 10.96 49.15
CA ARG R 113 49.36 11.89 50.27
C ARG R 113 47.93 12.40 50.45
N THR R 114 47.30 12.86 49.37
CA THR R 114 46.00 13.51 49.45
C THR R 114 44.94 12.88 48.56
N ALA R 115 45.25 11.79 47.86
CA ALA R 115 44.30 11.09 46.99
C ALA R 115 43.69 12.05 45.97
N ALA R 116 44.55 12.72 45.21
CA ALA R 116 44.14 13.63 44.16
C ALA R 116 44.56 13.05 42.81
N SER R 117 43.62 13.02 41.87
CA SER R 117 43.91 12.47 40.55
C SER R 117 44.33 13.59 39.59
N PRO R 118 45.33 13.34 38.76
CA PRO R 118 45.77 14.38 37.82
C PRO R 118 44.67 14.72 36.83
N GLU R 119 44.55 16.01 36.53
CA GLU R 119 43.54 16.48 35.59
C GLU R 119 44.02 16.27 34.15
N GLY R 120 43.10 16.51 33.22
CA GLY R 120 43.43 16.37 31.81
C GLY R 120 42.41 17.05 30.94
N GLU R 121 42.73 17.12 29.65
CA GLU R 121 41.82 17.74 28.71
C GLU R 121 40.59 16.85 28.49
N ASP R 122 39.54 17.47 27.97
CA ASP R 122 38.27 16.77 27.75
C ASP R 122 38.45 15.74 26.64
N LEU R 123 38.38 14.46 27.01
CA LEU R 123 38.45 13.40 26.01
C LEU R 123 37.27 13.48 25.06
N VAL R 124 36.08 13.70 25.59
CA VAL R 124 34.85 13.81 24.82
C VAL R 124 34.32 15.23 24.95
N GLN R 125 33.92 15.82 23.83
CA GLN R 125 33.41 17.17 23.81
C GLN R 125 32.46 17.33 22.63
N VAL R 126 31.24 17.76 22.90
CA VAL R 126 30.23 17.95 21.86
C VAL R 126 29.69 19.36 21.97
N GLN R 127 29.32 19.94 20.84
CA GLN R 127 28.68 21.25 20.79
C GLN R 127 27.42 21.15 19.93
N SER R 128 26.34 21.73 20.41
CA SER R 128 25.10 21.81 19.67
C SER R 128 24.65 23.26 19.61
N ASP R 129 23.63 23.50 18.78
CA ASP R 129 23.05 24.82 18.72
C ASP R 129 22.40 25.16 20.07
N PRO R 130 22.23 26.44 20.38
CA PRO R 130 21.64 26.82 21.67
C PRO R 130 20.28 26.17 21.85
N PRO R 131 19.97 25.72 23.07
CA PRO R 131 18.74 24.95 23.26
C PRO R 131 17.52 25.83 23.30
N VAL R 132 16.54 25.51 22.46
CA VAL R 132 15.25 26.19 22.44
C VAL R 132 14.18 25.10 22.56
N PHE R 133 13.07 25.45 23.18
CA PHE R 133 11.96 24.55 23.46
C PHE R 133 12.34 23.43 24.41
N SER R 134 13.47 23.57 25.11
CA SER R 134 13.83 22.59 26.12
C SER R 134 12.98 22.80 27.37
N ARG R 135 12.96 21.77 28.22
CA ARG R 135 12.14 21.83 29.43
C ARG R 135 12.60 22.93 30.38
N LYS R 136 13.83 23.41 30.25
CA LYS R 136 14.32 24.48 31.11
C LYS R 136 13.64 25.81 30.82
N GLN R 137 13.01 25.95 29.65
CA GLN R 137 12.28 27.17 29.30
C GLN R 137 10.93 27.11 30.01
N LYS R 138 10.88 27.69 31.20
CA LYS R 138 9.67 27.64 32.02
C LYS R 138 8.52 28.43 31.42
N GLY R 139 8.77 29.25 30.39
CA GLY R 139 7.70 29.92 29.69
C GLY R 139 6.80 28.94 28.97
N PHE R 140 5.70 29.42 28.42
CA PHE R 140 4.72 28.58 27.74
C PHE R 140 4.20 27.50 28.69
N ILE R 141 4.49 26.23 28.37
CA ILE R 141 4.02 25.09 29.16
C ILE R 141 2.50 25.11 29.35
N ASN S 2 70.41 15.32 12.17
CA ASN S 2 70.14 14.12 12.95
C ASN S 2 69.54 14.47 14.30
N TYR S 3 68.76 13.54 14.86
CA TYR S 3 68.09 13.79 16.13
C TYR S 3 69.06 13.67 17.30
N ALA S 4 69.95 12.70 17.27
CA ALA S 4 70.90 12.46 18.34
C ALA S 4 72.32 12.63 17.83
N THR S 5 73.17 13.21 18.67
CA THR S 5 74.58 13.41 18.36
C THR S 5 75.38 12.18 18.77
N VAL S 6 76.57 12.05 18.18
CA VAL S 6 77.44 10.92 18.49
C VAL S 6 77.85 10.93 19.95
N ASN S 7 77.93 12.12 20.56
CA ASN S 7 78.25 12.22 21.98
C ASN S 7 77.17 11.63 22.88
N ASP S 8 75.97 11.40 22.35
CA ASP S 8 74.90 10.73 23.08
C ASP S 8 74.86 9.24 22.80
N LEU S 9 75.13 8.84 21.55
CA LEU S 9 75.22 7.42 21.25
C LEU S 9 76.39 6.77 21.97
N CYS S 10 77.49 7.50 22.13
CA CYS S 10 78.64 7.00 22.87
C CYS S 10 78.44 7.05 24.38
N ALA S 11 77.34 7.64 24.84
CA ALA S 11 77.01 7.65 26.26
C ALA S 11 75.98 6.57 26.60
N ARG S 12 74.91 6.47 25.82
CA ARG S 12 73.95 5.39 26.02
C ARG S 12 74.60 4.04 25.79
N TYR S 13 75.41 3.93 24.73
CA TYR S 13 76.18 2.73 24.44
C TYR S 13 77.65 3.03 24.68
N THR S 14 78.35 2.12 25.34
CA THR S 14 79.72 2.36 25.75
C THR S 14 80.59 2.76 24.57
N ARG S 15 81.42 3.79 24.77
CA ARG S 15 82.25 4.31 23.69
C ARG S 15 83.21 3.24 23.16
N THR S 16 83.74 2.40 24.06
CA THR S 16 84.69 1.37 23.63
C THR S 16 84.03 0.42 22.64
N ARG S 17 82.81 -0.01 22.91
CA ARG S 17 82.09 -0.86 21.96
C ARG S 17 81.78 -0.11 20.67
N LEU S 18 81.48 1.19 20.78
CA LEU S 18 81.26 1.99 19.59
C LEU S 18 82.51 2.06 18.73
N ASP S 19 83.67 2.25 19.37
CA ASP S 19 84.93 2.24 18.62
C ASP S 19 85.18 0.89 17.99
N ILE S 20 84.87 -0.19 18.71
CA ILE S 20 85.05 -1.53 18.15
C ILE S 20 84.19 -1.72 16.91
N LEU S 21 82.94 -1.26 16.96
CA LEU S 21 82.06 -1.35 15.80
C LEU S 21 82.48 -0.46 14.65
N THR S 22 83.04 0.72 14.94
CA THR S 22 83.34 1.71 13.91
C THR S 22 84.68 1.50 13.23
N ARG S 23 85.71 1.09 13.98
CA ARG S 23 87.07 1.04 13.44
C ARG S 23 87.22 0.19 12.17
N PRO S 24 86.45 -0.90 11.95
CA PRO S 24 86.59 -1.58 10.64
C PRO S 24 86.01 -0.77 9.49
N LYS S 25 84.91 -0.05 9.72
CA LYS S 25 84.16 0.55 8.63
C LYS S 25 84.92 1.70 7.98
N THR S 26 85.76 2.38 8.76
CA THR S 26 86.53 3.49 8.20
C THR S 26 87.59 2.98 7.23
N ALA S 27 88.06 3.88 6.37
CA ALA S 27 89.01 3.48 5.33
C ALA S 27 90.39 3.20 5.93
N ASP S 28 90.85 4.06 6.83
CA ASP S 28 92.20 3.92 7.37
C ASP S 28 92.32 2.69 8.27
N GLY S 29 91.36 2.49 9.16
CA GLY S 29 91.41 1.42 10.13
C GLY S 29 91.53 1.87 11.57
N GLN S 30 91.57 3.17 11.83
CA GLN S 30 91.64 3.82 13.12
C GLN S 30 90.25 4.30 13.54
N PRO S 31 89.97 4.38 14.84
CA PRO S 31 88.65 4.84 15.28
C PRO S 31 88.25 6.16 14.61
N ASP S 32 87.05 6.17 14.05
CA ASP S 32 86.52 7.32 13.32
C ASP S 32 85.19 7.74 13.93
N ASP S 33 84.78 8.97 13.59
CA ASP S 33 83.53 9.52 14.09
C ASP S 33 82.50 9.75 13.00
N ALA S 34 82.91 9.85 11.73
CA ALA S 34 81.95 10.12 10.66
C ALA S 34 81.03 8.94 10.42
N VAL S 35 81.47 7.71 10.67
CA VAL S 35 80.62 6.54 10.48
C VAL S 35 79.42 6.60 11.42
N ALA S 36 79.67 6.93 12.69
CA ALA S 36 78.58 7.01 13.64
C ALA S 36 77.60 8.12 13.27
N GLU S 37 78.13 9.27 12.82
CA GLU S 37 77.25 10.36 12.41
C GLU S 37 76.41 9.98 11.20
N GLN S 38 77.01 9.24 10.25
CA GLN S 38 76.24 8.80 9.09
C GLN S 38 75.15 7.81 9.49
N ALA S 39 75.46 6.89 10.41
CA ALA S 39 74.44 5.96 10.89
C ALA S 39 73.33 6.70 11.62
N LEU S 40 73.69 7.69 12.43
CA LEU S 40 72.68 8.50 13.11
C LEU S 40 71.81 9.25 12.12
N ALA S 41 72.42 9.77 11.05
CA ALA S 41 71.65 10.45 10.02
C ALA S 41 70.69 9.49 9.32
N ASP S 42 71.12 8.27 9.04
CA ASP S 42 70.22 7.29 8.43
C ASP S 42 69.08 6.92 9.36
N ALA S 43 69.37 6.76 10.66
CA ALA S 43 68.32 6.46 11.62
C ALA S 43 67.35 7.62 11.74
N SER S 44 67.87 8.85 11.73
CA SER S 44 67.01 10.02 11.77
C SER S 44 66.15 10.11 10.52
N ALA S 45 66.68 9.72 9.37
CA ALA S 45 65.87 9.65 8.15
C ALA S 45 64.77 8.62 8.29
N PHE S 46 65.08 7.47 8.87
CA PHE S 46 64.07 6.45 9.13
C PHE S 46 62.93 7.00 10.00
N ILE S 47 63.30 7.63 11.11
CA ILE S 47 62.29 8.19 12.01
C ILE S 47 61.51 9.31 11.31
N ASP S 48 62.20 10.13 10.52
CA ASP S 48 61.54 11.20 9.80
C ASP S 48 60.50 10.65 8.84
N GLY S 49 60.83 9.59 8.13
CA GLY S 49 59.85 8.96 7.27
C GLY S 49 58.68 8.38 8.04
N TYR S 50 58.96 7.84 9.23
CA TYR S 50 57.87 7.28 10.02
C TYR S 50 57.04 8.34 10.73
N LEU S 51 57.50 9.58 10.78
CA LEU S 51 56.77 10.64 11.48
C LEU S 51 56.11 11.62 10.53
N ALA S 52 56.57 11.71 9.28
CA ALA S 52 56.03 12.70 8.36
C ALA S 52 54.58 12.45 8.00
N ALA S 53 53.99 11.34 8.45
CA ALA S 53 52.60 11.06 8.14
C ALA S 53 51.67 12.10 8.75
N ARG S 54 51.95 12.53 9.98
CA ARG S 54 51.05 13.46 10.67
C ARG S 54 51.82 14.55 11.41
N PHE S 55 52.96 14.98 10.89
CA PHE S 55 53.72 16.06 11.50
C PHE S 55 54.42 16.86 10.42
N VAL S 56 54.61 18.15 10.69
CA VAL S 56 55.51 18.95 9.87
C VAL S 56 56.93 18.55 10.22
N LEU S 57 57.63 17.97 9.24
CA LEU S 57 58.79 17.16 9.56
C LEU S 57 59.98 17.97 10.09
N PRO S 58 60.27 19.19 9.61
CA PRO S 58 61.26 20.01 10.32
C PRO S 58 60.73 20.40 11.69
N LEU S 59 60.77 19.45 12.63
CA LEU S 59 60.05 19.55 13.89
C LEU S 59 60.35 20.84 14.61
N THR S 60 59.29 21.58 14.97
CA THR S 60 59.46 22.79 15.75
C THR S 60 60.05 22.48 17.13
N VAL S 61 59.46 21.49 17.81
CA VAL S 61 59.97 20.99 19.08
C VAL S 61 60.18 19.49 18.93
N VAL S 62 61.34 19.00 19.37
CA VAL S 62 61.71 17.61 19.19
C VAL S 62 61.21 16.83 20.40
N PRO S 63 60.41 15.78 20.21
CA PRO S 63 60.05 14.92 21.35
C PRO S 63 61.29 14.33 22.00
N SER S 64 61.25 14.24 23.33
CA SER S 64 62.46 13.87 24.08
C SER S 64 62.77 12.39 23.96
N LEU S 65 61.78 11.56 23.64
CA LEU S 65 62.05 10.13 23.45
C LEU S 65 62.71 9.86 22.11
N LEU S 66 62.61 10.79 21.15
CA LEU S 66 63.15 10.54 19.82
C LEU S 66 64.66 10.42 19.84
N LYS S 67 65.34 10.98 20.83
CA LYS S 67 66.77 10.74 20.96
C LYS S 67 67.05 9.27 21.21
N ARG S 68 66.32 8.66 22.13
CA ARG S 68 66.45 7.23 22.37
C ARG S 68 66.06 6.42 21.13
N GLN S 69 64.97 6.81 20.47
CA GLN S 69 64.51 6.08 19.29
C GLN S 69 65.48 6.21 18.12
N CYS S 70 66.28 7.27 18.07
CA CYS S 70 67.30 7.39 17.05
C CYS S 70 68.56 6.63 17.43
N CYS S 71 68.92 6.65 18.72
CA CYS S 71 70.11 5.91 19.15
C CYS S 71 69.92 4.41 18.94
N VAL S 72 68.74 3.87 19.25
CA VAL S 72 68.56 2.43 19.10
C VAL S 72 68.62 2.02 17.64
N VAL S 73 67.98 2.79 16.75
CA VAL S 73 67.98 2.44 15.33
C VAL S 73 69.38 2.60 14.74
N ALA S 74 70.12 3.63 15.18
CA ALA S 74 71.50 3.77 14.74
C ALA S 74 72.36 2.60 15.21
N TRP S 75 72.16 2.15 16.45
CA TRP S 75 72.91 1.01 16.94
C TRP S 75 72.60 -0.24 16.15
N PHE S 76 71.34 -0.47 15.82
CA PHE S 76 71.01 -1.63 14.99
C PHE S 76 71.60 -1.51 13.61
N TYR S 77 71.51 -0.33 13.00
CA TYR S 77 72.10 -0.11 11.68
C TYR S 77 73.61 -0.29 11.70
N LEU S 78 74.24 -0.10 12.86
CA LEU S 78 75.67 -0.21 13.00
C LEU S 78 76.11 -1.64 13.36
N ASN S 79 75.16 -2.54 13.60
CA ASN S 79 75.45 -3.95 13.87
C ASN S 79 74.88 -4.85 12.78
N GLU S 80 74.83 -4.37 11.54
CA GLU S 80 74.16 -5.09 10.48
C GLU S 80 74.86 -6.39 10.10
N SER S 81 76.17 -6.50 10.37
CA SER S 81 76.89 -7.71 9.97
C SER S 81 76.51 -8.90 10.86
N GLN S 82 76.49 -8.69 12.17
CA GLN S 82 76.18 -9.77 13.11
C GLN S 82 75.67 -9.11 14.39
N PRO S 83 74.36 -8.97 14.54
CA PRO S 83 73.80 -8.34 15.73
C PRO S 83 73.40 -9.35 16.80
N THR S 84 73.39 -8.87 18.04
CA THR S 84 72.87 -9.66 19.14
C THR S 84 71.36 -9.81 18.98
N GLU S 85 70.81 -10.86 19.59
CA GLU S 85 69.36 -11.06 19.56
C GLU S 85 68.63 -9.90 20.23
N GLN S 86 69.20 -9.36 21.31
CA GLN S 86 68.53 -8.27 22.01
C GLN S 86 68.52 -7.00 21.16
N ILE S 87 69.58 -6.74 20.41
CA ILE S 87 69.61 -5.58 19.53
C ILE S 87 68.48 -5.68 18.50
N THR S 88 68.33 -6.85 17.89
CA THR S 88 67.26 -7.06 16.92
C THR S 88 65.89 -6.92 17.57
N ALA S 89 65.73 -7.45 18.78
CA ALA S 89 64.43 -7.36 19.46
C ALA S 89 64.08 -5.91 19.77
N THR S 90 65.06 -5.14 20.25
CA THR S 90 64.79 -3.73 20.55
C THR S 90 64.54 -2.93 19.29
N TYR S 91 65.23 -3.26 18.18
CA TYR S 91 64.94 -2.60 16.92
C TYR S 91 63.53 -2.90 16.45
N ARG S 92 63.08 -4.16 16.59
CA ARG S 92 61.71 -4.48 16.24
C ARG S 92 60.73 -3.73 17.14
N ASP S 93 61.06 -3.59 18.43
CA ASP S 93 60.19 -2.84 19.33
C ASP S 93 60.08 -1.38 18.92
N THR S 94 61.20 -0.75 18.55
CA THR S 94 61.13 0.65 18.16
C THR S 94 60.48 0.84 16.81
N VAL S 95 60.61 -0.14 15.90
CA VAL S 95 59.85 -0.08 14.65
C VAL S 95 58.36 -0.20 14.94
N ARG S 96 57.98 -1.06 15.87
CA ARG S 96 56.58 -1.17 16.26
C ARG S 96 56.08 0.15 16.85
N TRP S 97 56.89 0.79 17.68
CA TRP S 97 56.50 2.07 18.26
C TRP S 97 56.34 3.13 17.19
N LEU S 98 57.27 3.17 16.22
CA LEU S 98 57.16 4.15 15.13
C LEU S 98 55.94 3.89 14.27
N GLU S 99 55.61 2.61 14.03
CA GLU S 99 54.40 2.29 13.30
C GLU S 99 53.16 2.73 14.05
N GLN S 100 53.16 2.56 15.37
CA GLN S 100 52.03 3.02 16.17
C GLN S 100 51.91 4.54 16.14
N VAL S 101 53.04 5.24 16.15
CA VAL S 101 53.01 6.70 16.08
C VAL S 101 52.46 7.15 14.73
N ARG S 102 52.92 6.52 13.65
CA ARG S 102 52.44 6.89 12.31
C ARG S 102 50.95 6.60 12.16
N ASP S 103 50.50 5.45 12.66
CA ASP S 103 49.08 5.10 12.55
C ASP S 103 48.22 6.05 13.37
N GLY S 104 48.73 6.52 14.50
CA GLY S 104 47.97 7.34 15.42
C GLY S 104 47.71 6.70 16.76
N LYS S 105 48.23 5.50 17.02
CA LYS S 105 47.94 4.83 18.28
C LYS S 105 48.64 5.52 19.44
N THR S 106 49.82 6.08 19.22
CA THR S 106 50.60 6.71 20.28
C THR S 106 51.20 8.01 19.77
N ASP S 107 51.07 9.07 20.56
CA ASP S 107 51.74 10.32 20.23
C ASP S 107 53.22 10.23 20.60
N PRO S 108 54.10 10.89 19.84
CA PRO S 108 55.54 10.77 20.13
C PRO S 108 55.92 11.27 21.52
N GLY S 109 55.21 12.27 22.03
CA GLY S 109 55.55 12.85 23.30
C GLY S 109 55.68 14.36 23.16
N VAL S 110 56.49 14.94 24.04
CA VAL S 110 56.71 16.38 24.06
C VAL S 110 58.20 16.64 24.28
N GLU S 111 58.56 17.92 24.28
CA GLU S 111 59.85 18.33 24.79
C GLU S 111 59.77 18.39 26.31
N SER S 112 60.62 17.62 26.99
CA SER S 112 60.53 17.53 28.45
C SER S 112 60.79 18.86 29.14
N ARG S 113 61.44 19.81 28.46
CA ARG S 113 61.72 21.11 29.07
C ARG S 113 60.45 21.91 29.29
N THR S 114 59.61 22.00 28.26
CA THR S 114 58.44 22.87 28.32
C THR S 114 57.12 22.17 28.01
N ALA S 115 57.14 20.85 27.80
CA ALA S 115 55.94 20.07 27.52
C ALA S 115 55.17 20.63 26.33
N ALA S 116 55.87 20.78 25.21
CA ALA S 116 55.28 21.26 23.97
C ALA S 116 55.28 20.13 22.95
N SER S 117 54.13 19.91 22.32
CA SER S 117 54.02 18.85 21.32
C SER S 117 54.27 19.38 19.92
N PRO S 118 55.00 18.65 19.10
CA PRO S 118 55.27 19.13 17.73
C PRO S 118 53.99 19.25 16.93
N GLU S 119 53.91 20.32 16.13
CA GLU S 119 52.74 20.57 15.31
C GLU S 119 52.80 19.73 14.04
N GLY S 120 51.71 19.75 13.28
CA GLY S 120 51.65 19.00 12.04
C GLY S 120 50.50 19.47 11.19
N GLU S 121 50.47 18.96 9.96
CA GLU S 121 49.41 19.32 9.04
C GLU S 121 48.10 18.67 9.47
N ASP S 122 47.00 19.23 8.96
CA ASP S 122 45.67 18.75 9.31
C ASP S 122 45.46 17.36 8.74
N LEU S 123 45.37 16.37 9.63
CA LEU S 123 45.07 15.00 9.19
C LEU S 123 43.70 14.93 8.54
N VAL S 124 42.71 15.56 9.15
CA VAL S 124 41.34 15.59 8.66
C VAL S 124 41.00 17.02 8.28
N GLN S 125 40.37 17.18 7.13
CA GLN S 125 39.99 18.50 6.63
C GLN S 125 38.81 18.35 5.70
N VAL S 126 37.73 19.07 6.00
CA VAL S 126 36.52 19.03 5.20
C VAL S 126 36.16 20.46 4.81
N GLN S 127 35.55 20.60 3.62
CA GLN S 127 35.04 21.87 3.15
C GLN S 127 33.60 21.68 2.68
N SER S 128 32.75 22.61 3.07
CA SER S 128 31.36 22.62 2.64
C SER S 128 31.04 23.98 2.04
N ASP S 129 29.87 24.08 1.43
CA ASP S 129 29.42 25.36 0.92
C ASP S 129 29.17 26.32 2.09
N PRO S 130 29.20 27.63 1.84
CA PRO S 130 29.01 28.58 2.93
C PRO S 130 27.70 28.33 3.65
N PRO S 131 27.67 28.46 4.96
CA PRO S 131 26.47 28.07 5.72
C PRO S 131 25.38 29.13 5.61
N VAL S 132 24.19 28.69 5.20
CA VAL S 132 23.01 29.53 5.15
C VAL S 132 21.91 28.81 5.93
N PHE S 133 21.03 29.59 6.56
CA PHE S 133 19.96 29.10 7.40
C PHE S 133 20.47 28.40 8.65
N SER S 134 21.75 28.56 8.98
CA SER S 134 22.27 28.02 10.22
C SER S 134 21.80 28.85 11.40
N ARG S 135 21.91 28.27 12.59
CA ARG S 135 21.44 28.97 13.79
C ARG S 135 22.23 30.24 14.08
N LYS S 136 23.42 30.38 13.51
CA LYS S 136 24.21 31.59 13.71
C LYS S 136 23.61 32.80 13.01
N GLN S 137 22.70 32.58 12.05
CA GLN S 137 22.02 33.68 11.38
C GLN S 137 20.90 34.17 12.29
N LYS S 138 21.22 35.18 13.10
CA LYS S 138 20.27 35.68 14.07
C LYS S 138 19.07 36.37 13.44
N GLY S 139 19.12 36.66 12.14
CA GLY S 139 17.97 37.20 11.46
C GLY S 139 16.84 36.20 11.42
N PHE S 140 15.67 36.63 10.92
CA PHE S 140 14.47 35.78 10.89
C PHE S 140 14.13 35.28 12.28
N ILE S 141 14.20 33.97 12.49
CA ILE S 141 13.86 33.34 13.77
C ILE S 141 12.46 33.73 14.22
N ASN T 2 72.06 4.87 -10.15
CA ASN T 2 71.90 4.17 -8.88
C ASN T 2 71.71 5.13 -7.72
N TYR T 3 71.04 4.66 -6.68
CA TYR T 3 70.75 5.53 -5.54
C TYR T 3 71.97 5.71 -4.65
N ALA T 4 72.73 4.65 -4.43
CA ALA T 4 73.90 4.67 -3.58
C ALA T 4 75.16 4.35 -4.39
N THR T 5 76.24 5.04 -4.06
CA THR T 5 77.52 4.81 -4.71
C THR T 5 78.29 3.73 -3.97
N VAL T 6 79.27 3.14 -4.67
CA VAL T 6 80.08 2.08 -4.07
C VAL T 6 80.85 2.60 -2.88
N ASN T 7 81.20 3.89 -2.88
CA ASN T 7 81.89 4.49 -1.74
C ASN T 7 81.04 4.52 -0.48
N ASP T 8 79.73 4.34 -0.61
CA ASP T 8 78.83 4.25 0.54
C ASP T 8 78.57 2.80 0.95
N LEU T 9 78.48 1.89 -0.02
CA LEU T 9 78.35 0.48 0.31
C LEU T 9 79.61 -0.04 0.98
N CYS T 10 80.79 0.46 0.59
CA CYS T 10 82.03 0.09 1.23
C CYS T 10 82.24 0.78 2.57
N ALA T 11 81.36 1.70 2.95
CA ALA T 11 81.41 2.34 4.25
C ALA T 11 80.41 1.72 5.23
N ARG T 12 79.17 1.52 4.80
CA ARG T 12 78.20 0.81 5.63
C ARG T 12 78.64 -0.63 5.88
N TYR T 13 79.13 -1.29 4.85
CA TYR T 13 79.69 -2.64 4.96
C TYR T 13 81.19 -2.55 4.74
N THR T 14 81.95 -3.25 5.57
CA THR T 14 83.40 -3.12 5.57
C THR T 14 83.96 -3.41 4.17
N ARG T 15 84.90 -2.57 3.75
CA ARG T 15 85.46 -2.70 2.41
C ARG T 15 86.15 -4.04 2.22
N THR T 16 86.82 -4.55 3.25
CA THR T 16 87.51 -5.82 3.15
C THR T 16 86.55 -6.95 2.81
N ARG T 17 85.40 -6.99 3.49
CA ARG T 17 84.40 -7.99 3.16
C ARG T 17 83.82 -7.77 1.77
N LEU T 18 83.67 -6.51 1.36
CA LEU T 18 83.22 -6.22 0.00
C LEU T 18 84.21 -6.74 -1.03
N ASP T 19 85.51 -6.54 -0.78
CA ASP T 19 86.53 -7.09 -1.68
C ASP T 19 86.48 -8.61 -1.70
N ILE T 20 86.26 -9.23 -0.54
CA ILE T 20 86.18 -10.69 -0.48
C ILE T 20 85.00 -11.18 -1.32
N LEU T 21 83.86 -10.51 -1.24
CA LEU T 21 82.69 -10.89 -2.03
C LEU T 21 82.88 -10.61 -3.51
N THR T 22 83.60 -9.56 -3.89
CA THR T 22 83.70 -9.14 -5.27
C THR T 22 84.80 -9.86 -6.04
N ARG T 23 85.95 -10.13 -5.42
CA ARG T 23 87.11 -10.66 -6.15
C ARG T 23 86.84 -11.95 -6.92
N PRO T 24 85.94 -12.86 -6.49
CA PRO T 24 85.67 -14.02 -7.37
C PRO T 24 84.89 -13.64 -8.62
N LYS T 25 83.96 -12.69 -8.50
CA LYS T 25 83.01 -12.45 -9.58
C LYS T 25 83.67 -11.82 -10.80
N THR T 26 84.74 -11.06 -10.59
CA THR T 26 85.44 -10.44 -11.70
C THR T 26 86.15 -11.49 -12.54
N ALA T 27 86.45 -11.12 -13.79
CA ALA T 27 87.06 -12.07 -14.71
C ALA T 27 88.52 -12.36 -14.34
N ASP T 28 89.27 -11.31 -14.01
CA ASP T 28 90.71 -11.49 -13.74
C ASP T 28 90.94 -12.26 -12.46
N GLY T 29 90.24 -11.89 -11.39
CA GLY T 29 90.44 -12.48 -10.08
C GLY T 29 90.97 -11.52 -9.03
N GLN T 30 91.21 -10.26 -9.38
CA GLN T 30 91.67 -9.17 -8.55
C GLN T 30 90.49 -8.31 -8.11
N PRO T 31 90.56 -7.66 -6.94
CA PRO T 31 89.45 -6.81 -6.50
C PRO T 31 89.01 -5.83 -7.57
N ASP T 32 87.71 -5.80 -7.83
CA ASP T 32 87.12 -4.97 -8.86
C ASP T 32 86.04 -4.08 -8.25
N ASP T 33 85.67 -3.04 -8.99
CA ASP T 33 84.65 -2.10 -8.56
C ASP T 33 83.39 -2.14 -9.40
N ALA T 34 83.46 -2.63 -10.64
CA ALA T 34 82.29 -2.64 -11.51
C ALA T 34 81.22 -3.61 -11.02
N VAL T 35 81.62 -4.69 -10.35
CA VAL T 35 80.63 -5.65 -9.85
C VAL T 35 79.74 -4.99 -8.81
N ALA T 36 80.33 -4.24 -7.89
CA ALA T 36 79.55 -3.57 -6.87
C ALA T 36 78.61 -2.53 -7.48
N GLU T 37 79.10 -1.80 -8.48
CA GLU T 37 78.24 -0.81 -9.13
C GLU T 37 77.09 -1.47 -9.88
N GLN T 38 77.35 -2.62 -10.51
CA GLN T 38 76.27 -3.34 -11.18
C GLN T 38 75.23 -3.85 -10.19
N ALA T 39 75.69 -4.37 -9.04
CA ALA T 39 74.75 -4.81 -8.01
C ALA T 39 73.95 -3.65 -7.46
N LEU T 40 74.60 -2.50 -7.26
CA LEU T 40 73.87 -1.31 -6.80
C LEU T 40 72.85 -0.85 -7.84
N ALA T 41 73.21 -0.94 -9.12
CA ALA T 41 72.25 -0.59 -10.16
C ALA T 41 71.06 -1.54 -10.17
N ASP T 42 71.30 -2.84 -9.98
CA ASP T 42 70.18 -3.78 -9.90
C ASP T 42 69.30 -3.52 -8.70
N ALA T 43 69.90 -3.21 -7.55
CA ALA T 43 69.11 -2.88 -6.36
C ALA T 43 68.31 -1.60 -6.56
N SER T 44 68.93 -0.61 -7.22
CA SER T 44 68.21 0.62 -7.52
C SER T 44 67.06 0.37 -8.48
N ALA T 45 67.24 -0.55 -9.43
CA ALA T 45 66.15 -0.93 -10.30
C ALA T 45 65.02 -1.59 -9.52
N PHE T 46 65.37 -2.45 -8.57
CA PHE T 46 64.37 -3.06 -7.69
C PHE T 46 63.57 -2.00 -6.96
N ILE T 47 64.26 -1.06 -6.31
CA ILE T 47 63.58 0.00 -5.57
C ILE T 47 62.76 0.86 -6.51
N ASP T 48 63.28 1.16 -7.70
CA ASP T 48 62.55 1.96 -8.67
C ASP T 48 61.24 1.28 -9.06
N GLY T 49 61.28 -0.02 -9.30
CA GLY T 49 60.06 -0.75 -9.59
C GLY T 49 59.09 -0.72 -8.42
N TYR T 50 59.61 -0.78 -7.20
CA TYR T 50 58.73 -0.77 -6.04
C TYR T 50 58.21 0.63 -5.71
N LEU T 51 58.79 1.68 -6.30
CA LEU T 51 58.36 3.04 -6.01
C LEU T 51 57.57 3.68 -7.14
N ALA T 52 57.69 3.17 -8.36
CA ALA T 52 57.01 3.80 -9.50
C ALA T 52 55.50 3.70 -9.41
N ALA T 53 54.95 3.01 -8.41
CA ALA T 53 53.51 2.91 -8.28
C ALA T 53 52.87 4.26 -8.01
N ARG T 54 53.51 5.08 -7.18
CA ARG T 54 52.91 6.36 -6.81
C ARG T 54 53.94 7.49 -6.77
N PHE T 55 54.93 7.43 -7.65
CA PHE T 55 55.93 8.50 -7.73
C PHE T 55 56.39 8.66 -9.17
N VAL T 56 56.76 9.89 -9.53
CA VAL T 56 57.48 10.10 -10.78
C VAL T 56 58.90 9.60 -10.59
N LEU T 57 59.27 8.56 -11.32
CA LEU T 57 60.39 7.73 -10.92
C LEU T 57 61.75 8.43 -11.05
N PRO T 58 62.00 9.28 -12.05
CA PRO T 58 63.22 10.11 -11.98
C PRO T 58 63.10 11.11 -10.85
N LEU T 59 63.30 10.63 -9.62
CA LEU T 59 62.95 11.36 -8.41
C LEU T 59 63.55 12.76 -8.39
N THR T 60 62.69 13.76 -8.19
CA THR T 60 63.18 15.13 -8.06
C THR T 60 64.07 15.27 -6.83
N VAL T 61 63.60 14.78 -5.69
CA VAL T 61 64.37 14.74 -4.46
C VAL T 61 64.40 13.29 -3.97
N VAL T 62 65.57 12.81 -3.62
CA VAL T 62 65.77 11.41 -3.23
C VAL T 62 65.54 11.29 -1.73
N PRO T 63 64.61 10.44 -1.28
CA PRO T 63 64.49 10.19 0.16
C PRO T 63 65.80 9.68 0.73
N SER T 64 66.10 10.13 1.95
CA SER T 64 67.42 9.87 2.53
C SER T 64 67.56 8.43 3.01
N LEU T 65 66.45 7.75 3.29
CA LEU T 65 66.53 6.34 3.67
C LEU T 65 66.79 5.43 2.48
N LEU T 66 66.52 5.91 1.27
CA LEU T 66 66.67 5.05 0.10
C LEU T 66 68.11 4.65 -0.13
N LYS T 67 69.08 5.43 0.36
CA LYS T 67 70.47 4.99 0.29
C LYS T 67 70.67 3.71 1.09
N ARG T 68 70.15 3.67 2.32
CA ARG T 68 70.20 2.45 3.12
C ARG T 68 69.43 1.32 2.44
N GLN T 69 68.25 1.61 1.92
CA GLN T 69 67.43 0.58 1.30
C GLN T 69 68.06 0.04 0.02
N CYS T 70 68.92 0.81 -0.63
CA CYS T 70 69.64 0.31 -1.79
C CYS T 70 70.87 -0.46 -1.37
N CYS T 71 71.58 0.00 -0.34
CA CYS T 71 72.75 -0.71 0.15
C CYS T 71 72.39 -2.11 0.64
N VAL T 72 71.28 -2.24 1.37
CA VAL T 72 70.93 -3.56 1.91
C VAL T 72 70.58 -4.52 0.79
N VAL T 73 69.80 -4.06 -0.20
CA VAL T 73 69.40 -4.94 -1.29
C VAL T 73 70.60 -5.30 -2.16
N ALA T 74 71.52 -4.35 -2.36
CA ALA T 74 72.74 -4.67 -3.10
C ALA T 74 73.58 -5.70 -2.35
N TRP T 75 73.67 -5.56 -1.01
CA TRP T 75 74.42 -6.53 -0.23
C TRP T 75 73.81 -7.92 -0.33
N PHE T 76 72.48 -8.00 -0.27
CA PHE T 76 71.83 -9.31 -0.42
C PHE T 76 72.06 -9.87 -1.82
N TYR T 77 71.93 -9.03 -2.84
CA TYR T 77 72.16 -9.48 -4.21
C TYR T 77 73.60 -9.92 -4.41
N LEU T 78 74.53 -9.41 -3.61
CA LEU T 78 75.93 -9.75 -3.72
C LEU T 78 76.32 -10.96 -2.87
N ASN T 79 75.38 -11.49 -2.08
CA ASN T 79 75.61 -12.70 -1.30
C ASN T 79 74.69 -13.83 -1.74
N GLU T 80 74.36 -13.88 -3.03
CA GLU T 80 73.36 -14.83 -3.51
C GLU T 80 73.83 -16.28 -3.42
N SER T 81 75.14 -16.52 -3.40
CA SER T 81 75.63 -17.90 -3.36
C SER T 81 75.38 -18.54 -2.00
N GLN T 82 75.72 -17.83 -0.93
CA GLN T 82 75.58 -18.35 0.43
C GLN T 82 75.49 -17.16 1.37
N PRO T 83 74.27 -16.72 1.70
CA PRO T 83 74.11 -15.57 2.59
C PRO T 83 73.92 -15.97 4.05
N THR T 84 74.28 -15.04 4.93
CA THR T 84 73.98 -15.21 6.34
C THR T 84 72.48 -15.11 6.57
N GLU T 85 72.02 -15.71 7.67
CA GLU T 85 70.60 -15.62 8.01
C GLU T 85 70.18 -14.18 8.24
N GLN T 86 71.05 -13.37 8.84
CA GLN T 86 70.71 -11.98 9.11
C GLN T 86 70.58 -11.18 7.82
N ILE T 87 71.43 -11.46 6.83
CA ILE T 87 71.32 -10.77 5.55
C ILE T 87 69.97 -11.05 4.92
N THR T 88 69.56 -12.32 4.93
CA THR T 88 68.25 -12.68 4.37
C THR T 88 67.13 -12.02 5.16
N ALA T 89 67.23 -11.99 6.49
CA ALA T 89 66.19 -11.39 7.30
C ALA T 89 66.06 -9.90 7.01
N THR T 90 67.19 -9.20 6.90
CA THR T 90 67.14 -7.77 6.61
C THR T 90 66.64 -7.50 5.20
N TYR T 91 66.98 -8.38 4.24
CA TYR T 91 66.43 -8.23 2.91
C TYR T 91 64.92 -8.42 2.90
N ARG T 92 64.42 -9.40 3.65
CA ARG T 92 62.97 -9.55 3.76
C ARG T 92 62.34 -8.34 4.42
N ASP T 93 63.00 -7.77 5.43
CA ASP T 93 62.48 -6.57 6.07
C ASP T 93 62.40 -5.40 5.09
N THR T 94 63.44 -5.21 4.27
CA THR T 94 63.39 -4.08 3.34
C THR T 94 62.43 -4.34 2.19
N VAL T 95 62.22 -5.59 1.80
CA VAL T 95 61.18 -5.89 0.83
C VAL T 95 59.81 -5.59 1.42
N ARG T 96 59.61 -5.93 2.70
CA ARG T 96 58.36 -5.59 3.36
C ARG T 96 58.15 -4.08 3.41
N TRP T 97 59.21 -3.33 3.70
CA TRP T 97 59.10 -1.88 3.73
C TRP T 97 58.76 -1.32 2.35
N LEU T 98 59.40 -1.85 1.30
CA LEU T 98 59.10 -1.38 -0.04
C LEU T 98 57.67 -1.73 -0.45
N GLU T 99 57.19 -2.90 -0.05
CA GLU T 99 55.80 -3.25 -0.31
C GLU T 99 54.84 -2.30 0.41
N GLN T 100 55.18 -1.94 1.65
CA GLN T 100 54.34 -0.99 2.38
C GLN T 100 54.36 0.38 1.70
N VAL T 101 55.51 0.79 1.19
CA VAL T 101 55.60 2.08 0.50
C VAL T 101 54.75 2.05 -0.77
N ARG T 102 54.87 0.96 -1.54
CA ARG T 102 54.09 0.82 -2.79
C ARG T 102 52.59 0.84 -2.47
N ASP T 103 52.17 0.08 -1.46
CA ASP T 103 50.75 0.00 -1.13
C ASP T 103 50.23 1.35 -0.64
N GLY T 104 51.06 2.11 0.04
CA GLY T 104 50.64 3.37 0.63
C GLY T 104 50.69 3.39 2.15
N LYS T 105 51.15 2.31 2.79
CA LYS T 105 51.14 2.26 4.25
C LYS T 105 52.18 3.22 4.84
N THR T 106 53.30 3.40 4.16
CA THR T 106 54.39 4.24 4.65
C THR T 106 54.94 5.09 3.53
N ASP T 107 55.11 6.37 3.79
CA ASP T 107 55.80 7.23 2.83
C ASP T 107 57.30 7.01 2.90
N PRO T 108 58.01 7.13 1.77
CA PRO T 108 59.46 6.86 1.79
C PRO T 108 60.23 7.78 2.71
N GLY T 109 59.77 9.02 2.87
CA GLY T 109 60.49 9.98 3.66
C GLY T 109 60.71 11.25 2.87
N VAL T 110 61.78 11.97 3.21
CA VAL T 110 62.14 13.23 2.58
C VAL T 110 63.64 13.26 2.36
N GLU T 111 64.10 14.32 1.73
CA GLU T 111 65.52 14.65 1.74
C GLU T 111 65.84 15.34 3.06
N SER T 112 66.76 14.75 3.83
CA SER T 112 67.06 15.26 5.17
C SER T 112 67.61 16.68 5.13
N ARG T 113 68.13 17.13 4.00
CA ARG T 113 68.69 18.48 3.93
C ARG T 113 67.60 19.53 4.02
N THR T 114 66.53 19.39 3.25
CA THR T 114 65.49 20.41 3.15
C THR T 114 64.10 19.90 3.45
N ALA T 115 63.93 18.63 3.82
CA ALA T 115 62.63 18.05 4.16
C ALA T 115 61.63 18.24 3.02
N ALA T 116 62.02 17.79 1.83
CA ALA T 116 61.18 17.83 0.66
C ALA T 116 60.80 16.41 0.25
N SER T 117 59.51 16.19 0.02
CA SER T 117 59.05 14.87 -0.38
C SER T 117 58.97 14.75 -1.88
N PRO T 118 59.39 13.61 -2.44
CA PRO T 118 59.33 13.45 -3.89
C PRO T 118 57.90 13.48 -4.40
N GLU T 119 57.72 14.13 -5.54
CA GLU T 119 56.40 14.25 -6.14
C GLU T 119 56.04 12.98 -6.91
N GLY T 120 54.80 12.92 -7.36
CA GLY T 120 54.34 11.76 -8.11
C GLY T 120 53.06 12.06 -8.84
N GLU T 121 52.67 11.13 -9.70
CA GLU T 121 51.43 11.28 -10.45
C GLU T 121 50.23 11.13 -9.53
N ASP T 122 49.09 11.63 -10.00
CA ASP T 122 47.86 11.61 -9.22
C ASP T 122 47.38 10.18 -9.07
N LEU T 123 47.45 9.64 -7.84
CA LEU T 123 46.92 8.31 -7.58
C LEU T 123 45.43 8.25 -7.84
N VAL T 124 44.69 9.26 -7.38
CA VAL T 124 43.25 9.35 -7.55
C VAL T 124 42.96 10.55 -8.45
N GLN T 125 42.06 10.34 -9.41
CA GLN T 125 41.69 11.41 -10.35
C GLN T 125 40.29 11.14 -10.85
N VAL T 126 39.40 12.12 -10.69
CA VAL T 126 38.01 11.99 -11.13
C VAL T 126 37.69 13.18 -12.03
N GLN T 127 36.82 12.96 -13.00
CA GLN T 127 36.32 14.01 -13.87
C GLN T 127 34.81 13.93 -13.92
N SER T 128 34.16 15.08 -13.80
CA SER T 128 32.71 15.19 -13.92
C SER T 128 32.38 16.24 -14.96
N ASP T 129 31.11 16.30 -15.32
CA ASP T 129 30.65 17.33 -16.23
C ASP T 129 30.81 18.70 -15.57
N PRO T 130 30.90 19.77 -16.35
CA PRO T 130 31.08 21.10 -15.77
C PRO T 130 29.98 21.42 -14.79
N PRO T 131 30.32 22.07 -13.66
CA PRO T 131 29.33 22.25 -12.61
C PRO T 131 28.35 23.36 -12.94
N VAL T 132 27.06 23.03 -12.88
CA VAL T 132 25.98 24.00 -13.04
C VAL T 132 25.08 23.88 -11.83
N PHE T 133 24.46 25.00 -11.45
CA PHE T 133 23.61 25.10 -10.27
C PHE T 133 24.36 24.87 -8.98
N SER T 134 25.70 24.91 -9.01
CA SER T 134 26.47 24.82 -7.80
C SER T 134 26.40 26.12 -7.02
N ARG T 135 26.77 26.06 -5.74
CA ARG T 135 26.69 27.24 -4.89
C ARG T 135 27.64 28.35 -5.35
N LYS T 136 28.66 28.02 -6.15
CA LYS T 136 29.57 29.03 -6.66
C LYS T 136 28.92 29.95 -7.67
N GLN T 137 27.79 29.56 -8.24
CA GLN T 137 27.05 30.39 -9.18
C GLN T 137 26.26 31.41 -8.37
N LYS T 138 26.87 32.58 -8.15
CA LYS T 138 26.25 33.61 -7.32
C LYS T 138 25.01 34.21 -7.96
N GLY T 139 24.74 33.93 -9.23
CA GLY T 139 23.50 34.36 -9.84
C GLY T 139 22.31 33.66 -9.21
N PHE T 140 21.09 34.09 -9.59
CA PHE T 140 19.86 33.55 -9.02
C PHE T 140 19.85 33.72 -7.50
N ILE T 141 19.86 32.61 -6.77
CA ILE T 141 19.80 32.62 -5.31
C ILE T 141 18.61 33.43 -4.80
N ASN U 2 66.85 -13.82 -25.53
CA ASN U 2 66.98 -13.90 -24.08
C ASN U 2 67.19 -12.52 -23.47
N TYR U 3 66.80 -12.37 -22.21
CA TYR U 3 66.91 -11.07 -21.55
C TYR U 3 68.34 -10.78 -21.12
N ALA U 4 69.05 -11.78 -20.61
CA ALA U 4 70.41 -11.63 -20.14
C ALA U 4 71.35 -12.50 -20.95
N THR U 5 72.53 -11.97 -21.23
CA THR U 5 73.57 -12.68 -21.95
C THR U 5 74.42 -13.50 -20.98
N VAL U 6 75.12 -14.49 -21.53
CA VAL U 6 75.97 -15.35 -20.71
C VAL U 6 77.10 -14.54 -20.07
N ASN U 7 77.52 -13.46 -20.72
CA ASN U 7 78.55 -12.60 -20.15
C ASN U 7 78.08 -11.88 -18.90
N ASP U 8 76.77 -11.83 -18.65
CA ASP U 8 76.23 -11.27 -17.43
C ASP U 8 75.98 -12.33 -16.36
N LEU U 9 75.54 -13.53 -16.77
CA LEU U 9 75.40 -14.62 -15.82
C LEU U 9 76.75 -15.05 -15.26
N CYS U 10 77.81 -14.98 -16.09
CA CYS U 10 79.14 -15.30 -15.62
C CYS U 10 79.77 -14.17 -14.81
N ALA U 11 79.11 -13.02 -14.72
CA ALA U 11 79.57 -11.92 -13.88
C ALA U 11 78.83 -11.87 -12.55
N ARG U 12 77.50 -11.99 -12.58
CA ARG U 12 76.76 -12.08 -11.33
C ARG U 12 77.12 -13.33 -10.55
N TYR U 13 77.25 -14.46 -11.24
CA TYR U 13 77.71 -15.71 -10.66
C TYR U 13 79.10 -16.02 -11.21
N THR U 14 80.00 -16.44 -10.33
CA THR U 14 81.40 -16.62 -10.71
C THR U 14 81.52 -17.56 -11.89
N ARG U 15 82.38 -17.17 -12.85
CA ARG U 15 82.53 -17.96 -14.07
C ARG U 15 83.03 -19.37 -13.77
N THR U 16 83.92 -19.51 -12.78
CA THR U 16 84.45 -20.82 -12.45
C THR U 16 83.34 -21.78 -12.03
N ARG U 17 82.42 -21.31 -11.18
CA ARG U 17 81.29 -22.14 -10.79
C ARG U 17 80.36 -22.41 -11.99
N LEU U 18 80.22 -21.43 -12.88
CA LEU U 18 79.44 -21.64 -14.09
C LEU U 18 80.06 -22.73 -14.96
N ASP U 19 81.38 -22.70 -15.11
CA ASP U 19 82.06 -23.76 -15.86
C ASP U 19 81.89 -25.11 -15.17
N ILE U 20 81.95 -25.14 -13.84
CA ILE U 20 81.76 -26.39 -13.12
C ILE U 20 80.37 -26.95 -13.38
N LEU U 21 79.35 -26.09 -13.35
CA LEU U 21 77.99 -26.53 -13.63
C LEU U 21 77.78 -26.94 -15.08
N THR U 22 78.45 -26.31 -16.03
CA THR U 22 78.20 -26.52 -17.44
C THR U 22 78.97 -27.69 -18.02
N ARG U 23 80.23 -27.90 -17.60
CA ARG U 23 81.10 -28.90 -18.23
C ARG U 23 80.51 -30.32 -18.27
N PRO U 24 79.70 -30.78 -17.30
CA PRO U 24 79.11 -32.11 -17.47
C PRO U 24 78.05 -32.15 -18.56
N LYS U 25 77.26 -31.07 -18.69
CA LYS U 25 76.07 -31.12 -19.53
C LYS U 25 76.43 -31.19 -21.01
N THR U 26 77.57 -30.64 -21.40
CA THR U 26 77.98 -30.68 -22.79
C THR U 26 78.34 -32.11 -23.20
N ALA U 27 78.32 -32.36 -24.50
CA ALA U 27 78.57 -33.71 -25.01
C ALA U 27 80.04 -34.08 -24.86
N ASP U 28 80.95 -33.17 -25.21
CA ASP U 28 82.37 -33.50 -25.21
C ASP U 28 82.90 -33.70 -23.79
N GLY U 29 82.54 -32.78 -22.89
CA GLY U 29 83.05 -32.80 -21.52
C GLY U 29 83.92 -31.62 -21.16
N GLN U 30 84.15 -30.69 -22.09
CA GLN U 30 84.92 -29.47 -21.96
C GLN U 30 83.98 -28.29 -21.70
N PRO U 31 84.42 -27.24 -21.01
CA PRO U 31 83.55 -26.09 -20.77
C PRO U 31 82.92 -25.57 -22.05
N ASP U 32 81.60 -25.40 -22.02
CA ASP U 32 80.82 -24.98 -23.16
C ASP U 32 80.02 -23.73 -22.81
N ASP U 33 79.55 -23.04 -23.83
CA ASP U 33 78.77 -21.83 -23.67
C ASP U 33 77.33 -21.96 -24.12
N ALA U 34 77.01 -22.93 -24.98
CA ALA U 34 75.65 -23.07 -25.48
C ALA U 34 74.68 -23.51 -24.41
N VAL U 35 75.16 -24.28 -23.41
CA VAL U 35 74.28 -24.73 -22.34
C VAL U 35 73.76 -23.53 -21.54
N ALA U 36 74.65 -22.60 -21.21
CA ALA U 36 74.23 -21.42 -20.47
C ALA U 36 73.25 -20.58 -21.26
N GLU U 37 73.50 -20.43 -22.56
CA GLU U 37 72.59 -19.66 -23.40
C GLU U 37 71.22 -20.33 -23.50
N GLN U 38 71.20 -21.67 -23.57
CA GLN U 38 69.92 -22.38 -23.60
C GLN U 38 69.16 -22.22 -22.29
N ALA U 39 69.88 -22.28 -21.17
CA ALA U 39 69.23 -22.07 -19.88
C ALA U 39 68.69 -20.65 -19.75
N LEU U 40 69.47 -19.67 -20.22
CA LEU U 40 69.00 -18.29 -20.22
C LEU U 40 67.78 -18.11 -21.11
N ALA U 41 67.75 -18.78 -22.25
CA ALA U 41 66.57 -18.73 -23.12
C ALA U 41 65.36 -19.34 -22.44
N ASP U 42 65.53 -20.45 -21.73
CA ASP U 42 64.40 -21.05 -21.02
C ASP U 42 63.91 -20.13 -19.90
N ALA U 43 64.83 -19.50 -19.16
CA ALA U 43 64.43 -18.57 -18.12
C ALA U 43 63.72 -17.36 -18.71
N SER U 44 64.20 -16.86 -19.84
CA SER U 44 63.54 -15.76 -20.52
C SER U 44 62.15 -16.15 -20.99
N ALA U 45 61.99 -17.40 -21.44
CA ALA U 45 60.66 -17.89 -21.80
C ALA U 45 59.75 -17.93 -20.58
N PHE U 46 60.28 -18.37 -19.44
CA PHE U 46 59.51 -18.36 -18.19
C PHE U 46 59.04 -16.95 -17.85
N ILE U 47 59.95 -15.98 -17.88
CA ILE U 47 59.59 -14.61 -17.56
C ILE U 47 58.61 -14.06 -18.60
N ASP U 48 58.81 -14.40 -19.87
CA ASP U 48 57.90 -13.94 -20.92
C ASP U 48 56.49 -14.45 -20.68
N GLY U 49 56.36 -15.72 -20.30
CA GLY U 49 55.05 -16.24 -19.96
C GLY U 49 54.44 -15.55 -18.76
N TYR U 50 55.28 -15.19 -17.79
CA TYR U 50 54.75 -14.52 -16.60
C TYR U 50 54.46 -13.05 -16.83
N LEU U 51 54.94 -12.48 -17.94
CA LEU U 51 54.72 -11.06 -18.21
C LEU U 51 53.69 -10.81 -19.31
N ALA U 52 53.43 -11.78 -20.16
CA ALA U 52 52.53 -11.58 -21.29
C ALA U 52 51.09 -11.32 -20.85
N ALA U 53 50.79 -11.42 -19.56
CA ALA U 53 49.43 -11.18 -19.09
C ALA U 53 49.00 -9.74 -19.34
N ARG U 54 49.91 -8.78 -19.12
CA ARG U 54 49.55 -7.37 -19.24
C ARG U 54 50.64 -6.57 -19.94
N PHE U 55 51.34 -7.16 -20.89
CA PHE U 55 52.36 -6.45 -21.65
C PHE U 55 52.41 -7.00 -23.07
N VAL U 56 52.76 -6.13 -24.02
CA VAL U 56 53.13 -6.60 -25.34
C VAL U 56 54.51 -7.24 -25.26
N LEU U 57 54.56 -8.54 -25.50
CA LEU U 57 55.69 -9.33 -25.02
C LEU U 57 57.01 -9.02 -25.73
N PRO U 58 57.05 -8.74 -27.04
CA PRO U 58 58.30 -8.21 -27.61
C PRO U 58 58.57 -6.82 -27.05
N LEU U 59 59.06 -6.78 -25.82
CA LEU U 59 59.12 -5.57 -25.02
C LEU U 59 59.82 -4.43 -25.77
N THR U 60 59.13 -3.30 -25.86
CA THR U 60 59.74 -2.11 -26.47
C THR U 60 60.94 -1.65 -25.66
N VAL U 61 60.77 -1.52 -24.35
CA VAL U 61 61.86 -1.21 -23.43
C VAL U 61 61.89 -2.29 -22.36
N VAL U 62 63.09 -2.80 -22.08
CA VAL U 62 63.25 -3.92 -21.16
C VAL U 62 63.44 -3.36 -19.76
N PRO U 63 62.62 -3.74 -18.78
CA PRO U 63 62.87 -3.34 -17.40
C PRO U 63 64.24 -3.82 -16.95
N SER U 64 64.91 -2.97 -16.16
CA SER U 64 66.31 -3.21 -15.82
C SER U 64 66.46 -4.32 -14.79
N LEU U 65 65.42 -4.59 -13.99
CA LEU U 65 65.48 -5.70 -13.04
C LEU U 65 65.33 -7.05 -13.72
N LEU U 66 64.78 -7.08 -14.93
CA LEU U 66 64.52 -8.36 -15.59
C LEU U 66 65.81 -9.10 -15.91
N LYS U 67 66.93 -8.39 -16.04
CA LYS U 67 68.20 -9.08 -16.20
C LYS U 67 68.53 -9.92 -14.98
N ARG U 68 68.36 -9.35 -13.78
CA ARG U 68 68.53 -10.11 -12.55
C ARG U 68 67.52 -11.24 -12.45
N GLN U 69 66.26 -10.97 -12.78
CA GLN U 69 65.23 -11.99 -12.69
C GLN U 69 65.43 -13.12 -13.68
N CYS U 70 66.13 -12.86 -14.79
CA CYS U 70 66.46 -13.94 -15.72
C CYS U 70 67.70 -14.70 -15.27
N CYS U 71 68.69 -13.99 -14.72
CA CYS U 71 69.89 -14.65 -14.24
C CYS U 71 69.56 -15.62 -13.11
N VAL U 72 68.70 -15.21 -12.17
CA VAL U 72 68.41 -16.08 -11.04
C VAL U 72 67.68 -17.33 -11.49
N VAL U 73 66.70 -17.19 -12.39
CA VAL U 73 65.95 -18.35 -12.85
C VAL U 73 66.83 -19.26 -13.69
N ALA U 74 67.73 -18.68 -14.50
CA ALA U 74 68.67 -19.51 -15.25
C ALA U 74 69.59 -20.27 -14.31
N TRP U 75 70.06 -19.62 -13.25
CA TRP U 75 70.92 -20.30 -12.29
C TRP U 75 70.19 -21.45 -11.61
N PHE U 76 68.93 -21.25 -11.24
CA PHE U 76 68.17 -22.34 -10.64
C PHE U 76 67.94 -23.46 -11.64
N TYR U 77 67.60 -23.12 -12.89
CA TYR U 77 67.41 -24.13 -13.92
C TYR U 77 68.70 -24.89 -14.20
N LEU U 78 69.85 -24.28 -13.93
CA LEU U 78 71.14 -24.90 -14.17
C LEU U 78 71.64 -25.69 -12.97
N ASN U 79 70.92 -25.66 -11.85
CA ASN U 79 71.26 -26.45 -10.67
C ASN U 79 70.16 -27.46 -10.34
N GLU U 80 69.49 -27.97 -11.37
CA GLU U 80 68.33 -28.82 -11.16
C GLU U 80 68.68 -30.16 -10.52
N SER U 81 69.92 -30.63 -10.66
CA SER U 81 70.27 -31.94 -10.11
C SER U 81 70.37 -31.89 -8.60
N GLN U 82 71.06 -30.88 -8.06
CA GLN U 82 71.25 -30.75 -6.61
C GLN U 82 71.51 -29.29 -6.32
N PRO U 83 70.48 -28.52 -5.98
CA PRO U 83 70.66 -27.10 -5.69
C PRO U 83 70.84 -26.81 -4.21
N THR U 84 71.51 -25.69 -3.95
CA THR U 84 71.61 -25.19 -2.58
C THR U 84 70.24 -24.73 -2.11
N GLU U 85 70.05 -24.70 -0.78
CA GLU U 85 68.80 -24.21 -0.23
C GLU U 85 68.58 -22.74 -0.60
N GLN U 86 69.64 -21.95 -0.62
CA GLN U 86 69.50 -20.53 -0.94
C GLN U 86 69.09 -20.33 -2.40
N ILE U 87 69.61 -21.16 -3.31
CA ILE U 87 69.21 -21.05 -4.70
C ILE U 87 67.72 -21.31 -4.84
N THR U 88 67.22 -22.35 -4.18
CA THR U 88 65.79 -22.64 -4.21
C THR U 88 64.98 -21.51 -3.59
N ALA U 89 65.45 -20.96 -2.47
CA ALA U 89 64.72 -19.88 -1.82
C ALA U 89 64.63 -18.65 -2.71
N THR U 90 65.74 -18.29 -3.37
CA THR U 90 65.73 -17.13 -4.26
C THR U 90 64.89 -17.39 -5.49
N TYR U 91 64.87 -18.62 -6.00
CA TYR U 91 64.00 -18.95 -7.11
C TYR U 91 62.53 -18.83 -6.70
N ARG U 92 62.18 -19.29 -5.50
CA ARG U 92 60.82 -19.09 -5.03
C ARG U 92 60.49 -17.61 -4.87
N ASP U 93 61.45 -16.81 -4.40
CA ASP U 93 61.21 -15.38 -4.28
C ASP U 93 60.97 -14.73 -5.63
N THR U 94 61.75 -15.11 -6.65
CA THR U 94 61.55 -14.49 -7.96
C THR U 94 60.28 -15.00 -8.64
N VAL U 95 59.88 -16.25 -8.37
CA VAL U 95 58.58 -16.71 -8.85
C VAL U 95 57.45 -15.92 -8.18
N ARG U 96 57.60 -15.65 -6.89
CA ARG U 96 56.60 -14.83 -6.20
C ARG U 96 56.54 -13.43 -6.79
N TRP U 97 57.70 -12.86 -7.10
CA TRP U 97 57.72 -11.53 -7.71
C TRP U 97 57.07 -11.54 -9.09
N LEU U 98 57.34 -12.57 -9.88
CA LEU U 98 56.72 -12.66 -11.20
C LEU U 98 55.21 -12.85 -11.09
N GLU U 99 54.76 -13.63 -10.12
CA GLU U 99 53.33 -13.78 -9.88
C GLU U 99 52.70 -12.45 -9.50
N GLN U 100 53.38 -11.68 -8.65
CA GLN U 100 52.86 -10.37 -8.28
C GLN U 100 52.80 -9.44 -9.47
N VAL U 101 53.80 -9.52 -10.36
CA VAL U 101 53.79 -8.67 -11.55
C VAL U 101 52.63 -9.06 -12.46
N ARG U 102 52.43 -10.37 -12.66
CA ARG U 102 51.33 -10.82 -13.52
C ARG U 102 49.98 -10.43 -12.93
N ASP U 103 49.80 -10.59 -11.62
CA ASP U 103 48.54 -10.25 -10.99
C ASP U 103 48.27 -8.75 -11.08
N GLY U 104 49.32 -7.94 -11.01
CA GLY U 104 49.19 -6.49 -10.97
C GLY U 104 49.65 -5.87 -9.67
N LYS U 105 50.18 -6.64 -8.72
CA LYS U 105 50.58 -6.07 -7.44
C LYS U 105 51.80 -5.19 -7.59
N THR U 106 52.72 -5.53 -8.50
CA THR U 106 53.96 -4.79 -8.66
C THR U 106 54.25 -4.61 -10.15
N ASP U 107 54.60 -3.39 -10.54
CA ASP U 107 55.04 -3.17 -11.91
C ASP U 107 56.49 -3.63 -12.07
N PRO U 108 56.87 -4.13 -13.24
CA PRO U 108 58.24 -4.64 -13.40
C PRO U 108 59.31 -3.59 -13.20
N GLY U 109 59.01 -2.34 -13.51
CA GLY U 109 59.99 -1.29 -13.42
C GLY U 109 60.10 -0.54 -14.72
N VAL U 110 61.27 0.03 -14.98
CA VAL U 110 61.53 0.81 -16.18
C VAL U 110 62.92 0.46 -16.70
N GLU U 111 63.27 1.06 -17.83
CA GLU U 111 64.66 1.08 -18.26
C GLU U 111 65.39 2.17 -17.49
N SER U 112 66.44 1.79 -16.76
CA SER U 112 67.13 2.74 -15.90
C SER U 112 67.75 3.88 -16.68
N ARG U 113 67.99 3.71 -17.98
CA ARG U 113 68.62 4.77 -18.77
C ARG U 113 67.68 5.96 -18.93
N THR U 114 66.42 5.71 -19.30
CA THR U 114 65.50 6.78 -19.64
C THR U 114 64.19 6.73 -18.85
N ALA U 115 64.04 5.79 -17.91
CA ALA U 115 62.84 5.67 -17.09
C ALA U 115 61.58 5.55 -17.94
N ALA U 116 61.59 4.58 -18.85
CA ALA U 116 60.46 4.31 -19.72
C ALA U 116 59.87 2.94 -19.36
N SER U 117 58.55 2.90 -19.18
CA SER U 117 57.90 1.65 -18.81
C SER U 117 57.39 0.93 -20.05
N PRO U 118 57.54 -0.39 -20.12
CA PRO U 118 57.08 -1.13 -21.29
C PRO U 118 55.57 -1.02 -21.44
N GLU U 119 55.12 -0.88 -22.69
CA GLU U 119 53.71 -0.77 -22.98
C GLU U 119 53.06 -2.15 -23.00
N GLY U 120 51.73 -2.15 -23.09
CA GLY U 120 51.00 -3.40 -23.13
C GLY U 120 49.59 -3.19 -23.63
N GLU U 121 48.91 -4.30 -23.86
CA GLU U 121 47.52 -4.23 -24.31
C GLU U 121 46.62 -3.75 -23.20
N ASP U 122 45.44 -3.27 -23.59
CA ASP U 122 44.47 -2.74 -22.64
C ASP U 122 43.94 -3.85 -21.76
N LEU U 123 44.29 -3.82 -20.48
CA LEU U 123 43.76 -4.80 -19.54
C LEU U 123 42.24 -4.66 -19.42
N VAL U 124 41.76 -3.43 -19.31
CA VAL U 124 40.34 -3.14 -19.20
C VAL U 124 39.90 -2.40 -20.45
N GLN U 125 38.76 -2.79 -21.00
CA GLN U 125 38.24 -2.18 -22.22
C GLN U 125 36.73 -2.35 -22.23
N VAL U 126 36.00 -1.24 -22.35
CA VAL U 126 34.55 -1.26 -22.39
C VAL U 126 34.09 -0.51 -23.63
N GLN U 127 32.96 -0.95 -24.19
CA GLN U 127 32.32 -0.28 -25.31
C GLN U 127 30.86 -0.07 -25.00
N SER U 128 30.36 1.13 -25.28
CA SER U 128 28.96 1.46 -25.13
C SER U 128 28.43 2.02 -26.43
N ASP U 129 27.12 2.18 -26.49
CA ASP U 129 26.51 2.81 -27.66
C ASP U 129 26.95 4.26 -27.74
N PRO U 130 26.92 4.87 -28.92
CA PRO U 130 27.36 6.26 -29.06
C PRO U 130 26.62 7.17 -28.11
N PRO U 131 27.29 8.14 -27.50
CA PRO U 131 26.65 8.93 -26.45
C PRO U 131 25.71 9.98 -27.04
N VAL U 132 24.47 9.96 -26.57
CA VAL U 132 23.47 10.96 -26.92
C VAL U 132 22.92 11.53 -25.62
N PHE U 133 22.54 12.81 -25.67
CA PHE U 133 22.05 13.56 -24.51
C PHE U 133 23.12 13.75 -23.44
N SER U 134 24.38 13.50 -23.78
CA SER U 134 25.46 13.77 -22.84
C SER U 134 25.72 15.27 -22.75
N ARG U 135 26.41 15.68 -21.69
CA ARG U 135 26.67 17.10 -21.48
C ARG U 135 27.54 17.70 -22.57
N LYS U 136 28.25 16.87 -23.33
CA LYS U 136 29.09 17.38 -24.42
C LYS U 136 28.25 17.90 -25.57
N GLN U 137 26.98 17.53 -25.65
CA GLN U 137 26.08 18.04 -26.68
C GLN U 137 25.63 19.44 -26.27
N LYS U 138 26.37 20.44 -26.74
CA LYS U 138 26.09 21.82 -26.36
C LYS U 138 24.77 22.33 -26.91
N GLY U 139 24.14 21.61 -27.83
CA GLY U 139 22.81 21.99 -28.29
C GLY U 139 21.80 21.86 -27.18
N PHE U 140 20.56 22.31 -27.45
CA PHE U 140 19.50 22.31 -26.45
C PHE U 140 19.92 23.10 -25.22
N ILE U 141 20.04 22.42 -24.08
CA ILE U 141 20.39 23.05 -22.81
C ILE U 141 19.46 24.20 -22.46
N ASN V 2 56.47 -35.43 -29.85
CA ASN V 2 56.95 -34.97 -28.56
C ASN V 2 57.44 -33.53 -28.64
N TYR V 3 57.38 -32.83 -27.49
CA TYR V 3 57.78 -31.42 -27.48
C TYR V 3 59.29 -31.26 -27.48
N ALA V 4 60.00 -32.11 -26.74
CA ALA V 4 61.44 -32.04 -26.63
C ALA V 4 62.07 -33.32 -27.17
N THR V 5 63.20 -33.17 -27.85
CA THR V 5 63.95 -34.29 -28.38
C THR V 5 64.93 -34.80 -27.35
N VAL V 6 65.37 -36.05 -27.54
CA VAL V 6 66.31 -36.67 -26.62
C VAL V 6 67.62 -35.91 -26.60
N ASN V 7 67.99 -35.26 -27.71
CA ASN V 7 69.20 -34.45 -27.74
C ASN V 7 69.12 -33.23 -26.84
N ASP V 8 67.92 -32.85 -26.40
CA ASP V 8 67.76 -31.77 -25.44
C ASP V 8 67.68 -32.26 -24.01
N LEU V 9 67.04 -33.41 -23.79
CA LEU V 9 67.03 -34.02 -22.46
C LEU V 9 68.43 -34.44 -22.04
N CYS V 10 69.25 -34.90 -22.99
CA CYS V 10 70.63 -35.26 -22.69
C CYS V 10 71.54 -34.06 -22.56
N ALA V 11 71.03 -32.84 -22.85
CA ALA V 11 71.78 -31.62 -22.64
C ALA V 11 71.41 -30.93 -21.34
N ARG V 12 70.11 -30.79 -21.06
CA ARG V 12 69.69 -30.24 -19.78
C ARG V 12 70.12 -31.16 -18.64
N TYR V 13 69.96 -32.47 -18.81
CA TYR V 13 70.42 -33.46 -17.85
C TYR V 13 71.59 -34.21 -18.46
N THR V 14 72.64 -34.42 -17.67
CA THR V 14 73.87 -34.99 -18.20
C THR V 14 73.62 -36.32 -18.89
N ARG V 15 74.24 -36.50 -20.05
CA ARG V 15 74.02 -37.71 -20.84
C ARG V 15 74.44 -38.97 -20.08
N THR V 16 75.52 -38.88 -19.30
CA THR V 16 75.99 -40.03 -18.56
C THR V 16 74.93 -40.53 -17.58
N ARG V 17 74.30 -39.60 -16.85
CA ARG V 17 73.22 -40.00 -15.95
C ARG V 17 72.02 -40.52 -16.73
N LEU V 18 71.75 -39.95 -17.91
CA LEU V 18 70.67 -40.47 -18.74
C LEU V 18 70.95 -41.89 -19.19
N ASP V 19 72.20 -42.18 -19.57
CA ASP V 19 72.56 -43.55 -19.92
C ASP V 19 72.44 -44.48 -18.72
N ILE V 20 72.82 -44.00 -17.53
CA ILE V 20 72.69 -44.82 -16.33
C ILE V 20 71.24 -45.16 -16.07
N LEU V 21 70.35 -44.18 -16.22
CA LEU V 21 68.92 -44.43 -16.03
C LEU V 21 68.32 -45.32 -17.10
N THR V 22 68.80 -45.23 -18.35
CA THR V 22 68.19 -45.93 -19.46
C THR V 22 68.68 -47.36 -19.63
N ARG V 23 69.97 -47.62 -19.40
CA ARG V 23 70.56 -48.93 -19.72
C ARG V 23 69.86 -50.11 -19.04
N PRO V 24 69.27 -50.00 -17.84
CA PRO V 24 68.52 -51.15 -17.33
C PRO V 24 67.23 -51.41 -18.09
N LYS V 25 66.54 -50.35 -18.51
CA LYS V 25 65.18 -50.48 -19.01
C LYS V 25 65.15 -51.19 -20.36
N THR V 26 66.22 -51.05 -21.14
CA THR V 26 66.26 -51.70 -22.44
C THR V 26 66.37 -53.21 -22.28
N ALA V 27 66.00 -53.94 -23.34
CA ALA V 27 65.99 -55.40 -23.27
C ALA V 27 67.41 -55.97 -23.25
N ASP V 28 68.29 -55.45 -24.12
CA ASP V 28 69.63 -56.01 -24.24
C ASP V 28 70.46 -55.73 -23.00
N GLY V 29 70.43 -54.49 -22.50
CA GLY V 29 71.26 -54.08 -21.37
C GLY V 29 72.31 -53.04 -21.71
N GLN V 30 72.39 -52.61 -22.95
CA GLN V 30 73.28 -51.59 -23.49
C GLN V 30 72.54 -50.26 -23.59
N PRO V 31 73.25 -49.12 -23.49
CA PRO V 31 72.58 -47.83 -23.60
C PRO V 31 71.71 -47.73 -24.84
N ASP V 32 70.45 -47.31 -24.62
CA ASP V 32 69.46 -47.22 -25.69
C ASP V 32 68.90 -45.81 -25.74
N ASP V 33 68.25 -45.49 -26.86
CA ASP V 33 67.66 -44.18 -27.07
C ASP V 33 66.14 -44.20 -27.15
N ALA V 34 65.54 -45.35 -27.45
CA ALA V 34 64.08 -45.42 -27.60
C ALA V 34 63.38 -45.23 -26.26
N VAL V 35 64.00 -45.62 -25.15
CA VAL V 35 63.38 -45.45 -23.84
C VAL V 35 63.18 -43.97 -23.54
N ALA V 36 64.21 -43.16 -23.79
CA ALA V 36 64.11 -41.73 -23.54
C ALA V 36 63.04 -41.10 -24.43
N GLU V 37 62.98 -41.51 -25.70
CA GLU V 37 61.97 -40.96 -26.59
C GLU V 37 60.56 -41.35 -26.14
N GLN V 38 60.39 -42.58 -25.65
CA GLN V 38 59.09 -43.00 -25.15
C GLN V 38 58.69 -42.20 -23.91
N ALA V 39 59.65 -41.96 -23.00
CA ALA V 39 59.36 -41.16 -21.83
C ALA V 39 59.01 -39.72 -22.21
N LEU V 40 59.74 -39.16 -23.19
CA LEU V 40 59.43 -37.82 -23.67
C LEU V 40 58.05 -37.77 -24.30
N ALA V 41 57.67 -38.82 -25.04
CA ALA V 41 56.33 -38.88 -25.61
C ALA V 41 55.26 -38.94 -24.54
N ASP V 42 55.50 -39.71 -23.46
CA ASP V 42 54.53 -39.76 -22.37
C ASP V 42 54.42 -38.41 -21.67
N ALA V 43 55.54 -37.73 -21.45
CA ALA V 43 55.50 -36.41 -20.83
C ALA V 43 54.79 -35.41 -21.73
N SER V 44 55.02 -35.50 -23.04
CA SER V 44 54.33 -34.63 -23.98
C SER V 44 52.83 -34.91 -23.98
N ALA V 45 52.44 -36.17 -23.83
CA ALA V 45 51.03 -36.50 -23.69
C ALA V 45 50.44 -35.90 -22.42
N PHE V 46 51.19 -35.95 -21.32
CA PHE V 46 50.76 -35.32 -20.07
C PHE V 46 50.52 -33.84 -20.28
N ILE V 47 51.50 -33.14 -20.87
CA ILE V 47 51.35 -31.70 -21.11
C ILE V 47 50.20 -31.43 -22.06
N ASP V 48 50.06 -32.26 -23.10
CA ASP V 48 48.96 -32.08 -24.05
C ASP V 48 47.61 -32.19 -23.36
N GLY V 49 47.46 -33.15 -22.47
CA GLY V 49 46.23 -33.25 -21.71
C GLY V 49 46.00 -32.05 -20.82
N TYR V 50 47.09 -31.51 -20.25
CA TYR V 50 46.92 -30.36 -19.37
C TYR V 50 46.73 -29.06 -20.15
N LEU V 51 46.98 -29.05 -21.46
CA LEU V 51 46.84 -27.84 -22.25
C LEU V 51 45.61 -27.84 -23.14
N ALA V 52 45.04 -29.00 -23.44
CA ALA V 52 43.91 -29.07 -24.37
C ALA V 52 42.66 -28.41 -23.82
N ALA V 53 42.68 -27.95 -22.57
CA ALA V 53 41.51 -27.29 -22.01
C ALA V 53 41.17 -26.00 -22.75
N ARG V 54 42.19 -25.22 -23.12
CA ARG V 54 41.95 -23.93 -23.75
C ARG V 54 42.90 -23.67 -24.91
N PHE V 55 43.29 -24.72 -25.64
CA PHE V 55 44.16 -24.55 -26.80
C PHE V 55 43.81 -25.60 -27.83
N VAL V 56 44.00 -25.25 -29.11
CA VAL V 56 43.98 -26.25 -30.16
C VAL V 56 45.27 -27.05 -30.08
N LEU V 57 45.13 -28.33 -29.76
CA LEU V 57 46.26 -29.08 -29.21
C LEU V 57 47.38 -29.32 -30.21
N PRO V 58 47.14 -29.57 -31.51
CA PRO V 58 48.25 -29.55 -32.47
C PRO V 58 48.79 -28.13 -32.60
N LEU V 59 49.57 -27.72 -31.61
CA LEU V 59 49.94 -26.31 -31.42
C LEU V 59 50.53 -25.71 -32.68
N THR V 60 49.96 -24.59 -33.11
CA THR V 60 50.51 -23.87 -34.26
C THR V 60 51.91 -23.36 -33.95
N VAL V 61 52.08 -22.71 -32.81
CA VAL V 61 53.38 -22.27 -32.32
C VAL V 61 53.57 -22.85 -30.93
N VAL V 62 54.74 -23.43 -30.68
CA VAL V 62 55.03 -24.12 -29.43
C VAL V 62 55.61 -23.11 -28.45
N PRO V 63 55.01 -22.93 -27.27
CA PRO V 63 55.64 -22.09 -26.25
C PRO V 63 57.04 -22.59 -25.91
N SER V 64 57.95 -21.65 -25.69
CA SER V 64 59.35 -22.01 -25.53
C SER V 64 59.65 -22.63 -24.18
N LEU V 65 58.81 -22.38 -23.18
CA LEU V 65 59.01 -23.03 -21.88
C LEU V 65 58.57 -24.48 -21.89
N LEU V 66 57.72 -24.86 -22.85
CA LEU V 66 57.20 -26.22 -22.86
C LEU V 66 58.29 -27.26 -23.08
N LYS V 67 59.41 -26.88 -23.70
CA LYS V 67 60.54 -27.81 -23.79
C LYS V 67 61.06 -28.16 -22.40
N ARG V 68 61.24 -27.14 -21.55
CA ARG V 68 61.64 -27.39 -20.17
C ARG V 68 60.58 -28.19 -19.42
N GLN V 69 59.31 -27.84 -19.61
CA GLN V 69 58.24 -28.53 -18.90
C GLN V 69 58.08 -29.97 -19.34
N CYS V 70 58.52 -30.30 -20.56
CA CYS V 70 58.50 -31.68 -21.01
C CYS V 70 59.73 -32.42 -20.52
N CYS V 71 60.89 -31.77 -20.51
CA CYS V 71 62.10 -32.41 -20.02
C CYS V 71 61.98 -32.78 -18.55
N VAL V 72 61.41 -31.89 -17.73
CA VAL V 72 61.32 -32.19 -16.30
C VAL V 72 60.38 -33.36 -16.05
N VAL V 73 59.24 -33.39 -16.74
CA VAL V 73 58.28 -34.47 -16.52
C VAL V 73 58.84 -35.79 -17.06
N ALA V 74 59.57 -35.75 -18.18
CA ALA V 74 60.21 -36.96 -18.67
C ALA V 74 61.26 -37.45 -17.70
N TRP V 75 62.03 -36.55 -17.11
CA TRP V 75 63.03 -36.95 -16.13
C TRP V 75 62.38 -37.60 -14.91
N PHE V 76 61.28 -37.02 -14.43
CA PHE V 76 60.59 -37.64 -13.30
C PHE V 76 60.02 -39.01 -13.69
N TYR V 77 59.41 -39.11 -14.87
CA TYR V 77 58.88 -40.38 -15.34
C TYR V 77 59.98 -41.43 -15.50
N LEU V 78 61.21 -40.98 -15.73
CA LEU V 78 62.34 -41.87 -15.93
C LEU V 78 63.04 -42.24 -14.61
N ASN V 79 62.63 -41.63 -13.50
CA ASN V 79 63.16 -41.95 -12.19
C ASN V 79 62.09 -42.55 -11.26
N GLU V 80 61.13 -43.27 -11.85
CA GLU V 80 59.98 -43.74 -11.09
C GLU V 80 60.35 -44.77 -10.02
N SER V 81 61.47 -45.47 -10.18
CA SER V 81 61.83 -46.51 -9.23
C SER V 81 62.30 -45.91 -7.91
N GLN V 82 63.18 -44.92 -7.98
CA GLN V 82 63.74 -44.28 -6.78
C GLN V 82 64.21 -42.89 -7.17
N PRO V 83 63.37 -41.88 -7.00
CA PRO V 83 63.75 -40.52 -7.38
C PRO V 83 64.32 -39.72 -6.21
N THR V 84 65.13 -38.73 -6.55
CA THR V 84 65.61 -37.78 -5.58
C THR V 84 64.45 -36.91 -5.09
N GLU V 85 64.61 -36.35 -3.90
CA GLU V 85 63.58 -35.45 -3.37
C GLU V 85 63.41 -34.23 -4.27
N GLN V 86 64.52 -33.72 -4.82
CA GLN V 86 64.43 -32.54 -5.67
C GLN V 86 63.70 -32.83 -6.97
N ILE V 87 63.89 -34.03 -7.53
CA ILE V 87 63.17 -34.40 -8.75
C ILE V 87 61.67 -34.40 -8.48
N THR V 88 61.26 -34.99 -7.36
CA THR V 88 59.84 -35.00 -7.01
C THR V 88 59.32 -33.59 -6.78
N ALA V 89 60.11 -32.75 -6.10
CA ALA V 89 59.66 -31.38 -5.84
C ALA V 89 59.48 -30.60 -7.13
N THR V 90 60.42 -30.74 -8.07
CA THR V 90 60.31 -30.04 -9.33
C THR V 90 59.16 -30.57 -10.17
N TYR V 91 58.91 -31.88 -10.10
CA TYR V 91 57.76 -32.44 -10.80
C TYR V 91 56.45 -31.90 -10.22
N ARG V 92 56.37 -31.78 -8.89
CA ARG V 92 55.19 -31.18 -8.29
C ARG V 92 55.06 -29.72 -8.72
N ASP V 93 56.17 -29.00 -8.81
CA ASP V 93 56.11 -27.61 -9.26
C ASP V 93 55.61 -27.49 -10.68
N THR V 94 56.07 -28.36 -11.58
CA THR V 94 55.61 -28.27 -12.97
C THR V 94 54.18 -28.76 -13.12
N VAL V 95 53.73 -29.71 -12.28
CA VAL V 95 52.31 -30.06 -12.28
C VAL V 95 51.47 -28.89 -11.80
N ARG V 96 51.95 -28.17 -10.79
CA ARG V 96 51.24 -26.98 -10.33
C ARG V 96 51.17 -25.93 -11.43
N TRP V 97 52.27 -25.74 -12.17
CA TRP V 97 52.26 -24.78 -13.26
C TRP V 97 51.29 -25.20 -14.37
N LEU V 98 51.26 -26.49 -14.70
CA LEU V 98 50.33 -26.96 -15.71
C LEU V 98 48.89 -26.81 -15.26
N GLU V 99 48.62 -27.06 -13.98
CA GLU V 99 47.29 -26.83 -13.45
C GLU V 99 46.90 -25.37 -13.54
N GLN V 100 47.83 -24.47 -13.23
CA GLN V 100 47.55 -23.04 -13.35
C GLN V 100 47.29 -22.65 -14.80
N VAL V 101 48.03 -23.24 -15.74
CA VAL V 101 47.80 -22.95 -17.15
C VAL V 101 46.43 -23.42 -17.58
N ARG V 102 46.07 -24.65 -17.17
CA ARG V 102 44.75 -25.22 -17.53
C ARG V 102 43.64 -24.34 -16.95
N ASP V 103 43.77 -23.96 -15.67
CA ASP V 103 42.72 -23.16 -15.02
C ASP V 103 42.59 -21.80 -15.67
N GLY V 104 43.71 -21.23 -16.13
CA GLY V 104 43.73 -19.88 -16.68
C GLY V 104 44.55 -18.91 -15.88
N LYS V 105 45.21 -19.34 -14.81
CA LYS V 105 45.97 -18.41 -13.97
C LYS V 105 47.20 -17.90 -14.71
N THR V 106 47.83 -18.72 -15.54
CA THR V 106 49.05 -18.36 -16.23
C THR V 106 48.98 -18.82 -17.67
N ASP V 107 49.33 -17.94 -18.60
CA ASP V 107 49.46 -18.34 -19.99
C ASP V 107 50.77 -19.08 -20.20
N PRO V 108 50.80 -20.06 -21.12
CA PRO V 108 52.03 -20.85 -21.30
C PRO V 108 53.21 -20.02 -21.74
N GLY V 109 52.97 -18.96 -22.50
CA GLY V 109 54.05 -18.15 -23.05
C GLY V 109 53.88 -17.99 -24.53
N VAL V 110 55.01 -17.80 -25.21
CA VAL V 110 55.05 -17.60 -26.66
C VAL V 110 56.21 -18.39 -27.23
N GLU V 111 56.35 -18.34 -28.55
CA GLU V 111 57.58 -18.75 -29.20
C GLU V 111 58.58 -17.61 -29.10
N SER V 112 59.73 -17.87 -28.48
CA SER V 112 60.70 -16.81 -28.24
C SER V 112 61.23 -16.19 -29.53
N ARG V 113 61.11 -16.89 -30.66
CA ARG V 113 61.62 -16.36 -31.92
C ARG V 113 60.79 -15.16 -32.38
N THR V 114 59.47 -15.30 -32.38
CA THR V 114 58.59 -14.28 -32.95
C THR V 114 57.52 -13.79 -31.99
N ALA V 115 57.51 -14.24 -30.74
CA ALA V 115 56.55 -13.81 -29.73
C ALA V 115 55.12 -14.01 -30.21
N ALA V 116 54.80 -15.23 -30.62
CA ALA V 116 53.48 -15.61 -31.06
C ALA V 116 52.87 -16.58 -30.06
N SER V 117 51.64 -16.32 -29.64
CA SER V 117 50.97 -17.17 -28.68
C SER V 117 50.11 -18.21 -29.39
N PRO V 118 50.12 -19.46 -28.92
CA PRO V 118 49.31 -20.49 -29.57
C PRO V 118 47.83 -20.17 -29.47
N GLU V 119 47.11 -20.44 -30.56
CA GLU V 119 45.68 -20.18 -30.59
C GLU V 119 44.91 -21.31 -29.92
N GLY V 120 43.62 -21.10 -29.76
CA GLY V 120 42.77 -22.10 -29.12
C GLY V 120 41.31 -21.83 -29.40
N GLU V 121 40.49 -22.80 -29.01
CA GLU V 121 39.06 -22.66 -29.20
C GLU V 121 38.50 -21.63 -28.24
N ASP V 122 37.31 -21.12 -28.57
CA ASP V 122 36.66 -20.08 -27.77
C ASP V 122 36.26 -20.66 -26.42
N LEU V 123 36.92 -20.20 -25.35
CA LEU V 123 36.53 -20.63 -24.01
C LEU V 123 35.12 -20.18 -23.68
N VAL V 124 34.79 -18.92 -24.01
CA VAL V 124 33.48 -18.36 -23.77
C VAL V 124 32.83 -18.07 -25.11
N GLN V 125 31.55 -18.44 -25.23
CA GLN V 125 30.81 -18.24 -26.46
C GLN V 125 29.33 -18.13 -26.13
N VAL V 126 28.70 -17.03 -26.56
CA VAL V 126 27.29 -16.79 -26.32
C VAL V 126 26.62 -16.51 -27.65
N GLN V 127 25.35 -16.91 -27.75
CA GLN V 127 24.53 -16.60 -28.92
C GLN V 127 23.22 -16.02 -28.45
N SER V 128 22.78 -14.96 -29.12
CA SER V 128 21.50 -14.33 -28.85
C SER V 128 20.72 -14.23 -30.15
N ASP V 129 19.45 -13.87 -30.03
CA ASP V 129 18.64 -13.64 -31.21
C ASP V 129 19.19 -12.43 -31.97
N PRO V 130 18.92 -12.33 -33.27
CA PRO V 130 19.45 -11.21 -34.06
C PRO V 130 19.04 -9.89 -33.45
N PRO V 131 19.94 -8.90 -33.44
CA PRO V 131 19.66 -7.65 -32.73
C PRO V 131 18.71 -6.76 -33.50
N VAL V 132 17.63 -6.35 -32.85
CA VAL V 132 16.67 -5.41 -33.40
C VAL V 132 16.51 -4.29 -32.38
N PHE V 133 16.26 -3.07 -32.88
CA PHE V 133 16.14 -1.87 -32.08
C PHE V 133 17.46 -1.49 -31.40
N SER V 134 18.56 -2.07 -31.82
CA SER V 134 19.86 -1.67 -31.30
C SER V 134 20.27 -0.34 -31.90
N ARG V 135 21.25 0.31 -31.25
CA ARG V 135 21.69 1.63 -31.70
C ARG V 135 22.31 1.59 -33.09
N LYS V 136 22.73 0.41 -33.55
CA LYS V 136 23.31 0.30 -34.88
C LYS V 136 22.28 0.49 -35.98
N GLN V 137 21.00 0.36 -35.66
CA GLN V 137 19.93 0.59 -36.62
C GLN V 137 19.73 2.09 -36.75
N LYS V 138 20.41 2.68 -37.73
CA LYS V 138 20.38 4.13 -37.91
C LYS V 138 19.01 4.63 -38.37
N GLY V 139 18.12 3.74 -38.77
CA GLY V 139 16.76 4.16 -39.09
C GLY V 139 16.03 4.66 -37.87
N PHE V 140 14.83 5.20 -38.06
CA PHE V 140 14.05 5.77 -36.98
C PHE V 140 14.84 6.89 -36.28
N ILE V 141 15.16 6.69 -35.00
CA ILE V 141 15.87 7.68 -34.21
C ILE V 141 15.17 9.03 -34.21
N ASN W 2 43.07 -54.74 -21.90
CA ASN W 2 43.91 -53.90 -21.07
C ASN W 2 44.49 -52.74 -21.88
N TYR W 3 44.81 -51.65 -21.20
CA TYR W 3 45.31 -50.46 -21.90
C TYR W 3 46.78 -50.62 -22.29
N ALA W 4 47.58 -51.20 -21.40
CA ALA W 4 49.00 -51.39 -21.64
C ALA W 4 49.35 -52.87 -21.67
N THR W 5 50.26 -53.23 -22.56
CA THR W 5 50.73 -54.61 -22.69
C THR W 5 51.91 -54.84 -21.75
N VAL W 6 52.17 -56.11 -21.46
CA VAL W 6 53.27 -56.47 -20.57
C VAL W 6 54.60 -56.04 -21.16
N ASN W 7 54.70 -55.99 -22.49
CA ASN W 7 55.93 -55.54 -23.14
C ASN W 7 56.20 -54.06 -22.89
N ASP W 8 55.21 -53.30 -22.42
CA ASP W 8 55.41 -51.91 -22.04
C ASP W 8 55.68 -51.76 -20.55
N LEU W 9 55.02 -52.57 -19.72
CA LEU W 9 55.32 -52.55 -18.29
C LEU W 9 56.74 -53.04 -18.03
N CYS W 10 57.23 -53.99 -18.81
CA CYS W 10 58.60 -54.47 -18.67
C CYS W 10 59.61 -53.52 -19.29
N ALA W 11 59.16 -52.46 -19.97
CA ALA W 11 60.04 -51.44 -20.50
C ALA W 11 60.10 -50.21 -19.60
N ARG W 12 58.94 -49.71 -19.15
CA ARG W 12 58.93 -48.62 -18.19
C ARG W 12 59.58 -49.04 -16.88
N TYR W 13 59.26 -50.25 -16.41
CA TYR W 13 59.89 -50.84 -15.23
C TYR W 13 60.77 -51.99 -15.67
N THR W 14 61.97 -52.06 -15.10
CA THR W 14 62.96 -53.02 -15.56
C THR W 14 62.41 -54.43 -15.51
N ARG W 15 62.68 -55.20 -16.57
CA ARG W 15 62.14 -56.55 -16.67
C ARG W 15 62.64 -57.44 -15.54
N THR W 16 63.90 -57.26 -15.12
CA THR W 16 64.45 -58.08 -14.05
C THR W 16 63.66 -57.90 -12.77
N ARG W 17 63.34 -56.66 -12.42
CA ARG W 17 62.51 -56.42 -11.24
C ARG W 17 61.10 -56.97 -11.43
N LEU W 18 60.57 -56.89 -12.65
CA LEU W 18 59.26 -57.48 -12.92
C LEU W 18 59.29 -58.99 -12.72
N ASP W 19 60.35 -59.65 -13.20
CA ASP W 19 60.49 -61.08 -12.96
C ASP W 19 60.61 -61.39 -11.48
N ILE W 20 61.35 -60.56 -10.74
CA ILE W 20 61.49 -60.77 -9.30
C ILE W 20 60.14 -60.67 -8.61
N LEU W 21 59.32 -59.69 -8.99
CA LEU W 21 57.99 -59.56 -8.43
C LEU W 21 57.03 -60.67 -8.84
N THR W 22 57.17 -61.19 -10.05
CA THR W 22 56.21 -62.15 -10.59
C THR W 22 56.52 -63.59 -10.20
N ARG W 23 57.79 -63.98 -10.16
CA ARG W 23 58.15 -65.39 -9.96
C ARG W 23 57.57 -66.02 -8.70
N PRO W 24 57.34 -65.32 -7.58
CA PRO W 24 56.65 -65.99 -6.46
C PRO W 24 55.19 -66.27 -6.74
N LYS W 25 54.50 -65.36 -7.43
CA LYS W 25 53.05 -65.42 -7.54
C LYS W 25 52.59 -66.60 -8.39
N THR W 26 53.41 -67.01 -9.35
CA THR W 26 53.05 -68.13 -10.20
C THR W 26 53.07 -69.43 -9.41
N ALA W 27 52.36 -70.44 -9.92
CA ALA W 27 52.24 -71.71 -9.20
C ALA W 27 53.55 -72.48 -9.23
N ASP W 28 54.20 -72.55 -10.39
CA ASP W 28 55.41 -73.36 -10.53
C ASP W 28 56.57 -72.77 -9.74
N GLY W 29 56.78 -71.46 -9.86
CA GLY W 29 57.92 -70.80 -9.24
C GLY W 29 58.92 -70.22 -10.21
N GLN W 30 58.70 -70.36 -11.52
CA GLN W 30 59.50 -69.85 -12.63
C GLN W 30 58.88 -68.55 -13.16
N PRO W 31 59.68 -67.65 -13.71
CA PRO W 31 59.12 -66.40 -14.25
C PRO W 31 57.95 -66.65 -15.18
N ASP W 32 56.85 -65.95 -14.94
CA ASP W 32 55.62 -66.11 -15.69
C ASP W 32 55.19 -64.75 -16.25
N ASP W 33 54.29 -64.80 -17.24
CA ASP W 33 53.79 -63.61 -17.87
C ASP W 33 52.30 -63.36 -17.62
N ALA W 34 51.54 -64.39 -17.25
CA ALA W 34 50.10 -64.21 -17.04
C ALA W 34 49.81 -63.36 -15.81
N VAL W 35 50.67 -63.38 -14.81
CA VAL W 35 50.44 -62.57 -13.62
C VAL W 35 50.47 -61.09 -13.97
N ALA W 36 51.46 -60.68 -14.77
CA ALA W 36 51.56 -59.28 -15.17
C ALA W 36 50.36 -58.87 -16.00
N GLU W 37 49.91 -59.73 -16.91
CA GLU W 37 48.74 -59.41 -17.72
C GLU W 37 47.49 -59.29 -16.86
N GLN W 38 47.35 -60.16 -15.86
CA GLN W 38 46.20 -60.06 -14.97
C GLN W 38 46.23 -58.77 -14.15
N ALA W 39 47.40 -58.38 -13.67
CA ALA W 39 47.53 -57.11 -12.95
C ALA W 39 47.21 -55.93 -13.85
N LEU W 40 47.69 -55.98 -15.10
CA LEU W 40 47.38 -54.92 -16.06
C LEU W 40 45.88 -54.86 -16.35
N ALA W 41 45.24 -56.02 -16.44
CA ALA W 41 43.79 -56.04 -16.63
C ALA W 41 43.05 -55.44 -15.44
N ASP W 42 43.50 -55.74 -14.22
CA ASP W 42 42.87 -55.14 -13.04
C ASP W 42 43.08 -53.63 -13.02
N ALA W 43 44.28 -53.16 -13.36
CA ALA W 43 44.52 -51.72 -13.41
C ALA W 43 43.68 -51.06 -14.49
N SER W 44 43.54 -51.71 -15.64
CA SER W 44 42.69 -51.19 -16.70
C SER W 44 41.23 -51.15 -16.26
N ALA W 45 40.79 -52.13 -15.48
CA ALA W 45 39.45 -52.09 -14.92
C ALA W 45 39.28 -50.91 -13.97
N PHE W 46 40.29 -50.66 -13.14
CA PHE W 46 40.28 -49.50 -12.25
C PHE W 46 40.12 -48.21 -13.05
N ILE W 47 40.96 -48.03 -14.07
CA ILE W 47 40.88 -46.81 -14.89
C ILE W 47 39.55 -46.74 -15.61
N ASP W 48 39.04 -47.87 -16.10
CA ASP W 48 37.76 -47.90 -16.79
C ASP W 48 36.64 -47.43 -15.87
N GLY W 49 36.65 -47.90 -14.62
CA GLY W 49 35.67 -47.43 -13.66
C GLY W 49 35.81 -45.95 -13.37
N TYR W 50 37.04 -45.45 -13.35
CA TYR W 50 37.23 -44.04 -13.07
C TYR W 50 36.95 -43.15 -14.29
N LEU W 51 36.83 -43.74 -15.47
CA LEU W 51 36.58 -42.95 -16.68
C LEU W 51 35.16 -43.07 -17.21
N ALA W 52 34.43 -44.12 -16.83
CA ALA W 52 33.10 -44.34 -17.36
C ALA W 52 32.10 -43.27 -16.93
N ALA W 53 32.51 -42.35 -16.05
CA ALA W 53 31.60 -41.31 -15.60
C ALA W 53 31.18 -40.40 -16.76
N ARG W 54 32.12 -40.06 -17.64
CA ARG W 54 31.84 -39.12 -18.72
C ARG W 54 32.45 -39.55 -20.04
N PHE W 55 32.54 -40.86 -20.29
CA PHE W 55 33.06 -41.36 -21.56
C PHE W 55 32.35 -42.65 -21.92
N VAL W 56 32.22 -42.90 -23.22
CA VAL W 56 31.82 -44.23 -23.68
C VAL W 56 33.01 -45.15 -23.51
N LEU W 57 32.85 -46.14 -22.64
CA LEU W 57 34.02 -46.80 -22.06
C LEU W 57 34.81 -47.64 -23.06
N PRO W 58 34.18 -48.36 -24.02
CA PRO W 58 34.99 -48.94 -25.10
C PRO W 58 35.60 -47.85 -25.96
N LEU W 59 36.66 -47.23 -25.44
CA LEU W 59 37.18 -45.97 -25.98
C LEU W 59 37.46 -46.07 -27.47
N THR W 60 36.88 -45.14 -28.23
CA THR W 60 37.16 -45.08 -29.67
C THR W 60 38.64 -44.78 -29.92
N VAL W 61 39.17 -43.77 -29.25
CA VAL W 61 40.60 -43.44 -29.29
C VAL W 61 41.11 -43.41 -27.86
N VAL W 62 42.24 -44.06 -27.63
CA VAL W 62 42.79 -44.22 -26.29
C VAL W 62 43.70 -43.03 -26.01
N PRO W 63 43.47 -42.28 -24.94
CA PRO W 63 44.42 -41.22 -24.57
C PRO W 63 45.80 -41.81 -24.33
N SER W 64 46.82 -41.06 -24.74
CA SER W 64 48.19 -41.60 -24.75
C SER W 64 48.78 -41.66 -23.35
N LEU W 65 48.28 -40.86 -22.42
CA LEU W 65 48.77 -40.93 -21.04
C LEU W 65 48.21 -42.14 -20.30
N LEU W 66 47.11 -42.72 -20.79
CA LEU W 66 46.48 -43.82 -20.08
C LEU W 66 47.38 -45.06 -20.03
N LYS W 67 48.31 -45.20 -20.97
CA LYS W 67 49.29 -46.27 -20.87
C LYS W 67 50.14 -46.13 -19.62
N ARG W 68 50.63 -44.91 -19.36
CA ARG W 68 51.38 -44.64 -18.14
C ARG W 68 50.50 -44.84 -16.91
N GLN W 69 49.25 -44.34 -16.96
CA GLN W 69 48.36 -44.45 -15.82
C GLN W 69 47.96 -45.89 -15.54
N CYS W 70 48.01 -46.77 -16.54
CA CYS W 70 47.75 -48.18 -16.29
C CYS W 70 49.00 -48.89 -15.79
N CYS W 71 50.18 -48.52 -16.32
CA CYS W 71 51.41 -49.13 -15.86
C CYS W 71 51.66 -48.84 -14.39
N VAL W 72 51.43 -47.60 -13.96
CA VAL W 72 51.70 -47.26 -12.56
C VAL W 72 50.77 -48.02 -11.62
N VAL W 73 49.48 -48.09 -11.97
CA VAL W 73 48.53 -48.78 -11.10
C VAL W 73 48.81 -50.27 -11.09
N ALA W 74 49.20 -50.85 -12.24
CA ALA W 74 49.57 -52.25 -12.26
C ALA W 74 50.80 -52.51 -11.40
N TRP W 75 51.78 -51.61 -11.46
CA TRP W 75 52.97 -51.77 -10.64
C TRP W 75 52.62 -51.71 -9.15
N PHE W 76 51.75 -50.79 -8.76
CA PHE W 76 51.34 -50.75 -7.36
C PHE W 76 50.57 -51.99 -6.96
N TYR W 77 49.65 -52.45 -7.82
CA TYR W 77 48.91 -53.67 -7.55
C TYR W 77 49.83 -54.89 -7.46
N LEU W 78 50.98 -54.83 -8.11
CA LEU W 78 51.92 -55.93 -8.11
C LEU W 78 52.93 -55.84 -6.96
N ASN W 79 52.90 -54.78 -6.17
CA ASN W 79 53.74 -54.63 -4.99
C ASN W 79 52.91 -54.56 -3.72
N GLU W 80 51.77 -55.25 -3.69
CA GLU W 80 50.84 -55.14 -2.58
C GLU W 80 51.39 -55.69 -1.27
N SER W 81 52.35 -56.61 -1.32
CA SER W 81 52.87 -57.21 -0.10
C SER W 81 53.73 -56.22 0.67
N GLN W 82 54.65 -55.54 -0.01
CA GLN W 82 55.56 -54.60 0.63
C GLN W 82 56.02 -53.61 -0.43
N PRO W 83 55.35 -52.47 -0.56
CA PRO W 83 55.74 -51.48 -1.57
C PRO W 83 56.67 -50.42 -1.03
N THR W 84 57.45 -49.84 -1.95
CA THR W 84 58.25 -48.68 -1.62
C THR W 84 57.35 -47.48 -1.35
N GLU W 85 57.87 -46.52 -0.59
CA GLU W 85 57.11 -45.30 -0.32
C GLU W 85 56.81 -44.54 -1.61
N GLN W 86 57.76 -44.54 -2.55
CA GLN W 86 57.56 -43.82 -3.80
C GLN W 86 56.47 -44.47 -4.65
N ILE W 87 56.40 -45.80 -4.64
CA ILE W 87 55.35 -46.49 -5.38
C ILE W 87 53.98 -46.09 -4.85
N THR W 88 53.84 -46.07 -3.52
CA THR W 88 52.58 -45.66 -2.91
C THR W 88 52.26 -44.21 -3.24
N ALA W 89 53.27 -43.33 -3.19
CA ALA W 89 53.04 -41.92 -3.47
C ALA W 89 52.59 -41.72 -4.91
N THR W 90 53.22 -42.41 -5.86
CA THR W 90 52.82 -42.27 -7.25
C THR W 90 51.45 -42.89 -7.50
N TYR W 91 51.11 -43.97 -6.81
CA TYR W 91 49.76 -44.52 -6.92
C TYR W 91 48.73 -43.54 -6.40
N ARG W 92 49.02 -42.88 -5.27
CA ARG W 92 48.11 -41.85 -4.78
C ARG W 92 47.99 -40.69 -5.77
N ASP W 93 49.09 -40.31 -6.40
CA ASP W 93 49.04 -39.25 -7.41
C ASP W 93 48.17 -39.64 -8.59
N THR W 94 48.30 -40.88 -9.07
CA THR W 94 47.49 -41.28 -10.22
C THR W 94 46.03 -41.48 -9.84
N VAL W 95 45.75 -41.90 -8.60
CA VAL W 95 44.36 -41.93 -8.14
C VAL W 95 43.78 -40.53 -8.09
N ARG W 96 44.58 -39.56 -7.62
CA ARG W 96 44.14 -38.17 -7.61
C ARG W 96 43.86 -37.68 -9.02
N TRP W 97 44.72 -38.03 -9.98
CA TRP W 97 44.51 -37.62 -11.35
C TRP W 97 43.25 -38.25 -11.93
N LEU W 98 43.00 -39.54 -11.63
CA LEU W 98 41.79 -40.19 -12.12
C LEU W 98 40.55 -39.58 -11.49
N GLU W 99 40.62 -39.22 -10.20
CA GLU W 99 39.50 -38.53 -9.57
C GLU W 99 39.24 -37.19 -10.22
N GLN W 100 40.29 -36.46 -10.55
CA GLN W 100 40.12 -35.18 -11.23
C GLN W 100 39.51 -35.36 -12.61
N VAL W 101 39.90 -36.42 -13.32
CA VAL W 101 39.33 -36.70 -14.63
C VAL W 101 37.85 -37.03 -14.51
N ARG W 102 37.49 -37.87 -13.54
CA ARG W 102 36.10 -38.24 -13.35
C ARG W 102 35.25 -37.03 -12.96
N ASP W 103 35.78 -36.19 -12.06
CA ASP W 103 35.04 -35.01 -11.63
C ASP W 103 34.85 -34.03 -12.78
N GLY W 104 35.82 -33.94 -13.66
CA GLY W 104 35.82 -32.98 -14.75
C GLY W 104 36.92 -31.94 -14.66
N LYS W 105 37.80 -32.01 -13.67
CA LYS W 105 38.84 -31.00 -13.52
C LYS W 105 39.87 -31.07 -14.64
N THR W 106 40.16 -32.28 -15.12
CA THR W 106 41.18 -32.48 -16.14
C THR W 106 40.68 -33.48 -17.18
N ASP W 107 40.85 -33.14 -18.46
CA ASP W 107 40.54 -34.09 -19.50
C ASP W 107 41.68 -35.11 -19.63
N PRO W 108 41.36 -36.35 -19.99
CA PRO W 108 42.43 -37.37 -20.05
C PRO W 108 43.51 -37.05 -21.06
N GLY W 109 43.17 -36.37 -22.14
CA GLY W 109 44.12 -36.09 -23.19
C GLY W 109 43.57 -36.54 -24.53
N VAL W 110 44.48 -36.86 -25.45
CA VAL W 110 44.14 -37.28 -26.80
C VAL W 110 45.04 -38.44 -27.19
N GLU W 111 44.80 -38.97 -28.38
CA GLU W 111 45.77 -39.85 -29.02
C GLU W 111 46.85 -39.00 -29.65
N SER W 112 48.10 -39.20 -29.24
CA SER W 112 49.19 -38.35 -29.70
C SER W 112 49.40 -38.43 -31.21
N ARG W 113 48.91 -39.49 -31.85
CA ARG W 113 49.11 -39.64 -33.30
C ARG W 113 48.29 -38.60 -34.07
N THR W 114 47.01 -38.46 -33.72
CA THR W 114 46.10 -37.62 -34.50
C THR W 114 45.39 -36.57 -33.66
N ALA W 115 45.69 -36.47 -32.36
CA ALA W 115 45.07 -35.47 -31.48
C ALA W 115 43.54 -35.56 -31.52
N ALA W 116 43.03 -36.75 -31.26
CA ALA W 116 41.61 -37.00 -31.20
C ALA W 116 41.21 -37.34 -29.77
N SER W 117 40.17 -36.68 -29.26
CA SER W 117 39.73 -36.92 -27.91
C SER W 117 38.61 -37.96 -27.88
N PRO W 118 38.64 -38.88 -26.91
CA PRO W 118 37.60 -39.91 -26.84
C PRO W 118 36.23 -39.29 -26.60
N GLU W 119 35.22 -39.83 -27.27
CA GLU W 119 33.86 -39.33 -27.13
C GLU W 119 33.21 -39.91 -25.87
N GLY W 120 32.03 -39.40 -25.56
CA GLY W 120 31.31 -39.87 -24.39
C GLY W 120 29.87 -39.45 -24.44
N GLU W 121 29.09 -39.99 -23.51
CA GLU W 121 27.69 -39.65 -23.43
C GLU W 121 27.50 -38.22 -22.93
N ASP W 122 26.32 -37.68 -23.20
CA ASP W 122 26.01 -36.30 -22.84
C ASP W 122 25.93 -36.18 -21.32
N LEU W 123 26.90 -35.47 -20.74
CA LEU W 123 26.87 -35.21 -19.31
C LEU W 123 25.64 -34.40 -18.93
N VAL W 124 25.35 -33.36 -19.69
CA VAL W 124 24.20 -32.49 -19.47
C VAL W 124 23.23 -32.66 -20.64
N GLN W 125 21.95 -32.77 -20.31
CA GLN W 125 20.92 -32.96 -21.32
C GLN W 125 19.61 -32.43 -20.77
N VAL W 126 18.99 -31.50 -21.51
CA VAL W 126 17.71 -30.91 -21.11
C VAL W 126 16.73 -31.07 -22.25
N GLN W 127 15.45 -31.22 -21.91
CA GLN W 127 14.37 -31.27 -22.88
C GLN W 127 13.29 -30.29 -22.46
N SER W 128 12.79 -29.53 -23.42
CA SER W 128 11.68 -28.61 -23.21
C SER W 128 10.59 -28.90 -24.22
N ASP W 129 9.44 -28.28 -24.02
CA ASP W 129 8.36 -28.39 -24.98
C ASP W 129 8.79 -27.75 -26.30
N PRO W 130 8.19 -28.14 -27.42
CA PRO W 130 8.57 -27.57 -28.71
C PRO W 130 8.47 -26.06 -28.69
N PRO W 131 9.41 -25.36 -29.31
CA PRO W 131 9.45 -23.90 -29.19
C PRO W 131 8.41 -23.23 -30.08
N VAL W 132 7.58 -22.39 -29.46
CA VAL W 132 6.61 -21.58 -30.16
C VAL W 132 6.83 -20.13 -29.74
N PHE W 133 6.55 -19.21 -30.67
CA PHE W 133 6.77 -17.78 -30.48
C PHE W 133 8.24 -17.43 -30.34
N SER W 134 9.14 -18.34 -30.67
CA SER W 134 10.56 -18.03 -30.67
C SER W 134 10.90 -17.16 -31.87
N ARG W 135 12.07 -16.52 -31.80
CA ARG W 135 12.49 -15.62 -32.87
C ARG W 135 12.71 -16.35 -34.19
N LYS W 136 12.88 -17.66 -34.16
CA LYS W 136 13.06 -18.42 -35.39
C LYS W 136 11.78 -18.50 -36.21
N GLN W 137 10.63 -18.22 -35.60
CA GLN W 137 9.35 -18.21 -36.32
C GLN W 137 9.27 -16.89 -37.07
N LYS W 138 9.72 -16.89 -38.33
CA LYS W 138 9.75 -15.68 -39.12
C LYS W 138 8.37 -15.15 -39.46
N GLY W 139 7.32 -15.92 -39.23
CA GLY W 139 5.97 -15.43 -39.41
C GLY W 139 5.65 -14.32 -38.42
N PHE W 140 4.50 -13.69 -38.58
CA PHE W 140 4.09 -12.57 -37.74
C PHE W 140 5.13 -11.46 -37.78
N ILE W 141 5.78 -11.17 -36.66
CA ILE W 141 6.76 -10.10 -36.55
C ILE W 141 6.21 -8.76 -37.01
N ASN X 2 30.61 -66.19 -3.87
CA ASN X 2 31.73 -65.26 -3.70
C ASN X 2 32.16 -64.68 -5.03
N TYR X 3 32.75 -63.49 -5.00
CA TYR X 3 33.16 -62.81 -6.23
C TYR X 3 34.45 -63.40 -6.78
N ALA X 4 35.40 -63.73 -5.92
CA ALA X 4 36.68 -64.27 -6.33
C ALA X 4 36.87 -65.67 -5.76
N THR X 5 37.47 -66.54 -6.57
CA THR X 5 37.77 -67.91 -6.16
C THR X 5 39.13 -67.96 -5.48
N VAL X 6 39.34 -69.03 -4.70
CA VAL X 6 40.60 -69.20 -3.99
C VAL X 6 41.76 -69.32 -4.97
N ASN X 7 41.50 -69.85 -6.16
CA ASN X 7 42.54 -69.94 -7.18
C ASN X 7 43.01 -68.58 -7.67
N ASP X 8 42.26 -67.52 -7.41
CA ASP X 8 42.67 -66.17 -7.72
C ASP X 8 43.34 -65.47 -6.56
N LEU X 9 42.86 -65.72 -5.33
CA LEU X 9 43.53 -65.19 -4.16
C LEU X 9 44.92 -65.79 -3.99
N CYS X 10 45.09 -67.07 -4.36
CA CYS X 10 46.40 -67.70 -4.30
C CYS X 10 47.29 -67.30 -5.47
N ALA X 11 46.77 -66.55 -6.43
CA ALA X 11 47.57 -66.03 -7.53
C ALA X 11 47.98 -64.58 -7.29
N ARG X 12 47.03 -63.73 -6.89
CA ARG X 12 47.39 -62.36 -6.54
C ARG X 12 48.31 -62.32 -5.34
N TYR X 13 48.03 -63.15 -4.32
CA TYR X 13 48.88 -63.31 -3.16
C TYR X 13 49.51 -64.69 -3.22
N THR X 14 50.81 -64.76 -2.92
CA THR X 14 51.55 -66.00 -3.10
C THR X 14 50.90 -67.14 -2.31
N ARG X 15 50.81 -68.31 -2.95
CA ARG X 15 50.14 -69.45 -2.33
C ARG X 15 50.85 -69.87 -1.05
N THR X 16 52.17 -69.80 -1.02
CA THR X 16 52.91 -70.20 0.18
C THR X 16 52.51 -69.36 1.38
N ARG X 17 52.41 -68.04 1.20
CA ARG X 17 51.96 -67.18 2.29
C ARG X 17 50.51 -67.47 2.65
N LEU X 18 49.68 -67.79 1.65
CA LEU X 18 48.30 -68.17 1.94
C LEU X 18 48.24 -69.44 2.77
N ASP X 19 49.07 -70.43 2.44
CA ASP X 19 49.13 -71.64 3.25
C ASP X 19 49.62 -71.34 4.66
N ILE X 20 50.60 -70.43 4.79
CA ILE X 20 51.09 -70.06 6.11
C ILE X 20 49.98 -69.43 6.95
N LEU X 21 49.20 -68.55 6.34
CA LEU X 21 48.08 -67.93 7.03
C LEU X 21 46.96 -68.90 7.36
N THR X 22 46.71 -69.89 6.51
CA THR X 22 45.56 -70.78 6.65
C THR X 22 45.83 -71.96 7.58
N ARG X 23 47.03 -72.55 7.53
CA ARG X 23 47.30 -73.79 8.26
C ARG X 23 47.01 -73.73 9.76
N PRO X 24 47.15 -72.60 10.47
CA PRO X 24 46.74 -72.61 11.88
C PRO X 24 45.24 -72.68 12.06
N LYS X 25 44.48 -72.02 11.18
CA LYS X 25 43.06 -71.82 11.41
C LYS X 25 42.27 -73.12 11.28
N THR X 26 42.76 -74.05 10.46
CA THR X 26 42.08 -75.33 10.28
C THR X 26 42.20 -76.16 11.55
N ALA X 27 41.30 -77.13 11.70
CA ALA X 27 41.25 -77.95 12.90
C ALA X 27 42.43 -78.91 12.96
N ASP X 28 42.74 -79.57 11.84
CA ASP X 28 43.78 -80.59 11.84
C ASP X 28 45.17 -79.98 12.04
N GLY X 29 45.46 -78.90 11.32
CA GLY X 29 46.78 -78.28 11.34
C GLY X 29 47.52 -78.35 10.03
N GLN X 30 46.95 -78.96 8.99
CA GLN X 30 47.47 -79.12 7.64
C GLN X 30 46.86 -78.07 6.73
N PRO X 31 47.56 -77.64 5.68
CA PRO X 31 46.99 -76.64 4.77
C PRO X 31 45.60 -77.00 4.29
N ASP X 32 44.67 -76.06 4.42
CA ASP X 32 43.28 -76.27 4.08
C ASP X 32 42.84 -75.21 3.08
N ASP X 33 41.71 -75.48 2.42
CA ASP X 33 41.16 -74.57 1.42
C ASP X 33 39.83 -73.95 1.84
N ALA X 34 39.10 -74.57 2.78
CA ALA X 34 37.80 -74.04 3.17
C ALA X 34 37.91 -72.72 3.91
N VAL X 35 39.01 -72.50 4.63
CA VAL X 35 39.19 -71.24 5.36
C VAL X 35 39.25 -70.07 4.38
N ALA X 36 40.03 -70.23 3.30
CA ALA X 36 40.14 -69.17 2.31
C ALA X 36 38.80 -68.90 1.64
N GLU X 37 38.05 -69.96 1.33
CA GLU X 37 36.75 -69.77 0.71
C GLU X 37 35.78 -69.07 1.66
N GLN X 38 35.84 -69.40 2.95
CA GLN X 38 34.98 -68.72 3.92
C GLN X 38 35.34 -67.25 4.05
N ALA X 39 36.64 -66.93 4.06
CA ALA X 39 37.07 -65.54 4.10
C ALA X 39 36.63 -64.79 2.84
N LEU X 40 36.75 -65.43 1.68
CA LEU X 40 36.28 -64.82 0.44
C LEU X 40 34.78 -64.58 0.47
N ALA X 41 34.03 -65.53 1.03
CA ALA X 41 32.59 -65.34 1.16
C ALA X 41 32.26 -64.18 2.08
N ASP X 42 32.99 -64.03 3.19
CA ASP X 42 32.75 -62.90 4.07
C ASP X 42 33.09 -61.57 3.39
N ALA X 43 34.19 -61.53 2.63
CA ALA X 43 34.55 -60.32 1.91
C ALA X 43 33.51 -60.00 0.83
N SER X 44 33.00 -61.04 0.15
CA SER X 44 31.96 -60.83 -0.84
C SER X 44 30.69 -60.32 -0.18
N ALA X 45 30.38 -60.79 1.03
CA ALA X 45 29.24 -60.26 1.76
C ALA X 45 29.44 -58.79 2.11
N PHE X 46 30.66 -58.43 2.51
CA PHE X 46 31.00 -57.03 2.78
C PHE X 46 30.74 -56.17 1.55
N ILE X 47 31.28 -56.59 0.40
CA ILE X 47 31.10 -55.84 -0.84
C ILE X 47 29.64 -55.80 -1.23
N ASP X 48 28.92 -56.91 -1.06
CA ASP X 48 27.51 -56.95 -1.39
C ASP X 48 26.72 -55.94 -0.56
N GLY X 49 27.01 -55.85 0.73
CA GLY X 49 26.37 -54.85 1.55
C GLY X 49 26.72 -53.44 1.12
N TYR X 50 27.96 -53.23 0.67
CA TYR X 50 28.34 -51.89 0.24
C TYR X 50 27.83 -51.55 -1.15
N LEU X 51 27.34 -52.52 -1.91
CA LEU X 51 26.86 -52.27 -3.26
C LEU X 51 25.33 -52.31 -3.38
N ALA X 52 24.65 -52.95 -2.43
CA ALA X 52 23.20 -53.09 -2.54
C ALA X 52 22.46 -51.77 -2.43
N ALA X 53 23.16 -50.67 -2.15
CA ALA X 53 22.51 -49.37 -2.05
C ALA X 53 21.88 -48.96 -3.37
N ARG X 54 22.58 -49.20 -4.49
CA ARG X 54 22.10 -48.74 -5.78
C ARG X 54 22.31 -49.80 -6.87
N PHE X 55 22.20 -51.07 -6.52
CA PHE X 55 22.32 -52.14 -7.51
C PHE X 55 21.43 -53.30 -7.12
N VAL X 56 20.93 -54.02 -8.12
CA VAL X 56 20.31 -55.31 -7.85
C VAL X 56 21.41 -56.31 -7.52
N LEU X 57 21.40 -56.80 -6.29
CA LEU X 57 22.62 -57.38 -5.73
C LEU X 57 23.02 -58.71 -6.39
N PRO X 58 22.10 -59.61 -6.79
CA PRO X 58 22.55 -60.73 -7.62
C PRO X 58 22.99 -60.22 -8.98
N LEU X 59 24.20 -59.66 -9.02
CA LEU X 59 24.67 -58.88 -10.15
C LEU X 59 24.53 -59.62 -11.47
N THR X 60 23.87 -58.99 -12.43
CA THR X 60 23.76 -59.58 -13.76
C THR X 60 25.13 -59.71 -14.41
N VAL X 61 25.92 -58.63 -14.39
CA VAL X 61 27.30 -58.64 -14.85
C VAL X 61 28.17 -58.13 -13.72
N VAL X 62 29.26 -58.84 -13.46
CA VAL X 62 30.14 -58.55 -12.33
C VAL X 62 31.19 -57.55 -12.79
N PRO X 63 31.32 -56.39 -12.15
CA PRO X 63 32.43 -55.50 -12.49
C PRO X 63 33.77 -56.19 -12.29
N SER X 64 34.71 -55.91 -13.20
CA SER X 64 35.96 -56.64 -13.23
C SER X 64 36.90 -56.25 -12.10
N LEU X 65 36.74 -55.06 -11.54
CA LEU X 65 37.56 -54.65 -10.40
C LEU X 65 37.12 -55.33 -9.10
N LEU X 66 35.87 -55.82 -9.06
CA LEU X 66 35.37 -56.39 -7.83
C LEU X 66 36.12 -57.64 -7.42
N LYS X 67 36.76 -58.34 -8.36
CA LYS X 67 37.62 -59.46 -7.99
C LYS X 67 38.79 -58.98 -7.13
N ARG X 68 39.44 -57.89 -7.56
CA ARG X 68 40.50 -57.29 -6.74
C ARG X 68 39.97 -56.79 -5.41
N GLN X 69 38.81 -56.13 -5.43
CA GLN X 69 38.25 -55.58 -4.20
C GLN X 69 37.81 -56.67 -3.24
N CYS X 70 37.51 -57.87 -3.72
CA CYS X 70 37.20 -58.98 -2.84
C CYS X 70 38.47 -59.66 -2.33
N CYS X 71 39.48 -59.78 -3.19
CA CYS X 71 40.74 -60.38 -2.77
C CYS X 71 41.40 -59.57 -1.66
N VAL X 72 41.40 -58.24 -1.79
CA VAL X 72 42.07 -57.42 -0.78
C VAL X 72 41.35 -57.53 0.56
N VAL X 73 40.02 -57.48 0.56
CA VAL X 73 39.27 -57.55 1.81
C VAL X 73 39.40 -58.94 2.43
N ALA X 74 39.42 -59.98 1.60
CA ALA X 74 39.64 -61.32 2.13
C ALA X 74 41.03 -61.44 2.75
N TRP X 75 42.04 -60.86 2.10
CA TRP X 75 43.39 -60.90 2.66
C TRP X 75 43.46 -60.18 3.99
N PHE X 76 42.80 -59.02 4.10
CA PHE X 76 42.79 -58.33 5.38
C PHE X 76 42.04 -59.13 6.44
N TYR X 77 40.89 -59.71 6.08
CA TYR X 77 40.14 -60.53 7.01
C TYR X 77 40.94 -61.76 7.44
N LEU X 78 41.87 -62.21 6.62
CA LEU X 78 42.68 -63.38 6.91
C LEU X 78 43.95 -63.04 7.68
N ASN X 79 44.23 -61.75 7.91
CA ASN X 79 45.37 -61.30 8.70
C ASN X 79 44.92 -60.56 9.95
N GLU X 80 43.78 -60.94 10.51
CA GLU X 80 43.19 -60.19 11.61
C GLU X 80 44.00 -60.26 12.89
N SER X 81 44.84 -61.30 13.05
CA SER X 81 45.60 -61.43 14.29
C SER X 81 46.73 -60.41 14.35
N GLN X 82 47.49 -60.26 13.27
CA GLN X 82 48.62 -59.34 13.23
C GLN X 82 48.87 -58.99 11.77
N PRO X 83 48.31 -57.89 11.28
CA PRO X 83 48.49 -57.51 9.88
C PRO X 83 49.62 -56.51 9.70
N THR X 84 50.18 -56.52 8.49
CA THR X 84 51.14 -55.51 8.09
C THR X 84 50.45 -54.16 7.98
N GLU X 85 51.25 -53.10 8.11
CA GLU X 85 50.70 -51.75 7.95
C GLU X 85 50.14 -51.55 6.55
N GLN X 86 50.80 -52.11 5.54
CA GLN X 86 50.33 -51.93 4.17
C GLN X 86 49.01 -52.65 3.95
N ILE X 87 48.82 -53.82 4.55
CA ILE X 87 47.55 -54.52 4.42
C ILE X 87 46.42 -53.68 4.99
N THR X 88 46.63 -53.10 6.17
CA THR X 88 45.62 -52.23 6.75
C THR X 88 45.38 -51.00 5.89
N ALA X 89 46.44 -50.40 5.35
CA ALA X 89 46.26 -49.22 4.52
C ALA X 89 45.46 -49.53 3.25
N THR X 90 45.75 -50.67 2.61
CA THR X 90 45.01 -51.03 1.42
C THR X 90 43.57 -51.41 1.74
N TYR X 91 43.34 -52.02 2.91
CA TYR X 91 41.97 -52.29 3.32
C TYR X 91 41.20 -51.00 3.56
N ARG X 92 41.83 -50.01 4.17
CA ARG X 92 41.19 -48.71 4.33
C ARG X 92 40.91 -48.06 2.98
N ASP X 93 41.84 -48.20 2.03
CA ASP X 93 41.62 -47.65 0.70
C ASP X 93 40.44 -48.31 0.01
N THR X 94 40.31 -49.64 0.12
CA THR X 94 39.19 -50.30 -0.55
C THR X 94 37.88 -50.04 0.17
N VAL X 95 37.90 -49.84 1.48
CA VAL X 95 36.68 -49.41 2.18
C VAL X 95 36.28 -48.02 1.73
N ARG X 96 37.26 -47.14 1.54
CA ARG X 96 36.95 -45.80 1.03
C ARG X 96 36.35 -45.89 -0.37
N TRP X 97 36.90 -46.75 -1.22
CA TRP X 97 36.36 -46.91 -2.57
C TRP X 97 34.94 -47.46 -2.53
N LEU X 98 34.68 -48.43 -1.66
CA LEU X 98 33.33 -48.97 -1.54
C LEU X 98 32.34 -47.93 -1.02
N GLU X 99 32.79 -47.09 -0.07
CA GLU X 99 31.96 -46.00 0.41
C GLU X 99 31.64 -45.02 -0.71
N GLN X 100 32.64 -44.71 -1.54
CA GLN X 100 32.41 -43.82 -2.66
C GLN X 100 31.43 -44.43 -3.66
N VAL X 101 31.54 -45.74 -3.89
CA VAL X 101 30.60 -46.40 -4.80
C VAL X 101 29.19 -46.35 -4.25
N ARG X 102 29.04 -46.64 -2.95
CA ARG X 102 27.71 -46.61 -2.35
C ARG X 102 27.11 -45.21 -2.36
N ASP X 103 27.93 -44.19 -2.07
CA ASP X 103 27.43 -42.82 -2.06
C ASP X 103 27.04 -42.38 -3.46
N GLY X 104 27.75 -42.85 -4.48
CA GLY X 104 27.54 -42.44 -5.85
C GLY X 104 28.72 -41.69 -6.46
N LYS X 105 29.82 -41.54 -5.73
CA LYS X 105 30.94 -40.77 -6.26
C LYS X 105 31.63 -41.50 -7.41
N THR X 106 31.67 -42.83 -7.35
CA THR X 106 32.36 -43.63 -8.36
C THR X 106 31.51 -44.84 -8.73
N ASP X 107 31.36 -45.09 -10.02
CA ASP X 107 30.71 -46.31 -10.45
C ASP X 107 31.66 -47.48 -10.34
N PRO X 108 31.16 -48.69 -10.04
CA PRO X 108 32.07 -49.83 -9.85
C PRO X 108 32.87 -50.17 -11.10
N GLY X 109 32.31 -49.93 -12.28
CA GLY X 109 32.98 -50.30 -13.51
C GLY X 109 32.05 -51.14 -14.37
N VAL X 110 32.65 -51.97 -15.20
CA VAL X 110 31.92 -52.84 -16.12
C VAL X 110 32.58 -54.21 -16.13
N GLU X 111 31.98 -55.13 -16.89
CA GLU X 111 32.66 -56.36 -17.25
C GLU X 111 33.61 -56.07 -18.40
N SER X 112 34.90 -56.32 -18.20
CA SER X 112 35.90 -55.97 -19.21
C SER X 112 35.69 -56.70 -20.52
N ARG X 113 34.96 -57.82 -20.51
CA ARG X 113 34.75 -58.57 -21.75
C ARG X 113 33.85 -57.80 -22.71
N THR X 114 32.72 -57.28 -22.22
CA THR X 114 31.73 -56.66 -23.09
C THR X 114 31.36 -55.24 -22.69
N ALA X 115 31.99 -54.68 -21.66
CA ALA X 115 31.74 -53.32 -21.21
C ALA X 115 30.26 -53.11 -20.89
N ALA X 116 29.73 -53.97 -20.03
CA ALA X 116 28.34 -53.88 -19.58
C ALA X 116 28.32 -53.53 -18.10
N SER X 117 27.52 -52.52 -17.75
CA SER X 117 27.43 -52.10 -16.36
C SER X 117 26.27 -52.79 -15.66
N PRO X 118 26.47 -53.22 -14.41
CA PRO X 118 25.39 -53.90 -13.69
C PRO X 118 24.21 -52.97 -13.47
N GLU X 119 23.00 -53.54 -13.62
CA GLU X 119 21.78 -52.77 -13.44
C GLU X 119 21.45 -52.64 -11.96
N GLY X 120 20.45 -51.82 -11.67
CA GLY X 120 20.02 -51.62 -10.30
C GLY X 120 18.66 -50.98 -10.24
N GLU X 121 18.12 -50.93 -9.02
CA GLU X 121 16.81 -50.32 -8.83
C GLU X 121 16.90 -48.81 -9.01
N ASP X 122 15.74 -48.20 -9.24
CA ASP X 122 15.67 -46.76 -9.46
C ASP X 122 16.03 -46.01 -8.19
N LEU X 123 17.16 -45.34 -8.19
CA LEU X 123 17.54 -44.51 -7.04
C LEU X 123 16.54 -43.39 -6.82
N VAL X 124 16.14 -42.72 -7.91
CA VAL X 124 15.18 -41.63 -7.86
C VAL X 124 13.93 -42.06 -8.60
N GLN X 125 12.76 -41.78 -8.01
CA GLN X 125 11.49 -42.16 -8.60
C GLN X 125 10.44 -41.20 -8.10
N VAL X 126 9.72 -40.55 -9.02
CA VAL X 126 8.67 -39.61 -8.69
C VAL X 126 7.40 -40.03 -9.43
N GLN X 127 6.26 -39.76 -8.79
CA GLN X 127 4.96 -39.99 -9.41
C GLN X 127 4.12 -38.74 -9.26
N SER X 128 3.45 -38.34 -10.34
CA SER X 128 2.53 -37.23 -10.33
C SER X 128 1.19 -37.68 -10.87
N ASP X 129 0.20 -36.81 -10.75
CA ASP X 129 -1.11 -37.10 -11.32
C ASP X 129 -1.00 -37.13 -12.84
N PRO X 130 -1.91 -37.82 -13.52
CA PRO X 130 -1.83 -37.92 -14.98
C PRO X 130 -1.79 -36.54 -15.62
N PRO X 131 -0.98 -36.36 -16.66
CA PRO X 131 -0.78 -35.02 -17.20
C PRO X 131 -1.96 -34.57 -18.06
N VAL X 132 -2.51 -33.41 -17.74
CA VAL X 132 -3.55 -32.78 -18.51
C VAL X 132 -3.09 -31.37 -18.83
N PHE X 133 -3.52 -30.87 -19.99
CA PHE X 133 -3.14 -29.56 -20.52
C PHE X 133 -1.65 -29.48 -20.84
N SER X 134 -0.97 -30.61 -20.91
CA SER X 134 0.43 -30.61 -21.33
C SER X 134 0.52 -30.40 -22.83
N ARG X 135 1.71 -30.02 -23.29
CA ARG X 135 1.91 -29.75 -24.71
C ARG X 135 1.70 -30.97 -25.57
N LYS X 136 1.76 -32.17 -25.00
CA LYS X 136 1.53 -33.38 -25.77
C LYS X 136 0.08 -33.54 -26.20
N GLN X 137 -0.84 -32.81 -25.56
CA GLN X 137 -2.25 -32.84 -25.94
C GLN X 137 -2.42 -31.95 -27.16
N LYS X 138 -2.32 -32.56 -28.35
CA LYS X 138 -2.39 -31.80 -29.59
C LYS X 138 -3.76 -31.20 -29.84
N GLY X 139 -4.78 -31.59 -29.08
CA GLY X 139 -6.07 -30.95 -29.19
C GLY X 139 -6.01 -29.50 -28.75
N PHE X 140 -7.11 -28.77 -28.94
CA PHE X 140 -7.17 -27.35 -28.62
C PHE X 140 -6.08 -26.58 -29.38
N ILE X 141 -5.14 -26.00 -28.65
CA ILE X 141 -4.06 -25.20 -29.22
C ILE X 141 -4.61 -24.08 -30.11
#